data_8XB5
#
_entry.id   8XB5
#
_entity_poly.entity_id   1
_entity_poly.type   'polypeptide(L)'
_entity_poly.pdbx_seq_one_letter_code
;MRDSNNIKYVREDAKKMHKLWAHIRMAMEGSRAIKDNAKEFVPHPDNTKATTPEGVARYKAYIERAVWYGASANTVDGML
GQIFARDPVFTGPEDKFDMLINDVDGSGLSIHQQARDSAEDALSLGRGGLFVDYSYVTTNGVSEAQEESGEARPYIKFIA
AEDILNWRERWVNGAKRTTLLVFREESDADDDGYQIYKEEVWRELRLVDGTYWQRTWRENDGQLYVDDWISPTKADGSQF
DEIPFVIFGSKNNDPTIDMPPMRDLVELNIAHFRNSADYEEACFICGQPTLFLSGLTEHWVKNVLGGAVVIGSRDAVPLP
VNAKPELLQAEGNGMVKEAMDQKERQMVALGAKLIDSDKTQRTFGEASMEAAAQNSVLSRVSKNVSDAYTKALRWAAMFL
GLDEKIEYELNSDFDINKMSPEELAAVISAWQSNAISFTEMRWQIKKGGRAYLEDEDMRNESEQDDPLKLDITKPDPNED
PNASEDDQTDPNDETKEKDAETGGAE
;
_entity_poly.pdbx_strand_id   A,B,C,D,E,F,G,H,I,J,K,L
#
# COMPACT_ATOMS: atom_id res chain seq x y z
N ASP A 3 -53.41 -33.60 -31.98
CA ASP A 3 -52.87 -34.89 -32.38
C ASP A 3 -53.02 -35.10 -33.89
N SER A 4 -51.92 -35.46 -34.54
CA SER A 4 -51.93 -35.70 -35.98
C SER A 4 -51.19 -37.00 -36.28
N ASN A 5 -51.66 -37.70 -37.30
CA ASN A 5 -51.07 -38.97 -37.72
C ASN A 5 -50.04 -38.80 -38.83
N ASN A 6 -49.79 -37.56 -39.28
CA ASN A 6 -48.83 -37.32 -40.34
C ASN A 6 -47.40 -37.48 -39.82
N ILE A 7 -46.48 -37.77 -40.74
CA ILE A 7 -45.08 -37.87 -40.40
C ILE A 7 -44.51 -36.52 -40.00
N LYS A 8 -45.17 -35.42 -40.37
CA LYS A 8 -44.71 -34.08 -40.04
C LYS A 8 -45.16 -33.62 -38.66
N TYR A 9 -45.89 -34.46 -37.93
CA TYR A 9 -46.40 -34.06 -36.63
C TYR A 9 -45.26 -33.78 -35.66
N VAL A 10 -45.38 -32.68 -34.92
CA VAL A 10 -44.37 -32.25 -33.97
C VAL A 10 -44.93 -32.36 -32.57
N ARG A 11 -44.12 -32.87 -31.64
CA ARG A 11 -44.55 -33.02 -30.26
C ARG A 11 -44.84 -31.65 -29.65
N GLU A 12 -45.80 -31.63 -28.71
CA GLU A 12 -46.28 -30.37 -28.16
C GLU A 12 -45.17 -29.63 -27.42
N ASP A 13 -44.36 -30.35 -26.65
CA ASP A 13 -43.28 -29.70 -25.90
C ASP A 13 -42.24 -29.10 -26.83
N ALA A 14 -41.98 -29.73 -27.98
CA ALA A 14 -41.10 -29.13 -28.96
C ALA A 14 -41.67 -27.82 -29.49
N LYS A 15 -42.97 -27.77 -29.75
CA LYS A 15 -43.60 -26.52 -30.17
C LYS A 15 -43.49 -25.47 -29.09
N LYS A 16 -43.66 -25.87 -27.81
CA LYS A 16 -43.53 -24.92 -26.72
C LYS A 16 -42.11 -24.36 -26.64
N MET A 17 -41.10 -25.21 -26.81
CA MET A 17 -39.71 -24.76 -26.74
C MET A 17 -39.26 -24.07 -28.02
N HIS A 18 -40.04 -24.13 -29.10
CA HIS A 18 -39.65 -23.48 -30.34
C HIS A 18 -39.47 -21.98 -30.16
N LYS A 19 -40.33 -21.36 -29.34
CA LYS A 19 -40.21 -19.91 -29.13
C LYS A 19 -38.88 -19.54 -28.48
N LEU A 20 -38.52 -20.27 -27.42
CA LEU A 20 -37.24 -20.02 -26.76
C LEU A 20 -36.08 -20.31 -27.69
N TRP A 21 -36.17 -21.38 -28.47
CA TRP A 21 -35.11 -21.71 -29.41
C TRP A 21 -34.94 -20.60 -30.44
N ALA A 22 -36.04 -20.09 -30.96
CA ALA A 22 -35.96 -19.00 -31.94
C ALA A 22 -35.38 -17.74 -31.33
N HIS A 23 -35.78 -17.41 -30.09
CA HIS A 23 -35.24 -16.24 -29.43
C HIS A 23 -33.73 -16.37 -29.23
N ILE A 24 -33.28 -17.56 -28.82
CA ILE A 24 -31.85 -17.79 -28.64
C ILE A 24 -31.12 -17.70 -29.97
N ARG A 25 -31.74 -18.20 -31.04
CA ARG A 25 -31.11 -18.11 -32.35
C ARG A 25 -30.96 -16.66 -32.80
N MET A 26 -31.99 -15.83 -32.56
CA MET A 26 -31.84 -14.41 -32.87
C MET A 26 -30.77 -13.76 -32.01
N ALA A 27 -30.66 -14.18 -30.75
CA ALA A 27 -29.61 -13.63 -29.89
C ALA A 27 -28.22 -13.99 -30.43
N MET A 28 -28.04 -15.23 -30.87
CA MET A 28 -26.76 -15.62 -31.47
C MET A 28 -26.50 -14.89 -32.78
N GLU A 29 -27.55 -14.64 -33.57
CA GLU A 29 -27.36 -14.09 -34.91
C GLU A 29 -26.69 -12.72 -34.85
N GLY A 30 -27.12 -11.87 -33.95
CA GLY A 30 -26.48 -10.58 -33.78
C GLY A 30 -27.51 -9.48 -33.63
N SER A 31 -27.10 -8.27 -33.99
CA SER A 31 -27.97 -7.11 -33.83
C SER A 31 -29.05 -7.07 -34.90
N ARG A 32 -28.73 -7.52 -36.11
CA ARG A 32 -29.69 -7.40 -37.21
C ARG A 32 -30.97 -8.17 -36.92
N ALA A 33 -30.86 -9.40 -36.41
CA ALA A 33 -32.05 -10.17 -36.09
C ALA A 33 -32.82 -9.55 -34.92
N ILE A 34 -32.11 -8.98 -33.95
CA ILE A 34 -32.77 -8.37 -32.81
C ILE A 34 -33.59 -7.17 -33.24
N LYS A 35 -32.99 -6.28 -34.05
CA LYS A 35 -33.72 -5.11 -34.53
C LYS A 35 -34.76 -5.45 -35.58
N ASP A 36 -34.64 -6.61 -36.24
CA ASP A 36 -35.67 -7.03 -37.18
C ASP A 36 -36.96 -7.38 -36.45
N ASN A 37 -36.86 -8.17 -35.38
CA ASN A 37 -38.01 -8.58 -34.58
C ASN A 37 -38.13 -7.74 -33.31
N ALA A 38 -37.80 -6.46 -33.38
CA ALA A 38 -37.78 -5.62 -32.19
C ALA A 38 -39.15 -5.45 -31.58
N LYS A 39 -40.23 -5.71 -32.32
CA LYS A 39 -41.57 -5.63 -31.76
C LYS A 39 -41.75 -6.64 -30.64
N GLU A 40 -41.20 -7.84 -30.80
CA GLU A 40 -41.34 -8.87 -29.78
C GLU A 40 -40.55 -8.51 -28.52
N PHE A 41 -39.42 -7.85 -28.66
CA PHE A 41 -38.52 -7.58 -27.53
C PHE A 41 -38.80 -6.23 -26.88
N VAL A 42 -38.73 -5.16 -27.66
CA VAL A 42 -38.89 -3.80 -27.13
C VAL A 42 -40.36 -3.41 -27.27
N PRO A 43 -41.08 -3.21 -26.17
CA PRO A 43 -42.47 -2.75 -26.29
C PRO A 43 -42.53 -1.30 -26.76
N HIS A 44 -43.60 -0.98 -27.46
CA HIS A 44 -43.80 0.39 -27.93
C HIS A 44 -44.05 1.30 -26.73
N PRO A 45 -43.42 2.48 -26.68
CA PRO A 45 -43.68 3.39 -25.56
C PRO A 45 -45.12 3.85 -25.45
N ASP A 46 -45.89 3.78 -26.53
CA ASP A 46 -47.29 4.15 -26.50
C ASP A 46 -48.04 3.38 -27.57
N ASN A 47 -49.11 2.67 -27.17
CA ASN A 47 -49.92 1.94 -28.14
C ASN A 47 -50.75 2.89 -29.00
N THR A 48 -51.21 4.01 -28.41
CA THR A 48 -51.96 4.99 -29.19
C THR A 48 -51.13 5.54 -30.33
N LYS A 49 -49.84 5.83 -30.06
CA LYS A 49 -48.94 6.22 -31.13
C LYS A 49 -48.77 5.10 -32.14
N ALA A 50 -48.65 3.85 -31.66
CA ALA A 50 -48.47 2.72 -32.55
C ALA A 50 -49.62 2.59 -33.55
N THR A 51 -50.83 2.95 -33.12
CA THR A 51 -51.95 2.95 -34.05
C THR A 51 -51.74 3.94 -35.18
N THR A 52 -51.24 5.14 -34.87
CA THR A 52 -51.01 6.18 -35.86
C THR A 52 -49.76 5.89 -36.69
N PRO A 53 -49.67 6.47 -37.89
CA PRO A 53 -48.46 6.26 -38.70
C PRO A 53 -47.25 7.00 -38.18
N GLU A 54 -47.42 8.22 -37.67
CA GLU A 54 -46.27 8.93 -37.13
C GLU A 54 -45.74 8.25 -35.88
N GLY A 55 -46.59 7.54 -35.14
CA GLY A 55 -46.11 6.79 -34.00
C GLY A 55 -45.17 5.67 -34.39
N VAL A 56 -45.54 4.90 -35.41
CA VAL A 56 -44.65 3.83 -35.86
C VAL A 56 -43.42 4.41 -36.54
N ALA A 57 -43.55 5.57 -37.19
CA ALA A 57 -42.37 6.23 -37.75
C ALA A 57 -41.39 6.61 -36.65
N ARG A 58 -41.90 7.13 -35.53
CA ARG A 58 -41.04 7.44 -34.39
C ARG A 58 -40.45 6.16 -33.79
N TYR A 59 -41.24 5.09 -33.73
CA TYR A 59 -40.76 3.83 -33.17
C TYR A 59 -39.63 3.25 -34.00
N LYS A 60 -39.68 3.44 -35.31
CA LYS A 60 -38.60 2.96 -36.17
C LYS A 60 -37.28 3.62 -35.81
N ALA A 61 -37.28 4.94 -35.65
CA ALA A 61 -36.06 5.64 -35.23
C ALA A 61 -35.68 5.29 -33.80
N TYR A 62 -36.67 5.00 -32.96
CA TYR A 62 -36.41 4.55 -31.60
C TYR A 62 -35.61 3.24 -31.60
N ILE A 63 -36.01 2.31 -32.46
CA ILE A 63 -35.31 1.03 -32.55
C ILE A 63 -33.94 1.20 -33.20
N GLU A 64 -33.85 2.04 -34.24
CA GLU A 64 -32.59 2.20 -34.95
C GLU A 64 -31.50 2.77 -34.05
N ARG A 65 -31.86 3.73 -33.19
CA ARG A 65 -30.88 4.36 -32.31
C ARG A 65 -30.38 3.42 -31.22
N ALA A 66 -31.03 2.28 -31.02
CA ALA A 66 -30.66 1.39 -29.93
C ALA A 66 -29.32 0.71 -30.22
N VAL A 67 -28.73 0.15 -29.16
CA VAL A 67 -27.44 -0.53 -29.24
C VAL A 67 -27.62 -1.95 -28.70
N TRP A 68 -27.21 -2.93 -29.50
CA TRP A 68 -27.25 -4.32 -29.08
C TRP A 68 -25.88 -4.74 -28.56
N TYR A 69 -25.85 -5.27 -27.33
CA TYR A 69 -24.59 -5.67 -26.73
C TYR A 69 -23.96 -6.86 -27.45
N GLY A 70 -24.77 -7.86 -27.80
CA GLY A 70 -24.22 -9.08 -28.36
C GLY A 70 -23.39 -9.86 -27.37
N ALA A 71 -23.84 -9.97 -26.12
CA ALA A 71 -23.09 -10.65 -25.08
C ALA A 71 -23.30 -12.16 -25.07
N SER A 72 -24.50 -12.62 -25.44
CA SER A 72 -24.76 -14.06 -25.44
C SER A 72 -23.89 -14.78 -26.46
N ALA A 73 -23.71 -14.18 -27.65
CA ALA A 73 -22.83 -14.77 -28.64
C ALA A 73 -21.39 -14.83 -28.11
N ASN A 74 -20.97 -13.79 -27.38
CA ASN A 74 -19.63 -13.81 -26.81
C ASN A 74 -19.50 -14.91 -25.76
N THR A 75 -20.54 -15.12 -24.95
CA THR A 75 -20.52 -16.22 -24.00
C THR A 75 -20.39 -17.56 -24.70
N VAL A 76 -21.15 -17.75 -25.77
CA VAL A 76 -21.09 -19.01 -26.50
C VAL A 76 -19.69 -19.22 -27.10
N ASP A 77 -19.13 -18.17 -27.69
CA ASP A 77 -17.80 -18.28 -28.28
C ASP A 77 -16.75 -18.60 -27.22
N GLY A 78 -16.80 -17.91 -26.08
CA GLY A 78 -15.84 -18.18 -25.03
C GLY A 78 -15.98 -19.57 -24.44
N MET A 79 -17.22 -20.03 -24.28
CA MET A 79 -17.45 -21.38 -23.77
C MET A 79 -16.91 -22.43 -24.74
N LEU A 80 -17.14 -22.22 -26.04
CA LEU A 80 -16.60 -23.13 -27.04
C LEU A 80 -15.08 -23.13 -27.02
N GLY A 81 -14.46 -21.95 -26.91
CA GLY A 81 -13.01 -21.88 -26.85
C GLY A 81 -12.45 -22.57 -25.62
N GLN A 82 -13.13 -22.43 -24.48
CA GLN A 82 -12.69 -23.11 -23.27
C GLN A 82 -12.81 -24.62 -23.42
N ILE A 83 -13.94 -25.10 -23.93
CA ILE A 83 -14.13 -26.53 -24.06
C ILE A 83 -13.21 -27.11 -25.13
N PHE A 84 -13.14 -26.47 -26.29
CA PHE A 84 -12.38 -26.99 -27.42
C PHE A 84 -11.03 -26.30 -27.48
N ALA A 85 -10.07 -26.86 -26.75
CA ALA A 85 -8.68 -26.48 -26.85
C ALA A 85 -7.87 -27.70 -27.25
N ARG A 86 -6.84 -27.48 -28.05
CA ARG A 86 -6.06 -28.56 -28.68
C ARG A 86 -7.04 -29.40 -29.48
N ASP A 87 -7.07 -30.72 -29.30
CA ASP A 87 -8.02 -31.57 -30.00
C ASP A 87 -8.52 -32.65 -29.06
N PRO A 88 -9.75 -33.12 -29.24
CA PRO A 88 -10.24 -34.23 -28.42
C PRO A 88 -9.39 -35.48 -28.62
N VAL A 89 -9.19 -36.23 -27.55
CA VAL A 89 -8.34 -37.42 -27.57
C VAL A 89 -9.19 -38.62 -27.95
N PHE A 90 -8.73 -39.39 -28.93
CA PHE A 90 -9.39 -40.61 -29.36
C PHE A 90 -8.62 -41.82 -28.85
N THR A 91 -9.32 -42.74 -28.21
CA THR A 91 -8.73 -43.94 -27.62
C THR A 91 -9.09 -45.15 -28.46
N GLY A 92 -8.09 -45.94 -28.83
CA GLY A 92 -8.29 -47.10 -29.65
C GLY A 92 -7.47 -47.05 -30.92
N PRO A 93 -7.68 -48.00 -31.82
CA PRO A 93 -6.96 -47.98 -33.09
C PRO A 93 -7.30 -46.73 -33.89
N GLU A 94 -6.28 -46.16 -34.53
CA GLU A 94 -6.46 -44.95 -35.32
C GLU A 94 -6.46 -45.21 -36.82
N ASP A 95 -5.64 -46.15 -37.29
CA ASP A 95 -5.63 -46.48 -38.72
C ASP A 95 -6.93 -47.13 -39.15
N LYS A 96 -7.57 -47.89 -38.26
CA LYS A 96 -8.83 -48.55 -38.57
C LYS A 96 -10.03 -47.62 -38.48
N PHE A 97 -9.86 -46.42 -37.96
CA PHE A 97 -10.94 -45.44 -37.85
C PHE A 97 -10.62 -44.14 -38.58
N ASP A 98 -9.64 -44.15 -39.49
CA ASP A 98 -9.21 -42.91 -40.12
C ASP A 98 -10.30 -42.29 -40.98
N MET A 99 -11.16 -43.12 -41.57
CA MET A 99 -12.22 -42.59 -42.42
C MET A 99 -13.24 -41.79 -41.61
N LEU A 100 -13.44 -42.14 -40.34
CA LEU A 100 -14.36 -41.38 -39.50
C LEU A 100 -13.72 -40.07 -39.03
N ILE A 101 -12.43 -40.08 -38.73
CA ILE A 101 -11.77 -38.87 -38.26
C ILE A 101 -11.63 -37.85 -39.40
N ASN A 102 -11.24 -38.32 -40.59
CA ASN A 102 -11.02 -37.40 -41.70
C ASN A 102 -12.33 -36.76 -42.16
N ASP A 103 -13.36 -37.57 -42.43
CA ASP A 103 -14.67 -37.07 -42.85
C ASP A 103 -15.73 -37.89 -42.13
N VAL A 104 -16.34 -37.28 -41.11
CA VAL A 104 -17.29 -38.01 -40.27
C VAL A 104 -18.57 -38.32 -41.05
N ASP A 105 -18.91 -37.48 -42.04
CA ASP A 105 -20.11 -37.67 -42.83
C ASP A 105 -19.80 -37.64 -44.33
N GLY A 106 -18.55 -37.95 -44.70
CA GLY A 106 -18.17 -37.98 -46.09
C GLY A 106 -18.23 -36.65 -46.80
N SER A 107 -17.92 -35.56 -46.11
CA SER A 107 -17.90 -34.23 -46.71
C SER A 107 -16.56 -33.54 -46.52
N GLY A 108 -15.54 -34.25 -46.04
CA GLY A 108 -14.26 -33.65 -45.74
C GLY A 108 -14.19 -32.95 -44.41
N LEU A 109 -15.30 -32.91 -43.66
CA LEU A 109 -15.32 -32.27 -42.35
C LEU A 109 -14.85 -33.26 -41.30
N SER A 110 -13.81 -32.90 -40.55
CA SER A 110 -13.27 -33.78 -39.54
C SER A 110 -14.26 -33.97 -38.40
N ILE A 111 -14.09 -35.07 -37.66
CA ILE A 111 -14.97 -35.34 -36.53
C ILE A 111 -14.83 -34.27 -35.46
N HIS A 112 -13.66 -33.61 -35.39
CA HIS A 112 -13.46 -32.57 -34.40
C HIS A 112 -14.36 -31.37 -34.68
N GLN A 113 -14.51 -30.98 -35.95
CA GLN A 113 -15.38 -29.86 -36.28
C GLN A 113 -16.83 -30.18 -35.98
N GLN A 114 -17.27 -31.40 -36.29
CA GLN A 114 -18.64 -31.80 -35.97
C GLN A 114 -18.86 -31.81 -34.46
N ALA A 115 -17.86 -32.28 -33.70
CA ALA A 115 -17.97 -32.25 -32.24
C ALA A 115 -18.06 -30.82 -31.74
N ARG A 116 -17.30 -29.90 -32.35
CA ARG A 116 -17.37 -28.50 -31.97
C ARG A 116 -18.76 -27.92 -32.24
N ASP A 117 -19.33 -28.25 -33.40
CA ASP A 117 -20.68 -27.78 -33.71
C ASP A 117 -21.70 -28.35 -32.74
N SER A 118 -21.58 -29.63 -32.39
CA SER A 118 -22.49 -30.23 -31.43
C SER A 118 -22.35 -29.57 -30.06
N ALA A 119 -21.11 -29.27 -29.64
CA ALA A 119 -20.90 -28.60 -28.37
C ALA A 119 -21.49 -27.20 -28.38
N GLU A 120 -21.37 -26.49 -29.51
CA GLU A 120 -21.97 -25.17 -29.60
C GLU A 120 -23.48 -25.25 -29.50
N ASP A 121 -24.09 -26.21 -30.18
CA ASP A 121 -25.54 -26.38 -30.09
C ASP A 121 -25.98 -26.76 -28.68
N ALA A 122 -25.22 -27.60 -28.00
CA ALA A 122 -25.58 -27.99 -26.63
C ALA A 122 -25.36 -26.86 -25.64
N LEU A 123 -24.40 -25.97 -25.90
CA LEU A 123 -24.18 -24.83 -25.02
C LEU A 123 -25.21 -23.74 -25.24
N SER A 124 -25.64 -23.55 -26.49
CA SER A 124 -26.52 -22.43 -26.79
C SER A 124 -27.97 -22.72 -26.43
N LEU A 125 -28.57 -23.75 -27.06
CA LEU A 125 -29.95 -24.10 -26.75
C LEU A 125 -30.10 -25.48 -26.12
N GLY A 126 -28.99 -26.18 -25.85
CA GLY A 126 -29.06 -27.38 -25.03
C GLY A 126 -29.80 -28.55 -25.63
N ARG A 127 -29.61 -28.82 -26.92
CA ARG A 127 -30.21 -29.99 -27.54
C ARG A 127 -29.50 -30.29 -28.84
N GLY A 128 -29.50 -31.57 -29.21
CA GLY A 128 -28.88 -32.01 -30.45
C GLY A 128 -29.14 -33.49 -30.65
N GLY A 129 -28.63 -34.01 -31.74
CA GLY A 129 -28.81 -35.42 -32.06
C GLY A 129 -27.67 -35.95 -32.89
N LEU A 130 -27.35 -37.23 -32.68
CA LEU A 130 -26.35 -37.94 -33.46
C LEU A 130 -26.97 -39.22 -33.99
N PHE A 131 -26.87 -39.42 -35.31
CA PHE A 131 -27.44 -40.58 -35.97
C PHE A 131 -26.36 -41.28 -36.78
N VAL A 132 -26.29 -42.60 -36.68
CA VAL A 132 -25.31 -43.40 -37.40
C VAL A 132 -26.07 -44.33 -38.33
N ASP A 133 -25.74 -44.29 -39.61
CA ASP A 133 -26.39 -45.13 -40.60
C ASP A 133 -25.37 -45.62 -41.62
N TYR A 134 -25.76 -46.64 -42.37
CA TYR A 134 -24.92 -47.25 -43.39
C TYR A 134 -25.29 -46.72 -44.76
N SER A 135 -24.27 -46.43 -45.58
CA SER A 135 -24.50 -45.88 -46.91
C SER A 135 -25.26 -46.87 -47.79
N ALA A 152 -18.83 -48.87 -49.48
CA ALA A 152 -19.83 -48.56 -48.42
C ALA A 152 -19.11 -48.07 -47.16
N ARG A 153 -19.82 -47.31 -46.30
CA ARG A 153 -19.16 -46.73 -45.09
C ARG A 153 -20.23 -46.20 -44.13
N PRO A 154 -20.01 -46.16 -42.79
CA PRO A 154 -20.98 -45.55 -41.89
C PRO A 154 -20.73 -44.06 -41.68
N TYR A 155 -21.81 -43.31 -41.63
CA TYR A 155 -21.76 -41.87 -41.51
C TYR A 155 -22.43 -41.43 -40.22
N ILE A 156 -21.75 -40.60 -39.45
CA ILE A 156 -22.30 -40.08 -38.21
C ILE A 156 -22.99 -38.75 -38.51
N LYS A 157 -24.29 -38.70 -38.26
CA LYS A 157 -25.10 -37.55 -38.63
C LYS A 157 -24.91 -36.42 -37.63
N PHE A 158 -25.41 -35.24 -38.00
CA PHE A 158 -25.62 -34.15 -37.06
C PHE A 158 -27.03 -33.63 -37.29
N ILE A 159 -27.89 -33.75 -36.30
CA ILE A 159 -29.29 -33.36 -36.41
C ILE A 159 -29.51 -32.17 -35.48
N ALA A 160 -29.96 -31.05 -36.07
CA ALA A 160 -30.25 -29.87 -35.28
C ALA A 160 -31.46 -30.11 -34.38
N ALA A 161 -31.53 -29.34 -33.29
CA ALA A 161 -32.56 -29.57 -32.28
C ALA A 161 -33.96 -29.42 -32.85
N GLU A 162 -34.17 -28.41 -33.70
CA GLU A 162 -35.48 -28.21 -34.32
C GLU A 162 -35.84 -29.35 -35.27
N ASP A 163 -34.86 -30.11 -35.74
CA ASP A 163 -35.15 -31.19 -36.68
C ASP A 163 -35.80 -32.38 -35.99
N ILE A 164 -35.34 -32.75 -34.80
CA ILE A 164 -35.98 -33.82 -34.05
C ILE A 164 -37.34 -33.32 -33.59
N LEU A 165 -38.41 -33.86 -34.18
CA LEU A 165 -39.75 -33.37 -33.93
C LEU A 165 -40.68 -34.42 -33.33
N ASN A 166 -40.20 -35.65 -33.09
CA ASN A 166 -41.06 -36.68 -32.52
C ASN A 166 -40.18 -37.75 -31.90
N TRP A 167 -40.60 -38.23 -30.72
CA TRP A 167 -39.93 -39.34 -30.05
C TRP A 167 -40.91 -39.97 -29.07
N ARG A 168 -40.60 -41.19 -28.65
CA ARG A 168 -41.45 -41.94 -27.75
C ARG A 168 -40.60 -42.72 -26.75
N GLU A 169 -41.13 -42.91 -25.54
CA GLU A 169 -40.46 -43.66 -24.49
C GLU A 169 -41.40 -44.75 -24.01
N ARG A 170 -41.35 -45.90 -24.68
CA ARG A 170 -42.15 -47.07 -24.33
C ARG A 170 -41.26 -48.07 -23.60
N TRP A 171 -41.64 -48.41 -22.38
CA TRP A 171 -40.84 -49.31 -21.56
C TRP A 171 -41.06 -50.75 -22.03
N VAL A 172 -39.96 -51.44 -22.34
CA VAL A 172 -39.98 -52.83 -22.78
C VAL A 172 -39.27 -53.65 -21.72
N ASN A 173 -40.00 -54.61 -21.13
CA ASN A 173 -39.46 -55.46 -20.08
C ASN A 173 -38.87 -54.64 -18.94
N GLY A 174 -39.56 -53.56 -18.57
CA GLY A 174 -39.11 -52.71 -17.48
C GLY A 174 -37.85 -51.94 -17.73
N ALA A 175 -37.63 -51.47 -18.97
CA ALA A 175 -36.46 -50.68 -19.30
C ALA A 175 -36.84 -49.49 -20.16
N LYS A 176 -36.14 -48.38 -19.98
CA LYS A 176 -36.27 -47.23 -20.87
C LYS A 176 -35.78 -47.59 -22.26
N ARG A 177 -36.71 -47.69 -23.21
CA ARG A 177 -36.37 -47.92 -24.61
C ARG A 177 -37.05 -46.86 -25.46
N THR A 178 -36.27 -46.23 -26.34
CA THR A 178 -36.79 -45.24 -27.28
C THR A 178 -37.27 -45.99 -28.51
N THR A 179 -38.58 -46.13 -28.65
CA THR A 179 -39.14 -46.94 -29.72
C THR A 179 -39.32 -46.16 -31.02
N LEU A 180 -39.87 -44.96 -30.96
CA LEU A 180 -40.07 -44.13 -32.14
C LEU A 180 -39.24 -42.87 -32.03
N LEU A 181 -38.68 -42.45 -33.17
CA LEU A 181 -37.92 -41.20 -33.24
C LEU A 181 -37.91 -40.75 -34.68
N VAL A 182 -38.53 -39.60 -34.95
CA VAL A 182 -38.64 -39.05 -36.29
C VAL A 182 -37.97 -37.68 -36.30
N PHE A 183 -37.01 -37.49 -37.20
CA PHE A 183 -36.30 -36.23 -37.32
C PHE A 183 -36.31 -35.78 -38.77
N ARG A 184 -36.41 -34.47 -38.98
CA ARG A 184 -36.48 -33.92 -40.32
C ARG A 184 -35.08 -33.82 -40.92
N GLU A 185 -34.94 -34.28 -42.15
CA GLU A 185 -33.69 -34.23 -42.90
C GLU A 185 -33.89 -33.24 -44.04
N GLU A 186 -33.04 -32.22 -44.10
CA GLU A 186 -33.11 -31.19 -45.11
C GLU A 186 -32.00 -31.39 -46.13
N SER A 187 -32.32 -31.15 -47.39
CA SER A 187 -31.35 -31.32 -48.47
C SER A 187 -31.68 -30.35 -49.60
N ASP A 188 -30.70 -30.13 -50.46
CA ASP A 188 -30.85 -29.25 -51.61
C ASP A 188 -31.00 -30.09 -52.87
N ALA A 189 -32.02 -29.78 -53.66
CA ALA A 189 -32.28 -30.54 -54.88
C ALA A 189 -31.24 -30.20 -55.94
N ASP A 190 -30.62 -31.24 -56.51
CA ASP A 190 -29.61 -31.07 -57.55
C ASP A 190 -30.27 -31.24 -58.91
N ASP A 191 -31.02 -30.22 -59.30
CA ASP A 191 -31.66 -30.20 -60.60
C ASP A 191 -30.66 -29.77 -61.68
N ASP A 192 -31.11 -29.78 -62.93
CA ASP A 192 -30.24 -29.37 -64.03
C ASP A 192 -29.87 -27.89 -63.91
N GLY A 193 -30.84 -27.05 -63.57
CA GLY A 193 -30.58 -25.63 -63.48
C GLY A 193 -29.86 -25.23 -62.20
N TYR A 194 -29.41 -23.98 -62.18
CA TYR A 194 -28.73 -23.44 -61.01
C TYR A 194 -29.69 -22.88 -59.97
N GLN A 195 -30.98 -22.84 -60.27
CA GLN A 195 -31.95 -22.35 -59.29
C GLN A 195 -31.98 -23.26 -58.07
N ILE A 196 -31.99 -22.65 -56.89
CA ILE A 196 -31.92 -23.40 -55.65
C ILE A 196 -33.33 -23.84 -55.26
N TYR A 197 -33.51 -25.14 -55.06
CA TYR A 197 -34.76 -25.71 -54.59
C TYR A 197 -34.61 -26.04 -53.11
N LYS A 198 -35.65 -26.67 -52.54
CA LYS A 198 -35.60 -27.05 -51.13
C LYS A 198 -36.54 -28.24 -50.94
N GLU A 199 -35.98 -29.44 -50.83
CA GLU A 199 -36.75 -30.64 -50.58
C GLU A 199 -36.37 -31.23 -49.22
N GLU A 200 -37.35 -31.79 -48.53
CA GLU A 200 -37.15 -32.32 -47.19
C GLU A 200 -37.35 -33.83 -47.18
N VAL A 201 -36.60 -34.50 -46.30
CA VAL A 201 -36.68 -35.93 -46.11
C VAL A 201 -36.99 -36.19 -44.64
N TRP A 202 -37.90 -37.13 -44.38
CA TRP A 202 -38.26 -37.51 -43.03
C TRP A 202 -37.83 -38.95 -42.79
N ARG A 203 -37.06 -39.15 -41.72
CA ARG A 203 -36.58 -40.47 -41.34
C ARG A 203 -37.38 -40.98 -40.14
N GLU A 204 -37.96 -42.16 -40.28
CA GLU A 204 -38.77 -42.77 -39.23
C GLU A 204 -37.99 -43.93 -38.64
N LEU A 205 -37.50 -43.76 -37.42
CA LEU A 205 -36.74 -44.78 -36.71
C LEU A 205 -37.65 -45.49 -35.74
N ARG A 206 -37.83 -46.80 -35.92
CA ARG A 206 -38.75 -47.58 -35.11
C ARG A 206 -38.03 -48.76 -34.48
N LEU A 207 -38.49 -49.14 -33.30
CA LEU A 207 -37.92 -50.26 -32.54
C LEU A 207 -39.07 -51.17 -32.11
N VAL A 208 -39.21 -52.32 -32.78
CA VAL A 208 -40.22 -53.31 -32.47
C VAL A 208 -39.52 -54.55 -31.91
N ASP A 209 -40.05 -55.06 -30.79
CA ASP A 209 -39.50 -56.19 -30.05
C ASP A 209 -37.97 -56.21 -30.03
N GLY A 210 -37.37 -55.06 -29.71
CA GLY A 210 -35.92 -54.98 -29.66
C GLY A 210 -35.22 -55.15 -30.99
N THR A 211 -35.81 -54.63 -32.07
CA THR A 211 -35.20 -54.71 -33.39
C THR A 211 -35.35 -53.36 -34.07
N TYR A 212 -34.25 -52.85 -34.61
CA TYR A 212 -34.21 -51.51 -35.20
C TYR A 212 -34.72 -51.55 -36.63
N TRP A 213 -35.77 -50.79 -36.90
CA TRP A 213 -36.32 -50.61 -38.25
C TRP A 213 -36.27 -49.13 -38.62
N GLN A 214 -36.12 -48.86 -39.91
CA GLN A 214 -36.06 -47.49 -40.37
C GLN A 214 -36.64 -47.39 -41.77
N ARG A 215 -37.10 -46.18 -42.11
CA ARG A 215 -37.59 -45.87 -43.45
C ARG A 215 -37.49 -44.37 -43.66
N THR A 216 -37.53 -43.96 -44.93
CA THR A 216 -37.40 -42.57 -45.31
C THR A 216 -38.67 -42.08 -45.97
N TRP A 217 -39.03 -40.83 -45.70
CA TRP A 217 -40.18 -40.16 -46.30
C TRP A 217 -39.70 -38.98 -47.12
N ARG A 218 -40.18 -38.86 -48.35
CA ARG A 218 -39.81 -37.77 -49.23
C ARG A 218 -41.05 -37.04 -49.72
N GLU A 219 -40.90 -35.74 -49.96
CA GLU A 219 -42.00 -34.90 -50.42
C GLU A 219 -41.62 -34.21 -51.71
N ASN A 220 -42.55 -34.16 -52.66
CA ASN A 220 -42.36 -33.44 -53.91
C ASN A 220 -43.72 -33.18 -54.52
N ASP A 221 -43.99 -31.91 -54.86
CA ASP A 221 -45.26 -31.49 -55.46
C ASP A 221 -46.45 -31.85 -54.56
N GLY A 222 -46.25 -31.80 -53.24
CA GLY A 222 -47.31 -32.10 -52.30
C GLY A 222 -47.59 -33.58 -52.11
N GLN A 223 -46.80 -34.45 -52.73
CA GLN A 223 -47.00 -35.89 -52.63
C GLN A 223 -45.97 -36.50 -51.68
N LEU A 224 -46.41 -37.46 -50.89
CA LEU A 224 -45.56 -38.12 -49.91
C LEU A 224 -45.13 -39.48 -50.45
N TYR A 225 -43.82 -39.67 -50.62
CA TYR A 225 -43.28 -40.93 -51.06
C TYR A 225 -42.81 -41.73 -49.85
N VAL A 226 -43.22 -43.00 -49.79
CA VAL A 226 -42.91 -43.86 -48.66
C VAL A 226 -41.89 -44.91 -49.11
N ASP A 227 -41.06 -45.33 -48.17
CA ASP A 227 -40.04 -46.34 -48.42
C ASP A 227 -40.33 -47.58 -47.60
N ASP A 228 -39.97 -48.74 -48.14
CA ASP A 228 -40.20 -50.00 -47.47
C ASP A 228 -39.35 -50.11 -46.20
N TRP A 229 -39.90 -50.79 -45.20
CA TRP A 229 -39.19 -50.98 -43.95
C TRP A 229 -37.94 -51.83 -44.16
N ILE A 230 -36.83 -51.39 -43.60
CA ILE A 230 -35.56 -52.10 -43.70
C ILE A 230 -34.98 -52.25 -42.30
N SER A 231 -34.11 -53.25 -42.16
CA SER A 231 -33.44 -53.55 -40.89
C SER A 231 -31.94 -53.54 -41.10
N PRO A 232 -31.25 -52.45 -40.81
CA PRO A 232 -29.79 -52.45 -40.89
C PRO A 232 -29.18 -53.47 -39.93
N THR A 233 -28.11 -54.11 -40.36
CA THR A 233 -27.47 -55.16 -39.59
C THR A 233 -25.97 -54.92 -39.53
N LYS A 234 -25.36 -55.39 -38.44
CA LYS A 234 -23.93 -55.26 -38.25
C LYS A 234 -23.18 -56.26 -39.14
N ALA A 235 -21.85 -56.12 -39.17
CA ALA A 235 -21.04 -57.04 -39.96
C ALA A 235 -21.16 -58.46 -39.44
N ASP A 236 -21.13 -58.63 -38.11
CA ASP A 236 -21.33 -59.96 -37.54
C ASP A 236 -22.75 -60.44 -37.76
N GLY A 237 -23.73 -59.54 -37.67
CA GLY A 237 -25.12 -59.90 -37.86
C GLY A 237 -26.00 -59.47 -36.70
N SER A 238 -27.05 -60.27 -36.43
CA SER A 238 -27.95 -60.05 -35.31
C SER A 238 -28.68 -58.71 -35.40
N GLN A 239 -28.73 -58.13 -36.60
CA GLN A 239 -29.43 -56.88 -36.87
C GLN A 239 -29.02 -55.80 -35.88
N PHE A 240 -29.98 -55.22 -35.16
CA PHE A 240 -29.69 -54.18 -34.18
C PHE A 240 -30.67 -54.29 -33.02
N ASP A 241 -30.16 -54.12 -31.80
CA ASP A 241 -31.00 -54.21 -30.61
C ASP A 241 -31.53 -52.85 -30.17
N GLU A 242 -30.85 -51.77 -30.54
CA GLU A 242 -31.26 -50.43 -30.15
C GLU A 242 -31.14 -49.49 -31.33
N ILE A 243 -31.90 -48.40 -31.28
CA ILE A 243 -31.88 -47.41 -32.35
C ILE A 243 -30.58 -46.63 -32.28
N PRO A 244 -29.82 -46.54 -33.37
CA PRO A 244 -28.54 -45.80 -33.36
C PRO A 244 -28.75 -44.28 -33.40
N PHE A 245 -29.43 -43.76 -32.39
CA PHE A 245 -29.65 -42.32 -32.27
C PHE A 245 -29.51 -41.93 -30.81
N VAL A 246 -28.69 -40.93 -30.55
CA VAL A 246 -28.48 -40.41 -29.20
C VAL A 246 -28.77 -38.92 -29.21
N ILE A 247 -29.58 -38.48 -28.25
CA ILE A 247 -29.93 -37.07 -28.09
C ILE A 247 -29.14 -36.52 -26.93
N PHE A 248 -28.23 -35.59 -27.21
CA PHE A 248 -27.38 -35.00 -26.19
C PHE A 248 -27.85 -33.60 -25.86
N GLY A 249 -27.84 -33.26 -24.57
CA GLY A 249 -28.27 -31.96 -24.11
C GLY A 249 -27.38 -31.46 -23.00
N SER A 250 -27.68 -30.25 -22.53
CA SER A 250 -26.92 -29.66 -21.43
C SER A 250 -27.09 -30.45 -20.15
N LYS A 251 -28.30 -30.94 -19.88
CA LYS A 251 -28.55 -31.66 -18.64
C LYS A 251 -28.05 -33.09 -18.72
N ASN A 252 -28.58 -33.88 -19.65
CA ASN A 252 -28.20 -35.29 -19.76
C ASN A 252 -28.57 -35.77 -21.16
N ASN A 253 -28.05 -36.96 -21.50
CA ASN A 253 -28.32 -37.57 -22.80
C ASN A 253 -29.63 -38.36 -22.73
N ASP A 254 -30.73 -37.61 -22.71
CA ASP A 254 -32.06 -38.18 -22.63
C ASP A 254 -32.94 -37.57 -23.71
N PRO A 255 -33.95 -38.30 -24.19
CA PRO A 255 -34.87 -37.73 -25.17
C PRO A 255 -35.66 -36.55 -24.64
N THR A 256 -35.83 -36.44 -23.31
CA THR A 256 -36.55 -35.32 -22.73
C THR A 256 -35.78 -34.03 -22.94
N ILE A 257 -36.51 -32.95 -23.22
CA ILE A 257 -35.89 -31.67 -23.51
C ILE A 257 -35.29 -31.09 -22.23
N ASP A 258 -34.13 -30.47 -22.37
CA ASP A 258 -33.44 -29.81 -21.27
C ASP A 258 -33.49 -28.29 -21.47
N MET A 259 -33.58 -27.58 -20.36
CA MET A 259 -33.65 -26.12 -20.42
C MET A 259 -32.33 -25.58 -20.96
N PRO A 260 -32.37 -24.68 -21.94
CA PRO A 260 -31.12 -24.10 -22.47
C PRO A 260 -30.38 -23.32 -21.40
N PRO A 261 -29.05 -23.43 -21.36
CA PRO A 261 -28.30 -22.69 -20.33
C PRO A 261 -28.26 -21.19 -20.55
N MET A 262 -28.61 -20.71 -21.73
CA MET A 262 -28.44 -19.30 -22.09
C MET A 262 -29.75 -18.52 -22.02
N ARG A 263 -30.81 -19.10 -21.46
CA ARG A 263 -32.10 -18.42 -21.42
C ARG A 263 -32.03 -17.15 -20.57
N ASP A 264 -31.47 -17.27 -19.36
CA ASP A 264 -31.42 -16.12 -18.46
C ASP A 264 -30.53 -15.02 -19.03
N LEU A 265 -29.40 -15.39 -19.63
CA LEU A 265 -28.53 -14.40 -20.25
C LEU A 265 -29.23 -13.73 -21.43
N VAL A 266 -30.02 -14.48 -22.19
CA VAL A 266 -30.74 -13.90 -23.31
C VAL A 266 -31.77 -12.88 -22.82
N GLU A 267 -32.51 -13.23 -21.77
CA GLU A 267 -33.49 -12.29 -21.22
C GLU A 267 -32.80 -11.04 -20.67
N LEU A 268 -31.67 -11.22 -19.98
CA LEU A 268 -30.94 -10.07 -19.47
C LEU A 268 -30.43 -9.19 -20.60
N ASN A 269 -29.95 -9.81 -21.68
CA ASN A 269 -29.49 -9.03 -22.83
C ASN A 269 -30.62 -8.26 -23.49
N ILE A 270 -31.81 -8.86 -23.57
CA ILE A 270 -32.96 -8.17 -24.14
C ILE A 270 -33.34 -6.97 -23.28
N ALA A 271 -33.35 -7.16 -21.95
CA ALA A 271 -33.67 -6.06 -21.05
C ALA A 271 -32.65 -4.93 -21.18
N HIS A 272 -31.36 -5.29 -21.26
CA HIS A 272 -30.33 -4.28 -21.48
C HIS A 272 -30.51 -3.59 -22.82
N PHE A 273 -30.96 -4.31 -23.83
CA PHE A 273 -31.18 -3.71 -25.15
C PHE A 273 -32.27 -2.66 -25.09
N ARG A 274 -33.39 -2.97 -24.42
CA ARG A 274 -34.46 -1.97 -24.33
C ARG A 274 -34.04 -0.79 -23.47
N ASN A 275 -33.28 -1.05 -22.40
CA ASN A 275 -32.75 0.05 -21.60
C ASN A 275 -31.82 0.92 -22.44
N SER A 276 -31.01 0.30 -23.30
CA SER A 276 -30.13 1.07 -24.18
C SER A 276 -30.92 1.87 -25.19
N ALA A 277 -32.03 1.33 -25.68
CA ALA A 277 -32.89 2.10 -26.57
C ALA A 277 -33.38 3.37 -25.89
N ASP A 278 -33.89 3.22 -24.66
CA ASP A 278 -34.34 4.39 -23.91
C ASP A 278 -33.21 5.38 -23.68
N TYR A 279 -32.04 4.88 -23.27
CA TYR A 279 -30.91 5.75 -22.96
C TYR A 279 -30.42 6.49 -24.20
N GLU A 280 -30.38 5.81 -25.34
CA GLU A 280 -29.94 6.45 -26.57
C GLU A 280 -30.93 7.50 -27.04
N GLU A 281 -32.23 7.23 -26.89
CA GLU A 281 -33.21 8.27 -27.21
C GLU A 281 -33.03 9.49 -26.33
N ALA A 282 -32.83 9.28 -25.02
CA ALA A 282 -32.62 10.40 -24.11
C ALA A 282 -31.35 11.17 -24.47
N CYS A 283 -30.28 10.46 -24.82
CA CYS A 283 -29.03 11.12 -25.19
C CYS A 283 -29.19 11.92 -26.47
N PHE A 284 -29.91 11.38 -27.45
CA PHE A 284 -30.12 12.11 -28.69
C PHE A 284 -30.94 13.38 -28.45
N ILE A 285 -31.99 13.29 -27.63
CA ILE A 285 -32.88 14.44 -27.48
C ILE A 285 -32.29 15.47 -26.52
N CYS A 286 -32.10 15.08 -25.26
CA CYS A 286 -31.73 16.02 -24.22
C CYS A 286 -30.23 16.11 -23.96
N GLY A 287 -29.42 15.40 -24.75
CA GLY A 287 -27.98 15.42 -24.52
C GLY A 287 -27.31 16.70 -24.99
N GLN A 288 -27.89 17.37 -25.96
CA GLN A 288 -27.30 18.59 -26.51
C GLN A 288 -27.66 19.78 -25.64
N PRO A 289 -26.68 20.57 -25.19
CA PRO A 289 -27.00 21.76 -24.40
C PRO A 289 -27.74 22.82 -25.21
N THR A 290 -28.59 23.57 -24.53
CA THR A 290 -29.41 24.60 -25.15
C THR A 290 -29.32 25.90 -24.35
N LEU A 291 -29.45 27.03 -25.04
CA LEU A 291 -29.25 28.33 -24.40
C LEU A 291 -30.32 28.62 -23.37
N PHE A 292 -31.59 28.47 -23.74
CA PHE A 292 -32.73 28.74 -22.86
C PHE A 292 -32.67 30.16 -22.29
N LEU A 293 -32.78 31.13 -23.20
CA LEU A 293 -32.74 32.56 -22.82
C LEU A 293 -34.08 32.93 -22.22
N SER A 294 -34.14 32.93 -20.89
CA SER A 294 -35.37 33.29 -20.18
C SER A 294 -35.43 34.80 -19.97
N GLY A 295 -36.64 35.29 -19.72
CA GLY A 295 -36.85 36.71 -19.54
C GLY A 295 -36.57 37.53 -20.77
N LEU A 296 -37.00 37.06 -21.94
CA LEU A 296 -36.72 37.71 -23.21
C LEU A 296 -38.02 38.16 -23.85
N THR A 297 -38.00 39.37 -24.42
CA THR A 297 -39.16 39.95 -25.07
C THR A 297 -39.00 39.89 -26.58
N GLU A 298 -40.13 39.76 -27.28
CA GLU A 298 -40.10 39.68 -28.74
C GLU A 298 -39.53 40.94 -29.35
N HIS A 299 -39.83 42.10 -28.77
CA HIS A 299 -39.27 43.35 -29.27
C HIS A 299 -37.76 43.33 -29.23
N TRP A 300 -37.18 42.86 -28.12
CA TRP A 300 -35.73 42.76 -28.02
C TRP A 300 -35.17 41.77 -29.03
N VAL A 301 -35.84 40.64 -29.20
CA VAL A 301 -35.39 39.63 -30.17
C VAL A 301 -35.30 40.23 -31.55
N LYS A 302 -36.38 40.90 -32.00
CA LYS A 302 -36.39 41.49 -33.33
C LYS A 302 -35.41 42.65 -33.43
N ASN A 303 -35.20 43.39 -32.33
CA ASN A 303 -34.33 44.56 -32.39
C ASN A 303 -32.86 44.17 -32.56
N VAL A 304 -32.37 43.22 -31.75
CA VAL A 304 -30.96 42.87 -31.74
C VAL A 304 -30.72 41.44 -32.21
N LEU A 305 -31.44 40.48 -31.63
CA LEU A 305 -31.20 39.09 -31.96
C LEU A 305 -31.62 38.78 -33.40
N GLY A 306 -32.84 39.18 -33.77
CA GLY A 306 -33.32 38.96 -35.12
C GLY A 306 -33.38 37.51 -35.52
N GLY A 307 -33.73 36.62 -34.58
CA GLY A 307 -33.76 35.20 -34.87
C GLY A 307 -32.42 34.61 -35.24
N ALA A 308 -31.34 35.12 -34.64
CA ALA A 308 -30.00 34.61 -34.92
C ALA A 308 -29.09 35.04 -33.78
N VAL A 309 -28.51 34.07 -33.09
CA VAL A 309 -27.63 34.32 -31.95
C VAL A 309 -26.24 33.83 -32.31
N VAL A 310 -25.26 34.72 -32.21
CA VAL A 310 -23.86 34.36 -32.42
C VAL A 310 -23.31 33.81 -31.10
N ILE A 311 -22.77 32.59 -31.16
CA ILE A 311 -22.37 31.86 -29.97
C ILE A 311 -20.86 31.65 -29.90
N GLY A 312 -20.11 32.18 -30.84
CA GLY A 312 -18.67 32.10 -30.76
C GLY A 312 -18.10 32.96 -29.66
N SER A 313 -16.85 32.65 -29.28
CA SER A 313 -16.17 33.44 -28.27
C SER A 313 -15.78 34.82 -28.75
N ARG A 314 -15.81 35.06 -30.07
CA ARG A 314 -15.47 36.38 -30.59
C ARG A 314 -16.56 37.40 -30.31
N ASP A 315 -17.81 36.97 -30.27
CA ASP A 315 -18.94 37.88 -30.14
C ASP A 315 -19.63 37.71 -28.79
N ALA A 316 -20.13 38.82 -28.26
CA ALA A 316 -20.87 38.85 -27.01
C ALA A 316 -22.32 39.23 -27.29
N VAL A 317 -23.24 38.51 -26.66
CA VAL A 317 -24.67 38.69 -26.89
C VAL A 317 -25.27 39.44 -25.70
N PRO A 318 -25.93 40.57 -25.91
CA PRO A 318 -26.56 41.28 -24.80
C PRO A 318 -28.01 40.86 -24.58
N LEU A 319 -28.46 41.01 -23.34
CA LEU A 319 -29.80 40.66 -22.93
C LEU A 319 -30.39 41.79 -22.10
N PRO A 320 -31.72 41.90 -22.07
CA PRO A 320 -32.35 42.94 -21.24
C PRO A 320 -32.21 42.67 -19.75
N VAL A 321 -32.81 43.52 -18.93
CA VAL A 321 -32.69 43.37 -17.49
C VAL A 321 -33.47 42.14 -17.03
N ASN A 322 -33.03 41.56 -15.90
CA ASN A 322 -33.68 40.39 -15.30
C ASN A 322 -33.78 39.24 -16.27
N ALA A 323 -32.74 39.06 -17.09
CA ALA A 323 -32.66 37.96 -18.05
C ALA A 323 -31.59 36.99 -17.61
N LYS A 324 -31.96 35.72 -17.49
CA LYS A 324 -31.04 34.69 -17.00
C LYS A 324 -30.79 33.65 -18.08
N PRO A 325 -29.63 33.66 -18.74
CA PRO A 325 -29.30 32.58 -19.66
C PRO A 325 -28.77 31.37 -18.89
N GLU A 326 -29.26 30.19 -19.26
CA GLU A 326 -28.93 28.97 -18.52
C GLU A 326 -28.80 27.82 -19.50
N LEU A 327 -27.57 27.36 -19.72
CA LEU A 327 -27.36 26.17 -20.53
C LEU A 327 -27.94 24.96 -19.82
N LEU A 328 -28.79 24.21 -20.53
CA LEU A 328 -29.48 23.06 -19.97
C LEU A 328 -29.16 21.81 -20.80
N GLN A 329 -28.72 20.76 -20.11
CA GLN A 329 -28.52 19.47 -20.75
C GLN A 329 -28.64 18.40 -19.69
N ALA A 330 -29.01 17.19 -20.12
CA ALA A 330 -29.13 16.08 -19.19
C ALA A 330 -27.77 15.70 -18.64
N GLU A 331 -27.65 15.69 -17.32
CA GLU A 331 -26.38 15.38 -16.68
C GLU A 331 -26.14 13.87 -16.68
N GLY A 332 -24.91 13.49 -16.32
CA GLY A 332 -24.53 12.11 -16.29
C GLY A 332 -25.05 11.39 -15.06
N ASN A 333 -24.65 10.12 -14.96
CA ASN A 333 -25.07 9.25 -13.85
C ASN A 333 -26.59 9.15 -13.77
N GLY A 334 -27.24 9.11 -14.92
CA GLY A 334 -28.68 8.92 -14.96
C GLY A 334 -29.08 7.55 -14.48
N MET A 335 -30.30 7.47 -13.96
CA MET A 335 -30.76 6.21 -13.37
C MET A 335 -30.99 5.14 -14.44
N VAL A 336 -31.26 5.56 -15.68
CA VAL A 336 -31.30 4.60 -16.78
C VAL A 336 -29.93 3.99 -17.01
N LYS A 337 -28.88 4.83 -17.00
CA LYS A 337 -27.52 4.31 -17.11
C LYS A 337 -27.17 3.43 -15.92
N GLU A 338 -27.68 3.78 -14.74
CA GLU A 338 -27.47 2.94 -13.56
C GLU A 338 -28.10 1.57 -13.74
N ALA A 339 -29.31 1.53 -14.30
CA ALA A 339 -29.96 0.25 -14.57
C ALA A 339 -29.19 -0.56 -15.60
N MET A 340 -28.68 0.11 -16.64
CA MET A 340 -27.87 -0.59 -17.64
C MET A 340 -26.61 -1.18 -17.02
N ASP A 341 -25.93 -0.40 -16.17
CA ASP A 341 -24.75 -0.91 -15.49
C ASP A 341 -25.08 -2.08 -14.58
N GLN A 342 -26.23 -2.01 -13.89
CA GLN A 342 -26.65 -3.12 -13.05
C GLN A 342 -26.91 -4.37 -13.88
N LYS A 343 -27.53 -4.22 -15.05
CA LYS A 343 -27.78 -5.38 -15.90
C LYS A 343 -26.49 -5.97 -16.43
N GLU A 344 -25.52 -5.12 -16.81
CA GLU A 344 -24.23 -5.62 -17.25
C GLU A 344 -23.52 -6.38 -16.12
N ARG A 345 -23.58 -5.82 -14.91
CA ARG A 345 -22.98 -6.49 -13.76
C ARG A 345 -23.64 -7.83 -13.51
N GLN A 346 -24.96 -7.89 -13.65
CA GLN A 346 -25.68 -9.15 -13.47
C GLN A 346 -25.28 -10.17 -14.52
N MET A 347 -25.11 -9.74 -15.77
CA MET A 347 -24.64 -10.67 -16.80
C MET A 347 -23.25 -11.20 -16.47
N VAL A 348 -22.35 -10.33 -16.02
CA VAL A 348 -21.02 -10.78 -15.64
C VAL A 348 -21.12 -11.76 -14.48
N ALA A 349 -21.99 -11.48 -13.52
CA ALA A 349 -22.10 -12.29 -12.32
C ALA A 349 -22.84 -13.61 -12.57
N LEU A 350 -23.53 -13.73 -13.71
CA LEU A 350 -24.27 -14.94 -14.02
C LEU A 350 -23.39 -16.04 -14.61
N GLY A 351 -22.10 -16.00 -14.32
CA GLY A 351 -21.18 -17.02 -14.81
C GLY A 351 -20.99 -16.99 -16.31
N ALA A 352 -20.91 -15.80 -16.89
CA ALA A 352 -20.78 -15.63 -18.32
C ALA A 352 -19.45 -14.98 -18.65
N LYS A 353 -18.72 -15.58 -19.59
CA LYS A 353 -17.50 -15.01 -20.12
C LYS A 353 -17.78 -13.98 -21.20
N LEU A 354 -18.98 -13.41 -21.20
CA LEU A 354 -19.41 -12.50 -22.26
C LEU A 354 -18.53 -11.27 -22.34
N ILE A 355 -18.13 -10.70 -21.20
CA ILE A 355 -17.23 -9.56 -21.20
C ILE A 355 -16.15 -9.73 -20.14
N ASP A 356 -15.06 -9.01 -20.35
CA ASP A 356 -13.95 -8.92 -19.41
C ASP A 356 -13.67 -7.45 -19.12
N SER A 357 -13.25 -7.17 -17.89
CA SER A 357 -13.03 -5.79 -17.45
C SER A 357 -11.56 -5.62 -17.06
N ASP A 358 -10.90 -4.65 -17.67
CA ASP A 358 -9.51 -4.35 -17.32
C ASP A 358 -9.42 -3.68 -15.96
N LYS A 359 -10.42 -2.86 -15.60
CA LYS A 359 -10.39 -2.18 -14.31
C LYS A 359 -10.45 -3.17 -13.15
N THR A 360 -11.27 -4.21 -13.28
CA THR A 360 -11.42 -5.19 -12.21
C THR A 360 -10.11 -5.98 -12.03
N GLN A 361 -9.74 -6.21 -10.78
CA GLN A 361 -8.55 -6.97 -10.44
C GLN A 361 -8.94 -8.14 -9.54
N ARG A 362 -8.34 -9.30 -9.79
CA ARG A 362 -8.63 -10.51 -9.03
C ARG A 362 -7.34 -11.06 -8.45
N THR A 363 -7.37 -11.36 -7.15
CA THR A 363 -6.23 -11.96 -6.48
C THR A 363 -6.04 -13.41 -6.95
N PHE A 364 -4.80 -13.76 -7.26
CA PHE A 364 -4.51 -15.13 -7.69
C PHE A 364 -4.77 -16.11 -6.56
N GLY A 365 -5.34 -17.26 -6.91
CA GLY A 365 -5.70 -18.27 -5.95
C GLY A 365 -7.13 -18.20 -5.46
N GLU A 366 -7.78 -17.05 -5.61
CA GLU A 366 -9.19 -16.95 -5.25
C GLU A 366 -10.07 -17.68 -6.26
N ALA A 367 -9.81 -17.48 -7.55
CA ALA A 367 -10.62 -18.10 -8.59
C ALA A 367 -10.44 -19.60 -8.65
N SER A 368 -9.36 -20.14 -8.05
CA SER A 368 -9.16 -21.58 -8.05
C SER A 368 -10.24 -22.30 -7.26
N MET A 369 -10.78 -21.65 -6.22
CA MET A 369 -11.85 -22.25 -5.44
C MET A 369 -13.15 -22.31 -6.24
N GLU A 370 -13.45 -21.25 -6.99
CA GLU A 370 -14.71 -21.18 -7.72
C GLU A 370 -14.64 -21.82 -9.10
N ALA A 371 -13.45 -22.17 -9.58
CA ALA A 371 -13.31 -22.71 -10.94
C ALA A 371 -14.21 -23.93 -11.17
N ALA A 372 -14.46 -24.71 -10.13
CA ALA A 372 -15.37 -25.85 -10.27
C ALA A 372 -16.78 -25.39 -10.58
N ALA A 373 -17.24 -24.33 -9.92
CA ALA A 373 -18.60 -23.84 -10.13
C ALA A 373 -18.73 -23.07 -11.44
N GLN A 374 -17.73 -22.25 -11.78
CA GLN A 374 -17.81 -21.45 -12.99
C GLN A 374 -17.87 -22.31 -14.24
N ASN A 375 -17.05 -23.37 -14.29
CA ASN A 375 -17.01 -24.27 -15.43
C ASN A 375 -17.97 -25.44 -15.29
N SER A 376 -19.06 -25.27 -14.53
CA SER A 376 -20.00 -26.36 -14.32
C SER A 376 -20.71 -26.73 -15.62
N VAL A 377 -21.27 -25.74 -16.31
CA VAL A 377 -21.94 -26.02 -17.57
C VAL A 377 -20.94 -26.50 -18.61
N LEU A 378 -19.73 -25.95 -18.60
CA LEU A 378 -18.68 -26.40 -19.51
C LEU A 378 -18.40 -27.88 -19.30
N SER A 379 -18.17 -28.29 -18.06
CA SER A 379 -17.88 -29.69 -17.78
C SER A 379 -19.06 -30.58 -18.14
N ARG A 380 -20.27 -30.16 -17.80
CA ARG A 380 -21.44 -30.98 -18.08
C ARG A 380 -21.61 -31.20 -19.58
N VAL A 381 -21.49 -30.13 -20.37
CA VAL A 381 -21.62 -30.25 -21.82
C VAL A 381 -20.49 -31.10 -22.38
N SER A 382 -19.27 -30.92 -21.86
CA SER A 382 -18.14 -31.70 -22.33
C SER A 382 -18.37 -33.19 -22.13
N LYS A 383 -18.79 -33.59 -20.92
CA LYS A 383 -19.04 -35.00 -20.66
C LYS A 383 -20.20 -35.52 -21.51
N ASN A 384 -21.28 -34.74 -21.63
CA ASN A 384 -22.43 -35.19 -22.40
C ASN A 384 -22.05 -35.45 -23.85
N VAL A 385 -21.34 -34.51 -24.47
CA VAL A 385 -20.91 -34.70 -25.85
C VAL A 385 -19.91 -35.84 -25.95
N SER A 386 -19.06 -36.01 -24.94
CA SER A 386 -18.11 -37.12 -24.96
C SER A 386 -18.83 -38.47 -25.00
N ASP A 387 -19.82 -38.65 -24.12
CA ASP A 387 -20.55 -39.91 -24.14
C ASP A 387 -21.37 -40.08 -25.42
N ALA A 388 -21.95 -38.99 -25.93
CA ALA A 388 -22.71 -39.09 -27.16
C ALA A 388 -21.83 -39.56 -28.32
N TYR A 389 -20.65 -38.96 -28.45
CA TYR A 389 -19.76 -39.33 -29.54
C TYR A 389 -19.14 -40.71 -29.32
N THR A 390 -18.90 -41.09 -28.07
CA THR A 390 -18.44 -42.44 -27.79
C THR A 390 -19.47 -43.46 -28.22
N LYS A 391 -20.75 -43.22 -27.90
CA LYS A 391 -21.81 -44.13 -28.32
C LYS A 391 -21.92 -44.18 -29.84
N ALA A 392 -21.81 -43.03 -30.50
CA ALA A 392 -21.86 -43.00 -31.96
C ALA A 392 -20.70 -43.80 -32.56
N LEU A 393 -19.49 -43.64 -32.01
CA LEU A 393 -18.35 -44.37 -32.52
C LEU A 393 -18.49 -45.87 -32.27
N ARG A 394 -19.05 -46.25 -31.13
CA ARG A 394 -19.30 -47.67 -30.87
C ARG A 394 -20.31 -48.24 -31.85
N TRP A 395 -21.34 -47.47 -32.18
CA TRP A 395 -22.31 -47.93 -33.18
C TRP A 395 -21.65 -48.07 -34.55
N ALA A 396 -20.78 -47.13 -34.90
CA ALA A 396 -20.05 -47.24 -36.17
C ALA A 396 -19.15 -48.46 -36.19
N ALA A 397 -18.49 -48.74 -35.05
CA ALA A 397 -17.65 -49.94 -34.96
C ALA A 397 -18.49 -51.20 -35.09
N MET A 398 -19.68 -51.22 -34.50
CA MET A 398 -20.60 -52.33 -34.71
C MET A 398 -20.95 -52.48 -36.18
N PHE A 399 -21.19 -51.35 -36.86
CA PHE A 399 -21.49 -51.39 -38.28
C PHE A 399 -20.33 -52.01 -39.07
N LEU A 400 -19.11 -51.64 -38.74
CA LEU A 400 -17.92 -52.15 -39.43
C LEU A 400 -17.36 -53.41 -38.79
N GLY A 401 -17.93 -53.87 -37.68
CA GLY A 401 -17.39 -55.03 -37.00
C GLY A 401 -15.99 -54.81 -36.45
N LEU A 402 -15.71 -53.61 -35.95
CA LEU A 402 -14.40 -53.23 -35.48
C LEU A 402 -14.31 -53.41 -33.96
N ASP A 403 -13.22 -52.93 -33.38
CA ASP A 403 -13.04 -53.00 -31.94
C ASP A 403 -14.04 -52.11 -31.23
N GLU A 404 -14.59 -52.62 -30.13
CA GLU A 404 -15.66 -51.92 -29.41
C GLU A 404 -15.14 -51.00 -28.32
N LYS A 405 -14.02 -51.34 -27.68
CA LYS A 405 -13.50 -50.55 -26.57
C LYS A 405 -12.77 -49.33 -27.11
N ILE A 406 -13.57 -48.39 -27.62
CA ILE A 406 -13.06 -47.12 -28.11
C ILE A 406 -13.72 -46.00 -27.32
N GLU A 407 -13.02 -44.87 -27.24
CA GLU A 407 -13.50 -43.73 -26.47
C GLU A 407 -13.18 -42.44 -27.22
N TYR A 408 -14.01 -41.42 -26.98
CA TYR A 408 -13.81 -40.09 -27.53
C TYR A 408 -14.10 -39.09 -26.43
N GLU A 409 -13.05 -38.47 -25.88
CA GLU A 409 -13.17 -37.57 -24.76
C GLU A 409 -12.66 -36.19 -25.17
N LEU A 410 -13.48 -35.16 -24.93
CA LEU A 410 -13.09 -33.79 -25.21
C LEU A 410 -12.27 -33.23 -24.05
N ASN A 411 -11.73 -32.03 -24.25
CA ASN A 411 -10.91 -31.40 -23.22
C ASN A 411 -11.72 -31.08 -21.98
N SER A 412 -11.55 -31.88 -20.93
CA SER A 412 -12.24 -31.65 -19.67
C SER A 412 -11.45 -30.77 -18.72
N ASP A 413 -10.22 -30.43 -19.06
CA ASP A 413 -9.39 -29.55 -18.25
C ASP A 413 -9.43 -28.15 -18.83
N PHE A 414 -10.26 -27.28 -18.24
CA PHE A 414 -10.46 -25.93 -18.74
C PHE A 414 -9.38 -25.01 -18.16
N ASP A 415 -9.46 -23.71 -18.48
CA ASP A 415 -8.46 -22.74 -18.07
C ASP A 415 -7.06 -23.17 -18.51
N ILE A 416 -6.97 -23.67 -19.73
CA ILE A 416 -5.72 -24.22 -20.25
C ILE A 416 -4.79 -23.08 -20.64
N ASN A 417 -3.51 -23.22 -20.28
CA ASN A 417 -2.50 -22.23 -20.62
C ASN A 417 -1.18 -22.94 -20.87
N LYS A 418 -0.19 -22.18 -21.34
CA LYS A 418 1.13 -22.74 -21.58
C LYS A 418 1.75 -23.22 -20.28
N MET A 419 2.33 -24.42 -20.31
CA MET A 419 2.90 -25.01 -19.11
C MET A 419 4.21 -24.33 -18.73
N SER A 420 4.44 -24.23 -17.42
CA SER A 420 5.62 -23.56 -16.90
C SER A 420 6.82 -24.50 -16.94
N PRO A 421 8.03 -23.94 -16.91
CA PRO A 421 9.23 -24.80 -16.84
C PRO A 421 9.23 -25.74 -15.66
N GLU A 422 8.76 -25.28 -14.50
CA GLU A 422 8.65 -26.17 -13.35
C GLU A 422 7.64 -27.29 -13.61
N GLU A 423 6.52 -26.96 -14.25
CA GLU A 423 5.54 -27.98 -14.62
C GLU A 423 6.14 -28.97 -15.61
N LEU A 424 6.94 -28.48 -16.56
CA LEU A 424 7.59 -29.37 -17.51
C LEU A 424 8.54 -30.32 -16.81
N ALA A 425 9.36 -29.81 -15.89
CA ALA A 425 10.25 -30.68 -15.14
C ALA A 425 9.45 -31.70 -14.32
N ALA A 426 8.33 -31.27 -13.74
CA ALA A 426 7.51 -32.18 -12.95
C ALA A 426 6.96 -33.32 -13.81
N VAL A 427 6.44 -33.00 -15.00
CA VAL A 427 5.88 -34.07 -15.82
C VAL A 427 6.98 -34.98 -16.35
N ILE A 428 8.15 -34.44 -16.66
CA ILE A 428 9.26 -35.29 -17.08
C ILE A 428 9.66 -36.24 -15.96
N SER A 429 9.75 -35.73 -14.73
CA SER A 429 10.10 -36.57 -13.59
C SER A 429 9.03 -37.63 -13.35
N ALA A 430 7.76 -37.26 -13.51
CA ALA A 430 6.69 -38.22 -13.34
C ALA A 430 6.75 -39.33 -14.39
N TRP A 431 7.08 -38.98 -15.64
CA TRP A 431 7.21 -39.99 -16.67
C TRP A 431 8.40 -40.90 -16.40
N GLN A 432 9.50 -40.35 -15.86
CA GLN A 432 10.65 -41.18 -15.53
C GLN A 432 10.33 -42.21 -14.46
N SER A 433 9.30 -41.98 -13.66
CA SER A 433 8.77 -42.98 -12.75
C SER A 433 7.59 -43.70 -13.41
N ASN A 434 7.20 -44.82 -12.81
CA ASN A 434 6.12 -45.63 -13.36
C ASN A 434 4.76 -45.12 -12.84
N ALA A 435 4.48 -43.86 -13.16
CA ALA A 435 3.25 -43.23 -12.70
C ALA A 435 2.50 -42.56 -13.84
N ILE A 436 3.22 -42.08 -14.85
CA ILE A 436 2.62 -41.42 -16.01
C ILE A 436 3.08 -42.16 -17.26
N SER A 437 2.12 -42.51 -18.11
CA SER A 437 2.43 -43.18 -19.36
C SER A 437 3.20 -42.25 -20.30
N PHE A 438 4.00 -42.86 -21.17
CA PHE A 438 4.75 -42.07 -22.14
C PHE A 438 3.80 -41.27 -23.03
N THR A 439 2.75 -41.91 -23.52
CA THR A 439 1.74 -41.18 -24.27
C THR A 439 0.99 -40.18 -23.39
N GLU A 440 0.82 -40.51 -22.11
CA GLU A 440 0.23 -39.54 -21.19
C GLU A 440 1.09 -38.30 -21.04
N MET A 441 2.41 -38.48 -20.91
CA MET A 441 3.30 -37.33 -20.83
C MET A 441 3.31 -36.56 -22.14
N ARG A 442 3.25 -37.26 -23.28
CA ARG A 442 3.18 -36.58 -24.56
C ARG A 442 1.90 -35.74 -24.67
N TRP A 443 0.77 -36.29 -24.21
CA TRP A 443 -0.47 -35.54 -24.22
C TRP A 443 -0.39 -34.33 -23.29
N GLN A 444 0.27 -34.50 -22.14
CA GLN A 444 0.50 -33.37 -21.24
C GLN A 444 1.28 -32.27 -21.94
N ILE A 445 2.38 -32.64 -22.60
CA ILE A 445 3.27 -31.66 -23.19
C ILE A 445 2.64 -31.02 -24.42
N LYS A 446 1.72 -31.73 -25.08
CA LYS A 446 0.97 -31.14 -26.18
C LYS A 446 -0.12 -30.20 -25.68
N LYS A 447 -0.73 -30.52 -24.54
CA LYS A 447 -1.75 -29.66 -23.96
C LYS A 447 -1.16 -28.31 -23.58
N GLY A 448 0.06 -28.30 -23.06
CA GLY A 448 0.74 -27.08 -22.68
C GLY A 448 1.37 -26.32 -23.83
N GLY A 449 1.14 -26.74 -25.06
CA GLY A 449 1.71 -26.06 -26.21
C GLY A 449 3.22 -26.17 -26.29
N ARG A 450 3.78 -27.33 -25.95
CA ARG A 450 5.22 -27.52 -25.96
C ARG A 450 5.68 -28.57 -26.95
N ALA A 451 4.78 -29.18 -27.70
CA ALA A 451 5.14 -30.18 -28.70
C ALA A 451 4.04 -30.26 -29.74
N TYR A 452 4.43 -30.61 -30.97
CA TYR A 452 3.45 -30.69 -32.05
C TYR A 452 3.53 -32.01 -32.80
N LEU A 453 4.73 -32.60 -32.87
CA LEU A 453 4.88 -33.87 -33.58
C LEU A 453 4.17 -34.99 -32.84
N GLU A 454 3.74 -35.99 -33.59
CA GLU A 454 3.06 -37.15 -33.02
C GLU A 454 4.04 -37.97 -32.19
N ASP A 455 3.47 -38.79 -31.30
CA ASP A 455 4.31 -39.64 -30.45
C ASP A 455 5.14 -40.61 -31.27
N GLU A 456 4.54 -41.19 -32.32
CA GLU A 456 5.27 -42.14 -33.14
C GLU A 456 6.43 -41.48 -33.88
N ASP A 457 6.22 -40.27 -34.39
CA ASP A 457 7.31 -39.56 -35.06
C ASP A 457 8.45 -39.26 -34.11
N MET A 458 8.13 -38.82 -32.89
CA MET A 458 9.15 -38.56 -31.89
C MET A 458 9.91 -39.84 -31.54
N ARG A 459 9.19 -40.95 -31.37
CA ARG A 459 9.85 -42.22 -31.08
C ARG A 459 10.78 -42.63 -32.20
N ASN A 460 10.31 -42.49 -33.45
CA ASN A 460 11.13 -42.88 -34.59
C ASN A 460 12.39 -42.03 -34.69
N GLU A 461 12.27 -40.72 -34.44
CA GLU A 461 13.45 -39.87 -34.55
C GLU A 461 14.41 -40.10 -33.39
N SER A 462 13.89 -40.33 -32.19
CA SER A 462 14.74 -40.56 -31.03
C SER A 462 15.29 -41.98 -30.96
N GLU A 463 14.81 -42.88 -31.83
CA GLU A 463 15.37 -44.24 -31.85
C GLU A 463 16.83 -44.23 -32.27
N GLN A 464 17.18 -43.37 -33.22
CA GLN A 464 18.56 -43.31 -33.70
C GLN A 464 19.46 -42.64 -32.66
N ASP A 465 20.76 -42.68 -32.94
CA ASP A 465 21.75 -42.14 -32.02
C ASP A 465 21.67 -40.62 -31.95
N ASP A 466 22.20 -40.07 -30.87
CA ASP A 466 22.24 -38.63 -30.71
C ASP A 466 23.21 -38.01 -31.72
N PRO A 467 22.95 -36.76 -32.13
CA PRO A 467 23.87 -36.10 -33.06
C PRO A 467 25.27 -35.93 -32.47
N LEU A 468 25.35 -35.30 -31.30
CA LEU A 468 26.61 -35.03 -30.63
C LEU A 468 27.62 -34.34 -31.56
N ASP B 3 -58.81 -39.18 3.42
CA ASP B 3 -58.36 -40.55 3.30
C ASP B 3 -59.04 -41.25 2.11
N SER B 4 -58.24 -41.88 1.26
CA SER B 4 -58.75 -42.60 0.10
C SER B 4 -58.10 -43.96 0.01
N ASN B 5 -58.85 -44.94 -0.46
CA ASN B 5 -58.38 -46.31 -0.62
C ASN B 5 -57.84 -46.58 -2.02
N ASN B 6 -57.85 -45.60 -2.91
CA ASN B 6 -57.37 -45.79 -4.26
C ASN B 6 -55.86 -45.84 -4.30
N ILE B 7 -55.32 -46.50 -5.34
CA ILE B 7 -53.88 -46.56 -5.52
C ILE B 7 -53.30 -45.19 -5.84
N LYS B 8 -54.13 -44.25 -6.29
CA LYS B 8 -53.68 -42.90 -6.63
C LYS B 8 -53.62 -41.98 -5.42
N TYR B 9 -53.98 -42.47 -4.23
CA TYR B 9 -54.00 -41.62 -3.04
C TYR B 9 -52.60 -41.11 -2.73
N VAL B 10 -52.51 -39.82 -2.41
CA VAL B 10 -51.26 -39.14 -2.12
C VAL B 10 -51.26 -38.74 -0.65
N ARG B 11 -50.12 -38.96 0.01
CA ARG B 11 -50.01 -38.61 1.42
C ARG B 11 -50.14 -37.09 1.60
N GLU B 12 -50.68 -36.70 2.75
CA GLU B 12 -51.02 -35.30 2.98
C GLU B 12 -49.77 -34.42 2.98
N ASP B 13 -48.68 -34.88 3.58
CA ASP B 13 -47.46 -34.09 3.60
C ASP B 13 -46.88 -33.91 2.21
N ALA B 14 -47.02 -34.91 1.34
CA ALA B 14 -46.61 -34.73 -0.05
C ALA B 14 -47.41 -33.64 -0.74
N LYS B 15 -48.73 -33.61 -0.48
CA LYS B 15 -49.55 -32.54 -1.04
C LYS B 15 -49.13 -31.18 -0.50
N LYS B 16 -48.80 -31.12 0.79
CA LYS B 16 -48.33 -29.86 1.38
C LYS B 16 -47.03 -29.39 0.74
N MET B 17 -46.10 -30.31 0.49
CA MET B 17 -44.82 -29.96 -0.11
C MET B 17 -44.91 -29.77 -1.62
N HIS B 18 -46.04 -30.15 -2.24
CA HIS B 18 -46.19 -29.98 -3.68
C HIS B 18 -46.06 -28.52 -4.09
N LYS B 19 -46.58 -27.60 -3.28
CA LYS B 19 -46.51 -26.18 -3.63
C LYS B 19 -45.06 -25.71 -3.68
N LEU B 20 -44.28 -26.05 -2.65
CA LEU B 20 -42.87 -25.66 -2.64
C LEU B 20 -42.11 -26.32 -3.77
N TRP B 21 -42.41 -27.60 -4.06
CA TRP B 21 -41.75 -28.29 -5.15
C TRP B 21 -42.04 -27.61 -6.49
N ALA B 22 -43.30 -27.22 -6.70
CA ALA B 22 -43.67 -26.54 -7.95
C ALA B 22 -43.00 -25.18 -8.04
N HIS B 23 -42.94 -24.44 -6.94
CA HIS B 23 -42.27 -23.14 -6.96
C HIS B 23 -40.79 -23.30 -7.30
N ILE B 24 -40.14 -24.30 -6.72
CA ILE B 24 -38.73 -24.54 -7.01
C ILE B 24 -38.56 -24.96 -8.47
N ARG B 25 -39.48 -25.75 -9.00
CA ARG B 25 -39.39 -26.16 -10.40
C ARG B 25 -39.52 -24.95 -11.32
N MET B 26 -40.44 -24.03 -11.02
CA MET B 26 -40.53 -22.80 -11.82
C MET B 26 -39.26 -21.97 -11.70
N ALA B 27 -38.67 -21.93 -10.50
CA ALA B 27 -37.41 -21.20 -10.34
C ALA B 27 -36.31 -21.80 -11.19
N MET B 28 -36.21 -23.13 -11.22
CA MET B 28 -35.22 -23.78 -12.08
C MET B 28 -35.51 -23.56 -13.56
N GLU B 29 -36.79 -23.52 -13.93
CA GLU B 29 -37.14 -23.47 -15.35
C GLU B 29 -36.60 -22.22 -16.02
N GLY B 30 -36.72 -21.07 -15.37
CA GLY B 30 -36.17 -19.84 -15.88
C GLY B 30 -37.15 -18.71 -15.74
N SER B 31 -36.99 -17.71 -16.61
CA SER B 31 -37.82 -16.52 -16.53
C SER B 31 -39.21 -16.77 -17.08
N ARG B 32 -39.34 -17.63 -18.10
CA ARG B 32 -40.64 -17.83 -18.73
C ARG B 32 -41.66 -18.37 -17.75
N ALA B 33 -41.28 -19.36 -16.94
CA ALA B 33 -42.20 -19.90 -15.95
C ALA B 33 -42.54 -18.88 -14.87
N ILE B 34 -41.57 -18.06 -14.49
CA ILE B 34 -41.80 -17.05 -13.45
C ILE B 34 -42.81 -16.02 -13.93
N LYS B 35 -42.61 -15.51 -15.15
CA LYS B 35 -43.54 -14.52 -15.70
C LYS B 35 -44.87 -15.13 -16.09
N ASP B 36 -44.92 -16.45 -16.32
CA ASP B 36 -46.19 -17.10 -16.62
C ASP B 36 -47.09 -17.10 -15.39
N ASN B 37 -46.55 -17.49 -14.23
CA ASN B 37 -47.29 -17.52 -12.98
C ASN B 37 -46.99 -16.31 -12.11
N ALA B 38 -46.81 -15.14 -12.73
CA ALA B 38 -46.41 -13.95 -12.00
C ALA B 38 -47.47 -13.50 -10.99
N LYS B 39 -48.72 -13.94 -11.17
CA LYS B 39 -49.76 -13.58 -10.21
C LYS B 39 -49.46 -14.15 -8.83
N GLU B 40 -48.91 -15.37 -8.77
CA GLU B 40 -48.58 -15.96 -7.50
C GLU B 40 -47.42 -15.26 -6.80
N PHE B 41 -46.46 -14.76 -7.57
CA PHE B 41 -45.24 -14.18 -7.02
C PHE B 41 -45.34 -12.67 -6.81
N VAL B 42 -45.65 -11.92 -7.86
CA VAL B 42 -45.70 -10.47 -7.81
C VAL B 42 -47.14 -10.05 -7.52
N PRO B 43 -47.42 -9.45 -6.37
CA PRO B 43 -48.78 -8.96 -6.10
C PRO B 43 -49.11 -7.76 -6.97
N HIS B 44 -50.39 -7.64 -7.30
CA HIS B 44 -50.85 -6.49 -8.08
C HIS B 44 -50.70 -5.22 -7.27
N PRO B 45 -50.18 -4.13 -7.85
CA PRO B 45 -50.07 -2.88 -7.10
C PRO B 45 -51.40 -2.33 -6.61
N ASP B 46 -52.52 -2.71 -7.25
CA ASP B 46 -53.83 -2.26 -6.82
C ASP B 46 -54.87 -3.31 -7.21
N ASN B 47 -55.65 -3.77 -6.24
CA ASN B 47 -56.71 -4.72 -6.52
C ASN B 47 -57.86 -4.07 -7.29
N THR B 48 -58.15 -2.81 -6.99
CA THR B 48 -59.20 -2.10 -7.71
C THR B 48 -58.89 -2.02 -9.19
N LYS B 49 -57.63 -1.73 -9.53
CA LYS B 49 -57.20 -1.79 -10.92
C LYS B 49 -57.35 -3.20 -11.47
N ALA B 50 -56.97 -4.20 -10.69
CA ALA B 50 -57.04 -5.59 -11.14
C ALA B 50 -58.46 -5.97 -11.53
N THR B 51 -59.46 -5.41 -10.84
CA THR B 51 -60.85 -5.66 -11.22
C THR B 51 -61.13 -5.13 -12.63
N THR B 52 -60.64 -3.93 -12.93
CA THR B 52 -60.87 -3.30 -14.23
C THR B 52 -60.00 -3.93 -15.31
N PRO B 53 -60.41 -3.79 -16.58
CA PRO B 53 -59.56 -4.35 -17.66
C PRO B 53 -58.30 -3.55 -17.91
N GLU B 54 -58.36 -2.21 -17.82
CA GLU B 54 -57.15 -1.43 -18.02
C GLU B 54 -56.14 -1.69 -16.90
N GLY B 55 -56.61 -2.05 -15.71
CA GLY B 55 -55.68 -2.40 -14.64
C GLY B 55 -54.88 -3.64 -14.95
N VAL B 56 -55.54 -4.69 -15.44
CA VAL B 56 -54.81 -5.90 -15.80
C VAL B 56 -53.96 -5.67 -17.04
N ALA B 57 -54.40 -4.79 -17.94
CA ALA B 57 -53.58 -4.43 -19.09
C ALA B 57 -52.29 -3.76 -18.63
N ARG B 58 -52.38 -2.86 -17.65
CA ARG B 58 -51.18 -2.24 -17.08
C ARG B 58 -50.32 -3.27 -16.34
N TYR B 59 -50.97 -4.20 -15.64
CA TYR B 59 -50.23 -5.23 -14.91
C TYR B 59 -49.43 -6.13 -15.86
N LYS B 60 -49.98 -6.38 -17.05
CA LYS B 60 -49.26 -7.20 -18.02
C LYS B 60 -47.94 -6.54 -18.41
N ALA B 61 -47.97 -5.24 -18.73
CA ALA B 61 -46.75 -4.52 -19.05
C ALA B 61 -45.85 -4.39 -17.83
N TYR B 62 -46.43 -4.32 -16.64
CA TYR B 62 -45.64 -4.30 -15.41
C TYR B 62 -44.82 -5.56 -15.27
N ILE B 63 -45.44 -6.72 -15.54
CA ILE B 63 -44.73 -7.99 -15.46
C ILE B 63 -43.71 -8.13 -16.58
N GLU B 64 -44.08 -7.71 -17.79
CA GLU B 64 -43.18 -7.87 -18.94
C GLU B 64 -41.88 -7.09 -18.75
N ARG B 65 -41.96 -5.88 -18.20
CA ARG B 65 -40.77 -5.05 -18.02
C ARG B 65 -39.84 -5.59 -16.93
N ALA B 66 -40.29 -6.56 -16.14
CA ALA B 66 -39.47 -7.05 -15.03
C ALA B 66 -38.30 -7.87 -15.55
N VAL B 67 -37.33 -8.08 -14.67
CA VAL B 67 -36.10 -8.81 -14.97
C VAL B 67 -35.97 -9.95 -13.98
N TRP B 68 -35.81 -11.18 -14.49
CA TRP B 68 -35.59 -12.34 -13.65
C TRP B 68 -34.11 -12.64 -13.56
N TYR B 69 -33.59 -12.72 -12.33
CA TYR B 69 -32.16 -12.97 -12.14
C TYR B 69 -31.77 -14.37 -12.59
N GLY B 70 -32.57 -15.37 -12.26
CA GLY B 70 -32.19 -16.75 -12.53
C GLY B 70 -30.99 -17.20 -11.72
N ALA B 71 -30.94 -16.84 -10.44
CA ALA B 71 -29.81 -17.18 -9.59
C ALA B 71 -29.90 -18.58 -9.00
N SER B 72 -31.11 -19.07 -8.71
CA SER B 72 -31.24 -20.40 -8.13
C SER B 72 -30.78 -21.48 -9.09
N ALA B 73 -31.08 -21.33 -10.39
CA ALA B 73 -30.58 -22.27 -11.39
C ALA B 73 -29.06 -22.24 -11.44
N ASN B 74 -28.47 -21.05 -11.31
CA ASN B 74 -27.01 -20.94 -11.30
C ASN B 74 -26.43 -21.63 -10.07
N THR B 75 -27.08 -21.49 -8.92
CA THR B 75 -26.63 -22.20 -7.73
C THR B 75 -26.68 -23.71 -7.93
N VAL B 76 -27.77 -24.21 -8.51
CA VAL B 76 -27.89 -25.64 -8.75
C VAL B 76 -26.80 -26.12 -9.70
N ASP B 77 -26.56 -25.37 -10.78
CA ASP B 77 -25.54 -25.76 -11.75
C ASP B 77 -24.16 -25.77 -11.12
N GLY B 78 -23.84 -24.73 -10.34
CA GLY B 78 -22.53 -24.68 -9.69
C GLY B 78 -22.35 -25.79 -8.67
N MET B 79 -23.41 -26.09 -7.91
CA MET B 79 -23.33 -27.16 -6.93
C MET B 79 -23.12 -28.51 -7.62
N LEU B 80 -23.82 -28.74 -8.73
CA LEU B 80 -23.62 -29.96 -9.49
C LEU B 80 -22.20 -30.05 -10.04
N GLY B 81 -21.68 -28.94 -10.56
CA GLY B 81 -20.32 -28.94 -11.07
C GLY B 81 -19.29 -29.21 -9.99
N GLN B 82 -19.51 -28.66 -8.80
CA GLN B 82 -18.61 -28.91 -7.69
C GLN B 82 -18.67 -30.37 -7.26
N ILE B 83 -19.87 -30.92 -7.12
CA ILE B 83 -20.01 -32.31 -6.68
C ILE B 83 -19.49 -33.27 -7.75
N PHE B 84 -19.91 -33.06 -9.00
CA PHE B 84 -19.57 -33.98 -10.08
C PHE B 84 -18.39 -33.44 -10.87
N ALA B 85 -17.20 -33.77 -10.40
CA ALA B 85 -15.97 -33.53 -11.13
C ALA B 85 -15.30 -34.87 -11.36
N ARG B 86 -14.65 -35.00 -12.52
CA ARG B 86 -14.07 -36.26 -12.99
C ARG B 86 -15.21 -37.28 -13.05
N ASP B 87 -15.09 -38.44 -12.42
CA ASP B 87 -16.16 -39.42 -12.39
C ASP B 87 -16.19 -40.08 -11.02
N PRO B 88 -17.37 -40.51 -10.56
CA PRO B 88 -17.44 -41.25 -9.30
C PRO B 88 -16.64 -42.54 -9.38
N VAL B 89 -16.01 -42.89 -8.27
CA VAL B 89 -15.14 -44.07 -8.20
C VAL B 89 -15.98 -45.28 -7.80
N PHE B 90 -15.86 -46.36 -8.57
CA PHE B 90 -16.55 -47.61 -8.28
C PHE B 90 -15.56 -48.62 -7.73
N THR B 91 -15.91 -49.22 -6.59
CA THR B 91 -15.05 -50.18 -5.90
C THR B 91 -15.61 -51.59 -6.08
N GLY B 92 -14.76 -52.51 -6.51
CA GLY B 92 -15.16 -53.87 -6.75
C GLY B 92 -14.87 -54.30 -8.17
N PRO B 93 -15.33 -55.49 -8.55
CA PRO B 93 -15.14 -55.94 -9.93
C PRO B 93 -15.83 -55.01 -10.91
N GLU B 94 -15.18 -54.76 -12.04
CA GLU B 94 -15.71 -53.88 -13.07
C GLU B 94 -16.25 -54.64 -14.28
N ASP B 95 -15.60 -55.73 -14.67
CA ASP B 95 -16.09 -56.52 -15.80
C ASP B 95 -17.41 -57.20 -15.47
N LYS B 96 -17.61 -57.56 -14.21
CA LYS B 96 -18.85 -58.22 -13.78
C LYS B 96 -20.00 -57.25 -13.57
N PHE B 97 -19.74 -55.94 -13.59
CA PHE B 97 -20.77 -54.92 -13.43
C PHE B 97 -20.83 -53.97 -14.62
N ASP B 98 -20.27 -54.35 -15.76
CA ASP B 98 -20.18 -53.42 -16.89
C ASP B 98 -21.55 -53.06 -17.42
N MET B 99 -22.52 -53.99 -17.36
CA MET B 99 -23.84 -53.71 -17.87
C MET B 99 -24.55 -52.63 -17.06
N LEU B 100 -24.24 -52.51 -15.77
CA LEU B 100 -24.84 -51.46 -14.96
C LEU B 100 -24.17 -50.10 -15.22
N ILE B 101 -22.86 -50.10 -15.45
CA ILE B 101 -22.15 -48.84 -15.69
C ILE B 101 -22.53 -48.28 -17.06
N ASN B 102 -22.57 -49.15 -18.08
CA ASN B 102 -22.85 -48.68 -19.43
C ASN B 102 -24.28 -48.15 -19.57
N ASP B 103 -25.26 -48.94 -19.14
CA ASP B 103 -26.67 -48.52 -19.19
C ASP B 103 -27.33 -48.98 -17.89
N VAL B 104 -27.56 -48.03 -16.99
CA VAL B 104 -28.08 -48.37 -15.67
C VAL B 104 -29.53 -48.85 -15.76
N ASP B 105 -30.27 -48.37 -16.77
CA ASP B 105 -31.66 -48.75 -16.96
C ASP B 105 -31.93 -49.24 -18.38
N GLY B 106 -30.89 -49.74 -19.05
CA GLY B 106 -31.05 -50.27 -20.39
C GLY B 106 -31.46 -49.25 -21.44
N SER B 107 -31.00 -48.01 -21.31
CA SER B 107 -31.28 -46.97 -22.28
C SER B 107 -30.02 -46.34 -22.85
N GLY B 108 -28.85 -46.91 -22.58
CA GLY B 108 -27.60 -46.32 -23.00
C GLY B 108 -27.10 -45.22 -22.11
N LEU B 109 -27.84 -44.86 -21.06
CA LEU B 109 -27.43 -43.81 -20.14
C LEU B 109 -26.54 -44.42 -19.06
N SER B 110 -25.33 -43.88 -18.92
CA SER B 110 -24.39 -44.41 -17.95
C SER B 110 -24.87 -44.13 -16.53
N ILE B 111 -24.36 -44.92 -15.59
CA ILE B 111 -24.74 -44.75 -14.20
C ILE B 111 -24.30 -43.38 -13.69
N HIS B 112 -23.23 -42.82 -14.27
CA HIS B 112 -22.76 -41.50 -13.85
C HIS B 112 -23.78 -40.42 -14.15
N GLN B 113 -24.41 -40.49 -15.33
CA GLN B 113 -25.42 -39.48 -15.68
C GLN B 113 -26.64 -39.59 -14.77
N GLN B 114 -27.07 -40.82 -14.46
CA GLN B 114 -28.19 -40.99 -13.54
C GLN B 114 -27.83 -40.49 -12.15
N ALA B 115 -26.60 -40.73 -11.70
CA ALA B 115 -26.17 -40.21 -10.42
C ALA B 115 -26.16 -38.68 -10.43
N ARG B 116 -25.74 -38.08 -11.55
CA ARG B 116 -25.78 -36.62 -11.67
C ARG B 116 -27.20 -36.09 -11.57
N ASP B 117 -28.14 -36.77 -12.25
CA ASP B 117 -29.53 -36.34 -12.18
C ASP B 117 -30.08 -36.47 -10.77
N SER B 118 -29.75 -37.57 -10.08
CA SER B 118 -30.18 -37.75 -8.71
C SER B 118 -29.60 -36.68 -7.80
N ALA B 119 -28.32 -36.34 -7.99
CA ALA B 119 -27.70 -35.29 -7.20
C ALA B 119 -28.37 -33.94 -7.46
N GLU B 120 -28.71 -33.66 -8.72
CA GLU B 120 -29.40 -32.41 -9.03
C GLU B 120 -30.76 -32.36 -8.35
N ASP B 121 -31.51 -33.46 -8.39
CA ASP B 121 -32.80 -33.48 -7.72
C ASP B 121 -32.67 -33.34 -6.21
N ALA B 122 -31.64 -33.94 -5.62
CA ALA B 122 -31.45 -33.83 -4.17
C ALA B 122 -30.95 -32.45 -3.77
N LEU B 123 -30.23 -31.76 -4.65
CA LEU B 123 -29.78 -30.41 -4.35
C LEU B 123 -30.89 -29.39 -4.53
N SER B 124 -31.77 -29.61 -5.51
CA SER B 124 -32.78 -28.60 -5.84
C SER B 124 -33.97 -28.67 -4.88
N LEU B 125 -34.67 -29.80 -4.85
CA LEU B 125 -35.82 -29.95 -3.96
C LEU B 125 -35.62 -31.03 -2.89
N GLY B 126 -34.46 -31.66 -2.83
CA GLY B 126 -34.12 -32.50 -1.70
C GLY B 126 -34.94 -33.76 -1.55
N ARG B 127 -35.21 -34.46 -2.64
CA ARG B 127 -35.93 -35.73 -2.57
C ARG B 127 -35.73 -36.50 -3.86
N GLY B 128 -35.77 -37.82 -3.74
CA GLY B 128 -35.62 -38.70 -4.90
C GLY B 128 -35.84 -40.13 -4.47
N GLY B 129 -35.73 -41.02 -5.44
CA GLY B 129 -35.91 -42.45 -5.17
C GLY B 129 -35.12 -43.30 -6.12
N LEU B 130 -34.66 -44.44 -5.64
CA LEU B 130 -33.96 -45.43 -6.44
C LEU B 130 -34.64 -46.77 -6.24
N PHE B 131 -35.02 -47.41 -7.35
CA PHE B 131 -35.71 -48.70 -7.32
C PHE B 131 -34.95 -49.69 -8.19
N VAL B 132 -34.75 -50.90 -7.68
CA VAL B 132 -34.06 -51.97 -8.39
C VAL B 132 -35.04 -53.11 -8.60
N ASP B 133 -35.21 -53.52 -9.86
CA ASP B 133 -36.12 -54.60 -10.19
C ASP B 133 -35.51 -55.47 -11.28
N TYR B 134 -36.09 -56.66 -11.44
CA TYR B 134 -35.63 -57.63 -12.43
C TYR B 134 -36.52 -57.57 -13.66
N SER B 135 -35.90 -57.64 -14.84
CA SER B 135 -36.65 -57.56 -16.09
C SER B 135 -37.60 -58.74 -16.24
N ALA B 152 -32.13 -61.59 -19.41
CA ALA B 152 -32.69 -60.88 -18.23
C ALA B 152 -31.59 -60.04 -17.56
N ARG B 153 -31.97 -59.00 -16.81
CA ARG B 153 -30.97 -58.08 -16.21
C ARG B 153 -31.64 -57.19 -15.16
N PRO B 154 -30.94 -56.70 -14.10
CA PRO B 154 -31.56 -55.78 -13.16
C PRO B 154 -31.35 -54.33 -13.59
N TYR B 155 -32.39 -53.53 -13.39
CA TYR B 155 -32.41 -52.13 -13.79
C TYR B 155 -32.59 -51.26 -12.57
N ILE B 156 -31.73 -50.24 -12.43
CA ILE B 156 -31.81 -49.30 -11.33
C ILE B 156 -32.65 -48.12 -11.79
N LYS B 157 -33.77 -47.91 -11.10
CA LYS B 157 -34.75 -46.91 -11.51
C LYS B 157 -34.28 -45.51 -11.10
N PHE B 158 -34.96 -44.50 -11.63
CA PHE B 158 -34.89 -43.15 -11.11
C PHE B 158 -36.32 -42.64 -10.97
N ILE B 159 -36.74 -42.38 -9.73
CA ILE B 159 -38.10 -41.95 -9.44
C ILE B 159 -38.06 -40.51 -8.97
N ALA B 160 -38.76 -39.63 -9.68
CA ALA B 160 -38.84 -38.23 -9.28
C ALA B 160 -39.60 -38.09 -7.98
N ALA B 161 -39.32 -36.99 -7.27
CA ALA B 161 -39.88 -36.80 -5.94
C ALA B 161 -41.41 -36.76 -5.96
N GLU B 162 -41.98 -36.08 -6.97
CA GLU B 162 -43.43 -36.03 -7.07
C GLU B 162 -44.04 -37.38 -7.38
N ASP B 163 -43.25 -38.33 -7.89
CA ASP B 163 -43.79 -39.65 -8.24
C ASP B 163 -44.05 -40.49 -7.00
N ILE B 164 -43.16 -40.45 -6.02
CA ILE B 164 -43.40 -41.17 -4.77
C ILE B 164 -44.53 -40.46 -4.03
N LEU B 165 -45.69 -41.10 -3.96
CA LEU B 165 -46.89 -40.47 -3.41
C LEU B 165 -47.44 -41.20 -2.19
N ASN B 166 -46.83 -42.30 -1.76
CA ASN B 166 -47.33 -43.02 -0.60
C ASN B 166 -46.22 -43.87 -0.02
N TRP B 167 -46.14 -43.90 1.31
CA TRP B 167 -45.19 -44.76 2.01
C TRP B 167 -45.69 -44.95 3.44
N ARG B 168 -45.16 -45.98 4.09
CA ARG B 168 -45.56 -46.32 5.46
C ARG B 168 -44.34 -46.76 6.26
N GLU B 169 -44.38 -46.50 7.56
CA GLU B 169 -43.31 -46.89 8.48
C GLU B 169 -43.94 -47.71 9.61
N ARG B 170 -44.05 -49.01 9.40
CA ARG B 170 -44.58 -49.94 10.40
C ARG B 170 -43.41 -50.68 11.02
N TRP B 171 -43.29 -50.56 12.34
CA TRP B 171 -42.19 -51.19 13.06
C TRP B 171 -42.46 -52.68 13.22
N VAL B 172 -41.50 -53.50 12.78
CA VAL B 172 -41.58 -54.94 12.87
C VAL B 172 -40.48 -55.41 13.80
N ASN B 173 -40.87 -56.06 14.90
CA ASN B 173 -39.92 -56.53 15.91
C ASN B 173 -39.01 -55.41 16.39
N GLY B 174 -39.60 -54.23 16.60
CA GLY B 174 -38.84 -53.10 17.10
C GLY B 174 -37.81 -52.54 16.15
N ALA B 175 -38.10 -52.52 14.85
CA ALA B 175 -37.18 -51.97 13.85
C ALA B 175 -37.95 -51.13 12.85
N LYS B 176 -37.31 -50.05 12.37
CA LYS B 176 -37.84 -49.27 11.26
C LYS B 176 -37.89 -50.11 10.00
N ARG B 177 -39.08 -50.47 9.55
CA ARG B 177 -39.27 -51.19 8.30
C ARG B 177 -40.28 -50.44 7.45
N THR B 178 -39.93 -50.20 6.19
CA THR B 178 -40.84 -49.55 5.24
C THR B 178 -41.68 -50.64 4.60
N THR B 179 -42.94 -50.75 5.02
CA THR B 179 -43.80 -51.83 4.57
C THR B 179 -44.48 -51.53 3.24
N LEU B 180 -45.06 -50.34 3.10
CA LEU B 180 -45.76 -49.96 1.88
C LEU B 180 -45.03 -48.78 1.22
N LEU B 181 -44.96 -48.81 -0.09
CA LEU B 181 -44.37 -47.71 -0.85
C LEU B 181 -44.93 -47.76 -2.26
N VAL B 182 -45.69 -46.75 -2.65
CA VAL B 182 -46.32 -46.68 -3.97
C VAL B 182 -45.80 -45.44 -4.67
N PHE B 183 -45.25 -45.62 -5.87
CA PHE B 183 -44.73 -44.52 -6.67
C PHE B 183 -45.31 -44.59 -8.07
N ARG B 184 -45.57 -43.42 -8.66
CA ARG B 184 -46.17 -43.36 -9.98
C ARG B 184 -45.11 -43.56 -11.05
N GLU B 185 -45.40 -44.42 -12.01
CA GLU B 185 -44.52 -44.70 -13.14
C GLU B 185 -45.19 -44.14 -14.38
N GLU B 186 -44.50 -43.26 -15.10
CA GLU B 186 -45.01 -42.63 -16.29
C GLU B 186 -44.35 -43.22 -17.53
N SER B 187 -45.13 -43.41 -18.58
CA SER B 187 -44.61 -43.99 -19.80
C SER B 187 -45.40 -43.45 -20.98
N ASP B 188 -44.83 -43.59 -22.18
CA ASP B 188 -45.46 -43.14 -23.42
C ASP B 188 -46.01 -44.35 -24.17
N ALA B 189 -47.27 -44.27 -24.57
CA ALA B 189 -47.89 -45.38 -25.28
C ALA B 189 -47.35 -45.48 -26.69
N ASP B 190 -46.91 -46.69 -27.06
CA ASP B 190 -46.36 -46.95 -28.40
C ASP B 190 -47.47 -47.53 -29.27
N ASP B 191 -48.39 -46.65 -29.67
CA ASP B 191 -49.46 -47.04 -30.58
C ASP B 191 -48.95 -47.06 -32.01
N ASP B 192 -49.83 -47.47 -32.93
CA ASP B 192 -49.46 -47.50 -34.34
C ASP B 192 -49.19 -46.10 -34.88
N GLY B 193 -50.02 -45.13 -34.50
CA GLY B 193 -49.85 -43.79 -35.00
C GLY B 193 -48.74 -43.03 -34.30
N TYR B 194 -48.41 -41.87 -34.87
CA TYR B 194 -47.38 -41.01 -34.29
C TYR B 194 -47.92 -40.07 -33.22
N GLN B 195 -49.23 -40.06 -33.00
CA GLN B 195 -49.81 -39.20 -31.97
C GLN B 195 -49.32 -39.65 -30.60
N ILE B 196 -48.94 -38.67 -29.78
CA ILE B 196 -48.36 -38.96 -28.47
C ILE B 196 -49.49 -39.15 -27.47
N TYR B 197 -49.49 -40.30 -26.80
CA TYR B 197 -50.44 -40.59 -25.73
C TYR B 197 -49.73 -40.41 -24.39
N LYS B 198 -50.43 -40.74 -23.31
CA LYS B 198 -49.84 -40.63 -21.96
C LYS B 198 -50.56 -41.61 -21.05
N GLU B 199 -49.92 -42.74 -20.77
CA GLU B 199 -50.44 -43.74 -19.86
C GLU B 199 -49.54 -43.84 -18.63
N GLU B 200 -50.16 -44.09 -17.48
CA GLU B 200 -49.44 -44.14 -16.21
C GLU B 200 -49.51 -45.54 -15.62
N VAL B 201 -48.45 -45.91 -14.92
CA VAL B 201 -48.35 -47.19 -14.24
C VAL B 201 -48.08 -46.93 -12.76
N TRP B 202 -48.76 -47.65 -11.89
CA TRP B 202 -48.57 -47.54 -10.45
C TRP B 202 -47.97 -48.83 -9.91
N ARG B 203 -46.85 -48.71 -9.21
CA ARG B 203 -46.17 -49.86 -8.61
C ARG B 203 -46.43 -49.86 -7.11
N GLU B 204 -46.94 -50.99 -6.62
CA GLU B 204 -47.26 -51.15 -5.20
C GLU B 204 -46.23 -52.10 -4.58
N LEU B 205 -45.34 -51.54 -3.77
CA LEU B 205 -44.30 -52.32 -3.10
C LEU B 205 -44.74 -52.60 -1.67
N ARG B 206 -44.88 -53.87 -1.33
CA ARG B 206 -45.38 -54.28 -0.03
C ARG B 206 -44.40 -55.22 0.65
N LEU B 207 -44.35 -55.15 1.98
CA LEU B 207 -43.46 -55.97 2.80
C LEU B 207 -44.30 -56.61 3.90
N VAL B 208 -44.60 -57.91 3.75
CA VAL B 208 -45.35 -58.67 4.74
C VAL B 208 -44.41 -59.69 5.37
N ASP B 209 -44.45 -59.75 6.71
CA ASP B 209 -43.58 -60.60 7.54
C ASP B 209 -42.16 -60.71 6.98
N GLY B 210 -41.56 -59.56 6.65
CA GLY B 210 -40.20 -59.55 6.13
C GLY B 210 -40.05 -60.21 4.78
N THR B 211 -41.02 -60.06 3.89
CA THR B 211 -40.94 -60.61 2.55
C THR B 211 -41.42 -59.56 1.56
N TYR B 212 -40.64 -59.33 0.50
CA TYR B 212 -40.92 -58.28 -0.46
C TYR B 212 -41.92 -58.77 -1.50
N TRP B 213 -43.05 -58.08 -1.60
CA TRP B 213 -44.06 -58.33 -2.62
C TRP B 213 -44.26 -57.07 -3.45
N GLN B 214 -44.61 -57.26 -4.72
CA GLN B 214 -44.83 -56.13 -5.61
C GLN B 214 -45.89 -56.47 -6.64
N ARG B 215 -46.53 -55.44 -7.16
CA ARG B 215 -47.50 -55.56 -8.25
C ARG B 215 -47.58 -54.24 -8.98
N THR B 216 -48.13 -54.28 -10.18
CA THR B 216 -48.24 -53.10 -11.04
C THR B 216 -49.71 -52.80 -11.31
N TRP B 217 -50.03 -51.51 -11.37
CA TRP B 217 -51.36 -51.03 -11.68
C TRP B 217 -51.30 -50.21 -12.96
N ARG B 218 -52.21 -50.49 -13.88
CA ARG B 218 -52.26 -49.79 -15.16
C ARG B 218 -53.65 -49.19 -15.37
N GLU B 219 -53.70 -48.07 -16.07
CA GLU B 219 -54.94 -47.34 -16.33
C GLU B 219 -55.11 -47.17 -17.83
N ASN B 220 -56.33 -47.39 -18.31
CA ASN B 220 -56.67 -47.14 -19.71
C ASN B 220 -58.18 -47.02 -19.83
N ASP B 221 -58.64 -45.94 -20.45
CA ASP B 221 -60.06 -45.66 -20.64
C ASP B 221 -60.81 -45.62 -19.30
N GLY B 222 -60.14 -45.13 -18.25
CA GLY B 222 -60.76 -45.04 -16.95
C GLY B 222 -60.83 -46.34 -16.18
N GLN B 223 -60.28 -47.42 -16.71
CA GLN B 223 -60.32 -48.73 -16.07
C GLN B 223 -58.98 -49.03 -15.43
N LEU B 224 -59.02 -49.64 -14.25
CA LEU B 224 -57.82 -49.99 -13.50
C LEU B 224 -57.54 -51.47 -13.67
N TYR B 225 -56.36 -51.78 -14.23
CA TYR B 225 -55.93 -53.17 -14.39
C TYR B 225 -55.00 -53.53 -13.25
N VAL B 226 -55.27 -54.67 -12.61
CA VAL B 226 -54.49 -55.12 -11.46
C VAL B 226 -53.65 -56.31 -11.87
N ASP B 227 -52.49 -56.45 -11.23
CA ASP B 227 -51.57 -57.54 -11.49
C ASP B 227 -51.44 -58.41 -10.24
N ASP B 228 -51.23 -59.70 -10.47
CA ASP B 228 -51.10 -60.64 -9.36
C ASP B 228 -49.84 -60.37 -8.56
N TRP B 229 -49.93 -60.63 -7.25
CA TRP B 229 -48.80 -60.42 -6.36
C TRP B 229 -47.67 -61.38 -6.72
N ILE B 230 -46.45 -60.84 -6.80
CA ILE B 230 -45.27 -61.62 -7.12
C ILE B 230 -44.20 -61.33 -6.08
N SER B 231 -43.27 -62.28 -5.94
CA SER B 231 -42.16 -62.16 -4.99
C SER B 231 -40.84 -62.33 -5.72
N PRO B 232 -40.17 -61.24 -6.09
CA PRO B 232 -38.85 -61.36 -6.71
C PRO B 232 -37.87 -62.03 -5.76
N THR B 233 -36.98 -62.85 -6.32
CA THR B 233 -36.03 -63.61 -5.54
C THR B 233 -34.63 -63.46 -6.11
N LYS B 234 -33.63 -63.56 -5.25
CA LYS B 234 -32.24 -63.48 -5.65
C LYS B 234 -31.81 -64.76 -6.36
N ALA B 235 -30.61 -64.72 -6.93
CA ALA B 235 -30.07 -65.90 -7.60
C ALA B 235 -29.88 -67.05 -6.62
N ASP B 236 -29.36 -66.77 -5.44
CA ASP B 236 -29.23 -67.80 -4.42
C ASP B 236 -30.61 -68.24 -3.91
N GLY B 237 -31.54 -67.30 -3.78
CA GLY B 237 -32.87 -67.61 -3.31
C GLY B 237 -33.29 -66.78 -2.11
N SER B 238 -34.10 -67.37 -1.23
CA SER B 238 -34.55 -66.73 0.00
C SER B 238 -35.36 -65.45 -0.26
N GLN B 239 -35.88 -65.32 -1.48
CA GLN B 239 -36.72 -64.18 -1.86
C GLN B 239 -36.05 -62.85 -1.52
N PHE B 240 -36.72 -62.00 -0.75
CA PHE B 240 -36.15 -60.72 -0.35
C PHE B 240 -36.63 -60.37 1.05
N ASP B 241 -35.72 -59.83 1.86
CA ASP B 241 -36.05 -59.46 3.23
C ASP B 241 -36.48 -58.01 3.35
N GLU B 242 -36.07 -57.15 2.42
CA GLU B 242 -36.39 -55.74 2.45
C GLU B 242 -36.80 -55.27 1.07
N ILE B 243 -37.55 -54.18 1.03
CA ILE B 243 -38.00 -53.61 -0.24
C ILE B 243 -36.82 -52.93 -0.92
N PRO B 244 -36.53 -53.26 -2.18
CA PRO B 244 -35.40 -52.64 -2.89
C PRO B 244 -35.71 -51.23 -3.37
N PHE B 245 -36.00 -50.35 -2.42
CA PHE B 245 -36.28 -48.95 -2.71
C PHE B 245 -35.64 -48.09 -1.63
N VAL B 246 -34.85 -47.11 -2.05
CA VAL B 246 -34.19 -46.18 -1.13
C VAL B 246 -34.56 -44.76 -1.53
N ILE B 247 -35.00 -43.98 -0.55
CA ILE B 247 -35.37 -42.58 -0.75
C ILE B 247 -34.24 -41.72 -0.23
N PHE B 248 -33.57 -41.00 -1.12
CA PHE B 248 -32.45 -40.15 -0.76
C PHE B 248 -32.87 -38.69 -0.76
N GLY B 249 -32.40 -37.95 0.23
CA GLY B 249 -32.72 -36.53 0.35
C GLY B 249 -31.52 -35.74 0.82
N SER B 250 -31.72 -34.44 0.93
CA SER B 250 -30.65 -33.56 1.39
C SER B 250 -30.27 -33.86 2.83
N LYS B 251 -31.26 -34.15 3.68
CA LYS B 251 -30.99 -34.38 5.09
C LYS B 251 -30.44 -35.79 5.32
N ASN B 252 -31.23 -36.81 4.98
CA ASN B 252 -30.82 -38.19 5.20
C ASN B 252 -31.64 -39.10 4.29
N ASN B 253 -31.21 -40.36 4.22
CA ASN B 253 -31.89 -41.36 3.39
C ASN B 253 -33.03 -42.00 4.20
N ASP B 254 -34.08 -41.21 4.38
CA ASP B 254 -35.25 -41.64 5.13
C ASP B 254 -36.50 -41.38 4.31
N PRO B 255 -37.56 -42.17 4.52
CA PRO B 255 -38.82 -41.90 3.82
C PRO B 255 -39.43 -40.56 4.18
N THR B 256 -39.11 -40.01 5.35
CA THR B 256 -39.65 -38.72 5.74
C THR B 256 -39.10 -37.61 4.84
N ILE B 257 -39.97 -36.65 4.51
CA ILE B 257 -39.59 -35.58 3.59
C ILE B 257 -38.61 -34.64 4.29
N ASP B 258 -37.62 -34.18 3.52
CA ASP B 258 -36.62 -33.24 4.00
C ASP B 258 -36.85 -31.88 3.34
N MET B 259 -36.57 -30.82 4.09
CA MET B 259 -36.76 -29.47 3.57
C MET B 259 -35.78 -29.22 2.43
N PRO B 260 -36.24 -28.71 1.29
CA PRO B 260 -35.33 -28.43 0.18
C PRO B 260 -34.31 -27.37 0.56
N PRO B 261 -33.05 -27.54 0.14
CA PRO B 261 -32.02 -26.56 0.51
C PRO B 261 -32.17 -25.22 -0.20
N MET B 262 -32.98 -25.14 -1.25
CA MET B 262 -33.05 -23.96 -2.09
C MET B 262 -34.30 -23.12 -1.82
N ARG B 263 -35.02 -23.41 -0.75
CA ARG B 263 -36.26 -22.67 -0.46
C ARG B 263 -35.96 -21.20 -0.17
N ASP B 264 -35.00 -20.93 0.70
CA ASP B 264 -34.69 -19.55 1.06
C ASP B 264 -34.17 -18.77 -0.12
N LEU B 265 -33.31 -19.39 -0.93
CA LEU B 265 -32.81 -18.73 -2.13
C LEU B 265 -33.92 -18.45 -3.12
N VAL B 266 -34.89 -19.37 -3.23
CA VAL B 266 -36.02 -19.16 -4.13
C VAL B 266 -36.86 -17.97 -3.66
N GLU B 267 -37.14 -17.90 -2.35
CA GLU B 267 -37.90 -16.76 -1.84
C GLU B 267 -37.16 -15.45 -2.04
N LEU B 268 -35.84 -15.45 -1.80
CA LEU B 268 -35.05 -14.24 -2.01
C LEU B 268 -35.07 -13.84 -3.49
N ASN B 269 -34.99 -14.81 -4.39
CA ASN B 269 -35.02 -14.51 -5.82
C ASN B 269 -36.38 -13.92 -6.22
N ILE B 270 -37.46 -14.45 -5.65
CA ILE B 270 -38.79 -13.92 -5.95
C ILE B 270 -38.91 -12.48 -5.46
N ALA B 271 -38.42 -12.21 -4.24
CA ALA B 271 -38.46 -10.85 -3.73
C ALA B 271 -37.64 -9.90 -4.60
N HIS B 272 -36.45 -10.34 -5.02
CA HIS B 272 -35.65 -9.54 -5.93
C HIS B 272 -36.36 -9.32 -7.26
N PHE B 273 -37.10 -10.33 -7.72
CA PHE B 273 -37.82 -10.19 -8.99
C PHE B 273 -38.91 -9.12 -8.89
N ARG B 274 -39.66 -9.11 -7.78
CA ARG B 274 -40.69 -8.07 -7.64
C ARG B 274 -40.08 -6.70 -7.45
N ASN B 275 -38.96 -6.62 -6.73
CA ASN B 275 -38.24 -5.35 -6.60
C ASN B 275 -37.75 -4.87 -7.96
N SER B 276 -37.28 -5.80 -8.80
CA SER B 276 -36.84 -5.45 -10.14
C SER B 276 -38.00 -4.98 -11.00
N ALA B 277 -39.18 -5.58 -10.83
CA ALA B 277 -40.36 -5.11 -11.54
C ALA B 277 -40.65 -3.66 -11.19
N ASP B 278 -40.65 -3.34 -9.89
CA ASP B 278 -40.89 -1.96 -9.48
C ASP B 278 -39.82 -1.02 -10.02
N TYR B 279 -38.55 -1.44 -9.94
CA TYR B 279 -37.45 -0.58 -10.37
C TYR B 279 -37.51 -0.34 -11.87
N GLU B 280 -37.84 -1.36 -12.65
CA GLU B 280 -37.94 -1.22 -14.10
C GLU B 280 -39.11 -0.31 -14.49
N GLU B 281 -40.24 -0.43 -13.78
CA GLU B 281 -41.34 0.48 -14.05
C GLU B 281 -40.93 1.93 -13.76
N ALA B 282 -40.25 2.15 -12.64
CA ALA B 282 -39.79 3.50 -12.31
C ALA B 282 -38.82 4.02 -13.35
N CYS B 283 -37.90 3.17 -13.81
CA CYS B 283 -36.92 3.59 -14.81
C CYS B 283 -37.60 3.92 -16.13
N PHE B 284 -38.60 3.13 -16.53
CA PHE B 284 -39.30 3.41 -17.77
C PHE B 284 -40.06 4.72 -17.69
N ILE B 285 -40.71 4.99 -16.56
CA ILE B 285 -41.57 6.17 -16.48
C ILE B 285 -40.75 7.42 -16.22
N CYS B 286 -40.07 7.47 -15.07
CA CYS B 286 -39.42 8.69 -14.62
C CYS B 286 -37.94 8.76 -14.99
N GLY B 287 -37.42 7.78 -15.72
CA GLY B 287 -36.01 7.79 -16.07
C GLY B 287 -35.65 8.78 -17.16
N GLN B 288 -36.60 9.13 -18.01
CA GLN B 288 -36.35 10.04 -19.11
C GLN B 288 -36.44 11.49 -18.63
N PRO B 289 -35.43 12.32 -18.87
CA PRO B 289 -35.51 13.73 -18.47
C PRO B 289 -36.57 14.48 -19.26
N THR B 290 -37.17 15.48 -18.60
CA THR B 290 -38.23 16.29 -19.18
C THR B 290 -37.94 17.77 -18.95
N LEU B 291 -38.40 18.61 -19.88
CA LEU B 291 -38.06 20.02 -19.84
C LEU B 291 -38.70 20.72 -18.65
N PHE B 292 -40.01 20.53 -18.45
CA PHE B 292 -40.75 21.15 -17.36
C PHE B 292 -40.59 22.68 -17.38
N LEU B 293 -41.10 23.29 -18.45
CA LEU B 293 -41.03 24.74 -18.60
C LEU B 293 -42.07 25.39 -17.70
N SER B 294 -41.64 25.84 -16.53
CA SER B 294 -42.54 26.50 -15.60
C SER B 294 -42.63 27.99 -15.90
N GLY B 295 -43.69 28.61 -15.40
CA GLY B 295 -43.91 30.02 -15.64
C GLY B 295 -44.18 30.35 -17.09
N LEU B 296 -44.98 29.54 -17.78
CA LEU B 296 -45.22 29.70 -19.20
C LEU B 296 -46.70 29.99 -19.43
N THR B 297 -46.98 30.93 -20.33
CA THR B 297 -48.33 31.33 -20.66
C THR B 297 -48.73 30.75 -22.01
N GLU B 298 -50.04 30.47 -22.15
CA GLU B 298 -50.54 29.89 -23.39
C GLU B 298 -50.32 30.83 -24.57
N HIS B 299 -50.47 32.14 -24.33
CA HIS B 299 -50.24 33.11 -25.39
C HIS B 299 -48.81 33.00 -25.92
N TRP B 300 -47.84 32.90 -25.02
CA TRP B 300 -46.45 32.75 -25.43
C TRP B 300 -46.24 31.45 -26.19
N VAL B 301 -46.83 30.36 -25.70
CA VAL B 301 -46.70 29.07 -26.37
C VAL B 301 -47.17 29.16 -27.80
N LYS B 302 -48.38 29.70 -28.00
CA LYS B 302 -48.92 29.80 -29.35
C LYS B 302 -48.15 30.81 -30.20
N ASN B 303 -47.59 31.85 -29.57
CA ASN B 303 -46.89 32.87 -30.33
C ASN B 303 -45.57 32.35 -30.90
N VAL B 304 -44.74 31.71 -30.06
CA VAL B 304 -43.40 31.30 -30.47
C VAL B 304 -43.26 29.78 -30.48
N LEU B 305 -43.64 29.13 -29.37
CA LEU B 305 -43.44 27.68 -29.29
C LEU B 305 -44.34 26.94 -30.27
N GLY B 306 -45.63 27.27 -30.28
CA GLY B 306 -46.55 26.63 -31.19
C GLY B 306 -46.67 25.13 -31.02
N GLY B 307 -46.57 24.64 -29.79
CA GLY B 307 -46.62 23.21 -29.55
C GLY B 307 -45.46 22.45 -30.16
N ALA B 308 -44.27 23.06 -30.22
CA ALA B 308 -43.10 22.41 -30.79
C ALA B 308 -41.86 23.14 -30.28
N VAL B 309 -41.00 22.43 -29.57
CA VAL B 309 -39.79 22.99 -28.99
C VAL B 309 -38.59 22.32 -29.66
N VAL B 310 -37.72 23.13 -30.24
CA VAL B 310 -36.47 22.63 -30.81
C VAL B 310 -35.43 22.54 -29.69
N ILE B 311 -34.86 21.35 -29.53
CA ILE B 311 -34.00 21.02 -28.40
C ILE B 311 -32.56 20.76 -28.82
N GLY B 312 -32.25 20.90 -30.11
CA GLY B 312 -30.88 20.75 -30.54
C GLY B 312 -30.01 21.90 -30.08
N SER B 313 -28.70 21.67 -30.12
CA SER B 313 -27.75 22.71 -29.75
C SER B 313 -27.67 23.82 -30.79
N ARG B 314 -28.18 23.59 -32.00
CA ARG B 314 -28.16 24.63 -33.02
C ARG B 314 -29.14 25.75 -32.73
N ASP B 315 -30.26 25.44 -32.07
CA ASP B 315 -31.33 26.41 -31.85
C ASP B 315 -31.44 26.75 -30.37
N ALA B 316 -31.79 28.01 -30.10
CA ALA B 316 -32.02 28.50 -28.75
C ALA B 316 -33.49 28.86 -28.59
N VAL B 317 -34.07 28.46 -27.46
CA VAL B 317 -35.49 28.63 -27.19
C VAL B 317 -35.66 29.77 -26.19
N PRO B 318 -36.43 30.80 -26.51
CA PRO B 318 -36.66 31.89 -25.54
C PRO B 318 -37.88 31.66 -24.68
N LEU B 319 -37.85 32.24 -23.49
CA LEU B 319 -38.92 32.14 -22.52
C LEU B 319 -39.25 33.51 -21.97
N PRO B 320 -40.47 33.72 -21.47
CA PRO B 320 -40.83 35.01 -20.88
C PRO B 320 -40.13 35.25 -19.55
N VAL B 321 -40.44 36.37 -18.90
CA VAL B 321 -39.79 36.70 -17.65
C VAL B 321 -40.25 35.75 -16.55
N ASN B 322 -39.39 35.56 -15.54
CA ASN B 322 -39.68 34.71 -14.39
C ASN B 322 -40.05 33.30 -14.80
N ALA B 323 -39.37 32.79 -15.83
CA ALA B 323 -39.58 31.43 -16.32
C ALA B 323 -38.35 30.60 -16.00
N LYS B 324 -38.55 29.47 -15.34
CA LYS B 324 -37.45 28.62 -14.92
C LYS B 324 -37.54 27.26 -15.60
N PRO B 325 -36.72 26.97 -16.60
CA PRO B 325 -36.67 25.62 -17.15
C PRO B 325 -35.82 24.72 -16.28
N GLU B 326 -36.32 23.51 -16.02
CA GLU B 326 -35.65 22.61 -15.09
C GLU B 326 -35.81 21.18 -15.59
N LEU B 327 -34.72 20.60 -16.09
CA LEU B 327 -34.73 19.20 -16.47
C LEU B 327 -34.93 18.33 -15.23
N LEU B 328 -35.92 17.44 -15.28
CA LEU B 328 -36.27 16.59 -14.15
C LEU B 328 -36.19 15.13 -14.57
N GLN B 329 -35.45 14.34 -13.79
CA GLN B 329 -35.42 12.90 -13.98
C GLN B 329 -35.05 12.26 -12.65
N ALA B 330 -35.47 11.01 -12.48
CA ALA B 330 -35.16 10.29 -11.25
C ALA B 330 -33.66 10.04 -11.15
N GLU B 331 -33.06 10.46 -10.05
CA GLU B 331 -31.63 10.31 -9.87
C GLU B 331 -31.30 8.88 -9.45
N GLY B 332 -30.01 8.57 -9.46
CA GLY B 332 -29.54 7.25 -9.11
C GLY B 332 -29.51 7.02 -7.62
N ASN B 333 -29.02 5.84 -7.24
CA ASN B 333 -28.93 5.42 -5.84
C ASN B 333 -30.30 5.45 -5.17
N GLY B 334 -31.33 5.06 -5.92
CA GLY B 334 -32.65 4.97 -5.35
C GLY B 334 -32.76 3.86 -4.32
N MET B 335 -33.69 4.04 -3.39
CA MET B 335 -33.80 3.09 -2.29
C MET B 335 -34.35 1.75 -2.77
N VAL B 336 -35.09 1.73 -3.88
CA VAL B 336 -35.47 0.47 -4.50
C VAL B 336 -34.22 -0.27 -5.00
N LYS B 337 -33.31 0.46 -5.65
CA LYS B 337 -32.06 -0.16 -6.09
C LYS B 337 -31.23 -0.61 -4.89
N GLU B 338 -31.28 0.16 -3.79
CA GLU B 338 -30.59 -0.25 -2.58
C GLU B 338 -31.15 -1.55 -2.03
N ALA B 339 -32.48 -1.71 -2.05
CA ALA B 339 -33.09 -2.95 -1.61
C ALA B 339 -32.69 -4.11 -2.53
N MET B 340 -32.64 -3.87 -3.83
CA MET B 340 -32.22 -4.92 -4.76
C MET B 340 -30.78 -5.33 -4.50
N ASP B 341 -29.90 -4.37 -4.27
CA ASP B 341 -28.50 -4.68 -3.96
C ASP B 341 -28.41 -5.47 -2.65
N GLN B 342 -29.21 -5.09 -1.65
CA GLN B 342 -29.22 -5.81 -0.39
C GLN B 342 -29.66 -7.26 -0.59
N LYS B 343 -30.68 -7.48 -1.42
CA LYS B 343 -31.15 -8.83 -1.68
C LYS B 343 -30.10 -9.65 -2.42
N GLU B 344 -29.41 -9.04 -3.40
CA GLU B 344 -28.34 -9.74 -4.08
C GLU B 344 -27.22 -10.10 -3.11
N ARG B 345 -26.85 -9.17 -2.23
CA ARG B 345 -25.83 -9.45 -1.24
C ARG B 345 -26.25 -10.58 -0.31
N GLN B 346 -27.54 -10.61 0.07
CA GLN B 346 -28.04 -11.68 0.91
C GLN B 346 -27.98 -13.02 0.21
N MET B 347 -28.31 -13.06 -1.09
CA MET B 347 -28.19 -14.30 -1.84
C MET B 347 -26.75 -14.77 -1.90
N VAL B 348 -25.80 -13.86 -2.13
CA VAL B 348 -24.39 -14.24 -2.14
C VAL B 348 -23.98 -14.76 -0.76
N ALA B 349 -24.46 -14.10 0.29
CA ALA B 349 -24.07 -14.47 1.64
C ALA B 349 -24.75 -15.73 2.13
N LEU B 350 -25.81 -16.19 1.45
CA LEU B 350 -26.52 -17.39 1.87
C LEU B 350 -25.84 -18.67 1.40
N GLY B 351 -24.53 -18.63 1.16
CA GLY B 351 -23.79 -19.80 0.74
C GLY B 351 -24.17 -20.29 -0.64
N ALA B 352 -24.41 -19.37 -1.57
CA ALA B 352 -24.82 -19.70 -2.92
C ALA B 352 -23.75 -19.29 -3.90
N LYS B 353 -23.39 -20.21 -4.80
CA LYS B 353 -22.49 -19.94 -5.90
C LYS B 353 -23.23 -19.33 -7.08
N LEU B 354 -24.37 -18.71 -6.82
CA LEU B 354 -25.23 -18.20 -7.88
C LEU B 354 -24.53 -17.12 -8.71
N ILE B 355 -23.78 -16.23 -8.05
CA ILE B 355 -23.03 -15.21 -8.76
C ILE B 355 -21.63 -15.07 -8.19
N ASP B 356 -20.74 -14.54 -9.02
CA ASP B 356 -19.38 -14.21 -8.65
C ASP B 356 -19.11 -12.74 -9.00
N SER B 357 -18.30 -12.08 -8.19
CA SER B 357 -18.02 -10.66 -8.36
C SER B 357 -16.54 -10.46 -8.61
N ASP B 358 -16.21 -9.79 -9.72
CA ASP B 358 -14.82 -9.48 -10.02
C ASP B 358 -14.28 -8.39 -9.10
N LYS B 359 -15.13 -7.45 -8.70
CA LYS B 359 -14.68 -6.37 -7.83
C LYS B 359 -14.24 -6.90 -6.47
N THR B 360 -14.96 -7.87 -5.92
CA THR B 360 -14.63 -8.42 -4.62
C THR B 360 -13.31 -9.18 -4.69
N GLN B 361 -12.49 -9.00 -3.66
CA GLN B 361 -11.20 -9.68 -3.55
C GLN B 361 -11.15 -10.44 -2.24
N ARG B 362 -10.60 -11.65 -2.29
CA ARG B 362 -10.50 -12.51 -1.11
C ARG B 362 -9.04 -12.92 -0.90
N THR B 363 -8.58 -12.75 0.33
CA THR B 363 -7.22 -13.16 0.70
C THR B 363 -7.13 -14.68 0.71
N PHE B 364 -6.06 -15.20 0.10
CA PHE B 364 -5.86 -16.64 0.08
C PHE B 364 -5.61 -17.17 1.49
N GLY B 365 -6.19 -18.33 1.78
CA GLY B 365 -6.09 -18.94 3.09
C GLY B 365 -7.24 -18.62 4.02
N GLU B 366 -7.98 -17.55 3.75
CA GLU B 366 -9.16 -17.24 4.55
C GLU B 366 -10.30 -18.21 4.25
N ALA B 367 -10.55 -18.48 2.96
CA ALA B 367 -11.63 -19.37 2.57
C ALA B 367 -11.38 -20.82 2.96
N SER B 368 -10.13 -21.17 3.26
CA SER B 368 -9.83 -22.54 3.67
C SER B 368 -10.49 -22.87 5.00
N MET B 369 -10.65 -21.88 5.88
CA MET B 369 -11.32 -22.12 7.15
C MET B 369 -12.81 -22.36 6.96
N GLU B 370 -13.44 -21.60 6.07
CA GLU B 370 -14.88 -21.71 5.88
C GLU B 370 -15.28 -22.77 4.87
N ALA B 371 -14.33 -23.35 4.13
CA ALA B 371 -14.67 -24.32 3.09
C ALA B 371 -15.50 -25.48 3.63
N ALA B 372 -15.29 -25.86 4.89
CA ALA B 372 -16.10 -26.91 5.48
C ALA B 372 -17.56 -26.50 5.58
N ALA B 373 -17.82 -25.25 5.98
CA ALA B 373 -19.19 -24.79 6.13
C ALA B 373 -19.85 -24.48 4.78
N GLN B 374 -19.11 -23.90 3.85
CA GLN B 374 -19.67 -23.54 2.56
C GLN B 374 -20.13 -24.78 1.79
N ASN B 375 -19.32 -25.84 1.80
CA ASN B 375 -19.64 -27.08 1.10
C ASN B 375 -20.39 -28.07 1.98
N SER B 376 -21.13 -27.58 2.97
CA SER B 376 -21.85 -28.48 3.88
C SER B 376 -22.95 -29.23 3.14
N VAL B 377 -23.80 -28.50 2.41
CA VAL B 377 -24.88 -29.13 1.65
C VAL B 377 -24.30 -30.01 0.55
N LEU B 378 -23.20 -29.55 -0.07
CA LEU B 378 -22.55 -30.36 -1.09
C LEU B 378 -22.11 -31.69 -0.53
N SER B 379 -21.39 -31.67 0.61
CA SER B 379 -20.92 -32.91 1.21
C SER B 379 -22.08 -33.80 1.64
N ARG B 380 -23.11 -33.20 2.24
CA ARG B 380 -24.24 -34.01 2.71
C ARG B 380 -24.94 -34.71 1.54
N VAL B 381 -25.20 -33.97 0.46
CA VAL B 381 -25.85 -34.57 -0.71
C VAL B 381 -24.94 -35.63 -1.32
N SER B 382 -23.63 -35.36 -1.39
CA SER B 382 -22.69 -36.32 -1.95
C SER B 382 -22.74 -37.63 -1.19
N LYS B 383 -22.64 -37.57 0.15
CA LYS B 383 -22.68 -38.80 0.94
C LYS B 383 -24.03 -39.50 0.81
N ASN B 384 -25.14 -38.73 0.84
CA ASN B 384 -26.45 -39.36 0.75
C ASN B 384 -26.62 -40.12 -0.56
N VAL B 385 -26.26 -39.48 -1.67
CA VAL B 385 -26.35 -40.15 -2.96
C VAL B 385 -25.38 -41.33 -3.03
N SER B 386 -24.21 -41.20 -2.42
CA SER B 386 -23.25 -42.30 -2.42
C SER B 386 -23.83 -43.53 -1.73
N ASP B 387 -24.42 -43.35 -0.54
CA ASP B 387 -25.02 -44.50 0.14
C ASP B 387 -26.22 -45.03 -0.61
N ALA B 388 -27.03 -44.15 -1.20
CA ALA B 388 -28.19 -44.61 -1.96
C ALA B 388 -27.76 -45.49 -3.12
N TYR B 389 -26.75 -45.05 -3.88
CA TYR B 389 -26.32 -45.83 -5.03
C TYR B 389 -25.55 -47.07 -4.60
N THR B 390 -24.85 -47.03 -3.47
CA THR B 390 -24.22 -48.23 -2.95
C THR B 390 -25.26 -49.28 -2.59
N LYS B 391 -26.34 -48.86 -1.93
CA LYS B 391 -27.42 -49.79 -1.59
C LYS B 391 -28.08 -50.35 -2.85
N ALA B 392 -28.30 -49.49 -3.85
CA ALA B 392 -28.88 -49.97 -5.10
C ALA B 392 -27.97 -50.98 -5.79
N LEU B 393 -26.67 -50.73 -5.81
CA LEU B 393 -25.74 -51.66 -6.44
C LEU B 393 -25.67 -52.97 -5.66
N ARG B 394 -25.75 -52.90 -4.33
CA ARG B 394 -25.77 -54.13 -3.54
C ARG B 394 -27.03 -54.94 -3.82
N TRP B 395 -28.17 -54.26 -3.98
CA TRP B 395 -29.40 -54.97 -4.33
C TRP B 395 -29.29 -55.61 -5.71
N ALA B 396 -28.67 -54.90 -6.67
CA ALA B 396 -28.46 -55.47 -7.99
C ALA B 396 -27.54 -56.69 -7.92
N ALA B 397 -26.49 -56.61 -7.11
CA ALA B 397 -25.60 -57.75 -6.92
C ALA B 397 -26.33 -58.93 -6.31
N MET B 398 -27.22 -58.66 -5.35
CA MET B 398 -28.05 -59.73 -4.80
C MET B 398 -28.92 -60.34 -5.90
N PHE B 399 -29.47 -59.50 -6.78
CA PHE B 399 -30.27 -60.00 -7.89
C PHE B 399 -29.45 -60.92 -8.79
N LEU B 400 -28.21 -60.53 -9.09
CA LEU B 400 -27.34 -61.33 -9.94
C LEU B 400 -26.49 -62.33 -9.18
N GLY B 401 -26.58 -62.35 -7.85
CA GLY B 401 -25.73 -63.24 -7.06
C GLY B 401 -24.26 -62.94 -7.19
N LEU B 402 -23.91 -61.65 -7.27
CA LEU B 402 -22.54 -61.22 -7.47
C LEU B 402 -21.88 -60.88 -6.13
N ASP B 403 -20.69 -60.29 -6.20
CA ASP B 403 -19.98 -59.88 -4.99
C ASP B 403 -20.72 -58.75 -4.29
N GLU B 404 -20.79 -58.81 -2.97
CA GLU B 404 -21.56 -57.85 -2.19
C GLU B 404 -20.74 -56.65 -1.74
N LYS B 405 -19.45 -56.83 -1.49
CA LYS B 405 -18.60 -55.75 -0.99
C LYS B 405 -18.22 -54.82 -2.14
N ILE B 406 -19.21 -54.07 -2.61
CA ILE B 406 -19.02 -53.07 -3.66
C ILE B 406 -19.41 -51.70 -3.10
N GLU B 407 -18.82 -50.66 -3.67
CA GLU B 407 -19.07 -49.30 -3.21
C GLU B 407 -19.13 -48.36 -4.40
N TYR B 408 -19.89 -47.28 -4.23
CA TYR B 408 -20.00 -46.23 -5.23
C TYR B 408 -19.94 -44.90 -4.51
N GLU B 409 -18.81 -44.20 -4.63
CA GLU B 409 -18.57 -42.96 -3.92
C GLU B 409 -18.35 -41.84 -4.93
N LEU B 410 -19.08 -40.74 -4.76
CA LEU B 410 -18.92 -39.58 -5.61
C LEU B 410 -17.78 -38.70 -5.09
N ASN B 411 -17.45 -37.67 -5.88
CA ASN B 411 -16.35 -36.78 -5.51
C ASN B 411 -16.66 -36.02 -4.24
N SER B 412 -16.07 -36.43 -3.12
CA SER B 412 -16.26 -35.74 -1.86
C SER B 412 -15.24 -34.64 -1.62
N ASP B 413 -14.24 -34.51 -2.49
CA ASP B 413 -13.23 -33.46 -2.39
C ASP B 413 -13.60 -32.34 -3.36
N PHE B 414 -14.20 -31.28 -2.83
CA PHE B 414 -14.67 -30.16 -3.64
C PHE B 414 -13.52 -29.17 -3.84
N ASP B 415 -13.81 -28.06 -4.53
CA ASP B 415 -12.80 -27.06 -4.88
C ASP B 415 -11.63 -27.70 -5.63
N ILE B 416 -11.96 -28.60 -6.55
CA ILE B 416 -10.96 -29.37 -7.29
C ILE B 416 -10.32 -28.48 -8.34
N ASN B 417 -9.00 -28.58 -8.47
CA ASN B 417 -8.26 -27.82 -9.46
C ASN B 417 -7.07 -28.66 -9.93
N LYS B 418 -6.39 -28.17 -10.96
CA LYS B 418 -5.21 -28.85 -11.47
C LYS B 418 -4.12 -28.90 -10.40
N MET B 419 -3.50 -30.07 -10.25
CA MET B 419 -2.50 -30.25 -9.22
C MET B 419 -1.19 -29.57 -9.61
N SER B 420 -0.51 -29.04 -8.60
CA SER B 420 0.73 -28.31 -8.81
C SER B 420 1.90 -29.27 -8.97
N PRO B 421 3.00 -28.82 -9.59
CA PRO B 421 4.19 -29.68 -9.68
C PRO B 421 4.69 -30.17 -8.33
N GLU B 422 4.65 -29.32 -7.30
CA GLU B 422 5.04 -29.75 -5.96
C GLU B 422 4.09 -30.83 -5.46
N GLU B 423 2.79 -30.66 -5.71
CA GLU B 423 1.83 -31.69 -5.32
C GLU B 423 2.08 -32.99 -6.06
N LEU B 424 2.44 -32.90 -7.34
CA LEU B 424 2.76 -34.10 -8.11
C LEU B 424 3.96 -34.82 -7.53
N ALA B 425 5.02 -34.07 -7.21
CA ALA B 425 6.18 -34.69 -6.60
C ALA B 425 5.83 -35.31 -5.26
N ALA B 426 4.96 -34.65 -4.48
CA ALA B 426 4.57 -35.18 -3.19
C ALA B 426 3.82 -36.50 -3.34
N VAL B 427 2.88 -36.59 -4.29
CA VAL B 427 2.13 -37.84 -4.42
C VAL B 427 3.02 -38.94 -4.98
N ILE B 428 3.96 -38.60 -5.87
CA ILE B 428 4.89 -39.62 -6.36
C ILE B 428 5.74 -40.15 -5.22
N SER B 429 6.24 -39.25 -4.36
CA SER B 429 7.04 -39.68 -3.22
C SER B 429 6.22 -40.53 -2.27
N ALA B 430 4.96 -40.16 -2.05
CA ALA B 430 4.10 -40.95 -1.17
C ALA B 430 3.85 -42.34 -1.74
N TRP B 431 3.66 -42.44 -3.06
CA TRP B 431 3.48 -43.76 -3.67
C TRP B 431 4.74 -44.60 -3.56
N GLN B 432 5.91 -43.97 -3.69
CA GLN B 432 7.17 -44.70 -3.55
C GLN B 432 7.34 -45.29 -2.17
N SER B 433 6.66 -44.74 -1.17
CA SER B 433 6.59 -45.34 0.15
C SER B 433 5.30 -46.17 0.27
N ASN B 434 5.24 -46.99 1.30
CA ASN B 434 4.08 -47.86 1.51
C ASN B 434 2.98 -47.13 2.28
N ALA B 435 2.52 -46.03 1.69
CA ALA B 435 1.50 -45.21 2.33
C ALA B 435 0.34 -44.92 1.40
N ILE B 436 0.60 -44.85 0.10
CA ILE B 436 -0.43 -44.60 -0.90
C ILE B 436 -0.41 -45.74 -1.91
N SER B 437 -1.58 -46.30 -2.17
CA SER B 437 -1.72 -47.38 -3.14
C SER B 437 -1.41 -46.87 -4.55
N PHE B 438 -0.95 -47.78 -5.40
CA PHE B 438 -0.67 -47.41 -6.79
C PHE B 438 -1.94 -46.90 -7.47
N THR B 439 -3.05 -47.60 -7.30
CA THR B 439 -4.32 -47.12 -7.81
C THR B 439 -4.75 -45.84 -7.11
N GLU B 440 -4.42 -45.69 -5.83
CA GLU B 440 -4.70 -44.43 -5.13
C GLU B 440 -3.93 -43.27 -5.75
N MET B 441 -2.65 -43.48 -6.07
CA MET B 441 -1.88 -42.43 -6.71
C MET B 441 -2.40 -42.14 -8.11
N ARG B 442 -2.83 -43.19 -8.83
CA ARG B 442 -3.42 -42.98 -10.14
C ARG B 442 -4.70 -42.15 -10.04
N TRP B 443 -5.54 -42.44 -9.05
CA TRP B 443 -6.75 -41.66 -8.84
C TRP B 443 -6.42 -40.22 -8.48
N GLN B 444 -5.37 -40.02 -7.67
CA GLN B 444 -4.91 -38.68 -7.36
C GLN B 444 -4.52 -37.93 -8.63
N ILE B 445 -3.72 -38.57 -9.47
CA ILE B 445 -3.18 -37.90 -10.65
C ILE B 445 -4.26 -37.68 -11.70
N LYS B 446 -5.31 -38.51 -11.69
CA LYS B 446 -6.45 -38.28 -12.56
C LYS B 446 -7.34 -37.17 -12.04
N LYS B 447 -7.47 -37.05 -10.72
CA LYS B 447 -8.26 -35.97 -10.14
C LYS B 447 -7.67 -34.61 -10.48
N GLY B 448 -6.34 -34.51 -10.49
CA GLY B 448 -5.66 -33.27 -10.82
C GLY B 448 -5.56 -32.98 -12.29
N GLY B 449 -6.20 -33.78 -13.14
CA GLY B 449 -6.14 -33.58 -14.57
C GLY B 449 -4.77 -33.79 -15.17
N ARG B 450 -4.04 -34.80 -14.68
CA ARG B 450 -2.69 -35.07 -15.16
C ARG B 450 -2.55 -36.43 -15.84
N ALA B 451 -3.63 -37.20 -15.95
CA ALA B 451 -3.58 -38.50 -16.61
C ALA B 451 -4.98 -38.86 -17.07
N TYR B 452 -5.05 -39.63 -18.17
CA TYR B 452 -6.35 -40.00 -18.71
C TYR B 452 -6.46 -41.51 -18.94
N LEU B 453 -5.34 -42.16 -19.25
CA LEU B 453 -5.37 -43.59 -19.50
C LEU B 453 -5.67 -44.36 -18.21
N GLU B 454 -6.28 -45.52 -18.37
CA GLU B 454 -6.60 -46.37 -17.24
C GLU B 454 -5.33 -46.91 -16.60
N ASP B 455 -5.47 -47.36 -15.35
CA ASP B 455 -4.32 -47.91 -14.63
C ASP B 455 -3.79 -49.16 -15.32
N GLU B 456 -4.68 -50.02 -15.81
CA GLU B 456 -4.25 -51.24 -16.48
C GLU B 456 -3.49 -50.94 -17.76
N ASP B 457 -3.96 -49.96 -18.55
CA ASP B 457 -3.25 -49.59 -19.77
C ASP B 457 -1.86 -49.05 -19.46
N MET B 458 -1.74 -48.22 -18.43
CA MET B 458 -0.44 -47.70 -18.04
C MET B 458 0.48 -48.82 -17.59
N ARG B 459 -0.04 -49.76 -16.80
CA ARG B 459 0.77 -50.90 -16.36
C ARG B 459 1.23 -51.73 -17.54
N ASN B 460 0.34 -51.99 -18.50
CA ASN B 460 0.70 -52.78 -19.65
C ASN B 460 1.77 -52.11 -20.49
N GLU B 461 1.66 -50.79 -20.68
CA GLU B 461 2.65 -50.10 -21.50
C GLU B 461 3.99 -49.98 -20.76
N SER B 462 3.96 -49.75 -19.45
CA SER B 462 5.20 -49.63 -18.69
C SER B 462 5.83 -50.97 -18.36
N GLU B 463 5.13 -52.08 -18.62
CA GLU B 463 5.73 -53.39 -18.39
C GLU B 463 6.94 -53.61 -19.30
N GLN B 464 6.86 -53.16 -20.55
CA GLN B 464 7.94 -53.34 -21.49
C GLN B 464 9.11 -52.43 -21.15
N ASP B 465 10.22 -52.63 -21.86
CA ASP B 465 11.45 -51.88 -21.61
C ASP B 465 11.28 -50.43 -22.05
N ASP B 466 12.14 -49.58 -21.48
CA ASP B 466 12.12 -48.16 -21.85
C ASP B 466 12.59 -47.99 -23.29
N PRO B 467 12.13 -46.94 -23.97
CA PRO B 467 12.59 -46.69 -25.34
C PRO B 467 14.08 -46.43 -25.40
N LEU B 468 14.55 -45.44 -24.63
CA LEU B 468 15.95 -45.03 -24.61
C LEU B 468 16.48 -44.76 -26.02
N ASP C 3 -50.47 -31.95 37.89
CA ASP C 3 -50.01 -33.32 38.09
C ASP C 3 -51.03 -34.32 37.55
N SER C 4 -50.55 -35.26 36.73
CA SER C 4 -51.40 -36.28 36.16
C SER C 4 -50.73 -37.64 36.30
N ASN C 5 -51.54 -38.67 36.50
CA ASN C 5 -51.06 -40.04 36.64
C ASN C 5 -51.05 -40.81 35.32
N ASN C 6 -51.48 -40.18 34.22
CA ASN C 6 -51.52 -40.85 32.93
C ASN C 6 -50.11 -41.01 32.36
N ILE C 7 -49.96 -42.00 31.48
CA ILE C 7 -48.68 -42.21 30.81
C ILE C 7 -48.36 -41.07 29.85
N LYS C 8 -49.37 -40.29 29.46
CA LYS C 8 -49.17 -39.17 28.55
C LYS C 8 -48.73 -37.90 29.26
N TYR C 9 -48.59 -37.93 30.58
CA TYR C 9 -48.23 -36.74 31.33
C TYR C 9 -46.85 -36.23 30.92
N VAL C 10 -46.75 -34.92 30.74
CA VAL C 10 -45.52 -34.27 30.29
C VAL C 10 -45.01 -33.39 31.43
N ARG C 11 -43.70 -33.44 31.65
CA ARG C 11 -43.09 -32.65 32.71
C ARG C 11 -43.27 -31.15 32.41
N GLU C 12 -43.37 -30.36 33.48
CA GLU C 12 -43.69 -28.95 33.33
C GLU C 12 -42.60 -28.19 32.56
N ASP C 13 -41.34 -28.50 32.83
CA ASP C 13 -40.25 -27.83 32.14
C ASP C 13 -40.25 -28.16 30.65
N ALA C 14 -40.63 -29.38 30.29
CA ALA C 14 -40.76 -29.71 28.88
C ALA C 14 -41.84 -28.86 28.22
N LYS C 15 -42.97 -28.67 28.90
CA LYS C 15 -44.02 -27.80 28.37
C LYS C 15 -43.52 -26.37 28.22
N LYS C 16 -42.73 -25.90 29.20
CA LYS C 16 -42.18 -24.55 29.11
C LYS C 16 -41.24 -24.41 27.92
N MET C 17 -40.40 -25.42 27.67
CA MET C 17 -39.47 -25.37 26.55
C MET C 17 -40.12 -25.69 25.22
N HIS C 18 -41.37 -26.19 25.23
CA HIS C 18 -42.05 -26.50 23.98
C HIS C 18 -42.19 -25.28 23.09
N LYS C 19 -42.44 -24.11 23.67
CA LYS C 19 -42.60 -22.91 22.86
C LYS C 19 -41.31 -22.56 22.13
N LEU C 20 -40.18 -22.58 22.84
CA LEU C 20 -38.90 -22.30 22.20
C LEU C 20 -38.57 -23.36 21.15
N TRP C 21 -38.86 -24.62 21.45
CA TRP C 21 -38.61 -25.69 20.49
C TRP C 21 -39.41 -25.48 19.22
N ALA C 22 -40.70 -25.12 19.36
CA ALA C 22 -41.54 -24.88 18.20
C ALA C 22 -41.04 -23.68 17.40
N HIS C 23 -40.63 -22.61 18.09
CA HIS C 23 -40.11 -21.44 17.39
C HIS C 23 -38.86 -21.80 16.59
N ILE C 24 -37.97 -22.58 17.20
CA ILE C 24 -36.75 -22.99 16.50
C ILE C 24 -37.10 -23.88 15.31
N ARG C 25 -38.10 -24.75 15.47
CA ARG C 25 -38.51 -25.60 14.36
C ARG C 25 -39.05 -24.78 13.20
N MET C 26 -39.85 -23.76 13.49
CA MET C 26 -40.32 -22.87 12.42
C MET C 26 -39.16 -22.13 11.78
N ALA C 27 -38.16 -21.73 12.58
CA ALA C 27 -36.99 -21.07 12.02
C ALA C 27 -36.24 -21.99 11.06
N MET C 28 -36.07 -23.25 11.45
CA MET C 28 -35.42 -24.21 10.55
C MET C 28 -36.25 -24.49 9.31
N GLU C 29 -37.58 -24.50 9.44
CA GLU C 29 -38.44 -24.90 8.34
C GLU C 29 -38.27 -23.98 7.13
N GLY C 30 -38.22 -22.68 7.37
CA GLY C 30 -37.98 -21.74 6.30
C GLY C 30 -38.92 -20.56 6.40
N SER C 31 -39.16 -19.94 5.25
CA SER C 31 -39.99 -18.73 5.23
C SER C 31 -41.47 -19.07 5.35
N ARG C 32 -41.90 -20.22 4.80
CA ARG C 32 -43.32 -20.54 4.80
C ARG C 32 -43.87 -20.64 6.22
N ALA C 33 -43.14 -21.33 7.11
CA ALA C 33 -43.60 -21.44 8.49
C ALA C 33 -43.58 -20.09 9.20
N ILE C 34 -42.60 -19.26 8.90
CA ILE C 34 -42.51 -17.96 9.55
C ILE C 34 -43.69 -17.08 9.15
N LYS C 35 -44.00 -17.02 7.85
CA LYS C 35 -45.13 -16.22 7.39
C LYS C 35 -46.47 -16.85 7.75
N ASP C 36 -46.49 -18.16 8.01
CA ASP C 36 -47.74 -18.79 8.44
C ASP C 36 -48.13 -18.32 9.84
N ASN C 37 -47.17 -18.32 10.77
CA ASN C 37 -47.39 -17.89 12.14
C ASN C 37 -46.88 -16.47 12.38
N ALA C 38 -47.01 -15.60 11.37
CA ALA C 38 -46.46 -14.25 11.48
C ALA C 38 -47.11 -13.42 12.57
N LYS C 39 -48.29 -13.81 13.03
CA LYS C 39 -48.94 -13.09 14.13
C LYS C 39 -48.10 -13.17 15.40
N GLU C 40 -47.48 -14.33 15.65
CA GLU C 40 -46.67 -14.49 16.86
C GLU C 40 -45.39 -13.66 16.78
N PHE C 41 -44.82 -13.51 15.59
CA PHE C 41 -43.52 -12.86 15.42
C PHE C 41 -43.65 -11.36 15.14
N VAL C 42 -44.38 -11.00 14.08
CA VAL C 42 -44.51 -9.60 13.65
C VAL C 42 -45.76 -9.04 14.30
N PRO C 43 -45.64 -8.06 15.20
CA PRO C 43 -46.84 -7.43 15.76
C PRO C 43 -47.55 -6.58 14.73
N HIS C 44 -48.87 -6.49 14.88
CA HIS C 44 -49.66 -5.65 13.99
C HIS C 44 -49.31 -4.19 14.21
N PRO C 45 -49.12 -3.40 13.15
CA PRO C 45 -48.83 -1.97 13.34
C PRO C 45 -49.93 -1.21 14.07
N ASP C 46 -51.16 -1.71 14.06
CA ASP C 46 -52.26 -1.06 14.76
C ASP C 46 -53.29 -2.10 15.15
N ASN C 47 -53.62 -2.15 16.45
CA ASN C 47 -54.64 -3.09 16.91
C ASN C 47 -56.04 -2.67 16.46
N THR C 48 -56.28 -1.35 16.40
CA THR C 48 -57.57 -0.86 15.92
C THR C 48 -57.83 -1.31 14.50
N LYS C 49 -56.82 -1.24 13.64
CA LYS C 49 -56.94 -1.80 12.30
C LYS C 49 -57.17 -3.29 12.35
N ALA C 50 -56.46 -3.99 13.24
CA ALA C 50 -56.59 -5.45 13.33
C ALA C 50 -58.03 -5.85 13.65
N THR C 51 -58.74 -5.02 14.43
CA THR C 51 -60.14 -5.30 14.69
C THR C 51 -60.97 -5.25 13.41
N THR C 52 -60.71 -4.27 12.55
CA THR C 52 -61.44 -4.10 11.30
C THR C 52 -60.99 -5.11 10.25
N PRO C 53 -61.84 -5.40 9.27
CA PRO C 53 -61.42 -6.32 8.20
C PRO C 53 -60.40 -5.73 7.25
N GLU C 54 -60.52 -4.46 6.90
CA GLU C 54 -59.52 -3.86 6.02
C GLU C 54 -58.16 -3.78 6.69
N GLY C 55 -58.12 -3.69 8.03
CA GLY C 55 -56.85 -3.71 8.73
C GLY C 55 -56.13 -5.04 8.57
N VAL C 56 -56.85 -6.15 8.75
CA VAL C 56 -56.22 -7.45 8.57
C VAL C 56 -55.91 -7.70 7.11
N ALA C 57 -56.71 -7.15 6.19
CA ALA C 57 -56.39 -7.26 4.77
C ALA C 57 -55.07 -6.56 4.47
N ARG C 58 -54.86 -5.38 5.06
CA ARG C 58 -53.59 -4.68 4.89
C ARG C 58 -52.45 -5.44 5.56
N TYR C 59 -52.71 -6.05 6.71
CA TYR C 59 -51.69 -6.81 7.42
C TYR C 59 -51.24 -8.02 6.61
N LYS C 60 -52.16 -8.63 5.87
CA LYS C 60 -51.80 -9.77 5.04
C LYS C 60 -50.77 -9.37 3.98
N ALA C 61 -51.01 -8.25 3.29
CA ALA C 61 -50.05 -7.77 2.32
C ALA C 61 -48.77 -7.29 2.99
N TYR C 62 -48.87 -6.78 4.21
CA TYR C 62 -47.70 -6.39 4.98
C TYR C 62 -46.79 -7.59 5.23
N ILE C 63 -47.38 -8.72 5.59
CA ILE C 63 -46.60 -9.93 5.85
C ILE C 63 -46.06 -10.51 4.54
N GLU C 64 -46.88 -10.50 3.48
CA GLU C 64 -46.45 -11.09 2.22
C GLU C 64 -45.24 -10.39 1.63
N ARG C 65 -45.20 -9.05 1.73
CA ARG C 65 -44.09 -8.29 1.18
C ARG C 65 -42.79 -8.49 1.95
N ALA C 66 -42.84 -9.10 3.13
CA ALA C 66 -41.65 -9.24 3.95
C ALA C 66 -40.68 -10.26 3.34
N VAL C 67 -39.44 -10.21 3.81
CA VAL C 67 -38.38 -11.08 3.34
C VAL C 67 -37.79 -11.83 4.54
N TRP C 68 -37.76 -13.16 4.45
CA TRP C 68 -37.16 -13.98 5.50
C TRP C 68 -35.73 -14.32 5.12
N TYR C 69 -34.78 -14.01 6.01
CA TYR C 69 -33.39 -14.28 5.74
C TYR C 69 -33.09 -15.77 5.67
N GLY C 70 -33.64 -16.55 6.60
CA GLY C 70 -33.28 -17.95 6.68
C GLY C 70 -31.84 -18.18 7.09
N ALA C 71 -31.35 -17.41 8.06
CA ALA C 71 -29.96 -17.51 8.49
C ALA C 71 -29.72 -18.62 9.51
N SER C 72 -30.70 -18.90 10.36
CA SER C 72 -30.53 -19.95 11.36
C SER C 72 -30.37 -21.32 10.72
N ALA C 73 -31.15 -21.59 9.66
CA ALA C 73 -30.97 -22.85 8.94
C ALA C 73 -29.59 -22.93 8.31
N ASN C 74 -29.08 -21.81 7.80
CA ASN C 74 -27.73 -21.80 7.24
C ASN C 74 -26.69 -22.07 8.32
N THR C 75 -26.88 -21.51 9.52
CA THR C 75 -25.96 -21.80 10.61
C THR C 75 -25.98 -23.27 10.96
N VAL C 76 -27.17 -23.88 11.03
CA VAL C 76 -27.27 -25.29 11.36
C VAL C 76 -26.57 -26.14 10.29
N ASP C 77 -26.81 -25.81 9.00
CA ASP C 77 -26.18 -26.56 7.93
C ASP C 77 -24.67 -26.44 7.97
N GLY C 78 -24.17 -25.23 8.16
CA GLY C 78 -22.72 -25.05 8.23
C GLY C 78 -22.09 -25.75 9.42
N MET C 79 -22.77 -25.71 10.56
CA MET C 79 -22.26 -26.39 11.75
C MET C 79 -22.23 -27.90 11.53
N LEU C 80 -23.27 -28.45 10.91
CA LEU C 80 -23.29 -29.87 10.59
C LEU C 80 -22.16 -30.22 9.62
N GLY C 81 -21.95 -29.40 8.60
CA GLY C 81 -20.88 -29.65 7.65
C GLY C 81 -19.51 -29.60 8.30
N GLN C 82 -19.31 -28.67 9.22
CA GLN C 82 -18.05 -28.58 9.94
C GLN C 82 -17.84 -29.80 10.82
N ILE C 83 -18.86 -30.21 11.57
CA ILE C 83 -18.72 -31.35 12.47
C ILE C 83 -18.58 -32.64 11.67
N PHE C 84 -19.44 -32.84 10.68
CA PHE C 84 -19.47 -34.09 9.93
C PHE C 84 -18.71 -33.93 8.63
N ALA C 85 -17.40 -34.15 8.70
CA ALA C 85 -16.55 -34.26 7.53
C ALA C 85 -15.90 -35.63 7.53
N ARG C 86 -15.73 -36.19 6.33
CA ARG C 86 -15.28 -37.57 6.14
C ARG C 86 -16.28 -38.47 6.86
N ASP C 87 -15.85 -39.36 7.74
CA ASP C 87 -16.76 -40.20 8.50
C ASP C 87 -16.24 -40.36 9.91
N PRO C 88 -17.13 -40.53 10.89
CA PRO C 88 -16.69 -40.79 12.26
C PRO C 88 -15.88 -42.08 12.33
N VAL C 89 -14.86 -42.08 13.18
CA VAL C 89 -13.96 -43.21 13.31
C VAL C 89 -14.50 -44.16 14.37
N PHE C 90 -14.58 -45.44 14.02
CA PHE C 90 -15.03 -46.47 14.95
C PHE C 90 -13.83 -47.29 15.41
N THR C 91 -13.69 -47.46 16.72
CA THR C 91 -12.58 -48.18 17.31
C THR C 91 -13.07 -49.53 17.84
N GLY C 92 -12.37 -50.59 17.47
CA GLY C 92 -12.74 -51.92 17.87
C GLY C 92 -12.95 -52.83 16.67
N PRO C 93 -13.45 -54.04 16.91
CA PRO C 93 -13.73 -54.95 15.79
C PRO C 93 -14.82 -54.37 14.89
N GLU C 94 -14.63 -54.55 13.59
CA GLU C 94 -15.58 -54.04 12.61
C GLU C 94 -16.47 -55.12 12.01
N ASP C 95 -15.93 -56.32 11.79
CA ASP C 95 -16.74 -57.41 11.27
C ASP C 95 -17.79 -57.86 12.28
N LYS C 96 -17.50 -57.76 13.56
CA LYS C 96 -18.44 -58.15 14.61
C LYS C 96 -19.49 -57.09 14.89
N PHE C 97 -19.35 -55.89 14.34
CA PHE C 97 -20.32 -54.81 14.52
C PHE C 97 -20.88 -54.32 13.19
N ASP C 98 -20.76 -55.10 12.12
CA ASP C 98 -21.16 -54.62 10.80
C ASP C 98 -22.66 -54.38 10.72
N MET C 99 -23.45 -55.16 11.45
CA MET C 99 -24.89 -54.99 11.41
C MET C 99 -25.32 -53.66 12.00
N LEU C 100 -24.58 -53.13 12.97
CA LEU C 100 -24.91 -51.82 13.52
C LEU C 100 -24.48 -50.69 12.61
N ILE C 101 -23.34 -50.84 11.92
CA ILE C 101 -22.87 -49.79 11.03
C ILE C 101 -23.77 -49.71 9.79
N ASN C 102 -24.12 -50.86 9.22
CA ASN C 102 -24.91 -50.86 7.99
C ASN C 102 -26.31 -50.32 8.22
N ASP C 103 -27.01 -50.85 9.22
CA ASP C 103 -28.36 -50.39 9.56
C ASP C 103 -28.47 -50.34 11.08
N VAL C 104 -28.42 -49.13 11.63
CA VAL C 104 -28.39 -48.97 13.08
C VAL C 104 -29.73 -49.35 13.69
N ASP C 105 -30.83 -49.20 12.93
CA ASP C 105 -32.16 -49.53 13.42
C ASP C 105 -32.89 -50.46 12.45
N GLY C 106 -32.14 -51.21 11.65
CA GLY C 106 -32.74 -52.15 10.73
C GLY C 106 -33.58 -51.53 9.63
N SER C 107 -33.20 -50.35 9.15
CA SER C 107 -33.90 -49.68 8.06
C SER C 107 -32.99 -49.36 6.89
N GLY C 108 -31.76 -49.88 6.89
CA GLY C 108 -30.79 -49.55 5.87
C GLY C 108 -30.07 -48.24 6.08
N LEU C 109 -30.41 -47.50 7.15
CA LEU C 109 -29.76 -46.23 7.44
C LEU C 109 -28.49 -46.50 8.24
N SER C 110 -27.35 -46.02 7.73
CA SER C 110 -26.09 -46.25 8.41
C SER C 110 -26.03 -45.48 9.72
N ILE C 111 -25.15 -45.94 10.61
CA ILE C 111 -25.00 -45.27 11.90
C ILE C 111 -24.51 -43.85 11.71
N HIS C 112 -23.77 -43.59 10.62
CA HIS C 112 -23.27 -42.23 10.38
C HIS C 112 -24.41 -41.26 10.13
N GLN C 113 -25.42 -41.67 9.36
CA GLN C 113 -26.56 -40.80 9.10
C GLN C 113 -27.35 -40.51 10.38
N GLN C 114 -27.54 -41.53 11.21
CA GLN C 114 -28.23 -41.31 12.48
C GLN C 114 -27.43 -40.39 13.39
N ALA C 115 -26.10 -40.55 13.40
CA ALA C 115 -25.26 -39.64 14.17
C ALA C 115 -25.36 -38.21 13.64
N ARG C 116 -25.43 -38.05 12.32
CA ARG C 116 -25.61 -36.72 11.75
C ARG C 116 -26.93 -36.11 12.16
N ASP C 117 -28.00 -36.90 12.15
CA ASP C 117 -29.30 -36.40 12.59
C ASP C 117 -29.28 -36.01 14.06
N SER C 118 -28.64 -36.83 14.90
CA SER C 118 -28.52 -36.51 16.31
C SER C 118 -27.72 -35.23 16.52
N ALA C 119 -26.63 -35.05 15.77
CA ALA C 119 -25.84 -33.84 15.87
C ALA C 119 -26.65 -32.63 15.44
N GLU C 120 -27.45 -32.76 14.38
CA GLU C 120 -28.29 -31.66 13.95
C GLU C 120 -29.31 -31.29 15.02
N ASP C 121 -29.93 -32.28 15.64
CA ASP C 121 -30.89 -32.01 16.70
C ASP C 121 -30.22 -31.37 17.91
N ALA C 122 -29.00 -31.79 18.24
CA ALA C 122 -28.30 -31.21 19.39
C ALA C 122 -27.80 -29.81 19.08
N LEU C 123 -27.49 -29.52 17.83
CA LEU C 123 -27.06 -28.17 17.47
C LEU C 123 -28.23 -27.20 17.39
N SER C 124 -29.39 -27.68 16.93
CA SER C 124 -30.51 -26.78 16.69
C SER C 124 -31.26 -26.45 17.97
N LEU C 125 -31.83 -27.46 18.64
CA LEU C 125 -32.55 -27.22 19.88
C LEU C 125 -31.90 -27.88 21.10
N GLY C 126 -30.74 -28.53 20.93
CA GLY C 126 -29.96 -28.96 22.07
C GLY C 126 -30.57 -30.04 22.94
N ARG C 127 -31.18 -31.05 22.32
CA ARG C 127 -31.73 -32.17 23.08
C ARG C 127 -31.96 -33.35 22.15
N GLY C 128 -31.87 -34.54 22.71
CA GLY C 128 -32.09 -35.76 21.95
C GLY C 128 -32.03 -36.96 22.88
N GLY C 129 -32.23 -38.13 22.31
CA GLY C 129 -32.19 -39.36 23.09
C GLY C 129 -31.75 -40.53 22.24
N LEU C 130 -31.06 -41.47 22.88
CA LEU C 130 -30.64 -42.71 22.26
C LEU C 130 -31.11 -43.87 23.14
N PHE C 131 -31.82 -44.82 22.53
CA PHE C 131 -32.36 -45.97 23.24
C PHE C 131 -31.90 -47.25 22.55
N VAL C 132 -31.45 -48.22 23.33
CA VAL C 132 -30.99 -49.50 22.80
C VAL C 132 -31.89 -50.59 23.38
N ASP C 133 -32.49 -51.39 22.49
CA ASP C 133 -33.38 -52.46 22.91
C ASP C 133 -33.15 -53.68 22.02
N TYR C 134 -33.66 -54.82 22.50
CA TYR C 134 -33.54 -56.09 21.79
C TYR C 134 -34.82 -56.39 21.04
N SER C 135 -34.67 -56.90 19.81
CA SER C 135 -35.83 -57.21 18.99
C SER C 135 -36.69 -58.30 19.61
N ALA C 152 -32.58 -62.39 15.79
CA ALA C 152 -32.71 -61.29 16.78
C ALA C 152 -31.51 -60.35 16.66
N ARG C 153 -31.66 -59.08 17.10
CA ARG C 153 -30.57 -58.08 16.95
C ARG C 153 -30.87 -56.85 17.81
N PRO C 154 -29.87 -56.08 18.30
CA PRO C 154 -30.15 -54.85 19.03
C PRO C 154 -30.22 -53.64 18.10
N TYR C 155 -31.18 -52.77 18.40
CA TYR C 155 -31.44 -51.59 17.57
C TYR C 155 -31.22 -50.34 18.40
N ILE C 156 -30.44 -49.40 17.87
CA ILE C 156 -30.18 -48.13 18.53
C ILE C 156 -31.21 -47.13 18.06
N LYS C 157 -32.02 -46.63 18.98
CA LYS C 157 -33.13 -45.76 18.66
C LYS C 157 -32.65 -44.34 18.37
N PHE C 158 -33.55 -43.54 17.83
CA PHE C 158 -33.39 -42.09 17.80
C PHE C 158 -34.70 -41.49 18.28
N ILE C 159 -34.65 -40.78 19.41
CA ILE C 159 -35.83 -40.21 20.03
C ILE C 159 -35.72 -38.68 19.93
N ALA C 160 -36.70 -38.06 19.28
CA ALA C 160 -36.71 -36.61 19.17
C ALA C 160 -36.95 -35.98 20.55
N ALA C 161 -36.51 -34.73 20.69
CA ALA C 161 -36.56 -34.07 21.99
C ALA C 161 -37.98 -33.94 22.50
N GLU C 162 -38.92 -33.61 21.63
CA GLU C 162 -40.32 -33.51 22.05
C GLU C 162 -40.91 -34.85 22.47
N ASP C 163 -40.29 -35.96 22.05
CA ASP C 163 -40.82 -37.27 22.40
C ASP C 163 -40.55 -37.64 23.85
N ILE C 164 -39.36 -37.32 24.37
CA ILE C 164 -39.07 -37.56 25.78
C ILE C 164 -39.91 -36.57 26.59
N LEU C 165 -40.91 -37.08 27.30
CA LEU C 165 -41.85 -36.23 28.01
C LEU C 165 -41.88 -36.46 29.51
N ASN C 166 -41.07 -37.38 30.03
CA ASN C 166 -41.05 -37.64 31.45
C ASN C 166 -39.74 -38.32 31.83
N TRP C 167 -39.17 -37.89 32.97
CA TRP C 167 -37.98 -38.52 33.51
C TRP C 167 -37.90 -38.19 34.99
N ARG C 168 -37.10 -38.96 35.71
CA ARG C 168 -36.95 -38.80 37.15
C ARG C 168 -35.49 -39.02 37.55
N GLU C 169 -35.06 -38.33 38.60
CA GLU C 169 -33.71 -38.45 39.14
C GLU C 169 -33.80 -38.79 40.61
N ARG C 170 -33.89 -40.09 40.92
CA ARG C 170 -33.96 -40.58 42.29
C ARG C 170 -32.59 -41.14 42.65
N TRP C 171 -31.99 -40.60 43.71
CA TRP C 171 -30.67 -41.02 44.13
C TRP C 171 -30.74 -42.34 44.88
N VAL C 172 -29.97 -43.31 44.41
CA VAL C 172 -29.91 -44.64 45.01
C VAL C 172 -28.50 -44.83 45.56
N ASN C 173 -28.41 -45.04 46.87
CA ASN C 173 -27.13 -45.22 47.55
C ASN C 173 -26.18 -44.05 47.26
N GLY C 174 -26.74 -42.84 47.26
CA GLY C 174 -25.93 -41.66 47.02
C GLY C 174 -25.38 -41.51 45.63
N ALA C 175 -26.12 -41.92 44.61
CA ALA C 175 -25.68 -41.79 43.23
C ALA C 175 -26.82 -41.29 42.35
N LYS C 176 -26.48 -40.48 41.35
CA LYS C 176 -27.44 -40.09 40.31
C LYS C 176 -27.88 -41.30 39.52
N ARG C 177 -29.13 -41.71 39.70
CA ARG C 177 -29.71 -42.80 38.92
C ARG C 177 -31.02 -42.33 38.31
N THR C 178 -31.18 -42.54 37.01
CA THR C 178 -32.41 -42.20 36.31
C THR C 178 -33.35 -43.39 36.43
N THR C 179 -34.36 -43.27 37.29
CA THR C 179 -35.24 -44.39 37.60
C THR C 179 -36.39 -44.50 36.60
N LEU C 180 -37.06 -43.40 36.28
CA LEU C 180 -38.18 -43.41 35.35
C LEU C 180 -37.83 -42.57 34.13
N LEU C 181 -38.26 -43.05 32.96
CA LEU C 181 -38.06 -42.31 31.72
C LEU C 181 -39.10 -42.81 30.72
N VAL C 182 -40.02 -41.93 30.33
CA VAL C 182 -41.09 -42.28 29.40
C VAL C 182 -40.97 -41.37 28.17
N PHE C 183 -40.89 -41.99 27.00
CA PHE C 183 -40.77 -41.26 25.75
C PHE C 183 -41.83 -41.76 24.77
N ARG C 184 -42.36 -40.84 23.97
CA ARG C 184 -43.41 -41.19 23.02
C ARG C 184 -42.80 -41.81 21.76
N GLU C 185 -43.38 -42.93 21.33
CA GLU C 185 -42.95 -43.63 20.13
C GLU C 185 -44.08 -43.48 19.11
N GLU C 186 -43.75 -42.94 17.94
CA GLU C 186 -44.72 -42.72 16.88
C GLU C 186 -44.51 -43.73 15.77
N SER C 187 -45.61 -44.22 15.20
CA SER C 187 -45.55 -45.22 14.15
C SER C 187 -46.75 -45.06 13.24
N ASP C 188 -46.65 -45.63 12.05
CA ASP C 188 -47.71 -45.59 11.05
C ASP C 188 -48.42 -46.94 11.01
N ALA C 189 -49.75 -46.92 11.10
CA ALA C 189 -50.51 -48.16 11.10
C ALA C 189 -50.51 -48.77 9.71
N ASP C 190 -50.16 -50.06 9.62
CA ASP C 190 -50.13 -50.78 8.36
C ASP C 190 -51.43 -51.55 8.21
N ASP C 191 -52.49 -50.81 7.90
CA ASP C 191 -53.79 -51.41 7.65
C ASP C 191 -53.87 -51.95 6.22
N ASP C 192 -54.98 -52.58 5.89
CA ASP C 192 -55.15 -53.12 4.54
C ASP C 192 -55.20 -52.01 3.51
N GLY C 193 -55.90 -50.91 3.81
CA GLY C 193 -56.01 -49.83 2.86
C GLY C 193 -54.78 -48.95 2.80
N TYR C 194 -54.76 -48.07 1.80
CA TYR C 194 -53.66 -47.14 1.63
C TYR C 194 -53.83 -45.86 2.44
N GLN C 195 -54.97 -45.69 3.11
CA GLN C 195 -55.19 -44.51 3.93
C GLN C 195 -54.20 -44.49 5.09
N ILE C 196 -53.61 -43.32 5.32
CA ILE C 196 -52.57 -43.18 6.34
C ILE C 196 -53.23 -42.95 7.70
N TYR C 197 -52.91 -43.80 8.66
CA TYR C 197 -53.36 -43.65 10.03
C TYR C 197 -52.23 -43.08 10.87
N LYS C 198 -52.46 -42.98 12.18
CA LYS C 198 -51.43 -42.46 13.08
C LYS C 198 -51.69 -43.04 14.47
N GLU C 199 -50.90 -44.03 14.85
CA GLU C 199 -50.99 -44.62 16.18
C GLU C 199 -49.70 -44.37 16.94
N GLU C 200 -49.82 -44.17 18.25
CA GLU C 200 -48.69 -43.84 19.10
C GLU C 200 -48.43 -44.95 20.10
N VAL C 201 -47.17 -45.12 20.45
CA VAL C 201 -46.72 -46.11 21.43
C VAL C 201 -45.95 -45.37 22.52
N TRP C 202 -46.20 -45.72 23.77
CA TRP C 202 -45.51 -45.13 24.91
C TRP C 202 -44.67 -46.20 25.58
N ARG C 203 -43.37 -45.93 25.74
CA ARG C 203 -42.44 -46.83 26.39
C ARG C 203 -42.14 -46.32 27.79
N GLU C 204 -42.34 -47.18 28.78
CA GLU C 204 -42.10 -46.83 30.19
C GLU C 204 -40.86 -47.58 30.66
N LEU C 205 -39.77 -46.84 30.84
CA LEU C 205 -38.50 -47.41 31.29
C LEU C 205 -38.37 -47.16 32.79
N ARG C 206 -38.28 -48.23 33.57
CA ARG C 206 -38.23 -48.14 35.02
C ARG C 206 -36.99 -48.85 35.56
N LEU C 207 -36.48 -48.34 36.66
CA LEU C 207 -35.29 -48.89 37.33
C LEU C 207 -35.62 -49.07 38.81
N VAL C 208 -35.86 -50.31 39.22
CA VAL C 208 -36.13 -50.65 40.61
C VAL C 208 -34.95 -51.45 41.16
N ASP C 209 -34.49 -51.06 42.35
CA ASP C 209 -33.32 -51.63 43.02
C ASP C 209 -32.21 -52.00 42.06
N GLY C 210 -31.86 -51.08 41.17
CA GLY C 210 -30.79 -51.33 40.21
C GLY C 210 -31.09 -52.42 39.20
N THR C 211 -32.34 -52.51 38.74
CA THR C 211 -32.72 -53.48 37.73
C THR C 211 -33.60 -52.80 36.70
N TYR C 212 -33.28 -53.00 35.42
CA TYR C 212 -33.97 -52.32 34.34
C TYR C 212 -35.25 -53.07 33.97
N TRP C 213 -36.38 -52.39 34.08
CA TRP C 213 -37.67 -52.91 33.65
C TRP C 213 -38.26 -51.99 32.58
N GLN C 214 -39.05 -52.58 31.67
CA GLN C 214 -39.65 -51.80 30.60
C GLN C 214 -40.99 -52.40 30.22
N ARG C 215 -41.85 -51.57 29.65
CA ARG C 215 -43.13 -51.99 29.12
C ARG C 215 -43.58 -50.99 28.08
N THR C 216 -44.53 -51.40 27.24
CA THR C 216 -45.02 -50.58 26.15
C THR C 216 -46.51 -50.28 26.36
N TRP C 217 -46.91 -49.08 26.00
CA TRP C 217 -48.31 -48.65 26.05
C TRP C 217 -48.77 -48.32 24.64
N ARG C 218 -49.94 -48.84 24.27
CA ARG C 218 -50.51 -48.60 22.96
C ARG C 218 -51.92 -48.03 23.10
N GLU C 219 -52.29 -47.21 22.12
CA GLU C 219 -53.60 -46.54 22.11
C GLU C 219 -54.32 -46.87 20.81
N ASN C 220 -55.61 -47.17 20.92
CA ASN C 220 -56.46 -47.39 19.75
C ASN C 220 -57.91 -47.21 20.17
N ASP C 221 -58.64 -46.38 19.44
CA ASP C 221 -60.05 -46.10 19.72
C ASP C 221 -60.26 -45.56 21.12
N GLY C 222 -59.29 -44.79 21.62
CA GLY C 222 -59.38 -44.21 22.96
C GLY C 222 -59.08 -45.17 24.08
N GLN C 223 -58.68 -46.40 23.78
CA GLN C 223 -58.39 -47.41 24.80
C GLN C 223 -56.89 -47.56 24.96
N LEU C 224 -56.45 -47.73 26.20
CA LEU C 224 -55.04 -47.88 26.52
C LEU C 224 -54.72 -49.35 26.76
N TYR C 225 -53.82 -49.91 25.95
CA TYR C 225 -53.39 -51.28 26.11
C TYR C 225 -52.07 -51.30 26.89
N VAL C 226 -52.01 -52.13 27.91
CA VAL C 226 -50.83 -52.22 28.77
C VAL C 226 -50.12 -53.54 28.51
N ASP C 227 -48.80 -53.52 28.68
CA ASP C 227 -47.96 -54.69 28.48
C ASP C 227 -47.32 -55.10 29.80
N ASP C 228 -47.11 -56.40 29.97
CA ASP C 228 -46.53 -56.91 31.20
C ASP C 228 -45.08 -56.46 31.34
N TRP C 229 -44.67 -56.26 32.59
CA TRP C 229 -43.30 -55.84 32.87
C TRP C 229 -42.31 -56.93 32.46
N ILE C 230 -41.25 -56.52 31.75
CA ILE C 230 -40.22 -57.44 31.31
C ILE C 230 -38.86 -56.89 31.72
N SER C 231 -37.88 -57.78 31.81
CA SER C 231 -36.52 -57.43 32.19
C SER C 231 -35.55 -57.91 31.12
N PRO C 232 -35.15 -57.06 30.18
CA PRO C 232 -34.14 -57.46 29.20
C PRO C 232 -32.83 -57.82 29.88
N THR C 233 -32.16 -58.84 29.34
CA THR C 233 -30.93 -59.35 29.93
C THR C 233 -29.86 -59.48 28.85
N LYS C 234 -28.61 -59.35 29.28
CA LYS C 234 -27.48 -59.50 28.38
C LYS C 234 -27.25 -60.96 28.04
N ALA C 235 -26.35 -61.20 27.09
CA ALA C 235 -26.01 -62.57 26.70
C ALA C 235 -25.40 -63.34 27.86
N ASP C 236 -24.49 -62.69 28.60
CA ASP C 236 -23.93 -63.33 29.79
C ASP C 236 -24.99 -63.49 30.88
N GLY C 237 -25.87 -62.50 31.03
CA GLY C 237 -26.91 -62.56 32.03
C GLY C 237 -26.92 -61.34 32.93
N SER C 238 -27.29 -61.54 34.20
CA SER C 238 -27.30 -60.50 35.22
C SER C 238 -28.23 -59.34 34.86
N GLN C 239 -29.18 -59.58 33.95
CA GLN C 239 -30.18 -58.61 33.55
C GLN C 239 -29.53 -57.28 33.15
N PHE C 240 -29.92 -56.18 33.79
CA PHE C 240 -29.35 -54.87 33.49
C PHE C 240 -29.29 -54.04 34.77
N ASP C 241 -28.19 -53.32 34.94
CA ASP C 241 -28.01 -52.49 36.13
C ASP C 241 -28.47 -51.04 35.90
N GLU C 242 -28.49 -50.59 34.66
CA GLU C 242 -28.88 -49.23 34.33
C GLU C 242 -29.80 -49.23 33.12
N ILE C 243 -30.58 -48.17 33.00
CA ILE C 243 -31.53 -48.04 31.88
C ILE C 243 -30.73 -47.71 30.62
N PRO C 244 -30.89 -48.47 29.53
CA PRO C 244 -30.16 -48.19 28.29
C PRO C 244 -30.72 -47.00 27.52
N PHE C 245 -30.71 -45.84 28.16
CA PHE C 245 -31.16 -44.61 27.54
C PHE C 245 -30.23 -43.48 27.94
N VAL C 246 -29.72 -42.75 26.95
CA VAL C 246 -28.84 -41.61 27.19
C VAL C 246 -29.44 -40.39 26.51
N ILE C 247 -29.54 -39.30 27.25
CA ILE C 247 -30.05 -38.03 26.74
C ILE C 247 -28.86 -37.12 26.49
N PHE C 248 -28.64 -36.78 25.23
CA PHE C 248 -27.51 -35.93 24.83
C PHE C 248 -28.01 -34.53 24.50
N GLY C 249 -27.27 -33.52 24.94
CA GLY C 249 -27.62 -32.15 24.68
C GLY C 249 -26.39 -31.32 24.38
N SER C 250 -26.63 -30.03 24.11
CA SER C 250 -25.52 -29.13 23.81
C SER C 250 -24.62 -28.94 25.02
N LYS C 251 -25.21 -28.86 26.22
CA LYS C 251 -24.42 -28.63 27.43
C LYS C 251 -23.73 -29.90 27.90
N ASN C 252 -24.50 -30.93 28.24
CA ASN C 252 -23.95 -32.17 28.75
C ASN C 252 -24.98 -33.28 28.56
N ASN C 253 -24.52 -34.51 28.76
CA ASN C 253 -25.38 -35.69 28.64
C ASN C 253 -26.09 -35.95 29.96
N ASP C 254 -27.06 -35.09 30.25
CA ASP C 254 -27.84 -35.16 31.47
C ASP C 254 -29.32 -35.12 31.15
N PRO C 255 -30.16 -35.72 31.99
CA PRO C 255 -31.61 -35.62 31.75
C PRO C 255 -32.14 -34.21 31.85
N THR C 256 -31.45 -33.32 32.55
CA THR C 256 -31.89 -31.93 32.66
C THR C 256 -31.80 -31.24 31.30
N ILE C 257 -32.79 -30.39 31.02
CA ILE C 257 -32.85 -29.73 29.73
C ILE C 257 -31.75 -28.67 29.63
N ASP C 258 -31.15 -28.56 28.45
CA ASP C 258 -30.13 -27.56 28.18
C ASP C 258 -30.67 -26.50 27.23
N MET C 259 -30.22 -25.27 27.43
CA MET C 259 -30.67 -24.17 26.59
C MET C 259 -30.20 -24.37 25.16
N PRO C 260 -31.08 -24.26 24.17
CA PRO C 260 -30.67 -24.42 22.78
C PRO C 260 -29.66 -23.37 22.37
N PRO C 261 -28.64 -23.74 21.60
CA PRO C 261 -27.61 -22.76 21.21
C PRO C 261 -28.11 -21.74 20.20
N MET C 262 -29.26 -21.97 19.55
CA MET C 262 -29.72 -21.14 18.46
C MET C 262 -30.83 -20.18 18.87
N ARG C 263 -31.09 -20.04 20.18
CA ARG C 263 -32.17 -19.18 20.62
C ARG C 263 -31.90 -17.72 20.27
N ASP C 264 -30.70 -17.23 20.58
CA ASP C 264 -30.38 -15.83 20.32
C ASP C 264 -30.39 -15.54 18.83
N LEU C 265 -29.85 -16.44 18.02
CA LEU C 265 -29.88 -16.25 16.58
C LEU C 265 -31.30 -16.26 16.04
N VAL C 266 -32.17 -17.10 16.62
CA VAL C 266 -33.56 -17.13 16.18
C VAL C 266 -34.25 -15.81 16.50
N GLU C 267 -34.03 -15.28 17.71
CA GLU C 267 -34.63 -13.99 18.05
C GLU C 267 -34.10 -12.87 17.16
N LEU C 268 -32.80 -12.87 16.88
CA LEU C 268 -32.24 -11.86 16.00
C LEU C 268 -32.82 -11.97 14.60
N ASN C 269 -33.01 -13.20 14.10
CA ASN C 269 -33.59 -13.39 12.79
C ASN C 269 -35.04 -12.91 12.75
N ILE C 270 -35.79 -13.14 13.82
CA ILE C 270 -37.18 -12.66 13.87
C ILE C 270 -37.21 -11.13 13.85
N ALA C 271 -36.32 -10.50 14.63
CA ALA C 271 -36.26 -9.04 14.63
C ALA C 271 -35.89 -8.50 13.26
N HIS C 272 -34.92 -9.13 12.60
CA HIS C 272 -34.56 -8.72 11.25
C HIS C 272 -35.72 -8.93 10.29
N PHE C 273 -36.51 -9.99 10.49
CA PHE C 273 -37.67 -10.23 9.63
C PHE C 273 -38.70 -9.13 9.76
N ARG C 274 -39.00 -8.71 10.98
CA ARG C 274 -39.98 -7.62 11.14
C ARG C 274 -39.43 -6.30 10.61
N ASN C 275 -38.13 -6.05 10.81
CA ASN C 275 -37.51 -4.87 10.21
C ASN C 275 -37.59 -4.91 8.70
N SER C 276 -37.40 -6.09 8.11
CA SER C 276 -37.51 -6.24 6.66
C SER C 276 -38.94 -6.02 6.20
N ALA C 277 -39.92 -6.45 6.98
CA ALA C 277 -41.32 -6.17 6.64
C ALA C 277 -41.55 -4.67 6.56
N ASP C 278 -41.11 -3.94 7.59
CA ASP C 278 -41.27 -2.49 7.57
C ASP C 278 -40.55 -1.86 6.39
N TYR C 279 -39.31 -2.29 6.13
CA TYR C 279 -38.51 -1.70 5.05
C TYR C 279 -39.14 -1.99 3.69
N GLU C 280 -39.65 -3.20 3.49
CA GLU C 280 -40.29 -3.53 2.21
C GLU C 280 -41.57 -2.75 2.02
N GLU C 281 -42.36 -2.55 3.08
CA GLU C 281 -43.54 -1.71 2.95
C GLU C 281 -43.17 -0.28 2.56
N ALA C 282 -42.13 0.26 3.20
CA ALA C 282 -41.69 1.61 2.87
C ALA C 282 -41.19 1.69 1.44
N CYS C 283 -40.45 0.68 0.98
CA CYS C 283 -39.95 0.67 -0.38
C CYS C 283 -41.09 0.58 -1.39
N PHE C 284 -42.10 -0.24 -1.10
CA PHE C 284 -43.23 -0.35 -2.01
C PHE C 284 -44.00 0.95 -2.10
N ILE C 285 -44.21 1.62 -0.96
CA ILE C 285 -45.06 2.82 -0.99
C ILE C 285 -44.28 4.03 -1.48
N CYS C 286 -43.24 4.43 -0.75
CA CYS C 286 -42.55 5.69 -1.01
C CYS C 286 -41.33 5.53 -1.90
N GLY C 287 -41.04 4.33 -2.40
CA GLY C 287 -39.87 4.14 -3.22
C GLY C 287 -40.01 4.68 -4.64
N GLN C 288 -41.23 4.77 -5.13
CA GLN C 288 -41.46 5.24 -6.49
C GLN C 288 -41.47 6.76 -6.52
N PRO C 289 -40.68 7.40 -7.39
CA PRO C 289 -40.71 8.86 -7.48
C PRO C 289 -42.03 9.37 -8.03
N THR C 290 -42.42 10.57 -7.57
CA THR C 290 -43.68 11.20 -7.96
C THR C 290 -43.43 12.64 -8.37
N LEU C 291 -44.26 13.15 -9.29
CA LEU C 291 -44.03 14.47 -9.86
C LEU C 291 -44.23 15.58 -8.82
N PHE C 292 -45.36 15.54 -8.10
CA PHE C 292 -45.68 16.54 -7.09
C PHE C 292 -45.65 17.96 -7.67
N LEU C 293 -46.55 18.20 -8.61
CA LEU C 293 -46.65 19.51 -9.27
C LEU C 293 -47.33 20.48 -8.33
N SER C 294 -46.54 21.28 -7.62
CA SER C 294 -47.06 22.27 -6.70
C SER C 294 -47.38 23.57 -7.43
N GLY C 295 -48.21 24.40 -6.81
CA GLY C 295 -48.61 25.65 -7.41
C GLY C 295 -49.41 25.49 -8.68
N LEU C 296 -50.35 24.54 -8.71
CA LEU C 296 -51.11 24.23 -9.89
C LEU C 296 -52.58 24.52 -9.65
N THR C 297 -53.24 25.11 -10.64
CA THR C 297 -54.65 25.45 -10.55
C THR C 297 -55.48 24.47 -11.39
N GLU C 298 -56.72 24.25 -10.93
CA GLU C 298 -57.60 23.32 -11.63
C GLU C 298 -57.90 23.79 -13.03
N HIS C 299 -58.05 25.11 -13.22
CA HIS C 299 -58.29 25.64 -14.55
C HIS C 299 -57.15 25.28 -15.50
N TRP C 300 -55.91 25.43 -15.04
CA TRP C 300 -54.76 25.06 -15.87
C TRP C 300 -54.75 23.57 -16.16
N VAL C 301 -55.05 22.75 -15.15
CA VAL C 301 -55.08 21.30 -15.34
C VAL C 301 -56.06 20.93 -16.44
N LYS C 302 -57.29 21.44 -16.35
CA LYS C 302 -58.29 21.12 -17.36
C LYS C 302 -57.95 21.73 -18.71
N ASN C 303 -57.29 22.88 -18.73
CA ASN C 303 -56.98 23.54 -19.99
C ASN C 303 -55.93 22.78 -20.79
N VAL C 304 -54.82 22.42 -20.16
CA VAL C 304 -53.70 21.80 -20.87
C VAL C 304 -53.45 20.36 -20.41
N LEU C 305 -53.36 20.15 -19.10
CA LEU C 305 -53.04 18.81 -18.61
C LEU C 305 -54.18 17.84 -18.89
N GLY C 306 -55.40 18.23 -18.52
CA GLY C 306 -56.55 17.37 -18.76
C GLY C 306 -56.49 16.03 -18.06
N GLY C 307 -55.91 15.98 -16.86
CA GLY C 307 -55.76 14.72 -16.16
C GLY C 307 -54.86 13.72 -16.86
N ALA C 308 -53.83 14.21 -17.56
CA ALA C 308 -52.90 13.33 -18.26
C ALA C 308 -51.62 14.11 -18.52
N VAL C 309 -50.51 13.63 -17.99
CA VAL C 309 -49.21 14.27 -18.13
C VAL C 309 -48.30 13.35 -18.92
N VAL C 310 -47.76 13.85 -20.03
CA VAL C 310 -46.78 13.12 -20.82
C VAL C 310 -45.41 13.34 -20.20
N ILE C 311 -44.73 12.23 -19.87
CA ILE C 311 -43.50 12.26 -19.10
C ILE C 311 -42.30 11.78 -19.91
N GLY C 312 -42.49 11.46 -21.18
CA GLY C 312 -41.37 11.08 -22.02
C GLY C 312 -40.48 12.27 -22.33
N SER C 313 -39.26 11.95 -22.76
CA SER C 313 -38.31 12.99 -23.16
C SER C 313 -38.71 13.68 -24.46
N ARG C 314 -39.61 13.09 -25.24
CA ARG C 314 -40.04 13.72 -26.48
C ARG C 314 -40.92 14.94 -26.23
N ASP C 315 -41.69 14.94 -25.16
CA ASP C 315 -42.67 15.98 -24.89
C ASP C 315 -42.26 16.81 -23.68
N ALA C 316 -42.57 18.10 -23.74
CA ALA C 316 -42.32 19.04 -22.65
C ALA C 316 -43.65 19.53 -22.08
N VAL C 317 -43.73 19.56 -20.76
CA VAL C 317 -44.97 19.91 -20.06
C VAL C 317 -44.83 21.33 -19.51
N PRO C 318 -45.73 22.24 -19.84
CA PRO C 318 -45.67 23.60 -19.31
C PRO C 318 -46.47 23.74 -18.02
N LEU C 319 -46.04 24.69 -17.20
CA LEU C 319 -46.67 25.00 -15.93
C LEU C 319 -46.87 26.49 -15.79
N PRO C 320 -47.84 26.93 -14.98
CA PRO C 320 -48.04 28.36 -14.77
C PRO C 320 -46.92 28.99 -13.96
N VAL C 321 -47.04 30.28 -13.65
CA VAL C 321 -46.00 30.98 -12.93
C VAL C 321 -45.96 30.50 -11.48
N ASN C 322 -44.78 30.60 -10.87
CA ASN C 322 -44.56 30.22 -9.47
C ASN C 322 -44.95 28.76 -9.22
N ALA C 323 -44.68 27.90 -10.19
CA ALA C 323 -44.95 26.47 -10.08
C ALA C 323 -43.64 25.72 -9.98
N LYS C 324 -43.50 24.90 -8.96
CA LYS C 324 -42.26 24.16 -8.70
C LYS C 324 -42.50 22.67 -8.80
N PRO C 325 -42.08 22.01 -9.88
CA PRO C 325 -42.14 20.55 -9.92
C PRO C 325 -40.97 19.95 -9.18
N GLU C 326 -41.25 18.94 -8.36
CA GLU C 326 -40.22 18.35 -7.50
C GLU C 326 -40.46 16.85 -7.40
N LEU C 327 -39.59 16.07 -8.02
CA LEU C 327 -39.65 14.62 -7.89
C LEU C 327 -39.30 14.24 -6.45
N LEU C 328 -40.18 13.46 -5.82
CA LEU C 328 -40.02 13.06 -4.43
C LEU C 328 -40.00 11.55 -4.33
N GLN C 329 -38.98 11.03 -3.66
CA GLN C 329 -38.91 9.60 -3.35
C GLN C 329 -38.03 9.42 -2.13
N ALA C 330 -38.26 8.34 -1.40
CA ALA C 330 -37.48 8.06 -0.22
C ALA C 330 -36.04 7.75 -0.59
N GLU C 331 -35.11 8.49 0.00
CA GLU C 331 -33.70 8.33 -0.33
C GLU C 331 -33.14 7.09 0.39
N GLY C 332 -31.92 6.72 0.00
CA GLY C 332 -31.26 5.57 0.58
C GLY C 332 -30.67 5.86 1.94
N ASN C 333 -29.99 4.85 2.48
CA ASN C 333 -29.36 4.93 3.80
C ASN C 333 -30.39 5.27 4.88
N GLY C 334 -31.59 4.71 4.74
CA GLY C 334 -32.60 4.91 5.76
C GLY C 334 -32.24 4.21 7.06
N MET C 335 -32.77 4.76 8.16
CA MET C 335 -32.40 4.23 9.47
C MET C 335 -32.99 2.84 9.70
N VAL C 336 -34.08 2.51 9.03
CA VAL C 336 -34.57 1.13 9.05
C VAL C 336 -33.55 0.20 8.40
N LYS C 337 -33.00 0.60 7.26
CA LYS C 337 -31.95 -0.20 6.63
C LYS C 337 -30.71 -0.27 7.51
N GLU C 338 -30.41 0.82 8.22
CA GLU C 338 -29.29 0.81 9.15
C GLU C 338 -29.52 -0.20 10.27
N ALA C 339 -30.74 -0.26 10.80
CA ALA C 339 -31.06 -1.25 11.82
C ALA C 339 -30.95 -2.67 11.27
N MET C 340 -31.41 -2.88 10.04
CA MET C 340 -31.28 -4.21 9.44
C MET C 340 -29.82 -4.61 9.27
N ASP C 341 -28.98 -3.68 8.81
CA ASP C 341 -27.56 -3.95 8.68
C ASP C 341 -26.93 -4.24 10.03
N GLN C 342 -27.34 -3.51 11.07
CA GLN C 342 -26.82 -3.77 12.41
C GLN C 342 -27.21 -5.16 12.88
N LYS C 343 -28.45 -5.58 12.62
CA LYS C 343 -28.88 -6.91 13.02
C LYS C 343 -28.12 -7.99 12.27
N GLU C 344 -27.89 -7.80 10.97
CA GLU C 344 -27.09 -8.75 10.20
C GLU C 344 -25.67 -8.84 10.75
N ARG C 345 -25.07 -7.69 11.07
CA ARG C 345 -23.74 -7.68 11.64
C ARG C 345 -23.71 -8.40 12.98
N GLN C 346 -24.76 -8.21 13.80
CA GLN C 346 -24.83 -8.91 15.08
C GLN C 346 -24.94 -10.41 14.89
N MET C 347 -25.73 -10.86 13.91
CA MET C 347 -25.81 -12.29 13.63
C MET C 347 -24.44 -12.84 13.21
N VAL C 348 -23.74 -12.12 12.34
CA VAL C 348 -22.41 -12.57 11.94
C VAL C 348 -21.48 -12.62 13.16
N ALA C 349 -21.58 -11.62 14.02
CA ALA C 349 -20.69 -11.52 15.17
C ALA C 349 -21.05 -12.50 16.28
N LEU C 350 -22.24 -13.10 16.23
CA LEU C 350 -22.68 -14.05 17.26
C LEU C 350 -22.12 -15.44 17.03
N GLY C 351 -21.00 -15.56 16.33
CA GLY C 351 -20.39 -16.86 16.08
C GLY C 351 -21.21 -17.76 15.20
N ALA C 352 -21.84 -17.19 14.17
CA ALA C 352 -22.70 -17.94 13.27
C ALA C 352 -22.09 -17.95 11.87
N LYS C 353 -22.02 -19.15 11.28
CA LYS C 353 -21.61 -19.31 9.90
C LYS C 353 -22.77 -19.10 8.95
N LEU C 354 -23.79 -18.36 9.39
CA LEU C 354 -25.01 -18.17 8.61
C LEU C 354 -24.74 -17.48 7.28
N ILE C 355 -23.88 -16.48 7.27
CA ILE C 355 -23.51 -15.81 6.03
C ILE C 355 -22.00 -15.57 5.96
N ASP C 356 -21.53 -15.41 4.73
CA ASP C 356 -20.16 -15.05 4.44
C ASP C 356 -20.16 -13.82 3.54
N SER C 357 -19.14 -12.97 3.72
CA SER C 357 -19.04 -11.71 3.00
C SER C 357 -17.77 -11.71 2.15
N ASP C 358 -17.93 -11.47 0.85
CA ASP C 358 -16.77 -11.37 -0.02
C ASP C 358 -16.01 -10.07 0.20
N LYS C 359 -16.71 -8.99 0.55
CA LYS C 359 -16.06 -7.71 0.78
C LYS C 359 -15.10 -7.79 1.96
N THR C 360 -15.52 -8.46 3.04
CA THR C 360 -14.68 -8.57 4.23
C THR C 360 -13.43 -9.37 3.93
N GLN C 361 -12.30 -8.91 4.46
CA GLN C 361 -11.02 -9.59 4.30
C GLN C 361 -10.43 -9.87 5.67
N ARG C 362 -9.85 -11.06 5.84
CA ARG C 362 -9.27 -11.47 7.11
C ARG C 362 -7.81 -11.87 6.89
N THR C 363 -6.93 -11.33 7.74
CA THR C 363 -5.52 -11.67 7.68
C THR C 363 -5.31 -13.10 8.17
N PHE C 364 -4.52 -13.87 7.42
CA PHE C 364 -4.24 -15.24 7.82
C PHE C 364 -3.45 -15.27 9.12
N GLY C 365 -3.79 -16.23 9.98
CA GLY C 365 -3.18 -16.36 11.28
C GLY C 365 -3.92 -15.67 12.40
N GLU C 366 -4.78 -14.71 12.08
CA GLU C 366 -5.61 -14.08 13.10
C GLU C 366 -6.70 -15.03 13.59
N ALA C 367 -7.38 -15.69 12.65
CA ALA C 367 -8.48 -16.59 13.02
C ALA C 367 -8.00 -17.84 13.75
N SER C 368 -6.69 -18.15 13.66
CA SER C 368 -6.18 -19.31 14.38
C SER C 368 -6.28 -19.14 15.88
N MET C 369 -6.17 -17.89 16.36
CA MET C 369 -6.30 -17.65 17.80
C MET C 369 -7.74 -17.85 18.27
N GLU C 370 -8.71 -17.40 17.47
CA GLU C 370 -10.10 -17.47 17.88
C GLU C 370 -10.77 -18.80 17.52
N ALA C 371 -10.12 -19.64 16.71
CA ALA C 371 -10.75 -20.88 16.27
C ALA C 371 -11.22 -21.73 17.42
N ALA C 372 -10.54 -21.68 18.56
CA ALA C 372 -11.00 -22.41 19.74
C ALA C 372 -12.35 -21.90 20.22
N ALA C 373 -12.53 -20.58 20.23
CA ALA C 373 -13.78 -20.01 20.72
C ALA C 373 -14.90 -20.13 19.71
N GLN C 374 -14.60 -19.95 18.42
CA GLN C 374 -15.64 -20.02 17.40
C GLN C 374 -16.25 -21.41 17.31
N ASN C 375 -15.42 -22.45 17.38
CA ASN C 375 -15.89 -23.82 17.30
C ASN C 375 -16.19 -24.42 18.68
N SER C 376 -16.55 -23.58 19.65
CA SER C 376 -16.82 -24.07 21.00
C SER C 376 -18.06 -24.94 21.03
N VAL C 377 -19.16 -24.46 20.47
CA VAL C 377 -20.39 -25.24 20.42
C VAL C 377 -20.20 -26.47 19.54
N LEU C 378 -19.45 -26.32 18.45
CA LEU C 378 -19.16 -27.47 17.59
C LEU C 378 -18.44 -28.56 18.37
N SER C 379 -17.38 -28.20 19.07
CA SER C 379 -16.63 -29.18 19.84
C SER C 379 -17.48 -29.80 20.94
N ARG C 380 -18.25 -28.99 21.65
CA ARG C 380 -19.07 -29.50 22.73
C ARG C 380 -20.09 -30.51 22.22
N VAL C 381 -20.79 -30.17 21.13
CA VAL C 381 -21.77 -31.09 20.56
C VAL C 381 -21.09 -32.35 20.04
N SER C 382 -19.92 -32.19 19.42
CA SER C 382 -19.20 -33.35 18.91
C SER C 382 -18.86 -34.32 20.03
N LYS C 383 -18.28 -33.82 21.13
CA LYS C 383 -17.95 -34.69 22.24
C LYS C 383 -19.19 -35.32 22.86
N ASN C 384 -20.25 -34.52 23.03
CA ASN C 384 -21.46 -35.06 23.66
C ASN C 384 -22.05 -36.19 22.84
N VAL C 385 -22.16 -35.99 21.53
CA VAL C 385 -22.68 -37.07 20.68
C VAL C 385 -21.72 -38.25 20.65
N SER C 386 -20.42 -38.00 20.71
CA SER C 386 -19.45 -39.09 20.72
C SER C 386 -19.66 -39.97 21.95
N ASP C 387 -19.76 -39.36 23.14
CA ASP C 387 -19.99 -40.17 24.33
C ASP C 387 -21.35 -40.85 24.31
N ALA C 388 -22.37 -40.17 23.80
CA ALA C 388 -23.70 -40.79 23.73
C ALA C 388 -23.67 -42.04 22.85
N TYR C 389 -23.05 -41.94 21.68
CA TYR C 389 -23.00 -43.09 20.79
C TYR C 389 -22.05 -44.17 21.30
N THR C 390 -20.99 -43.78 21.99
CA THR C 390 -20.12 -44.78 22.61
C THR C 390 -20.88 -45.57 23.67
N LYS C 391 -21.68 -44.88 24.50
CA LYS C 391 -22.48 -45.57 25.50
C LYS C 391 -23.51 -46.48 24.84
N ALA C 392 -24.15 -46.00 23.77
CA ALA C 392 -25.12 -46.84 23.07
C ALA C 392 -24.46 -48.08 22.48
N LEU C 393 -23.28 -47.93 21.89
CA LEU C 393 -22.58 -49.08 21.32
C LEU C 393 -22.13 -50.05 22.40
N ARG C 394 -21.73 -49.53 23.56
CA ARG C 394 -21.36 -50.42 24.67
C ARG C 394 -22.58 -51.19 25.16
N TRP C 395 -23.74 -50.54 25.22
CA TRP C 395 -24.96 -51.25 25.61
C TRP C 395 -25.32 -52.32 24.58
N ALA C 396 -25.16 -52.02 23.29
CA ALA C 396 -25.41 -53.01 22.26
C ALA C 396 -24.44 -54.19 22.39
N ALA C 397 -23.17 -53.91 22.68
CA ALA C 397 -22.20 -54.97 22.89
C ALA C 397 -22.56 -55.83 24.09
N MET C 398 -23.05 -55.19 25.16
CA MET C 398 -23.55 -55.95 26.30
C MET C 398 -24.71 -56.85 25.88
N PHE C 399 -25.61 -56.32 25.04
CA PHE C 399 -26.72 -57.12 24.54
C PHE C 399 -26.23 -58.33 23.77
N LEU C 400 -25.22 -58.16 22.92
CA LEU C 400 -24.67 -59.24 22.12
C LEU C 400 -23.53 -59.97 22.81
N GLY C 401 -23.11 -59.54 23.99
CA GLY C 401 -21.99 -60.16 24.67
C GLY C 401 -20.69 -60.01 23.91
N LEU C 402 -20.47 -58.86 23.28
CA LEU C 402 -19.32 -58.60 22.44
C LEU C 402 -18.24 -57.88 23.25
N ASP C 403 -17.20 -57.42 22.56
CA ASP C 403 -16.13 -56.68 23.21
C ASP C 403 -16.64 -55.33 23.70
N GLU C 404 -16.20 -54.93 24.89
CA GLU C 404 -16.71 -53.72 25.53
C GLU C 404 -15.86 -52.49 25.21
N LYS C 405 -14.56 -52.65 25.00
CA LYS C 405 -13.66 -51.52 24.76
C LYS C 405 -13.81 -51.07 23.31
N ILE C 406 -14.94 -50.45 23.02
CA ILE C 406 -15.22 -49.89 21.71
C ILE C 406 -15.49 -48.39 21.88
N GLU C 407 -15.21 -47.63 20.81
CA GLU C 407 -15.37 -46.19 20.84
C GLU C 407 -15.94 -45.71 19.52
N TYR C 408 -16.65 -44.59 19.58
CA TYR C 408 -17.21 -43.93 18.40
C TYR C 408 -16.97 -42.44 18.56
N GLU C 409 -16.02 -41.89 17.80
CA GLU C 409 -15.63 -40.51 17.91
C GLU C 409 -15.87 -39.81 16.57
N LEU C 410 -16.57 -38.67 16.63
CA LEU C 410 -16.81 -37.87 15.44
C LEU C 410 -15.63 -36.96 15.17
N ASN C 411 -15.68 -36.27 14.03
CA ASN C 411 -14.59 -35.39 13.63
C ASN C 411 -14.47 -34.21 14.59
N SER C 412 -13.47 -34.26 15.48
CA SER C 412 -13.24 -33.17 16.41
C SER C 412 -12.28 -32.12 15.87
N ASP C 413 -11.68 -32.36 14.70
CA ASP C 413 -10.78 -31.40 14.06
C ASP C 413 -11.56 -30.65 12.99
N PHE C 414 -12.00 -29.44 13.30
CA PHE C 414 -12.81 -28.64 12.41
C PHE C 414 -11.90 -27.85 11.46
N ASP C 415 -12.49 -27.02 10.61
CA ASP C 415 -11.76 -26.27 9.59
C ASP C 415 -10.91 -27.19 8.73
N ILE C 416 -11.49 -28.33 8.36
CA ILE C 416 -10.78 -29.36 7.61
C ILE C 416 -10.64 -28.94 6.15
N ASN C 417 -9.45 -29.13 5.59
CA ASN C 417 -9.18 -28.81 4.20
C ASN C 417 -8.19 -29.83 3.64
N LYS C 418 -7.98 -29.75 2.33
CA LYS C 418 -7.03 -30.65 1.68
C LYS C 418 -5.62 -30.40 2.21
N MET C 419 -4.91 -31.49 2.52
CA MET C 419 -3.58 -31.37 3.09
C MET C 419 -2.57 -30.95 2.04
N SER C 420 -1.59 -30.16 2.48
CA SER C 420 -0.57 -29.62 1.60
C SER C 420 0.52 -30.65 1.36
N PRO C 421 1.28 -30.51 0.25
CA PRO C 421 2.40 -31.41 0.02
C PRO C 421 3.41 -31.45 1.17
N GLU C 422 3.68 -30.29 1.78
CA GLU C 422 4.56 -30.28 2.95
C GLU C 422 3.96 -31.05 4.10
N GLU C 423 2.65 -30.90 4.32
CA GLU C 423 1.97 -31.67 5.36
C GLU C 423 2.02 -33.16 5.06
N LEU C 424 1.88 -33.53 3.78
CA LEU C 424 1.97 -34.94 3.40
C LEU C 424 3.35 -35.50 3.69
N ALA C 425 4.39 -34.75 3.32
CA ALA C 425 5.75 -35.19 3.64
C ALA C 425 5.95 -35.31 5.14
N ALA C 426 5.39 -34.37 5.91
CA ALA C 426 5.54 -34.41 7.36
C ALA C 426 4.88 -35.65 7.95
N VAL C 427 3.67 -35.99 7.51
CA VAL C 427 3.01 -37.16 8.08
C VAL C 427 3.70 -38.44 7.64
N ILE C 428 4.23 -38.49 6.41
CA ILE C 428 4.98 -39.67 5.98
C ILE C 428 6.23 -39.83 6.83
N SER C 429 6.94 -38.73 7.09
CA SER C 429 8.14 -38.80 7.92
C SER C 429 7.79 -39.22 9.35
N ALA C 430 6.67 -38.73 9.87
CA ALA C 430 6.25 -39.11 11.21
C ALA C 430 5.91 -40.59 11.28
N TRP C 431 5.26 -41.13 10.25
CA TRP C 431 4.96 -42.55 10.23
C TRP C 431 6.24 -43.39 10.14
N GLN C 432 7.23 -42.91 9.38
CA GLN C 432 8.49 -43.63 9.28
C GLN C 432 9.20 -43.73 10.62
N SER C 433 8.91 -42.83 11.55
CA SER C 433 9.36 -42.94 12.92
C SER C 433 8.27 -43.60 13.76
N ASN C 434 8.66 -44.02 14.97
CA ASN C 434 7.73 -44.70 15.87
C ASN C 434 6.94 -43.69 16.70
N ALA C 435 6.21 -42.82 15.99
CA ALA C 435 5.44 -41.77 16.65
C ALA C 435 4.00 -41.74 16.17
N ILE C 436 3.76 -42.12 14.93
CA ILE C 436 2.42 -42.16 14.34
C ILE C 436 2.15 -43.58 13.86
N SER C 437 1.00 -44.12 14.26
CA SER C 437 0.60 -45.45 13.82
C SER C 437 0.32 -45.46 12.32
N PHE C 438 0.50 -46.64 11.72
CA PHE C 438 0.22 -46.77 10.29
C PHE C 438 -1.24 -46.45 9.99
N THR C 439 -2.15 -46.98 10.81
CA THR C 439 -3.56 -46.62 10.66
C THR C 439 -3.78 -45.16 11.00
N GLU C 440 -3.01 -44.60 11.93
CA GLU C 440 -3.12 -43.17 12.22
C GLU C 440 -2.71 -42.34 11.01
N MET C 441 -1.63 -42.72 10.34
CA MET C 441 -1.22 -42.00 9.14
C MET C 441 -2.24 -42.17 8.02
N ARG C 442 -2.83 -43.37 7.90
CA ARG C 442 -3.87 -43.58 6.92
C ARG C 442 -5.08 -42.69 7.20
N TRP C 443 -5.47 -42.57 8.47
CA TRP C 443 -6.57 -41.69 8.83
C TRP C 443 -6.23 -40.24 8.54
N GLN C 444 -4.98 -39.85 8.79
CA GLN C 444 -4.52 -38.51 8.43
C GLN C 444 -4.69 -38.26 6.94
N ILE C 445 -4.21 -39.19 6.13
CA ILE C 445 -4.20 -38.99 4.68
C ILE C 445 -5.60 -39.08 4.10
N LYS C 446 -6.51 -39.80 4.78
CA LYS C 446 -7.91 -39.79 4.37
C LYS C 446 -8.63 -38.52 4.78
N LYS C 447 -8.26 -37.95 5.93
CA LYS C 447 -8.86 -36.69 6.36
C LYS C 447 -8.53 -35.57 5.39
N GLY C 448 -7.31 -35.56 4.86
CA GLY C 448 -6.89 -34.56 3.90
C GLY C 448 -7.36 -34.79 2.48
N GLY C 449 -8.21 -35.79 2.27
CA GLY C 449 -8.69 -36.08 0.93
C GLY C 449 -7.63 -36.57 -0.03
N ARG C 450 -6.70 -37.40 0.46
CA ARG C 450 -5.61 -37.89 -0.35
C ARG C 450 -5.64 -39.41 -0.54
N ALA C 451 -6.62 -40.11 0.03
CA ALA C 451 -6.73 -41.54 -0.14
C ALA C 451 -8.18 -41.96 0.11
N TYR C 452 -8.59 -43.04 -0.55
CA TYR C 452 -9.97 -43.50 -0.42
C TYR C 452 -10.04 -44.98 -0.07
N LEU C 453 -9.07 -45.76 -0.54
CA LEU C 453 -9.08 -47.20 -0.25
C LEU C 453 -8.84 -47.45 1.23
N GLU C 454 -9.37 -48.57 1.71
CA GLU C 454 -9.20 -48.96 3.10
C GLU C 454 -7.75 -49.34 3.37
N ASP C 455 -7.38 -49.33 4.64
CA ASP C 455 -6.01 -49.67 5.03
C ASP C 455 -5.69 -51.11 4.65
N GLU C 456 -6.64 -52.02 4.85
CA GLU C 456 -6.39 -53.43 4.53
C GLU C 456 -6.19 -53.63 3.02
N ASP C 457 -6.98 -52.94 2.20
CA ASP C 457 -6.81 -53.05 0.75
C ASP C 457 -5.43 -52.54 0.33
N MET C 458 -5.01 -51.40 0.88
CA MET C 458 -3.70 -50.87 0.57
C MET C 458 -2.59 -51.83 1.00
N ARG C 459 -2.72 -52.41 2.19
CA ARG C 459 -1.73 -53.38 2.66
C ARG C 459 -1.67 -54.58 1.73
N ASN C 460 -2.84 -55.10 1.33
CA ASN C 460 -2.87 -56.27 0.45
C ASN C 460 -2.24 -55.97 -0.89
N GLU C 461 -2.49 -54.79 -1.45
CA GLU C 461 -1.93 -54.48 -2.77
C GLU C 461 -0.43 -54.21 -2.67
N SER C 462 0.01 -53.55 -1.60
CA SER C 462 1.42 -53.26 -1.43
C SER C 462 2.23 -54.45 -0.93
N GLU C 463 1.57 -55.53 -0.52
CA GLU C 463 2.30 -56.73 -0.11
C GLU C 463 3.09 -57.32 -1.27
N GLN C 464 2.53 -57.30 -2.47
CA GLN C 464 3.20 -57.86 -3.62
C GLN C 464 4.35 -56.96 -4.08
N ASP C 465 5.13 -57.46 -5.03
CA ASP C 465 6.30 -56.75 -5.52
C ASP C 465 5.89 -55.52 -6.32
N ASP C 466 6.83 -54.58 -6.45
CA ASP C 466 6.58 -53.39 -7.23
C ASP C 466 6.47 -53.74 -8.71
N PRO C 467 5.71 -52.95 -9.47
CA PRO C 467 5.61 -53.21 -10.92
C PRO C 467 6.97 -53.08 -11.62
N LEU C 468 7.60 -51.92 -11.45
CA LEU C 468 8.88 -51.62 -12.10
C LEU C 468 8.84 -51.87 -13.60
N ASP D 3 -30.51 -14.06 62.23
CA ASP D 3 -29.92 -15.31 62.69
C ASP D 3 -30.98 -16.37 62.93
N SER D 4 -30.78 -17.55 62.36
CA SER D 4 -31.72 -18.66 62.52
C SER D 4 -30.94 -19.93 62.85
N ASN D 5 -31.54 -20.78 63.67
CA ASN D 5 -30.94 -22.05 64.07
C ASN D 5 -31.37 -23.21 63.19
N ASN D 6 -32.22 -22.97 62.18
CA ASN D 6 -32.68 -24.03 61.31
C ASN D 6 -31.57 -24.46 60.34
N ILE D 7 -31.69 -25.69 59.86
CA ILE D 7 -30.74 -26.20 58.88
C ILE D 7 -30.88 -25.48 57.54
N LYS D 8 -32.00 -24.81 57.30
CA LYS D 8 -32.24 -24.07 56.07
C LYS D 8 -31.67 -22.66 56.10
N TYR D 9 -31.04 -22.26 57.20
CA TYR D 9 -30.52 -20.91 57.32
C TYR D 9 -29.43 -20.66 56.29
N VAL D 10 -29.50 -19.50 55.64
CA VAL D 10 -28.57 -19.11 54.59
C VAL D 10 -27.74 -17.94 55.08
N ARG D 11 -26.44 -17.99 54.82
CA ARG D 11 -25.55 -16.91 55.24
C ARG D 11 -25.92 -15.61 54.54
N GLU D 12 -25.68 -14.50 55.24
CA GLU D 12 -26.13 -13.20 54.75
C GLU D 12 -25.46 -12.82 53.44
N ASP D 13 -24.16 -13.09 53.31
CA ASP D 13 -23.46 -12.76 52.07
C ASP D 13 -23.98 -13.58 50.89
N ALA D 14 -24.38 -14.82 51.13
CA ALA D 14 -25.00 -15.61 50.07
C ALA D 14 -26.31 -14.96 49.61
N LYS D 15 -27.12 -14.48 50.57
CA LYS D 15 -28.34 -13.78 50.20
C LYS D 15 -28.04 -12.52 49.41
N LYS D 16 -26.98 -11.79 49.80
CA LYS D 16 -26.60 -10.59 49.06
C LYS D 16 -26.19 -10.92 47.64
N MET D 17 -25.43 -11.99 47.45
CA MET D 17 -24.97 -12.38 46.12
C MET D 17 -26.05 -13.10 45.31
N HIS D 18 -27.16 -13.49 45.95
CA HIS D 18 -28.23 -14.17 45.23
C HIS D 18 -28.78 -13.31 44.10
N LYS D 19 -28.88 -12.00 44.30
CA LYS D 19 -29.41 -11.12 43.26
C LYS D 19 -28.51 -11.13 42.03
N LEU D 20 -27.20 -10.97 42.23
CA LEU D 20 -26.27 -11.01 41.11
C LEU D 20 -26.27 -12.38 40.43
N TRP D 21 -26.34 -13.45 41.23
CA TRP D 21 -26.38 -14.79 40.65
C TRP D 21 -27.62 -14.98 39.79
N ALA D 22 -28.77 -14.50 40.27
CA ALA D 22 -30.01 -14.62 39.49
C ALA D 22 -29.93 -13.79 38.21
N HIS D 23 -29.38 -12.58 38.29
CA HIS D 23 -29.23 -11.75 37.10
C HIS D 23 -28.34 -12.43 36.07
N ILE D 24 -27.23 -13.02 36.52
CA ILE D 24 -26.33 -13.72 35.61
C ILE D 24 -27.02 -14.93 35.01
N ARG D 25 -27.83 -15.63 35.81
CA ARG D 25 -28.56 -16.79 35.28
C ARG D 25 -29.55 -16.37 34.21
N MET D 26 -30.26 -15.25 34.41
CA MET D 26 -31.15 -14.76 33.36
C MET D 26 -30.36 -14.34 32.12
N ALA D 27 -29.18 -13.77 32.32
CA ALA D 27 -28.35 -13.40 31.17
C ALA D 27 -27.93 -14.64 30.37
N MET D 28 -27.55 -15.71 31.06
CA MET D 28 -27.20 -16.95 30.38
C MET D 28 -28.42 -17.58 29.70
N GLU D 29 -29.59 -17.46 30.31
CA GLU D 29 -30.76 -18.17 29.80
C GLU D 29 -31.12 -17.72 28.39
N GLY D 30 -31.09 -16.43 28.14
CA GLY D 30 -31.33 -15.91 26.82
C GLY D 30 -32.25 -14.71 26.85
N SER D 31 -32.94 -14.49 25.73
CA SER D 31 -33.81 -13.32 25.61
C SER D 31 -35.11 -13.50 26.38
N ARG D 32 -35.61 -14.74 26.45
CA ARG D 32 -36.91 -14.95 27.09
C ARG D 32 -36.89 -14.53 28.56
N ALA D 33 -35.84 -14.93 29.28
CA ALA D 33 -35.75 -14.54 30.69
C ALA D 33 -35.56 -13.04 30.85
N ILE D 34 -34.82 -12.41 29.93
CA ILE D 34 -34.59 -10.97 30.02
C ILE D 34 -35.90 -10.21 29.83
N LYS D 35 -36.67 -10.58 28.80
CA LYS D 35 -37.93 -9.91 28.55
C LYS D 35 -39.00 -10.30 29.57
N ASP D 36 -38.85 -11.44 30.25
CA ASP D 36 -39.78 -11.81 31.29
C ASP D 36 -39.66 -10.86 32.49
N ASN D 37 -38.43 -10.61 32.93
CA ASN D 37 -38.16 -9.73 34.06
C ASN D 37 -37.71 -8.35 33.60
N ALA D 38 -38.26 -7.86 32.50
CA ALA D 38 -37.80 -6.60 31.92
C ALA D 38 -38.06 -5.41 32.83
N LYS D 39 -38.97 -5.55 33.80
CA LYS D 39 -39.20 -4.46 34.74
C LYS D 39 -37.96 -4.15 35.56
N GLU D 40 -37.22 -5.20 35.95
CA GLU D 40 -36.00 -4.99 36.73
C GLU D 40 -34.91 -4.31 35.91
N PHE D 41 -34.82 -4.61 34.62
CA PHE D 41 -33.73 -4.14 33.78
C PHE D 41 -34.07 -2.82 33.08
N VAL D 42 -35.15 -2.80 32.31
CA VAL D 42 -35.53 -1.63 31.53
C VAL D 42 -36.49 -0.78 32.36
N PRO D 43 -36.12 0.43 32.76
CA PRO D 43 -37.06 1.28 33.49
C PRO D 43 -38.17 1.78 32.57
N HIS D 44 -39.34 1.99 33.15
CA HIS D 44 -40.46 2.52 32.40
C HIS D 44 -40.16 3.95 31.97
N PRO D 45 -40.44 4.33 30.71
CA PRO D 45 -40.20 5.71 30.30
C PRO D 45 -41.00 6.74 31.07
N ASP D 46 -42.11 6.34 31.69
CA ASP D 46 -42.91 7.26 32.49
C ASP D 46 -43.64 6.47 33.57
N ASN D 47 -43.47 6.88 34.82
CA ASN D 47 -44.18 6.23 35.92
C ASN D 47 -45.67 6.55 35.90
N THR D 48 -46.01 7.79 35.51
CA THR D 48 -47.42 8.17 35.41
C THR D 48 -48.16 7.28 34.42
N LYS D 49 -47.53 6.99 33.27
CA LYS D 49 -48.10 6.03 32.34
C LYS D 49 -48.20 4.65 32.97
N ALA D 50 -47.16 4.25 33.71
CA ALA D 50 -47.14 2.93 34.33
C ALA D 50 -48.33 2.75 35.27
N THR D 51 -48.75 3.82 35.93
CA THR D 51 -49.95 3.74 36.77
C THR D 51 -51.18 3.40 35.95
N THR D 52 -51.33 4.02 34.78
CA THR D 52 -52.48 3.81 33.92
C THR D 52 -52.38 2.48 33.18
N PRO D 53 -53.51 1.93 32.73
CA PRO D 53 -53.45 0.67 31.97
C PRO D 53 -52.90 0.83 30.57
N GLU D 54 -53.22 1.93 29.88
CA GLU D 54 -52.66 2.13 28.55
C GLU D 54 -51.16 2.35 28.60
N GLY D 55 -50.65 2.88 29.71
CA GLY D 55 -49.21 3.01 29.85
C GLY D 55 -48.50 1.67 29.90
N VAL D 56 -49.03 0.73 30.69
CA VAL D 56 -48.41 -0.58 30.74
C VAL D 56 -48.65 -1.34 29.45
N ALA D 57 -49.77 -1.08 28.76
CA ALA D 57 -49.98 -1.68 27.45
C ALA D 57 -48.92 -1.20 26.46
N ARG D 58 -48.59 0.09 26.50
CA ARG D 58 -47.52 0.61 25.65
C ARG D 58 -46.17 0.04 26.06
N TYR D 59 -45.95 -0.11 27.36
CA TYR D 59 -44.68 -0.66 27.85
C TYR D 59 -44.48 -2.09 27.39
N LYS D 60 -45.56 -2.86 27.30
CA LYS D 60 -45.46 -4.24 26.82
C LYS D 60 -44.92 -4.27 25.39
N ALA D 61 -45.48 -3.44 24.51
CA ALA D 61 -44.97 -3.37 23.14
C ALA D 61 -43.58 -2.78 23.09
N TYR D 62 -43.26 -1.88 24.02
CA TYR D 62 -41.92 -1.33 24.11
C TYR D 62 -40.90 -2.43 24.40
N ILE D 63 -41.23 -3.33 25.32
CA ILE D 63 -40.32 -4.43 25.65
C ILE D 63 -40.27 -5.45 24.51
N GLU D 64 -41.41 -5.74 23.89
CA GLU D 64 -41.44 -6.76 22.84
C GLU D 64 -40.58 -6.36 21.65
N ARG D 65 -40.61 -5.08 21.26
CA ARG D 65 -39.83 -4.62 20.12
C ARG D 65 -38.33 -4.63 20.37
N ALA D 66 -37.90 -4.80 21.62
CA ALA D 66 -36.48 -4.73 21.94
C ALA D 66 -35.74 -5.95 21.40
N VAL D 67 -34.42 -5.81 21.33
CA VAL D 67 -33.55 -6.87 20.82
C VAL D 67 -32.51 -7.20 21.89
N TRP D 68 -32.41 -8.47 22.25
CA TRP D 68 -31.42 -8.94 23.21
C TRP D 68 -30.21 -9.48 22.46
N TYR D 69 -29.03 -8.95 22.79
CA TYR D 69 -27.81 -9.37 22.12
C TYR D 69 -27.45 -10.81 22.45
N GLY D 70 -27.56 -11.20 23.71
CA GLY D 70 -27.10 -12.51 24.12
C GLY D 70 -25.61 -12.68 24.02
N ALA D 71 -24.84 -11.66 24.42
CA ALA D 71 -23.39 -11.69 24.31
C ALA D 71 -22.71 -12.40 25.47
N SER D 72 -23.29 -12.32 26.67
CA SER D 72 -22.68 -12.98 27.83
C SER D 72 -22.67 -14.49 27.68
N ALA D 73 -23.75 -15.06 27.15
CA ALA D 73 -23.78 -16.49 26.87
C ALA D 73 -22.72 -16.86 25.84
N ASN D 74 -22.52 -16.01 24.83
CA ASN D 74 -21.48 -16.27 23.84
C ASN D 74 -20.10 -16.23 24.48
N THR D 75 -19.87 -15.29 25.40
CA THR D 75 -18.59 -15.25 26.12
C THR D 75 -18.37 -16.52 26.91
N VAL D 76 -19.41 -16.98 27.62
CA VAL D 76 -19.28 -18.20 28.41
C VAL D 76 -18.97 -19.39 27.50
N ASP D 77 -19.69 -19.50 26.38
CA ASP D 77 -19.45 -20.62 25.47
C ASP D 77 -18.05 -20.59 24.90
N GLY D 78 -17.58 -19.40 24.48
CA GLY D 78 -16.23 -19.30 23.93
C GLY D 78 -15.16 -19.60 24.97
N MET D 79 -15.37 -19.13 26.20
CA MET D 79 -14.42 -19.41 27.27
C MET D 79 -14.36 -20.90 27.56
N LEU D 80 -15.51 -21.56 27.60
CA LEU D 80 -15.54 -23.01 27.80
C LEU D 80 -14.84 -23.74 26.67
N GLY D 81 -15.07 -23.31 25.43
CA GLY D 81 -14.41 -23.94 24.30
C GLY D 81 -12.91 -23.76 24.33
N GLN D 82 -12.45 -22.58 24.74
CA GLN D 82 -11.02 -22.34 24.87
C GLN D 82 -10.41 -23.21 25.97
N ILE D 83 -11.06 -23.26 27.13
CA ILE D 83 -10.52 -24.04 28.24
C ILE D 83 -10.58 -25.53 27.93
N PHE D 84 -11.73 -26.00 27.46
CA PHE D 84 -11.94 -27.44 27.24
C PHE D 84 -11.73 -27.76 25.77
N ALA D 85 -10.48 -28.03 25.43
CA ALA D 85 -10.11 -28.57 24.13
C ALA D 85 -9.42 -29.91 24.35
N ARG D 86 -9.66 -30.84 23.44
CA ARG D 86 -9.21 -32.23 23.56
C ARG D 86 -9.82 -32.77 24.86
N ASP D 87 -9.03 -33.35 25.77
CA ASP D 87 -9.54 -33.82 27.04
C ASP D 87 -8.52 -33.52 28.13
N PRO D 88 -8.97 -33.29 29.36
CA PRO D 88 -8.03 -33.11 30.46
C PRO D 88 -7.17 -34.34 30.67
N VAL D 89 -5.90 -34.12 31.02
CA VAL D 89 -4.93 -35.20 31.18
C VAL D 89 -4.98 -35.69 32.62
N PHE D 90 -5.10 -37.01 32.79
CA PHE D 90 -5.09 -37.64 34.09
C PHE D 90 -3.76 -38.34 34.32
N THR D 91 -3.15 -38.05 35.46
CA THR D 91 -1.84 -38.59 35.82
C THR D 91 -2.00 -39.65 36.90
N GLY D 92 -1.42 -40.82 36.67
CA GLY D 92 -1.51 -41.92 37.61
C GLY D 92 -2.09 -43.15 36.95
N PRO D 93 -2.36 -44.18 37.75
CA PRO D 93 -2.98 -45.39 37.19
C PRO D 93 -4.35 -45.09 36.61
N GLU D 94 -4.65 -45.71 35.48
CA GLU D 94 -5.93 -45.50 34.81
C GLU D 94 -6.89 -46.66 34.98
N ASP D 95 -6.39 -47.90 35.00
CA ASP D 95 -7.26 -49.05 35.22
C ASP D 95 -7.84 -49.06 36.62
N LYS D 96 -7.09 -48.55 37.60
CA LYS D 96 -7.55 -48.52 38.98
C LYS D 96 -8.50 -47.36 39.26
N PHE D 97 -8.66 -46.42 38.33
CA PHE D 97 -9.56 -45.30 38.48
C PHE D 97 -10.61 -45.24 37.38
N ASP D 98 -10.83 -46.35 36.66
CA ASP D 98 -11.72 -46.31 35.50
C ASP D 98 -13.16 -46.01 35.90
N MET D 99 -13.58 -46.46 37.10
CA MET D 99 -14.94 -46.22 37.53
C MET D 99 -15.21 -44.74 37.77
N LEU D 100 -14.19 -43.97 38.15
CA LEU D 100 -14.40 -42.53 38.32
C LEU D 100 -14.42 -41.81 36.98
N ILE D 101 -13.60 -42.24 36.01
CA ILE D 101 -13.58 -41.59 34.72
C ILE D 101 -14.87 -41.88 33.94
N ASN D 102 -15.33 -43.13 33.96
CA ASN D 102 -16.50 -43.49 33.19
C ASN D 102 -17.76 -42.82 33.74
N ASP D 103 -18.01 -42.94 35.04
CA ASP D 103 -19.16 -42.31 35.68
C ASP D 103 -18.70 -41.74 37.02
N VAL D 104 -18.54 -40.42 37.07
CA VAL D 104 -17.99 -39.79 38.26
C VAL D 104 -18.98 -39.85 39.42
N ASP D 105 -20.28 -39.91 39.12
CA ASP D 105 -21.32 -39.96 40.14
C ASP D 105 -22.29 -41.12 39.89
N GLY D 106 -21.83 -42.15 39.17
CA GLY D 106 -22.66 -43.30 38.91
C GLY D 106 -23.89 -43.03 38.07
N SER D 107 -23.79 -42.11 37.10
CA SER D 107 -24.90 -41.81 36.21
C SER D 107 -24.50 -41.97 34.74
N GLY D 108 -23.34 -42.52 34.46
CA GLY D 108 -22.83 -42.61 33.11
C GLY D 108 -22.19 -41.36 32.58
N LEU D 109 -22.15 -40.29 33.38
CA LEU D 109 -21.53 -39.03 32.96
C LEU D 109 -20.05 -39.09 33.28
N SER D 110 -19.22 -38.89 32.26
CA SER D 110 -17.78 -38.95 32.45
C SER D 110 -17.30 -37.79 33.30
N ILE D 111 -16.12 -37.97 33.91
CA ILE D 111 -15.55 -36.92 34.74
C ILE D 111 -15.26 -35.67 33.92
N HIS D 112 -15.00 -35.84 32.62
CA HIS D 112 -14.72 -34.69 31.77
C HIS D 112 -15.94 -33.79 31.64
N GLN D 113 -17.14 -34.37 31.49
CA GLN D 113 -18.34 -33.56 31.39
C GLN D 113 -18.62 -32.82 32.70
N GLN D 114 -18.43 -33.48 33.83
CA GLN D 114 -18.61 -32.80 35.11
C GLN D 114 -17.59 -31.69 35.30
N ALA D 115 -16.35 -31.91 34.86
CA ALA D 115 -15.36 -30.85 34.91
C ALA D 115 -15.74 -29.67 34.02
N ARG D 116 -16.31 -29.97 32.85
CA ARG D 116 -16.78 -28.91 31.97
C ARG D 116 -17.89 -28.11 32.62
N ASP D 117 -18.84 -28.79 33.27
CA ASP D 117 -19.91 -28.09 33.97
C ASP D 117 -19.38 -27.22 35.09
N SER D 118 -18.42 -27.75 35.86
CA SER D 118 -17.80 -26.98 36.93
C SER D 118 -17.09 -25.76 36.39
N ALA D 119 -16.37 -25.92 35.27
CA ALA D 119 -15.68 -24.79 34.66
C ALA D 119 -16.67 -23.74 34.17
N GLU D 120 -17.80 -24.18 33.60
CA GLU D 120 -18.82 -23.24 33.16
C GLU D 120 -19.39 -22.46 34.35
N ASP D 121 -19.66 -23.16 35.45
CA ASP D 121 -20.18 -22.47 36.64
C ASP D 121 -19.16 -21.51 37.23
N ALA D 122 -17.87 -21.87 37.21
CA ALA D 122 -16.85 -20.99 37.74
C ALA D 122 -16.59 -19.80 36.81
N LEU D 123 -16.80 -19.97 35.52
CA LEU D 123 -16.63 -18.85 34.58
C LEU D 123 -17.81 -17.90 34.63
N SER D 124 -19.02 -18.43 34.82
CA SER D 124 -20.21 -17.60 34.73
C SER D 124 -20.45 -16.81 36.01
N LEU D 125 -20.66 -17.49 37.14
CA LEU D 125 -20.88 -16.81 38.40
C LEU D 125 -19.79 -17.06 39.43
N GLY D 126 -18.74 -17.79 39.08
CA GLY D 126 -17.55 -17.87 39.92
C GLY D 126 -17.73 -18.55 41.25
N ARG D 127 -18.45 -19.67 41.29
CA ARG D 127 -18.59 -20.42 42.53
C ARG D 127 -19.07 -21.83 42.20
N GLY D 128 -18.70 -22.77 43.05
CA GLY D 128 -19.08 -24.16 42.89
C GLY D 128 -18.60 -24.97 44.07
N GLY D 129 -18.91 -26.25 44.03
CA GLY D 129 -18.51 -27.15 45.12
C GLY D 129 -18.33 -28.57 44.61
N LEU D 130 -17.38 -29.27 45.24
CA LEU D 130 -17.13 -30.68 44.95
C LEU D 130 -17.16 -31.44 46.26
N PHE D 131 -17.98 -32.49 46.33
CA PHE D 131 -18.13 -33.30 47.53
C PHE D 131 -17.88 -34.75 47.18
N VAL D 132 -17.10 -35.43 48.02
CA VAL D 132 -16.77 -36.84 47.83
C VAL D 132 -17.33 -37.62 49.01
N ASP D 133 -18.14 -38.63 48.74
CA ASP D 133 -18.74 -39.45 49.79
C ASP D 133 -18.77 -40.90 49.36
N TYR D 134 -18.98 -41.78 50.33
CA TYR D 134 -19.03 -43.21 50.10
C TYR D 134 -20.49 -43.67 50.03
N SER D 135 -20.76 -44.58 49.08
CA SER D 135 -22.12 -45.07 48.90
C SER D 135 -22.60 -45.83 50.13
N ALA D 152 -19.92 -51.21 46.67
CA ALA D 152 -19.76 -49.85 47.20
C ALA D 152 -18.75 -49.06 46.35
N ARG D 153 -18.82 -47.74 46.36
CA ARG D 153 -17.93 -46.91 45.48
C ARG D 153 -17.99 -45.44 45.93
N PRO D 154 -16.93 -44.61 45.72
CA PRO D 154 -17.01 -43.19 46.05
C PRO D 154 -17.50 -42.38 44.86
N TYR D 155 -18.35 -41.39 45.17
CA TYR D 155 -18.96 -40.55 44.16
C TYR D 155 -18.55 -39.11 44.38
N ILE D 156 -18.09 -38.45 43.31
CA ILE D 156 -17.70 -37.06 43.37
C ILE D 156 -18.91 -36.21 43.00
N LYS D 157 -19.34 -35.37 43.93
CA LYS D 157 -20.56 -34.60 43.77
C LYS D 157 -20.31 -33.40 42.88
N PHE D 158 -21.41 -32.76 42.46
CA PHE D 158 -21.37 -31.43 41.89
C PHE D 158 -22.45 -30.61 42.59
N ILE D 159 -22.04 -29.58 43.32
CA ILE D 159 -22.95 -28.74 44.10
C ILE D 159 -22.99 -27.36 43.47
N ALA D 160 -24.18 -26.94 43.05
CA ALA D 160 -24.34 -25.60 42.48
C ALA D 160 -24.10 -24.54 43.55
N ALA D 161 -23.73 -23.34 43.09
CA ALA D 161 -23.34 -22.28 44.00
C ALA D 161 -24.47 -21.90 44.94
N GLU D 162 -25.70 -21.82 44.42
CA GLU D 162 -26.84 -21.49 45.27
C GLU D 162 -27.13 -22.58 46.30
N ASP D 163 -26.64 -23.81 46.08
CA ASP D 163 -26.91 -24.88 47.01
C ASP D 163 -26.10 -24.75 48.30
N ILE D 164 -24.83 -24.36 48.19
CA ILE D 164 -24.02 -24.12 49.39
C ILE D 164 -24.56 -22.87 50.08
N LEU D 165 -25.20 -23.04 51.22
CA LEU D 165 -25.87 -21.94 51.90
C LEU D 165 -25.32 -21.66 53.29
N ASN D 166 -24.32 -22.40 53.75
CA ASN D 166 -23.75 -22.16 55.07
C ASN D 166 -22.35 -22.74 55.13
N TRP D 167 -21.44 -22.00 55.76
CA TRP D 167 -20.08 -22.48 56.01
C TRP D 167 -19.49 -21.68 57.15
N ARG D 168 -18.43 -22.21 57.73
CA ARG D 168 -17.77 -21.59 58.88
C ARG D 168 -16.25 -21.75 58.75
N GLU D 169 -15.51 -20.77 59.27
CA GLU D 169 -14.06 -20.78 59.26
C GLU D 169 -13.58 -20.61 60.71
N ARG D 170 -13.45 -21.71 61.43
CA ARG D 170 -12.98 -21.71 62.81
C ARG D 170 -11.53 -22.19 62.80
N TRP D 171 -10.63 -21.37 63.32
CA TRP D 171 -9.21 -21.70 63.33
C TRP D 171 -8.92 -22.69 64.45
N VAL D 172 -8.31 -23.81 64.08
CA VAL D 172 -7.93 -24.86 65.02
C VAL D 172 -6.41 -24.93 65.04
N ASN D 173 -5.83 -24.70 66.22
CA ASN D 173 -4.37 -24.70 66.40
C ASN D 173 -3.69 -23.77 65.39
N GLY D 174 -4.29 -22.60 65.20
CA GLY D 174 -3.72 -21.62 64.30
C GLY D 174 -3.72 -21.98 62.84
N ALA D 175 -4.76 -22.67 62.37
CA ALA D 175 -4.87 -23.05 60.96
C ALA D 175 -6.29 -22.80 60.45
N LYS D 176 -6.39 -22.41 59.19
CA LYS D 176 -7.69 -22.31 58.52
C LYS D 176 -8.31 -23.69 58.40
N ARG D 177 -9.38 -23.95 59.16
CA ARG D 177 -10.12 -25.19 59.07
C ARG D 177 -11.59 -24.86 58.86
N THR D 178 -12.21 -25.51 57.87
CA THR D 178 -13.63 -25.34 57.59
C THR D 178 -14.37 -26.36 58.45
N THR D 179 -14.99 -25.88 59.53
CA THR D 179 -15.62 -26.79 60.49
C THR D 179 -17.05 -27.16 60.10
N LEU D 180 -17.86 -26.19 59.70
CA LEU D 180 -19.24 -26.44 59.32
C LEU D 180 -19.43 -26.10 57.85
N LEU D 181 -20.22 -26.92 57.15
CA LEU D 181 -20.56 -26.64 55.76
C LEU D 181 -21.85 -27.39 55.44
N VAL D 182 -22.90 -26.64 55.15
CA VAL D 182 -24.22 -27.21 54.86
C VAL D 182 -24.62 -26.78 53.46
N PHE D 183 -24.93 -27.76 52.61
CA PHE D 183 -25.34 -27.51 51.24
C PHE D 183 -26.64 -28.24 50.95
N ARG D 184 -27.50 -27.62 50.15
CA ARG D 184 -28.79 -28.20 49.83
C ARG D 184 -28.66 -29.24 48.72
N GLU D 185 -29.26 -30.40 48.94
CA GLU D 185 -29.26 -31.49 47.97
C GLU D 185 -30.70 -31.63 47.45
N GLU D 186 -30.86 -31.53 46.15
CA GLU D 186 -32.17 -31.62 45.51
C GLU D 186 -32.31 -32.97 44.81
N SER D 187 -33.50 -33.55 44.89
CA SER D 187 -33.77 -34.84 44.28
C SER D 187 -35.23 -34.92 43.89
N ASP D 188 -35.53 -35.87 43.00
CA ASP D 188 -36.89 -36.10 42.53
C ASP D 188 -37.45 -37.34 43.22
N ALA D 189 -38.66 -37.20 43.77
CA ALA D 189 -39.28 -38.33 44.47
C ALA D 189 -39.75 -39.37 43.47
N ASP D 190 -39.36 -40.63 43.71
CA ASP D 190 -39.74 -41.74 42.84
C ASP D 190 -40.96 -42.43 43.44
N ASP D 191 -42.11 -41.78 43.33
CA ASP D 191 -43.36 -42.34 43.79
C ASP D 191 -43.91 -43.33 42.76
N ASP D 192 -45.03 -43.97 43.10
CA ASP D 192 -45.64 -44.91 42.18
C ASP D 192 -46.14 -44.21 40.92
N GLY D 193 -46.76 -43.03 41.08
CA GLY D 193 -47.30 -42.34 39.94
C GLY D 193 -46.24 -41.60 39.14
N TYR D 194 -46.66 -41.12 37.97
CA TYR D 194 -45.76 -40.37 37.10
C TYR D 194 -45.72 -38.89 37.44
N GLN D 195 -46.54 -38.43 38.38
CA GLN D 195 -46.53 -37.03 38.78
C GLN D 195 -45.18 -36.67 39.40
N ILE D 196 -44.62 -35.54 38.99
CA ILE D 196 -43.30 -35.13 39.45
C ILE D 196 -43.43 -34.41 40.79
N TYR D 197 -42.71 -34.91 41.79
CA TYR D 197 -42.64 -34.28 43.09
C TYR D 197 -41.32 -33.53 43.21
N LYS D 198 -41.05 -32.98 44.40
CA LYS D 198 -39.80 -32.25 44.62
C LYS D 198 -39.50 -32.30 46.11
N GLU D 199 -38.55 -33.15 46.49
CA GLU D 199 -38.10 -33.27 47.87
C GLU D 199 -36.64 -32.84 47.97
N GLU D 200 -36.28 -32.21 49.08
CA GLU D 200 -34.95 -31.68 49.28
C GLU D 200 -34.27 -32.40 50.43
N VAL D 201 -32.94 -32.53 50.31
CA VAL D 201 -32.11 -33.15 51.33
C VAL D 201 -31.04 -32.14 51.74
N TRP D 202 -30.79 -32.02 53.04
CA TRP D 202 -29.76 -31.13 53.56
C TRP D 202 -28.65 -31.96 54.21
N ARG D 203 -27.42 -31.72 53.76
CA ARG D 203 -26.26 -32.41 54.29
C ARG D 203 -25.50 -31.49 55.21
N GLU D 204 -25.26 -31.94 56.43
CA GLU D 204 -24.54 -31.16 57.44
C GLU D 204 -23.16 -31.77 57.63
N LEU D 205 -22.13 -31.09 57.15
CA LEU D 205 -20.75 -31.55 57.26
C LEU D 205 -20.09 -30.82 58.43
N ARG D 206 -19.64 -31.57 59.43
CA ARG D 206 -19.07 -31.00 60.63
C ARG D 206 -17.68 -31.56 60.88
N LEU D 207 -16.83 -30.74 61.47
CA LEU D 207 -15.45 -31.10 61.80
C LEU D 207 -15.19 -30.76 63.26
N VAL D 208 -15.17 -31.77 64.12
CA VAL D 208 -14.89 -31.60 65.54
C VAL D 208 -13.54 -32.23 65.84
N ASP D 209 -12.69 -31.50 66.58
CA ASP D 209 -11.32 -31.88 66.92
C ASP D 209 -10.62 -32.62 65.79
N GLY D 210 -10.69 -32.08 64.58
CA GLY D 210 -10.05 -32.70 63.44
C GLY D 210 -10.60 -34.04 63.05
N THR D 211 -11.92 -34.20 63.14
CA THR D 211 -12.58 -35.44 62.73
C THR D 211 -13.83 -35.10 61.94
N TYR D 212 -13.99 -35.73 60.78
CA TYR D 212 -15.08 -35.41 59.87
C TYR D 212 -16.34 -36.16 60.27
N TRP D 213 -17.40 -35.42 60.55
CA TRP D 213 -18.73 -35.96 60.84
C TRP D 213 -19.73 -35.44 59.82
N GLN D 214 -20.75 -36.24 59.53
CA GLN D 214 -21.75 -35.83 58.57
C GLN D 214 -23.10 -36.45 58.94
N ARG D 215 -24.17 -35.80 58.48
CA ARG D 215 -25.52 -36.31 58.64
C ARG D 215 -26.39 -35.68 57.56
N THR D 216 -27.55 -36.30 57.32
CA THR D 216 -28.48 -35.85 56.30
C THR D 216 -29.79 -35.43 56.92
N TRP D 217 -30.39 -34.38 56.35
CA TRP D 217 -31.68 -33.87 56.77
C TRP D 217 -32.66 -34.01 55.62
N ARG D 218 -33.84 -34.55 55.90
CA ARG D 218 -34.87 -34.74 54.89
C ARG D 218 -36.17 -34.07 55.34
N GLU D 219 -36.94 -33.60 54.37
CA GLU D 219 -38.19 -32.90 54.61
C GLU D 219 -39.32 -33.60 53.86
N ASN D 220 -40.46 -33.76 54.54
CA ASN D 220 -41.66 -34.32 53.92
C ASN D 220 -42.86 -33.92 54.76
N ASP D 221 -43.87 -33.33 54.11
CA ASP D 221 -45.10 -32.89 54.78
C ASP D 221 -44.80 -31.89 55.90
N GLY D 222 -43.78 -31.06 55.71
CA GLY D 222 -43.41 -30.08 56.71
C GLY D 222 -42.64 -30.61 57.90
N GLN D 223 -42.30 -31.89 57.90
CA GLN D 223 -41.58 -32.51 59.00
C GLN D 223 -40.11 -32.69 58.64
N LEU D 224 -39.24 -32.46 59.61
CA LEU D 224 -37.80 -32.58 59.42
C LEU D 224 -37.32 -33.90 60.00
N TYR D 225 -36.75 -34.75 59.15
CA TYR D 225 -36.18 -36.02 59.59
C TYR D 225 -34.68 -35.86 59.77
N VAL D 226 -34.18 -36.30 60.93
CA VAL D 226 -32.77 -36.15 61.26
C VAL D 226 -32.11 -37.52 61.21
N ASP D 227 -30.82 -37.54 60.87
CA ASP D 227 -30.04 -38.76 60.77
C ASP D 227 -28.93 -38.72 61.82
N ASP D 228 -28.58 -39.91 62.33
CA ASP D 228 -27.55 -40.01 63.34
C ASP D 228 -26.19 -39.63 62.78
N TRP D 229 -25.36 -39.05 63.63
CA TRP D 229 -24.01 -38.64 63.23
C TRP D 229 -23.17 -39.86 62.87
N ILE D 230 -22.49 -39.79 61.74
CA ILE D 230 -21.62 -40.86 61.28
C ILE D 230 -20.25 -40.29 60.93
N SER D 231 -19.25 -41.16 60.96
CA SER D 231 -17.87 -40.78 60.66
C SER D 231 -17.33 -41.65 59.54
N PRO D 232 -17.37 -41.19 58.29
CA PRO D 232 -16.76 -41.97 57.20
C PRO D 232 -15.28 -42.16 57.44
N THR D 233 -14.78 -43.34 57.05
CA THR D 233 -13.39 -43.70 57.28
C THR D 233 -12.78 -44.25 55.99
N LYS D 234 -11.48 -44.07 55.86
CA LYS D 234 -10.75 -44.58 54.71
C LYS D 234 -10.55 -46.08 54.82
N ALA D 235 -10.06 -46.68 53.74
CA ALA D 235 -9.79 -48.11 53.74
C ALA D 235 -8.74 -48.48 54.78
N ASP D 236 -7.67 -47.69 54.87
CA ASP D 236 -6.66 -47.92 55.91
C ASP D 236 -7.23 -47.63 57.29
N GLY D 237 -8.06 -46.60 57.41
CA GLY D 237 -8.65 -46.25 58.69
C GLY D 237 -8.42 -44.80 59.07
N SER D 238 -8.29 -44.54 60.37
CA SER D 238 -7.99 -43.21 60.90
C SER D 238 -9.07 -42.19 60.55
N GLN D 239 -10.27 -42.67 60.20
CA GLN D 239 -11.41 -41.82 59.89
C GLN D 239 -11.05 -40.75 58.86
N PHE D 240 -11.25 -39.48 59.19
CA PHE D 240 -10.93 -38.39 58.27
C PHE D 240 -10.47 -37.18 59.07
N ASP D 241 -9.43 -36.51 58.58
CA ASP D 241 -8.89 -35.34 59.27
C ASP D 241 -9.50 -34.03 58.75
N GLU D 242 -10.01 -34.03 57.52
CA GLU D 242 -10.58 -32.83 56.93
C GLU D 242 -11.88 -33.19 56.23
N ILE D 243 -12.74 -32.19 56.06
CA ILE D 243 -14.03 -32.38 55.39
C ILE D 243 -13.78 -32.55 53.89
N PRO D 244 -14.28 -33.61 53.27
CA PRO D 244 -14.07 -33.82 51.82
C PRO D 244 -14.96 -32.93 50.98
N PHE D 245 -14.80 -31.62 51.13
CA PHE D 245 -15.53 -30.64 50.35
C PHE D 245 -14.60 -29.51 49.98
N VAL D 246 -14.55 -29.17 48.69
CA VAL D 246 -13.73 -28.09 48.18
C VAL D 246 -14.62 -27.13 47.40
N ILE D 247 -14.51 -25.85 47.72
CA ILE D 247 -15.27 -24.80 47.04
C ILE D 247 -14.33 -24.09 46.08
N PHE D 248 -14.61 -24.22 44.79
CA PHE D 248 -13.77 -23.62 43.74
C PHE D 248 -14.46 -22.40 43.17
N GLY D 249 -13.68 -21.35 42.94
CA GLY D 249 -14.20 -20.11 42.38
C GLY D 249 -13.22 -19.52 41.38
N SER D 250 -13.64 -18.39 40.80
CA SER D 250 -12.80 -17.70 39.84
C SER D 250 -11.52 -17.18 40.49
N LYS D 251 -11.63 -16.67 41.72
CA LYS D 251 -10.47 -16.09 42.39
C LYS D 251 -9.57 -17.17 42.97
N ASN D 252 -10.09 -17.97 43.89
CA ASN D 252 -9.30 -19.00 44.54
C ASN D 252 -10.24 -20.04 45.14
N ASN D 253 -9.65 -21.16 45.56
CA ASN D 253 -10.41 -22.25 46.17
C ASN D 253 -10.56 -22.01 47.66
N ASP D 254 -11.42 -21.05 47.98
CA ASP D 254 -11.68 -20.64 49.35
C ASP D 254 -13.18 -20.62 49.61
N PRO D 255 -13.61 -20.86 50.84
CA PRO D 255 -15.05 -20.75 51.15
C PRO D 255 -15.60 -19.36 50.95
N THR D 256 -14.76 -18.32 51.00
CA THR D 256 -15.23 -16.97 50.80
C THR D 256 -15.69 -16.77 49.36
N ILE D 257 -16.78 -16.02 49.19
CA ILE D 257 -17.36 -15.81 47.87
C ILE D 257 -16.46 -14.92 47.03
N ASP D 258 -16.34 -15.25 45.75
CA ASP D 258 -15.56 -14.48 44.80
C ASP D 258 -16.49 -13.76 43.83
N MET D 259 -16.08 -12.57 43.41
CA MET D 259 -16.89 -11.79 42.49
C MET D 259 -16.97 -12.50 41.14
N PRO D 260 -18.17 -12.66 40.58
CA PRO D 260 -18.28 -13.32 39.28
C PRO D 260 -17.57 -12.53 38.20
N PRO D 261 -16.88 -13.21 37.28
CA PRO D 261 -16.15 -12.48 36.22
C PRO D 261 -17.06 -11.83 35.19
N MET D 262 -18.33 -12.19 35.13
CA MET D 262 -19.23 -11.75 34.07
C MET D 262 -20.17 -10.64 34.53
N ARG D 263 -19.94 -10.06 35.70
CA ARG D 263 -20.84 -9.02 36.21
C ARG D 263 -20.83 -7.78 35.31
N ASP D 264 -19.63 -7.30 34.97
CA ASP D 264 -19.54 -6.09 34.16
C ASP D 264 -20.11 -6.31 32.77
N LEU D 265 -19.84 -7.47 32.17
CA LEU D 265 -20.41 -7.79 30.86
C LEU D 265 -21.93 -7.88 30.94
N VAL D 266 -22.46 -8.43 32.03
CA VAL D 266 -23.92 -8.51 32.19
C VAL D 266 -24.53 -7.12 32.28
N GLU D 267 -23.92 -6.23 33.06
CA GLU D 267 -24.44 -4.86 33.14
C GLU D 267 -24.36 -4.15 31.81
N LEU D 268 -23.25 -4.33 31.08
CA LEU D 268 -23.13 -3.71 29.77
C LEU D 268 -24.18 -4.25 28.81
N ASN D 269 -24.43 -5.56 28.86
CA ASN D 269 -25.45 -6.15 27.99
C ASN D 269 -26.84 -5.62 28.33
N ILE D 270 -27.14 -5.42 29.62
CA ILE D 270 -28.43 -4.87 30.01
C ILE D 270 -28.57 -3.44 29.50
N ALA D 271 -27.51 -2.64 29.63
CA ALA D 271 -27.56 -1.27 29.13
C ALA D 271 -27.76 -1.26 27.62
N HIS D 272 -27.06 -2.12 26.90
CA HIS D 272 -27.26 -2.22 25.46
C HIS D 272 -28.68 -2.68 25.13
N PHE D 273 -29.26 -3.54 25.96
CA PHE D 273 -30.62 -4.00 25.72
C PHE D 273 -31.61 -2.85 25.84
N ARG D 274 -31.47 -2.02 26.87
CA ARG D 274 -32.39 -0.89 27.00
C ARG D 274 -32.18 0.14 25.90
N ASN D 275 -30.92 0.36 25.51
CA ASN D 275 -30.65 1.23 24.37
C ASN D 275 -31.29 0.69 23.09
N SER D 276 -31.24 -0.63 22.91
CA SER D 276 -31.86 -1.25 21.75
C SER D 276 -33.38 -1.12 21.80
N ALA D 277 -33.97 -1.20 23.00
CA ALA D 277 -35.40 -0.96 23.12
C ALA D 277 -35.76 0.44 22.63
N ASP D 278 -35.02 1.44 23.11
CA ASP D 278 -35.27 2.82 22.67
C ASP D 278 -35.09 2.95 21.16
N TYR D 279 -34.01 2.39 20.63
CA TYR D 279 -33.71 2.52 19.20
C TYR D 279 -34.77 1.84 18.36
N GLU D 280 -35.24 0.67 18.77
CA GLU D 280 -36.27 -0.03 18.03
C GLU D 280 -37.59 0.72 18.06
N GLU D 281 -37.94 1.31 19.21
CA GLU D 281 -39.15 2.13 19.26
C GLU D 281 -39.04 3.31 18.29
N ALA D 282 -37.88 3.98 18.29
CA ALA D 282 -37.69 5.11 17.38
C ALA D 282 -37.77 4.66 15.92
N CYS D 283 -37.18 3.51 15.60
CA CYS D 283 -37.22 3.01 14.23
C CYS D 283 -38.63 2.66 13.81
N PHE D 284 -39.41 2.05 14.71
CA PHE D 284 -40.78 1.71 14.38
C PHE D 284 -41.62 2.95 14.16
N ILE D 285 -41.45 3.98 14.99
CA ILE D 285 -42.32 5.15 14.89
C ILE D 285 -41.88 6.08 13.76
N CYS D 286 -40.67 6.62 13.87
CA CYS D 286 -40.22 7.67 12.97
C CYS D 286 -39.40 7.15 11.79
N GLY D 287 -39.24 5.83 11.66
CA GLY D 287 -38.44 5.30 10.57
C GLY D 287 -39.13 5.34 9.23
N GLN D 288 -40.45 5.34 9.22
CA GLN D 288 -41.20 5.34 7.96
C GLN D 288 -41.33 6.77 7.43
N PRO D 289 -40.95 7.01 6.18
CA PRO D 289 -41.12 8.35 5.62
C PRO D 289 -42.59 8.74 5.47
N THR D 290 -42.86 10.03 5.60
CA THR D 290 -44.21 10.58 5.52
C THR D 290 -44.24 11.78 4.59
N LEU D 291 -45.38 11.99 3.94
CA LEU D 291 -45.47 13.03 2.91
C LEU D 291 -45.36 14.43 3.52
N PHE D 292 -46.14 14.72 4.55
CA PHE D 292 -46.14 16.02 5.22
C PHE D 292 -46.43 17.15 4.24
N LEU D 293 -47.63 17.11 3.67
CA LEU D 293 -48.05 18.12 2.70
C LEU D 293 -48.41 19.40 3.44
N SER D 294 -47.46 20.33 3.50
CA SER D 294 -47.68 21.61 4.16
C SER D 294 -48.33 22.60 3.20
N GLY D 295 -48.93 23.64 3.77
CA GLY D 295 -49.62 24.64 2.97
C GLY D 295 -50.81 24.11 2.22
N LEU D 296 -51.62 23.28 2.87
CA LEU D 296 -52.75 22.63 2.23
C LEU D 296 -54.05 23.08 2.89
N THR D 297 -55.06 23.33 2.07
CA THR D 297 -56.36 23.77 2.55
C THR D 297 -57.37 22.63 2.47
N GLU D 298 -58.33 22.63 3.40
CA GLU D 298 -59.34 21.58 3.44
C GLU D 298 -60.17 21.58 2.17
N HIS D 299 -60.47 22.75 1.62
CA HIS D 299 -61.22 22.82 0.38
C HIS D 299 -60.50 22.09 -0.75
N TRP D 300 -59.18 22.31 -0.86
CA TRP D 300 -58.39 21.62 -1.87
C TRP D 300 -58.39 20.12 -1.63
N VAL D 301 -58.24 19.71 -0.37
CA VAL D 301 -58.23 18.28 -0.04
C VAL D 301 -59.52 17.62 -0.50
N LYS D 302 -60.66 18.20 -0.14
CA LYS D 302 -61.94 17.62 -0.53
C LYS D 302 -62.17 17.72 -2.04
N ASN D 303 -61.63 18.76 -2.69
CA ASN D 303 -61.87 18.93 -4.11
C ASN D 303 -61.14 17.88 -4.94
N VAL D 304 -59.85 17.69 -4.68
CA VAL D 304 -59.02 16.80 -5.51
C VAL D 304 -58.52 15.60 -4.72
N LEU D 305 -57.94 15.82 -3.55
CA LEU D 305 -57.37 14.71 -2.79
C LEU D 305 -58.46 13.78 -2.28
N GLY D 306 -59.48 14.33 -1.64
CA GLY D 306 -60.58 13.53 -1.13
C GLY D 306 -60.16 12.49 -0.10
N GLY D 307 -59.18 12.82 0.74
CA GLY D 307 -58.69 11.86 1.71
C GLY D 307 -58.04 10.64 1.11
N ALA D 308 -57.39 10.79 -0.04
CA ALA D 308 -56.72 9.68 -0.70
C ALA D 308 -55.69 10.24 -1.67
N VAL D 309 -54.42 9.89 -1.45
CA VAL D 309 -53.32 10.37 -2.27
C VAL D 309 -52.70 9.19 -2.99
N VAL D 310 -52.65 9.24 -4.31
CA VAL D 310 -51.97 8.23 -5.11
C VAL D 310 -50.48 8.56 -5.15
N ILE D 311 -49.66 7.60 -4.75
CA ILE D 311 -48.24 7.80 -4.55
C ILE D 311 -47.40 7.01 -5.54
N GLY D 312 -48.02 6.29 -6.46
CA GLY D 312 -47.26 5.59 -7.47
C GLY D 312 -46.62 6.53 -8.47
N SER D 313 -45.63 6.01 -9.20
CA SER D 313 -44.98 6.80 -10.23
C SER D 313 -45.86 7.03 -11.45
N ARG D 314 -46.96 6.28 -11.59
CA ARG D 314 -47.85 6.47 -12.71
C ARG D 314 -48.67 7.75 -12.59
N ASP D 315 -48.99 8.16 -11.36
CA ASP D 315 -49.87 9.29 -11.12
C ASP D 315 -49.10 10.46 -10.50
N ALA D 316 -49.50 11.66 -10.88
CA ALA D 316 -48.95 12.89 -10.34
C ALA D 316 -49.99 13.62 -9.52
N VAL D 317 -49.59 14.11 -8.36
CA VAL D 317 -50.50 14.75 -7.40
C VAL D 317 -50.27 16.26 -7.45
N PRO D 318 -51.30 17.06 -7.72
CA PRO D 318 -51.14 18.52 -7.72
C PRO D 318 -51.42 19.14 -6.37
N LEU D 319 -50.79 20.28 -6.13
CA LEU D 319 -50.93 21.03 -4.90
C LEU D 319 -51.16 22.50 -5.21
N PRO D 320 -51.79 23.24 -4.29
CA PRO D 320 -52.00 24.68 -4.53
C PRO D 320 -50.70 25.48 -4.44
N VAL D 321 -50.80 26.79 -4.58
CA VAL D 321 -49.62 27.63 -4.56
C VAL D 321 -49.00 27.66 -3.16
N ASN D 322 -47.70 27.89 -3.10
CA ASN D 322 -46.95 27.98 -1.85
C ASN D 322 -47.12 26.73 -0.99
N ALA D 323 -47.16 25.57 -1.65
CA ALA D 323 -47.26 24.29 -0.98
C ALA D 323 -45.96 23.53 -1.13
N LYS D 324 -45.39 23.10 -0.01
CA LYS D 324 -44.10 22.42 0.00
C LYS D 324 -44.25 20.99 0.50
N PRO D 325 -44.21 19.99 -0.36
CA PRO D 325 -44.18 18.60 0.12
C PRO D 325 -42.77 18.22 0.53
N GLU D 326 -42.67 17.56 1.68
CA GLU D 326 -41.35 17.24 2.25
C GLU D 326 -41.43 15.88 2.91
N LEU D 327 -40.80 14.87 2.30
CA LEU D 327 -40.70 13.57 2.94
C LEU D 327 -39.83 13.67 4.18
N LEU D 328 -40.35 13.21 5.31
CA LEU D 328 -39.66 13.29 6.60
C LEU D 328 -39.49 11.90 7.19
N GLN D 329 -38.26 11.57 7.56
CA GLN D 329 -37.98 10.33 8.27
C GLN D 329 -36.70 10.52 9.07
N ALA D 330 -36.58 9.76 10.15
CA ALA D 330 -35.39 9.85 10.98
C ALA D 330 -34.18 9.35 10.22
N GLU D 331 -33.15 10.19 10.13
CA GLU D 331 -31.95 9.83 9.40
C GLU D 331 -31.08 8.88 10.23
N GLY D 332 -30.06 8.33 9.56
CA GLY D 332 -29.16 7.41 10.20
C GLY D 332 -28.13 8.10 11.07
N ASN D 333 -27.23 7.29 11.62
CA ASN D 333 -26.17 7.77 12.50
C ASN D 333 -26.74 8.51 13.71
N GLY D 334 -27.87 8.02 14.22
CA GLY D 334 -28.44 8.60 15.41
C GLY D 334 -27.58 8.38 16.64
N MET D 335 -27.71 9.29 17.60
CA MET D 335 -26.85 9.22 18.77
C MET D 335 -27.20 8.03 19.66
N VAL D 336 -28.45 7.55 19.59
CA VAL D 336 -28.79 6.29 20.25
C VAL D 336 -28.02 5.14 19.63
N LYS D 337 -27.96 5.09 18.30
CA LYS D 337 -27.16 4.07 17.64
C LYS D 337 -25.68 4.22 17.96
N GLU D 338 -25.22 5.46 18.10
CA GLU D 338 -23.83 5.70 18.49
C GLU D 338 -23.56 5.15 19.88
N ALA D 339 -24.50 5.34 20.82
CA ALA D 339 -24.34 4.78 22.16
C ALA D 339 -24.33 3.25 22.11
N MET D 340 -25.20 2.66 21.29
CA MET D 340 -25.22 1.20 21.16
C MET D 340 -23.89 0.68 20.61
N ASP D 341 -23.35 1.35 19.59
CA ASP D 341 -22.06 0.96 19.04
C ASP D 341 -20.96 1.10 20.07
N GLN D 342 -21.00 2.18 20.87
CA GLN D 342 -20.01 2.35 21.93
C GLN D 342 -20.09 1.22 22.95
N LYS D 343 -21.31 0.82 23.33
CA LYS D 343 -21.46 -0.28 24.29
C LYS D 343 -20.97 -1.59 23.71
N GLU D 344 -21.25 -1.86 22.43
CA GLU D 344 -20.71 -3.07 21.80
C GLU D 344 -19.19 -3.05 21.77
N ARG D 345 -18.61 -1.90 21.44
CA ARG D 345 -17.16 -1.78 21.44
C ARG D 345 -16.59 -2.00 22.84
N GLN D 346 -17.26 -1.49 23.86
CA GLN D 346 -16.81 -1.70 25.23
C GLN D 346 -16.88 -3.17 25.62
N MET D 347 -17.94 -3.87 25.20
CA MET D 347 -18.01 -5.30 25.48
C MET D 347 -16.87 -6.06 24.79
N VAL D 348 -16.58 -5.71 23.54
CA VAL D 348 -15.46 -6.34 22.85
C VAL D 348 -14.16 -6.04 23.57
N ALA D 349 -14.00 -4.81 24.03
CA ALA D 349 -12.76 -4.39 24.65
C ALA D 349 -12.62 -4.90 26.09
N LEU D 350 -13.69 -5.42 26.68
CA LEU D 350 -13.65 -5.92 28.04
C LEU D 350 -13.12 -7.35 28.11
N GLY D 351 -12.33 -7.77 27.13
CA GLY D 351 -11.76 -9.10 27.13
C GLY D 351 -12.79 -10.20 26.97
N ALA D 352 -13.78 -9.98 26.11
CA ALA D 352 -14.86 -10.94 25.91
C ALA D 352 -14.82 -11.45 24.48
N LYS D 353 -14.88 -12.77 24.34
CA LYS D 353 -15.00 -13.42 23.05
C LYS D 353 -16.45 -13.47 22.58
N LEU D 354 -17.28 -12.56 23.09
CA LEU D 354 -18.71 -12.59 22.81
C LEU D 354 -19.00 -12.39 21.33
N ILE D 355 -18.28 -11.50 20.65
CA ILE D 355 -18.44 -11.33 19.22
C ILE D 355 -17.09 -11.22 18.53
N ASP D 356 -17.11 -11.51 17.24
CA ASP D 356 -15.98 -11.35 16.35
C ASP D 356 -16.39 -10.49 15.16
N SER D 357 -15.44 -9.71 14.65
CA SER D 357 -15.70 -8.77 13.57
C SER D 357 -14.84 -9.13 12.36
N ASP D 358 -15.49 -9.34 11.21
CA ASP D 358 -14.74 -9.61 9.99
C ASP D 358 -14.05 -8.36 9.47
N LYS D 359 -14.65 -7.19 9.67
CA LYS D 359 -14.05 -5.95 9.20
C LYS D 359 -12.72 -5.68 9.89
N THR D 360 -12.66 -5.92 11.20
CA THR D 360 -11.44 -5.66 11.96
C THR D 360 -10.33 -6.61 11.51
N GLN D 361 -9.12 -6.07 11.39
CA GLN D 361 -7.94 -6.84 11.01
C GLN D 361 -6.87 -6.67 12.07
N ARG D 362 -6.18 -7.76 12.40
CA ARG D 362 -5.16 -7.76 13.42
C ARG D 362 -3.86 -8.30 12.83
N THR D 363 -2.77 -7.57 13.05
CA THR D 363 -1.45 -7.99 12.60
C THR D 363 -0.98 -9.18 13.42
N PHE D 364 -0.46 -10.20 12.74
CA PHE D 364 0.04 -11.38 13.43
C PHE D 364 1.25 -11.02 14.28
N GLY D 365 1.33 -11.61 15.47
CA GLY D 365 2.38 -11.33 16.42
C GLY D 365 2.05 -10.26 17.43
N GLU D 366 1.07 -9.41 17.15
CA GLU D 366 0.64 -8.42 18.14
C GLU D 366 -0.12 -9.07 19.28
N ALA D 367 -1.06 -9.97 18.95
CA ALA D 367 -1.87 -10.63 19.97
C ALA D 367 -1.06 -11.58 20.83
N SER D 368 0.13 -11.98 20.39
CA SER D 368 0.96 -12.88 21.20
C SER D 368 1.41 -12.19 22.48
N MET D 369 1.60 -10.87 22.45
CA MET D 369 1.99 -10.14 23.65
C MET D 369 0.85 -10.09 24.66
N GLU D 370 -0.38 -9.86 24.18
CA GLU D 370 -1.52 -9.72 25.07
C GLU D 370 -2.18 -11.04 25.44
N ALA D 371 -1.81 -12.14 24.79
CA ALA D 371 -2.47 -13.42 25.05
C ALA D 371 -2.42 -13.80 26.53
N ALA D 372 -1.38 -13.40 27.24
CA ALA D 372 -1.32 -13.68 28.67
C ALA D 372 -2.43 -12.94 29.43
N ALA D 373 -2.68 -11.69 29.06
CA ALA D 373 -3.70 -10.91 29.75
C ALA D 373 -5.11 -11.30 29.32
N GLN D 374 -5.32 -11.59 28.04
CA GLN D 374 -6.66 -11.92 27.56
C GLN D 374 -7.15 -13.22 28.18
N ASN D 375 -6.28 -14.23 28.29
CA ASN D 375 -6.64 -15.52 28.86
C ASN D 375 -6.38 -15.59 30.35
N SER D 376 -6.41 -14.45 31.05
CA SER D 376 -6.12 -14.45 32.48
C SER D 376 -7.20 -15.19 33.25
N VAL D 377 -8.46 -14.85 33.01
CA VAL D 377 -9.56 -15.51 33.70
C VAL D 377 -9.62 -16.99 33.27
N LEU D 378 -9.35 -17.26 32.00
CA LEU D 378 -9.31 -18.64 31.54
C LEU D 378 -8.29 -19.45 32.31
N SER D 379 -7.05 -18.93 32.41
CA SER D 379 -6.00 -19.65 33.12
C SER D 379 -6.34 -19.81 34.60
N ARG D 380 -6.87 -18.75 35.21
CA ARG D 380 -7.19 -18.82 36.64
C ARG D 380 -8.25 -19.88 36.91
N VAL D 381 -9.32 -19.88 36.11
CA VAL D 381 -10.38 -20.88 36.29
C VAL D 381 -9.84 -22.28 36.01
N SER D 382 -9.00 -22.42 34.98
CA SER D 382 -8.44 -23.72 34.66
C SER D 382 -7.64 -24.27 35.83
N LYS D 383 -6.73 -23.47 36.39
CA LYS D 383 -5.95 -23.94 37.53
C LYS D 383 -6.83 -24.23 38.74
N ASN D 384 -7.80 -23.36 39.03
CA ASN D 384 -8.66 -23.57 40.19
C ASN D 384 -9.42 -24.88 40.08
N VAL D 385 -10.03 -25.14 38.92
CA VAL D 385 -10.76 -26.40 38.73
C VAL D 385 -9.79 -27.57 38.75
N SER D 386 -8.57 -27.39 38.23
CA SER D 386 -7.60 -28.48 38.25
C SER D 386 -7.26 -28.88 39.69
N ASP D 387 -6.98 -27.91 40.55
CA ASP D 387 -6.68 -28.24 41.94
C ASP D 387 -7.90 -28.81 42.66
N ALA D 388 -9.09 -28.28 42.37
CA ALA D 388 -10.30 -28.81 43.00
C ALA D 388 -10.50 -30.27 42.66
N TYR D 389 -10.36 -30.62 41.37
CA TYR D 389 -10.58 -32.00 40.97
C TYR D 389 -9.44 -32.90 41.42
N THR D 390 -8.21 -32.37 41.49
CA THR D 390 -7.11 -33.15 42.05
C THR D 390 -7.37 -33.49 43.51
N LYS D 391 -7.84 -32.52 44.29
CA LYS D 391 -8.17 -32.78 45.69
C LYS D 391 -9.30 -33.78 45.81
N ALA D 392 -10.33 -33.67 44.95
CA ALA D 392 -11.43 -34.62 44.99
C ALA D 392 -10.95 -36.03 44.65
N LEU D 393 -10.08 -36.16 43.65
CA LEU D 393 -9.56 -37.47 43.28
C LEU D 393 -8.68 -38.04 44.38
N ARG D 394 -7.91 -37.19 45.06
CA ARG D 394 -7.10 -37.67 46.18
C ARG D 394 -7.99 -38.15 47.32
N TRP D 395 -9.09 -37.46 47.59
CA TRP D 395 -10.03 -37.92 48.60
C TRP D 395 -10.67 -39.24 48.21
N ALA D 396 -11.01 -39.40 46.93
CA ALA D 396 -11.54 -40.67 46.47
C ALA D 396 -10.52 -41.79 46.61
N ALA D 397 -9.26 -41.51 46.30
CA ALA D 397 -8.20 -42.50 46.47
C ALA D 397 -8.04 -42.87 47.94
N MET D 398 -8.14 -41.89 48.84
CA MET D 398 -8.13 -42.19 50.27
C MET D 398 -9.29 -43.09 50.63
N PHE D 399 -10.47 -42.83 50.06
CA PHE D 399 -11.63 -43.68 50.31
C PHE D 399 -11.38 -45.12 49.86
N LEU D 400 -10.77 -45.29 48.69
CA LEU D 400 -10.47 -46.61 48.16
C LEU D 400 -9.11 -47.14 48.58
N GLY D 401 -8.32 -46.36 49.32
CA GLY D 401 -6.98 -46.79 49.68
C GLY D 401 -6.07 -46.98 48.49
N LEU D 402 -6.19 -46.13 47.48
CA LEU D 402 -5.43 -46.24 46.24
C LEU D 402 -4.19 -45.35 46.30
N ASP D 403 -3.52 -45.23 45.17
CA ASP D 403 -2.34 -44.37 45.07
C ASP D 403 -2.73 -42.91 45.24
N GLU D 404 -1.91 -42.16 45.98
CA GLU D 404 -2.23 -40.78 46.30
C GLU D 404 -1.65 -39.78 45.31
N LYS D 405 -0.51 -40.08 44.70
CA LYS D 405 0.14 -39.15 43.78
C LYS D 405 -0.55 -39.21 42.41
N ILE D 406 -1.76 -38.66 42.38
CA ILE D 406 -2.54 -38.55 41.17
C ILE D 406 -2.83 -37.08 40.91
N GLU D 407 -3.01 -36.74 39.63
CA GLU D 407 -3.26 -35.36 39.23
C GLU D 407 -4.32 -35.32 38.13
N TYR D 408 -5.03 -34.20 38.07
CA TYR D 408 -6.02 -33.95 37.03
C TYR D 408 -5.85 -32.51 36.59
N GLU D 409 -5.29 -32.32 35.40
CA GLU D 409 -4.99 -30.99 34.87
C GLU D 409 -5.75 -30.78 33.58
N LEU D 410 -6.46 -29.66 33.50
CA LEU D 410 -7.19 -29.29 32.29
C LEU D 410 -6.25 -28.59 31.31
N ASN D 411 -6.77 -28.33 30.11
CA ASN D 411 -5.97 -27.70 29.07
C ASN D 411 -5.59 -26.27 29.46
N SER D 412 -4.33 -26.09 29.87
CA SER D 412 -3.85 -24.77 30.23
C SER D 412 -3.23 -24.02 29.04
N ASP D 413 -3.10 -24.68 27.90
CA ASP D 413 -2.57 -24.04 26.70
C ASP D 413 -3.73 -23.66 25.81
N PHE D 414 -4.11 -22.38 25.83
CA PHE D 414 -5.26 -21.88 25.08
C PHE D 414 -4.81 -21.51 23.67
N ASP D 415 -5.74 -20.99 22.87
CA ASP D 415 -5.48 -20.66 21.46
C ASP D 415 -4.95 -21.88 20.71
N ILE D 416 -5.54 -23.04 20.98
CA ILE D 416 -5.09 -24.30 20.41
C ILE D 416 -5.52 -24.40 18.96
N ASN D 417 -4.61 -24.86 18.10
CA ASN D 417 -4.91 -25.04 16.69
C ASN D 417 -4.12 -26.24 16.18
N LYS D 418 -4.42 -26.63 14.94
CA LYS D 418 -3.71 -27.75 14.32
C LYS D 418 -2.22 -27.42 14.18
N MET D 419 -1.38 -28.39 14.55
CA MET D 419 0.05 -28.17 14.52
C MET D 419 0.58 -28.18 13.08
N SER D 420 1.59 -27.35 12.84
CA SER D 420 2.17 -27.21 11.52
C SER D 420 3.17 -28.33 11.25
N PRO D 421 3.45 -28.61 9.97
CA PRO D 421 4.48 -29.61 9.65
C PRO D 421 5.83 -29.32 10.28
N GLU D 422 6.23 -28.05 10.33
CA GLU D 422 7.47 -27.69 11.00
C GLU D 422 7.39 -27.99 12.50
N GLU D 423 6.25 -27.70 13.12
CA GLU D 423 6.06 -28.03 14.52
C GLU D 423 6.10 -29.53 14.74
N LEU D 424 5.52 -30.30 13.81
CA LEU D 424 5.57 -31.75 13.93
C LEU D 424 7.00 -32.26 13.85
N ALA D 425 7.78 -31.76 12.90
CA ALA D 425 9.17 -32.15 12.82
C ALA D 425 9.93 -31.76 14.08
N ALA D 426 9.63 -30.58 14.64
CA ALA D 426 10.30 -30.14 15.85
C ALA D 426 10.00 -31.07 17.02
N VAL D 427 8.74 -31.46 17.20
CA VAL D 427 8.42 -32.32 18.34
C VAL D 427 9.00 -33.73 18.13
N ILE D 428 9.03 -34.21 16.88
CA ILE D 428 9.65 -35.51 16.63
C ILE D 428 11.14 -35.46 16.96
N SER D 429 11.81 -34.38 16.55
CA SER D 429 13.23 -34.24 16.85
C SER D 429 13.46 -34.13 18.35
N ALA D 430 12.59 -33.42 19.06
CA ALA D 430 12.71 -33.30 20.50
C ALA D 430 12.54 -34.65 21.19
N TRP D 431 11.59 -35.46 20.71
CA TRP D 431 11.40 -36.79 21.29
C TRP D 431 12.61 -37.68 21.01
N GLN D 432 13.21 -37.55 19.83
CA GLN D 432 14.40 -38.34 19.52
C GLN D 432 15.57 -38.03 20.45
N SER D 433 15.57 -36.85 21.05
CA SER D 433 16.49 -36.52 22.12
C SER D 433 15.86 -36.77 23.47
N ASN D 434 16.69 -36.79 24.51
CA ASN D 434 16.20 -37.07 25.87
C ASN D 434 15.71 -35.78 26.53
N ALA D 435 14.71 -35.17 25.90
CA ALA D 435 14.17 -33.91 26.40
C ALA D 435 12.65 -33.95 26.51
N ILE D 436 12.00 -34.73 25.64
CA ILE D 436 10.54 -34.87 25.65
C ILE D 436 10.21 -36.35 25.81
N SER D 437 9.33 -36.65 26.76
CA SER D 437 8.90 -38.02 26.99
C SER D 437 8.08 -38.53 25.79
N PHE D 438 8.12 -39.84 25.60
CA PHE D 438 7.34 -40.44 24.51
C PHE D 438 5.86 -40.15 24.69
N THR D 439 5.34 -40.31 25.90
CA THR D 439 3.96 -39.93 26.17
C THR D 439 3.77 -38.43 26.06
N GLU D 440 4.79 -37.64 26.41
CA GLU D 440 4.71 -36.20 26.21
C GLU D 440 4.57 -35.84 24.73
N MET D 441 5.36 -36.51 23.87
CA MET D 441 5.23 -36.25 22.44
C MET D 441 3.89 -36.73 21.91
N ARG D 442 3.39 -37.85 22.43
CA ARG D 442 2.07 -38.32 22.03
C ARG D 442 0.99 -37.32 22.43
N TRP D 443 1.10 -36.75 23.63
CA TRP D 443 0.14 -35.74 24.06
C TRP D 443 0.25 -34.49 23.19
N GLN D 444 1.47 -34.11 22.82
CA GLN D 444 1.66 -33.01 21.89
C GLN D 444 0.94 -33.27 20.57
N ILE D 445 1.15 -34.45 19.99
CA ILE D 445 0.61 -34.74 18.67
C ILE D 445 -0.90 -34.94 18.73
N LYS D 446 -1.44 -35.33 19.88
CA LYS D 446 -2.89 -35.38 20.05
C LYS D 446 -3.49 -34.00 20.24
N LYS D 447 -2.76 -33.10 20.91
CA LYS D 447 -3.25 -31.73 21.09
C LYS D 447 -3.39 -31.03 19.75
N GLY D 448 -2.45 -31.27 18.82
CA GLY D 448 -2.48 -30.68 17.51
C GLY D 448 -3.42 -31.34 16.53
N GLY D 449 -4.22 -32.30 16.99
CA GLY D 449 -5.15 -33.00 16.11
C GLY D 449 -4.46 -33.84 15.06
N ARG D 450 -3.37 -34.52 15.42
CA ARG D 450 -2.63 -35.33 14.47
C ARG D 450 -2.61 -36.81 14.83
N ALA D 451 -3.27 -37.22 15.92
CA ALA D 451 -3.33 -38.62 16.30
C ALA D 451 -4.54 -38.83 17.19
N TYR D 452 -5.09 -40.04 17.14
CA TYR D 452 -6.28 -40.34 17.91
C TYR D 452 -6.12 -41.61 18.73
N LEU D 453 -5.34 -42.57 18.24
CA LEU D 453 -5.15 -43.81 18.97
C LEU D 453 -4.35 -43.57 20.25
N GLU D 454 -4.59 -44.43 21.23
CA GLU D 454 -3.90 -44.34 22.50
C GLU D 454 -2.42 -44.69 22.32
N ASP D 455 -1.61 -44.27 23.29
CA ASP D 455 -0.18 -44.55 23.23
C ASP D 455 0.09 -46.05 23.27
N GLU D 456 -0.65 -46.79 24.10
CA GLU D 456 -0.44 -48.23 24.19
C GLU D 456 -0.79 -48.93 22.89
N ASP D 457 -1.88 -48.52 22.24
CA ASP D 457 -2.24 -49.12 20.96
C ASP D 457 -1.18 -48.86 19.90
N MET D 458 -0.65 -47.64 19.86
CA MET D 458 0.42 -47.32 18.91
C MET D 458 1.66 -48.15 19.20
N ARG D 459 2.03 -48.28 20.47
CA ARG D 459 3.18 -49.10 20.83
C ARG D 459 2.98 -50.55 20.41
N ASN D 460 1.79 -51.09 20.67
CA ASN D 460 1.52 -52.49 20.32
C ASN D 460 1.59 -52.70 18.82
N GLU D 461 1.05 -51.76 18.04
CA GLU D 461 1.08 -51.95 16.59
C GLU D 461 2.48 -51.76 16.02
N SER D 462 3.24 -50.80 16.57
CA SER D 462 4.59 -50.55 16.08
C SER D 462 5.61 -51.55 16.62
N GLU D 463 5.22 -52.41 17.58
CA GLU D 463 6.15 -53.42 18.07
C GLU D 463 6.49 -54.42 16.97
N GLN D 464 5.53 -54.78 16.13
CA GLN D 464 5.76 -55.74 15.07
C GLN D 464 6.59 -55.10 13.95
N ASP D 465 6.99 -55.95 13.01
CA ASP D 465 7.84 -55.52 11.91
C ASP D 465 7.09 -54.61 10.95
N ASP D 466 7.84 -53.83 10.19
CA ASP D 466 7.24 -52.95 9.20
C ASP D 466 6.61 -53.77 8.07
N PRO D 467 5.57 -53.25 7.43
CA PRO D 467 4.98 -53.97 6.30
C PRO D 467 5.95 -54.16 5.15
N LEU D 468 6.53 -53.06 4.67
CA LEU D 468 7.45 -53.07 3.53
C LEU D 468 6.88 -53.82 2.34
N ASP E 3 -4.36 9.66 69.89
CA ASP E 3 -3.55 8.61 70.48
C ASP E 3 -4.37 7.76 71.45
N SER E 4 -4.31 6.45 71.28
CA SER E 4 -5.03 5.51 72.14
C SER E 4 -4.10 4.38 72.56
N ASN E 5 -4.30 3.90 73.77
CA ASN E 5 -3.51 2.81 74.32
C ASN E 5 -4.14 1.45 74.11
N ASN E 6 -5.31 1.38 73.47
CA ASN E 6 -5.99 0.13 73.24
C ASN E 6 -5.29 -0.67 72.14
N ILE E 7 -5.49 -1.99 72.18
CA ILE E 7 -4.93 -2.86 71.14
C ILE E 7 -5.60 -2.61 69.80
N LYS E 8 -6.79 -2.00 69.79
CA LYS E 8 -7.51 -1.71 68.55
C LYS E 8 -7.07 -0.41 67.90
N TYR E 9 -6.11 0.30 68.49
CA TYR E 9 -5.68 1.58 67.93
C TYR E 9 -5.07 1.39 66.56
N VAL E 10 -5.45 2.27 65.63
CA VAL E 10 -5.01 2.22 64.25
C VAL E 10 -4.14 3.45 63.98
N ARG E 11 -3.03 3.23 63.27
CA ARG E 11 -2.11 4.32 62.95
C ARG E 11 -2.81 5.33 62.05
N GLU E 12 -2.42 6.60 62.19
CA GLU E 12 -3.10 7.68 61.50
C GLU E 12 -3.00 7.55 59.99
N ASP E 13 -1.82 7.18 59.49
CA ASP E 13 -1.65 7.03 58.05
C ASP E 13 -2.51 5.90 57.49
N ALA E 14 -2.71 4.83 58.26
CA ALA E 14 -3.61 3.78 57.84
C ALA E 14 -5.04 4.31 57.71
N LYS E 15 -5.47 5.13 58.67
CA LYS E 15 -6.80 5.74 58.57
C LYS E 15 -6.89 6.64 57.35
N LYS E 16 -5.82 7.39 57.06
CA LYS E 16 -5.82 8.24 55.88
C LYS E 16 -5.94 7.44 54.60
N MET E 17 -5.23 6.31 54.52
CA MET E 17 -5.28 5.47 53.33
C MET E 17 -6.51 4.59 53.26
N HIS E 18 -7.28 4.51 54.35
CA HIS E 18 -8.49 3.69 54.36
C HIS E 18 -9.48 4.15 53.29
N LYS E 19 -9.59 5.46 53.06
CA LYS E 19 -10.53 5.97 52.06
C LYS E 19 -10.15 5.48 50.67
N LEU E 20 -8.86 5.61 50.32
CA LEU E 20 -8.42 5.15 49.01
C LEU E 20 -8.57 3.64 48.88
N TRP E 21 -8.27 2.90 49.95
CA TRP E 21 -8.42 1.45 49.92
C TRP E 21 -9.87 1.07 49.69
N ALA E 22 -10.80 1.74 50.36
CA ALA E 22 -12.22 1.45 50.18
C ALA E 22 -12.67 1.79 48.78
N HIS E 23 -12.22 2.92 48.24
CA HIS E 23 -12.59 3.28 46.87
C HIS E 23 -12.09 2.25 45.88
N ILE E 24 -10.85 1.78 46.06
CA ILE E 24 -10.30 0.76 45.17
C ILE E 24 -11.08 -0.55 45.31
N ARG E 25 -11.49 -0.88 46.54
CA ARG E 25 -12.27 -2.10 46.73
C ARG E 25 -13.61 -2.01 46.03
N MET E 26 -14.29 -0.85 46.10
CA MET E 26 -15.53 -0.69 45.35
C MET E 26 -15.28 -0.76 43.84
N ALA E 27 -14.15 -0.22 43.38
CA ALA E 27 -13.83 -0.32 41.96
C ALA E 27 -13.65 -1.77 41.53
N MET E 28 -12.96 -2.57 42.35
CA MET E 28 -12.81 -3.99 42.04
C MET E 28 -14.14 -4.73 42.10
N GLU E 29 -15.01 -4.35 43.04
CA GLU E 29 -16.23 -5.11 43.27
C GLU E 29 -17.11 -5.14 42.03
N GLY E 30 -17.28 -4.00 41.36
CA GLY E 30 -18.02 -3.96 40.12
C GLY E 30 -18.95 -2.76 40.10
N SER E 31 -20.01 -2.89 39.31
CA SER E 31 -20.94 -1.78 39.14
C SER E 31 -21.85 -1.60 40.34
N ARG E 32 -22.20 -2.71 41.00
CA ARG E 32 -23.16 -2.63 42.11
C ARG E 32 -22.63 -1.74 43.24
N ALA E 33 -21.36 -1.92 43.61
CA ALA E 33 -20.79 -1.09 44.66
C ALA E 33 -20.66 0.36 44.23
N ILE E 34 -20.36 0.60 42.96
CA ILE E 34 -20.21 1.96 42.47
C ILE E 34 -21.55 2.70 42.52
N LYS E 35 -22.62 2.05 42.03
CA LYS E 35 -23.93 2.67 42.07
C LYS E 35 -24.51 2.72 43.47
N ASP E 36 -24.04 1.86 44.38
CA ASP E 36 -24.50 1.93 45.77
C ASP E 36 -24.02 3.21 46.44
N ASN E 37 -22.73 3.52 46.28
CA ASN E 37 -22.13 4.71 46.87
C ASN E 37 -21.97 5.82 45.84
N ALA E 38 -22.93 5.94 44.92
CA ALA E 38 -22.81 6.90 43.83
C ALA E 38 -22.80 8.35 44.31
N LYS E 39 -23.27 8.60 45.54
CA LYS E 39 -23.21 9.95 46.08
C LYS E 39 -21.78 10.44 46.23
N GLU E 40 -20.88 9.55 46.63
CA GLU E 40 -19.47 9.93 46.80
C GLU E 40 -18.82 10.22 45.46
N PHE E 41 -19.18 9.51 44.40
CA PHE E 41 -18.52 9.60 43.11
C PHE E 41 -19.18 10.62 42.19
N VAL E 42 -20.47 10.45 41.91
CA VAL E 42 -21.19 11.31 40.98
C VAL E 42 -21.84 12.44 41.78
N PRO E 43 -21.43 13.69 41.59
CA PRO E 43 -22.11 14.80 42.27
C PRO E 43 -23.50 15.02 41.72
N HIS E 44 -24.38 15.50 42.59
CA HIS E 44 -25.74 15.80 42.17
C HIS E 44 -25.73 16.98 41.21
N PRO E 45 -26.47 16.93 40.10
CA PRO E 45 -26.50 18.07 39.18
C PRO E 45 -27.03 19.36 39.81
N ASP E 46 -27.80 19.26 40.88
CA ASP E 46 -28.32 20.44 41.57
C ASP E 46 -28.54 20.10 43.04
N ASN E 47 -27.95 20.90 43.92
CA ASN E 47 -28.16 20.70 45.36
C ASN E 47 -29.57 21.09 45.78
N THR E 48 -30.12 22.14 45.15
CA THR E 48 -31.49 22.55 45.46
C THR E 48 -32.48 21.43 45.16
N LYS E 49 -32.29 20.73 44.03
CA LYS E 49 -33.10 19.55 43.77
C LYS E 49 -32.86 18.47 44.81
N ALA E 50 -31.59 18.28 45.20
CA ALA E 50 -31.26 17.25 46.18
C ALA E 50 -31.99 17.47 47.49
N THR E 51 -32.22 18.73 47.85
CA THR E 51 -33.01 19.01 49.06
C THR E 51 -34.43 18.49 48.92
N THR E 52 -35.05 18.68 47.75
CA THR E 52 -36.42 18.27 47.51
C THR E 52 -36.50 16.76 47.28
N PRO E 53 -37.68 16.16 47.49
CA PRO E 53 -37.81 14.72 47.23
C PRO E 53 -37.82 14.37 45.75
N GLU E 54 -38.46 15.18 44.91
CA GLU E 54 -38.45 14.88 43.48
C GLU E 54 -37.04 15.02 42.90
N GLY E 55 -36.20 15.86 43.49
CA GLY E 55 -34.82 15.95 43.03
C GLY E 55 -34.06 14.66 43.26
N VAL E 56 -34.18 14.08 44.46
CA VAL E 56 -33.50 12.82 44.71
C VAL E 56 -34.15 11.68 43.93
N ALA E 57 -35.45 11.77 43.68
CA ALA E 57 -36.09 10.78 42.81
C ALA E 57 -35.51 10.83 41.41
N ARG E 58 -35.28 12.03 40.88
CA ARG E 58 -34.64 12.17 39.57
C ARG E 58 -33.19 11.69 39.62
N TYR E 59 -32.49 11.97 40.72
CA TYR E 59 -31.10 11.55 40.85
C TYR E 59 -30.98 10.03 40.86
N LYS E 60 -31.97 9.34 41.44
CA LYS E 60 -31.94 7.88 41.45
C LYS E 60 -31.97 7.33 40.03
N ALA E 61 -32.88 7.84 39.19
CA ALA E 61 -32.91 7.42 37.79
C ALA E 61 -31.68 7.87 37.04
N TYR E 62 -31.11 9.01 37.42
CA TYR E 62 -29.87 9.48 36.82
C TYR E 62 -28.74 8.48 37.06
N ILE E 63 -28.64 7.96 38.28
CA ILE E 63 -27.60 6.98 38.60
C ILE E 63 -27.90 5.64 37.93
N GLU E 64 -29.17 5.23 37.92
CA GLU E 64 -29.51 3.92 37.36
C GLU E 64 -29.18 3.84 35.88
N ARG E 65 -29.43 4.92 35.12
CA ARG E 65 -29.17 4.91 33.70
C ARG E 65 -27.69 4.90 33.36
N ALA E 66 -26.81 5.14 34.34
CA ALA E 66 -25.39 5.22 34.07
C ALA E 66 -24.81 3.84 33.73
N VAL E 67 -23.62 3.87 33.14
CA VAL E 67 -22.92 2.65 32.73
C VAL E 67 -21.55 2.64 33.38
N TRP E 68 -21.23 1.55 34.07
CA TRP E 68 -19.93 1.38 34.70
C TRP E 68 -19.04 0.55 33.78
N TYR E 69 -17.86 1.09 33.45
CA TYR E 69 -16.95 0.39 32.56
C TYR E 69 -16.40 -0.88 33.20
N GLY E 70 -16.00 -0.80 34.47
CA GLY E 70 -15.33 -1.94 35.10
C GLY E 70 -13.97 -2.22 34.50
N ALA E 71 -13.19 -1.18 34.23
CA ALA E 71 -11.88 -1.33 33.61
C ALA E 71 -10.77 -1.64 34.61
N SER E 72 -10.87 -1.12 35.83
CA SER E 72 -9.83 -1.40 36.83
C SER E 72 -9.78 -2.87 37.20
N ALA E 73 -10.94 -3.51 37.33
CA ALA E 73 -10.96 -4.95 37.58
C ALA E 73 -10.33 -5.71 36.42
N ASN E 74 -10.58 -5.27 35.19
CA ASN E 74 -9.95 -5.91 34.03
C ASN E 74 -8.44 -5.74 34.06
N THR E 75 -7.96 -4.56 34.45
CA THR E 75 -6.52 -4.35 34.59
C THR E 75 -5.93 -5.30 35.63
N VAL E 76 -6.59 -5.43 36.77
CA VAL E 76 -6.10 -6.31 37.82
C VAL E 76 -6.06 -7.76 37.32
N ASP E 77 -7.13 -8.20 36.65
CA ASP E 77 -7.17 -9.57 36.14
C ASP E 77 -6.07 -9.81 35.12
N GLY E 78 -5.88 -8.87 34.19
CA GLY E 78 -4.84 -9.05 33.19
C GLY E 78 -3.45 -9.04 33.78
N MET E 79 -3.22 -8.17 34.77
CA MET E 79 -1.93 -8.14 35.44
C MET E 79 -1.65 -9.44 36.18
N LEU E 80 -2.67 -9.98 36.86
CA LEU E 80 -2.52 -11.26 37.52
C LEU E 80 -2.22 -12.37 36.53
N GLY E 81 -2.93 -12.38 35.39
CA GLY E 81 -2.69 -13.39 34.39
C GLY E 81 -1.30 -13.31 33.79
N GLN E 82 -0.81 -12.09 33.59
CA GLN E 82 0.55 -11.91 33.09
C GLN E 82 1.58 -12.38 34.10
N ILE E 83 1.41 -12.01 35.36
CA ILE E 83 2.38 -12.40 36.39
C ILE E 83 2.31 -13.90 36.65
N PHE E 84 1.10 -14.43 36.82
CA PHE E 84 0.93 -15.84 37.19
C PHE E 84 0.62 -16.65 35.95
N ALA E 85 1.66 -17.10 35.27
CA ALA E 85 1.57 -18.06 34.20
C ALA E 85 2.38 -19.29 34.58
N ARG E 86 1.89 -20.46 34.19
CA ARG E 86 2.45 -21.75 34.60
C ARG E 86 2.41 -21.78 36.13
N ASP E 87 3.51 -22.06 36.82
CA ASP E 87 3.55 -22.05 38.27
C ASP E 87 4.86 -21.46 38.74
N PRO E 88 4.88 -20.81 39.89
CA PRO E 88 6.16 -20.32 40.45
C PRO E 88 7.11 -21.47 40.71
N VAL E 89 8.40 -21.22 40.47
CA VAL E 89 9.43 -22.24 40.61
C VAL E 89 9.95 -22.21 42.05
N PHE E 90 10.00 -23.38 42.67
CA PHE E 90 10.53 -23.54 44.01
C PHE E 90 11.90 -24.20 43.96
N THR E 91 12.87 -23.58 44.62
CA THR E 91 14.26 -24.05 44.62
C THR E 91 14.58 -24.66 45.97
N GLY E 92 15.12 -25.88 45.95
CA GLY E 92 15.45 -26.59 47.17
C GLY E 92 14.76 -27.93 47.23
N PRO E 93 14.87 -28.62 48.36
CA PRO E 93 14.18 -29.90 48.52
C PRO E 93 12.68 -29.72 48.42
N GLU E 94 12.03 -30.68 47.76
CA GLU E 94 10.58 -30.63 47.58
C GLU E 94 9.83 -31.60 48.47
N ASP E 95 10.40 -32.78 48.72
CA ASP E 95 9.75 -33.74 49.61
C ASP E 95 9.74 -33.24 51.05
N LYS E 96 10.75 -32.48 51.45
CA LYS E 96 10.83 -31.95 52.80
C LYS E 96 9.97 -30.72 53.01
N PHE E 97 9.41 -30.14 51.94
CA PHE E 97 8.55 -28.98 52.03
C PHE E 97 7.17 -29.23 51.45
N ASP E 98 6.78 -30.50 51.28
CA ASP E 98 5.52 -30.80 50.59
C ASP E 98 4.32 -30.29 51.38
N MET E 99 4.40 -30.29 52.71
CA MET E 99 3.28 -29.83 53.51
C MET E 99 3.01 -28.35 53.32
N LEU E 100 4.04 -27.55 53.02
CA LEU E 100 3.82 -26.14 52.75
C LEU E 100 3.25 -25.90 51.36
N ILE E 101 3.67 -26.69 50.37
CA ILE E 101 3.17 -26.52 49.01
C ILE E 101 1.72 -26.96 48.92
N ASN E 102 1.39 -28.11 49.53
CA ASN E 102 0.03 -28.64 49.42
C ASN E 102 -0.97 -27.74 50.13
N ASP E 103 -0.71 -27.39 51.39
CA ASP E 103 -1.60 -26.52 52.17
C ASP E 103 -0.72 -25.57 52.95
N VAL E 104 -0.64 -24.32 52.50
CA VAL E 104 0.26 -23.35 53.12
C VAL E 104 -0.23 -22.97 54.51
N ASP E 105 -1.53 -23.03 54.74
CA ASP E 105 -2.11 -22.69 56.04
C ASP E 105 -3.02 -23.79 56.57
N GLY E 106 -2.80 -25.03 56.11
CA GLY E 106 -3.58 -26.15 56.58
C GLY E 106 -5.05 -26.10 56.21
N SER E 107 -5.38 -25.56 55.04
CA SER E 107 -6.76 -25.52 54.56
C SER E 107 -6.92 -26.19 53.20
N GLY E 108 -5.90 -26.88 52.71
CA GLY E 108 -5.92 -27.45 51.39
C GLY E 108 -5.61 -26.48 50.27
N LEU E 109 -5.36 -25.22 50.59
CA LEU E 109 -5.02 -24.22 49.59
C LEU E 109 -3.53 -24.25 49.32
N SER E 110 -3.14 -24.45 48.07
CA SER E 110 -1.74 -24.54 47.72
C SER E 110 -1.06 -23.19 47.90
N ILE E 111 0.26 -23.23 48.05
CA ILE E 111 1.03 -22.00 48.21
C ILE E 111 0.90 -21.12 46.97
N HIS E 112 0.68 -21.73 45.80
CA HIS E 112 0.54 -20.95 44.58
C HIS E 112 -0.70 -20.07 44.61
N GLN E 113 -1.82 -20.60 45.12
CA GLN E 113 -3.04 -19.80 45.21
C GLN E 113 -2.87 -18.64 46.19
N GLN E 114 -2.22 -18.89 47.32
CA GLN E 114 -1.97 -17.82 48.28
C GLN E 114 -1.04 -16.77 47.68
N ALA E 115 -0.03 -17.20 46.93
CA ALA E 115 0.84 -16.24 46.25
C ALA E 115 0.06 -15.43 45.23
N ARG E 116 -0.87 -16.06 44.51
CA ARG E 116 -1.71 -15.34 43.57
C ARG E 116 -2.55 -14.29 44.28
N ASP E 117 -3.14 -14.65 45.42
CA ASP E 117 -3.94 -13.69 46.18
C ASP E 117 -3.08 -12.53 46.68
N SER E 118 -1.88 -12.83 47.16
CA SER E 118 -0.97 -11.78 47.61
C SER E 118 -0.59 -10.86 46.45
N ALA E 119 -0.33 -11.43 45.28
CA ALA E 119 0.01 -10.61 44.11
C ALA E 119 -1.16 -9.74 43.71
N GLU E 120 -2.38 -10.27 43.78
CA GLU E 120 -3.55 -9.47 43.46
C GLU E 120 -3.71 -8.31 44.43
N ASP E 121 -3.51 -8.58 45.73
CA ASP E 121 -3.61 -7.50 46.72
C ASP E 121 -2.51 -6.46 46.52
N ALA E 122 -1.29 -6.89 46.16
CA ALA E 122 -0.21 -5.94 45.94
C ALA E 122 -0.40 -5.15 44.65
N LEU E 123 -1.06 -5.73 43.65
CA LEU E 123 -1.32 -5.01 42.42
C LEU E 123 -2.46 -4.03 42.56
N SER E 124 -3.48 -4.38 43.36
CA SER E 124 -4.68 -3.56 43.44
C SER E 124 -4.48 -2.37 44.38
N LEU E 125 -4.22 -2.62 45.66
CA LEU E 125 -4.00 -1.54 46.61
C LEU E 125 -2.59 -1.49 47.18
N GLY E 126 -1.70 -2.37 46.72
CA GLY E 126 -0.28 -2.23 47.05
C GLY E 126 0.09 -2.41 48.50
N ARG E 127 -0.48 -3.40 49.17
CA ARG E 127 -0.11 -3.69 50.54
C ARG E 127 -0.57 -5.09 50.91
N GLY E 128 0.16 -5.72 51.83
CA GLY E 128 -0.16 -7.05 52.29
C GLY E 128 0.78 -7.43 53.41
N GLY E 129 0.56 -8.64 53.93
CA GLY E 129 1.40 -9.14 55.00
C GLY E 129 1.49 -10.65 54.98
N LEU E 130 2.64 -11.16 55.41
CA LEU E 130 2.87 -12.59 55.55
C LEU E 130 3.39 -12.86 56.95
N PHE E 131 2.73 -13.78 57.65
CA PHE E 131 3.09 -14.12 59.03
C PHE E 131 3.29 -15.62 59.12
N VAL E 132 4.37 -16.03 59.78
CA VAL E 132 4.70 -17.44 59.96
C VAL E 132 4.69 -17.72 61.46
N ASP E 133 3.90 -18.72 61.87
CA ASP E 133 3.79 -19.09 63.27
C ASP E 133 3.71 -20.61 63.39
N TYR E 134 3.93 -21.09 64.61
CA TYR E 134 3.90 -22.52 64.92
C TYR E 134 2.57 -22.89 65.54
N SER E 135 2.02 -24.03 65.12
CA SER E 135 0.73 -24.47 65.63
C SER E 135 0.78 -24.75 67.13
N ALA E 152 2.38 -31.14 64.95
CA ALA E 152 2.63 -29.68 64.88
C ALA E 152 3.20 -29.30 63.51
N ARG E 153 3.04 -28.04 63.11
CA ARG E 153 3.49 -27.62 61.74
C ARG E 153 3.50 -26.08 61.65
N PRO E 154 4.33 -25.44 60.80
CA PRO E 154 4.28 -23.99 60.64
C PRO E 154 3.33 -23.59 59.53
N TYR E 155 2.59 -22.51 59.77
CA TYR E 155 1.58 -22.02 58.85
C TYR E 155 1.95 -20.61 58.40
N ILE E 156 1.93 -20.39 57.09
CA ILE E 156 2.22 -19.08 56.52
C ILE E 156 0.90 -18.33 56.36
N LYS E 157 0.78 -17.21 57.05
CA LYS E 157 -0.46 -16.46 57.11
C LYS E 157 -0.65 -15.66 55.83
N PHE E 158 -1.86 -15.13 55.67
CA PHE E 158 -2.13 -14.06 54.71
C PHE E 158 -2.93 -12.99 55.44
N ILE E 159 -2.35 -11.81 55.57
CA ILE E 159 -2.97 -10.71 56.31
C ILE E 159 -3.34 -9.62 55.31
N ALA E 160 -4.63 -9.28 55.26
CA ALA E 160 -5.08 -8.22 54.37
C ALA E 160 -4.55 -6.87 54.84
N ALA E 161 -4.45 -5.93 53.90
CA ALA E 161 -3.83 -4.64 54.20
C ALA E 161 -4.56 -3.89 55.30
N GLU E 162 -5.89 -3.92 55.29
CA GLU E 162 -6.66 -3.25 56.33
C GLU E 162 -6.48 -3.92 57.69
N ASP E 163 -6.01 -5.17 57.74
CA ASP E 163 -5.85 -5.85 59.01
C ASP E 163 -4.63 -5.35 59.77
N ILE E 164 -3.52 -5.09 59.09
CA ILE E 164 -2.35 -4.51 59.75
C ILE E 164 -2.69 -3.08 60.11
N LEU E 165 -2.84 -2.80 61.41
CA LEU E 165 -3.29 -1.51 61.88
C LEU E 165 -2.29 -0.81 62.77
N ASN E 166 -1.14 -1.41 63.05
CA ASN E 166 -0.15 -0.77 63.90
C ASN E 166 1.22 -1.38 63.63
N TRP E 167 2.25 -0.54 63.60
CA TRP E 167 3.62 -0.99 63.47
C TRP E 167 4.54 0.13 63.97
N ARG E 168 5.78 -0.26 64.26
CA ARG E 168 6.76 0.68 64.80
C ARG E 168 8.13 0.39 64.19
N GLU E 169 8.94 1.44 64.03
CA GLU E 169 10.29 1.33 63.49
C GLU E 169 11.25 1.96 64.49
N ARG E 170 11.71 1.16 65.46
CA ARG E 170 12.66 1.58 66.47
C ARG E 170 14.03 1.05 66.09
N TRP E 171 15.00 1.94 65.93
CA TRP E 171 16.34 1.55 65.52
C TRP E 171 17.10 0.98 66.71
N VAL E 172 17.62 -0.24 66.55
CA VAL E 172 18.38 -0.92 67.58
C VAL E 172 19.80 -1.08 67.07
N ASN E 173 20.76 -0.50 67.78
CA ASN E 173 22.16 -0.54 67.41
C ASN E 173 22.36 -0.05 65.97
N GLY E 174 21.65 1.03 65.63
CA GLY E 174 21.79 1.62 64.31
C GLY E 174 21.27 0.78 63.16
N ALA E 175 20.18 0.04 63.37
CA ALA E 175 19.59 -0.78 62.32
C ALA E 175 18.08 -0.63 62.33
N LYS E 176 17.48 -0.68 61.14
CA LYS E 176 16.02 -0.74 61.01
C LYS E 176 15.51 -2.05 61.59
N ARG E 177 14.81 -1.96 62.73
CA ARG E 177 14.17 -3.11 63.34
C ARG E 177 12.71 -2.79 63.61
N THR E 178 11.83 -3.68 63.17
CA THR E 178 10.39 -3.53 63.42
C THR E 178 10.09 -4.16 64.78
N THR E 179 9.88 -3.31 65.78
CA THR E 179 9.71 -3.79 67.15
C THR E 179 8.28 -4.19 67.46
N LEU E 180 7.30 -3.36 67.10
CA LEU E 180 5.90 -3.64 67.35
C LEU E 180 5.17 -3.81 66.03
N LEU E 181 4.23 -4.76 66.00
CA LEU E 181 3.38 -4.96 64.82
C LEU E 181 2.14 -5.67 65.28
N VAL E 182 0.99 -5.01 65.16
CA VAL E 182 -0.30 -5.56 65.59
C VAL E 182 -1.22 -5.61 64.37
N PHE E 183 -1.75 -6.79 64.08
CA PHE E 183 -2.65 -6.99 62.97
C PHE E 183 -3.91 -7.70 63.44
N ARG E 184 -5.05 -7.34 62.85
CA ARG E 184 -6.32 -7.90 63.25
C ARG E 184 -6.52 -9.27 62.60
N GLU E 185 -6.93 -10.24 63.39
CA GLU E 185 -7.21 -11.59 62.92
C GLU E 185 -8.70 -11.80 63.05
N GLU E 186 -9.35 -12.15 61.94
CA GLU E 186 -10.79 -12.36 61.91
C GLU E 186 -11.08 -13.86 61.80
N SER E 187 -12.12 -14.30 62.51
CA SER E 187 -12.49 -15.71 62.52
C SER E 187 -14.00 -15.82 62.74
N ASP E 188 -14.53 -16.99 62.41
CA ASP E 188 -15.94 -17.28 62.58
C ASP E 188 -16.13 -18.19 63.79
N ALA E 189 -17.05 -17.80 64.68
CA ALA E 189 -17.28 -18.57 65.88
C ALA E 189 -18.02 -19.86 65.55
N ASP E 190 -17.48 -20.99 66.03
CA ASP E 190 -18.08 -22.30 65.79
C ASP E 190 -18.93 -22.67 66.99
N ASP E 191 -20.09 -22.03 67.10
CA ASP E 191 -21.04 -22.32 68.16
C ASP E 191 -21.85 -23.56 67.79
N ASP E 192 -22.71 -23.98 68.72
CA ASP E 192 -23.57 -25.14 68.46
C ASP E 192 -24.54 -24.88 67.33
N GLY E 193 -25.14 -23.69 67.30
CA GLY E 193 -26.11 -23.37 66.27
C GLY E 193 -25.48 -23.02 64.94
N TYR E 194 -26.32 -22.94 63.91
CA TYR E 194 -25.87 -22.58 62.58
C TYR E 194 -25.81 -21.07 62.35
N GLN E 195 -26.26 -20.28 63.32
CA GLN E 195 -26.20 -18.83 63.19
C GLN E 195 -24.74 -18.37 63.12
N ILE E 196 -24.46 -17.47 62.18
CA ILE E 196 -23.10 -17.02 61.95
C ILE E 196 -22.78 -15.88 62.91
N TYR E 197 -21.71 -16.06 63.68
CA TYR E 197 -21.21 -15.03 64.58
C TYR E 197 -19.98 -14.37 63.94
N LYS E 198 -19.34 -13.46 64.68
CA LYS E 198 -18.15 -12.78 64.17
C LYS E 198 -17.31 -12.35 65.37
N GLU E 199 -16.24 -13.09 65.63
CA GLU E 199 -15.30 -12.75 66.70
C GLU E 199 -13.95 -12.41 66.10
N GLU E 200 -13.25 -11.46 66.71
CA GLU E 200 -11.98 -10.98 66.21
C GLU E 200 -10.87 -11.31 67.20
N VAL E 201 -9.68 -11.55 66.66
CA VAL E 201 -8.48 -11.84 67.44
C VAL E 201 -7.42 -10.82 67.06
N TRP E 202 -6.72 -10.29 68.05
CA TRP E 202 -5.64 -9.34 67.83
C TRP E 202 -4.31 -9.97 68.25
N ARG E 203 -3.35 -9.97 67.34
CA ARG E 203 -2.02 -10.53 67.59
C ARG E 203 -1.04 -9.37 67.80
N GLU E 204 -0.34 -9.41 68.92
CA GLU E 204 0.64 -8.38 69.27
C GLU E 204 2.04 -8.98 69.13
N LEU E 205 2.75 -8.56 68.09
CA LEU E 205 4.11 -9.04 67.84
C LEU E 205 5.10 -8.00 68.35
N ARG E 206 5.94 -8.40 69.31
CA ARG E 206 6.87 -7.49 69.96
C ARG E 206 8.29 -8.02 69.84
N LEU E 207 9.25 -7.09 69.77
CA LEU E 207 10.66 -7.42 69.66
C LEU E 207 11.42 -6.62 70.72
N VAL E 208 11.83 -7.28 71.79
CA VAL E 208 12.60 -6.66 72.87
C VAL E 208 14.01 -7.23 72.83
N ASP E 209 15.01 -6.35 72.92
CA ASP E 209 16.43 -6.67 72.83
C ASP E 209 16.72 -7.79 71.84
N GLY E 210 16.17 -7.69 70.63
CA GLY E 210 16.40 -8.70 69.61
C GLY E 210 15.83 -10.06 69.94
N THR E 211 14.64 -10.10 70.56
CA THR E 211 13.98 -11.36 70.87
C THR E 211 12.50 -11.22 70.53
N TYR E 212 11.97 -12.20 69.79
CA TYR E 212 10.61 -12.14 69.30
C TYR E 212 9.64 -12.63 70.37
N TRP E 213 8.70 -11.77 70.75
CA TRP E 213 7.63 -12.11 71.67
C TRP E 213 6.28 -11.89 70.98
N GLN E 214 5.29 -12.69 71.38
CA GLN E 214 3.97 -12.56 70.78
C GLN E 214 2.90 -12.94 71.81
N ARG E 215 1.70 -12.42 71.58
CA ARG E 215 0.54 -12.75 72.39
C ARG E 215 -0.71 -12.48 71.56
N THR E 216 -1.83 -13.05 72.00
CA THR E 216 -3.09 -12.94 71.30
C THR E 216 -4.12 -12.24 72.19
N TRP E 217 -4.95 -11.42 71.56
CA TRP E 217 -6.04 -10.71 72.24
C TRP E 217 -7.36 -11.18 71.65
N ARG E 218 -8.31 -11.51 72.51
CA ARG E 218 -9.63 -11.96 72.08
C ARG E 218 -10.71 -11.10 72.72
N GLU E 219 -11.81 -10.94 72.00
CA GLU E 219 -12.94 -10.13 72.46
C GLU E 219 -14.21 -10.96 72.46
N ASN E 220 -15.00 -10.82 73.52
CA ASN E 220 -16.30 -11.48 73.60
C ASN E 220 -17.13 -10.74 74.65
N ASP E 221 -18.35 -10.36 74.26
CA ASP E 221 -19.27 -9.63 75.14
C ASP E 221 -18.65 -8.34 75.68
N GLY E 222 -17.83 -7.69 74.86
CA GLY E 222 -17.20 -6.45 75.25
C GLY E 222 -16.01 -6.59 76.18
N GLN E 223 -15.60 -7.82 76.48
CA GLN E 223 -14.49 -8.07 77.39
C GLN E 223 -13.25 -8.46 76.58
N LEU E 224 -12.10 -7.97 77.03
CA LEU E 224 -10.83 -8.23 76.36
C LEU E 224 -10.07 -9.31 77.13
N TYR E 225 -9.79 -10.42 76.47
CA TYR E 225 -9.02 -11.50 77.06
C TYR E 225 -7.57 -11.38 76.62
N VAL E 226 -6.65 -11.44 77.57
CA VAL E 226 -5.22 -11.28 77.29
C VAL E 226 -4.54 -12.62 77.46
N ASP E 227 -3.47 -12.82 76.69
CA ASP E 227 -2.69 -14.05 76.74
C ASP E 227 -1.27 -13.74 77.22
N ASP E 228 -0.69 -14.71 77.92
CA ASP E 228 0.65 -14.52 78.46
C ASP E 228 1.68 -14.44 77.34
N TRP E 229 2.72 -13.65 77.58
CA TRP E 229 3.79 -13.49 76.61
C TRP E 229 4.52 -14.81 76.39
N ILE E 230 4.74 -15.16 75.12
CA ILE E 230 5.45 -16.38 74.76
C ILE E 230 6.55 -16.04 73.77
N SER E 231 7.55 -16.91 73.72
CA SER E 231 8.69 -16.74 72.81
C SER E 231 8.84 -17.97 71.93
N PRO E 232 8.31 -17.97 70.71
CA PRO E 232 8.52 -19.10 69.81
C PRO E 232 10.01 -19.29 69.52
N THR E 233 10.41 -20.55 69.40
CA THR E 233 11.81 -20.90 69.20
C THR E 233 11.94 -21.89 68.06
N LYS E 234 13.08 -21.84 67.39
CA LYS E 234 13.37 -22.76 66.30
C LYS E 234 13.70 -24.14 66.83
N ALA E 235 13.81 -25.10 65.90
CA ALA E 235 14.16 -26.46 66.29
C ALA E 235 15.54 -26.52 66.92
N ASP E 236 16.51 -25.81 66.34
CA ASP E 236 17.84 -25.74 66.94
C ASP E 236 17.80 -24.97 68.25
N GLY E 237 17.00 -23.91 68.33
CA GLY E 237 16.90 -23.12 69.53
C GLY E 237 17.16 -21.64 69.28
N SER E 238 17.74 -20.97 70.28
CA SER E 238 18.11 -19.55 70.18
C SER E 238 16.91 -18.65 69.93
N GLN E 239 15.71 -19.14 70.23
CA GLN E 239 14.47 -18.38 70.10
C GLN E 239 14.35 -17.74 68.71
N PHE E 240 14.19 -16.43 68.65
CA PHE E 240 14.09 -15.73 67.37
C PHE E 240 14.72 -14.35 67.50
N ASP E 241 15.45 -13.95 66.46
CA ASP E 241 16.12 -12.65 66.46
C ASP E 241 15.27 -11.57 65.81
N GLU E 242 14.34 -11.94 64.92
CA GLU E 242 13.51 -10.98 64.23
C GLU E 242 12.07 -11.47 64.22
N ILE E 243 11.15 -10.53 64.05
CA ILE E 243 9.72 -10.86 64.01
C ILE E 243 9.40 -11.54 62.68
N PRO E 244 8.80 -12.73 62.68
CA PRO E 244 8.47 -13.41 61.42
C PRO E 244 7.26 -12.81 60.71
N PHE E 245 7.38 -11.54 60.34
CA PHE E 245 6.33 -10.84 59.62
C PHE E 245 6.98 -9.96 58.57
N VAL E 246 6.53 -10.09 57.32
CA VAL E 246 7.03 -9.28 56.21
C VAL E 246 5.85 -8.59 55.55
N ILE E 247 5.98 -7.28 55.36
CA ILE E 247 4.95 -6.48 54.69
C ILE E 247 5.41 -6.20 53.27
N PHE E 248 4.69 -6.74 52.30
CA PHE E 248 5.04 -6.58 50.90
C PHE E 248 4.11 -5.58 50.24
N GLY E 249 4.67 -4.72 49.39
CA GLY E 249 3.89 -3.71 48.70
C GLY E 249 4.38 -3.56 47.27
N SER E 250 3.71 -2.66 46.54
CA SER E 250 4.09 -2.39 45.16
C SER E 250 5.47 -1.76 45.08
N LYS E 251 5.78 -0.86 46.01
CA LYS E 251 7.07 -0.16 45.98
C LYS E 251 8.19 -1.04 46.51
N ASN E 252 8.11 -1.44 47.76
CA ASN E 252 9.16 -2.24 48.39
C ASN E 252 8.58 -2.96 49.60
N ASN E 253 9.36 -3.91 50.12
CA ASN E 253 8.95 -4.68 51.29
C ASN E 253 9.35 -3.93 52.56
N ASP E 254 8.61 -2.87 52.82
CA ASP E 254 8.84 -2.01 53.98
C ASP E 254 7.53 -1.82 54.74
N PRO E 255 7.61 -1.60 56.05
CA PRO E 255 6.38 -1.31 56.82
C PRO E 255 5.70 -0.03 56.38
N THR E 256 6.42 0.90 55.77
CA THR E 256 5.81 2.14 55.31
C THR E 256 4.84 1.87 54.17
N ILE E 257 3.71 2.59 54.17
CA ILE E 257 2.67 2.37 53.17
C ILE E 257 3.15 2.87 51.82
N ASP E 258 2.80 2.12 50.77
CA ASP E 258 3.12 2.48 49.40
C ASP E 258 1.85 2.88 48.66
N MET E 259 1.99 3.84 47.76
CA MET E 259 0.84 4.31 47.00
C MET E 259 0.33 3.19 46.09
N PRO E 260 -0.98 2.92 46.10
CA PRO E 260 -1.52 1.87 45.23
C PRO E 260 -1.31 2.21 43.77
N PRO E 261 -0.97 1.22 42.94
CA PRO E 261 -0.73 1.50 41.52
C PRO E 261 -1.99 1.82 40.74
N MET E 262 -3.17 1.54 41.28
CA MET E 262 -4.43 1.65 40.55
C MET E 262 -5.21 2.91 40.91
N ARG E 263 -4.61 3.84 41.65
CA ARG E 263 -5.33 5.03 42.08
C ARG E 263 -5.73 5.90 40.89
N ASP E 264 -4.79 6.16 39.99
CA ASP E 264 -5.09 7.01 38.84
C ASP E 264 -6.11 6.37 37.93
N LEU E 265 -5.99 5.06 37.70
CA LEU E 265 -6.98 4.37 36.88
C LEU E 265 -8.36 4.40 37.54
N VAL E 266 -8.41 4.28 38.87
CA VAL E 266 -9.70 4.35 39.57
C VAL E 266 -10.33 5.72 39.40
N GLU E 267 -9.55 6.78 39.56
CA GLU E 267 -10.09 8.13 39.37
C GLU E 267 -10.56 8.34 37.94
N LEU E 268 -9.78 7.86 36.96
CA LEU E 268 -10.21 7.99 35.56
C LEU E 268 -11.49 7.23 35.31
N ASN E 269 -11.62 6.03 35.89
CA ASN E 269 -12.83 5.24 35.71
C ASN E 269 -14.03 5.96 36.34
N ILE E 270 -13.85 6.58 37.50
CA ILE E 270 -14.94 7.31 38.13
C ILE E 270 -15.36 8.49 37.26
N ALA E 271 -14.39 9.23 36.72
CA ALA E 271 -14.72 10.34 35.84
C ALA E 271 -15.46 9.87 34.59
N HIS E 272 -15.02 8.76 34.00
CA HIS E 272 -15.73 8.19 32.87
C HIS E 272 -17.13 7.75 33.25
N PHE E 273 -17.29 7.24 34.48
CA PHE E 273 -18.62 6.82 34.92
C PHE E 273 -19.58 8.00 35.02
N ARG E 274 -19.12 9.13 35.57
CA ARG E 274 -20.01 10.29 35.66
C ARG E 274 -20.28 10.87 34.27
N ASN E 275 -19.28 10.86 33.39
CA ASN E 275 -19.51 11.29 32.02
C ASN E 275 -20.53 10.38 31.33
N SER E 276 -20.47 9.07 31.59
CA SER E 276 -21.43 8.14 31.03
C SER E 276 -22.82 8.38 31.58
N ALA E 277 -22.92 8.74 32.87
CA ALA E 277 -24.22 9.09 33.42
C ALA E 277 -24.83 10.27 32.68
N ASP E 278 -24.04 11.32 32.47
CA ASP E 278 -24.54 12.47 31.72
C ASP E 278 -24.94 12.09 30.30
N TYR E 279 -24.08 11.31 29.63
CA TYR E 279 -24.34 10.95 28.24
C TYR E 279 -25.59 10.08 28.12
N GLU E 280 -25.78 9.15 29.05
CA GLU E 280 -26.97 8.30 29.02
C GLU E 280 -28.23 9.09 29.29
N GLU E 281 -28.18 10.06 30.21
CA GLU E 281 -29.34 10.92 30.42
C GLU E 281 -29.67 11.70 29.15
N ALA E 282 -28.65 12.25 28.50
CA ALA E 282 -28.88 13.00 27.26
C ALA E 282 -29.47 12.09 26.18
N CYS E 283 -28.95 10.87 26.07
CA CYS E 283 -29.46 9.93 25.06
C CYS E 283 -30.90 9.55 25.35
N PHE E 284 -31.25 9.33 26.61
CA PHE E 284 -32.61 8.99 26.96
C PHE E 284 -33.57 10.13 26.64
N ILE E 285 -33.18 11.37 26.96
CA ILE E 285 -34.10 12.49 26.81
C ILE E 285 -34.17 12.94 25.36
N CYS E 286 -33.05 13.43 24.81
CA CYS E 286 -33.04 14.08 23.51
C CYS E 286 -32.68 13.14 22.37
N GLY E 287 -32.48 11.86 22.64
CA GLY E 287 -32.10 10.93 21.59
C GLY E 287 -33.23 10.56 20.66
N GLN E 288 -34.47 10.63 21.14
CA GLN E 288 -35.62 10.26 20.32
C GLN E 288 -36.05 11.42 19.44
N PRO E 289 -36.19 11.22 18.13
CA PRO E 289 -36.63 12.31 17.25
C PRO E 289 -38.07 12.70 17.54
N THR E 290 -38.37 13.97 17.32
CA THR E 290 -39.69 14.54 17.56
C THR E 290 -40.14 15.36 16.36
N LEU E 291 -41.46 15.41 16.15
CA LEU E 291 -42.00 16.05 14.95
C LEU E 291 -41.76 17.55 14.96
N PHE E 292 -42.12 18.23 16.06
CA PHE E 292 -41.98 19.67 16.20
C PHE E 292 -42.69 20.42 15.07
N LEU E 293 -44.01 20.27 15.04
CA LEU E 293 -44.83 20.91 14.01
C LEU E 293 -44.97 22.39 14.36
N SER E 294 -44.15 23.23 13.75
CA SER E 294 -44.20 24.66 13.98
C SER E 294 -45.22 25.31 13.05
N GLY E 295 -45.64 26.51 13.42
CA GLY E 295 -46.64 27.23 12.65
C GLY E 295 -47.99 26.55 12.63
N LEU E 296 -48.45 26.04 13.76
CA LEU E 296 -49.68 25.27 13.84
C LEU E 296 -50.67 26.00 14.74
N THR E 297 -51.92 26.03 14.32
CA THR E 297 -52.99 26.68 15.07
C THR E 297 -53.87 25.64 15.75
N GLU E 298 -54.42 26.02 16.91
CA GLU E 298 -55.27 25.11 17.67
C GLU E 298 -56.51 24.72 16.88
N HIS E 299 -57.06 25.67 16.12
CA HIS E 299 -58.23 25.36 15.30
C HIS E 299 -57.91 24.25 14.31
N TRP E 300 -56.76 24.34 13.64
CA TRP E 300 -56.35 23.30 12.71
C TRP E 300 -56.15 21.96 13.42
N VAL E 301 -55.52 21.99 14.60
CA VAL E 301 -55.28 20.77 15.35
C VAL E 301 -56.60 20.07 15.65
N LYS E 302 -57.56 20.81 16.19
CA LYS E 302 -58.86 20.22 16.51
C LYS E 302 -59.62 19.81 15.27
N ASN E 303 -59.45 20.53 14.16
CA ASN E 303 -60.20 20.24 12.95
C ASN E 303 -59.75 18.92 12.32
N VAL E 304 -58.45 18.75 12.12
CA VAL E 304 -57.92 17.58 11.40
C VAL E 304 -57.09 16.68 12.30
N LEU E 305 -56.13 17.26 13.03
CA LEU E 305 -55.25 16.43 13.85
C LEU E 305 -56.00 15.80 15.00
N GLY E 306 -56.75 16.60 15.75
CA GLY E 306 -57.52 16.08 16.87
C GLY E 306 -56.68 15.43 17.95
N GLY E 307 -55.49 15.95 18.21
CA GLY E 307 -54.60 15.35 19.20
C GLY E 307 -54.14 13.96 18.84
N ALA E 308 -53.97 13.68 17.56
CA ALA E 308 -53.51 12.37 17.10
C ALA E 308 -52.95 12.51 15.70
N VAL E 309 -51.67 12.18 15.53
CA VAL E 309 -50.99 12.28 14.25
C VAL E 309 -50.59 10.89 13.80
N VAL E 310 -51.04 10.50 12.61
CA VAL E 310 -50.64 9.24 12.01
C VAL E 310 -49.29 9.43 11.31
N ILE E 311 -48.31 8.61 11.68
CA ILE E 311 -46.94 8.79 11.25
C ILE E 311 -46.45 7.66 10.35
N GLY E 312 -47.32 6.71 10.03
CA GLY E 312 -46.95 5.66 9.11
C GLY E 312 -46.79 6.18 7.69
N SER E 313 -46.11 5.38 6.87
CA SER E 313 -45.94 5.73 5.47
C SER E 313 -47.22 5.60 4.67
N ARG E 314 -48.23 4.90 5.20
CA ARG E 314 -49.49 4.76 4.49
C ARG E 314 -50.29 6.06 4.47
N ASP E 315 -50.16 6.87 5.52
CA ASP E 315 -50.97 8.07 5.67
C ASP E 315 -50.11 9.33 5.53
N ALA E 316 -50.72 10.36 4.96
CA ALA E 316 -50.08 11.66 4.80
C ALA E 316 -50.81 12.69 5.65
N VAL E 317 -50.04 13.52 6.35
CA VAL E 317 -50.58 14.49 7.29
C VAL E 317 -50.49 15.88 6.66
N PRO E 318 -51.60 16.61 6.55
CA PRO E 318 -51.55 17.96 5.98
C PRO E 318 -51.36 19.02 7.06
N LEU E 319 -50.77 20.13 6.64
CA LEU E 319 -50.49 21.27 7.52
C LEU E 319 -50.93 22.55 6.84
N PRO E 320 -51.23 23.59 7.62
CA PRO E 320 -51.61 24.88 7.02
C PRO E 320 -50.44 25.58 6.34
N VAL E 321 -50.67 26.78 5.83
CA VAL E 321 -49.63 27.50 5.12
C VAL E 321 -48.55 27.96 6.10
N ASN E 322 -47.33 28.11 5.57
CA ASN E 322 -46.18 28.59 6.36
C ASN E 322 -45.94 27.69 7.59
N ALA E 323 -46.13 26.39 7.42
CA ALA E 323 -45.89 25.42 8.48
C ALA E 323 -44.68 24.58 8.12
N LYS E 324 -43.72 24.52 9.02
CA LYS E 324 -42.46 23.80 8.77
C LYS E 324 -42.31 22.64 9.75
N PRO E 325 -42.53 21.40 9.31
CA PRO E 325 -42.23 20.26 10.18
C PRO E 325 -40.74 19.94 10.15
N GLU E 326 -40.18 19.71 11.33
CA GLU E 326 -38.73 19.53 11.44
C GLU E 326 -38.45 18.48 12.50
N LEU E 327 -38.01 17.29 12.09
CA LEU E 327 -37.59 16.27 13.03
C LEU E 327 -36.33 16.73 13.75
N LEU E 328 -36.37 16.70 15.08
CA LEU E 328 -35.27 17.18 15.90
C LEU E 328 -34.80 16.06 16.82
N GLN E 329 -33.50 15.79 16.80
CA GLN E 329 -32.88 14.86 17.73
C GLN E 329 -31.42 15.23 17.89
N ALA E 330 -30.85 14.87 19.03
CA ALA E 330 -29.45 15.16 19.29
C ALA E 330 -28.56 14.35 18.34
N GLU E 331 -27.71 15.05 17.61
CA GLU E 331 -26.84 14.39 16.64
C GLU E 331 -25.66 13.73 17.35
N GLY E 332 -24.92 12.92 16.59
CA GLY E 332 -23.79 12.22 17.12
C GLY E 332 -22.57 13.09 17.25
N ASN E 333 -21.47 12.46 17.67
CA ASN E 333 -20.19 13.14 17.89
C ASN E 333 -20.33 14.29 18.88
N GLY E 334 -21.15 14.07 19.91
CA GLY E 334 -21.29 15.05 20.96
C GLY E 334 -20.02 15.19 21.79
N MET E 335 -19.85 16.38 22.36
CA MET E 335 -18.62 16.67 23.08
C MET E 335 -18.53 15.87 24.37
N VAL E 336 -19.68 15.47 24.94
CA VAL E 336 -19.66 14.53 26.07
C VAL E 336 -19.09 13.19 25.63
N LYS E 337 -19.52 12.69 24.47
CA LYS E 337 -18.96 11.45 23.93
C LYS E 337 -17.48 11.63 23.61
N GLU E 338 -17.09 12.81 23.15
CA GLU E 338 -15.68 13.09 22.91
C GLU E 338 -14.87 13.01 24.20
N ALA E 339 -15.41 13.56 25.28
CA ALA E 339 -14.73 13.47 26.57
C ALA E 339 -14.63 12.03 27.05
N MET E 340 -15.70 11.24 26.85
CA MET E 340 -15.65 9.83 27.23
C MET E 340 -14.59 9.08 26.44
N ASP E 341 -14.52 9.34 25.13
CA ASP E 341 -13.49 8.70 24.31
C ASP E 341 -12.10 9.12 24.75
N GLN E 342 -11.92 10.39 25.11
CA GLN E 342 -10.63 10.85 25.60
C GLN E 342 -10.25 10.15 26.89
N LYS E 343 -11.21 9.96 27.79
CA LYS E 343 -10.93 9.27 29.04
C LYS E 343 -10.58 7.81 28.81
N GLU E 344 -11.29 7.15 27.89
CA GLU E 344 -10.95 5.77 27.55
C GLU E 344 -9.54 5.68 26.96
N ARG E 345 -9.20 6.61 26.07
CA ARG E 345 -7.87 6.64 25.50
C ARG E 345 -6.81 6.86 26.56
N GLN E 346 -7.10 7.73 27.54
CA GLN E 346 -6.16 7.96 28.63
C GLN E 346 -5.97 6.72 29.48
N MET E 347 -7.06 5.98 29.75
CA MET E 347 -6.92 4.73 30.49
C MET E 347 -6.06 3.72 29.73
N VAL E 348 -6.28 3.61 28.42
CA VAL E 348 -5.45 2.71 27.62
C VAL E 348 -4.00 3.16 27.66
N ALA E 349 -3.77 4.46 27.58
CA ALA E 349 -2.42 5.00 27.53
C ALA E 349 -1.72 4.98 28.88
N LEU E 350 -2.47 4.78 29.97
CA LEU E 350 -1.88 4.75 31.31
C LEU E 350 -1.27 3.40 31.65
N GLY E 351 -0.87 2.62 30.64
CA GLY E 351 -0.25 1.34 30.88
C GLY E 351 -1.18 0.32 31.49
N ALA E 352 -2.44 0.29 31.05
CA ALA E 352 -3.44 -0.60 31.59
C ALA E 352 -3.89 -1.57 30.51
N LYS E 353 -3.91 -2.86 30.85
CA LYS E 353 -4.45 -3.90 29.99
C LYS E 353 -5.95 -4.01 30.14
N LEU E 354 -6.60 -2.93 30.58
CA LEU E 354 -8.03 -2.95 30.88
C LEU E 354 -8.87 -3.26 29.64
N ILE E 355 -8.49 -2.69 28.48
CA ILE E 355 -9.19 -3.00 27.25
C ILE E 355 -8.21 -3.22 26.11
N ASP E 356 -8.68 -3.92 25.09
CA ASP E 356 -7.96 -4.15 23.85
C ASP E 356 -8.84 -3.72 22.68
N SER E 357 -8.21 -3.21 21.63
CA SER E 357 -8.92 -2.68 20.48
C SER E 357 -8.54 -3.47 19.24
N ASP E 358 -9.55 -4.01 18.55
CA ASP E 358 -9.29 -4.73 17.31
C ASP E 358 -8.93 -3.78 16.18
N LYS E 359 -9.50 -2.57 16.18
CA LYS E 359 -9.20 -1.60 15.14
C LYS E 359 -7.73 -1.20 15.15
N THR E 360 -7.17 -0.99 16.35
CA THR E 360 -5.79 -0.57 16.46
C THR E 360 -4.85 -1.67 15.99
N GLN E 361 -3.81 -1.29 15.25
CA GLN E 361 -2.80 -2.20 14.75
C GLN E 361 -1.43 -1.75 15.22
N ARG E 362 -0.61 -2.71 15.61
CA ARG E 362 0.74 -2.43 16.10
C ARG E 362 1.76 -3.22 15.29
N THR E 363 2.79 -2.52 14.84
CA THR E 363 3.88 -3.15 14.10
C THR E 363 4.70 -4.02 15.04
N PHE E 364 5.01 -5.24 14.61
CA PHE E 364 5.81 -6.15 15.41
C PHE E 364 7.22 -5.59 15.57
N GLY E 365 7.76 -5.75 16.78
CA GLY E 365 9.07 -5.24 17.11
C GLY E 365 9.07 -3.87 17.76
N GLU E 366 7.99 -3.11 17.59
CA GLU E 366 7.89 -1.82 18.28
C GLU E 366 7.64 -2.00 19.77
N ALA E 367 6.72 -2.90 20.13
CA ALA E 367 6.39 -3.12 21.53
C ALA E 367 7.52 -3.77 22.31
N SER E 368 8.49 -4.38 21.61
CA SER E 368 9.62 -4.99 22.31
C SER E 368 10.47 -3.94 23.02
N MET E 369 10.54 -2.73 22.47
CA MET E 369 11.29 -1.66 23.14
C MET E 369 10.59 -1.19 24.41
N GLU E 370 9.26 -1.07 24.37
CA GLU E 370 8.52 -0.56 25.51
C GLU E 370 8.15 -1.64 26.52
N ALA E 371 8.33 -2.92 26.19
CA ALA E 371 7.91 -3.99 27.09
C ALA E 371 8.52 -3.86 28.49
N ALA E 372 9.73 -3.30 28.58
CA ALA E 372 10.33 -3.08 29.89
C ALA E 372 9.52 -2.07 30.70
N ALA E 373 9.06 -0.99 30.06
CA ALA E 373 8.31 0.03 30.77
C ALA E 373 6.88 -0.40 31.06
N GLN E 374 6.24 -1.08 30.11
CA GLN E 374 4.85 -1.48 30.31
C GLN E 374 4.71 -2.46 31.47
N ASN E 375 5.63 -3.42 31.57
CA ASN E 375 5.59 -4.43 32.63
C ASN E 375 6.39 -4.01 33.85
N SER E 376 6.54 -2.69 34.09
CA SER E 376 7.33 -2.23 35.21
C SER E 376 6.67 -2.59 36.54
N VAL E 377 5.38 -2.27 36.69
CA VAL E 377 4.67 -2.61 37.91
C VAL E 377 4.56 -4.13 38.06
N LEU E 378 4.37 -4.83 36.94
CA LEU E 378 4.32 -6.29 36.99
C LEU E 378 5.62 -6.85 37.55
N SER E 379 6.76 -6.41 37.01
CA SER E 379 8.05 -6.91 37.48
C SER E 379 8.29 -6.53 38.94
N ARG E 380 7.95 -5.30 39.32
CA ARG E 380 8.18 -4.87 40.69
C ARG E 380 7.38 -5.71 41.67
N VAL E 381 6.09 -5.92 41.37
CA VAL E 381 5.25 -6.72 42.25
C VAL E 381 5.74 -8.17 42.28
N SER E 382 6.15 -8.69 41.12
CA SER E 382 6.65 -10.06 41.08
C SER E 382 7.86 -10.23 41.98
N LYS E 383 8.84 -9.34 41.87
CA LYS E 383 10.03 -9.45 42.72
C LYS E 383 9.68 -9.26 44.19
N ASN E 384 8.82 -8.29 44.50
CA ASN E 384 8.47 -8.04 45.90
C ASN E 384 7.82 -9.27 46.53
N VAL E 385 6.84 -9.86 45.83
CA VAL E 385 6.19 -11.06 46.36
C VAL E 385 7.17 -12.22 46.41
N SER E 386 8.10 -12.30 45.45
CA SER E 386 9.09 -13.37 45.47
C SER E 386 9.95 -13.29 46.73
N ASP E 387 10.47 -12.10 47.04
CA ASP E 387 11.28 -11.97 48.25
C ASP E 387 10.45 -12.19 49.51
N ALA E 388 9.21 -11.71 49.52
CA ALA E 388 8.36 -11.91 50.69
C ALA E 388 8.15 -13.40 50.96
N TYR E 389 7.82 -14.16 49.92
CA TYR E 389 7.58 -15.58 50.11
C TYR E 389 8.87 -16.34 50.38
N THR E 390 9.99 -15.89 49.82
CA THR E 390 11.27 -16.51 50.15
C THR E 390 11.59 -16.32 51.62
N LYS E 391 11.37 -15.11 52.15
CA LYS E 391 11.60 -14.87 53.57
C LYS E 391 10.66 -15.71 54.43
N ALA E 392 9.39 -15.82 54.03
CA ALA E 392 8.45 -16.64 54.78
C ALA E 392 8.88 -18.10 54.79
N LEU E 393 9.32 -18.61 53.64
CA LEU E 393 9.76 -20.01 53.57
C LEU E 393 11.03 -20.23 54.39
N ARG E 394 11.93 -19.25 54.40
CA ARG E 394 13.12 -19.36 55.24
C ARG E 394 12.75 -19.38 56.72
N TRP E 395 11.77 -18.57 57.11
CA TRP E 395 11.32 -18.60 58.50
C TRP E 395 10.68 -19.94 58.84
N ALA E 396 9.90 -20.49 57.92
CA ALA E 396 9.32 -21.82 58.14
C ALA E 396 10.40 -22.88 58.26
N ALA E 397 11.45 -22.80 57.43
CA ALA E 397 12.56 -23.73 57.51
C ALA E 397 13.27 -23.61 58.86
N MET E 398 13.44 -22.37 59.34
CA MET E 398 13.99 -22.17 60.67
C MET E 398 13.11 -22.83 61.72
N PHE E 399 11.80 -22.69 61.58
CA PHE E 399 10.88 -23.34 62.51
C PHE E 399 11.04 -24.85 62.51
N LEU E 400 11.19 -25.45 61.32
CA LEU E 400 11.37 -26.89 61.20
C LEU E 400 12.82 -27.33 61.24
N GLY E 401 13.76 -26.39 61.31
CA GLY E 401 15.17 -26.76 61.29
C GLY E 401 15.59 -27.40 59.98
N LEU E 402 15.05 -26.93 58.87
CA LEU E 402 15.30 -27.50 57.56
C LEU E 402 16.41 -26.72 56.84
N ASP E 403 16.61 -27.03 55.56
CA ASP E 403 17.60 -26.33 54.77
C ASP E 403 17.20 -24.88 54.56
N GLU E 404 18.18 -23.98 54.65
CA GLU E 404 17.91 -22.54 54.59
C GLU E 404 18.00 -21.98 53.18
N LYS E 405 18.86 -22.53 52.33
CA LYS E 405 19.06 -22.01 50.97
C LYS E 405 17.92 -22.49 50.07
N ILE E 406 16.75 -21.90 50.30
CA ILE E 406 15.56 -22.16 49.50
C ILE E 406 15.10 -20.85 48.89
N GLU E 407 14.43 -20.95 47.75
CA GLU E 407 13.96 -19.78 47.02
C GLU E 407 12.58 -20.04 46.45
N TYR E 408 11.81 -18.97 46.29
CA TYR E 408 10.49 -19.02 45.67
C TYR E 408 10.38 -17.82 44.73
N GLU E 409 10.45 -18.08 43.43
CA GLU E 409 10.44 -17.04 42.42
C GLU E 409 9.24 -17.21 41.51
N LEU E 410 8.47 -16.15 41.33
CA LEU E 410 7.33 -16.16 40.43
C LEU E 410 7.79 -15.91 39.00
N ASN E 411 6.85 -16.03 38.06
CA ASN E 411 7.16 -15.84 36.66
C ASN E 411 7.56 -14.39 36.37
N SER E 412 8.86 -14.15 36.21
CA SER E 412 9.35 -12.82 35.88
C SER E 412 9.43 -12.55 34.39
N ASP E 413 9.18 -13.57 33.56
CA ASP E 413 9.18 -13.41 32.12
C ASP E 413 7.74 -13.29 31.64
N PHE E 414 7.31 -12.05 31.38
CA PHE E 414 5.94 -11.76 30.99
C PHE E 414 5.80 -11.92 29.47
N ASP E 415 4.61 -11.63 28.95
CA ASP E 415 4.31 -11.82 27.52
C ASP E 415 4.61 -13.25 27.08
N ILE E 416 4.25 -14.21 27.92
CA ILE E 416 4.55 -15.61 27.69
C ILE E 416 3.61 -16.17 26.63
N ASN E 417 4.17 -16.95 25.70
CA ASN E 417 3.40 -17.58 24.64
C ASN E 417 4.02 -18.93 24.31
N LYS E 418 3.33 -19.69 23.48
CA LYS E 418 3.84 -20.99 23.05
C LYS E 418 5.13 -20.83 22.28
N MET E 419 6.11 -21.66 22.60
CA MET E 419 7.42 -21.55 21.98
C MET E 419 7.38 -22.09 20.54
N SER E 420 8.16 -21.44 19.68
CA SER E 420 8.21 -21.78 18.27
C SER E 420 9.12 -22.99 18.04
N PRO E 421 8.92 -23.70 16.92
CA PRO E 421 9.83 -24.82 16.60
C PRO E 421 11.30 -24.42 16.56
N GLU E 422 11.59 -23.23 16.02
CA GLU E 422 12.97 -22.75 16.02
C GLU E 422 13.46 -22.52 17.44
N GLU E 423 12.60 -21.96 18.31
CA GLU E 423 12.98 -21.79 19.71
C GLU E 423 13.21 -23.13 20.39
N LEU E 424 12.38 -24.14 20.05
CA LEU E 424 12.57 -25.46 20.62
C LEU E 424 13.90 -26.05 20.20
N ALA E 425 14.24 -25.94 18.92
CA ALA E 425 15.53 -26.43 18.46
C ALA E 425 16.67 -25.69 19.14
N ALA E 426 16.51 -24.37 19.34
CA ALA E 426 17.54 -23.59 20.00
C ALA E 426 17.77 -24.05 21.44
N VAL E 427 16.69 -24.28 22.19
CA VAL E 427 16.88 -24.68 23.58
C VAL E 427 17.44 -26.10 23.66
N ILE E 428 17.04 -26.99 22.73
CA ILE E 428 17.62 -28.33 22.72
C ILE E 428 19.11 -28.25 22.43
N SER E 429 19.51 -27.43 21.47
CA SER E 429 20.92 -27.29 21.15
C SER E 429 21.69 -26.68 22.33
N ALA E 430 21.08 -25.72 23.03
CA ALA E 430 21.73 -25.14 24.19
C ALA E 430 21.91 -26.16 25.31
N TRP E 431 20.92 -27.02 25.52
CA TRP E 431 21.05 -28.07 26.53
C TRP E 431 22.13 -29.08 26.14
N GLN E 432 22.25 -29.39 24.85
CA GLN E 432 23.28 -30.31 24.41
C GLN E 432 24.69 -29.76 24.67
N SER E 433 24.83 -28.46 24.81
CA SER E 433 26.06 -27.84 25.27
C SER E 433 25.98 -27.60 26.78
N ASN E 434 27.13 -27.31 27.38
CA ASN E 434 27.21 -27.09 28.82
C ASN E 434 26.90 -25.63 29.15
N ALA E 435 25.69 -25.19 28.76
CA ALA E 435 25.29 -23.82 28.97
C ALA E 435 23.92 -23.72 29.65
N ILE E 436 23.05 -24.70 29.40
CA ILE E 436 21.72 -24.74 30.00
C ILE E 436 21.58 -26.06 30.75
N SER E 437 21.13 -25.97 31.99
CA SER E 437 20.91 -27.15 32.80
C SER E 437 19.76 -27.98 32.24
N PHE E 438 19.80 -29.28 32.51
CA PHE E 438 18.73 -30.16 32.05
C PHE E 438 17.39 -29.74 32.65
N THR E 439 17.38 -29.45 33.95
CA THR E 439 16.18 -28.92 34.58
C THR E 439 15.85 -27.54 34.04
N GLU E 440 16.86 -26.74 33.69
CA GLU E 440 16.61 -25.45 33.08
C GLU E 440 15.91 -25.60 31.73
N MET E 441 16.37 -26.55 30.91
CA MET E 441 15.72 -26.80 29.63
C MET E 441 14.31 -27.34 29.83
N ARG E 442 14.11 -28.19 30.84
CA ARG E 442 12.78 -28.68 31.14
C ARG E 442 11.85 -27.54 31.55
N TRP E 443 12.35 -26.61 32.37
CA TRP E 443 11.55 -25.45 32.75
C TRP E 443 11.24 -24.58 31.54
N GLN E 444 12.22 -24.43 30.63
CA GLN E 444 11.97 -23.71 29.38
C GLN E 444 10.84 -24.35 28.60
N ILE E 445 10.90 -25.68 28.42
CA ILE E 445 9.94 -26.37 27.57
C ILE E 445 8.57 -26.44 28.24
N LYS E 446 8.53 -26.38 29.57
CA LYS E 446 7.25 -26.28 30.27
C LYS E 446 6.66 -24.88 30.20
N LYS E 447 7.52 -23.86 30.20
CA LYS E 447 7.03 -22.49 30.08
C LYS E 447 6.36 -22.26 28.73
N GLY E 448 6.91 -22.85 27.67
CA GLY E 448 6.35 -22.75 26.35
C GLY E 448 5.17 -23.64 26.07
N GLY E 449 4.66 -24.35 27.08
CA GLY E 449 3.53 -25.23 26.90
C GLY E 449 3.83 -26.42 26.02
N ARG E 450 5.02 -27.00 26.15
CA ARG E 450 5.43 -28.13 25.33
C ARG E 450 5.68 -29.41 26.13
N ALA E 451 5.50 -29.38 27.45
CA ALA E 451 5.69 -30.56 28.27
C ALA E 451 4.90 -30.39 29.56
N TYR E 452 4.46 -31.51 30.13
CA TYR E 452 3.66 -31.46 31.34
C TYR E 452 4.20 -32.38 32.42
N LEU E 453 4.82 -33.50 32.02
CA LEU E 453 5.35 -34.43 33.00
C LEU E 453 6.55 -33.82 33.73
N GLU E 454 6.74 -34.27 34.96
CA GLU E 454 7.85 -33.81 35.77
C GLU E 454 9.17 -34.29 35.19
N ASP E 455 10.26 -33.61 35.59
CA ASP E 455 11.58 -33.99 35.10
C ASP E 455 11.95 -35.40 35.53
N GLU E 456 11.62 -35.77 36.77
CA GLU E 456 11.95 -37.11 37.27
C GLU E 456 11.20 -38.19 36.51
N ASP E 457 9.92 -37.95 36.20
CA ASP E 457 9.16 -38.92 35.43
C ASP E 457 9.74 -39.11 34.03
N MET E 458 10.12 -38.01 33.38
CA MET E 458 10.74 -38.09 32.07
C MET E 458 12.06 -38.84 32.13
N ARG E 459 12.88 -38.56 33.14
CA ARG E 459 14.14 -39.28 33.30
C ARG E 459 13.90 -40.77 33.50
N ASN E 460 12.94 -41.12 34.34
CA ASN E 460 12.66 -42.53 34.61
C ASN E 460 12.18 -43.25 33.35
N GLU E 461 11.32 -42.60 32.55
CA GLU E 461 10.83 -43.26 31.35
C GLU E 461 11.91 -43.36 30.28
N SER E 462 12.74 -42.33 30.15
CA SER E 462 13.80 -42.33 29.15
C SER E 462 15.01 -43.16 29.58
N GLU E 463 15.07 -43.60 30.83
CA GLU E 463 16.17 -44.45 31.27
C GLU E 463 16.16 -45.79 30.51
N GLN E 464 14.98 -46.34 30.27
CA GLN E 464 14.89 -47.61 29.58
C GLN E 464 15.19 -47.45 28.09
N ASP E 465 15.28 -48.59 27.41
CA ASP E 465 15.64 -48.60 26.00
C ASP E 465 14.51 -48.03 25.14
N ASP E 466 14.88 -47.60 23.94
CA ASP E 466 13.89 -47.07 23.01
C ASP E 466 12.96 -48.18 22.54
N PRO E 467 11.72 -47.85 22.19
CA PRO E 467 10.80 -48.87 21.68
C PRO E 467 11.29 -49.50 20.39
N LEU E 468 11.57 -48.66 19.38
CA LEU E 468 12.01 -49.11 18.07
C LEU E 468 11.09 -50.18 17.49
N ASP F 3 21.01 33.00 58.90
CA ASP F 3 22.06 32.17 59.45
C ASP F 3 21.71 31.75 60.89
N SER F 4 21.81 30.45 61.16
CA SER F 4 21.52 29.91 62.48
C SER F 4 22.61 28.93 62.88
N ASN F 5 22.91 28.90 64.17
CA ASN F 5 23.93 28.02 64.73
C ASN F 5 23.35 26.70 65.24
N ASN F 6 22.04 26.50 65.12
CA ASN F 6 21.42 25.28 65.61
C ASN F 6 21.71 24.12 64.66
N ILE F 7 21.65 22.91 65.21
CA ILE F 7 21.84 21.71 64.40
C ILE F 7 20.71 21.52 63.40
N LYS F 8 19.57 22.17 63.62
CA LYS F 8 18.42 22.07 62.72
C LYS F 8 18.49 23.04 61.56
N TYR F 9 19.55 23.84 61.47
CA TYR F 9 19.66 24.83 60.41
C TYR F 9 19.73 24.16 59.04
N VAL F 10 18.96 24.69 58.09
CA VAL F 10 18.87 24.15 56.75
C VAL F 10 19.49 25.15 55.78
N ARG F 11 20.27 24.64 54.84
CA ARG F 11 20.92 25.50 53.86
C ARG F 11 19.87 26.19 52.99
N GLU F 12 20.20 27.40 52.53
CA GLU F 12 19.22 28.23 51.83
C GLU F 12 18.78 27.59 50.52
N ASP F 13 19.71 27.00 49.78
CA ASP F 13 19.35 26.35 48.51
C ASP F 13 18.44 25.16 48.74
N ALA F 14 18.61 24.43 49.83
CA ALA F 14 17.68 23.35 50.16
C ALA F 14 16.28 23.89 50.40
N LYS F 15 16.17 25.02 51.11
CA LYS F 15 14.87 25.64 51.31
C LYS F 15 14.27 26.08 49.98
N LYS F 16 15.09 26.62 49.09
CA LYS F 16 14.60 27.02 47.77
C LYS F 16 14.08 25.84 46.98
N MET F 17 14.78 24.71 47.03
CA MET F 17 14.37 23.51 46.29
C MET F 17 13.25 22.75 47.00
N HIS F 18 12.95 23.09 48.25
CA HIS F 18 11.89 22.40 48.98
C HIS F 18 10.55 22.53 48.26
N LYS F 19 10.27 23.69 47.67
CA LYS F 19 9.00 23.87 46.99
C LYS F 19 8.87 22.93 45.79
N LEU F 20 9.91 22.86 44.97
CA LEU F 20 9.88 21.95 43.83
C LEU F 20 9.80 20.50 44.29
N TRP F 21 10.53 20.15 45.35
CA TRP F 21 10.48 18.79 45.87
C TRP F 21 9.08 18.44 46.32
N ALA F 22 8.42 19.35 47.04
CA ALA F 22 7.06 19.10 47.51
C ALA F 22 6.09 18.98 46.34
N HIS F 23 6.24 19.83 45.31
CA HIS F 23 5.36 19.73 44.15
C HIS F 23 5.53 18.38 43.45
N ILE F 24 6.78 17.94 43.32
CA ILE F 24 7.03 16.65 42.68
C ILE F 24 6.46 15.52 43.53
N ARG F 25 6.56 15.64 44.86
CA ARG F 25 5.99 14.61 45.73
C ARG F 25 4.47 14.54 45.58
N MET F 26 3.80 15.69 45.50
CA MET F 26 2.36 15.67 45.26
C MET F 26 2.04 15.08 43.90
N ALA F 27 2.88 15.35 42.89
CA ALA F 27 2.66 14.76 41.57
C ALA F 27 2.77 13.24 41.62
N MET F 28 3.77 12.72 42.34
CA MET F 28 3.90 11.28 42.50
C MET F 28 2.75 10.69 43.29
N GLU F 29 2.25 11.42 44.30
CA GLU F 29 1.25 10.86 45.21
C GLU F 29 -0.02 10.46 44.47
N GLY F 30 -0.49 11.31 43.56
CA GLY F 30 -1.64 10.98 42.76
C GLY F 30 -2.58 12.15 42.67
N SER F 31 -3.86 11.83 42.43
CA SER F 31 -4.86 12.87 42.24
C SER F 31 -5.27 13.50 43.57
N ARG F 32 -5.28 12.71 44.66
CA ARG F 32 -5.76 13.23 45.93
C ARG F 32 -4.93 14.40 46.42
N ALA F 33 -3.60 14.28 46.33
CA ALA F 33 -2.74 15.38 46.75
C ALA F 33 -2.88 16.59 45.84
N ILE F 34 -3.09 16.36 44.53
CA ILE F 34 -3.23 17.47 43.60
C ILE F 34 -4.51 18.26 43.90
N LYS F 35 -5.62 17.55 44.09
CA LYS F 35 -6.87 18.23 44.40
C LYS F 35 -6.91 18.79 45.82
N ASP F 36 -6.07 18.26 46.71
CA ASP F 36 -5.99 18.82 48.06
C ASP F 36 -5.38 20.22 48.03
N ASN F 37 -4.27 20.38 47.32
CA ASN F 37 -3.58 21.67 47.20
C ASN F 37 -3.89 22.35 45.88
N ALA F 38 -5.13 22.20 45.39
CA ALA F 38 -5.49 22.73 44.08
C ALA F 38 -5.41 24.25 44.01
N LYS F 39 -5.40 24.93 45.16
CA LYS F 39 -5.26 26.39 45.15
C LYS F 39 -3.90 26.80 44.59
N GLU F 40 -2.85 26.04 44.90
CA GLU F 40 -1.53 26.37 44.40
C GLU F 40 -1.42 26.15 42.90
N PHE F 41 -2.11 25.14 42.36
CA PHE F 41 -1.98 24.75 40.97
C PHE F 41 -3.00 25.44 40.07
N VAL F 42 -4.29 25.27 40.36
CA VAL F 42 -5.36 25.80 39.53
C VAL F 42 -5.74 27.18 40.09
N PRO F 43 -5.53 28.26 39.35
CA PRO F 43 -5.97 29.57 39.82
C PRO F 43 -7.49 29.68 39.78
N HIS F 44 -8.02 30.48 40.70
CA HIS F 44 -9.46 30.71 40.74
C HIS F 44 -9.88 31.49 39.50
N PRO F 45 -10.98 31.11 38.84
CA PRO F 45 -11.43 31.88 37.66
C PRO F 45 -11.78 33.31 37.98
N ASP F 46 -12.09 33.64 39.23
CA ASP F 46 -12.41 35.01 39.61
C ASP F 46 -12.05 35.20 41.08
N ASN F 47 -11.22 36.22 41.36
CA ASN F 47 -10.88 36.53 42.75
C ASN F 47 -12.06 37.14 43.50
N THR F 48 -12.88 37.93 42.81
CA THR F 48 -14.06 38.51 43.44
C THR F 48 -15.00 37.42 43.94
N LYS F 49 -15.20 36.38 43.12
CA LYS F 49 -15.96 35.22 43.58
C LYS F 49 -15.27 34.55 44.76
N ALA F 50 -13.94 34.43 44.70
CA ALA F 50 -13.20 33.76 45.77
C ALA F 50 -13.41 34.45 47.10
N THR F 51 -13.58 35.79 47.08
CA THR F 51 -13.89 36.49 48.32
C THR F 51 -15.23 36.05 48.89
N THR F 52 -16.23 35.88 48.05
CA THR F 52 -17.57 35.48 48.49
C THR F 52 -17.61 34.00 48.82
N PRO F 53 -18.58 33.58 49.64
CA PRO F 53 -18.70 32.14 49.95
C PRO F 53 -19.24 31.32 48.79
N GLU F 54 -20.19 31.84 48.02
CA GLU F 54 -20.69 31.08 46.88
C GLU F 54 -19.61 30.91 45.81
N GLY F 55 -18.67 31.86 45.74
CA GLY F 55 -17.57 31.70 44.80
C GLY F 55 -16.68 30.52 45.15
N VAL F 56 -16.32 30.38 46.43
CA VAL F 56 -15.49 29.25 46.82
C VAL F 56 -16.30 27.96 46.76
N ALA F 57 -17.62 28.03 47.00
CA ALA F 57 -18.45 26.85 46.82
C ALA F 57 -18.44 26.38 45.37
N ARG F 58 -18.51 27.32 44.43
CA ARG F 58 -18.40 26.97 43.01
C ARG F 58 -17.01 26.44 42.66
N TYR F 59 -15.98 27.04 43.28
CA TYR F 59 -14.61 26.60 43.02
C TYR F 59 -14.38 25.16 43.49
N LYS F 60 -15.04 24.78 44.59
CA LYS F 60 -14.90 23.41 45.07
C LYS F 60 -15.41 22.41 44.03
N ALA F 61 -16.60 22.67 43.47
CA ALA F 61 -17.13 21.80 42.42
C ALA F 61 -16.30 21.89 41.15
N TYR F 62 -15.70 23.06 40.90
CA TYR F 62 -14.80 23.22 39.76
C TYR F 62 -13.60 22.29 39.89
N ILE F 63 -13.02 22.21 41.08
CA ILE F 63 -11.87 21.33 41.30
C ILE F 63 -12.29 19.87 41.29
N GLU F 64 -13.44 19.56 41.88
CA GLU F 64 -13.88 18.16 41.97
C GLU F 64 -14.11 17.56 40.59
N ARG F 65 -14.70 18.33 39.67
CA ARG F 65 -14.98 17.83 38.33
C ARG F 65 -13.72 17.61 37.50
N ALA F 66 -12.57 18.10 37.94
CA ALA F 66 -11.35 18.01 37.15
C ALA F 66 -10.85 16.57 37.11
N VAL F 67 -9.96 16.31 36.15
CA VAL F 67 -9.39 14.98 35.94
C VAL F 67 -7.87 15.12 36.01
N TRP F 68 -7.23 14.31 36.86
CA TRP F 68 -5.78 14.28 36.97
C TRP F 68 -5.24 13.13 36.12
N TYR F 69 -4.31 13.46 35.23
CA TYR F 69 -3.74 12.44 34.35
C TYR F 69 -2.90 11.43 35.13
N GLY F 70 -2.08 11.90 36.06
CA GLY F 70 -1.14 11.01 36.73
C GLY F 70 -0.08 10.47 35.80
N ALA F 71 0.47 11.30 34.92
CA ALA F 71 1.47 10.87 33.96
C ALA F 71 2.88 10.85 34.52
N SER F 72 3.20 11.74 35.44
CA SER F 72 4.55 11.77 36.01
C SER F 72 4.85 10.50 36.81
N ALA F 73 3.86 10.01 37.56
CA ALA F 73 4.04 8.76 38.27
C ALA F 73 4.25 7.61 37.29
N ASN F 74 3.54 7.62 36.17
CA ASN F 74 3.74 6.59 35.15
C ASN F 74 5.13 6.66 34.56
N THR F 75 5.64 7.88 34.33
CA THR F 75 7.01 8.03 33.84
C THR F 75 8.00 7.46 34.84
N VAL F 76 7.82 7.77 36.12
CA VAL F 76 8.73 7.25 37.14
C VAL F 76 8.68 5.73 37.18
N ASP F 77 7.49 5.15 37.14
CA ASP F 77 7.35 3.70 37.18
C ASP F 77 8.01 3.06 35.97
N GLY F 78 7.78 3.61 34.78
CA GLY F 78 8.38 3.04 33.59
C GLY F 78 9.89 3.17 33.59
N MET F 79 10.41 4.30 34.07
CA MET F 79 11.86 4.48 34.15
C MET F 79 12.47 3.49 35.13
N LEU F 80 11.82 3.27 36.27
CA LEU F 80 12.30 2.28 37.22
C LEU F 80 12.28 0.88 36.62
N GLY F 81 11.21 0.55 35.91
CA GLY F 81 11.14 -0.77 35.30
C GLY F 81 12.21 -0.97 34.24
N GLN F 82 12.50 0.08 33.46
CA GLN F 82 13.55 -0.01 32.46
C GLN F 82 14.92 -0.18 33.12
N ILE F 83 15.20 0.61 34.15
CA ILE F 83 16.51 0.53 34.81
C ILE F 83 16.65 -0.79 35.56
N PHE F 84 15.62 -1.15 36.35
CA PHE F 84 15.70 -2.33 37.19
C PHE F 84 15.00 -3.50 36.51
N ALA F 85 15.76 -4.20 35.69
CA ALA F 85 15.35 -5.48 35.12
C ALA F 85 16.34 -6.55 35.56
N ARG F 86 15.82 -7.75 35.80
CA ARG F 86 16.58 -8.86 36.38
C ARG F 86 17.11 -8.36 37.74
N ASP F 87 18.40 -8.47 38.01
CA ASP F 87 18.97 -7.96 39.25
C ASP F 87 20.32 -7.33 38.97
N PRO F 88 20.72 -6.33 39.75
CA PRO F 88 22.06 -5.77 39.58
C PRO F 88 23.13 -6.81 39.85
N VAL F 89 24.22 -6.73 39.08
CA VAL F 89 25.30 -7.70 39.17
C VAL F 89 26.31 -7.23 40.20
N PHE F 90 26.67 -8.12 41.13
CA PHE F 90 27.67 -7.85 42.14
C PHE F 90 28.96 -8.57 41.80
N THR F 91 30.06 -7.83 41.81
CA THR F 91 31.38 -8.36 41.46
C THR F 91 32.22 -8.50 42.73
N GLY F 92 32.80 -9.68 42.91
CA GLY F 92 33.60 -9.95 44.07
C GLY F 92 33.09 -11.16 44.84
N PRO F 93 33.65 -11.42 46.01
CA PRO F 93 33.17 -12.53 46.83
C PRO F 93 31.72 -12.30 47.25
N GLU F 94 30.94 -13.37 47.24
CA GLU F 94 29.54 -13.30 47.60
C GLU F 94 29.24 -13.87 48.98
N ASP F 95 29.94 -14.93 49.39
CA ASP F 95 29.74 -15.49 50.71
C ASP F 95 30.21 -14.53 51.80
N LYS F 96 31.25 -13.75 51.51
CA LYS F 96 31.79 -12.79 52.47
C LYS F 96 30.97 -11.51 52.56
N PHE F 97 30.03 -11.30 51.64
CA PHE F 97 29.18 -10.12 51.65
C PHE F 97 27.69 -10.47 51.74
N ASP F 98 27.36 -11.69 52.16
CA ASP F 98 25.97 -12.13 52.14
C ASP F 98 25.11 -11.32 53.09
N MET F 99 25.68 -10.86 54.21
CA MET F 99 24.90 -10.09 55.17
C MET F 99 24.47 -8.75 54.60
N LEU F 100 25.25 -8.17 53.69
CA LEU F 100 24.85 -6.92 53.06
C LEU F 100 23.79 -7.14 52.00
N ILE F 101 23.88 -8.24 51.25
CA ILE F 101 22.90 -8.50 50.20
C ILE F 101 21.56 -8.86 50.80
N ASN F 102 21.55 -9.70 51.84
CA ASN F 102 20.29 -10.16 52.43
C ASN F 102 19.56 -9.01 53.11
N ASP F 103 20.24 -8.28 53.98
CA ASP F 103 19.65 -7.15 54.69
C ASP F 103 20.68 -6.03 54.73
N VAL F 104 20.50 -5.02 53.90
CA VAL F 104 21.49 -3.96 53.76
C VAL F 104 21.53 -3.09 55.02
N ASP F 105 20.40 -3.00 55.73
CA ASP F 105 20.31 -2.20 56.95
C ASP F 105 19.74 -3.00 58.11
N GLY F 106 19.88 -4.33 58.06
CA GLY F 106 19.41 -5.18 59.13
C GLY F 106 17.90 -5.17 59.34
N SER F 107 17.13 -5.04 58.26
CA SER F 107 15.68 -5.07 58.34
C SER F 107 15.07 -6.14 57.45
N GLY F 108 15.89 -7.03 56.88
CA GLY F 108 15.41 -8.00 55.94
C GLY F 108 15.22 -7.50 54.53
N LEU F 109 15.49 -6.21 54.29
CA LEU F 109 15.35 -5.64 52.96
C LEU F 109 16.65 -5.86 52.19
N SER F 110 16.54 -6.49 51.03
CA SER F 110 17.73 -6.78 50.23
C SER F 110 18.32 -5.49 49.68
N ILE F 111 19.62 -5.56 49.33
CA ILE F 111 20.30 -4.40 48.78
C ILE F 111 19.66 -3.99 47.45
N HIS F 112 19.06 -4.94 46.73
CA HIS F 112 18.42 -4.61 45.46
C HIS F 112 17.23 -3.70 45.65
N GLN F 113 16.41 -3.96 46.69
CA GLN F 113 15.26 -3.09 46.94
C GLN F 113 15.70 -1.68 47.34
N GLN F 114 16.74 -1.58 48.17
CA GLN F 114 17.25 -0.26 48.54
C GLN F 114 17.81 0.47 47.32
N ALA F 115 18.49 -0.26 46.44
CA ALA F 115 18.99 0.35 45.21
C ALA F 115 17.83 0.83 44.34
N ARG F 116 16.75 0.05 44.28
CA ARG F 116 15.57 0.46 43.53
C ARG F 116 14.96 1.74 44.10
N ASP F 117 14.88 1.82 45.44
CA ASP F 117 14.35 3.02 46.06
C ASP F 117 15.24 4.23 45.78
N SER F 118 16.56 4.03 45.85
CA SER F 118 17.49 5.11 45.55
C SER F 118 17.35 5.57 44.10
N ALA F 119 17.20 4.61 43.19
CA ALA F 119 17.02 4.97 41.77
C ALA F 119 15.72 5.72 41.57
N GLU F 120 14.65 5.32 42.26
CA GLU F 120 13.39 6.04 42.15
C GLU F 120 13.53 7.47 42.66
N ASP F 121 14.21 7.66 43.79
CA ASP F 121 14.41 9.00 44.32
C ASP F 121 15.28 9.84 43.39
N ALA F 122 16.29 9.24 42.77
CA ALA F 122 17.15 9.99 41.86
C ALA F 122 16.45 10.30 40.55
N LEU F 123 15.51 9.46 40.13
CA LEU F 123 14.76 9.74 38.91
C LEU F 123 13.69 10.78 39.13
N SER F 124 13.06 10.78 40.32
CA SER F 124 11.92 11.66 40.56
C SER F 124 12.35 13.08 40.89
N LEU F 125 13.10 13.25 41.99
CA LEU F 125 13.56 14.58 42.37
C LEU F 125 15.09 14.74 42.32
N GLY F 126 15.81 13.70 41.89
CA GLY F 126 17.23 13.86 41.60
C GLY F 126 18.12 14.15 42.78
N ARG F 127 17.91 13.49 43.91
CA ARG F 127 18.79 13.65 45.06
C ARG F 127 18.59 12.49 46.02
N GLY F 128 19.65 12.17 46.75
CA GLY F 128 19.62 11.10 47.72
C GLY F 128 20.93 11.06 48.47
N GLY F 129 21.01 10.11 49.41
CA GLY F 129 22.22 9.96 50.20
C GLY F 129 22.40 8.54 50.65
N LEU F 130 23.66 8.11 50.77
CA LEU F 130 24.03 6.80 51.28
C LEU F 130 25.04 6.99 52.40
N PHE F 131 24.76 6.41 53.56
CA PHE F 131 25.62 6.53 54.73
C PHE F 131 25.96 5.14 55.23
N VAL F 132 27.23 4.92 55.55
CA VAL F 132 27.70 3.64 56.06
C VAL F 132 28.26 3.87 57.46
N ASP F 133 27.75 3.12 58.43
CA ASP F 133 28.19 3.25 59.82
C ASP F 133 28.27 1.88 60.47
N TYR F 134 28.96 1.83 61.60
CA TYR F 134 29.15 0.60 62.35
C TYR F 134 28.17 0.54 63.51
N SER F 135 27.59 -0.64 63.73
CA SER F 135 26.61 -0.80 64.81
C SER F 135 27.24 -0.56 66.17
N ALA F 152 28.38 -7.40 65.84
CA ALA F 152 28.48 -6.07 65.21
C ALA F 152 28.47 -6.21 63.68
N ARG F 153 28.08 -5.15 62.96
CA ARG F 153 27.95 -5.24 61.47
C ARG F 153 27.82 -3.84 60.87
N PRO F 154 28.25 -3.57 59.61
CA PRO F 154 28.03 -2.26 59.00
C PRO F 154 26.71 -2.19 58.26
N TYR F 155 26.04 -1.06 58.38
CA TYR F 155 24.73 -0.86 57.79
C TYR F 155 24.80 0.29 56.79
N ILE F 156 24.29 0.06 55.59
CA ILE F 156 24.25 1.08 54.54
C ILE F 156 22.92 1.81 54.65
N LYS F 157 22.98 3.11 54.91
CA LYS F 157 21.79 3.91 55.16
C LYS F 157 21.09 4.25 53.86
N PHE F 158 19.88 4.76 53.99
CA PHE F 158 19.19 5.45 52.91
C PHE F 158 18.64 6.75 53.47
N ILE F 159 19.14 7.88 52.98
CA ILE F 159 18.76 9.20 53.47
C ILE F 159 17.97 9.90 52.37
N ALA F 160 16.74 10.28 52.69
CA ALA F 160 15.91 11.01 51.74
C ALA F 160 16.48 12.40 51.50
N ALA F 161 16.16 12.96 50.33
CA ALA F 161 16.76 14.23 49.92
C ALA F 161 16.43 15.35 50.89
N GLU F 162 15.18 15.40 51.39
CA GLU F 162 14.81 16.43 52.35
C GLU F 162 15.54 16.26 53.68
N ASP F 163 16.07 15.07 53.97
CA ASP F 163 16.74 14.84 55.24
C ASP F 163 18.11 15.50 55.27
N ILE F 164 18.87 15.45 54.19
CA ILE F 164 20.16 16.13 54.13
C ILE F 164 19.87 17.63 54.09
N LEU F 165 20.19 18.33 55.18
CA LEU F 165 19.85 19.74 55.32
C LEU F 165 21.06 20.64 55.48
N ASN F 166 22.28 20.09 55.50
CA ASN F 166 23.46 20.92 55.66
C ASN F 166 24.68 20.17 55.13
N TRP F 167 25.55 20.89 54.43
CA TRP F 167 26.80 20.34 53.96
C TRP F 167 27.77 21.49 53.68
N ARG F 168 29.05 21.16 53.59
CA ARG F 168 30.10 22.16 53.38
C ARG F 168 31.15 21.60 52.44
N GLU F 169 31.77 22.48 51.65
CA GLU F 169 32.84 22.12 50.73
C GLU F 169 34.05 22.98 51.03
N ARG F 170 34.88 22.53 51.97
CA ARG F 170 36.11 23.21 52.35
C ARG F 170 37.28 22.49 51.70
N TRP F 171 38.05 23.22 50.89
CA TRP F 171 39.18 22.63 50.18
C TRP F 171 40.36 22.45 51.12
N VAL F 172 40.86 21.22 51.19
CA VAL F 172 42.00 20.88 52.03
C VAL F 172 43.14 20.47 51.12
N ASN F 173 44.25 21.20 51.19
CA ASN F 173 45.42 20.95 50.35
C ASN F 173 45.04 20.91 48.87
N GLY F 174 44.17 21.85 48.47
CA GLY F 174 43.77 21.95 47.08
C GLY F 174 42.93 20.80 46.57
N ALA F 175 42.05 20.24 47.40
CA ALA F 175 41.17 19.16 46.99
C ALA F 175 39.76 19.40 47.49
N LYS F 176 38.77 18.98 46.71
CA LYS F 176 37.38 18.96 47.15
C LYS F 176 37.21 17.97 48.30
N ARG F 177 36.98 18.48 49.50
CA ARG F 177 36.70 17.65 50.66
C ARG F 177 35.41 18.13 51.31
N THR F 178 34.50 17.20 51.57
CA THR F 178 33.24 17.51 52.26
C THR F 178 33.52 17.40 53.75
N THR F 179 33.63 18.55 54.42
CA THR F 179 34.01 18.57 55.83
C THR F 179 32.83 18.39 56.77
N LEU F 180 31.73 19.11 56.53
CA LEU F 180 30.55 19.02 57.37
C LEU F 180 29.39 18.46 56.56
N LEU F 181 28.57 17.62 57.19
CA LEU F 181 27.38 17.08 56.55
C LEU F 181 26.43 16.64 57.65
N VAL F 182 25.27 17.30 57.75
CA VAL F 182 24.28 17.00 58.78
C VAL F 182 22.99 16.60 58.08
N PHE F 183 22.47 15.43 58.44
CA PHE F 183 21.24 14.92 57.87
C PHE F 183 20.30 14.49 58.98
N ARG F 184 19.01 14.71 58.77
CA ARG F 184 18.01 14.39 59.78
C ARG F 184 17.68 12.90 59.74
N GLU F 185 17.66 12.27 60.91
CA GLU F 185 17.33 10.86 61.06
C GLU F 185 16.00 10.80 61.80
N GLU F 186 15.02 10.14 61.19
CA GLU F 186 13.70 10.01 61.77
C GLU F 186 13.49 8.60 62.29
N SER F 187 12.82 8.49 63.44
CA SER F 187 12.58 7.19 64.05
C SER F 187 11.28 7.25 64.85
N ASP F 188 10.75 6.08 65.15
CA ASP F 188 9.52 5.95 65.91
C ASP F 188 9.85 5.52 67.34
N ALA F 189 9.30 6.23 68.31
CA ALA F 189 9.58 5.93 69.71
C ALA F 189 8.87 4.64 70.12
N ASP F 190 9.62 3.72 70.72
CA ASP F 190 9.08 2.45 71.17
C ASP F 190 8.76 2.56 72.65
N ASP F 191 7.68 3.28 72.95
CA ASP F 191 7.21 3.42 74.33
C ASP F 191 6.41 2.18 74.73
N ASP F 192 5.98 2.15 75.99
CA ASP F 192 5.18 1.03 76.47
C ASP F 192 3.84 0.95 75.77
N GLY F 193 3.20 2.09 75.55
CA GLY F 193 1.89 2.10 74.92
C GLY F 193 1.96 1.95 73.41
N TYR F 194 0.80 1.73 72.82
CA TYR F 194 0.69 1.59 71.37
C TYR F 194 0.56 2.92 70.65
N GLN F 195 0.44 4.02 71.39
CA GLN F 195 0.36 5.34 70.76
C GLN F 195 1.65 5.65 70.00
N ILE F 196 1.49 6.16 68.79
CA ILE F 196 2.64 6.42 67.92
C ILE F 196 3.21 7.79 68.26
N TYR F 197 4.50 7.82 68.59
CA TYR F 197 5.21 9.06 68.84
C TYR F 197 6.06 9.39 67.61
N LYS F 198 6.87 10.45 67.70
CA LYS F 198 7.73 10.85 66.60
C LYS F 198 8.92 11.61 67.18
N GLU F 199 10.06 10.93 67.25
CA GLU F 199 11.30 11.56 67.71
C GLU F 199 12.31 11.59 66.58
N GLU F 200 13.11 12.64 66.54
CA GLU F 200 14.08 12.85 65.48
C GLU F 200 15.50 12.80 66.03
N VAL F 201 16.41 12.32 65.20
CA VAL F 201 17.84 12.25 65.53
C VAL F 201 18.61 13.01 64.46
N TRP F 202 19.58 13.79 64.89
CA TRP F 202 20.44 14.54 63.97
C TRP F 202 21.86 14.01 64.06
N ARG F 203 22.41 13.64 62.91
CA ARG F 203 23.78 13.13 62.82
C ARG F 203 24.68 14.21 62.26
N GLU F 204 25.76 14.52 62.97
CA GLU F 204 26.71 15.54 62.57
C GLU F 204 28.00 14.85 62.14
N LEU F 205 28.26 14.85 60.84
CA LEU F 205 29.46 14.23 60.27
C LEU F 205 30.48 15.32 60.00
N ARG F 206 31.64 15.21 60.65
CA ARG F 206 32.68 16.23 60.56
C ARG F 206 34.00 15.61 60.12
N LEU F 207 34.78 16.39 59.38
CA LEU F 207 36.08 15.95 58.88
C LEU F 207 37.11 17.03 59.24
N VAL F 208 37.93 16.74 60.25
CA VAL F 208 39.00 17.64 60.67
C VAL F 208 40.34 17.00 60.33
N ASP F 209 41.23 17.80 59.72
CA ASP F 209 42.54 17.38 59.24
C ASP F 209 42.53 15.97 58.65
N GLY F 210 41.56 15.70 57.77
CA GLY F 210 41.47 14.39 57.14
C GLY F 210 41.15 13.25 58.10
N THR F 211 40.30 13.50 59.08
CA THR F 211 39.87 12.47 60.02
C THR F 211 38.37 12.57 60.23
N TYR F 212 37.69 11.43 60.11
CA TYR F 212 36.23 11.40 60.17
C TYR F 212 35.76 11.37 61.62
N TRP F 213 34.97 12.36 62.01
CA TRP F 213 34.34 12.43 63.32
C TRP F 213 32.83 12.48 63.14
N GLN F 214 32.11 11.93 64.12
CA GLN F 214 30.66 11.92 64.06
C GLN F 214 30.08 11.98 65.46
N ARG F 215 28.84 12.47 65.54
CA ARG F 215 28.08 12.50 66.78
C ARG F 215 26.60 12.57 66.44
N THR F 216 25.77 12.23 67.43
CA THR F 216 24.33 12.18 67.25
C THR F 216 23.66 13.20 68.16
N TRP F 217 22.59 13.82 67.65
CA TRP F 217 21.79 14.77 68.40
C TRP F 217 20.37 14.22 68.53
N ARG F 218 19.84 14.25 69.74
CA ARG F 218 18.50 13.76 70.02
C ARG F 218 17.67 14.85 70.68
N GLU F 219 16.37 14.83 70.42
CA GLU F 219 15.43 15.81 70.94
C GLU F 219 14.32 15.12 71.70
N ASN F 220 13.96 15.65 72.86
CA ASN F 220 12.83 15.16 73.64
C ASN F 220 12.39 16.23 74.61
N ASP F 221 11.09 16.55 74.60
CA ASP F 221 10.51 17.58 75.45
C ASP F 221 11.19 18.94 75.25
N GLY F 222 11.60 19.23 74.02
CA GLY F 222 12.25 20.48 73.70
C GLY F 222 13.69 20.59 74.12
N GLN F 223 14.27 19.51 74.64
CA GLN F 223 15.66 19.51 75.09
C GLN F 223 16.54 18.80 74.07
N LEU F 224 17.74 19.34 73.86
CA LEU F 224 18.69 18.80 72.90
C LEU F 224 19.75 17.99 73.66
N TYR F 225 19.84 16.70 73.36
CA TYR F 225 20.86 15.84 73.95
C TYR F 225 22.03 15.72 72.98
N VAL F 226 23.24 15.93 73.49
CA VAL F 226 24.45 15.90 72.67
C VAL F 226 25.24 14.65 73.01
N ASP F 227 25.96 14.14 72.03
CA ASP F 227 26.79 12.96 72.18
C ASP F 227 28.25 13.31 71.97
N ASP F 228 29.12 12.62 72.69
CA ASP F 228 30.55 12.89 72.59
C ASP F 228 31.09 12.53 71.21
N TRP F 229 32.09 13.28 70.77
CA TRP F 229 32.70 13.04 69.48
C TRP F 229 33.39 11.68 69.47
N ILE F 230 33.15 10.90 68.40
CA ILE F 230 33.77 9.60 68.24
C ILE F 230 34.40 9.51 66.86
N SER F 231 35.37 8.62 66.73
CA SER F 231 36.08 8.40 65.47
C SER F 231 35.98 6.94 65.07
N PRO F 232 35.04 6.56 64.20
CA PRO F 232 34.99 5.18 63.72
C PRO F 232 36.28 4.81 62.99
N THR F 233 36.69 3.56 63.17
CA THR F 233 37.94 3.07 62.60
C THR F 233 37.71 1.75 61.88
N LYS F 234 38.52 1.50 60.86
CA LYS F 234 38.45 0.25 60.11
C LYS F 234 39.05 -0.89 60.92
N ALA F 235 38.88 -2.11 60.41
CA ALA F 235 39.44 -3.28 61.07
C ALA F 235 40.96 -3.21 61.12
N ASP F 236 41.60 -2.79 60.02
CA ASP F 236 43.05 -2.61 60.03
C ASP F 236 43.44 -1.43 60.92
N GLY F 237 42.65 -0.37 60.92
CA GLY F 237 42.94 0.79 61.73
C GLY F 237 42.98 2.08 60.93
N SER F 238 43.83 3.01 61.35
CA SER F 238 44.05 4.28 60.65
C SER F 238 42.78 5.12 60.57
N GLN F 239 41.81 4.84 61.45
CA GLN F 239 40.55 5.59 61.54
C GLN F 239 39.89 5.72 60.16
N PHE F 240 39.63 6.94 59.73
CA PHE F 240 39.01 7.17 58.43
C PHE F 240 39.54 8.47 57.84
N ASP F 241 39.81 8.45 56.53
CA ASP F 241 40.33 9.63 55.85
C ASP F 241 39.24 10.47 55.23
N GLU F 242 38.07 9.89 54.94
CA GLU F 242 36.97 10.60 54.32
C GLU F 242 35.67 10.23 55.00
N ILE F 243 34.68 11.10 54.89
CA ILE F 243 33.36 10.87 55.49
C ILE F 243 32.63 9.81 54.68
N PRO F 244 32.16 8.73 55.31
CA PRO F 244 31.45 7.68 54.57
C PRO F 244 30.02 8.08 54.21
N PHE F 245 29.90 9.15 53.41
CA PHE F 245 28.61 9.62 52.93
C PHE F 245 28.77 10.05 51.49
N VAL F 246 27.90 9.54 50.62
CA VAL F 246 27.90 9.88 49.20
C VAL F 246 26.51 10.38 48.84
N ILE F 247 26.45 11.54 48.17
CA ILE F 247 25.20 12.12 47.72
C ILE F 247 25.09 11.88 46.23
N PHE F 248 24.10 11.09 45.82
CA PHE F 248 23.90 10.74 44.43
C PHE F 248 22.71 11.52 43.87
N GLY F 249 22.86 12.01 42.64
CA GLY F 249 21.82 12.76 41.99
C GLY F 249 21.73 12.40 40.51
N SER F 250 20.77 13.02 39.84
CA SER F 250 20.60 12.79 38.41
C SER F 250 21.80 13.27 37.61
N LYS F 251 22.37 14.41 37.99
CA LYS F 251 23.49 14.98 37.26
C LYS F 251 24.80 14.26 37.59
N ASN F 252 25.21 14.31 38.85
CA ASN F 252 26.48 13.71 39.27
C ASN F 252 26.44 13.48 40.77
N ASN F 253 27.41 12.71 41.25
CA ASN F 253 27.52 12.41 42.68
C ASN F 253 28.31 13.53 43.38
N ASP F 254 27.64 14.66 43.53
CA ASP F 254 28.22 15.84 44.16
C ASP F 254 27.28 16.36 45.22
N PRO F 255 27.82 17.01 46.26
CA PRO F 255 26.94 17.61 47.28
C PRO F 255 26.05 18.72 46.73
N THR F 256 26.44 19.34 45.62
CA THR F 256 25.61 20.38 45.03
C THR F 256 24.31 19.80 44.50
N ILE F 257 23.21 20.54 44.67
CA ILE F 257 21.90 20.06 44.27
C ILE F 257 21.80 20.04 42.75
N ASP F 258 21.15 19.01 42.23
CA ASP F 258 20.92 18.85 40.79
C ASP F 258 19.44 19.07 40.50
N MET F 259 19.16 19.64 39.33
CA MET F 259 17.79 19.91 38.94
C MET F 259 17.05 18.59 38.73
N PRO F 260 15.86 18.41 39.30
CA PRO F 260 15.12 17.17 39.11
C PRO F 260 14.75 16.97 37.66
N PRO F 261 14.84 15.74 37.14
CA PRO F 261 14.51 15.51 35.72
C PRO F 261 13.03 15.63 35.41
N MET F 262 12.16 15.63 36.42
CA MET F 262 10.72 15.55 36.21
C MET F 262 10.03 16.91 36.39
N ARG F 263 10.80 17.99 36.49
CA ARG F 263 10.20 19.30 36.73
C ARG F 263 9.32 19.74 35.55
N ASP F 264 9.85 19.62 34.34
CA ASP F 264 9.09 20.06 33.16
C ASP F 264 7.84 19.21 32.97
N LEU F 265 7.96 17.89 33.17
CA LEU F 265 6.80 17.02 33.06
C LEU F 265 5.76 17.35 34.13
N VAL F 266 6.22 17.71 35.34
CA VAL F 266 5.28 18.07 36.39
C VAL F 266 4.53 19.35 36.02
N GLU F 267 5.24 20.36 35.51
CA GLU F 267 4.57 21.58 35.10
C GLU F 267 3.59 21.34 33.96
N LEU F 268 3.98 20.50 32.99
CA LEU F 268 3.07 20.18 31.90
C LEU F 268 1.84 19.45 32.40
N ASN F 269 2.02 18.53 33.36
CA ASN F 269 0.88 17.81 33.92
C ASN F 269 -0.05 18.76 34.67
N ILE F 270 0.51 19.73 35.39
CA ILE F 270 -0.33 20.70 36.10
C ILE F 270 -1.13 21.54 35.11
N ALA F 271 -0.48 21.99 34.03
CA ALA F 271 -1.18 22.75 33.00
C ALA F 271 -2.30 21.94 32.37
N HIS F 272 -2.02 20.66 32.07
CA HIS F 272 -3.06 19.79 31.53
C HIS F 272 -4.18 19.59 32.53
N PHE F 273 -3.86 19.54 33.83
CA PHE F 273 -4.88 19.38 34.85
C PHE F 273 -5.82 20.57 34.89
N ARG F 274 -5.27 21.79 34.82
CA ARG F 274 -6.15 22.97 34.83
C ARG F 274 -6.95 23.06 33.54
N ASN F 275 -6.35 22.69 32.41
CA ASN F 275 -7.11 22.64 31.15
C ASN F 275 -8.23 21.63 31.24
N SER F 276 -7.98 20.48 31.89
CA SER F 276 -9.01 19.48 32.07
C SER F 276 -10.12 19.97 32.98
N ALA F 277 -9.77 20.75 34.01
CA ALA F 277 -10.79 21.35 34.86
C ALA F 277 -11.72 22.23 34.04
N ASP F 278 -11.14 23.11 33.22
CA ASP F 278 -11.95 23.97 32.36
C ASP F 278 -12.82 23.16 31.40
N TYR F 279 -12.22 22.14 30.78
CA TYR F 279 -12.94 21.34 29.79
C TYR F 279 -14.09 20.57 30.44
N GLU F 280 -13.86 20.02 31.63
CA GLU F 280 -14.90 19.28 32.34
C GLU F 280 -16.03 20.20 32.76
N GLU F 281 -15.71 21.42 33.22
CA GLU F 281 -16.77 22.37 33.54
C GLU F 281 -17.61 22.69 32.31
N ALA F 282 -16.94 22.92 31.17
CA ALA F 282 -17.67 23.22 29.94
C ALA F 282 -18.54 22.04 29.52
N CYS F 283 -18.02 20.83 29.65
CA CYS F 283 -18.79 19.64 29.27
C CYS F 283 -19.99 19.47 30.18
N PHE F 284 -19.83 19.71 31.48
CA PHE F 284 -20.95 19.58 32.40
C PHE F 284 -22.03 20.61 32.11
N ILE F 285 -21.64 21.84 31.81
CA ILE F 285 -22.63 22.90 31.65
C ILE F 285 -23.26 22.85 30.26
N CYS F 286 -22.46 23.05 29.22
CA CYS F 286 -22.97 23.22 27.87
C CYS F 286 -22.98 21.94 27.05
N GLY F 287 -22.62 20.80 27.65
CA GLY F 287 -22.59 19.56 26.90
C GLY F 287 -23.95 18.96 26.64
N GLN F 288 -24.92 19.27 27.49
CA GLN F 288 -26.27 18.71 27.35
C GLN F 288 -27.07 19.54 26.33
N PRO F 289 -27.66 18.91 25.33
CA PRO F 289 -28.48 19.66 24.38
C PRO F 289 -29.74 20.21 25.02
N THR F 290 -30.19 21.36 24.51
CA THR F 290 -31.36 22.05 25.02
C THR F 290 -32.29 22.44 23.88
N LEU F 291 -33.59 22.50 24.16
CA LEU F 291 -34.57 22.73 23.11
C LEU F 291 -34.46 24.14 22.53
N PHE F 292 -34.43 25.15 23.38
CA PHE F 292 -34.35 26.56 22.96
C PHE F 292 -35.48 26.91 22.00
N LEU F 293 -36.70 26.84 22.50
CA LEU F 293 -37.89 27.15 21.70
C LEU F 293 -38.00 28.67 21.57
N SER F 294 -37.52 29.19 20.44
CA SER F 294 -37.59 30.62 20.18
C SER F 294 -38.92 30.98 19.54
N GLY F 295 -39.27 32.26 19.61
CA GLY F 295 -40.52 32.74 19.07
C GLY F 295 -41.74 32.17 19.78
N LEU F 296 -41.70 32.10 21.10
CA LEU F 296 -42.76 31.49 21.89
C LEU F 296 -43.40 32.53 22.79
N THR F 297 -44.72 32.50 22.88
CA THR F 297 -45.49 33.43 23.70
C THR F 297 -45.97 32.75 24.97
N GLU F 298 -46.08 33.53 26.04
CA GLU F 298 -46.51 32.98 27.32
C GLU F 298 -47.93 32.43 27.24
N HIS F 299 -48.80 33.09 26.46
CA HIS F 299 -50.15 32.60 26.28
C HIS F 299 -50.15 31.20 25.68
N TRP F 300 -49.33 30.98 24.66
CA TRP F 300 -49.22 29.66 24.04
C TRP F 300 -48.68 28.64 25.03
N VAL F 301 -47.66 29.03 25.80
CA VAL F 301 -47.07 28.12 26.78
C VAL F 301 -48.14 27.65 27.76
N LYS F 302 -48.88 28.59 28.34
CA LYS F 302 -49.92 28.22 29.29
C LYS F 302 -51.06 27.46 28.64
N ASN F 303 -51.36 27.75 27.37
CA ASN F 303 -52.49 27.11 26.71
C ASN F 303 -52.21 25.64 26.44
N VAL F 304 -51.06 25.31 25.84
CA VAL F 304 -50.75 23.96 25.42
C VAL F 304 -49.58 23.37 26.19
N LEU F 305 -48.47 24.08 26.27
CA LEU F 305 -47.28 23.53 26.92
C LEU F 305 -47.52 23.38 28.42
N GLY F 306 -47.99 24.43 29.08
CA GLY F 306 -48.25 24.37 30.51
C GLY F 306 -47.04 24.07 31.35
N GLY F 307 -45.87 24.58 30.95
CA GLY F 307 -44.65 24.30 31.69
C GLY F 307 -44.25 22.84 31.67
N ALA F 308 -44.54 22.13 30.58
CA ALA F 308 -44.19 20.71 30.47
C ALA F 308 -44.20 20.34 29.00
N VAL F 309 -43.05 19.89 28.50
CA VAL F 309 -42.89 19.52 27.10
C VAL F 309 -42.59 18.02 27.03
N VAL F 310 -43.41 17.29 26.29
CA VAL F 310 -43.17 15.87 26.05
C VAL F 310 -42.21 15.74 24.89
N ILE F 311 -41.10 15.03 25.12
CA ILE F 311 -39.98 14.97 24.18
C ILE F 311 -39.79 13.57 23.61
N GLY F 312 -40.65 12.62 23.96
CA GLY F 312 -40.56 11.30 23.38
C GLY F 312 -40.98 11.30 21.92
N SER F 313 -40.59 10.23 21.22
CA SER F 313 -40.97 10.08 19.82
C SER F 313 -42.45 9.76 19.65
N ARG F 314 -43.14 9.35 20.72
CA ARG F 314 -44.56 9.06 20.63
C ARG F 314 -45.39 10.32 20.47
N ASP F 315 -44.96 11.43 21.04
CA ASP F 315 -45.74 12.65 21.07
C ASP F 315 -45.08 13.73 20.22
N ALA F 316 -45.93 14.55 19.59
CA ALA F 316 -45.49 15.68 18.78
C ALA F 316 -45.92 16.97 19.45
N VAL F 317 -45.01 17.94 19.49
CA VAL F 317 -45.23 19.21 20.17
C VAL F 317 -45.48 20.29 19.13
N PRO F 318 -46.61 21.00 19.19
CA PRO F 318 -46.87 22.08 18.24
C PRO F 318 -46.37 23.43 18.74
N LEU F 319 -46.05 24.30 17.79
CA LEU F 319 -45.56 25.63 18.06
C LEU F 319 -46.31 26.64 17.20
N PRO F 320 -46.37 27.90 17.64
CA PRO F 320 -47.04 28.93 16.82
C PRO F 320 -46.26 29.28 15.57
N VAL F 321 -46.75 30.25 14.80
CA VAL F 321 -46.09 30.62 13.57
C VAL F 321 -44.76 31.32 13.86
N ASN F 322 -43.83 31.21 12.91
CA ASN F 322 -42.52 31.85 13.01
C ASN F 322 -41.78 31.42 14.27
N ALA F 323 -41.92 30.15 14.63
CA ALA F 323 -41.24 29.58 15.79
C ALA F 323 -40.19 28.58 15.32
N LYS F 324 -38.96 28.78 15.76
CA LYS F 324 -37.84 27.94 15.32
C LYS F 324 -37.26 27.18 16.49
N PRO F 325 -37.53 25.88 16.62
CA PRO F 325 -36.85 25.08 17.65
C PRO F 325 -35.46 24.69 17.17
N GLU F 326 -34.48 24.83 18.06
CA GLU F 326 -33.09 24.60 17.69
C GLU F 326 -32.36 23.96 18.87
N LEU F 327 -32.03 22.68 18.73
CA LEU F 327 -31.21 22.02 19.74
C LEU F 327 -29.82 22.61 19.75
N LEU F 328 -29.36 23.04 20.91
CA LEU F 328 -28.07 23.69 21.07
C LEU F 328 -27.21 22.93 22.06
N GLN F 329 -25.99 22.59 21.64
CA GLN F 329 -25.01 21.99 22.54
C GLN F 329 -23.63 22.30 22.01
N ALA F 330 -22.65 22.31 22.91
CA ALA F 330 -21.28 22.59 22.51
C ALA F 330 -20.76 21.45 21.64
N GLU F 331 -20.28 21.81 20.45
CA GLU F 331 -19.78 20.81 19.52
C GLU F 331 -18.38 20.35 19.92
N GLY F 332 -17.92 19.29 19.25
CA GLY F 332 -16.62 18.74 19.54
C GLY F 332 -15.50 19.53 18.90
N ASN F 333 -14.28 19.01 19.07
CA ASN F 333 -13.07 19.64 18.55
C ASN F 333 -12.92 21.07 19.09
N GLY F 334 -13.28 21.26 20.35
CA GLY F 334 -13.09 22.55 20.98
C GLY F 334 -11.63 22.88 21.17
N MET F 335 -11.34 24.18 21.21
CA MET F 335 -9.95 24.62 21.28
C MET F 335 -9.34 24.30 22.65
N VAL F 336 -10.16 24.19 23.69
CA VAL F 336 -9.67 23.69 24.97
C VAL F 336 -9.19 22.24 24.83
N LYS F 337 -9.99 21.41 24.15
CA LYS F 337 -9.58 20.04 23.90
C LYS F 337 -8.34 19.99 23.03
N GLU F 338 -8.23 20.92 22.07
CA GLU F 338 -7.03 21.01 21.24
C GLU F 338 -5.81 21.33 22.09
N ALA F 339 -5.95 22.25 23.05
CA ALA F 339 -4.83 22.56 23.95
C ALA F 339 -4.46 21.36 24.80
N MET F 340 -5.47 20.63 25.30
CA MET F 340 -5.18 19.43 26.08
C MET F 340 -4.44 18.38 25.26
N ASP F 341 -4.87 18.17 24.00
CA ASP F 341 -4.17 17.24 23.13
C ASP F 341 -2.74 17.69 22.85
N GLN F 342 -2.55 18.99 22.67
CA GLN F 342 -1.21 19.51 22.45
C GLN F 342 -0.32 19.26 23.68
N LYS F 343 -0.87 19.46 24.88
CA LYS F 343 -0.08 19.22 26.09
C LYS F 343 0.25 17.74 26.24
N GLU F 344 -0.71 16.85 25.94
CA GLU F 344 -0.41 15.42 25.98
C GLU F 344 0.67 15.05 24.98
N ARG F 345 0.60 15.61 23.77
CA ARG F 345 1.63 15.35 22.76
C ARG F 345 2.98 15.86 23.23
N GLN F 346 3.01 17.02 23.89
CA GLN F 346 4.27 17.55 24.40
C GLN F 346 4.84 16.66 25.49
N MET F 347 3.99 16.13 26.38
CA MET F 347 4.47 15.20 27.39
C MET F 347 5.06 13.94 26.74
N VAL F 348 4.38 13.40 25.73
CA VAL F 348 4.93 12.23 25.03
C VAL F 348 6.26 12.58 24.38
N ALA F 349 6.35 13.77 23.78
CA ALA F 349 7.54 14.17 23.06
C ALA F 349 8.68 14.56 23.98
N LEU F 350 8.42 14.78 25.27
CA LEU F 350 9.44 15.18 26.22
C LEU F 350 10.24 13.99 26.74
N GLY F 351 10.30 12.90 25.99
CA GLY F 351 11.05 11.73 26.40
C GLY F 351 10.48 11.03 27.60
N ALA F 352 9.15 10.94 27.70
CA ALA F 352 8.48 10.35 28.84
C ALA F 352 7.75 9.10 28.40
N LYS F 353 7.95 8.00 29.13
CA LYS F 353 7.20 6.77 28.94
C LYS F 353 5.87 6.81 29.66
N LEU F 354 5.36 8.01 29.93
CA LEU F 354 4.14 8.18 30.71
C LEU F 354 2.94 7.52 30.05
N ILE F 355 2.81 7.64 28.73
CA ILE F 355 1.73 6.98 28.01
C ILE F 355 2.25 6.33 26.74
N ASP F 356 1.48 5.35 26.27
CA ASP F 356 1.70 4.66 25.01
C ASP F 356 0.43 4.73 24.18
N SER F 357 0.59 4.82 22.86
CA SER F 357 -0.54 4.96 21.95
C SER F 357 -0.58 3.79 21.00
N ASP F 358 -1.73 3.10 20.97
CA ASP F 358 -1.89 2.00 20.03
C ASP F 358 -2.04 2.49 18.60
N LYS F 359 -2.66 3.66 18.40
CA LYS F 359 -2.84 4.19 17.05
C LYS F 359 -1.50 4.49 16.40
N THR F 360 -0.55 5.05 17.16
CA THR F 360 0.74 5.40 16.61
C THR F 360 1.51 4.15 16.21
N GLN F 361 2.18 4.20 15.05
CA GLN F 361 2.99 3.10 14.56
C GLN F 361 4.40 3.60 14.30
N ARG F 362 5.39 2.77 14.66
CA ARG F 362 6.79 3.13 14.51
C ARG F 362 7.49 2.05 13.69
N THR F 363 8.24 2.49 12.68
CA THR F 363 9.01 1.58 11.85
C THR F 363 10.19 1.03 12.65
N PHE F 364 10.39 -0.28 12.57
CA PHE F 364 11.50 -0.90 13.28
C PHE F 364 12.83 -0.42 12.71
N GLY F 365 13.79 -0.19 13.61
CA GLY F 365 15.09 0.32 13.23
C GLY F 365 15.22 1.82 13.32
N GLU F 366 14.11 2.55 13.33
CA GLU F 366 14.18 4.00 13.53
C GLU F 366 14.50 4.35 14.98
N ALA F 367 13.85 3.68 15.93
CA ALA F 367 14.07 3.97 17.34
C ALA F 367 15.46 3.55 17.81
N SER F 368 16.15 2.69 17.05
CA SER F 368 17.50 2.28 17.44
C SER F 368 18.46 3.45 17.39
N MET F 369 18.24 4.41 16.49
CA MET F 369 19.11 5.57 16.42
C MET F 369 18.89 6.49 17.63
N GLU F 370 17.64 6.67 18.05
CA GLU F 370 17.34 7.59 19.14
C GLU F 370 17.45 6.95 20.52
N ALA F 371 17.58 5.62 20.59
CA ALA F 371 17.59 4.94 21.89
C ALA F 371 18.66 5.49 22.82
N ALA F 372 19.78 5.98 22.27
CA ALA F 372 20.81 6.59 23.11
C ALA F 372 20.29 7.87 23.77
N ALA F 373 19.55 8.69 23.02
CA ALA F 373 19.04 9.94 23.57
C ALA F 373 17.85 9.72 24.50
N GLN F 374 16.96 8.79 24.15
CA GLN F 374 15.77 8.58 24.97
C GLN F 374 16.13 8.05 26.34
N ASN F 375 17.09 7.13 26.42
CA ASN F 375 17.52 6.55 27.68
C ASN F 375 18.68 7.32 28.31
N SER F 376 18.82 8.61 28.01
CA SER F 376 19.93 9.38 28.55
C SER F 376 19.83 9.53 30.05
N VAL F 377 18.66 9.95 30.54
CA VAL F 377 18.48 10.09 31.99
C VAL F 377 18.54 8.73 32.67
N LEU F 378 18.01 7.70 32.01
CA LEU F 378 18.08 6.35 32.56
C LEU F 378 19.54 5.93 32.75
N SER F 379 20.36 6.10 31.71
CA SER F 379 21.76 5.71 31.80
C SER F 379 22.49 6.54 32.86
N ARG F 380 22.24 7.85 32.89
CA ARG F 380 22.92 8.70 33.85
C ARG F 380 22.60 8.29 35.28
N VAL F 381 21.31 8.08 35.58
CA VAL F 381 20.91 7.67 36.91
C VAL F 381 21.49 6.29 37.24
N SER F 382 21.48 5.38 36.27
CA SER F 382 22.02 4.05 36.51
C SER F 382 23.49 4.12 36.90
N LYS F 383 24.30 4.86 36.13
CA LYS F 383 25.71 4.97 36.47
C LYS F 383 25.92 5.67 37.81
N ASN F 384 25.16 6.74 38.07
CA ASN F 384 25.34 7.47 39.33
C ASN F 384 25.05 6.57 40.52
N VAL F 385 23.93 5.83 40.48
CA VAL F 385 23.61 4.93 41.58
C VAL F 385 24.63 3.80 41.66
N SER F 386 25.13 3.33 40.51
CA SER F 386 26.14 2.28 40.52
C SER F 386 27.40 2.73 41.26
N ASP F 387 27.90 3.92 40.94
CA ASP F 387 29.10 4.41 41.64
C ASP F 387 28.80 4.68 43.11
N ALA F 388 27.61 5.21 43.42
CA ALA F 388 27.28 5.46 44.82
C ALA F 388 27.29 4.18 45.63
N TYR F 389 26.66 3.13 45.10
CA TYR F 389 26.61 1.86 45.84
C TYR F 389 27.95 1.17 45.85
N THR F 390 28.75 1.33 44.80
CA THR F 390 30.11 0.79 44.82
C THR F 390 30.94 1.44 45.91
N LYS F 391 30.84 2.77 46.04
CA LYS F 391 31.56 3.46 47.11
C LYS F 391 31.07 3.02 48.48
N ALA F 392 29.75 2.86 48.63
CA ALA F 392 29.21 2.40 49.91
C ALA F 392 29.71 1.01 50.25
N LEU F 393 29.74 0.11 49.27
CA LEU F 393 30.22 -1.25 49.51
C LEU F 393 31.71 -1.26 49.83
N ARG F 394 32.48 -0.39 49.18
CA ARG F 394 33.90 -0.29 49.51
C ARG F 394 34.10 0.21 50.92
N TRP F 395 33.29 1.17 51.36
CA TRP F 395 33.39 1.65 52.74
C TRP F 395 33.00 0.54 53.72
N ALA F 396 31.99 -0.24 53.39
CA ALA F 396 31.62 -1.37 54.24
C ALA F 396 32.75 -2.40 54.30
N ALA F 397 33.40 -2.66 53.17
CA ALA F 397 34.54 -3.59 53.15
C ALA F 397 35.68 -3.06 54.00
N MET F 398 35.93 -1.75 53.94
CA MET F 398 36.91 -1.15 54.82
C MET F 398 36.53 -1.35 56.29
N PHE F 399 35.25 -1.20 56.60
CA PHE F 399 34.78 -1.42 57.96
C PHE F 399 35.06 -2.86 58.41
N LEU F 400 34.80 -3.82 57.53
CA LEU F 400 35.02 -5.23 57.85
C LEU F 400 36.41 -5.72 57.48
N GLY F 401 37.24 -4.88 56.90
CA GLY F 401 38.56 -5.32 56.46
C GLY F 401 38.52 -6.39 55.39
N LEU F 402 37.57 -6.28 54.47
CA LEU F 402 37.36 -7.28 53.43
C LEU F 402 38.07 -6.85 52.15
N ASP F 403 37.80 -7.59 51.07
CA ASP F 403 38.39 -7.26 49.77
C ASP F 403 37.83 -5.95 49.26
N GLU F 404 38.70 -5.13 48.67
CA GLU F 404 38.33 -3.79 48.23
C GLU F 404 37.85 -3.75 46.78
N LYS F 405 38.38 -4.61 45.92
CA LYS F 405 38.04 -4.59 44.50
C LYS F 405 36.67 -5.27 44.30
N ILE F 406 35.63 -4.56 44.74
CA ILE F 406 34.25 -5.01 44.57
C ILE F 406 33.50 -3.95 43.77
N GLU F 407 32.47 -4.39 43.06
CA GLU F 407 31.68 -3.52 42.21
C GLU F 407 30.21 -3.87 42.33
N TYR F 408 29.36 -2.87 42.10
CA TYR F 408 27.91 -3.04 42.07
C TYR F 408 27.38 -2.23 40.90
N GLU F 409 26.98 -2.92 39.83
CA GLU F 409 26.53 -2.28 38.61
C GLU F 409 25.09 -2.69 38.33
N LEU F 410 24.24 -1.69 38.09
CA LEU F 410 22.85 -1.94 37.75
C LEU F 410 22.73 -2.21 36.25
N ASN F 411 21.52 -2.58 35.82
CA ASN F 411 21.28 -2.90 34.42
C ASN F 411 21.44 -1.66 33.55
N SER F 412 22.56 -1.57 32.85
CA SER F 412 22.81 -0.46 31.94
C SER F 412 22.31 -0.73 30.53
N ASP F 413 21.85 -1.94 30.24
CA ASP F 413 21.30 -2.29 28.94
C ASP F 413 19.78 -2.23 29.01
N PHE F 414 19.21 -1.13 28.53
CA PHE F 414 17.77 -0.92 28.60
C PHE F 414 17.10 -1.57 27.39
N ASP F 415 15.77 -1.41 27.29
CA ASP F 415 14.98 -2.05 26.22
C ASP F 415 15.20 -3.55 26.22
N ILE F 416 15.24 -4.15 27.41
CA ILE F 416 15.53 -5.56 27.55
C ILE F 416 14.32 -6.39 27.17
N ASN F 417 14.56 -7.47 26.42
CA ASN F 417 13.48 -8.37 26.01
C ASN F 417 14.04 -9.78 25.95
N LYS F 418 13.14 -10.75 25.74
CA LYS F 418 13.55 -12.13 25.62
C LYS F 418 14.45 -12.32 24.41
N MET F 419 15.55 -13.05 24.60
CA MET F 419 16.53 -13.25 23.54
C MET F 419 16.00 -14.23 22.49
N SER F 420 16.36 -13.97 21.24
CA SER F 420 15.90 -14.77 20.12
C SER F 420 16.75 -16.05 19.99
N PRO F 421 16.21 -17.07 19.34
CA PRO F 421 17.01 -18.29 19.10
C PRO F 421 18.32 -18.01 18.38
N GLU F 422 18.31 -17.10 17.41
CA GLU F 422 19.56 -16.73 16.74
C GLU F 422 20.52 -16.07 17.71
N GLU F 423 20.01 -15.20 18.58
CA GLU F 423 20.85 -14.59 19.61
C GLU F 423 21.42 -15.63 20.56
N LEU F 424 20.60 -16.62 20.91
CA LEU F 424 21.07 -17.70 21.79
C LEU F 424 22.20 -18.48 21.12
N ALA F 425 22.03 -18.83 19.85
CA ALA F 425 23.09 -19.52 19.14
C ALA F 425 24.35 -18.66 19.06
N ALA F 426 24.18 -17.35 18.85
CA ALA F 426 25.32 -16.46 18.77
C ALA F 426 26.10 -16.42 20.08
N VAL F 427 25.39 -16.31 21.21
CA VAL F 427 26.11 -16.23 22.49
C VAL F 427 26.75 -17.57 22.82
N ILE F 428 26.10 -18.69 22.47
CA ILE F 428 26.73 -20.00 22.69
C ILE F 428 28.01 -20.11 21.87
N SER F 429 27.96 -19.69 20.60
CA SER F 429 29.16 -19.74 19.76
C SER F 429 30.25 -18.83 20.29
N ALA F 430 29.87 -17.66 20.81
CA ALA F 430 30.86 -16.75 21.38
C ALA F 430 31.51 -17.35 22.62
N TRP F 431 30.72 -18.02 23.45
CA TRP F 431 31.30 -18.68 24.63
C TRP F 431 32.24 -19.81 24.24
N GLN F 432 31.89 -20.55 23.18
CA GLN F 432 32.75 -21.63 22.72
C GLN F 432 34.11 -21.12 22.25
N SER F 433 34.20 -19.85 21.88
CA SER F 433 35.47 -19.20 21.62
C SER F 433 35.92 -18.45 22.86
N ASN F 434 37.19 -18.05 22.85
CA ASN F 434 37.78 -17.36 24.00
C ASN F 434 37.51 -15.85 23.91
N ALA F 435 36.22 -15.51 23.88
CA ALA F 435 35.83 -14.11 23.75
C ALA F 435 34.80 -13.71 24.80
N ILE F 436 33.97 -14.66 25.24
CA ILE F 436 32.96 -14.42 26.26
C ILE F 436 33.20 -15.39 27.41
N SER F 437 33.24 -14.85 28.63
CA SER F 437 33.42 -15.68 29.81
C SER F 437 32.20 -16.57 30.03
N PHE F 438 32.43 -17.71 30.69
CA PHE F 438 31.34 -18.62 30.98
C PHE F 438 30.29 -17.94 31.85
N THR F 439 30.74 -17.23 32.88
CA THR F 439 29.80 -16.44 33.69
C THR F 439 29.21 -15.30 32.89
N GLU F 440 29.96 -14.74 31.94
CA GLU F 440 29.40 -13.71 31.07
C GLU F 440 28.28 -14.28 30.20
N MET F 441 28.47 -15.48 29.64
CA MET F 441 27.41 -16.10 28.86
C MET F 441 26.21 -16.45 29.74
N ARG F 442 26.47 -16.90 30.98
CA ARG F 442 25.38 -17.17 31.90
C ARG F 442 24.59 -15.91 32.21
N TRP F 443 25.28 -14.79 32.42
CA TRP F 443 24.60 -13.52 32.65
C TRP F 443 23.80 -13.10 31.43
N GLN F 444 24.36 -13.32 30.24
CA GLN F 444 23.62 -13.05 29.00
C GLN F 444 22.33 -13.85 28.95
N ILE F 445 22.42 -15.16 29.22
CA ILE F 445 21.27 -16.04 29.07
C ILE F 445 20.25 -15.79 30.19
N LYS F 446 20.69 -15.28 31.34
CA LYS F 446 19.76 -14.87 32.39
C LYS F 446 19.08 -13.55 32.07
N LYS F 447 19.81 -12.64 31.41
CA LYS F 447 19.22 -11.36 31.01
C LYS F 447 18.08 -11.57 30.03
N GLY F 448 18.24 -12.52 29.11
CA GLY F 448 17.22 -12.83 28.12
C GLY F 448 16.09 -13.69 28.62
N GLY F 449 16.05 -13.97 29.93
CA GLY F 449 15.00 -14.80 30.48
C GLY F 449 15.03 -16.24 30.01
N ARG F 450 16.23 -16.81 29.88
CA ARG F 450 16.38 -18.18 29.40
C ARG F 450 17.00 -19.12 30.43
N ALA F 451 17.32 -18.63 31.63
CA ALA F 451 17.88 -19.47 32.66
C ALA F 451 17.61 -18.82 34.02
N TYR F 452 17.49 -19.66 35.05
CA TYR F 452 17.20 -19.15 36.38
C TYR F 452 18.17 -19.69 37.42
N LEU F 453 18.67 -20.91 37.22
CA LEU F 453 19.59 -21.49 38.18
C LEU F 453 20.92 -20.75 38.17
N GLU F 454 21.59 -20.76 39.32
CA GLU F 454 22.89 -20.11 39.45
C GLU F 454 23.94 -20.85 38.62
N ASP F 455 25.04 -20.15 38.34
CA ASP F 455 26.10 -20.75 37.55
C ASP F 455 26.72 -21.95 38.26
N GLU F 456 26.89 -21.85 39.58
CA GLU F 456 27.47 -22.95 40.34
C GLU F 456 26.57 -24.18 40.32
N ASP F 457 25.25 -23.99 40.45
CA ASP F 457 24.33 -25.12 40.39
C ASP F 457 24.37 -25.80 39.03
N MET F 458 24.41 -24.99 37.96
CA MET F 458 24.50 -25.57 36.62
C MET F 458 25.80 -26.34 36.44
N ARG F 459 26.92 -25.78 36.92
CA ARG F 459 28.20 -26.48 36.83
C ARG F 459 28.16 -27.80 37.59
N ASN F 460 27.59 -27.78 38.80
CA ASN F 460 27.53 -28.99 39.60
C ASN F 460 26.68 -30.07 38.93
N GLU F 461 25.55 -29.67 38.35
CA GLU F 461 24.69 -30.67 37.71
C GLU F 461 25.30 -31.18 36.41
N SER F 462 25.96 -30.31 35.65
CA SER F 462 26.57 -30.73 34.39
C SER F 462 27.91 -31.43 34.59
N GLU F 463 28.45 -31.43 35.81
CA GLU F 463 29.70 -32.15 36.06
C GLU F 463 29.51 -33.65 35.86
N GLN F 464 28.36 -34.18 36.26
CA GLN F 464 28.11 -35.62 36.14
C GLN F 464 27.84 -35.99 34.68
N ASP F 465 27.74 -37.29 34.44
CA ASP F 465 27.56 -37.80 33.09
C ASP F 465 26.16 -37.48 32.57
N ASP F 466 26.03 -37.50 31.25
CA ASP F 466 24.74 -37.26 30.63
C ASP F 466 23.78 -38.41 30.95
N PRO F 467 22.47 -38.13 30.99
CA PRO F 467 21.50 -39.20 31.23
C PRO F 467 21.54 -40.27 30.14
N LEU F 468 21.36 -39.84 28.89
CA LEU F 468 21.32 -40.73 27.74
C LEU F 468 20.32 -41.88 27.93
N ASP G 3 38.83 49.61 32.11
CA ASP G 3 40.07 48.94 32.49
C ASP G 3 40.31 49.05 34.00
N SER G 4 40.58 47.91 34.64
CA SER G 4 40.84 47.88 36.06
C SER G 4 42.08 47.02 36.33
N ASN G 5 42.84 47.41 37.35
CA ASN G 5 44.04 46.71 37.75
C ASN G 5 43.79 45.68 38.85
N ASN G 6 42.55 45.53 39.31
CA ASN G 6 42.24 44.58 40.36
C ASN G 6 42.24 43.16 39.82
N ILE G 7 42.47 42.21 40.74
CA ILE G 7 42.43 40.80 40.37
C ILE G 7 41.02 40.36 39.98
N LYS G 8 40.00 41.11 40.37
CA LYS G 8 38.62 40.79 40.06
C LYS G 8 38.19 41.30 38.70
N TYR G 9 39.07 41.95 37.96
CA TYR G 9 38.71 42.52 36.67
C TYR G 9 38.32 41.42 35.69
N VAL G 10 37.23 41.65 34.97
CA VAL G 10 36.68 40.70 34.02
C VAL G 10 36.82 41.27 32.61
N ARG G 11 37.25 40.42 31.67
CA ARG G 11 37.42 40.85 30.30
C ARG G 11 36.08 41.28 29.70
N GLU G 12 36.14 42.25 28.78
CA GLU G 12 34.91 42.84 28.25
C GLU G 12 34.06 41.83 27.50
N ASP G 13 34.69 40.96 26.71
CA ASP G 13 33.94 39.96 25.97
C ASP G 13 33.26 38.96 26.90
N ALA G 14 33.88 38.63 28.03
CA ALA G 14 33.22 37.80 29.02
C ALA G 14 31.96 38.48 29.57
N LYS G 15 32.05 39.78 29.84
CA LYS G 15 30.86 40.50 30.29
C LYS G 15 29.78 40.51 29.22
N LYS G 16 30.18 40.66 27.95
CA LYS G 16 29.21 40.63 26.86
C LYS G 16 28.52 39.27 26.77
N MET G 17 29.28 38.19 26.92
CA MET G 17 28.70 36.85 26.84
C MET G 17 27.99 36.43 28.13
N HIS G 18 28.14 37.20 29.21
CA HIS G 18 27.47 36.86 30.46
C HIS G 18 25.95 36.82 30.29
N LYS G 19 25.40 37.73 29.50
CA LYS G 19 23.95 37.76 29.31
C LYS G 19 23.46 36.48 28.64
N LEU G 20 24.13 36.06 27.57
CA LEU G 20 23.75 34.83 26.89
C LEU G 20 23.94 33.62 27.81
N TRP G 21 25.04 33.61 28.57
CA TRP G 21 25.28 32.51 29.50
C TRP G 21 24.17 32.42 30.54
N ALA G 22 23.75 33.56 31.08
CA ALA G 22 22.69 33.57 32.08
C ALA G 22 21.37 33.12 31.47
N HIS G 23 21.07 33.56 30.25
CA HIS G 23 19.83 33.13 29.59
C HIS G 23 19.83 31.62 29.38
N ILE G 24 20.97 31.08 28.95
CA ILE G 24 21.06 29.63 28.74
C ILE G 24 20.92 28.90 30.07
N ARG G 25 21.50 29.45 31.14
CA ARG G 25 21.36 28.82 32.45
C ARG G 25 19.91 28.79 32.91
N MET G 26 19.18 29.89 32.70
CA MET G 26 17.75 29.88 33.02
C MET G 26 17.00 28.88 32.17
N ALA G 27 17.37 28.75 30.89
CA ALA G 27 16.73 27.76 30.04
C ALA G 27 16.96 26.35 30.54
N MET G 28 18.19 26.05 30.97
CA MET G 28 18.47 24.72 31.54
C MET G 28 17.74 24.52 32.86
N GLU G 29 17.59 25.58 33.67
CA GLU G 29 17.05 25.42 35.01
C GLU G 29 15.62 24.87 34.97
N GLY G 30 14.80 25.39 34.08
CA GLY G 30 13.46 24.89 33.93
C GLY G 30 12.46 26.01 33.80
N SER G 31 11.21 25.71 34.17
CA SER G 31 10.14 26.68 34.03
C SER G 31 10.21 27.75 35.12
N ARG G 32 10.65 27.38 36.33
CA ARG G 32 10.64 28.32 37.44
C ARG G 32 11.52 29.53 37.15
N ALA G 33 12.72 29.31 36.63
CA ALA G 33 13.60 30.42 36.31
C ALA G 33 13.03 31.26 35.16
N ILE G 34 12.38 30.63 34.19
CA ILE G 34 11.82 31.37 33.06
C ILE G 34 10.70 32.28 33.53
N LYS G 35 9.79 31.76 34.35
CA LYS G 35 8.69 32.57 34.85
C LYS G 35 9.15 33.57 35.90
N ASP G 36 10.29 33.33 36.54
CA ASP G 36 10.82 34.31 37.49
C ASP G 36 11.27 35.57 36.77
N ASN G 37 12.03 35.41 35.69
CA ASN G 37 12.54 36.54 34.90
C ASN G 37 11.71 36.74 33.64
N ALA G 38 10.39 36.53 33.72
CA ALA G 38 9.53 36.60 32.54
C ALA G 38 9.49 38.01 31.94
N LYS G 39 9.86 39.04 32.71
CA LYS G 39 9.89 40.38 32.16
C LYS G 39 10.90 40.50 31.03
N GLU G 40 12.04 39.83 31.17
CA GLU G 40 13.06 39.88 30.13
C GLU G 40 12.63 39.16 28.86
N PHE G 41 11.87 38.08 29.00
CA PHE G 41 11.50 37.23 27.87
C PHE G 41 10.17 37.64 27.24
N VAL G 42 9.10 37.66 28.03
CA VAL G 42 7.76 37.95 27.53
C VAL G 42 7.52 39.44 27.69
N PRO G 43 7.36 40.20 26.60
CA PRO G 43 7.03 41.62 26.74
C PRO G 43 5.60 41.80 27.23
N HIS G 44 5.39 42.89 27.95
CA HIS G 44 4.06 43.22 28.44
C HIS G 44 3.16 43.56 27.26
N PRO G 45 1.92 43.04 27.23
CA PRO G 45 1.02 43.39 26.12
C PRO G 45 0.70 44.88 26.02
N ASP G 46 0.85 45.62 27.13
CA ASP G 46 0.61 47.06 27.11
C ASP G 46 1.47 47.72 28.18
N ASN G 47 2.26 48.71 27.79
CA ASN G 47 3.07 49.45 28.74
C ASN G 47 2.21 50.34 29.64
N THR G 48 1.14 50.91 29.08
CA THR G 48 0.24 51.74 29.86
C THR G 48 -0.37 50.94 31.00
N LYS G 49 -0.78 49.70 30.73
CA LYS G 49 -1.24 48.83 31.80
C LYS G 49 -0.11 48.54 32.79
N ALA G 50 1.11 48.32 32.29
CA ALA G 50 2.24 48.01 33.16
C ALA G 50 2.47 49.13 34.16
N THR G 51 2.22 50.38 33.76
CA THR G 51 2.33 51.49 34.70
C THR G 51 1.35 51.34 35.85
N THR G 52 0.11 50.96 35.54
CA THR G 52 -0.93 50.82 36.55
C THR G 52 -0.75 49.55 37.36
N PRO G 53 -1.32 49.48 38.57
CA PRO G 53 -1.21 48.25 39.36
C PRO G 53 -2.07 47.11 38.83
N GLU G 54 -3.28 47.41 38.34
CA GLU G 54 -4.10 46.34 37.80
C GLU G 54 -3.49 45.75 36.53
N GLY G 55 -2.71 46.55 35.80
CA GLY G 55 -2.02 46.02 34.63
C GLY G 55 -1.00 44.97 34.99
N VAL G 56 -0.18 45.26 36.02
CA VAL G 56 0.82 44.27 36.43
C VAL G 56 0.14 43.08 37.11
N ALA G 57 -1.00 43.31 37.78
CA ALA G 57 -1.76 42.20 38.34
C ALA G 57 -2.25 41.27 37.23
N ARG G 58 -2.73 41.84 36.12
CA ARG G 58 -3.13 41.03 34.98
C ARG G 58 -1.92 40.34 34.34
N TYR G 59 -0.78 41.03 34.29
CA TYR G 59 0.43 40.44 33.70
C TYR G 59 0.91 39.25 34.51
N LYS G 60 0.74 39.29 35.83
CA LYS G 60 1.13 38.16 36.66
C LYS G 60 0.34 36.91 36.29
N ALA G 61 -0.97 37.04 36.15
CA ALA G 61 -1.79 35.89 35.73
C ALA G 61 -1.49 35.51 34.29
N TYR G 62 -1.12 36.48 33.46
CA TYR G 62 -0.72 36.18 32.09
C TYR G 62 0.51 35.28 32.06
N ILE G 63 1.48 35.57 32.92
CA ILE G 63 2.70 34.76 32.97
C ILE G 63 2.40 33.40 33.61
N GLU G 64 1.58 33.38 34.66
CA GLU G 64 1.31 32.12 35.36
C GLU G 64 0.63 31.11 34.45
N ARG G 65 -0.31 31.56 33.62
CA ARG G 65 -1.03 30.65 32.73
C ARG G 65 -0.16 30.08 31.62
N ALA G 66 1.04 30.63 31.41
CA ALA G 66 1.88 30.19 30.30
C ALA G 66 2.43 28.80 30.56
N VAL G 67 2.93 28.18 29.49
CA VAL G 67 3.48 26.83 29.54
C VAL G 67 4.89 26.88 28.99
N TRP G 68 5.86 26.37 29.77
CA TRP G 68 7.24 26.28 29.33
C TRP G 68 7.52 24.89 28.79
N TYR G 69 8.01 24.83 27.55
CA TYR G 69 8.30 23.54 26.94
C TYR G 69 9.43 22.81 27.63
N GLY G 70 10.51 23.51 27.97
CA GLY G 70 11.69 22.85 28.50
C GLY G 70 12.37 21.95 27.50
N ALA G 71 12.50 22.41 26.25
CA ALA G 71 13.09 21.62 25.19
C ALA G 71 14.61 21.69 25.16
N SER G 72 15.19 22.83 25.54
CA SER G 72 16.65 22.96 25.52
C SER G 72 17.30 22.02 26.52
N ALA G 73 16.70 21.88 27.71
CA ALA G 73 17.22 20.93 28.68
C ALA G 73 17.14 19.50 28.14
N ASN G 74 16.06 19.18 27.43
CA ASN G 74 15.95 17.86 26.82
C ASN G 74 17.01 17.64 25.76
N THR G 75 17.31 18.67 24.96
CA THR G 75 18.39 18.56 23.99
C THR G 75 19.72 18.30 24.67
N VAL G 76 20.00 19.03 25.75
CA VAL G 76 21.26 18.84 26.47
C VAL G 76 21.34 17.42 27.03
N ASP G 77 20.25 16.94 27.64
CA ASP G 77 20.25 15.60 28.21
C ASP G 77 20.46 14.54 27.13
N GLY G 78 19.76 14.67 26.00
CA GLY G 78 19.92 13.70 24.93
C GLY G 78 21.31 13.72 24.34
N MET G 79 21.89 14.92 24.18
CA MET G 79 23.24 15.02 23.65
C MET G 79 24.25 14.39 24.60
N LEU G 80 24.08 14.61 25.91
CA LEU G 80 24.95 13.98 26.88
C LEU G 80 24.81 12.46 26.84
N GLY G 81 23.58 11.96 26.74
CA GLY G 81 23.37 10.53 26.67
C GLY G 81 23.99 9.92 25.42
N GLN G 82 23.90 10.62 24.30
CA GLN G 82 24.52 10.13 23.07
C GLN G 82 26.03 10.11 23.19
N ILE G 83 26.62 11.19 23.71
CA ILE G 83 28.08 11.26 23.82
C ILE G 83 28.57 10.26 24.88
N PHE G 84 27.94 10.24 26.04
CA PHE G 84 28.41 9.42 27.16
C PHE G 84 27.60 8.14 27.21
N ALA G 85 28.05 7.14 26.46
CA ALA G 85 27.55 5.79 26.55
C ALA G 85 28.70 4.87 26.92
N ARG G 86 28.39 3.85 27.72
CA ARG G 86 29.40 2.96 28.32
C ARG G 86 30.34 3.85 29.12
N ASP G 87 31.65 3.76 28.92
CA ASP G 87 32.60 4.62 29.62
C ASP G 87 33.71 5.03 28.66
N PRO G 88 34.29 6.20 28.85
CA PRO G 88 35.43 6.61 28.02
C PRO G 88 36.61 5.64 28.20
N VAL G 89 37.32 5.39 27.12
CA VAL G 89 38.42 4.44 27.11
C VAL G 89 39.71 5.16 27.48
N PHE G 90 40.44 4.61 28.44
CA PHE G 90 41.72 5.17 28.86
C PHE G 90 42.85 4.29 28.33
N THR G 91 43.82 4.92 27.68
CA THR G 91 44.94 4.22 27.07
C THR G 91 46.20 4.46 27.89
N GLY G 92 46.89 3.38 28.23
CA GLY G 92 48.08 3.47 29.04
C GLY G 92 47.97 2.63 30.30
N PRO G 93 48.96 2.75 31.19
CA PRO G 93 48.88 2.01 32.46
C PRO G 93 47.68 2.45 33.27
N GLU G 94 47.03 1.48 33.91
CA GLU G 94 45.85 1.76 34.73
C GLU G 94 46.13 1.72 36.22
N ASP G 95 47.00 0.81 36.67
CA ASP G 95 47.34 0.75 38.08
C ASP G 95 48.12 1.98 38.52
N LYS G 96 48.92 2.57 37.63
CA LYS G 96 49.70 3.74 37.94
C LYS G 96 48.89 5.03 37.89
N PHE G 97 47.66 4.99 37.37
CA PHE G 97 46.78 6.15 37.30
C PHE G 97 45.48 5.94 38.04
N ASP G 98 45.40 4.95 38.94
CA ASP G 98 44.14 4.62 39.58
C ASP G 98 43.63 5.76 40.46
N MET G 99 44.55 6.53 41.07
CA MET G 99 44.12 7.62 41.93
C MET G 99 43.42 8.72 41.14
N LEU G 100 43.77 8.91 39.86
CA LEU G 100 43.07 9.90 39.05
C LEU G 100 41.71 9.40 38.60
N ILE G 101 41.60 8.11 38.27
CA ILE G 101 40.33 7.57 37.81
C ILE G 101 39.32 7.51 38.96
N ASN G 102 39.77 7.07 40.14
CA ASN G 102 38.85 6.92 41.27
C ASN G 102 38.33 8.27 41.75
N ASP G 103 39.24 9.22 42.01
CA ASP G 103 38.87 10.56 42.46
C ASP G 103 39.77 11.55 41.75
N VAL G 104 39.21 12.23 40.74
CA VAL G 104 40.01 13.12 39.91
C VAL G 104 40.44 14.36 40.69
N ASP G 105 39.65 14.76 41.69
CA ASP G 105 39.96 15.93 42.51
C ASP G 105 39.93 15.59 44.00
N GLY G 106 40.12 14.33 44.34
CA GLY G 106 40.14 13.93 45.74
C GLY G 106 38.83 14.10 46.47
N SER G 107 37.70 13.91 45.78
CA SER G 107 36.39 13.99 46.40
C SER G 107 35.57 12.72 46.21
N GLY G 108 36.18 11.64 45.71
CA GLY G 108 35.46 10.44 45.40
C GLY G 108 34.74 10.45 44.08
N LEU G 109 34.79 11.56 43.34
CA LEU G 109 34.14 11.66 42.05
C LEU G 109 35.07 11.11 40.97
N SER G 110 34.60 10.13 40.21
CA SER G 110 35.42 9.52 39.19
C SER G 110 35.68 10.50 38.06
N ILE G 111 36.75 10.24 37.30
CA ILE G 111 37.09 11.11 36.17
C ILE G 111 35.99 11.08 35.13
N HIS G 112 35.23 9.99 35.04
CA HIS G 112 34.15 9.89 34.07
C HIS G 112 33.04 10.89 34.38
N GLN G 113 32.69 11.06 35.65
CA GLN G 113 31.66 12.02 36.01
C GLN G 113 32.11 13.45 35.73
N GLN G 114 33.37 13.77 36.02
CA GLN G 114 33.88 15.09 35.71
C GLN G 114 33.91 15.34 34.20
N ALA G 115 34.26 14.31 33.43
CA ALA G 115 34.22 14.44 31.97
C ALA G 115 32.80 14.66 31.49
N ARG G 116 31.83 13.98 32.10
CA ARG G 116 30.43 14.19 31.74
C ARG G 116 30.00 15.62 32.04
N ASP G 117 30.40 16.14 33.20
CA ASP G 117 30.05 17.53 33.54
C ASP G 117 30.69 18.50 32.56
N SER G 118 31.96 18.27 32.20
CA SER G 118 32.63 19.12 31.23
C SER G 118 31.94 19.06 29.88
N ALA G 119 31.52 17.88 29.45
CA ALA G 119 30.81 17.74 28.18
C ALA G 119 29.48 18.46 28.23
N GLU G 120 28.77 18.38 29.36
CA GLU G 120 27.51 19.10 29.49
C GLU G 120 27.72 20.60 29.39
N ASP G 121 28.75 21.11 30.06
CA ASP G 121 29.04 22.54 30.00
C ASP G 121 29.45 22.97 28.59
N ALA G 122 30.20 22.13 27.88
CA ALA G 122 30.61 22.48 26.52
C ALA G 122 29.45 22.37 25.53
N LEU G 123 28.49 21.49 25.80
CA LEU G 123 27.32 21.39 24.94
C LEU G 123 26.33 22.51 25.18
N SER G 124 26.19 22.95 26.43
CA SER G 124 25.16 23.93 26.77
C SER G 124 25.58 25.35 26.42
N LEU G 125 26.67 25.84 27.03
CA LEU G 125 27.15 27.18 26.74
C LEU G 125 28.52 27.21 26.10
N GLY G 126 29.12 26.06 25.79
CA GLY G 126 30.31 26.01 24.97
C GLY G 126 31.55 26.64 25.56
N ARG G 127 31.81 26.40 26.84
CA ARG G 127 33.04 26.89 27.44
C ARG G 127 33.30 26.13 28.74
N GLY G 128 34.57 26.02 29.09
CA GLY G 128 34.98 25.34 30.31
C GLY G 128 36.48 25.47 30.49
N GLY G 129 36.96 24.90 31.57
CA GLY G 129 38.38 24.94 31.87
C GLY G 129 38.82 23.74 32.68
N LEU G 130 40.06 23.31 32.45
CA LEU G 130 40.68 22.24 33.20
C LEU G 130 42.02 22.73 33.72
N PHE G 131 42.23 22.60 35.03
CA PHE G 131 43.44 23.04 35.69
C PHE G 131 44.04 21.89 36.47
N VAL G 132 45.36 21.71 36.34
CA VAL G 132 46.07 20.65 37.04
C VAL G 132 47.09 21.30 37.97
N ASP G 133 47.03 20.96 39.25
CA ASP G 133 47.94 21.52 40.24
C ASP G 133 48.35 20.45 41.24
N TYR G 134 49.41 20.74 41.98
CA TYR G 134 49.95 19.82 42.98
C TYR G 134 49.47 20.22 44.37
N SER G 135 49.10 19.23 45.17
CA SER G 135 48.61 19.49 46.51
C SER G 135 49.67 20.15 47.39
N ALA G 152 51.08 13.54 48.97
CA ALA G 152 50.85 14.58 47.93
C ALA G 152 50.29 13.92 46.66
N ARG G 153 49.59 14.70 45.82
CA ARG G 153 48.94 14.12 44.61
C ARG G 153 48.49 15.24 43.68
N PRO G 154 48.40 15.04 42.34
CA PRO G 154 47.88 16.08 41.45
C PRO G 154 46.38 15.97 41.27
N TYR G 155 45.72 17.12 41.25
CA TYR G 155 44.28 17.20 41.14
C TYR G 155 43.89 17.93 39.87
N ILE G 156 42.99 17.33 39.10
CA ILE G 156 42.50 17.95 37.87
C ILE G 156 41.25 18.75 38.21
N LYS G 157 41.31 20.05 37.97
CA LYS G 157 40.25 20.97 38.37
C LYS G 157 39.09 20.88 37.38
N PHE G 158 37.97 21.49 37.78
CA PHE G 158 36.89 21.82 36.85
C PHE G 158 36.50 23.26 37.12
N ILE G 159 36.70 24.12 36.12
CA ILE G 159 36.43 25.55 36.24
C ILE G 159 35.26 25.90 35.35
N ALA G 160 34.19 26.42 35.95
CA ALA G 160 33.03 26.85 35.19
C ALA G 160 33.37 28.04 34.29
N ALA G 161 32.60 28.19 33.23
CA ALA G 161 32.91 29.20 32.23
C ALA G 161 32.89 30.60 32.81
N GLU G 162 31.91 30.89 33.68
CA GLU G 162 31.86 32.21 34.31
C GLU G 162 33.02 32.45 35.25
N ASP G 163 33.70 31.40 35.69
CA ASP G 163 34.81 31.57 36.63
C ASP G 163 36.05 32.12 35.93
N ILE G 164 36.36 31.65 34.72
CA ILE G 164 37.48 32.20 33.97
C ILE G 164 37.10 33.61 33.53
N LEU G 165 37.74 34.61 34.12
CA LEU G 165 37.37 36.00 33.90
C LEU G 165 38.50 36.83 33.29
N ASN G 166 39.66 36.24 33.04
CA ASN G 166 40.76 37.00 32.46
C ASN G 166 41.75 36.05 31.80
N TRP G 167 42.25 36.43 30.63
CA TRP G 167 43.28 35.68 29.94
C TRP G 167 43.99 36.61 28.96
N ARG G 168 45.18 36.19 28.52
CA ARG G 168 45.98 36.99 27.62
C ARG G 168 46.66 36.07 26.60
N GLU G 169 46.88 36.60 25.39
CA GLU G 169 47.56 35.88 24.32
C GLU G 169 48.73 36.72 23.84
N ARG G 170 49.87 36.56 24.49
CA ARG G 170 51.10 37.25 24.13
C ARG G 170 52.01 36.28 23.38
N TRP G 171 52.37 36.64 22.15
CA TRP G 171 53.18 35.78 21.32
C TRP G 171 54.63 35.85 21.76
N VAL G 172 55.22 34.69 22.04
CA VAL G 172 56.61 34.58 22.47
C VAL G 172 57.36 33.82 21.38
N ASN G 173 58.37 34.45 20.80
CA ASN G 173 59.15 33.85 19.72
C ASN G 173 58.26 33.36 18.59
N GLY G 174 57.25 34.16 18.25
CA GLY G 174 56.36 33.80 17.16
C GLY G 174 55.46 32.61 17.41
N ALA G 175 55.00 32.42 18.65
CA ALA G 175 54.11 31.31 18.98
C ALA G 175 52.97 31.80 19.86
N LYS G 176 51.79 31.21 19.69
CA LYS G 176 50.67 31.43 20.60
C LYS G 176 51.00 30.89 21.98
N ARG G 177 51.20 31.79 22.94
CA ARG G 177 51.42 31.42 24.32
C ARG G 177 50.44 32.18 25.20
N THR G 178 49.75 31.45 26.08
CA THR G 178 48.83 32.05 27.04
C THR G 178 49.63 32.43 28.27
N THR G 179 49.91 33.73 28.42
CA THR G 179 50.78 34.20 29.49
C THR G 179 50.03 34.42 30.81
N LEU G 180 48.88 35.08 30.76
CA LEU G 180 48.10 35.36 31.95
C LEU G 180 46.76 34.64 31.86
N LEU G 181 46.31 34.10 32.99
CA LEU G 181 45.00 33.46 33.07
C LEU G 181 44.56 33.47 34.53
N VAL G 182 43.48 34.20 34.81
CA VAL G 182 42.96 34.32 36.17
C VAL G 182 41.54 33.80 36.18
N PHE G 183 41.27 32.85 37.07
CA PHE G 183 39.95 32.26 37.21
C PHE G 183 39.52 32.29 38.67
N ARG G 184 38.23 32.50 38.89
CA ARG G 184 37.69 32.60 40.24
C ARG G 184 37.49 31.21 40.83
N GLU G 185 37.96 31.02 42.05
CA GLU G 185 37.80 29.77 42.79
C GLU G 185 36.84 30.04 43.94
N GLU G 186 35.75 29.28 44.00
CA GLU G 186 34.74 29.44 45.04
C GLU G 186 34.85 28.29 46.04
N SER G 187 34.66 28.62 47.31
CA SER G 187 34.75 27.62 48.36
C SER G 187 33.84 28.03 49.52
N ASP G 188 33.53 27.05 50.37
CA ASP G 188 32.69 27.27 51.54
C ASP G 188 33.55 27.34 52.78
N ALA G 189 33.36 28.37 53.59
CA ALA G 189 34.15 28.54 54.80
C ALA G 189 33.73 27.52 55.85
N ASP G 190 34.73 26.81 56.40
CA ASP G 190 34.47 25.79 57.43
C ASP G 190 34.72 26.42 58.79
N ASP G 191 33.77 27.25 59.21
CA ASP G 191 33.84 27.88 60.52
C ASP G 191 33.33 26.91 61.59
N ASP G 192 33.40 27.33 62.84
CA ASP G 192 32.92 26.48 63.93
C ASP G 192 31.42 26.26 63.85
N GLY G 193 30.66 27.31 63.52
CA GLY G 193 29.22 27.19 63.45
C GLY G 193 28.75 26.52 62.17
N TYR G 194 27.45 26.19 62.16
CA TYR G 194 26.84 25.58 60.99
C TYR G 194 26.35 26.60 59.97
N GLN G 195 26.43 27.88 60.28
CA GLN G 195 26.03 28.91 59.33
C GLN G 195 26.92 28.87 58.09
N ILE G 196 26.29 28.95 56.92
CA ILE G 196 27.02 28.83 55.66
C ILE G 196 27.58 30.20 55.28
N TYR G 197 28.89 30.26 55.08
CA TYR G 197 29.56 31.45 54.61
C TYR G 197 29.87 31.30 53.13
N LYS G 198 30.58 32.27 52.55
CA LYS G 198 30.94 32.21 51.13
C LYS G 198 32.20 33.05 50.94
N GLU G 199 33.34 32.37 50.81
CA GLU G 199 34.61 33.04 50.56
C GLU G 199 35.13 32.62 49.19
N GLU G 200 35.78 33.55 48.49
CA GLU G 200 36.26 33.33 47.15
C GLU G 200 37.79 33.38 47.11
N VAL G 201 38.36 32.59 46.22
CA VAL G 201 39.81 32.54 46.00
C VAL G 201 40.08 32.85 44.54
N TRP G 202 41.09 33.67 44.28
CA TRP G 202 41.48 34.02 42.92
C TRP G 202 42.87 33.45 42.65
N ARG G 203 43.00 32.68 41.57
CA ARG G 203 44.26 32.09 41.17
C ARG G 203 44.81 32.85 39.97
N GLU G 204 46.04 33.32 40.10
CA GLU G 204 46.72 34.08 39.05
C GLU G 204 47.79 33.21 38.43
N LEU G 205 47.55 32.75 37.21
CA LEU G 205 48.49 31.91 36.49
C LEU G 205 49.28 32.77 35.51
N ARG G 206 50.60 32.82 35.67
CA ARG G 206 51.45 33.68 34.86
C ARG G 206 52.55 32.86 34.20
N LEU G 207 52.96 33.30 33.02
CA LEU G 207 54.00 32.64 32.24
C LEU G 207 55.01 33.71 31.82
N VAL G 208 56.17 33.73 32.48
CA VAL G 208 57.25 34.65 32.15
C VAL G 208 58.41 33.85 31.57
N ASP G 209 58.96 34.33 30.45
CA ASP G 209 60.02 33.69 29.68
C ASP G 209 59.89 32.18 29.65
N GLY G 210 58.69 31.69 29.34
CA GLY G 210 58.47 30.25 29.27
C GLY G 210 58.61 29.53 30.58
N THR G 211 58.16 30.14 31.68
CA THR G 211 58.19 29.51 32.99
C THR G 211 56.86 29.77 33.69
N TYR G 212 56.27 28.71 34.23
CA TYR G 212 54.94 28.79 34.84
C TYR G 212 55.04 29.28 36.28
N TRP G 213 54.38 30.40 36.58
CA TRP G 213 54.28 30.94 37.92
C TRP G 213 52.81 31.01 38.31
N GLN G 214 52.54 30.87 39.60
CA GLN G 214 51.17 30.94 40.09
C GLN G 214 51.14 31.51 41.51
N ARG G 215 50.00 32.07 41.86
CA ARG G 215 49.75 32.57 43.20
C ARG G 215 48.25 32.60 43.44
N THR G 216 47.87 32.67 44.71
CA THR G 216 46.46 32.65 45.11
C THR G 216 46.11 33.97 45.80
N TRP G 217 44.89 34.43 45.55
CA TRP G 217 44.35 35.64 46.18
C TRP G 217 43.13 35.24 47.00
N ARG G 218 43.08 35.72 48.25
CA ARG G 218 41.96 35.44 49.14
C ARG G 218 41.37 36.74 49.65
N GLU G 219 40.07 36.72 49.91
CA GLU G 219 39.33 37.88 50.38
C GLU G 219 38.61 37.54 51.69
N ASN G 220 38.68 38.46 52.65
CA ASN G 220 37.96 38.32 53.90
C ASN G 220 37.83 39.69 54.54
N ASP G 221 36.60 40.07 54.91
CA ASP G 221 36.31 41.36 55.51
C ASP G 221 36.75 42.52 54.63
N GLY G 222 36.66 42.35 53.31
CA GLY G 222 37.06 43.39 52.38
C GLY G 222 38.55 43.53 52.18
N GLN G 223 39.36 42.67 52.77
CA GLN G 223 40.80 42.72 52.65
C GLN G 223 41.29 41.67 51.68
N LEU G 224 42.29 42.03 50.87
CA LEU G 224 42.86 41.13 49.88
C LEU G 224 44.17 40.57 50.40
N TYR G 225 44.24 39.25 50.55
CA TYR G 225 45.47 38.58 50.96
C TYR G 225 46.20 38.06 49.74
N VAL G 226 47.49 38.36 49.66
CA VAL G 226 48.31 37.98 48.51
C VAL G 226 49.26 36.87 48.94
N ASP G 227 49.60 36.00 47.99
CA ASP G 227 50.51 34.89 48.21
C ASP G 227 51.76 35.07 47.36
N ASP G 228 52.88 34.61 47.89
CA ASP G 228 54.16 34.74 47.19
C ASP G 228 54.17 33.90 45.92
N TRP G 229 54.88 34.40 44.91
CA TRP G 229 54.99 33.68 43.65
C TRP G 229 55.72 32.37 43.84
N ILE G 230 55.17 31.30 43.27
CA ILE G 230 55.76 29.97 43.34
C ILE G 230 55.85 29.39 41.94
N SER G 231 56.76 28.44 41.77
CA SER G 231 56.97 27.77 40.49
C SER G 231 56.84 26.27 40.68
N PRO G 232 55.68 25.68 40.40
CA PRO G 232 55.55 24.23 40.47
C PRO G 232 56.48 23.55 39.48
N THR G 233 57.04 22.41 39.89
CA THR G 233 58.01 21.69 39.10
C THR G 233 57.63 20.22 39.01
N LYS G 234 58.03 19.58 37.91
CA LYS G 234 57.76 18.16 37.71
C LYS G 234 58.71 17.32 38.57
N ALA G 235 58.45 16.02 38.59
CA ALA G 235 59.29 15.11 39.36
C ALA G 235 60.72 15.11 38.81
N ASP G 236 60.87 15.07 37.48
CA ASP G 236 62.20 15.17 36.90
C ASP G 236 62.81 16.53 37.12
N GLY G 237 62.00 17.58 37.05
CA GLY G 237 62.48 18.94 37.27
C GLY G 237 62.14 19.87 36.13
N SER G 238 63.02 20.84 35.86
CA SER G 238 62.87 21.78 34.74
C SER G 238 61.61 22.62 34.87
N GLN G 239 61.05 22.71 36.08
CA GLN G 239 59.87 23.52 36.37
C GLN G 239 58.74 23.23 35.39
N PHE G 240 58.24 24.24 34.70
CA PHE G 240 57.17 24.06 33.72
C PHE G 240 57.35 25.04 32.57
N ASP G 241 57.12 24.56 31.35
CA ASP G 241 57.28 25.41 30.17
C ASP G 241 55.97 26.06 29.75
N GLU G 242 54.82 25.49 30.13
CA GLU G 242 53.53 26.02 29.76
C GLU G 242 52.60 25.98 30.97
N ILE G 243 51.58 26.82 30.93
CA ILE G 243 50.60 26.89 32.03
C ILE G 243 49.70 25.66 31.95
N PRO G 244 49.56 24.91 33.03
CA PRO G 244 48.70 23.70 33.02
C PRO G 244 47.22 24.05 33.08
N PHE G 245 46.74 24.78 32.09
CA PHE G 245 45.34 25.15 31.99
C PHE G 245 44.91 25.06 30.53
N VAL G 246 43.83 24.33 30.27
CA VAL G 246 43.27 24.18 28.94
C VAL G 246 41.82 24.61 28.96
N ILE G 247 41.45 25.48 28.02
CA ILE G 247 40.07 25.96 27.89
C ILE G 247 39.44 25.22 26.73
N PHE G 248 38.43 24.42 27.00
CA PHE G 248 37.75 23.62 25.99
C PHE G 248 36.39 24.24 25.69
N GLY G 249 36.05 24.27 24.40
CA GLY G 249 34.78 24.83 23.97
C GLY G 249 34.18 24.00 22.84
N SER G 250 33.00 24.41 22.40
CA SER G 250 32.33 23.73 21.32
C SER G 250 33.11 23.84 20.01
N LYS G 251 33.70 25.00 19.75
CA LYS G 251 34.44 25.21 18.50
C LYS G 251 35.82 24.57 18.55
N ASN G 252 36.67 25.02 19.48
CA ASN G 252 38.02 24.51 19.57
C ASN G 252 38.56 24.81 20.97
N ASN G 253 39.70 24.19 21.28
CA ASN G 253 40.35 24.37 22.57
C ASN G 253 41.26 25.61 22.51
N ASP G 254 40.61 26.77 22.52
CA ASP G 254 41.30 28.05 22.44
C ASP G 254 40.78 28.96 23.54
N PRO G 255 41.62 29.89 24.02
CA PRO G 255 41.14 30.85 25.03
C PRO G 255 40.04 31.76 24.51
N THR G 256 39.93 31.95 23.19
CA THR G 256 38.87 32.78 22.64
C THR G 256 37.51 32.13 22.85
N ILE G 257 36.52 32.96 23.16
CA ILE G 257 35.18 32.45 23.46
C ILE G 257 34.53 31.93 22.19
N ASP G 258 33.81 30.82 22.32
CA ASP G 258 33.07 30.21 21.22
C ASP G 258 31.58 30.40 21.43
N MET G 259 30.85 30.56 20.34
CA MET G 259 29.41 30.77 20.42
C MET G 259 28.75 29.49 20.95
N PRO G 260 27.87 29.60 21.96
CA PRO G 260 27.20 28.41 22.48
C PRO G 260 26.34 27.76 21.41
N PRO G 261 26.31 26.43 21.36
CA PRO G 261 25.50 25.75 20.33
C PRO G 261 24.01 25.86 20.56
N MET G 262 23.57 26.24 21.76
CA MET G 262 22.16 26.20 22.13
C MET G 262 21.50 27.57 22.10
N ARG G 263 22.17 28.58 21.53
CA ARG G 263 21.61 29.92 21.52
C ARG G 263 20.33 29.99 20.68
N ASP G 264 20.38 29.44 19.46
CA ASP G 264 19.21 29.49 18.58
C ASP G 264 18.05 28.71 19.17
N LEU G 265 18.32 27.53 19.74
CA LEU G 265 17.27 26.75 20.37
C LEU G 265 16.68 27.50 21.56
N VAL G 266 17.52 28.20 22.33
CA VAL G 266 17.01 28.97 23.46
C VAL G 266 16.09 30.08 22.99
N GLU G 267 16.49 30.81 21.96
CA GLU G 267 15.63 31.87 21.43
C GLU G 267 14.32 31.31 20.89
N LEU G 268 14.38 30.17 20.18
CA LEU G 268 13.16 29.55 19.68
C LEU G 268 12.25 29.12 20.82
N ASN G 269 12.84 28.57 21.89
CA ASN G 269 12.04 28.16 23.04
C ASN G 269 11.39 29.35 23.72
N ILE G 270 12.10 30.48 23.81
CA ILE G 270 11.52 31.69 24.40
C ILE G 270 10.36 32.18 23.56
N ALA G 271 10.53 32.20 22.24
CA ALA G 271 9.45 32.63 21.36
C ALA G 271 8.23 31.70 21.49
N HIS G 272 8.47 30.40 21.55
CA HIS G 272 7.37 29.46 21.76
C HIS G 272 6.72 29.67 23.12
N PHE G 273 7.50 30.05 24.13
CA PHE G 273 6.94 30.30 25.45
C PHE G 273 5.99 31.49 25.43
N ARG G 274 6.39 32.59 24.77
CA ARG G 274 5.50 33.75 24.71
C ARG G 274 4.27 33.45 23.85
N ASN G 275 4.43 32.68 22.77
CA ASN G 275 3.28 32.25 21.98
C ASN G 275 2.34 31.41 22.82
N SER G 276 2.89 30.54 23.67
CA SER G 276 2.08 29.71 24.54
C SER G 276 1.35 30.56 25.57
N ALA G 277 2.00 31.61 26.07
CA ALA G 277 1.32 32.53 26.99
C ALA G 277 0.10 33.14 26.32
N ASP G 278 0.27 33.65 25.10
CA ASP G 278 -0.86 34.22 24.38
C ASP G 278 -1.95 33.18 24.14
N TYR G 279 -1.57 31.97 23.72
CA TYR G 279 -2.54 30.94 23.40
C TYR G 279 -3.30 30.51 24.65
N GLU G 280 -2.61 30.38 25.77
CA GLU G 280 -3.27 29.99 27.01
C GLU G 280 -4.23 31.06 27.50
N GLU G 281 -3.85 32.35 27.37
CA GLU G 281 -4.78 33.41 27.72
C GLU G 281 -6.03 33.35 26.85
N ALA G 282 -5.85 33.14 25.55
CA ALA G 282 -7.00 33.05 24.65
C ALA G 282 -7.87 31.86 25.00
N CYS G 283 -7.26 30.72 25.31
CA CYS G 283 -8.02 29.53 25.69
C CYS G 283 -8.80 29.75 26.98
N PHE G 284 -8.18 30.41 27.96
CA PHE G 284 -8.87 30.67 29.22
C PHE G 284 -10.06 31.60 29.01
N ILE G 285 -9.89 32.64 28.20
CA ILE G 285 -10.95 33.64 28.07
C ILE G 285 -12.04 33.16 27.12
N CYS G 286 -11.69 32.94 25.85
CA CYS G 286 -12.68 32.69 24.82
C CYS G 286 -12.90 31.20 24.55
N GLY G 287 -12.25 30.31 25.31
CA GLY G 287 -12.42 28.89 25.07
C GLY G 287 -13.74 28.33 25.55
N GLN G 288 -14.35 28.97 26.54
CA GLN G 288 -15.60 28.48 27.10
C GLN G 288 -16.78 28.96 26.25
N PRO G 289 -17.65 28.07 25.80
CA PRO G 289 -18.82 28.50 25.03
C PRO G 289 -19.79 29.32 25.88
N THR G 290 -20.48 30.25 25.21
CA THR G 290 -21.42 31.15 25.85
C THR G 290 -22.73 31.19 25.07
N LEU G 291 -23.83 31.42 25.78
CA LEU G 291 -25.15 31.34 25.16
C LEU G 291 -25.37 32.45 24.13
N PHE G 292 -25.09 33.70 24.53
CA PHE G 292 -25.27 34.86 23.66
C PHE G 292 -26.70 34.94 23.12
N LEU G 293 -27.64 35.13 24.04
CA LEU G 293 -29.05 35.23 23.68
C LEU G 293 -29.32 36.60 23.10
N SER G 294 -29.33 36.69 21.76
CA SER G 294 -29.59 37.95 21.09
C SER G 294 -31.09 38.15 20.90
N GLY G 295 -31.47 39.40 20.67
CA GLY G 295 -32.87 39.74 20.50
C GLY G 295 -33.69 39.53 21.75
N LEU G 296 -33.17 39.90 22.92
CA LEU G 296 -33.82 39.66 24.19
C LEU G 296 -34.15 40.99 24.86
N THR G 297 -35.34 41.07 25.43
CA THR G 297 -35.80 42.26 26.11
C THR G 297 -35.74 42.08 27.62
N GLU G 298 -35.50 43.18 28.33
CA GLU G 298 -35.39 43.13 29.79
C GLU G 298 -36.70 42.67 30.42
N HIS G 299 -37.83 43.09 29.85
CA HIS G 299 -39.12 42.65 30.36
C HIS G 299 -39.24 41.13 30.31
N TRP G 300 -38.84 40.53 29.19
CA TRP G 300 -38.88 39.07 29.06
C TRP G 300 -37.93 38.42 30.06
N VAL G 301 -36.74 38.98 30.22
CA VAL G 301 -35.76 38.42 31.16
C VAL G 301 -36.36 38.37 32.56
N LYS G 302 -36.90 39.50 33.02
CA LYS G 302 -37.48 39.54 34.36
C LYS G 302 -38.73 38.68 34.46
N ASN G 303 -39.49 38.54 33.38
CA ASN G 303 -40.74 37.78 33.44
C ASN G 303 -40.47 36.29 33.59
N VAL G 304 -39.60 35.72 32.76
CA VAL G 304 -39.38 34.28 32.73
C VAL G 304 -37.97 33.91 33.17
N LEU G 305 -36.95 34.55 32.58
CA LEU G 305 -35.59 34.17 32.90
C LEU G 305 -35.23 34.55 34.34
N GLY G 306 -35.50 35.79 34.72
CA GLY G 306 -35.22 36.23 36.08
C GLY G 306 -33.76 36.16 36.45
N GLY G 307 -32.85 36.43 35.51
CA GLY G 307 -31.44 36.33 35.78
C GLY G 307 -30.96 34.93 36.12
N ALA G 308 -31.59 33.92 35.53
CA ALA G 308 -31.20 32.53 35.77
C ALA G 308 -31.73 31.68 34.63
N VAL G 309 -30.81 31.02 33.92
CA VAL G 309 -31.16 30.18 32.77
C VAL G 309 -30.81 28.74 33.10
N VAL G 310 -31.78 27.85 33.02
CA VAL G 310 -31.55 26.43 33.20
C VAL G 310 -31.07 25.84 31.87
N ILE G 311 -29.91 25.20 31.90
CA ILE G 311 -29.22 24.74 30.70
C ILE G 311 -29.15 23.22 30.60
N GLY G 312 -29.75 22.52 31.54
CA GLY G 312 -29.80 21.07 31.44
C GLY G 312 -30.72 20.60 30.34
N SER G 313 -30.53 19.34 29.95
CA SER G 313 -31.39 18.74 28.93
C SER G 313 -32.80 18.48 29.44
N ARG G 314 -33.02 18.49 30.76
CA ARG G 314 -34.35 18.27 31.30
C ARG G 314 -35.28 19.46 31.05
N ASP G 315 -34.74 20.68 31.02
CA ASP G 315 -35.53 21.89 30.91
C ASP G 315 -35.32 22.57 29.57
N ALA G 316 -36.39 23.17 29.06
CA ALA G 316 -36.37 23.94 27.82
C ALA G 316 -36.61 25.40 28.12
N VAL G 317 -35.82 26.26 27.49
CA VAL G 317 -35.86 27.70 27.75
C VAL G 317 -36.56 28.38 26.57
N PRO G 318 -37.63 29.15 26.81
CA PRO G 318 -38.30 29.85 25.72
C PRO G 318 -37.75 31.26 25.51
N LEU G 319 -37.87 31.73 24.28
CA LEU G 319 -37.40 33.04 23.88
C LEU G 319 -38.48 33.75 23.07
N PRO G 320 -38.47 35.08 23.05
CA PRO G 320 -39.46 35.81 22.25
C PRO G 320 -39.22 35.67 20.76
N VAL G 321 -40.03 36.36 19.95
CA VAL G 321 -39.90 36.25 18.51
C VAL G 321 -38.62 36.91 18.03
N ASN G 322 -38.10 36.44 16.90
CA ASN G 322 -36.89 36.98 16.28
C ASN G 322 -35.71 36.96 17.25
N ALA G 323 -35.62 35.90 18.05
CA ALA G 323 -34.52 35.72 18.99
C ALA G 323 -33.65 34.56 18.52
N LYS G 324 -32.36 34.82 18.38
CA LYS G 324 -31.42 33.81 17.87
C LYS G 324 -30.39 33.45 18.93
N PRO G 325 -30.51 32.29 19.58
CA PRO G 325 -29.44 31.84 20.48
C PRO G 325 -28.30 31.22 19.69
N GLU G 326 -27.07 31.60 20.04
CA GLU G 326 -25.91 31.17 19.28
C GLU G 326 -24.75 30.92 20.24
N LEU G 327 -24.41 29.65 20.44
CA LEU G 327 -23.23 29.32 21.23
C LEU G 327 -21.97 29.79 20.52
N LEU G 328 -21.14 30.56 21.22
CA LEU G 328 -19.95 31.14 20.65
C LEU G 328 -18.73 30.71 21.45
N GLN G 329 -17.73 30.18 20.76
CA GLN G 329 -16.45 29.85 21.38
C GLN G 329 -15.38 29.88 20.30
N ALA G 330 -14.15 30.13 20.71
CA ALA G 330 -13.04 30.17 19.77
C ALA G 330 -12.80 28.78 19.19
N GLU G 331 -12.82 28.68 17.87
CA GLU G 331 -12.63 27.40 17.21
C GLU G 331 -11.16 27.02 17.19
N GLY G 332 -10.90 25.77 16.81
CA GLY G 332 -9.55 25.26 16.75
C GLY G 332 -8.80 25.72 15.52
N ASN G 333 -7.57 25.22 15.39
CA ASN G 333 -6.68 25.56 14.28
C ASN G 333 -6.44 27.07 14.21
N GLY G 334 -6.33 27.70 15.38
CA GLY G 334 -6.01 29.11 15.42
C GLY G 334 -4.62 29.39 14.93
N MET G 335 -4.42 30.61 14.42
CA MET G 335 -3.14 30.96 13.82
C MET G 335 -2.04 31.08 14.88
N VAL G 336 -2.42 31.37 16.12
CA VAL G 336 -1.44 31.31 17.22
C VAL G 336 -0.97 29.88 17.42
N LYS G 337 -1.89 28.91 17.40
CA LYS G 337 -1.50 27.51 17.50
C LYS G 337 -0.67 27.10 16.28
N GLU G 338 -1.00 27.65 15.11
CA GLU G 338 -0.19 27.38 13.92
C GLU G 338 1.24 27.88 14.09
N ALA G 339 1.40 29.07 14.66
CA ALA G 339 2.73 29.60 14.92
C ALA G 339 3.47 28.74 15.94
N MET G 340 2.78 28.28 16.97
CA MET G 340 3.42 27.40 17.95
C MET G 340 3.88 26.10 17.31
N ASP G 341 3.04 25.51 16.46
CA ASP G 341 3.42 24.29 15.77
C ASP G 341 4.61 24.53 14.84
N GLN G 342 4.63 25.68 14.17
CA GLN G 342 5.76 26.01 13.32
C GLN G 342 7.04 26.13 14.13
N LYS G 343 6.97 26.76 15.30
CA LYS G 343 8.15 26.89 16.14
C LYS G 343 8.63 25.53 16.65
N GLU G 344 7.70 24.65 17.04
CA GLU G 344 8.09 23.31 17.44
C GLU G 344 8.76 22.55 16.31
N ARG G 345 8.19 22.68 15.09
CA ARG G 345 8.79 22.04 13.93
C ARG G 345 10.19 22.58 13.66
N GLN G 346 10.37 23.89 13.83
CA GLN G 346 11.69 24.49 13.63
C GLN G 346 12.69 23.98 14.66
N MET G 347 12.26 23.83 15.92
CA MET G 347 13.15 23.26 16.92
C MET G 347 13.54 21.84 16.58
N VAL G 348 12.58 21.02 16.13
CA VAL G 348 12.91 19.66 15.71
C VAL G 348 13.88 19.68 14.54
N ALA G 349 13.66 20.59 13.60
CA ALA G 349 14.46 20.65 12.40
C ALA G 349 15.84 21.27 12.64
N LEU G 350 16.05 21.92 13.78
CA LEU G 350 17.33 22.55 14.08
C LEU G 350 18.34 21.55 14.64
N GLY G 351 18.18 20.28 14.34
CA GLY G 351 19.13 19.26 14.80
C GLY G 351 19.09 19.06 16.29
N ALA G 352 17.91 19.09 16.89
CA ALA G 352 17.75 18.95 18.33
C ALA G 352 16.99 17.67 18.64
N LYS G 353 17.52 16.89 19.57
CA LYS G 353 16.84 15.71 20.10
C LYS G 353 15.88 16.07 21.21
N LEU G 354 15.41 17.32 21.21
CA LEU G 354 14.57 17.81 22.29
C LEU G 354 13.25 17.06 22.39
N ILE G 355 12.63 16.73 21.25
CA ILE G 355 11.42 15.93 21.25
C ILE G 355 11.48 14.86 20.18
N ASP G 356 10.66 13.83 20.38
CA ASP G 356 10.45 12.75 19.43
C ASP G 356 8.96 12.61 19.16
N SER G 357 8.62 12.24 17.93
CA SER G 357 7.23 12.14 17.51
C SER G 357 6.92 10.71 17.11
N ASP G 358 5.89 10.13 17.73
CA ASP G 358 5.48 8.78 17.35
C ASP G 358 4.77 8.77 16.00
N LYS G 359 4.05 9.84 15.66
CA LYS G 359 3.35 9.90 14.39
C LYS G 359 4.33 9.87 13.22
N THR G 360 5.44 10.60 13.35
CA THR G 360 6.41 10.66 12.26
C THR G 360 7.07 9.31 12.06
N GLN G 361 7.25 8.92 10.80
CA GLN G 361 7.90 7.67 10.43
C GLN G 361 9.08 7.97 9.52
N ARG G 362 10.18 7.25 9.74
CA ARG G 362 11.40 7.44 8.97
C ARG G 362 11.83 6.11 8.36
N THR G 363 12.11 6.13 7.07
CA THR G 363 12.59 4.95 6.37
C THR G 363 14.01 4.63 6.81
N PHE G 364 14.27 3.36 7.11
CA PHE G 364 15.60 2.94 7.51
C PHE G 364 16.59 3.12 6.36
N GLY G 365 17.80 3.58 6.71
CA GLY G 365 18.82 3.86 5.74
C GLY G 365 18.88 5.29 5.26
N GLU G 366 17.79 6.05 5.44
CA GLU G 366 17.82 7.47 5.10
C GLU G 366 18.64 8.26 6.11
N ALA G 367 18.44 7.99 7.40
CA ALA G 367 19.14 8.74 8.44
C ALA G 367 20.63 8.40 8.48
N SER G 368 21.05 7.31 7.86
CA SER G 368 22.47 6.96 7.84
C SER G 368 23.27 7.99 7.04
N MET G 369 22.66 8.59 6.02
CA MET G 369 23.35 9.62 5.24
C MET G 369 23.53 10.90 6.06
N GLU G 370 22.52 11.29 6.83
CA GLU G 370 22.58 12.54 7.58
C GLU G 370 23.23 12.39 8.95
N ALA G 371 23.47 11.16 9.41
CA ALA G 371 24.02 10.96 10.76
C ALA G 371 25.30 11.73 10.98
N ALA G 372 26.10 11.92 9.93
CA ALA G 372 27.31 12.73 10.06
C ALA G 372 26.99 14.17 10.41
N ALA G 373 25.97 14.74 9.75
CA ALA G 373 25.62 16.14 10.00
C ALA G 373 24.87 16.31 11.31
N GLN G 374 23.97 15.39 11.65
CA GLN G 374 23.19 15.52 12.87
C GLN G 374 24.08 15.48 14.11
N ASN G 375 25.06 14.57 14.13
CA ASN G 375 25.96 14.43 15.26
C ASN G 375 27.21 15.29 15.12
N SER G 376 27.13 16.39 14.37
CA SER G 376 28.31 17.23 14.16
C SER G 376 28.76 17.89 15.45
N VAL G 377 27.84 18.53 16.17
CA VAL G 377 28.19 19.15 17.44
C VAL G 377 28.60 18.10 18.46
N LEU G 378 27.92 16.95 18.45
CA LEU G 378 28.30 15.86 19.33
C LEU G 378 29.75 15.44 19.10
N SER G 379 30.11 15.19 17.85
CA SER G 379 31.47 14.77 17.55
C SER G 379 32.48 15.86 17.90
N ARG G 380 32.17 17.12 17.59
CA ARG G 380 33.09 18.20 17.88
C ARG G 380 33.35 18.32 19.37
N VAL G 381 32.28 18.30 20.17
CA VAL G 381 32.43 18.39 21.62
C VAL G 381 33.19 17.18 22.15
N SER G 382 32.88 15.99 21.63
CA SER G 382 33.56 14.79 22.07
C SER G 382 35.07 14.89 21.84
N LYS G 383 35.47 15.28 20.64
CA LYS G 383 36.90 15.40 20.37
C LYS G 383 37.54 16.50 21.22
N ASN G 384 36.87 17.65 21.36
CA ASN G 384 37.44 18.74 22.14
C ASN G 384 37.68 18.32 23.58
N VAL G 385 36.68 17.69 24.21
CA VAL G 385 36.85 17.22 25.58
C VAL G 385 37.90 16.12 25.65
N SER G 386 37.98 15.27 24.63
CA SER G 386 38.99 14.22 24.61
C SER G 386 40.40 14.81 24.64
N ASP G 387 40.66 15.80 23.78
CA ASP G 387 41.99 16.41 23.78
C ASP G 387 42.24 17.19 25.07
N ALA G 388 41.22 17.86 25.60
CA ALA G 388 41.40 18.59 26.85
C ALA G 388 41.81 17.65 27.98
N TYR G 389 41.10 16.53 28.12
CA TYR G 389 41.41 15.61 29.19
C TYR G 389 42.71 14.86 28.94
N THR G 390 43.05 14.61 27.67
CA THR G 390 44.36 14.02 27.38
C THR G 390 45.48 14.95 27.80
N LYS G 391 45.34 16.25 27.49
CA LYS G 391 46.36 17.21 27.92
C LYS G 391 46.44 17.30 29.43
N ALA G 392 45.29 17.29 30.11
CA ALA G 392 45.30 17.32 31.58
C ALA G 392 45.98 16.08 32.15
N LEU G 393 45.71 14.91 31.59
CA LEU G 393 46.34 13.69 32.08
C LEU G 393 47.84 13.69 31.80
N ARG G 394 48.25 14.24 30.66
CA ARG G 394 49.68 14.36 30.38
C ARG G 394 50.35 15.30 31.37
N TRP G 395 49.69 16.40 31.72
CA TRP G 395 50.25 17.29 32.73
C TRP G 395 50.34 16.62 34.09
N ALA G 396 49.33 15.83 34.45
CA ALA G 396 49.40 15.07 35.69
C ALA G 396 50.53 14.07 35.68
N ALA G 397 50.73 13.39 34.55
CA ALA G 397 51.85 12.45 34.42
C ALA G 397 53.18 13.16 34.55
N MET G 398 53.30 14.36 33.98
CA MET G 398 54.50 15.17 34.17
C MET G 398 54.69 15.49 35.64
N PHE G 399 53.61 15.82 36.34
CA PHE G 399 53.69 16.09 37.77
C PHE G 399 54.21 14.88 38.53
N LEU G 400 53.72 13.69 38.19
CA LEU G 400 54.14 12.47 38.86
C LEU G 400 55.33 11.79 38.19
N GLY G 401 55.82 12.33 37.09
CA GLY G 401 56.92 11.69 36.37
C GLY G 401 56.56 10.33 35.83
N LEU G 402 55.33 10.18 35.34
CA LEU G 402 54.83 8.90 34.85
C LEU G 402 54.99 8.82 33.34
N ASP G 403 54.39 7.78 32.74
CA ASP G 403 54.43 7.62 31.30
C ASP G 403 53.63 8.72 30.62
N GLU G 404 54.16 9.23 29.51
CA GLU G 404 53.55 10.36 28.82
C GLU G 404 52.58 9.95 27.73
N LYS G 405 52.81 8.81 27.08
CA LYS G 405 51.96 8.37 25.97
C LYS G 405 50.69 7.75 26.52
N ILE G 406 49.83 8.63 27.06
CA ILE G 406 48.52 8.24 27.56
C ILE G 406 47.45 9.01 26.79
N GLU G 407 46.26 8.41 26.72
CA GLU G 407 45.16 9.00 25.98
C GLU G 407 43.86 8.80 26.73
N TYR G 408 42.92 9.72 26.52
CA TYR G 408 41.58 9.64 27.09
C TYR G 408 40.60 10.03 26.01
N GLU G 409 39.88 9.05 25.46
CA GLU G 409 38.97 9.27 24.35
C GLU G 409 37.56 8.88 24.78
N LEU G 410 36.62 9.79 24.56
CA LEU G 410 35.22 9.52 24.85
C LEU G 410 34.57 8.78 23.69
N ASN G 411 33.33 8.35 23.90
CA ASN G 411 32.60 7.60 22.88
C ASN G 411 32.34 8.46 21.65
N SER G 412 33.12 8.23 20.59
CA SER G 412 32.93 8.95 19.34
C SER G 412 31.97 8.26 18.38
N ASP G 413 31.52 7.06 18.72
CA ASP G 413 30.56 6.33 17.91
C ASP G 413 29.17 6.49 18.52
N PHE G 414 28.38 7.39 17.95
CA PHE G 414 27.06 7.71 18.48
C PHE G 414 26.04 6.74 17.89
N ASP G 415 24.77 6.93 18.23
CA ASP G 415 23.68 6.03 17.83
C ASP G 415 23.99 4.59 18.24
N ILE G 416 24.51 4.44 19.46
CA ILE G 416 24.94 3.13 19.96
C ILE G 416 23.73 2.31 20.35
N ASN G 417 23.75 1.03 19.97
CA ASN G 417 22.67 0.11 20.32
C ASN G 417 23.26 -1.27 20.53
N LYS G 418 22.42 -2.19 21.00
CA LYS G 418 22.85 -3.56 21.22
C LYS G 418 23.25 -4.21 19.90
N MET G 419 24.39 -4.90 19.91
CA MET G 419 24.92 -5.50 18.69
C MET G 419 24.11 -6.73 18.32
N SER G 420 23.97 -6.94 17.01
CA SER G 420 23.19 -8.04 16.48
C SER G 420 24.01 -9.33 16.48
N PRO G 421 23.35 -10.49 16.45
CA PRO G 421 24.09 -11.76 16.36
C PRO G 421 25.02 -11.83 15.16
N GLU G 422 24.59 -11.30 14.01
CA GLU G 422 25.47 -11.25 12.85
C GLU G 422 26.67 -10.36 13.11
N GLU G 423 26.46 -9.23 13.77
CA GLU G 423 27.58 -8.35 14.13
C GLU G 423 28.52 -9.04 15.10
N LEU G 424 27.96 -9.81 16.04
CA LEU G 424 28.80 -10.56 16.98
C LEU G 424 29.66 -11.58 16.25
N ALA G 425 29.06 -12.33 15.33
CA ALA G 425 29.83 -13.28 14.55
C ALA G 425 30.90 -12.58 13.73
N ALA G 426 30.57 -11.41 13.18
CA ALA G 426 31.54 -10.67 12.38
C ALA G 426 32.74 -10.24 13.22
N VAL G 427 32.49 -9.71 14.42
CA VAL G 427 33.62 -9.26 15.23
C VAL G 427 34.44 -10.44 15.74
N ILE G 428 33.79 -11.57 16.04
CA ILE G 428 34.54 -12.76 16.43
C ILE G 428 35.43 -13.22 15.30
N SER G 429 34.89 -13.26 14.08
CA SER G 429 35.69 -13.66 12.93
C SER G 429 36.84 -12.70 12.68
N ALA G 430 36.59 -11.39 12.86
CA ALA G 430 37.65 -10.41 12.68
C ALA G 430 38.75 -10.60 13.71
N TRP G 431 38.38 -10.90 14.96
CA TRP G 431 39.40 -11.15 15.98
C TRP G 431 40.20 -12.41 15.69
N GLN G 432 39.54 -13.44 15.15
CA GLN G 432 40.25 -14.66 14.79
C GLN G 432 41.30 -14.42 13.71
N SER G 433 41.15 -13.37 12.93
CA SER G 433 42.19 -12.91 12.01
C SER G 433 43.02 -11.83 12.66
N ASN G 434 44.16 -11.52 12.06
CA ASN G 434 45.07 -10.52 12.60
C ASN G 434 44.69 -9.12 12.12
N ALA G 435 43.46 -8.73 12.45
CA ALA G 435 42.94 -7.44 12.02
C ALA G 435 42.35 -6.65 13.18
N ILE G 436 41.82 -7.34 14.18
CA ILE G 436 41.24 -6.70 15.36
C ILE G 436 41.95 -7.24 16.59
N SER G 437 42.40 -6.34 17.44
CA SER G 437 43.06 -6.71 18.68
C SER G 437 42.07 -7.41 19.62
N PHE G 438 42.61 -8.28 20.48
CA PHE G 438 41.76 -8.96 21.45
C PHE G 438 41.07 -7.96 22.37
N THR G 439 41.82 -6.96 22.86
CA THR G 439 41.20 -5.90 23.64
C THR G 439 40.27 -5.06 22.78
N GLU G 440 40.57 -4.90 21.49
CA GLU G 440 39.67 -4.20 20.60
C GLU G 440 38.35 -4.95 20.46
N MET G 441 38.40 -6.28 20.31
CA MET G 441 37.17 -7.06 20.23
C MET G 441 36.41 -7.01 21.55
N ARG G 442 37.14 -7.03 22.67
CA ARG G 442 36.49 -6.91 23.97
C ARG G 442 35.77 -5.57 24.10
N TRP G 443 36.42 -4.49 23.65
CA TRP G 443 35.78 -3.18 23.69
C TRP G 443 34.56 -3.14 22.77
N GLN G 444 34.65 -3.79 21.61
CA GLN G 444 33.49 -3.91 20.73
C GLN G 444 32.34 -4.60 21.44
N ILE G 445 32.61 -5.73 22.07
CA ILE G 445 31.55 -6.54 22.67
C ILE G 445 31.00 -5.87 23.93
N LYS G 446 31.80 -5.03 24.58
CA LYS G 446 31.29 -4.24 25.70
C LYS G 446 30.45 -3.06 25.23
N LYS G 447 30.82 -2.47 24.09
CA LYS G 447 30.03 -1.37 23.54
C LYS G 447 28.63 -1.83 23.17
N GLY G 448 28.51 -3.04 22.63
CA GLY G 448 27.23 -3.60 22.27
C GLY G 448 26.42 -4.16 23.40
N GLY G 449 26.88 -3.99 24.64
CA GLY G 449 26.18 -4.52 25.79
C GLY G 449 26.14 -6.02 25.85
N ARG G 450 27.24 -6.68 25.49
CA ARG G 450 27.29 -8.13 25.48
C ARG G 450 28.32 -8.70 26.45
N ALA G 451 29.02 -7.87 27.21
CA ALA G 451 29.99 -8.34 28.18
C ALA G 451 30.19 -7.26 29.24
N TYR G 452 30.52 -7.70 30.45
CA TYR G 452 30.70 -6.75 31.54
C TYR G 452 32.02 -6.96 32.27
N LEU G 453 32.49 -8.21 32.32
CA LEU G 453 33.74 -8.48 33.00
C LEU G 453 34.92 -7.86 32.26
N GLU G 454 35.97 -7.54 33.00
CA GLU G 454 37.17 -6.97 32.43
C GLU G 454 37.89 -8.00 31.56
N ASP G 455 38.76 -7.51 30.67
CA ASP G 455 39.50 -8.41 29.80
C ASP G 455 40.41 -9.33 30.60
N GLU G 456 41.05 -8.81 31.64
CA GLU G 456 41.95 -9.62 32.45
C GLU G 456 41.19 -10.73 33.18
N ASP G 457 40.00 -10.42 33.71
CA ASP G 457 39.21 -11.45 34.38
C ASP G 457 38.80 -12.54 33.41
N MET G 458 38.38 -12.15 32.20
CA MET G 458 38.01 -13.15 31.20
C MET G 458 39.20 -14.01 30.82
N ARG G 459 40.38 -13.40 30.64
CA ARG G 459 41.58 -14.16 30.32
C ARG G 459 41.91 -15.14 31.44
N ASN G 460 41.83 -14.68 32.69
CA ASN G 460 42.16 -15.54 33.82
C ASN G 460 41.19 -16.73 33.91
N GLU G 461 39.91 -16.49 33.69
CA GLU G 461 38.95 -17.58 33.79
C GLU G 461 39.07 -18.55 32.61
N SER G 462 39.34 -18.03 31.41
CA SER G 462 39.47 -18.88 30.25
C SER G 462 40.84 -19.56 30.15
N GLU G 463 41.79 -19.17 31.00
CA GLU G 463 43.08 -19.85 31.00
C GLU G 463 42.94 -21.31 31.40
N GLN G 464 42.07 -21.61 32.36
CA GLN G 464 41.89 -22.97 32.82
C GLN G 464 41.13 -23.79 31.79
N ASP G 465 41.05 -25.10 32.04
CA ASP G 465 40.41 -26.02 31.12
C ASP G 465 38.90 -25.81 31.08
N ASP G 466 38.29 -26.27 29.99
CA ASP G 466 36.85 -26.16 29.86
C ASP G 466 36.16 -27.08 30.87
N PRO G 467 34.95 -26.73 31.30
CA PRO G 467 34.21 -27.60 32.22
C PRO G 467 33.91 -28.96 31.62
N LEU G 468 33.26 -28.96 30.46
CA LEU G 468 32.85 -30.19 29.78
C LEU G 468 32.10 -31.14 30.71
N ASP H 3 44.33 55.02 -3.16
CA ASP H 3 45.66 54.44 -3.07
C ASP H 3 46.42 55.05 -1.88
N SER H 4 46.99 54.18 -1.06
CA SER H 4 47.76 54.61 0.10
C SER H 4 49.07 53.82 0.16
N ASN H 5 50.12 54.49 0.64
CA ASN H 5 51.44 53.87 0.78
C ASN H 5 51.68 53.29 2.16
N ASN H 6 50.71 53.40 3.07
CA ASN H 6 50.88 52.88 4.41
C ASN H 6 50.79 51.35 4.42
N ILE H 7 51.40 50.76 5.45
CA ILE H 7 51.33 49.31 5.61
C ILE H 7 49.92 48.85 5.94
N LYS H 8 49.06 49.75 6.42
CA LYS H 8 47.69 49.43 6.77
C LYS H 8 46.74 49.48 5.57
N TYR H 9 47.25 49.80 4.38
CA TYR H 9 46.40 49.91 3.20
C TYR H 9 45.75 48.57 2.87
N VAL H 10 44.45 48.61 2.58
CA VAL H 10 43.67 47.44 2.27
C VAL H 10 43.24 47.49 0.82
N ARG H 11 43.35 46.35 0.13
CA ARG H 11 42.97 46.28 -1.27
C ARG H 11 41.48 46.56 -1.44
N GLU H 12 41.12 47.16 -2.57
CA GLU H 12 39.75 47.61 -2.79
C GLU H 12 38.75 46.46 -2.77
N ASP H 13 39.11 45.34 -3.40
CA ASP H 13 38.21 44.19 -3.44
C ASP H 13 37.99 43.61 -2.04
N ALA H 14 39.02 43.65 -1.18
CA ALA H 14 38.82 43.24 0.20
C ALA H 14 37.81 44.13 0.91
N LYS H 15 37.90 45.45 0.68
CA LYS H 15 36.91 46.36 1.26
C LYS H 15 35.52 46.06 0.73
N LYS H 16 35.41 45.75 -0.56
CA LYS H 16 34.11 45.42 -1.13
C LYS H 16 33.54 44.16 -0.51
N MET H 17 34.37 43.14 -0.29
CA MET H 17 33.90 41.89 0.30
C MET H 17 33.74 41.97 1.82
N HIS H 18 34.23 43.06 2.44
CA HIS H 18 34.09 43.20 3.88
C HIS H 18 32.63 43.20 4.32
N LYS H 19 31.75 43.82 3.52
CA LYS H 19 30.34 43.87 3.89
C LYS H 19 29.73 42.47 3.92
N LEU H 20 29.98 41.67 2.89
CA LEU H 20 29.47 40.31 2.86
C LEU H 20 30.08 39.48 3.98
N TRP H 21 31.37 39.66 4.24
CA TRP H 21 32.01 38.92 5.33
C TRP H 21 31.38 39.25 6.66
N ALA H 22 31.11 40.54 6.91
CA ALA H 22 30.49 40.95 8.16
C ALA H 22 29.07 40.40 8.27
N HIS H 23 28.31 40.42 7.18
CA HIS H 23 26.96 39.87 7.21
C HIS H 23 26.99 38.38 7.53
N ILE H 24 27.91 37.65 6.92
CA ILE H 24 28.03 36.23 7.19
C ILE H 24 28.44 35.98 8.64
N ARG H 25 29.33 36.83 9.17
CA ARG H 25 29.74 36.69 10.56
C ARG H 25 28.56 36.91 11.51
N MET H 26 27.72 37.91 11.24
CA MET H 26 26.52 38.10 12.05
C MET H 26 25.58 36.92 11.92
N ALA H 27 25.47 36.36 10.72
CA ALA H 27 24.63 35.17 10.54
C ALA H 27 25.13 33.99 11.37
N MET H 28 26.44 33.78 11.39
CA MET H 28 27.01 32.72 12.22
C MET H 28 26.84 33.01 13.71
N GLU H 29 26.92 34.28 14.11
CA GLU H 29 26.92 34.62 15.52
C GLU H 29 25.62 34.19 16.20
N GLY H 30 24.50 34.43 15.56
CA GLY H 30 23.23 33.97 16.08
C GLY H 30 22.19 35.06 15.98
N SER H 31 21.18 34.98 16.86
CA SER H 31 20.08 35.92 16.81
C SER H 31 20.46 37.27 17.37
N ARG H 32 21.34 37.30 18.38
CA ARG H 32 21.67 38.57 19.02
C ARG H 32 22.29 39.56 18.05
N ALA H 33 23.23 39.09 17.23
CA ALA H 33 23.84 39.98 16.24
C ALA H 33 22.84 40.42 15.18
N ILE H 34 21.93 39.53 14.80
CA ILE H 34 20.94 39.87 13.77
C ILE H 34 20.01 40.96 14.29
N LYS H 35 19.50 40.80 15.51
CA LYS H 35 18.60 41.81 16.07
C LYS H 35 19.34 43.07 16.48
N ASP H 36 20.66 43.00 16.69
CA ASP H 36 21.43 44.20 17.00
C ASP H 36 21.50 45.11 15.78
N ASN H 37 21.81 44.55 14.62
CA ASN H 37 21.90 45.31 13.36
C ASN H 37 20.66 45.13 12.51
N ALA H 38 19.48 45.04 13.15
CA ALA H 38 18.25 44.77 12.42
C ALA H 38 17.88 45.88 11.45
N LYS H 39 18.44 47.08 11.62
CA LYS H 39 18.17 48.16 10.69
C LYS H 39 18.68 47.83 9.29
N GLU H 40 19.85 47.17 9.22
CA GLU H 40 20.40 46.82 7.92
C GLU H 40 19.58 45.74 7.22
N PHE H 41 19.00 44.81 7.99
CA PHE H 41 18.31 43.65 7.43
C PHE H 41 16.81 43.91 7.24
N VAL H 42 16.11 44.27 8.31
CA VAL H 42 14.67 44.45 8.28
C VAL H 42 14.39 45.92 8.01
N PRO H 43 13.80 46.28 6.87
CA PRO H 43 13.43 47.68 6.64
C PRO H 43 12.28 48.10 7.53
N HIS H 44 12.28 49.38 7.87
CA HIS H 44 11.20 49.93 8.68
C HIS H 44 9.90 49.91 7.88
N PRO H 45 8.78 49.49 8.46
CA PRO H 45 7.51 49.51 7.72
C PRO H 45 7.08 50.89 7.27
N ASP H 46 7.57 51.95 7.91
CA ASP H 46 7.23 53.31 7.51
C ASP H 46 8.37 54.24 7.90
N ASN H 47 8.89 54.99 6.93
CA ASN H 47 9.95 55.96 7.22
C ASN H 47 9.41 57.14 8.01
N THR H 48 8.18 57.55 7.72
CA THR H 48 7.57 58.66 8.46
C THR H 48 7.48 58.32 9.95
N LYS H 49 7.09 57.10 10.28
CA LYS H 49 7.13 56.66 11.66
C LYS H 49 8.55 56.66 12.20
N ALA H 50 9.51 56.20 11.39
CA ALA H 50 10.90 56.14 11.82
C ALA H 50 11.41 57.52 12.23
N THR H 51 10.93 58.57 11.57
CA THR H 51 11.32 59.91 11.96
C THR H 51 10.83 60.23 13.37
N THR H 52 9.60 59.84 13.69
CA THR H 52 9.01 60.11 14.99
C THR H 52 9.57 59.18 16.06
N PRO H 53 9.49 59.57 17.34
CA PRO H 53 9.97 58.67 18.40
C PRO H 53 9.06 57.47 18.64
N GLU H 54 7.74 57.66 18.57
CA GLU H 54 6.86 56.52 18.76
C GLU H 54 6.99 55.51 17.63
N GLY H 55 7.39 55.96 16.44
CA GLY H 55 7.63 55.02 15.35
C GLY H 55 8.80 54.11 15.64
N VAL H 56 9.91 54.67 16.13
CA VAL H 56 11.06 53.82 16.45
C VAL H 56 10.76 52.98 17.69
N ALA H 57 9.94 53.49 18.60
CA ALA H 57 9.52 52.67 19.74
C ALA H 57 8.73 51.46 19.27
N ARG H 58 7.83 51.65 18.30
CA ARG H 58 7.10 50.52 17.73
C ARG H 58 8.03 49.59 16.97
N TYR H 59 9.01 50.14 16.26
CA TYR H 59 9.96 49.32 15.50
C TYR H 59 10.79 48.44 16.43
N LYS H 60 11.11 48.94 17.63
CA LYS H 60 11.87 48.14 18.57
C LYS H 60 11.10 46.88 18.96
N ALA H 61 9.81 47.03 19.30
CA ALA H 61 8.98 45.88 19.61
C ALA H 61 8.76 45.00 18.39
N TYR H 62 8.71 45.61 17.20
CA TYR H 62 8.61 44.84 15.96
C TYR H 62 9.80 43.91 15.79
N ILE H 63 11.01 44.41 16.06
CA ILE H 63 12.20 43.60 15.95
C ILE H 63 12.27 42.56 17.05
N GLU H 64 11.89 42.94 18.27
CA GLU H 64 11.98 42.01 19.41
C GLU H 64 11.09 40.79 19.21
N ARG H 65 9.88 41.00 18.69
CA ARG H 65 8.95 39.89 18.49
C ARG H 65 9.39 38.93 17.38
N ALA H 66 10.38 39.29 16.58
CA ALA H 66 10.78 38.45 15.46
C ALA H 66 11.49 37.20 15.95
N VAL H 67 11.60 36.23 15.05
CA VAL H 67 12.23 34.94 15.34
C VAL H 67 13.34 34.71 14.32
N TRP H 68 14.55 34.44 14.80
CA TRP H 68 15.68 34.13 13.94
C TRP H 68 15.83 32.62 13.83
N TYR H 69 15.84 32.12 12.60
CA TYR H 69 15.97 30.68 12.39
C TYR H 69 17.33 30.15 12.82
N GLY H 70 18.40 30.86 12.48
CA GLY H 70 19.74 30.34 12.73
C GLY H 70 20.07 29.13 11.90
N ALA H 71 19.69 29.13 10.63
CA ALA H 71 19.91 27.98 9.75
C ALA H 71 21.30 27.95 9.14
N SER H 72 21.90 29.12 8.87
CA SER H 72 23.22 29.14 8.27
C SER H 72 24.27 28.56 9.21
N ALA H 73 24.16 28.86 10.51
CA ALA H 73 25.06 28.26 11.48
C ALA H 73 24.89 26.74 11.52
N ASN H 74 23.66 26.26 11.41
CA ASN H 74 23.42 24.83 11.37
C ASN H 74 24.04 24.20 10.13
N THR H 75 23.95 24.88 8.98
CA THR H 75 24.60 24.38 7.77
C THR H 75 26.10 24.29 7.96
N VAL H 76 26.71 25.32 8.55
CA VAL H 76 28.15 25.30 8.77
C VAL H 76 28.53 24.15 9.71
N ASP H 77 27.78 23.98 10.79
CA ASP H 77 28.09 22.91 11.74
C ASP H 77 27.96 21.54 11.07
N GLY H 78 26.88 21.33 10.31
CA GLY H 78 26.71 20.04 9.65
C GLY H 78 27.78 19.77 8.61
N MET H 79 28.17 20.81 7.86
CA MET H 79 29.22 20.65 6.87
C MET H 79 30.55 20.31 7.54
N LEU H 80 30.86 20.97 8.65
CA LEU H 80 32.07 20.65 9.40
C LEU H 80 32.03 19.22 9.92
N GLY H 81 30.89 18.79 10.45
CA GLY H 81 30.77 17.43 10.95
C GLY H 81 30.93 16.40 9.85
N GLN H 82 30.38 16.69 8.67
CA GLN H 82 30.54 15.78 7.53
C GLN H 82 31.99 15.71 7.09
N ILE H 83 32.65 16.86 6.96
CA ILE H 83 34.04 16.87 6.50
C ILE H 83 34.95 16.26 7.56
N PHE H 84 34.80 16.67 8.81
CA PHE H 84 35.70 16.25 9.87
C PHE H 84 35.06 15.11 10.66
N ALA H 85 35.27 13.89 10.17
CA ALA H 85 34.93 12.68 10.88
C ALA H 85 36.21 11.87 11.09
N ARG H 86 36.29 11.21 12.23
CA ARG H 86 37.51 10.51 12.67
C ARG H 86 38.62 11.55 12.73
N ASP H 87 39.76 11.33 12.09
CA ASP H 87 40.83 12.30 12.06
C ASP H 87 41.48 12.30 10.69
N PRO H 88 42.00 13.43 10.24
CA PRO H 88 42.74 13.46 8.97
C PRO H 88 43.95 12.54 9.02
N VAL H 89 44.23 11.89 7.89
CA VAL H 89 45.31 10.93 7.80
C VAL H 89 46.59 11.66 7.39
N PHE H 90 47.67 11.42 8.15
CA PHE H 90 48.97 12.00 7.86
C PHE H 90 49.88 10.93 7.26
N THR H 91 50.49 11.24 6.13
CA THR H 91 51.36 10.31 5.42
C THR H 91 52.82 10.74 5.59
N GLY H 92 53.66 9.79 5.99
CA GLY H 92 55.06 10.08 6.22
C GLY H 92 55.47 9.72 7.63
N PRO H 93 56.70 10.06 8.00
CA PRO H 93 57.16 9.80 9.37
C PRO H 93 56.31 10.57 10.37
N GLU H 94 56.02 9.92 11.50
CA GLU H 94 55.20 10.53 12.54
C GLU H 94 56.01 10.96 13.75
N ASP H 95 57.04 10.21 14.12
CA ASP H 95 57.89 10.61 15.24
C ASP H 95 58.68 11.87 14.92
N LYS H 96 59.05 12.06 13.65
CA LYS H 96 59.81 13.24 13.23
C LYS H 96 58.95 14.48 13.06
N PHE H 97 57.62 14.33 13.08
CA PHE H 97 56.71 15.45 12.96
C PHE H 97 55.77 15.59 14.15
N ASP H 98 56.12 14.97 15.28
CA ASP H 98 55.20 14.95 16.42
C ASP H 98 54.98 16.35 16.99
N MET H 99 55.99 17.21 16.92
CA MET H 99 55.84 18.57 17.46
C MET H 99 54.81 19.37 16.66
N LEU H 100 54.65 19.10 15.37
CA LEU H 100 53.64 19.79 14.59
C LEU H 100 52.24 19.25 14.86
N ILE H 101 52.12 17.94 15.07
CA ILE H 101 50.80 17.36 15.32
C ILE H 101 50.30 17.76 16.70
N ASN H 102 51.18 17.71 17.71
CA ASN H 102 50.75 18.01 19.07
C ASN H 102 50.35 19.48 19.23
N ASP H 103 51.23 20.40 18.80
CA ASP H 103 50.95 21.82 18.88
C ASP H 103 51.45 22.47 17.59
N VAL H 104 50.52 22.79 16.70
CA VAL H 104 50.88 23.31 15.39
C VAL H 104 51.49 24.70 15.49
N ASP H 105 51.10 25.46 16.52
CA ASP H 105 51.60 26.81 16.72
C ASP H 105 52.14 27.01 18.13
N GLY H 106 52.54 25.92 18.78
CA GLY H 106 53.10 26.01 20.11
C GLY H 106 52.13 26.50 21.18
N SER H 107 50.85 26.16 21.07
CA SER H 107 49.87 26.53 22.06
C SER H 107 49.13 25.32 22.62
N GLY H 108 49.58 24.11 22.33
CA GLY H 108 48.89 22.91 22.73
C GLY H 108 47.73 22.53 21.85
N LEU H 109 47.43 23.31 20.81
CA LEU H 109 46.34 23.00 19.91
C LEU H 109 46.85 22.07 18.81
N SER H 110 46.19 20.93 18.66
CA SER H 110 46.62 19.95 17.67
C SER H 110 46.37 20.49 16.26
N ILE H 111 47.10 19.92 15.30
CA ILE H 111 46.94 20.33 13.91
C ILE H 111 45.54 20.02 13.41
N HIS H 112 44.90 19.01 13.99
CA HIS H 112 43.53 18.66 13.58
C HIS H 112 42.55 19.78 13.91
N GLN H 113 42.69 20.38 15.10
CA GLN H 113 41.79 21.47 15.47
C GLN H 113 42.00 22.69 14.58
N GLN H 114 43.25 23.01 14.26
CA GLN H 114 43.52 24.12 13.36
C GLN H 114 42.97 23.84 11.96
N ALA H 115 43.10 22.59 11.50
CA ALA H 115 42.51 22.23 10.21
C ALA H 115 40.99 22.36 10.25
N ARG H 116 40.37 21.98 11.37
CA ARG H 116 38.93 22.15 11.51
C ARG H 116 38.53 23.62 11.44
N ASP H 117 39.29 24.48 12.12
CA ASP H 117 38.99 25.91 12.08
C ASP H 117 39.16 26.46 10.67
N SER H 118 40.22 26.04 9.97
CA SER H 118 40.42 26.47 8.59
C SER H 118 39.28 26.00 7.69
N ALA H 119 38.84 24.77 7.88
CA ALA H 119 37.71 24.26 7.08
C ALA H 119 36.44 25.03 7.38
N GLU H 120 36.20 25.38 8.65
CA GLU H 120 35.03 26.17 8.98
C GLU H 120 35.09 27.55 8.32
N ASP H 121 36.26 28.19 8.35
CA ASP H 121 36.40 29.49 7.69
C ASP H 121 36.22 29.39 6.19
N ALA H 122 36.72 28.32 5.58
CA ALA H 122 36.57 28.16 4.13
C ALA H 122 35.15 27.80 3.74
N LEU H 123 34.41 27.13 4.62
CA LEU H 123 33.02 26.81 4.33
C LEU H 123 32.11 28.02 4.54
N SER H 124 32.41 28.85 5.52
CA SER H 124 31.51 29.94 5.88
C SER H 124 31.68 31.13 4.93
N LEU H 125 32.87 31.73 4.91
CA LEU H 125 33.11 32.87 4.03
C LEU H 125 34.14 32.60 2.95
N GLY H 126 34.67 31.37 2.86
CA GLY H 126 35.47 30.98 1.71
C GLY H 126 36.79 31.69 1.55
N ARG H 127 37.53 31.89 2.65
CA ARG H 127 38.86 32.47 2.56
C ARG H 127 39.62 32.18 3.84
N GLY H 128 40.94 32.11 3.71
CA GLY H 128 41.81 31.86 4.84
C GLY H 128 43.26 31.95 4.40
N GLY H 129 44.16 31.74 5.35
CA GLY H 129 45.58 31.80 5.07
C GLY H 129 46.36 30.92 6.00
N LEU H 130 47.46 30.36 5.49
CA LEU H 130 48.38 29.56 6.27
C LEU H 130 49.78 30.12 6.07
N PHE H 131 50.47 30.42 7.16
CA PHE H 131 51.81 31.00 7.14
C PHE H 131 52.73 30.13 7.98
N VAL H 132 53.92 29.84 7.45
CA VAL H 132 54.91 29.04 8.14
C VAL H 132 56.15 29.90 8.34
N ASP H 133 56.59 30.01 9.59
CA ASP H 133 57.76 30.82 9.93
C ASP H 133 58.58 30.12 11.00
N TYR H 134 59.82 30.57 11.15
CA TYR H 134 60.76 30.02 12.13
C TYR H 134 60.79 30.90 13.36
N SER H 135 60.82 30.25 14.53
CA SER H 135 60.83 30.99 15.79
C SER H 135 62.10 31.82 15.94
N ALA H 152 64.46 26.07 18.99
CA ALA H 152 63.79 26.70 17.84
C ALA H 152 62.85 25.70 17.17
N ARG H 153 61.84 26.18 16.43
CA ARG H 153 60.83 25.27 15.83
C ARG H 153 59.98 26.05 14.80
N PRO H 154 59.42 25.41 13.74
CA PRO H 154 58.53 26.12 12.82
C PRO H 154 57.09 26.04 13.26
N TYR H 155 56.38 27.16 13.09
CA TYR H 155 55.00 27.29 13.51
C TYR H 155 54.12 27.57 12.31
N ILE H 156 53.05 26.81 12.17
CA ILE H 156 52.10 27.00 11.09
C ILE H 156 51.01 27.95 11.57
N LYS H 157 50.88 29.08 10.90
CA LYS H 157 49.98 30.14 11.33
C LYS H 157 48.55 29.80 10.94
N PHE H 158 47.62 30.57 11.49
CA PHE H 158 46.26 30.64 10.98
C PHE H 158 45.88 32.10 10.87
N ILE H 159 45.63 32.56 9.64
CA ILE H 159 45.34 33.96 9.37
C ILE H 159 43.89 34.06 8.92
N ALA H 160 43.09 34.83 9.66
CA ALA H 160 41.70 35.03 9.29
C ALA H 160 41.61 35.83 7.98
N ALA H 161 40.48 35.66 7.29
CA ALA H 161 40.33 36.26 5.96
C ALA H 161 40.42 37.77 6.02
N GLU H 162 39.82 38.40 7.03
CA GLU H 162 39.90 39.85 7.16
C GLU H 162 41.32 40.33 7.46
N ASP H 163 42.19 39.44 7.95
CA ASP H 163 43.54 39.86 8.29
C ASP H 163 44.40 40.06 7.04
N ILE H 164 44.27 39.19 6.04
CA ILE H 164 44.99 39.38 4.79
C ILE H 164 44.38 40.58 4.07
N LEU H 165 45.12 41.68 4.01
CA LEU H 165 44.61 42.93 3.49
C LEU H 165 45.36 43.45 2.27
N ASN H 166 46.39 42.74 1.81
CA ASN H 166 47.14 43.18 0.65
C ASN H 166 47.89 42.00 0.04
N TRP H 167 47.88 41.94 -1.29
CA TRP H 167 48.64 40.93 -2.02
C TRP H 167 48.87 41.43 -3.43
N ARG H 168 49.83 40.81 -4.12
CA ARG H 168 50.19 41.21 -5.47
C ARG H 168 50.51 39.97 -6.30
N GLU H 169 50.24 40.05 -7.60
CA GLU H 169 50.52 38.96 -8.53
C GLU H 169 51.36 39.52 -9.67
N ARG H 170 52.68 39.51 -9.48
CA ARG H 170 53.64 39.97 -10.47
C ARG H 170 54.26 38.75 -11.14
N TRP H 171 54.12 38.66 -12.45
CA TRP H 171 54.64 37.52 -13.19
C TRP H 171 56.14 37.64 -13.38
N VAL H 172 56.87 36.61 -12.94
CA VAL H 172 58.32 36.57 -13.07
C VAL H 172 58.67 35.44 -14.02
N ASN H 173 59.34 35.78 -15.11
CA ASN H 173 59.72 34.80 -16.14
C ASN H 173 58.50 34.01 -16.62
N GLY H 174 57.39 34.70 -16.81
CA GLY H 174 56.18 34.06 -17.30
C GLY H 174 55.54 33.07 -16.35
N ALA H 175 55.57 33.34 -15.05
CA ALA H 175 54.94 32.47 -14.06
C ALA H 175 54.18 33.30 -13.04
N LYS H 176 53.07 32.75 -12.55
CA LYS H 176 52.35 33.34 -11.43
C LYS H 176 53.20 33.28 -10.17
N ARG H 177 53.68 34.43 -9.71
CA ARG H 177 54.42 34.54 -8.47
C ARG H 177 53.78 35.60 -7.60
N THR H 178 53.52 35.26 -6.34
CA THR H 178 52.97 36.21 -5.37
C THR H 178 54.14 36.93 -4.73
N THR H 179 54.36 38.18 -5.14
CA THR H 179 55.53 38.93 -4.69
C THR H 179 55.30 39.63 -3.35
N LEU H 180 54.18 40.31 -3.19
CA LEU H 180 53.87 41.01 -1.95
C LEU H 180 52.65 40.39 -1.28
N LEU H 181 52.68 40.30 0.03
CA LEU H 181 51.54 39.80 0.80
C LEU H 181 51.67 40.33 2.22
N VAL H 182 50.72 41.17 2.63
CA VAL H 182 50.73 41.78 3.95
C VAL H 182 49.45 41.38 4.67
N PHE H 183 49.61 40.80 5.86
CA PHE H 183 48.47 40.37 6.66
C PHE H 183 48.61 40.92 8.08
N ARG H 184 47.48 41.28 8.67
CA ARG H 184 47.48 41.85 10.00
C ARG H 184 47.60 40.76 11.06
N GLU H 185 48.50 40.97 12.02
CA GLU H 185 48.70 40.04 13.12
C GLU H 185 48.23 40.75 14.39
N GLU H 186 47.30 40.12 15.10
CA GLU H 186 46.73 40.68 16.31
C GLU H 186 47.27 39.95 17.52
N SER H 187 47.55 40.69 18.58
CA SER H 187 48.09 40.11 19.80
C SER H 187 47.64 40.92 21.00
N ASP H 188 47.75 40.32 22.18
CA ASP H 188 47.38 40.96 23.44
C ASP H 188 48.63 41.39 24.18
N ALA H 189 48.67 42.65 24.59
CA ALA H 189 49.84 43.17 25.29
C ALA H 189 49.92 42.59 26.70
N ASP H 190 51.08 42.03 27.05
CA ASP H 190 51.30 41.45 28.37
C ASP H 190 52.00 42.48 29.25
N ASP H 191 51.21 43.47 29.68
CA ASP H 191 51.71 44.49 30.58
C ASP H 191 51.69 43.97 32.02
N ASP H 192 52.19 44.79 32.94
CA ASP H 192 52.21 44.40 34.36
C ASP H 192 50.80 44.25 34.91
N GLY H 193 49.90 45.16 34.55
CA GLY H 193 48.56 45.12 35.07
C GLY H 193 47.70 44.09 34.36
N TYR H 194 46.51 43.85 34.94
CA TYR H 194 45.55 42.92 34.36
C TYR H 194 44.66 43.57 33.31
N GLN H 195 44.76 44.87 33.11
CA GLN H 195 43.96 45.54 32.09
C GLN H 195 44.33 45.04 30.71
N ILE H 196 43.31 44.75 29.90
CA ILE H 196 43.53 44.17 28.58
C ILE H 196 43.81 45.29 27.59
N TYR H 197 44.95 45.20 26.90
CA TYR H 197 45.31 46.13 25.84
C TYR H 197 45.06 45.47 24.50
N LYS H 198 45.43 46.15 23.41
CA LYS H 198 45.25 45.59 22.08
C LYS H 198 46.29 46.23 21.16
N GLU H 199 47.35 45.49 20.85
CA GLU H 199 48.38 45.94 19.94
C GLU H 199 48.39 45.04 18.70
N GLU H 200 48.67 45.65 17.55
CA GLU H 200 48.64 44.95 16.28
C GLU H 200 50.03 44.91 15.66
N VAL H 201 50.30 43.82 14.94
CA VAL H 201 51.56 43.61 14.24
C VAL H 201 51.25 43.39 12.76
N TRP H 202 52.03 44.01 11.90
CA TRP H 202 51.88 43.85 10.45
C TRP H 202 53.10 43.15 9.88
N ARG H 203 52.87 42.05 9.17
CA ARG H 203 53.93 41.28 8.55
C ARG H 203 53.96 41.57 7.05
N GLU H 204 55.11 41.97 6.55
CA GLU H 204 55.29 42.30 5.14
C GLU H 204 56.12 41.20 4.50
N LEU H 205 55.49 40.37 3.68
CA LEU H 205 56.16 39.27 2.98
C LEU H 205 56.45 39.71 1.55
N ARG H 206 57.73 39.73 1.20
CA ARG H 206 58.17 40.21 -0.10
C ARG H 206 59.00 39.15 -0.81
N LEU H 207 58.91 39.14 -2.14
CA LEU H 207 59.64 38.19 -2.98
C LEU H 207 60.34 38.98 -4.07
N VAL H 208 61.65 39.16 -3.93
CA VAL H 208 62.47 39.85 -4.93
C VAL H 208 63.39 38.83 -5.59
N ASP H 209 63.45 38.87 -6.93
CA ASP H 209 64.20 37.95 -7.78
C ASP H 209 64.18 36.52 -7.24
N GLY H 210 62.99 36.03 -6.90
CA GLY H 210 62.85 34.67 -6.41
C GLY H 210 63.53 34.43 -5.07
N THR H 211 63.47 35.40 -4.16
CA THR H 211 64.02 35.25 -2.82
C THR H 211 63.03 35.80 -1.81
N TYR H 212 62.75 35.03 -0.77
CA TYR H 212 61.74 35.40 0.21
C TYR H 212 62.33 36.33 1.26
N TRP H 213 61.75 37.52 1.39
CA TRP H 213 62.11 38.49 2.41
C TRP H 213 60.89 38.79 3.27
N GLN H 214 61.13 39.11 4.54
CA GLN H 214 60.03 39.41 5.44
C GLN H 214 60.48 40.42 6.48
N ARG H 215 59.51 41.15 7.04
CA ARG H 215 59.75 42.08 8.12
C ARG H 215 58.44 42.29 8.87
N THR H 216 58.54 42.80 10.09
CA THR H 216 57.40 43.02 10.95
C THR H 216 57.22 44.49 11.25
N TRP H 217 55.97 44.93 11.33
CA TRP H 217 55.62 46.30 11.67
C TRP H 217 54.82 46.29 12.96
N ARG H 218 55.19 47.16 13.90
CA ARG H 218 54.52 47.26 15.18
C ARG H 218 54.05 48.69 15.41
N GLU H 219 52.94 48.83 16.14
CA GLU H 219 52.35 50.13 16.42
C GLU H 219 52.20 50.30 17.92
N ASN H 220 52.54 51.48 18.42
CA ASN H 220 52.34 51.82 19.83
C ASN H 220 52.35 53.34 19.96
N ASP H 221 51.33 53.88 20.61
CA ASP H 221 51.19 55.32 20.82
C ASP H 221 51.20 56.09 19.50
N GLY H 222 50.64 55.49 18.45
CA GLY H 222 50.59 56.12 17.15
C GLY H 222 51.88 56.10 16.37
N GLN H 223 52.91 55.44 16.87
CA GLN H 223 54.21 55.37 16.21
C GLN H 223 54.38 54.01 15.55
N LEU H 224 54.98 54.02 14.36
CA LEU H 224 55.20 52.81 13.59
C LEU H 224 56.66 52.37 13.74
N TYR H 225 56.87 51.17 14.28
CA TYR H 225 58.21 50.61 14.42
C TYR H 225 58.46 49.66 13.26
N VAL H 226 59.61 49.83 12.61
CA VAL H 226 59.98 49.04 11.44
C VAL H 226 61.10 48.08 11.83
N ASP H 227 61.12 46.93 11.16
CA ASP H 227 62.12 45.91 11.40
C ASP H 227 62.96 45.72 10.14
N ASP H 228 64.23 45.38 10.34
CA ASP H 228 65.15 45.19 9.22
C ASP H 228 64.74 43.98 8.40
N TRP H 229 65.00 44.06 7.09
CA TRP H 229 64.68 42.96 6.19
C TRP H 229 65.52 41.74 6.53
N ILE H 230 64.88 40.57 6.60
CA ILE H 230 65.55 39.31 6.89
C ILE H 230 65.16 38.30 5.84
N SER H 231 66.01 37.29 5.67
CA SER H 231 65.78 36.21 4.71
C SER H 231 65.84 34.87 5.42
N PRO H 232 64.69 34.31 5.80
CA PRO H 232 64.70 32.96 6.40
C PRO H 232 65.26 31.93 5.42
N THR H 233 65.99 30.97 5.96
CA THR H 233 66.67 29.96 5.15
C THR H 233 66.39 28.57 5.72
N LYS H 234 66.39 27.59 4.83
CA LYS H 234 66.18 26.21 5.22
C LYS H 234 67.43 25.65 5.90
N ALA H 235 67.28 24.44 6.45
CA ALA H 235 68.42 23.79 7.10
C ALA H 235 69.53 23.52 6.11
N ASP H 236 69.19 23.03 4.92
CA ASP H 236 70.20 22.83 3.89
C ASP H 236 70.75 24.17 3.39
N GLY H 237 69.90 25.18 3.28
CA GLY H 237 70.33 26.48 2.83
C GLY H 237 69.52 27.01 1.66
N SER H 238 70.17 27.77 0.78
CA SER H 238 69.56 28.28 -0.45
C SER H 238 68.37 29.20 -0.16
N GLN H 239 68.29 29.72 1.07
CA GLN H 239 67.25 30.66 1.48
C GLN H 239 65.86 30.11 1.15
N PHE H 240 65.07 30.87 0.40
CA PHE H 240 63.73 30.43 0.01
C PHE H 240 63.41 30.96 -1.39
N ASP H 241 62.78 30.11 -2.20
CA ASP H 241 62.43 30.50 -3.56
C ASP H 241 61.02 31.06 -3.65
N GLU H 242 60.14 30.71 -2.71
CA GLU H 242 58.76 31.16 -2.73
C GLU H 242 58.34 31.59 -1.32
N ILE H 243 57.33 32.44 -1.26
CA ILE H 243 56.82 32.93 0.02
C ILE H 243 56.04 31.81 0.71
N PRO H 244 56.37 31.46 1.94
CA PRO H 244 55.65 30.38 2.65
C PRO H 244 54.28 30.82 3.15
N PHE H 245 53.42 31.21 2.21
CA PHE H 245 52.05 31.60 2.52
C PHE H 245 51.13 31.06 1.45
N VAL H 246 50.08 30.35 1.87
CA VAL H 246 49.08 29.79 0.97
C VAL H 246 47.71 30.30 1.38
N ILE H 247 46.96 30.82 0.43
CA ILE H 247 45.61 31.31 0.66
C ILE H 247 44.64 30.26 0.12
N PHE H 248 43.86 29.67 1.01
CA PHE H 248 42.92 28.62 0.64
C PHE H 248 41.50 29.18 0.68
N GLY H 249 40.70 28.79 -0.32
CA GLY H 249 39.33 29.25 -0.41
C GLY H 249 38.42 28.13 -0.88
N SER H 250 37.14 28.45 -0.98
CA SER H 250 36.16 27.47 -1.44
C SER H 250 36.41 27.09 -2.88
N LYS H 251 36.77 28.06 -3.72
CA LYS H 251 36.97 27.80 -5.14
C LYS H 251 38.32 27.12 -5.40
N ASN H 252 39.41 27.80 -5.06
CA ASN H 252 40.75 27.28 -5.32
C ASN H 252 41.74 27.99 -4.41
N ASN H 253 42.95 27.45 -4.35
CA ASN H 253 44.02 28.02 -3.54
C ASN H 253 44.74 29.11 -4.33
N ASP H 254 44.06 30.23 -4.48
CA ASP H 254 44.58 31.37 -5.22
C ASP H 254 44.45 32.63 -4.38
N PRO H 255 45.33 33.60 -4.59
CA PRO H 255 45.19 34.88 -3.87
C PRO H 255 43.91 35.62 -4.21
N THR H 256 43.31 35.36 -5.37
CA THR H 256 42.07 36.02 -5.74
C THR H 256 40.93 35.57 -4.83
N ILE H 257 40.07 36.51 -4.47
CA ILE H 257 38.97 36.21 -3.55
C ILE H 257 37.94 35.33 -4.23
N ASP H 258 37.40 34.39 -3.48
CA ASP H 258 36.36 33.49 -3.96
C ASP H 258 35.04 33.83 -3.29
N MET H 259 33.95 33.66 -4.03
CA MET H 259 32.62 33.96 -3.48
C MET H 259 32.30 33.00 -2.36
N PRO H 260 31.85 33.48 -1.20
CA PRO H 260 31.50 32.58 -0.10
C PRO H 260 30.36 31.67 -0.48
N PRO H 261 30.41 30.40 -0.08
CA PRO H 261 29.33 29.47 -0.45
C PRO H 261 28.02 29.73 0.28
N MET H 262 28.03 30.52 1.35
CA MET H 262 26.86 30.70 2.22
C MET H 262 26.14 32.02 1.97
N ARG H 263 26.48 32.73 0.89
CA ARG H 263 25.86 34.03 0.63
C ARG H 263 24.37 33.89 0.36
N ASP H 264 23.99 32.95 -0.52
CA ASP H 264 22.59 32.78 -0.87
C ASP H 264 21.78 32.31 0.32
N LEU H 265 22.34 31.39 1.11
CA LEU H 265 21.64 30.93 2.30
C LEU H 265 21.48 32.07 3.31
N VAL H 266 22.48 32.93 3.43
CA VAL H 266 22.38 34.07 4.34
C VAL H 266 21.28 35.02 3.90
N GLU H 267 21.21 35.32 2.61
CA GLU H 267 20.14 36.19 2.12
C GLU H 267 18.77 35.57 2.33
N LEU H 268 18.65 34.27 2.07
CA LEU H 268 17.37 33.59 2.29
C LEU H 268 16.99 33.62 3.76
N ASN H 269 17.96 33.43 4.65
CA ASN H 269 17.68 33.48 6.08
C ASN H 269 17.23 34.87 6.51
N ILE H 270 17.85 35.91 5.95
CA ILE H 270 17.44 37.28 6.28
C ILE H 270 16.01 37.54 5.81
N ALA H 271 15.69 37.08 4.59
CA ALA H 271 14.33 37.26 4.09
C ALA H 271 13.32 36.52 4.96
N HIS H 272 13.66 35.29 5.37
CA HIS H 272 12.79 34.55 6.27
C HIS H 272 12.66 35.26 7.61
N PHE H 273 13.74 35.89 8.08
CA PHE H 273 13.68 36.62 9.35
C PHE H 273 12.71 37.79 9.28
N ARG H 274 12.76 38.56 8.19
CA ARG H 274 11.83 39.69 8.08
C ARG H 274 10.39 39.19 7.90
N ASN H 275 10.21 38.10 7.15
CA ASN H 275 8.88 37.50 7.04
C ASN H 275 8.37 37.05 8.40
N SER H 276 9.26 36.48 9.22
CA SER H 276 8.88 36.05 10.55
C SER H 276 8.53 37.24 11.44
N ALA H 277 9.24 38.36 11.28
CA ALA H 277 8.89 39.57 12.01
C ALA H 277 7.46 39.99 11.68
N ASP H 278 7.13 40.05 10.38
CA ASP H 278 5.78 40.42 9.99
C ASP H 278 4.75 39.42 10.54
N TYR H 279 5.04 38.13 10.43
CA TYR H 279 4.09 37.11 10.87
C TYR H 279 3.87 37.16 12.37
N GLU H 280 4.94 37.39 13.14
CA GLU H 280 4.81 37.48 14.58
C GLU H 280 4.03 38.71 15.00
N GLU H 281 4.24 39.84 14.31
CA GLU H 281 3.44 41.02 14.60
C GLU H 281 1.96 40.75 14.33
N ALA H 282 1.66 40.10 13.21
CA ALA H 282 0.27 39.78 12.88
C ALA H 282 -0.32 38.84 13.92
N CYS H 283 0.44 37.84 14.35
CA CYS H 283 -0.05 36.89 15.35
C CYS H 283 -0.31 37.57 16.68
N PHE H 284 0.58 38.49 17.08
CA PHE H 284 0.39 39.20 18.34
C PHE H 284 -0.86 40.08 18.29
N ILE H 285 -1.07 40.78 17.17
CA ILE H 285 -2.17 41.74 17.12
C ILE H 285 -3.50 41.03 16.86
N CYS H 286 -3.62 40.38 15.70
CA CYS H 286 -4.91 39.86 15.25
C CYS H 286 -5.11 38.38 15.60
N GLY H 287 -4.16 37.76 16.32
CA GLY H 287 -4.30 36.35 16.65
C GLY H 287 -5.31 36.07 17.75
N GLN H 288 -5.56 37.04 18.61
CA GLN H 288 -6.48 36.85 19.73
C GLN H 288 -7.91 37.09 19.26
N PRO H 289 -8.83 36.15 19.50
CA PRO H 289 -10.22 36.37 19.12
C PRO H 289 -10.87 37.48 19.93
N THR H 290 -11.82 38.17 19.30
CA THR H 290 -12.52 39.30 19.91
C THR H 290 -14.02 39.15 19.69
N LEU H 291 -14.81 39.67 20.65
CA LEU H 291 -16.25 39.47 20.62
C LEU H 291 -16.90 40.19 19.44
N PHE H 292 -16.59 41.47 19.26
CA PHE H 292 -17.15 42.28 18.19
C PHE H 292 -18.68 42.27 18.22
N LEU H 293 -19.24 42.81 19.31
CA LEU H 293 -20.68 42.87 19.49
C LEU H 293 -21.24 43.98 18.61
N SER H 294 -21.74 43.62 17.44
CA SER H 294 -22.34 44.58 16.52
C SER H 294 -23.80 44.80 16.85
N GLY H 295 -24.34 45.92 16.36
CA GLY H 295 -25.71 46.28 16.63
C GLY H 295 -26.01 46.54 18.09
N LEU H 296 -25.11 47.25 18.77
CA LEU H 296 -25.23 47.50 20.20
C LEU H 296 -25.38 48.99 20.46
N THR H 297 -26.28 49.33 21.37
CA THR H 297 -26.55 50.72 21.73
C THR H 297 -25.92 51.05 23.08
N GLU H 298 -25.51 52.31 23.23
CA GLU H 298 -24.87 52.74 24.47
C GLU H 298 -25.82 52.61 25.66
N HIS H 299 -27.11 52.87 25.44
CA HIS H 299 -28.08 52.71 26.51
C HIS H 299 -28.11 51.28 27.01
N TRP H 300 -28.10 50.31 26.09
CA TRP H 300 -28.08 48.90 26.49
C TRP H 300 -26.80 48.56 27.22
N VAL H 301 -25.66 49.07 26.74
CA VAL H 301 -24.38 48.80 27.38
C VAL H 301 -24.41 49.26 28.83
N LYS H 302 -24.82 50.51 29.05
CA LYS H 302 -24.87 51.03 30.41
C LYS H 302 -25.93 50.34 31.25
N ASN H 303 -27.02 49.89 30.64
CA ASN H 303 -28.11 49.27 31.41
C ASN H 303 -27.69 47.91 31.94
N VAL H 304 -27.14 47.04 31.09
CA VAL H 304 -26.86 45.66 31.47
C VAL H 304 -25.36 45.38 31.45
N LEU H 305 -24.68 45.71 30.35
CA LEU H 305 -23.26 45.38 30.24
C LEU H 305 -22.43 46.20 31.23
N GLY H 306 -22.63 47.51 31.25
CA GLY H 306 -21.90 48.37 32.17
C GLY H 306 -20.40 48.33 31.98
N GLY H 307 -19.94 48.21 30.74
CA GLY H 307 -18.51 48.13 30.48
C GLY H 307 -17.86 46.90 31.06
N ALA H 308 -18.58 45.78 31.12
CA ALA H 308 -18.03 44.54 31.66
C ALA H 308 -18.87 43.39 31.14
N VAL H 309 -18.24 42.47 30.41
CA VAL H 309 -18.93 41.32 29.83
C VAL H 309 -18.37 40.06 30.47
N VAL H 310 -19.24 39.25 31.05
CA VAL H 310 -18.86 37.95 31.60
C VAL H 310 -18.87 36.94 30.47
N ILE H 311 -17.73 36.26 30.29
CA ILE H 311 -17.50 35.39 29.13
C ILE H 311 -17.37 33.93 29.53
N GLY H 312 -17.52 33.61 30.81
CA GLY H 312 -17.51 32.23 31.23
C GLY H 312 -18.73 31.47 30.77
N SER H 313 -18.62 30.14 30.79
CA SER H 313 -19.75 29.29 30.42
C SER H 313 -20.85 29.30 31.47
N ARG H 314 -20.56 29.78 32.69
CA ARG H 314 -21.59 29.83 33.72
C ARG H 314 -22.62 30.92 33.45
N ASP H 315 -22.21 32.02 32.81
CA ASP H 315 -23.08 33.17 32.62
C ASP H 315 -23.42 33.35 31.14
N ALA H 316 -24.64 33.81 30.90
CA ALA H 316 -25.14 34.10 29.56
C ALA H 316 -25.35 35.61 29.42
N VAL H 317 -24.91 36.15 28.29
CA VAL H 317 -24.96 37.58 28.05
C VAL H 317 -26.09 37.87 27.06
N PRO H 318 -27.05 38.73 27.40
CA PRO H 318 -28.12 39.07 26.46
C PRO H 318 -27.79 40.29 25.62
N LEU H 319 -28.38 40.33 24.43
CA LEU H 319 -28.20 41.39 23.47
C LEU H 319 -29.54 41.85 22.94
N PRO H 320 -29.63 43.10 22.47
CA PRO H 320 -30.90 43.58 21.90
C PRO H 320 -31.21 42.93 20.56
N VAL H 321 -32.31 43.35 19.93
CA VAL H 321 -32.72 42.75 18.67
C VAL H 321 -31.75 43.14 17.56
N ASN H 322 -31.65 42.28 16.55
CA ASN H 322 -30.80 42.51 15.39
C ASN H 322 -29.34 42.74 15.79
N ALA H 323 -28.89 42.01 16.80
CA ALA H 323 -27.52 42.08 17.28
C ALA H 323 -26.80 40.78 16.94
N LYS H 324 -25.67 40.90 16.26
CA LYS H 324 -24.92 39.72 15.80
C LYS H 324 -23.55 39.68 16.46
N PRO H 325 -23.33 38.82 17.44
CA PRO H 325 -21.98 38.64 17.98
C PRO H 325 -21.17 37.72 17.08
N GLU H 326 -19.93 38.11 16.82
CA GLU H 326 -19.10 37.38 15.86
C GLU H 326 -17.66 37.39 16.36
N LEU H 327 -17.17 36.25 16.83
CA LEU H 327 -15.77 36.13 17.20
C LEU H 327 -14.90 36.26 15.95
N LEU H 328 -13.93 37.16 15.99
CA LEU H 328 -13.06 37.45 14.86
C LEU H 328 -11.62 37.23 15.25
N GLN H 329 -10.90 36.44 14.45
CA GLN H 329 -9.47 36.26 14.62
C GLN H 329 -8.88 35.85 13.28
N ALA H 330 -7.60 36.16 13.10
CA ALA H 330 -6.93 35.81 11.86
C ALA H 330 -6.81 34.30 11.73
N GLU H 331 -7.31 33.75 10.63
CA GLU H 331 -7.29 32.32 10.43
C GLU H 331 -5.90 31.86 9.99
N GLY H 332 -5.71 30.55 9.97
CA GLY H 332 -4.44 29.96 9.60
C GLY H 332 -4.24 29.94 8.10
N ASN H 333 -3.11 29.34 7.71
CA ASN H 333 -2.72 29.23 6.29
C ASN H 333 -2.64 30.61 5.64
N GLY H 334 -2.14 31.59 6.40
CA GLY H 334 -1.94 32.92 5.84
C GLY H 334 -0.83 32.94 4.81
N MET H 335 -0.94 33.89 3.89
CA MET H 335 0.01 33.93 2.78
C MET H 335 1.40 34.34 3.25
N VAL H 336 1.50 35.06 4.37
CA VAL H 336 2.80 35.31 4.98
C VAL H 336 3.42 33.99 5.45
N LYS H 337 2.62 33.14 6.10
CA LYS H 337 3.12 31.84 6.51
C LYS H 337 3.48 30.99 5.30
N GLU H 338 2.71 31.12 4.21
CA GLU H 338 3.04 30.42 2.98
C GLU H 338 4.38 30.87 2.42
N ALA H 339 4.65 32.17 2.46
CA ALA H 339 5.95 32.67 2.01
C ALA H 339 7.08 32.16 2.90
N MET H 340 6.84 32.11 4.22
CA MET H 340 7.86 31.58 5.12
C MET H 340 8.14 30.11 4.83
N ASP H 341 7.09 29.32 4.61
CA ASP H 341 7.28 27.91 4.26
C ASP H 341 8.02 27.76 2.95
N GLN H 342 7.72 28.61 1.97
CA GLN H 342 8.43 28.57 0.70
C GLN H 342 9.91 28.88 0.89
N LYS H 343 10.22 29.87 1.73
CA LYS H 343 11.62 30.20 1.98
C LYS H 343 12.35 29.07 2.69
N GLU H 344 11.69 28.43 3.66
CA GLU H 344 12.30 27.27 4.33
C GLU H 344 12.54 26.14 3.34
N ARG H 345 11.57 25.88 2.46
CA ARG H 345 11.75 24.85 1.45
C ARG H 345 12.90 25.18 0.52
N GLN H 346 13.04 26.46 0.15
CA GLN H 346 14.14 26.87 -0.70
C GLN H 346 15.48 26.69 -0.01
N MET H 347 15.56 27.00 1.28
CA MET H 347 16.80 26.75 2.01
C MET H 347 17.14 25.26 2.05
N VAL H 348 16.14 24.42 2.29
CA VAL H 348 16.39 22.97 2.26
C VAL H 348 16.86 22.53 0.89
N ALA H 349 16.23 23.09 -0.16
CA ALA H 349 16.54 22.68 -1.52
C ALA H 349 17.86 23.25 -2.02
N LEU H 350 18.42 24.24 -1.34
CA LEU H 350 19.68 24.86 -1.75
C LEU H 350 20.89 24.06 -1.31
N GLY H 351 20.73 22.76 -1.09
CA GLY H 351 21.84 21.91 -0.69
C GLY H 351 22.38 22.22 0.68
N ALA H 352 21.50 22.51 1.63
CA ALA H 352 21.89 22.88 2.97
C ALA H 352 21.38 21.84 3.96
N LYS H 353 22.28 21.37 4.83
CA LYS H 353 21.93 20.49 5.92
C LYS H 353 21.42 21.26 7.12
N LEU H 354 20.90 22.47 6.88
CA LEU H 354 20.48 23.35 7.96
C LEU H 354 19.35 22.75 8.79
N ILE H 355 18.39 22.10 8.14
CA ILE H 355 17.31 21.42 8.86
C ILE H 355 17.04 20.05 8.27
N ASP H 356 16.44 19.20 9.09
CA ASP H 356 15.98 17.88 8.71
C ASP H 356 14.50 17.75 9.08
N SER H 357 13.76 17.00 8.26
CA SER H 357 12.32 16.87 8.45
C SER H 357 11.99 15.40 8.69
N ASP H 358 11.30 15.12 9.80
CA ASP H 358 10.87 13.75 10.08
C ASP H 358 9.73 13.33 9.18
N LYS H 359 8.85 14.27 8.80
CA LYS H 359 7.73 13.95 7.92
C LYS H 359 8.21 13.47 6.56
N THR H 360 9.23 14.11 6.01
CA THR H 360 9.74 13.75 4.70
C THR H 360 10.37 12.36 4.73
N GLN H 361 10.09 11.57 3.70
CA GLN H 361 10.65 10.23 3.56
C GLN H 361 11.39 10.13 2.24
N ARG H 362 12.55 9.47 2.26
CA ARG H 362 13.38 9.31 1.07
C ARG H 362 13.64 7.83 0.83
N THR H 363 13.43 7.40 -0.40
CA THR H 363 13.70 6.01 -0.79
C THR H 363 15.20 5.78 -0.83
N PHE H 364 15.64 4.66 -0.23
CA PHE H 364 17.05 4.33 -0.24
C PHE H 364 17.54 4.06 -1.65
N GLY H 365 18.74 4.52 -1.95
CA GLY H 365 19.32 4.39 -3.27
C GLY H 365 19.09 5.58 -4.19
N GLU H 366 18.09 6.42 -3.88
CA GLU H 366 17.89 7.63 -4.66
C GLU H 366 18.97 8.67 -4.36
N ALA H 367 19.28 8.86 -3.08
CA ALA H 367 20.26 9.86 -2.69
C ALA H 367 21.67 9.48 -3.09
N SER H 368 21.92 8.21 -3.41
CA SER H 368 23.24 7.79 -3.85
C SER H 368 23.62 8.44 -5.18
N MET H 369 22.64 8.70 -6.03
CA MET H 369 22.92 9.36 -7.30
C MET H 369 23.30 10.83 -7.10
N GLU H 370 22.62 11.52 -6.19
CA GLU H 370 22.86 12.94 -5.98
C GLU H 370 23.97 13.22 -4.98
N ALA H 371 24.47 12.20 -4.26
CA ALA H 371 25.47 12.44 -3.23
C ALA H 371 26.69 13.15 -3.77
N ALA H 372 27.03 12.94 -5.04
CA ALA H 372 28.16 13.66 -5.64
C ALA H 372 27.88 15.15 -5.71
N ALA H 373 26.65 15.52 -6.08
CA ALA H 373 26.31 16.94 -6.21
C ALA H 373 26.08 17.61 -4.87
N GLN H 374 25.45 16.90 -3.93
CA GLN H 374 25.17 17.49 -2.62
C GLN H 374 26.44 17.81 -1.86
N ASN H 375 27.42 16.91 -1.90
CA ASN H 375 28.70 17.10 -1.22
C ASN H 375 29.74 17.78 -2.09
N SER H 376 29.31 18.57 -3.07
CA SER H 376 30.26 19.21 -3.98
C SER H 376 31.12 20.23 -3.23
N VAL H 377 30.48 21.13 -2.48
CA VAL H 377 31.22 22.14 -1.72
C VAL H 377 32.04 21.46 -0.63
N LEU H 378 31.50 20.41 -0.02
CA LEU H 378 32.25 19.66 0.98
C LEU H 378 33.54 19.11 0.38
N SER H 379 33.44 18.42 -0.75
CA SER H 379 34.62 17.84 -1.39
C SER H 379 35.60 18.92 -1.81
N ARG H 380 35.11 20.02 -2.38
CA ARG H 380 36.00 21.08 -2.84
C ARG H 380 36.77 21.68 -1.68
N VAL H 381 36.08 21.99 -0.59
CA VAL H 381 36.75 22.56 0.58
C VAL H 381 37.72 21.56 1.18
N SER H 382 37.33 20.28 1.22
CA SER H 382 38.22 19.26 1.76
C SER H 382 39.52 19.18 0.97
N LYS H 383 39.43 19.11 -0.35
CA LYS H 383 40.65 19.06 -1.16
C LYS H 383 41.47 20.33 -1.03
N ASN H 384 40.82 21.50 -1.03
CA ASN H 384 41.56 22.75 -0.94
C ASN H 384 42.35 22.83 0.37
N VAL H 385 41.69 22.51 1.48
CA VAL H 385 42.39 22.53 2.76
C VAL H 385 43.46 21.45 2.81
N SER H 386 43.23 20.30 2.18
CA SER H 386 44.23 19.25 2.15
C SER H 386 45.50 19.72 1.45
N ASP H 387 45.35 20.33 0.27
CA ASP H 387 46.55 20.83 -0.42
C ASP H 387 47.19 21.98 0.34
N ALA H 388 46.40 22.86 0.96
CA ALA H 388 46.98 23.96 1.73
C ALA H 388 47.84 23.43 2.87
N TYR H 389 47.31 22.46 3.62
CA TYR H 389 48.05 21.94 4.75
C TYR H 389 49.23 21.07 4.30
N THR H 390 49.09 20.38 3.16
CA THR H 390 50.24 19.65 2.62
C THR H 390 51.36 20.60 2.26
N LYS H 391 51.04 21.73 1.61
CA LYS H 391 52.06 22.71 1.28
C LYS H 391 52.68 23.30 2.53
N ALA H 392 51.87 23.59 3.55
CA ALA H 392 52.41 24.11 4.80
C ALA H 392 53.36 23.11 5.46
N LEU H 393 52.98 21.83 5.47
CA LEU H 393 53.83 20.81 6.07
C LEU H 393 55.12 20.63 5.28
N ARG H 394 55.04 20.73 3.95
CA ARG H 394 56.26 20.65 3.14
C ARG H 394 57.18 21.83 3.43
N TRP H 395 56.61 23.02 3.62
CA TRP H 395 57.43 24.18 3.98
C TRP H 395 58.08 23.98 5.35
N ALA H 396 57.33 23.42 6.30
CA ALA H 396 57.90 23.14 7.61
C ALA H 396 59.02 22.12 7.52
N ALA H 397 58.84 21.09 6.68
CA ALA H 397 59.88 20.09 6.48
C ALA H 397 61.12 20.73 5.86
N MET H 398 60.92 21.64 4.91
CA MET H 398 62.05 22.40 4.37
C MET H 398 62.75 23.18 5.46
N PHE H 399 61.98 23.79 6.36
CA PHE H 399 62.57 24.53 7.47
C PHE H 399 63.42 23.62 8.36
N LEU H 400 62.92 22.41 8.63
CA LEU H 400 63.64 21.47 9.47
C LEU H 400 64.55 20.53 8.68
N GLY H 401 64.56 20.64 7.36
CA GLY H 401 65.36 19.73 6.55
C GLY H 401 64.92 18.28 6.65
N LEU H 402 63.63 18.05 6.74
CA LEU H 402 63.06 16.72 6.94
C LEU H 402 62.65 16.12 5.59
N ASP H 403 61.95 14.99 5.65
CA ASP H 403 61.47 14.34 4.44
C ASP H 403 60.40 15.19 3.77
N GLU H 404 60.45 15.27 2.44
CA GLU H 404 59.56 16.14 1.69
C GLU H 404 58.28 15.44 1.24
N LYS H 405 58.33 14.14 0.98
CA LYS H 405 57.17 13.40 0.48
C LYS H 405 56.23 13.09 1.65
N ILE H 406 55.57 14.14 2.12
CA ILE H 406 54.57 14.03 3.18
C ILE H 406 53.24 14.56 2.65
N GLU H 407 52.16 14.05 3.23
CA GLU H 407 50.82 14.42 2.79
C GLU H 407 49.91 14.56 4.00
N TYR H 408 48.90 15.41 3.85
CA TYR H 408 47.87 15.61 4.87
C TYR H 408 46.54 15.68 4.16
N GLU H 409 45.74 14.62 4.28
CA GLU H 409 44.47 14.51 3.58
C GLU H 409 43.35 14.38 4.60
N LEU H 410 42.32 15.20 4.46
CA LEU H 410 41.16 15.14 5.32
C LEU H 410 40.17 14.09 4.81
N ASN H 411 39.12 13.85 5.59
CA ASN H 411 38.14 12.84 5.23
C ASN H 411 37.39 13.25 3.96
N SER H 412 37.73 12.62 2.84
CA SER H 412 37.04 12.90 1.58
C SER H 412 35.85 11.98 1.35
N ASP H 413 35.64 10.99 2.21
CA ASP H 413 34.50 10.09 2.10
C ASP H 413 33.44 10.54 3.09
N PHE H 414 32.42 11.24 2.59
CA PHE H 414 31.37 11.79 3.42
C PHE H 414 30.28 10.75 3.62
N ASP H 415 29.21 11.13 4.33
CA ASP H 415 28.12 10.21 4.68
C ASP H 415 28.67 8.98 5.40
N ILE H 416 29.60 9.21 6.31
CA ILE H 416 30.27 8.13 7.03
C ILE H 416 29.36 7.56 8.09
N ASN H 417 29.33 6.23 8.18
CA ASN H 417 28.52 5.55 9.19
C ASN H 417 29.24 4.28 9.62
N LYS H 418 28.71 3.63 10.65
CA LYS H 418 29.28 2.39 11.14
C LYS H 418 29.22 1.32 10.06
N MET H 419 30.33 0.60 9.88
CA MET H 419 30.41 -0.41 8.84
C MET H 419 29.61 -1.65 9.21
N SER H 420 29.01 -2.27 8.21
CA SER H 420 28.17 -3.45 8.40
C SER H 420 29.02 -4.70 8.53
N PRO H 421 28.49 -5.75 9.14
CA PRO H 421 29.23 -7.03 9.21
C PRO H 421 29.64 -7.55 7.85
N GLU H 422 28.79 -7.41 6.84
CA GLU H 422 29.17 -7.82 5.49
C GLU H 422 30.33 -6.97 4.97
N GLU H 423 30.29 -5.66 5.24
CA GLU H 423 31.39 -4.79 4.85
C GLU H 423 32.67 -5.17 5.58
N LEU H 424 32.56 -5.54 6.85
CA LEU H 424 33.73 -5.97 7.60
C LEU H 424 34.34 -7.24 7.00
N ALA H 425 33.49 -8.21 6.68
CA ALA H 425 33.99 -9.43 6.04
C ALA H 425 34.63 -9.11 4.69
N ALA H 426 34.04 -8.18 3.94
CA ALA H 426 34.59 -7.80 2.65
C ALA H 426 35.97 -7.19 2.78
N VAL H 427 36.15 -6.27 3.74
CA VAL H 427 37.47 -5.65 3.87
C VAL H 427 38.50 -6.64 4.40
N ILE H 428 38.08 -7.55 5.29
CA ILE H 428 39.01 -8.58 5.75
C ILE H 428 39.45 -9.46 4.59
N SER H 429 38.51 -9.86 3.74
CA SER H 429 38.85 -10.69 2.58
C SER H 429 39.75 -9.93 1.63
N ALA H 430 39.50 -8.64 1.43
CA ALA H 430 40.35 -7.84 0.55
C ALA H 430 41.76 -7.73 1.10
N TRP H 431 41.90 -7.57 2.42
CA TRP H 431 43.23 -7.52 3.02
C TRP H 431 43.95 -8.86 2.88
N GLN H 432 43.22 -9.96 3.01
CA GLN H 432 43.83 -11.28 2.84
C GLN H 432 44.39 -11.48 1.44
N SER H 433 43.89 -10.74 0.46
CA SER H 433 44.48 -10.70 -0.87
C SER H 433 45.41 -9.50 -0.97
N ASN H 434 46.23 -9.49 -2.02
CA ASN H 434 47.20 -8.43 -2.23
C ASN H 434 46.57 -7.25 -2.97
N ALA H 435 45.53 -6.69 -2.35
CA ALA H 435 44.79 -5.59 -2.97
C ALA H 435 44.62 -4.42 -2.02
N ILE H 436 44.55 -4.70 -0.72
CA ILE H 436 44.38 -3.67 0.30
C ILE H 436 45.54 -3.80 1.28
N SER H 437 46.21 -2.68 1.56
CA SER H 437 47.30 -2.67 2.51
C SER H 437 46.79 -2.95 3.92
N PHE H 438 47.67 -3.51 4.76
CA PHE H 438 47.29 -3.76 6.14
C PHE H 438 46.91 -2.47 6.86
N THR H 439 47.71 -1.42 6.67
CA THR H 439 47.35 -0.13 7.22
C THR H 439 46.11 0.44 6.55
N GLU H 440 45.91 0.13 5.26
CA GLU H 440 44.68 0.54 4.59
C GLU H 440 43.47 -0.13 5.20
N MET H 441 43.56 -1.43 5.50
CA MET H 441 42.44 -2.11 6.14
C MET H 441 42.22 -1.58 7.56
N ARG H 442 43.31 -1.26 8.27
CA ARG H 442 43.17 -0.67 9.59
C ARG H 442 42.47 0.68 9.52
N TRP H 443 42.82 1.50 8.53
CA TRP H 443 42.15 2.78 8.36
C TRP H 443 40.68 2.58 8.01
N GLN H 444 40.38 1.58 7.19
CA GLN H 444 39.00 1.24 6.88
C GLN H 444 38.23 0.90 8.16
N ILE H 445 38.80 0.03 8.99
CA ILE H 445 38.09 -0.46 10.17
C ILE H 445 38.00 0.63 11.24
N LYS H 446 38.93 1.59 11.23
CA LYS H 446 38.81 2.75 12.12
C LYS H 446 37.77 3.74 11.62
N LYS H 447 37.65 3.89 10.31
CA LYS H 447 36.64 4.79 9.75
C LYS H 447 35.24 4.32 10.10
N GLY H 448 35.01 3.01 10.08
CA GLY H 448 33.73 2.44 10.43
C GLY H 448 33.44 2.34 11.91
N GLY H 449 34.32 2.89 12.75
CA GLY H 449 34.12 2.83 14.19
C GLY H 449 34.21 1.43 14.77
N ARG H 450 35.15 0.63 14.26
CA ARG H 450 35.30 -0.74 14.71
C ARG H 450 36.65 -1.01 15.37
N ALA H 451 37.51 -0.02 15.49
CA ALA H 451 38.80 -0.19 16.13
C ALA H 451 39.30 1.16 16.61
N TYR H 452 40.09 1.15 17.68
CA TYR H 452 40.59 2.39 18.24
C TYR H 452 42.10 2.36 18.46
N LEU H 453 42.64 1.17 18.74
CA LEU H 453 44.08 1.07 18.96
C LEU H 453 44.85 1.32 17.67
N GLU H 454 46.07 1.82 17.83
CA GLU H 454 46.93 2.08 16.69
C GLU H 454 47.35 0.78 16.01
N ASP H 455 47.79 0.88 14.76
CA ASP H 455 48.22 -0.30 14.03
C ASP H 455 49.42 -0.96 14.70
N GLU H 456 50.37 -0.14 15.18
CA GLU H 456 51.56 -0.70 15.82
C GLU H 456 51.20 -1.45 17.11
N ASP H 457 50.27 -0.90 17.90
CA ASP H 457 49.86 -1.59 19.12
C ASP H 457 49.20 -2.92 18.80
N MET H 458 48.34 -2.94 17.79
CA MET H 458 47.69 -4.19 17.38
C MET H 458 48.73 -5.21 16.91
N ARG H 459 49.70 -4.76 16.11
CA ARG H 459 50.75 -5.66 15.65
C ARG H 459 51.54 -6.23 16.82
N ASN H 460 51.89 -5.36 17.77
CA ASN H 460 52.67 -5.82 18.91
C ASN H 460 51.91 -6.84 19.75
N GLU H 461 50.61 -6.60 19.95
CA GLU H 461 49.83 -7.55 20.77
C GLU H 461 49.58 -8.85 20.02
N SER H 462 49.35 -8.78 18.71
CA SER H 462 49.11 -9.98 17.93
C SER H 462 50.39 -10.74 17.57
N GLU H 463 51.55 -10.15 17.83
CA GLU H 463 52.80 -10.86 17.59
C GLU H 463 52.93 -12.10 18.47
N GLN H 464 52.48 -11.99 19.72
CA GLN H 464 52.58 -13.10 20.65
C GLN H 464 51.56 -14.18 20.31
N ASP H 465 51.67 -15.32 21.00
CA ASP H 465 50.81 -16.45 20.74
C ASP H 465 49.38 -16.17 21.19
N ASP H 466 48.44 -16.94 20.63
CA ASP H 466 47.05 -16.80 21.02
C ASP H 466 46.85 -17.27 22.45
N PRO H 467 45.86 -16.72 23.15
CA PRO H 467 45.58 -17.18 24.52
C PRO H 467 45.18 -18.64 24.57
N LEU H 468 44.15 -19.00 23.81
CA LEU H 468 43.61 -20.36 23.77
C LEU H 468 43.31 -20.89 25.17
N ASP I 3 35.95 47.91 -37.64
CA ASP I 3 37.26 47.32 -37.86
C ASP I 3 38.37 48.23 -37.33
N SER I 4 39.26 47.66 -36.52
CA SER I 4 40.38 48.40 -35.95
C SER I 4 41.66 47.61 -36.12
N ASN I 5 42.75 48.32 -36.32
CA ASN I 5 44.07 47.72 -36.49
C ASN I 5 44.85 47.62 -35.18
N ASN I 6 44.28 48.09 -34.08
CA ASN I 6 44.97 48.05 -32.80
C ASN I 6 45.00 46.62 -32.24
N ILE I 7 45.98 46.37 -31.37
CA ILE I 7 46.08 45.07 -30.72
C ILE I 7 44.93 44.84 -29.75
N LYS I 8 44.25 45.90 -29.33
CA LYS I 8 43.13 45.80 -28.42
C LYS I 8 41.81 45.49 -29.12
N TYR I 9 41.82 45.37 -30.44
CA TYR I 9 40.58 45.13 -31.18
C TYR I 9 39.96 43.80 -30.77
N VAL I 10 38.65 43.82 -30.58
CA VAL I 10 37.89 42.65 -30.14
C VAL I 10 36.96 42.23 -31.27
N ARG I 11 36.89 40.93 -31.52
CA ARG I 11 36.02 40.41 -32.56
C ARG I 11 34.56 40.71 -32.25
N GLU I 12 33.77 40.91 -33.30
CA GLU I 12 32.38 41.35 -33.13
C GLU I 12 31.56 40.33 -32.36
N ASP I 13 31.73 39.05 -32.67
CA ASP I 13 30.96 38.02 -31.97
C ASP I 13 31.32 37.95 -30.49
N ALA I 14 32.58 38.21 -30.14
CA ALA I 14 32.94 38.31 -28.73
C ALA I 14 32.21 39.45 -28.04
N LYS I 15 32.10 40.61 -28.71
CA LYS I 15 31.33 41.71 -28.15
C LYS I 15 29.87 41.35 -27.99
N LYS I 16 29.31 40.62 -28.98
CA LYS I 16 27.92 40.19 -28.87
C LYS I 16 27.71 39.26 -27.69
N MET I 17 28.64 38.33 -27.47
CA MET I 17 28.51 37.39 -26.36
C MET I 17 28.92 37.98 -25.02
N HIS I 18 29.53 39.17 -25.03
CA HIS I 18 29.92 39.81 -23.77
C HIS I 18 28.73 40.04 -22.85
N LYS I 19 27.57 40.41 -23.43
CA LYS I 19 26.39 40.67 -22.60
C LYS I 19 25.94 39.41 -21.88
N LEU I 20 25.86 38.29 -22.61
CA LEU I 20 25.47 37.03 -21.98
C LEU I 20 26.50 36.59 -20.95
N TRP I 21 27.78 36.76 -21.26
CA TRP I 21 28.83 36.40 -20.32
C TRP I 21 28.72 37.21 -19.03
N ALA I 22 28.47 38.51 -19.15
CA ALA I 22 28.32 39.36 -17.98
C ALA I 22 27.10 38.97 -17.17
N HIS I 23 25.98 38.67 -17.85
CA HIS I 23 24.78 38.25 -17.13
C HIS I 23 25.02 36.96 -16.36
N ILE I 24 25.72 36.00 -17.00
CA ILE I 24 26.02 34.74 -16.32
C ILE I 24 26.96 34.98 -15.14
N ARG I 25 27.91 35.91 -15.29
CA ARG I 25 28.81 36.22 -14.19
C ARG I 25 28.06 36.81 -13.01
N MET I 26 27.11 37.71 -13.27
CA MET I 26 26.29 38.25 -12.19
C MET I 26 25.45 37.15 -11.55
N ALA I 27 24.94 36.21 -12.36
CA ALA I 27 24.19 35.09 -11.80
C ALA I 27 25.05 34.24 -10.88
N MET I 28 26.28 33.97 -11.27
CA MET I 28 27.19 33.22 -10.41
C MET I 28 27.55 34.00 -9.16
N GLU I 29 27.69 35.33 -9.28
CA GLU I 29 28.19 36.12 -8.15
C GLU I 29 27.27 36.03 -6.94
N GLY I 30 25.97 36.10 -7.15
CA GLY I 30 25.02 35.93 -6.09
C GLY I 30 23.93 36.98 -6.16
N SER I 31 23.34 37.26 -4.99
CA SER I 31 22.22 38.19 -4.94
C SER I 31 22.69 39.64 -5.05
N ARG I 32 23.87 39.95 -4.52
CA ARG I 32 24.33 41.34 -4.50
C ARG I 32 24.47 41.89 -5.91
N ALA I 33 25.07 41.13 -6.82
CA ALA I 33 25.22 41.59 -8.19
C ALA I 33 23.86 41.70 -8.89
N ILE I 34 22.94 40.79 -8.59
CA ILE I 34 21.62 40.83 -9.22
C ILE I 34 20.87 42.10 -8.80
N LYS I 35 20.85 42.38 -7.49
CA LYS I 35 20.16 43.57 -7.00
C LYS I 35 20.91 44.85 -7.35
N ASP I 36 22.21 44.77 -7.63
CA ASP I 36 22.95 45.95 -8.06
C ASP I 36 22.49 46.40 -9.44
N ASN I 37 22.40 45.46 -10.38
CA ASN I 37 21.97 45.74 -11.75
C ASN I 37 20.52 45.37 -11.97
N ALA I 38 19.67 45.57 -10.96
CA ALA I 38 18.27 45.13 -11.04
C ALA I 38 17.50 45.88 -12.11
N LYS I 39 17.99 47.03 -12.57
CA LYS I 39 17.31 47.74 -13.65
C LYS I 39 17.31 46.93 -14.93
N GLU I 40 18.39 46.22 -15.21
CA GLU I 40 18.46 45.40 -16.42
C GLU I 40 17.52 44.21 -16.35
N PHE I 41 17.34 43.63 -15.17
CA PHE I 41 16.57 42.40 -15.00
C PHE I 41 15.10 42.67 -14.70
N VAL I 42 14.82 43.41 -13.63
CA VAL I 42 13.45 43.65 -13.18
C VAL I 42 12.98 44.97 -13.81
N PRO I 43 11.99 44.95 -14.70
CA PRO I 43 11.46 46.21 -15.24
C PRO I 43 10.69 46.98 -14.18
N HIS I 44 10.72 48.30 -14.31
CA HIS I 44 9.98 49.15 -13.40
C HIS I 44 8.49 48.94 -13.60
N PRO I 45 7.70 48.82 -12.54
CA PRO I 45 6.25 48.66 -12.70
C PRO I 45 5.58 49.83 -13.41
N ASP I 46 6.19 51.01 -13.39
CA ASP I 46 5.63 52.18 -14.07
C ASP I 46 6.77 53.11 -14.46
N ASN I 47 6.84 53.45 -15.76
CA ASN I 47 7.85 54.39 -16.22
C ASN I 47 7.57 55.81 -15.74
N THR I 48 6.28 56.18 -15.66
CA THR I 48 5.92 57.50 -15.17
C THR I 48 6.41 57.70 -13.74
N LYS I 49 6.25 56.67 -12.89
CA LYS I 49 6.83 56.72 -11.56
C LYS I 49 8.34 56.82 -11.62
N ALA I 50 8.96 56.06 -12.53
CA ALA I 50 10.42 56.07 -12.64
C ALA I 50 10.95 57.46 -12.94
N THR I 51 10.18 58.25 -13.71
CA THR I 51 10.58 59.64 -13.94
C THR I 51 10.63 60.43 -12.65
N THR I 52 9.64 60.26 -11.78
CA THR I 52 9.55 60.99 -10.53
C THR I 52 10.53 60.43 -9.49
N PRO I 53 10.90 61.24 -8.51
CA PRO I 53 11.80 60.72 -7.46
C PRO I 53 11.14 59.73 -6.51
N GLU I 54 9.87 59.97 -6.15
CA GLU I 54 9.20 59.02 -5.27
C GLU I 54 8.99 57.67 -5.96
N GLY I 55 8.88 57.67 -7.29
CA GLY I 55 8.78 56.41 -8.01
C GLY I 55 10.03 55.58 -7.89
N VAL I 56 11.20 56.19 -8.06
CA VAL I 56 12.45 55.44 -7.91
C VAL I 56 12.68 55.08 -6.45
N ALA I 57 12.23 55.93 -5.53
CA ALA I 57 12.31 55.57 -4.11
C ALA I 57 11.50 54.32 -3.82
N ARG I 58 10.29 54.23 -4.39
CA ARG I 58 9.49 53.02 -4.24
C ARG I 58 10.13 51.83 -4.92
N TYR I 59 10.75 52.05 -6.09
CA TYR I 59 11.40 50.97 -6.82
C TYR I 59 12.58 50.40 -6.03
N LYS I 60 13.28 51.25 -5.29
CA LYS I 60 14.38 50.77 -4.47
C LYS I 60 13.91 49.77 -3.42
N ALA I 61 12.83 50.10 -2.71
CA ALA I 61 12.26 49.17 -1.74
C ALA I 61 11.66 47.95 -2.43
N TYR I 62 11.15 48.13 -3.65
CA TYR I 62 10.64 47.00 -4.42
C TYR I 62 11.75 46.00 -4.70
N ILE I 63 12.93 46.48 -5.07
CA ILE I 63 14.06 45.59 -5.35
C ILE I 63 14.59 44.99 -4.06
N GLU I 64 14.68 45.78 -2.99
CA GLU I 64 15.25 45.29 -1.74
C GLU I 64 14.43 44.14 -1.17
N ARG I 65 13.11 44.22 -1.24
CA ARG I 65 12.25 43.18 -0.70
C ARG I 65 12.32 41.87 -1.49
N ALA I 66 12.91 41.88 -2.68
CA ALA I 66 12.94 40.70 -3.52
C ALA I 66 13.87 39.64 -2.94
N VAL I 67 13.70 38.41 -3.43
CA VAL I 67 14.48 37.26 -2.98
C VAL I 67 15.15 36.64 -4.19
N TRP I 68 16.47 36.47 -4.13
CA TRP I 68 17.22 35.82 -5.18
C TRP I 68 17.44 34.35 -4.83
N TYR I 69 17.03 33.46 -5.75
CA TYR I 69 17.16 32.04 -5.48
C TYR I 69 18.63 31.60 -5.44
N GLY I 70 19.44 32.09 -6.36
CA GLY I 70 20.80 31.61 -6.47
C GLY I 70 20.90 30.15 -6.90
N ALA I 71 20.08 29.76 -7.88
CA ALA I 71 20.03 28.37 -8.32
C ALA I 71 21.10 28.05 -9.36
N SER I 72 21.47 29.01 -10.21
CA SER I 72 22.49 28.75 -11.22
C SER I 72 23.85 28.45 -10.60
N ALA I 73 24.20 29.18 -9.54
CA ALA I 73 25.44 28.89 -8.84
C ALA I 73 25.40 27.50 -8.23
N ASN I 74 24.25 27.09 -7.71
CA ASN I 74 24.12 25.74 -7.17
C ASN I 74 24.28 24.69 -8.26
N THR I 75 23.71 24.95 -9.45
CA THR I 75 23.91 24.03 -10.57
C THR I 75 25.38 23.92 -10.93
N VAL I 76 26.08 25.04 -10.99
CA VAL I 76 27.50 25.02 -11.33
C VAL I 76 28.29 24.23 -10.28
N ASP I 77 28.00 24.48 -9.00
CA ASP I 77 28.72 23.78 -7.94
C ASP I 77 28.45 22.27 -7.99
N GLY I 78 27.19 21.88 -8.19
CA GLY I 78 26.88 20.47 -8.27
C GLY I 78 27.50 19.79 -9.47
N MET I 79 27.51 20.48 -10.61
CA MET I 79 28.13 19.94 -11.81
C MET I 79 29.63 19.76 -11.61
N LEU I 80 30.29 20.74 -10.98
CA LEU I 80 31.70 20.61 -10.68
C LEU I 80 31.96 19.45 -9.74
N GLY I 81 31.13 19.30 -8.70
CA GLY I 81 31.31 18.20 -7.78
C GLY I 81 31.12 16.84 -8.44
N GLN I 82 30.16 16.75 -9.35
CA GLN I 82 29.95 15.51 -10.09
C GLN I 82 31.13 15.20 -10.99
N ILE I 83 31.61 16.20 -11.73
CA ILE I 83 32.73 15.96 -12.65
C ILE I 83 34.01 15.69 -11.87
N PHE I 84 34.30 16.51 -10.87
CA PHE I 84 35.57 16.41 -10.14
C PHE I 84 35.35 15.65 -8.84
N ALA I 85 35.44 14.33 -8.93
CA ALA I 85 35.49 13.45 -7.77
C ALA I 85 36.81 12.69 -7.80
N ARG I 86 37.35 12.44 -6.61
CA ARG I 86 38.68 11.87 -6.45
C ARG I 86 39.66 12.79 -7.17
N ASP I 87 40.50 12.30 -8.06
CA ASP I 87 41.41 13.14 -8.82
C ASP I 87 41.51 12.64 -10.25
N PRO I 88 41.74 13.51 -11.21
CA PRO I 88 41.95 13.06 -12.59
C PRO I 88 43.16 12.15 -12.70
N VAL I 89 43.05 11.14 -13.56
CA VAL I 89 44.09 10.14 -13.71
C VAL I 89 45.08 10.61 -14.78
N PHE I 90 46.36 10.57 -14.45
CA PHE I 90 47.42 10.94 -15.39
C PHE I 90 48.12 9.67 -15.87
N THR I 91 48.25 9.54 -17.18
CA THR I 91 48.87 8.38 -17.81
C THR I 91 50.24 8.75 -18.34
N GLY I 92 51.25 7.95 -17.99
CA GLY I 92 52.60 8.20 -18.41
C GLY I 92 53.53 8.31 -17.22
N PRO I 93 54.78 8.69 -17.47
CA PRO I 93 55.72 8.88 -16.36
C PRO I 93 55.26 9.99 -15.44
N GLU I 94 55.44 9.77 -14.14
CA GLU I 94 55.03 10.75 -13.13
C GLU I 94 56.20 11.52 -12.54
N ASP I 95 57.35 10.87 -12.35
CA ASP I 95 58.51 11.58 -11.83
C ASP I 95 59.04 12.60 -12.82
N LYS I 96 58.90 12.34 -14.12
CA LYS I 96 59.36 13.25 -15.15
C LYS I 96 58.41 14.40 -15.41
N PHE I 97 57.21 14.36 -14.84
CA PHE I 97 56.22 15.43 -14.99
C PHE I 97 55.79 16.01 -13.65
N ASP I 98 56.57 15.80 -12.59
CA ASP I 98 56.15 16.22 -11.26
C ASP I 98 56.04 17.74 -11.16
N MET I 99 56.89 18.46 -11.88
CA MET I 99 56.85 19.92 -11.81
C MET I 99 55.55 20.48 -12.38
N LEU I 100 54.95 19.80 -13.36
CA LEU I 100 53.68 20.25 -13.90
C LEU I 100 52.52 19.91 -12.96
N ILE I 101 52.57 18.76 -12.30
CA ILE I 101 51.49 18.38 -11.40
C ILE I 101 51.50 19.25 -10.15
N ASN I 102 52.69 19.49 -9.58
CA ASN I 102 52.77 20.27 -8.34
C ASN I 102 52.37 21.71 -8.55
N ASP I 103 52.95 22.38 -9.55
CA ASP I 103 52.62 23.77 -9.86
C ASP I 103 52.55 23.91 -11.37
N VAL I 104 51.34 23.97 -11.92
CA VAL I 104 51.15 23.98 -13.36
C VAL I 104 51.66 25.29 -13.96
N ASP I 105 51.62 26.38 -13.19
CA ASP I 105 52.06 27.68 -13.66
C ASP I 105 53.07 28.31 -12.70
N GLY I 106 53.76 27.48 -11.92
CA GLY I 106 54.77 27.99 -10.99
C GLY I 106 54.23 28.86 -9.88
N SER I 107 53.02 28.58 -9.39
CA SER I 107 52.44 29.32 -8.29
C SER I 107 52.05 28.43 -7.12
N GLY I 108 52.46 27.16 -7.14
CA GLY I 108 52.05 26.22 -6.13
C GLY I 108 50.68 25.62 -6.33
N LEU I 109 49.95 26.03 -7.38
CA LEU I 109 48.63 25.51 -7.66
C LEU I 109 48.77 24.23 -8.48
N SER I 110 48.19 23.13 -7.99
CA SER I 110 48.29 21.87 -8.68
C SER I 110 47.51 21.90 -9.99
N ILE I 111 47.87 21.00 -10.90
CA ILE I 111 47.18 20.93 -12.18
C ILE I 111 45.71 20.56 -11.99
N HIS I 112 45.40 19.85 -10.90
CA HIS I 112 44.02 19.46 -10.64
C HIS I 112 43.15 20.68 -10.36
N GLN I 113 43.66 21.64 -9.59
CA GLN I 113 42.90 22.85 -9.30
C GLN I 113 42.67 23.67 -10.56
N GLN I 114 43.69 23.79 -11.41
CA GLN I 114 43.52 24.52 -12.66
C GLN I 114 42.53 23.81 -13.57
N ALA I 115 42.55 22.48 -13.59
CA ALA I 115 41.57 21.73 -14.37
C ALA I 115 40.16 21.96 -13.83
N ARG I 116 40.02 22.03 -12.50
CA ARG I 116 38.73 22.31 -11.90
C ARG I 116 38.24 23.70 -12.30
N ASP I 117 39.12 24.70 -12.28
CA ASP I 117 38.73 26.04 -12.69
C ASP I 117 38.33 26.07 -14.16
N SER I 118 39.08 25.37 -15.02
CA SER I 118 38.72 25.31 -16.43
C SER I 118 37.37 24.63 -16.63
N ALA I 119 37.11 23.56 -15.89
CA ALA I 119 35.82 22.88 -15.99
C ALA I 119 34.69 23.77 -15.52
N GLU I 120 34.92 24.55 -14.45
CA GLU I 120 33.90 25.48 -13.99
C GLU I 120 33.61 26.54 -15.05
N ASP I 121 34.66 27.09 -15.67
CA ASP I 121 34.45 28.08 -16.72
C ASP I 121 33.74 27.49 -17.94
N ALA I 122 34.06 26.25 -18.29
CA ALA I 122 33.40 25.62 -19.43
C ALA I 122 31.96 25.24 -19.12
N LEU I 123 31.64 24.95 -17.86
CA LEU I 123 30.27 24.63 -17.49
C LEU I 123 29.43 25.89 -17.37
N SER I 124 30.01 26.99 -16.91
CA SER I 124 29.22 28.19 -16.64
C SER I 124 28.94 28.98 -17.92
N LEU I 125 29.99 29.46 -18.59
CA LEU I 125 29.81 30.22 -19.82
C LEU I 125 30.39 29.53 -21.04
N GLY I 126 30.93 28.33 -20.90
CA GLY I 126 31.28 27.51 -22.06
C GLY I 126 32.40 28.04 -22.93
N ARG I 127 33.46 28.55 -22.32
CA ARG I 127 34.61 28.99 -23.09
C ARG I 127 35.82 29.11 -22.16
N GLY I 128 37.00 28.92 -22.75
CA GLY I 128 38.24 29.01 -22.01
C GLY I 128 39.41 28.85 -22.95
N GLY I 129 40.60 28.92 -22.39
CA GLY I 129 41.82 28.80 -23.19
C GLY I 129 42.96 28.24 -22.36
N LEU I 130 43.82 27.48 -23.03
CA LEU I 130 45.03 26.93 -22.42
C LEU I 130 46.21 27.31 -23.31
N PHE I 131 47.23 27.91 -22.71
CA PHE I 131 48.42 28.36 -23.43
C PHE I 131 49.65 27.78 -22.75
N VAL I 132 50.57 27.25 -23.55
CA VAL I 132 51.81 26.67 -23.06
C VAL I 132 52.97 27.47 -23.63
N ASP I 133 53.83 27.97 -22.74
CA ASP I 133 54.97 28.77 -23.16
C ASP I 133 56.18 28.42 -22.31
N TYR I 134 57.35 28.83 -22.79
CA TYR I 134 58.62 28.58 -22.11
C TYR I 134 59.05 29.82 -21.34
N SER I 135 59.55 29.60 -20.11
CA SER I 135 59.98 30.72 -19.27
C SER I 135 61.13 31.48 -19.91
N ALA I 152 64.88 26.96 -16.20
CA ALA I 152 63.79 27.21 -17.17
C ALA I 152 62.73 26.10 -17.06
N ARG I 153 61.49 26.37 -17.47
CA ARG I 153 60.39 25.37 -17.32
C ARG I 153 59.18 25.80 -18.16
N PRO I 154 58.31 24.88 -18.66
CA PRO I 154 57.10 25.29 -19.37
C PRO I 154 55.93 25.45 -18.42
N TYR I 155 55.13 26.48 -18.69
CA TYR I 155 54.00 26.83 -17.84
C TYR I 155 52.72 26.75 -18.67
N ILE I 156 51.72 26.05 -18.12
CA ILE I 156 50.43 25.92 -18.78
C ILE I 156 49.53 27.04 -18.27
N LYS I 157 49.08 27.89 -19.18
CA LYS I 157 48.34 29.09 -18.83
C LYS I 157 46.89 28.73 -18.53
N PHE I 158 46.17 29.69 -17.97
CA PHE I 158 44.71 29.66 -17.92
C PHE I 158 44.22 31.03 -18.38
N ILE I 159 43.51 31.06 -19.50
CA ILE I 159 43.03 32.29 -20.09
C ILE I 159 41.51 32.33 -19.98
N ALA I 160 40.99 33.34 -19.30
CA ALA I 160 39.55 33.49 -19.18
C ALA I 160 38.93 33.81 -20.53
N ALA I 161 37.63 33.49 -20.67
CA ALA I 161 36.97 33.61 -21.96
C ALA I 161 36.97 35.05 -22.46
N GLU I 162 36.73 36.01 -21.56
CA GLU I 162 36.75 37.41 -21.97
C GLU I 162 38.14 37.88 -22.39
N ASP I 163 39.19 37.16 -22.00
CA ASP I 163 40.54 37.58 -22.35
C ASP I 163 40.86 37.29 -23.81
N ILE I 164 40.44 36.14 -24.34
CA ILE I 164 40.62 35.86 -25.76
C ILE I 164 39.71 36.78 -26.54
N LEU I 165 40.29 37.75 -27.24
CA LEU I 165 39.53 38.77 -27.93
C LEU I 165 39.75 38.80 -29.43
N ASN I 166 40.58 37.92 -29.97
CA ASN I 166 40.82 37.90 -31.41
C ASN I 166 41.36 36.54 -31.81
N TRP I 167 40.88 36.04 -32.95
CA TRP I 167 41.39 34.79 -33.52
C TRP I 167 41.03 34.76 -35.00
N ARG I 168 41.72 33.90 -35.74
CA ARG I 168 41.54 33.79 -37.18
C ARG I 168 41.62 32.33 -37.60
N GLU I 169 40.87 31.98 -38.64
CA GLU I 169 40.86 30.62 -39.20
C GLU I 169 41.19 30.71 -40.68
N ARG I 170 42.49 30.69 -41.00
CA ARG I 170 42.97 30.73 -42.37
C ARG I 170 43.39 29.32 -42.77
N TRP I 171 42.78 28.79 -43.82
CA TRP I 171 43.07 27.44 -44.27
C TRP I 171 44.39 27.40 -45.03
N VAL I 172 45.30 26.53 -44.58
CA VAL I 172 46.60 26.36 -45.20
C VAL I 172 46.65 24.96 -45.78
N ASN I 173 46.84 24.86 -47.09
CA ASN I 173 46.89 23.59 -47.79
C ASN I 173 45.64 22.75 -47.49
N GLY I 174 44.49 23.41 -47.48
CA GLY I 174 43.24 22.71 -47.24
C GLY I 174 43.06 22.15 -45.85
N ALA I 175 43.55 22.83 -44.82
CA ALA I 175 43.39 22.39 -43.45
C ALA I 175 43.01 23.56 -42.55
N LYS I 176 42.19 23.28 -41.54
CA LYS I 176 41.90 24.25 -40.48
C LYS I 176 43.16 24.56 -39.70
N ARG I 177 43.69 25.78 -39.87
CA ARG I 177 44.83 26.25 -39.10
C ARG I 177 44.48 27.59 -38.46
N THR I 178 44.73 27.70 -37.16
CA THR I 178 44.50 28.95 -36.44
C THR I 178 45.78 29.78 -36.56
N THR I 179 45.74 30.81 -37.41
CA THR I 179 46.92 31.59 -37.71
C THR I 179 47.16 32.70 -36.70
N LEU I 180 46.14 33.47 -36.37
CA LEU I 180 46.25 34.57 -35.43
C LEU I 180 45.41 34.28 -34.19
N LEU I 181 45.93 34.65 -33.03
CA LEU I 181 45.20 34.50 -31.77
C LEU I 181 45.80 35.47 -30.78
N VAL I 182 45.02 36.46 -30.35
CA VAL I 182 45.46 37.47 -29.41
C VAL I 182 44.58 37.42 -28.18
N PHE I 183 45.19 37.27 -27.01
CA PHE I 183 44.47 37.20 -25.76
C PHE I 183 45.08 38.20 -24.77
N ARG I 184 44.23 38.79 -23.95
CA ARG I 184 44.67 39.79 -22.99
C ARG I 184 45.25 39.12 -21.75
N GLU I 185 46.43 39.57 -21.32
CA GLU I 185 47.09 39.07 -20.14
C GLU I 185 47.07 40.19 -19.10
N GLU I 186 46.51 39.90 -17.93
CA GLU I 186 46.40 40.87 -16.86
C GLU I 186 47.40 40.55 -15.77
N SER I 187 47.99 41.60 -15.19
CA SER I 187 48.99 41.42 -14.15
C SER I 187 48.95 42.63 -13.22
N ASP I 188 49.53 42.45 -12.04
CA ASP I 188 49.60 43.50 -11.02
C ASP I 188 51.01 44.07 -10.99
N ALA I 189 51.11 45.40 -11.06
CA ALA I 189 52.41 46.04 -11.07
C ALA I 189 53.05 45.98 -9.68
N ASP I 190 54.30 45.50 -9.63
CA ASP I 190 55.02 45.38 -8.37
C ASP I 190 55.92 46.61 -8.21
N ASP I 191 55.28 47.73 -7.88
CA ASP I 191 56.00 48.97 -7.62
C ASP I 191 56.55 48.96 -6.20
N ASP I 192 57.30 50.02 -5.86
CA ASP I 192 57.86 50.11 -4.52
C ASP I 192 56.77 50.25 -3.46
N GLY I 193 55.74 51.05 -3.75
CA GLY I 193 54.69 51.25 -2.78
C GLY I 193 53.70 50.11 -2.73
N TYR I 194 52.84 50.16 -1.71
CA TYR I 194 51.81 49.14 -1.54
C TYR I 194 50.54 49.44 -2.34
N GLN I 195 50.46 50.60 -2.99
CA GLN I 195 49.30 50.94 -3.79
C GLN I 195 49.17 49.97 -4.96
N ILE I 196 47.95 49.49 -5.19
CA ILE I 196 47.70 48.49 -6.22
C ILE I 196 47.53 49.19 -7.56
N TYR I 197 48.33 48.81 -8.54
CA TYR I 197 48.20 49.29 -9.89
C TYR I 197 47.53 48.23 -10.75
N LYS I 198 47.43 48.48 -12.05
CA LYS I 198 46.80 47.51 -12.96
C LYS I 198 47.38 47.75 -14.36
N GLU I 199 48.30 46.87 -14.76
CA GLU I 199 48.89 46.93 -16.09
C GLU I 199 48.50 45.67 -16.87
N GLU I 200 48.30 45.83 -18.17
CA GLU I 200 47.84 44.76 -19.03
C GLU I 200 48.92 44.41 -20.06
N VAL I 201 48.97 43.13 -20.42
CA VAL I 201 49.90 42.63 -21.43
C VAL I 201 49.08 41.94 -22.51
N TRP I 202 49.43 42.18 -23.77
CA TRP I 202 48.78 41.55 -24.90
C TRP I 202 49.75 40.62 -25.61
N ARG I 203 49.36 39.36 -25.78
CA ARG I 203 50.17 38.37 -26.45
C ARG I 203 49.62 38.12 -27.84
N GLU I 204 50.47 38.27 -28.85
CA GLU I 204 50.09 38.08 -30.25
C GLU I 204 50.71 36.78 -30.74
N LEU I 205 49.88 35.77 -30.93
CA LEU I 205 50.31 34.46 -31.42
C LEU I 205 50.03 34.37 -32.91
N ARG I 206 51.08 34.19 -33.70
CA ARG I 206 50.97 34.18 -35.15
C ARG I 206 51.56 32.89 -35.72
N LEU I 207 50.99 32.44 -36.83
CA LEU I 207 51.42 31.23 -37.51
C LEU I 207 51.62 31.55 -38.99
N VAL I 208 52.87 31.68 -39.42
CA VAL I 208 53.21 31.94 -40.81
C VAL I 208 53.89 30.71 -41.38
N ASP I 209 53.45 30.29 -42.58
CA ASP I 209 53.90 29.09 -43.27
C ASP I 209 54.18 27.92 -42.33
N GLY I 210 53.24 27.65 -41.42
CA GLY I 210 53.40 26.55 -40.48
C GLY I 210 54.52 26.74 -39.49
N THR I 211 54.74 27.96 -39.02
CA THR I 211 55.76 28.24 -38.01
C THR I 211 55.17 29.16 -36.97
N TYR I 212 55.35 28.81 -35.69
CA TYR I 212 54.74 29.55 -34.58
C TYR I 212 55.61 30.74 -34.21
N TRP I 213 55.04 31.94 -34.29
CA TRP I 213 55.68 33.16 -33.86
C TRP I 213 54.84 33.82 -32.77
N GLN I 214 55.50 34.53 -31.86
CA GLN I 214 54.80 35.19 -30.77
C GLN I 214 55.54 36.46 -30.38
N ARG I 215 54.78 37.39 -29.78
CA ARG I 215 55.34 38.62 -29.24
C ARG I 215 54.38 39.14 -28.18
N THR I 216 54.90 40.04 -27.33
CA THR I 216 54.13 40.59 -26.22
C THR I 216 53.98 42.09 -26.41
N TRP I 217 52.81 42.61 -26.02
CA TRP I 217 52.51 44.03 -26.05
C TRP I 217 52.25 44.51 -24.64
N ARG I 218 52.88 45.61 -24.25
CA ARG I 218 52.72 46.19 -22.94
C ARG I 218 52.27 47.64 -23.04
N GLU I 219 51.50 48.08 -22.05
CA GLU I 219 50.96 49.43 -22.02
C GLU I 219 51.37 50.11 -20.71
N ASN I 220 51.78 51.37 -20.81
CA ASN I 220 52.09 52.18 -19.63
C ASN I 220 52.05 53.65 -20.03
N ASP I 221 51.29 54.43 -19.27
CA ASP I 221 51.14 55.87 -19.53
C ASP I 221 50.59 56.14 -20.93
N GLY I 222 49.74 55.26 -21.43
CA GLY I 222 49.16 55.42 -22.75
C GLY I 222 50.08 55.05 -23.90
N GLN I 223 51.27 54.54 -23.62
CA GLN I 223 52.23 54.17 -24.64
C GLN I 223 52.25 52.66 -24.83
N LEU I 224 52.36 52.22 -26.08
CA LEU I 224 52.37 50.81 -26.42
C LEU I 224 53.80 50.36 -26.69
N TYR I 225 54.29 49.42 -25.90
CA TYR I 225 55.61 48.85 -26.08
C TYR I 225 55.49 47.55 -26.87
N VAL I 226 56.32 47.42 -27.91
CA VAL I 226 56.28 46.26 -28.79
C VAL I 226 57.52 45.42 -28.56
N ASP I 227 57.38 44.11 -28.75
CA ASP I 227 58.48 43.17 -28.57
C ASP I 227 58.80 42.51 -29.91
N ASP I 228 60.08 42.19 -30.09
CA ASP I 228 60.51 41.58 -31.34
C ASP I 228 59.94 40.19 -31.49
N TRP I 229 59.68 39.80 -32.74
CA TRP I 229 59.13 38.49 -33.04
C TRP I 229 60.13 37.40 -32.65
N ILE I 230 59.64 36.38 -31.96
CA ILE I 230 60.46 35.24 -31.54
C ILE I 230 59.78 33.96 -31.96
N SER I 231 60.57 32.90 -32.08
CA SER I 231 60.09 31.58 -32.47
C SER I 231 60.50 30.55 -31.42
N PRO I 232 59.62 30.23 -30.48
CA PRO I 232 59.95 29.16 -29.52
C PRO I 232 60.18 27.84 -30.21
N THR I 233 61.14 27.07 -29.70
CA THR I 233 61.52 25.80 -30.31
C THR I 233 61.57 24.71 -29.26
N LYS I 234 61.33 23.48 -29.69
CA LYS I 234 61.37 22.33 -28.81
C LYS I 234 62.82 21.96 -28.50
N ALA I 235 62.98 21.02 -27.56
CA ALA I 235 64.31 20.56 -27.20
C ALA I 235 65.00 19.90 -28.38
N ASP I 236 64.28 19.06 -29.13
CA ASP I 236 64.85 18.47 -30.33
C ASP I 236 65.09 19.51 -31.40
N GLY I 237 64.18 20.49 -31.53
CA GLY I 237 64.32 21.53 -32.52
C GLY I 237 63.11 21.67 -33.40
N SER I 238 63.33 22.05 -34.67
CA SER I 238 62.26 22.16 -35.67
C SER I 238 61.21 23.20 -35.28
N GLN I 239 61.55 24.09 -34.37
CA GLN I 239 60.67 25.18 -33.94
C GLN I 239 59.30 24.64 -33.53
N PHE I 240 58.23 25.15 -34.15
CA PHE I 240 56.88 24.69 -33.84
C PHE I 240 56.03 24.73 -35.10
N ASP I 241 55.21 23.70 -35.29
CA ASP I 241 54.35 23.62 -36.46
C ASP I 241 52.96 24.21 -36.21
N GLU I 242 52.52 24.25 -34.95
CA GLU I 242 51.21 24.75 -34.61
C GLU I 242 51.31 25.66 -33.39
N ILE I 243 50.33 26.54 -33.23
CA ILE I 243 50.29 27.46 -32.10
C ILE I 243 49.91 26.69 -30.85
N PRO I 244 50.69 26.76 -29.78
CA PRO I 244 50.36 26.03 -28.53
C PRO I 244 49.25 26.69 -27.75
N PHE I 245 48.08 26.80 -28.36
CA PHE I 245 46.90 27.35 -27.72
C PHE I 245 45.68 26.53 -28.12
N VAL I 246 44.92 26.08 -27.13
CA VAL I 246 43.71 25.31 -27.37
C VAL I 246 42.55 26.02 -26.66
N ILE I 247 41.46 26.22 -27.39
CA ILE I 247 40.26 26.84 -26.85
C ILE I 247 39.23 25.74 -26.60
N PHE I 248 38.90 25.53 -25.34
CA PHE I 248 37.95 24.48 -24.96
C PHE I 248 36.61 25.10 -24.59
N GLY I 249 35.53 24.46 -25.03
CA GLY I 249 34.20 24.93 -24.75
C GLY I 249 33.27 23.78 -24.45
N SER I 250 32.01 24.13 -24.16
CA SER I 250 31.01 23.11 -23.86
C SER I 250 30.73 22.25 -25.08
N LYS I 251 30.69 22.85 -26.27
CA LYS I 251 30.37 22.11 -27.49
C LYS I 251 31.57 21.31 -27.98
N ASN I 252 32.66 21.99 -28.32
CA ASN I 252 33.84 21.34 -28.86
C ASN I 252 35.03 22.25 -28.68
N ASN I 253 36.22 21.69 -28.89
CA ASN I 253 37.48 22.44 -28.78
C ASN I 253 37.78 23.14 -30.10
N ASP I 254 37.01 24.18 -30.36
CA ASP I 254 37.14 24.98 -31.57
C ASP I 254 37.23 26.45 -31.22
N PRO I 255 37.91 27.24 -32.05
CA PRO I 255 37.94 28.69 -31.81
C PRO I 255 36.58 29.36 -31.88
N THR I 256 35.62 28.76 -32.58
CA THR I 256 34.29 29.32 -32.66
C THR I 256 33.60 29.27 -31.30
N ILE I 257 32.85 30.33 -30.98
CA ILE I 257 32.20 30.44 -29.69
C ILE I 257 31.06 29.44 -29.60
N ASP I 258 30.90 28.83 -28.41
CA ASP I 258 29.82 27.90 -28.14
C ASP I 258 28.83 28.53 -27.18
N MET I 259 27.55 28.19 -27.37
CA MET I 259 26.51 28.73 -26.51
C MET I 259 26.69 28.23 -25.08
N PRO I 260 26.66 29.10 -24.08
CA PRO I 260 26.82 28.65 -22.69
C PRO I 260 25.68 27.73 -22.29
N PRO I 261 25.97 26.67 -21.53
CA PRO I 261 24.89 25.74 -21.15
C PRO I 261 23.93 26.31 -20.12
N MET I 262 24.28 27.42 -19.46
CA MET I 262 23.51 27.95 -18.34
C MET I 262 22.65 29.14 -18.74
N ARG I 263 22.52 29.44 -20.03
CA ARG I 263 21.75 30.60 -20.46
C ARG I 263 20.28 30.46 -20.09
N ASP I 264 19.68 29.32 -20.40
CA ASP I 264 18.26 29.12 -20.13
C ASP I 264 17.98 29.13 -18.63
N LEU I 265 18.85 28.50 -17.85
CA LEU I 265 18.68 28.52 -16.40
C LEU I 265 18.83 29.93 -15.85
N VAL I 266 19.73 30.72 -16.42
CA VAL I 266 19.89 32.10 -15.97
C VAL I 266 18.64 32.92 -16.26
N GLU I 267 18.08 32.77 -17.46
CA GLU I 267 16.84 33.49 -17.78
C GLU I 267 15.69 33.05 -16.87
N LEU I 268 15.59 31.75 -16.62
CA LEU I 268 14.53 31.26 -15.72
C LEU I 268 14.71 31.81 -14.32
N ASN I 269 15.96 31.87 -13.85
CA ASN I 269 16.22 32.42 -12.52
C ASN I 269 15.87 33.90 -12.45
N ILE I 270 16.15 34.66 -13.51
CA ILE I 270 15.80 36.07 -13.54
C ILE I 270 14.29 36.25 -13.51
N ALA I 271 13.57 35.44 -14.28
CA ALA I 271 12.11 35.51 -14.27
C ALA I 271 11.56 35.17 -12.90
N HIS I 272 12.11 34.13 -12.26
CA HIS I 272 11.68 33.81 -10.91
C HIS I 272 12.01 34.93 -9.93
N PHE I 273 13.12 35.62 -10.14
CA PHE I 273 13.49 36.72 -9.26
C PHE I 273 12.48 37.86 -9.36
N ARG I 274 12.07 38.22 -10.57
CA ARG I 274 11.08 39.28 -10.71
C ARG I 274 9.73 38.86 -10.17
N ASN I 275 9.36 37.58 -10.38
CA ASN I 275 8.12 37.08 -9.79
C ASN I 275 8.19 37.13 -8.26
N SER I 276 9.36 36.82 -7.69
CA SER I 276 9.53 36.89 -6.25
C SER I 276 9.45 38.34 -5.76
N ALA I 277 9.97 39.28 -6.53
CA ALA I 277 9.82 40.69 -6.17
C ALA I 277 8.35 41.07 -6.07
N ASP I 278 7.57 40.70 -7.09
CA ASP I 278 6.13 40.99 -7.05
C ASP I 278 5.45 40.31 -5.87
N TYR I 279 5.77 39.03 -5.63
CA TYR I 279 5.13 38.29 -4.56
C TYR I 279 5.48 38.86 -3.19
N GLU I 280 6.75 39.26 -3.00
CA GLU I 280 7.15 39.85 -1.73
C GLU I 280 6.49 41.19 -1.50
N GLU I 281 6.35 42.01 -2.55
CA GLU I 281 5.62 43.26 -2.39
C GLU I 281 4.17 43.01 -1.99
N ALA I 282 3.52 42.04 -2.64
CA ALA I 282 2.15 41.72 -2.29
C ALA I 282 2.04 41.21 -0.86
N CYS I 283 2.98 40.37 -0.44
CA CYS I 283 2.97 39.85 0.93
C CYS I 283 3.17 40.96 1.94
N PHE I 284 4.08 41.90 1.66
CA PHE I 284 4.31 43.00 2.58
C PHE I 284 3.07 43.89 2.70
N ILE I 285 2.41 44.18 1.59
CA ILE I 285 1.30 45.13 1.62
C ILE I 285 0.03 44.47 2.12
N CYS I 286 -0.47 43.47 1.39
CA CYS I 286 -1.79 42.90 1.66
C CYS I 286 -1.73 41.65 2.53
N GLY I 287 -0.55 41.25 3.01
CA GLY I 287 -0.46 40.05 3.81
C GLY I 287 -0.96 40.22 5.24
N GLN I 288 -0.94 41.44 5.75
CA GLN I 288 -1.38 41.69 7.12
C GLN I 288 -2.89 41.84 7.18
N PRO I 289 -3.59 41.10 8.03
CA PRO I 289 -5.04 41.26 8.15
C PRO I 289 -5.41 42.62 8.71
N THR I 290 -6.58 43.12 8.28
CA THR I 290 -7.09 44.42 8.69
C THR I 290 -8.54 44.30 9.11
N LEU I 291 -8.95 45.15 10.06
CA LEU I 291 -10.29 45.05 10.64
C LEU I 291 -11.37 45.36 9.62
N PHE I 292 -11.25 46.50 8.92
CA PHE I 292 -12.23 46.93 7.92
C PHE I 292 -13.64 47.02 8.52
N LEU I 293 -13.78 47.93 9.49
CA LEU I 293 -15.07 48.13 10.16
C LEU I 293 -15.99 48.91 9.23
N SER I 294 -16.85 48.20 8.53
CA SER I 294 -17.81 48.83 7.63
C SER I 294 -19.06 49.25 8.37
N GLY I 295 -19.82 50.17 7.78
CA GLY I 295 -21.02 50.67 8.41
C GLY I 295 -20.78 51.43 9.69
N LEU I 296 -19.74 52.28 9.70
CA LEU I 296 -19.35 53.00 10.91
C LEU I 296 -19.51 54.50 10.69
N THR I 297 -20.02 55.18 11.70
CA THR I 297 -20.24 56.62 11.64
C THR I 297 -19.18 57.34 12.46
N GLU I 298 -18.83 58.57 12.02
CA GLU I 298 -17.82 59.35 12.71
C GLU I 298 -18.25 59.67 14.14
N HIS I 299 -19.54 59.93 14.34
CA HIS I 299 -20.04 60.20 15.68
C HIS I 299 -19.76 59.03 16.60
N TRP I 300 -20.04 57.81 16.14
CA TRP I 300 -19.77 56.62 16.94
C TRP I 300 -18.28 56.47 17.21
N VAL I 301 -17.44 56.71 16.20
CA VAL I 301 -16.00 56.59 16.37
C VAL I 301 -15.53 57.52 17.48
N LYS I 302 -15.92 58.80 17.41
CA LYS I 302 -15.50 59.75 18.43
C LYS I 302 -16.11 59.44 19.78
N ASN I 303 -17.33 58.89 19.80
CA ASN I 303 -18.00 58.63 21.07
C ASN I 303 -17.33 57.50 21.85
N VAL I 304 -17.07 56.37 21.20
CA VAL I 304 -16.56 55.18 21.88
C VAL I 304 -15.16 54.81 21.40
N LEU I 305 -14.97 54.72 20.09
CA LEU I 305 -13.67 54.29 19.57
C LEU I 305 -12.59 55.33 19.85
N GLY I 306 -12.87 56.59 19.50
CA GLY I 306 -11.90 57.65 19.74
C GLY I 306 -10.59 57.47 19.03
N GLY I 307 -10.60 56.91 17.82
CA GLY I 307 -9.37 56.65 17.10
C GLY I 307 -8.46 55.66 17.79
N ALA I 308 -9.03 54.67 18.47
CA ALA I 308 -8.23 53.65 19.15
C ALA I 308 -9.12 52.44 19.41
N VAL I 309 -8.74 51.30 18.85
CA VAL I 309 -9.51 50.06 18.98
C VAL I 309 -8.66 49.06 19.75
N VAL I 310 -9.20 48.56 20.85
CA VAL I 310 -8.55 47.50 21.62
C VAL I 310 -8.90 46.15 20.99
N ILE I 311 -7.87 45.39 20.63
CA ILE I 311 -8.01 44.17 19.85
C ILE I 311 -7.65 42.93 20.63
N GLY I 312 -7.29 43.07 21.90
CA GLY I 312 -7.01 41.92 22.72
C GLY I 312 -8.27 41.11 23.03
N SER I 313 -8.06 39.87 23.45
CA SER I 313 -9.17 39.02 23.84
C SER I 313 -9.81 39.45 25.15
N ARG I 314 -9.14 40.29 25.94
CA ARG I 314 -9.70 40.76 27.19
C ARG I 314 -10.84 41.75 26.98
N ASP I 315 -10.78 42.54 25.92
CA ASP I 315 -11.73 43.61 25.67
C ASP I 315 -12.61 43.30 24.47
N ALA I 316 -13.87 43.72 24.55
CA ALA I 316 -14.83 43.57 23.48
C ALA I 316 -15.20 44.95 22.93
N VAL I 317 -15.25 45.06 21.61
CA VAL I 317 -15.48 46.33 20.92
C VAL I 317 -16.92 46.32 20.40
N PRO I 318 -17.74 47.31 20.75
CA PRO I 318 -19.11 47.38 20.23
C PRO I 318 -19.19 48.21 18.96
N LEU I 319 -20.20 47.89 18.15
CA LEU I 319 -20.44 48.56 16.89
C LEU I 319 -21.92 48.89 16.77
N PRO I 320 -22.27 49.91 15.98
CA PRO I 320 -23.69 50.24 15.79
C PRO I 320 -24.43 49.20 14.98
N VAL I 321 -25.71 49.44 14.69
CA VAL I 321 -26.50 48.49 13.96
C VAL I 321 -26.05 48.42 12.51
N ASN I 322 -26.26 47.26 11.88
CA ASN I 322 -25.92 47.03 10.48
C ASN I 322 -24.44 47.29 10.21
N ALA I 323 -23.59 46.91 11.16
CA ALA I 323 -22.15 47.07 11.04
C ALA I 323 -21.51 45.68 10.92
N LYS I 324 -20.73 45.49 9.87
CA LYS I 324 -20.11 44.19 9.59
C LYS I 324 -18.60 44.29 9.68
N PRO I 325 -17.97 43.80 10.74
CA PRO I 325 -16.51 43.72 10.76
C PRO I 325 -16.03 42.51 9.99
N GLU I 326 -15.00 42.71 9.16
CA GLU I 326 -14.53 41.65 8.27
C GLU I 326 -13.02 41.74 8.16
N LEU I 327 -12.31 40.80 8.78
CA LEU I 327 -10.86 40.72 8.60
C LEU I 327 -10.53 40.37 7.17
N LEU I 328 -9.68 41.18 6.54
CA LEU I 328 -9.32 41.01 5.14
C LEU I 328 -7.81 40.85 5.02
N GLN I 329 -7.40 39.79 4.33
CA GLN I 329 -5.99 39.60 4.00
C GLN I 329 -5.91 38.72 2.76
N ALA I 330 -4.81 38.87 2.03
CA ALA I 330 -4.62 38.08 0.81
C ALA I 330 -4.44 36.61 1.18
N GLU I 331 -5.28 35.76 0.59
CA GLU I 331 -5.23 34.34 0.89
C GLU I 331 -4.07 33.67 0.14
N GLY I 332 -3.80 32.42 0.51
CA GLY I 332 -2.73 31.68 -0.09
C GLY I 332 -3.09 31.12 -1.46
N ASN I 333 -2.15 30.37 -2.02
CA ASN I 333 -2.30 29.77 -3.35
C ASN I 333 -2.56 30.83 -4.41
N GLY I 334 -1.89 31.98 -4.26
CA GLY I 334 -2.00 33.02 -5.26
C GLY I 334 -1.36 32.62 -6.57
N MET I 335 -1.86 33.21 -7.65
CA MET I 335 -1.40 32.83 -8.98
C MET I 335 0.03 33.28 -9.23
N VAL I 336 0.48 34.32 -8.53
CA VAL I 336 1.89 34.68 -8.57
C VAL I 336 2.74 33.57 -7.96
N LYS I 337 2.31 33.04 -6.81
CA LYS I 337 3.02 31.92 -6.21
C LYS I 337 2.95 30.69 -7.10
N GLU I 338 1.83 30.51 -7.80
CA GLU I 338 1.72 29.41 -8.75
C GLU I 338 2.74 29.55 -9.88
N ALA I 339 2.92 30.77 -10.39
CA ALA I 339 3.91 31.01 -11.42
C ALA I 339 5.32 30.76 -10.90
N MET I 340 5.60 31.18 -9.66
CA MET I 340 6.91 30.93 -9.07
C MET I 340 7.17 29.43 -8.93
N ASP I 341 6.17 28.68 -8.48
CA ASP I 341 6.31 27.22 -8.37
C ASP I 341 6.53 26.59 -9.73
N GLN I 342 5.82 27.08 -10.75
CA GLN I 342 6.02 26.56 -12.10
C GLN I 342 7.44 26.83 -12.60
N LYS I 343 7.97 28.02 -12.31
CA LYS I 343 9.33 28.33 -12.73
C LYS I 343 10.35 27.46 -12.00
N GLU I 344 10.14 27.24 -10.70
CA GLU I 344 11.04 26.34 -9.96
C GLU I 344 10.98 24.93 -10.53
N ARG I 345 9.77 24.44 -10.84
CA ARG I 345 9.64 23.12 -11.43
C ARG I 345 10.34 23.05 -12.79
N GLN I 346 10.24 24.12 -13.58
CA GLN I 346 10.92 24.15 -14.88
C GLN I 346 12.43 24.12 -14.71
N MET I 347 12.95 24.85 -13.72
CA MET I 347 14.39 24.79 -13.45
C MET I 347 14.83 23.38 -13.05
N VAL I 348 14.04 22.72 -12.19
CA VAL I 348 14.38 21.34 -11.82
C VAL I 348 14.34 20.44 -13.04
N ALA I 349 13.33 20.65 -13.90
CA ALA I 349 13.14 19.79 -15.05
C ALA I 349 14.14 20.07 -16.17
N LEU I 350 14.84 21.20 -16.11
CA LEU I 350 15.81 21.55 -17.16
C LEU I 350 17.15 20.88 -16.95
N GLY I 351 17.18 19.75 -16.26
CA GLY I 351 18.41 19.02 -16.05
C GLY I 351 19.39 19.73 -15.16
N ALA I 352 18.90 20.40 -14.12
CA ALA I 352 19.74 21.17 -13.21
C ALA I 352 19.71 20.55 -11.82
N LYS I 353 20.90 20.35 -11.25
CA LYS I 353 21.05 19.92 -9.87
C LYS I 353 20.95 21.07 -8.90
N LEU I 354 20.30 22.16 -9.32
CA LEU I 354 20.24 23.38 -8.52
C LEU I 354 19.54 23.16 -7.19
N ILE I 355 18.46 22.39 -7.18
CA ILE I 355 17.78 22.07 -5.93
C ILE I 355 17.41 20.60 -5.88
N ASP I 356 17.21 20.11 -4.65
CA ASP I 356 16.74 18.77 -4.37
C ASP I 356 15.52 18.87 -3.46
N SER I 357 14.58 17.93 -3.65
CA SER I 357 13.33 17.95 -2.91
C SER I 357 13.21 16.68 -2.09
N ASP I 358 13.01 16.84 -0.77
CA ASP I 358 12.81 15.67 0.09
C ASP I 358 11.44 15.04 -0.13
N LYS I 359 10.44 15.85 -0.45
CA LYS I 359 9.09 15.31 -0.68
C LYS I 359 9.07 14.37 -1.88
N THR I 360 9.76 14.74 -2.95
CA THR I 360 9.77 13.92 -4.15
C THR I 360 10.47 12.58 -3.89
N GLN I 361 9.90 11.52 -4.42
CA GLN I 361 10.45 10.18 -4.30
C GLN I 361 10.66 9.58 -5.68
N ARG I 362 11.78 8.89 -5.87
CA ARG I 362 12.14 8.30 -7.15
C ARG I 362 12.40 6.82 -6.96
N THR I 363 11.77 6.00 -7.80
CA THR I 363 11.98 4.55 -7.77
C THR I 363 13.38 4.23 -8.28
N PHE I 364 14.07 3.36 -7.56
CA PHE I 364 15.42 2.95 -7.98
C PHE I 364 15.36 2.19 -9.28
N GLY I 365 16.33 2.45 -10.16
CA GLY I 365 16.40 1.85 -11.46
C GLY I 365 15.76 2.67 -12.57
N GLU I 366 14.88 3.62 -12.21
CA GLU I 366 14.33 4.50 -13.23
C GLU I 366 15.36 5.52 -13.71
N ALA I 367 16.10 6.12 -12.78
CA ALA I 367 17.08 7.13 -13.14
C ALA I 367 18.27 6.55 -13.89
N SER I 368 18.47 5.23 -13.83
CA SER I 368 19.57 4.61 -14.56
C SER I 368 19.38 4.75 -16.06
N MET I 369 18.14 4.76 -16.53
CA MET I 369 17.88 4.94 -17.96
C MET I 369 18.20 6.36 -18.41
N GLU I 370 17.85 7.35 -17.59
CA GLU I 370 18.05 8.74 -17.98
C GLU I 370 19.43 9.28 -17.63
N ALA I 371 20.23 8.53 -16.85
CA ALA I 371 21.53 9.05 -16.40
C ALA I 371 22.41 9.46 -17.57
N ALA I 372 22.27 8.81 -18.73
CA ALA I 372 23.04 9.21 -19.90
C ALA I 372 22.64 10.61 -20.36
N ALA I 373 21.34 10.91 -20.36
CA ALA I 373 20.88 12.21 -20.82
C ALA I 373 21.12 13.31 -19.78
N GLN I 374 20.93 13.00 -18.50
CA GLN I 374 21.11 14.01 -17.46
C GLN I 374 22.55 14.49 -17.39
N ASN I 375 23.50 13.57 -17.49
CA ASN I 375 24.92 13.91 -17.42
C ASN I 375 25.52 14.18 -18.79
N SER I 376 24.71 14.62 -19.75
CA SER I 376 25.20 14.86 -21.10
C SER I 376 26.19 16.02 -21.13
N VAL I 377 25.81 17.15 -20.54
CA VAL I 377 26.71 18.30 -20.50
C VAL I 377 27.93 17.99 -19.64
N LEU I 378 27.73 17.24 -18.54
CA LEU I 378 28.85 16.83 -17.71
C LEU I 378 29.86 16.03 -18.51
N SER I 379 29.39 15.01 -19.23
CA SER I 379 30.29 14.18 -20.02
C SER I 379 30.97 14.99 -21.11
N ARG I 380 30.22 15.86 -21.80
CA ARG I 380 30.80 16.64 -22.88
C ARG I 380 31.91 17.55 -22.36
N VAL I 381 31.64 18.25 -21.26
CA VAL I 381 32.65 19.14 -20.69
C VAL I 381 33.86 18.34 -20.20
N SER I 382 33.60 17.18 -19.59
CA SER I 382 34.70 16.34 -19.10
C SER I 382 35.62 15.94 -20.25
N LYS I 383 35.04 15.43 -21.34
CA LYS I 383 35.87 15.02 -22.47
C LYS I 383 36.60 16.22 -23.09
N ASN I 384 35.90 17.35 -23.23
CA ASN I 384 36.54 18.51 -23.85
C ASN I 384 37.73 18.98 -23.04
N VAL I 385 37.56 19.10 -21.72
CA VAL I 385 38.69 19.50 -20.87
C VAL I 385 39.78 18.45 -20.88
N SER I 386 39.40 17.17 -20.94
CA SER I 386 40.40 16.10 -20.99
C SER I 386 41.29 16.25 -22.23
N ASP I 387 40.68 16.43 -23.41
CA ASP I 387 41.49 16.59 -24.61
C ASP I 387 42.29 17.88 -24.58
N ALA I 388 41.71 18.96 -24.05
CA ALA I 388 42.46 20.22 -23.96
C ALA I 388 43.71 20.06 -23.11
N TYR I 389 43.57 19.43 -21.94
CA TYR I 389 44.72 19.27 -21.07
C TYR I 389 45.69 18.23 -21.60
N THR I 390 45.20 17.22 -22.30
CA THR I 390 46.11 16.28 -22.95
C THR I 390 46.95 16.98 -24.00
N LYS I 391 46.34 17.83 -24.82
CA LYS I 391 47.08 18.58 -25.82
C LYS I 391 48.09 19.52 -25.16
N ALA I 392 47.69 20.18 -24.07
CA ALA I 392 48.61 21.07 -23.36
C ALA I 392 49.80 20.29 -22.80
N LEU I 393 49.55 19.12 -22.23
CA LEU I 393 50.63 18.31 -21.69
C LEU I 393 51.54 17.79 -22.78
N ARG I 394 50.98 17.44 -23.95
CA ARG I 394 51.81 17.02 -25.06
C ARG I 394 52.69 18.17 -25.55
N TRP I 395 52.14 19.39 -25.59
CA TRP I 395 52.96 20.54 -25.96
C TRP I 395 54.07 20.78 -24.95
N ALA I 396 53.77 20.63 -23.66
CA ALA I 396 54.80 20.77 -22.64
C ALA I 396 55.88 19.70 -22.80
N ALA I 397 55.48 18.47 -23.10
CA ALA I 397 56.44 17.40 -23.33
C ALA I 397 57.32 17.72 -24.54
N MET I 398 56.72 18.27 -25.60
CA MET I 398 57.51 18.72 -26.74
C MET I 398 58.51 19.78 -26.32
N PHE I 399 58.08 20.71 -25.46
CA PHE I 399 58.98 21.74 -24.96
C PHE I 399 60.15 21.12 -24.20
N LEU I 400 59.89 20.13 -23.38
CA LEU I 400 60.93 19.46 -22.60
C LEU I 400 61.55 18.27 -23.31
N GLY I 401 61.06 17.92 -24.49
CA GLY I 401 61.57 16.75 -25.19
C GLY I 401 61.31 15.45 -24.44
N LEU I 402 60.15 15.34 -23.80
CA LEU I 402 59.80 14.20 -22.99
C LEU I 402 58.97 13.20 -23.79
N ASP I 403 58.44 12.20 -23.11
CA ASP I 403 57.58 11.21 -23.76
C ASP I 403 56.28 11.86 -24.22
N GLU I 404 55.83 11.47 -25.42
CA GLU I 404 54.66 12.09 -26.03
C GLU I 404 53.36 11.36 -25.71
N LYS I 405 53.41 10.04 -25.53
CA LYS I 405 52.20 9.25 -25.28
C LYS I 405 51.78 9.41 -23.81
N ILE I 406 51.27 10.60 -23.50
CA ILE I 406 50.74 10.91 -22.18
C ILE I 406 49.29 11.32 -22.33
N GLU I 407 48.53 11.10 -21.26
CA GLU I 407 47.10 11.38 -21.26
C GLU I 407 46.69 11.98 -19.92
N TYR I 408 45.64 12.79 -19.96
CA TYR I 408 45.05 13.39 -18.77
C TYR I 408 43.54 13.29 -18.91
N GLU I 409 42.92 12.39 -18.16
CA GLU I 409 41.49 12.12 -18.25
C GLU I 409 40.84 12.41 -16.91
N LEU I 410 39.78 13.21 -16.93
CA LEU I 410 39.02 13.51 -15.73
C LEU I 410 38.00 12.41 -15.46
N ASN I 411 37.34 12.50 -14.31
CA ASN I 411 36.37 11.49 -13.92
C ASN I 411 35.17 11.50 -14.87
N SER I 412 35.11 10.52 -15.76
CA SER I 412 33.99 10.39 -16.69
C SER I 412 32.87 9.52 -16.14
N ASP I 413 33.06 8.89 -14.99
CA ASP I 413 32.04 8.08 -14.36
C ASP I 413 31.37 8.91 -13.26
N PHE I 414 30.20 9.46 -13.55
CA PHE I 414 29.49 10.32 -12.62
C PHE I 414 28.63 9.48 -11.69
N ASP I 415 27.87 10.14 -10.81
CA ASP I 415 27.06 9.45 -9.80
C ASP I 415 27.92 8.51 -8.96
N ILE I 416 29.11 8.98 -8.59
CA ILE I 416 30.07 8.17 -7.86
C ILE I 416 29.66 8.05 -6.41
N ASN I 417 29.76 6.84 -5.86
CA ASN I 417 29.43 6.58 -4.47
C ASN I 417 30.36 5.50 -3.94
N LYS I 418 30.29 5.27 -2.63
CA LYS I 418 31.08 4.22 -2.01
C LYS I 418 30.70 2.86 -2.56
N MET I 419 31.72 2.06 -2.88
CA MET I 419 31.48 0.75 -3.48
C MET I 419 30.97 -0.24 -2.44
N SER I 420 30.08 -1.12 -2.88
CA SER I 420 29.47 -2.10 -2.01
C SER I 420 30.40 -3.30 -1.79
N PRO I 421 30.19 -4.04 -0.70
CA PRO I 421 31.00 -5.26 -0.49
C PRO I 421 30.93 -6.24 -1.65
N GLU I 422 29.75 -6.40 -2.26
CA GLU I 422 29.64 -7.26 -3.43
C GLU I 422 30.45 -6.71 -4.59
N GLU I 423 30.42 -5.39 -4.79
CA GLU I 423 31.24 -4.77 -5.82
C GLU I 423 32.72 -4.96 -5.54
N LEU I 424 33.12 -4.87 -4.27
CA LEU I 424 34.52 -5.10 -3.91
C LEU I 424 34.94 -6.52 -4.24
N ALA I 425 34.10 -7.50 -3.87
CA ALA I 425 34.41 -8.88 -4.21
C ALA I 425 34.49 -9.07 -5.71
N ALA I 426 33.60 -8.42 -6.46
CA ALA I 426 33.60 -8.54 -7.91
C ALA I 426 34.90 -8.00 -8.51
N VAL I 427 35.35 -6.83 -8.05
CA VAL I 427 36.57 -6.27 -8.64
C VAL I 427 37.79 -7.09 -8.23
N ILE I 428 37.80 -7.62 -7.00
CA ILE I 428 38.91 -8.50 -6.60
C ILE I 428 38.95 -9.74 -7.47
N SER I 429 37.78 -10.35 -7.71
CA SER I 429 37.73 -11.53 -8.57
C SER I 429 38.16 -11.21 -9.99
N ALA I 430 37.76 -10.03 -10.50
CA ALA I 430 38.17 -9.63 -11.84
C ALA I 430 39.68 -9.43 -11.93
N TRP I 431 40.29 -8.84 -10.89
CA TRP I 431 41.73 -8.67 -10.89
C TRP I 431 42.45 -10.02 -10.82
N GLN I 432 41.90 -10.98 -10.07
CA GLN I 432 42.50 -12.30 -9.99
C GLN I 432 42.50 -13.01 -11.35
N SER I 433 41.63 -12.62 -12.26
CA SER I 433 41.68 -13.05 -13.64
C SER I 433 42.42 -12.02 -14.48
N ASN I 434 42.79 -12.42 -15.69
CA ASN I 434 43.54 -11.55 -16.59
C ASN I 434 42.60 -10.65 -17.39
N ALA I 435 41.81 -9.86 -16.67
CA ALA I 435 40.83 -8.99 -17.30
C ALA I 435 40.93 -7.56 -16.80
N ILE I 436 41.36 -7.37 -15.55
CA ILE I 436 41.53 -6.05 -14.96
C ILE I 436 42.96 -5.92 -14.49
N SER I 437 43.61 -4.81 -14.87
CA SER I 437 44.97 -4.55 -14.46
C SER I 437 45.03 -4.30 -12.95
N PHE I 438 46.20 -4.59 -12.37
CA PHE I 438 46.37 -4.35 -10.94
C PHE I 438 46.19 -2.87 -10.61
N THR I 439 46.79 -1.99 -11.42
CA THR I 439 46.56 -0.56 -11.26
C THR I 439 45.12 -0.19 -11.57
N GLU I 440 44.48 -0.90 -12.50
CA GLU I 440 43.07 -0.66 -12.77
C GLU I 440 42.22 -1.01 -11.56
N MET I 441 42.50 -2.14 -10.90
CA MET I 441 41.76 -2.49 -9.69
C MET I 441 42.05 -1.50 -8.57
N ARG I 442 43.29 -1.03 -8.47
CA ARG I 442 43.61 -0.02 -7.47
C ARG I 442 42.83 1.27 -7.71
N TRP I 443 42.73 1.68 -8.98
CA TRP I 443 41.95 2.87 -9.32
C TRP I 443 40.47 2.66 -9.01
N GLN I 444 39.98 1.45 -9.27
CA GLN I 444 38.60 1.12 -8.90
C GLN I 444 38.39 1.28 -7.41
N ILE I 445 39.28 0.70 -6.60
CA ILE I 445 39.10 0.69 -5.16
C ILE I 445 39.32 2.07 -4.56
N LYS I 446 40.11 2.91 -5.23
CA LYS I 446 40.25 4.30 -4.81
C LYS I 446 39.03 5.14 -5.19
N LYS I 447 38.41 4.84 -6.34
CA LYS I 447 37.22 5.56 -6.74
C LYS I 447 36.08 5.32 -5.76
N GLY I 448 35.95 4.10 -5.25
CA GLY I 448 34.94 3.76 -4.29
C GLY I 448 35.23 4.19 -2.86
N GLY I 449 36.31 4.93 -2.64
CA GLY I 449 36.66 5.38 -1.31
C GLY I 449 37.06 4.25 -0.38
N ARG I 450 37.79 3.27 -0.89
CA ARG I 450 38.20 2.12 -0.10
C ARG I 450 39.71 2.00 0.07
N ALA I 451 40.49 2.93 -0.49
CA ALA I 451 41.94 2.90 -0.35
C ALA I 451 42.47 4.30 -0.58
N TYR I 452 43.59 4.61 0.07
CA TYR I 452 44.18 5.94 -0.05
C TYR I 452 45.65 5.88 -0.41
N LEU I 453 46.36 4.84 0.03
CA LEU I 453 47.78 4.72 -0.28
C LEU I 453 48.00 4.48 -1.76
N GLU I 454 49.15 4.92 -2.25
CA GLU I 454 49.50 4.73 -3.64
C GLU I 454 49.74 3.25 -3.94
N ASP I 455 49.68 2.91 -5.22
CA ASP I 455 49.89 1.52 -5.62
C ASP I 455 51.30 1.06 -5.27
N GLU I 456 52.30 1.93 -5.47
CA GLU I 456 53.67 1.54 -5.17
C GLU I 456 53.88 1.30 -3.67
N ASP I 457 53.27 2.13 -2.82
CA ASP I 457 53.38 1.93 -1.38
C ASP I 457 52.76 0.61 -0.97
N MET I 458 51.58 0.29 -1.52
CA MET I 458 50.93 -0.98 -1.21
C MET I 458 51.78 -2.14 -1.67
N ARG I 459 52.36 -2.06 -2.88
CA ARG I 459 53.22 -3.12 -3.37
C ARG I 459 54.42 -3.31 -2.45
N ASN I 460 55.05 -2.20 -2.05
CA ASN I 460 56.23 -2.29 -1.18
C ASN I 460 55.89 -2.91 0.16
N GLU I 461 54.74 -2.54 0.74
CA GLU I 461 54.40 -3.10 2.04
C GLU I 461 53.99 -4.57 1.93
N SER I 462 53.28 -4.93 0.86
CA SER I 462 52.86 -6.32 0.68
C SER I 462 53.96 -7.22 0.15
N GLU I 463 55.10 -6.66 -0.25
CA GLU I 463 56.21 -7.49 -0.70
C GLU I 463 56.74 -8.35 0.44
N GLN I 464 56.80 -7.80 1.64
CA GLN I 464 57.31 -8.54 2.79
C GLN I 464 56.31 -9.61 3.23
N ASP I 465 56.75 -10.44 4.17
CA ASP I 465 55.93 -11.55 4.65
C ASP I 465 54.76 -11.05 5.48
N ASP I 466 53.74 -11.89 5.59
CA ASP I 466 52.58 -11.54 6.40
C ASP I 466 52.95 -11.49 7.88
N PRO I 467 52.26 -10.68 8.67
CA PRO I 467 52.53 -10.63 10.11
C PRO I 467 52.28 -11.96 10.79
N LEU I 468 51.08 -12.49 10.63
CA LEU I 468 50.67 -13.75 11.26
C LEU I 468 50.94 -13.75 12.76
N ASP J 3 15.99 30.04 -61.99
CA ASP J 3 17.17 29.34 -62.48
C ASP J 3 18.33 30.30 -62.73
N SER J 4 19.49 29.98 -62.17
CA SER J 4 20.69 30.81 -62.34
C SER J 4 21.86 29.92 -62.69
N ASN J 5 22.76 30.47 -63.52
CA ASN J 5 23.97 29.76 -63.94
C ASN J 5 25.17 30.06 -63.07
N ASN J 6 25.02 30.91 -62.06
CA ASN J 6 26.13 31.26 -61.19
C ASN J 6 26.46 30.11 -60.23
N ILE J 7 27.71 30.10 -59.77
CA ILE J 7 28.14 29.10 -58.81
C ILE J 7 27.44 29.28 -57.47
N LYS J 8 26.89 30.45 -57.21
CA LYS J 8 26.20 30.74 -55.96
C LYS J 8 24.74 30.30 -55.98
N TYR J 9 24.27 29.73 -57.08
CA TYR J 9 22.87 29.34 -57.19
C TYR J 9 22.54 28.26 -56.16
N VAL J 10 21.39 28.43 -55.50
CA VAL J 10 20.94 27.52 -54.46
C VAL J 10 19.68 26.81 -54.95
N ARG J 11 19.61 25.51 -54.70
CA ARG J 11 18.46 24.72 -55.11
C ARG J 11 17.20 25.20 -54.40
N GLU J 12 16.07 25.07 -55.09
CA GLU J 12 14.82 25.64 -54.57
C GLU J 12 14.40 24.99 -53.26
N ASP J 13 14.55 23.66 -53.15
CA ASP J 13 14.18 22.98 -51.92
C ASP J 13 15.05 23.41 -50.75
N ALA J 14 16.32 23.69 -51.00
CA ALA J 14 17.17 24.22 -49.94
C ALA J 14 16.66 25.58 -49.46
N LYS J 15 16.24 26.43 -50.39
CA LYS J 15 15.66 27.72 -50.00
C LYS J 15 14.38 27.52 -49.19
N LYS J 16 13.56 26.54 -49.59
CA LYS J 16 12.34 26.26 -48.85
C LYS J 16 12.64 25.80 -47.42
N MET J 17 13.65 24.94 -47.27
CA MET J 17 14.01 24.43 -45.94
C MET J 17 14.83 25.42 -45.13
N HIS J 18 15.31 26.51 -45.75
CA HIS J 18 16.10 27.50 -45.03
C HIS J 18 15.30 28.11 -43.89
N LYS J 19 14.00 28.33 -44.07
CA LYS J 19 13.20 28.93 -43.01
C LYS J 19 13.14 28.02 -41.79
N LEU J 20 12.87 26.72 -42.01
CA LEU J 20 12.83 25.78 -40.90
C LEU J 20 14.19 25.64 -40.25
N TRP J 21 15.26 25.63 -41.05
CA TRP J 21 16.60 25.53 -40.50
C TRP J 21 16.91 26.73 -39.62
N ALA J 22 16.55 27.94 -40.07
CA ALA J 22 16.77 29.13 -39.27
C ALA J 22 15.97 29.12 -37.99
N HIS J 23 14.71 28.68 -38.07
CA HIS J 23 13.88 28.59 -36.86
C HIS J 23 14.49 27.63 -35.85
N ILE J 24 14.97 26.48 -36.33
CA ILE J 24 15.59 25.51 -35.44
C ILE J 24 16.87 26.08 -34.85
N ARG J 25 17.64 26.83 -35.64
CA ARG J 25 18.86 27.45 -35.12
C ARG J 25 18.55 28.45 -34.02
N MET J 26 17.51 29.26 -34.20
CA MET J 26 17.10 30.18 -33.13
C MET J 26 16.63 29.41 -31.90
N ALA J 27 15.95 28.29 -32.10
CA ALA J 27 15.52 27.48 -30.97
C ALA J 27 16.72 26.94 -30.19
N MET J 28 17.74 26.47 -30.90
CA MET J 28 18.95 26.00 -30.24
C MET J 28 19.70 27.14 -29.55
N GLU J 29 19.68 28.34 -30.15
CA GLU J 29 20.50 29.43 -29.63
C GLU J 29 20.10 29.80 -28.21
N GLY J 30 18.82 29.89 -27.94
CA GLY J 30 18.34 30.15 -26.60
C GLY J 30 17.24 31.18 -26.61
N SER J 31 17.09 31.87 -25.48
CA SER J 31 16.01 32.83 -25.33
C SER J 31 16.30 34.12 -26.09
N ARG J 32 17.57 34.52 -26.17
CA ARG J 32 17.90 35.80 -26.80
C ARG J 32 17.46 35.84 -28.25
N ALA J 33 17.75 34.77 -29.00
CA ALA J 33 17.34 34.73 -30.40
C ALA J 33 15.82 34.69 -30.54
N ILE J 34 15.14 34.00 -29.63
CA ILE J 34 13.69 33.90 -29.71
C ILE J 34 13.06 35.27 -29.48
N LYS J 35 13.50 35.98 -28.44
CA LYS J 35 12.96 37.31 -28.17
C LYS J 35 13.43 38.35 -29.18
N ASP J 36 14.54 38.09 -29.88
CA ASP J 36 14.99 39.02 -30.91
C ASP J 36 14.01 39.00 -32.10
N ASN J 37 13.65 37.81 -32.56
CA ASN J 37 12.72 37.63 -33.68
C ASN J 37 11.33 37.30 -33.20
N ALA J 38 10.90 37.88 -32.07
CA ALA J 38 9.61 37.53 -31.49
C ALA J 38 8.44 37.91 -32.39
N LYS J 39 8.64 38.81 -33.35
CA LYS J 39 7.57 39.17 -34.27
C LYS J 39 7.14 37.96 -35.11
N GLU J 40 8.11 37.13 -35.51
CA GLU J 40 7.78 35.96 -36.31
C GLU J 40 7.02 34.91 -35.50
N PHE J 41 7.32 34.78 -34.21
CA PHE J 41 6.76 33.73 -33.38
C PHE J 41 5.49 34.18 -32.66
N VAL J 42 5.57 35.24 -31.87
CA VAL J 42 4.45 35.71 -31.06
C VAL J 42 3.69 36.76 -31.88
N PRO J 43 2.45 36.51 -32.27
CA PRO J 43 1.68 37.54 -32.96
C PRO J 43 1.29 38.68 -32.02
N HIS J 44 1.17 39.86 -32.59
CA HIS J 44 0.76 41.02 -31.81
C HIS J 44 -0.68 40.85 -31.37
N PRO J 45 -1.01 41.14 -30.11
CA PRO J 45 -2.41 41.02 -29.67
C PRO J 45 -3.36 41.92 -30.42
N ASP J 46 -2.88 43.01 -31.03
CA ASP J 46 -3.72 43.90 -31.80
C ASP J 46 -2.88 44.57 -32.88
N ASN J 47 -3.32 44.46 -34.14
CA ASN J 47 -2.63 45.12 -35.24
C ASN J 47 -2.82 46.64 -35.19
N THR J 48 -4.00 47.08 -34.76
CA THR J 48 -4.25 48.52 -34.65
C THR J 48 -3.29 49.15 -33.66
N LYS J 49 -3.05 48.48 -32.52
CA LYS J 49 -2.02 48.95 -31.61
C LYS J 49 -0.65 48.92 -32.26
N ALA J 50 -0.36 47.86 -33.01
CA ALA J 50 0.95 47.74 -33.65
C ALA J 50 1.23 48.92 -34.57
N THR J 51 0.19 49.46 -35.22
CA THR J 51 0.38 50.64 -36.04
C THR J 51 0.84 51.83 -35.20
N THR J 52 0.24 52.02 -34.03
CA THR J 52 0.58 53.12 -33.16
C THR J 52 1.90 52.89 -32.43
N PRO J 53 2.56 53.96 -31.98
CA PRO J 53 3.81 53.77 -31.24
C PRO J 53 3.61 53.22 -29.84
N GLU J 54 2.56 53.63 -29.13
CA GLU J 54 2.33 53.08 -27.80
C GLU J 54 1.98 51.60 -27.88
N GLY J 55 1.38 51.15 -28.98
CA GLY J 55 1.11 49.74 -29.15
C GLY J 55 2.38 48.91 -29.21
N VAL J 56 3.35 49.36 -30.01
CA VAL J 56 4.62 48.62 -30.10
C VAL J 56 5.41 48.77 -28.80
N ALA J 57 5.25 49.90 -28.11
CA ALA J 57 5.88 50.04 -26.79
C ALA J 57 5.32 49.02 -25.81
N ARG J 58 4.00 48.81 -25.83
CA ARG J 58 3.40 47.78 -25.00
C ARG J 58 3.83 46.38 -25.43
N TYR J 59 3.96 46.16 -26.74
CA TYR J 59 4.37 44.87 -27.25
C TYR J 59 5.79 44.52 -26.81
N LYS J 60 6.66 45.53 -26.72
CA LYS J 60 8.02 45.29 -26.26
C LYS J 60 8.02 44.73 -24.84
N ALA J 61 7.26 45.35 -23.94
CA ALA J 61 7.17 44.84 -22.57
C ALA J 61 6.45 43.51 -22.53
N TYR J 62 5.51 43.28 -23.45
CA TYR J 62 4.84 41.99 -23.56
C TYR J 62 5.84 40.88 -23.88
N ILE J 63 6.76 41.14 -24.81
CA ILE J 63 7.75 40.15 -25.16
C ILE J 63 8.78 39.98 -24.04
N GLU J 64 9.19 41.09 -23.41
CA GLU J 64 10.21 41.01 -22.37
C GLU J 64 9.75 40.17 -21.18
N ARG J 65 8.48 40.31 -20.79
CA ARG J 65 7.98 39.56 -19.65
C ARG J 65 7.84 38.07 -19.92
N ALA J 66 7.95 37.64 -21.17
CA ALA J 66 7.75 36.24 -21.51
C ALA J 66 8.90 35.38 -20.99
N VAL J 67 8.65 34.07 -20.94
CA VAL J 67 9.62 33.10 -20.46
C VAL J 67 9.84 32.06 -21.55
N TRP J 68 11.10 31.84 -21.92
CA TRP J 68 11.45 30.82 -22.90
C TRP J 68 11.89 29.56 -22.18
N TYR J 69 11.24 28.44 -22.51
CA TYR J 69 11.56 27.18 -21.87
C TYR J 69 12.96 26.70 -22.22
N GLY J 70 13.34 26.79 -23.50
CA GLY J 70 14.60 26.21 -23.93
C GLY J 70 14.63 24.71 -23.84
N ALA J 71 13.54 24.05 -24.24
CA ALA J 71 13.44 22.60 -24.16
C ALA J 71 14.07 21.88 -25.34
N SER J 72 14.04 22.47 -26.53
CA SER J 72 14.61 21.82 -27.70
C SER J 72 16.12 21.68 -27.56
N ALA J 73 16.79 22.70 -27.02
CA ALA J 73 18.23 22.58 -26.77
C ALA J 73 18.51 21.48 -25.76
N ASN J 74 17.66 21.34 -24.75
CA ASN J 74 17.84 20.27 -23.77
C ASN J 74 17.66 18.90 -24.43
N THR J 75 16.68 18.78 -25.33
CA THR J 75 16.52 17.53 -26.07
C THR J 75 17.75 17.20 -26.89
N VAL J 76 18.30 18.20 -27.59
CA VAL J 76 19.50 17.96 -28.40
C VAL J 76 20.66 17.53 -27.51
N ASP J 77 20.86 18.22 -26.38
CA ASP J 77 21.95 17.87 -25.49
C ASP J 77 21.79 16.46 -24.93
N GLY J 78 20.59 16.10 -24.50
CA GLY J 78 20.37 14.77 -23.97
C GLY J 78 20.55 13.69 -25.03
N MET J 79 20.09 13.95 -26.26
CA MET J 79 20.26 13.00 -27.33
C MET J 79 21.74 12.81 -27.66
N LEU J 80 22.51 13.90 -27.69
CA LEU J 80 23.95 13.80 -27.91
C LEU J 80 24.61 13.01 -26.79
N GLY J 81 24.23 13.27 -25.55
CA GLY J 81 24.82 12.53 -24.43
C GLY J 81 24.49 11.05 -24.48
N GLN J 82 23.27 10.72 -24.89
CA GLN J 82 22.90 9.31 -25.03
C GLN J 82 23.69 8.64 -26.15
N ILE J 83 23.79 9.30 -27.29
CA ILE J 83 24.51 8.70 -28.43
C ILE J 83 26.00 8.63 -28.13
N PHE J 84 26.58 9.72 -27.65
CA PHE J 84 28.02 9.80 -27.45
C PHE J 84 28.35 9.54 -25.99
N ALA J 85 28.50 8.26 -25.66
CA ALA J 85 29.03 7.82 -24.38
C ALA J 85 30.30 7.01 -24.64
N ARG J 86 31.25 7.15 -23.72
CA ARG J 86 32.59 6.58 -23.89
C ARG J 86 33.17 7.15 -25.17
N ASP J 87 33.66 6.33 -26.10
CA ASP J 87 34.16 6.81 -27.37
C ASP J 87 33.76 5.84 -28.47
N PRO J 88 33.56 6.33 -29.70
CA PRO J 88 33.28 5.42 -30.81
C PRO J 88 34.42 4.45 -31.04
N VAL J 89 34.08 3.23 -31.41
CA VAL J 89 35.06 2.16 -31.60
C VAL J 89 35.54 2.18 -33.03
N PHE J 90 36.86 2.18 -33.21
CA PHE J 90 37.47 2.14 -34.53
C PHE J 90 38.04 0.75 -34.79
N THR J 91 37.68 0.18 -35.94
CA THR J 91 38.10 -1.17 -36.32
C THR J 91 39.15 -1.09 -37.41
N GLY J 92 40.26 -1.78 -37.21
CA GLY J 92 41.36 -1.77 -38.16
C GLY J 92 42.65 -1.32 -37.50
N PRO J 93 43.69 -1.12 -38.32
CA PRO J 93 44.96 -0.63 -37.77
C PRO J 93 44.78 0.75 -37.17
N GLU J 94 45.45 0.98 -36.04
CA GLU J 94 45.37 2.26 -35.34
C GLU J 94 46.61 3.12 -35.52
N ASP J 95 47.79 2.50 -35.57
CA ASP J 95 49.02 3.27 -35.79
C ASP J 95 49.06 3.86 -37.18
N LYS J 96 48.48 3.17 -38.17
CA LYS J 96 48.47 3.66 -39.54
C LYS J 96 47.40 4.71 -39.79
N PHE J 97 46.50 4.93 -38.84
CA PHE J 97 45.45 5.95 -38.97
C PHE J 97 45.51 6.98 -37.84
N ASP J 98 46.64 7.09 -37.14
CA ASP J 98 46.70 7.96 -35.98
C ASP J 98 46.54 9.43 -36.35
N MET J 99 47.00 9.81 -37.54
CA MET J 99 46.89 11.20 -37.95
C MET J 99 45.43 11.61 -38.17
N LEU J 100 44.57 10.68 -38.56
CA LEU J 100 43.15 11.01 -38.70
C LEU J 100 42.44 11.08 -37.35
N ILE J 101 42.82 10.22 -36.40
CA ILE J 101 42.18 10.23 -35.10
C ILE J 101 42.59 11.48 -34.31
N ASN J 102 43.88 11.82 -34.35
CA ASN J 102 44.37 12.95 -33.56
C ASN J 102 43.80 14.26 -34.08
N ASP J 103 43.92 14.52 -35.38
CA ASP J 103 43.40 15.74 -36.00
C ASP J 103 42.78 15.35 -37.34
N VAL J 104 41.44 15.31 -37.37
CA VAL J 104 40.75 14.84 -38.55
C VAL J 104 40.89 15.84 -39.70
N ASP J 105 41.07 17.12 -39.38
CA ASP J 105 41.21 18.17 -40.39
C ASP J 105 42.45 19.02 -40.15
N GLY J 106 43.44 18.47 -39.44
CA GLY J 106 44.67 19.18 -39.19
C GLY J 106 44.52 20.42 -38.32
N SER J 107 43.61 20.40 -37.35
CA SER J 107 43.42 21.50 -36.43
C SER J 107 43.56 21.08 -34.98
N GLY J 108 44.01 19.85 -34.71
CA GLY J 108 44.07 19.33 -33.37
C GLY J 108 42.77 18.79 -32.85
N LEU J 109 41.69 18.87 -33.63
CA LEU J 109 40.40 18.36 -33.20
C LEU J 109 40.31 16.88 -33.53
N SER J 110 40.04 16.06 -32.52
CA SER J 110 39.97 14.63 -32.73
C SER J 110 38.75 14.26 -33.59
N ILE J 111 38.82 13.09 -34.20
CA ILE J 111 37.71 12.63 -35.03
C ILE J 111 36.45 12.43 -34.20
N HIS J 112 36.61 12.14 -32.91
CA HIS J 112 35.45 11.97 -32.04
C HIS J 112 34.66 13.26 -31.88
N GLN J 113 35.36 14.39 -31.73
CA GLN J 113 34.66 15.66 -31.60
C GLN J 113 33.93 16.03 -32.89
N GLN J 114 34.56 15.79 -34.04
CA GLN J 114 33.89 16.05 -35.31
C GLN J 114 32.68 15.15 -35.49
N ALA J 115 32.80 13.89 -35.07
CA ALA J 115 31.65 12.99 -35.13
C ALA J 115 30.53 13.47 -34.21
N ARG J 116 30.89 13.99 -33.03
CA ARG J 116 29.88 14.55 -32.13
C ARG J 116 29.17 15.74 -32.76
N ASP J 117 29.94 16.62 -33.41
CA ASP J 117 29.32 17.77 -34.08
C ASP J 117 28.41 17.33 -35.21
N SER J 118 28.83 16.34 -35.99
CA SER J 118 28.00 15.82 -37.05
C SER J 118 26.72 15.20 -36.50
N ALA J 119 26.83 14.46 -35.40
CA ALA J 119 25.64 13.88 -34.79
C ALA J 119 24.70 14.95 -34.27
N GLU J 120 25.25 16.02 -33.69
CA GLU J 120 24.41 17.12 -33.22
C GLU J 120 23.67 17.77 -34.39
N ASP J 121 24.38 18.01 -35.50
CA ASP J 121 23.73 18.59 -36.67
C ASP J 121 22.66 17.67 -37.25
N ALA J 122 22.92 16.36 -37.26
CA ALA J 122 21.93 15.43 -37.78
C ALA J 122 20.73 15.27 -36.86
N LEU J 123 20.94 15.44 -35.55
CA LEU J 123 19.82 15.36 -34.62
C LEU J 123 18.98 16.62 -34.63
N SER J 124 19.62 17.79 -34.82
CA SER J 124 18.90 19.05 -34.70
C SER J 124 18.12 19.37 -35.96
N LEU J 125 18.81 19.54 -37.09
CA LEU J 125 18.14 19.84 -38.35
C LEU J 125 18.26 18.74 -39.39
N GLY J 126 18.91 17.63 -39.06
CA GLY J 126 18.86 16.44 -39.92
C GLY J 126 19.54 16.58 -41.27
N ARG J 127 20.72 17.20 -41.31
CA ARG J 127 21.47 17.29 -42.55
C ARG J 127 22.92 17.63 -42.23
N GLY J 128 23.81 17.18 -43.10
CA GLY J 128 25.23 17.45 -42.95
C GLY J 128 25.97 16.91 -44.16
N GLY J 129 27.29 17.09 -44.13
CA GLY J 129 28.13 16.62 -45.23
C GLY J 129 29.52 16.31 -44.76
N LEU J 130 30.13 15.31 -45.39
CA LEU J 130 31.52 14.92 -45.13
C LEU J 130 32.26 14.91 -46.46
N PHE J 131 33.38 15.62 -46.52
CA PHE J 131 34.18 15.72 -47.74
C PHE J 131 35.61 15.33 -47.41
N VAL J 132 36.21 14.50 -48.27
CA VAL J 132 37.59 14.05 -48.10
C VAL J 132 38.39 14.54 -49.29
N ASP J 133 39.48 15.26 -49.02
CA ASP J 133 40.33 15.79 -50.07
C ASP J 133 41.79 15.68 -49.66
N TYR J 134 42.67 15.83 -50.65
CA TYR J 134 44.10 15.74 -50.44
C TYR J 134 44.71 17.15 -50.34
N SER J 135 45.64 17.32 -49.41
CA SER J 135 46.25 18.63 -49.21
C SER J 135 47.04 19.06 -50.44
N ALA J 152 52.20 15.84 -47.10
CA ALA J 152 50.81 15.81 -47.61
C ALA J 152 49.96 14.87 -46.76
N ARG J 153 48.63 15.06 -46.75
CA ARG J 153 47.75 14.24 -45.88
C ARG J 153 46.28 14.42 -46.30
N PRO J 154 45.37 13.45 -46.10
CA PRO J 154 43.95 13.67 -46.40
C PRO J 154 43.19 14.22 -45.20
N TYR J 155 42.29 15.15 -45.48
CA TYR J 155 41.53 15.83 -44.46
C TYR J 155 40.04 15.55 -44.65
N ILE J 156 39.37 15.14 -43.59
CA ILE J 156 37.94 14.88 -43.63
C ILE J 156 37.21 16.16 -43.24
N LYS J 157 36.40 16.68 -44.15
CA LYS J 157 35.75 17.96 -43.96
C LYS J 157 34.55 17.82 -43.05
N PHE J 158 34.02 18.95 -42.62
CA PHE J 158 32.69 19.04 -42.03
C PHE J 158 31.96 20.20 -42.70
N ILE J 159 30.89 19.89 -43.42
CA ILE J 159 30.14 20.88 -44.18
C ILE J 159 28.77 21.04 -43.52
N ALA J 160 28.46 22.26 -43.09
CA ALA J 160 27.16 22.54 -42.50
C ALA J 160 26.07 22.41 -43.55
N ALA J 161 24.85 22.14 -43.07
CA ALA J 161 23.74 21.86 -43.98
C ALA J 161 23.45 23.05 -44.91
N GLU J 162 23.50 24.26 -44.37
CA GLU J 162 23.26 25.44 -45.20
C GLU J 162 24.36 25.65 -46.23
N ASP J 163 25.53 25.04 -46.04
CA ASP J 163 26.62 25.23 -46.98
C ASP J 163 26.40 24.45 -48.28
N ILE J 164 25.89 23.22 -48.18
CA ILE J 164 25.57 22.45 -49.39
C ILE J 164 24.36 23.12 -50.05
N LEU J 165 24.58 23.75 -51.19
CA LEU J 165 23.54 24.53 -51.84
C LEU J 165 23.18 24.04 -53.24
N ASN J 166 23.83 22.97 -53.72
CA ASN J 166 23.52 22.46 -55.04
C ASN J 166 23.97 21.01 -55.14
N TRP J 167 23.14 20.18 -55.77
CA TRP J 167 23.49 18.79 -56.04
C TRP J 167 22.62 18.29 -57.18
N ARG J 168 23.05 17.18 -57.79
CA ARG J 168 22.35 16.60 -58.92
C ARG J 168 22.37 15.08 -58.82
N GLU J 169 21.32 14.44 -59.34
CA GLU J 169 21.21 12.98 -59.36
C GLU J 169 20.96 12.54 -60.79
N ARG J 170 22.04 12.34 -61.54
CA ARG J 170 21.99 11.88 -62.92
C ARG J 170 22.34 10.39 -62.94
N TRP J 171 21.42 9.59 -63.46
CA TRP J 171 21.62 8.14 -63.50
C TRP J 171 22.56 7.77 -64.63
N VAL J 172 23.62 7.05 -64.29
CA VAL J 172 24.62 6.60 -65.25
C VAL J 172 24.56 5.08 -65.30
N ASN J 173 24.26 4.53 -66.47
CA ASN J 173 24.13 3.09 -66.66
C ASN J 173 23.15 2.48 -65.66
N GLY J 174 22.04 3.19 -65.44
CA GLY J 174 21.02 2.69 -64.54
C GLY J 174 21.41 2.64 -63.08
N ALA J 175 22.19 3.61 -62.60
CA ALA J 175 22.59 3.66 -61.20
C ALA J 175 22.47 5.08 -60.67
N LYS J 176 22.11 5.21 -59.40
CA LYS J 176 22.15 6.50 -58.72
C LYS J 176 23.59 6.99 -58.60
N ARG J 177 23.92 8.03 -59.35
CA ARG J 177 25.24 8.67 -59.27
C ARG J 177 25.04 10.15 -59.04
N THR J 178 25.75 10.69 -58.04
CA THR J 178 25.72 12.12 -57.75
C THR J 178 26.80 12.78 -58.62
N THR J 179 26.37 13.45 -59.68
CA THR J 179 27.31 14.02 -60.64
C THR J 179 27.82 15.39 -60.23
N LEU J 180 26.93 16.29 -59.82
CA LEU J 180 27.31 17.64 -59.41
C LEU J 180 27.01 17.83 -57.94
N LEU J 181 27.90 18.53 -57.24
CA LEU J 181 27.69 18.87 -55.83
C LEU J 181 28.54 20.07 -55.51
N VAL J 182 27.90 21.20 -55.19
CA VAL J 182 28.59 22.45 -54.89
C VAL J 182 28.22 22.87 -53.48
N PHE J 183 29.24 23.08 -52.64
CA PHE J 183 29.04 23.49 -51.26
C PHE J 183 29.90 24.71 -50.96
N ARG J 184 29.36 25.60 -50.14
CA ARG J 184 30.07 26.84 -49.82
C ARG J 184 31.10 26.59 -48.73
N GLU J 185 32.32 27.09 -48.95
CA GLU J 185 33.41 26.98 -47.99
C GLU J 185 33.68 28.38 -47.46
N GLU J 186 33.62 28.54 -46.15
CA GLU J 186 33.83 29.82 -45.50
C GLU J 186 35.20 29.82 -44.82
N SER J 187 35.88 30.96 -44.89
CA SER J 187 37.20 31.09 -44.29
C SER J 187 37.42 32.54 -43.88
N ASP J 188 38.41 32.74 -43.01
CA ASP J 188 38.77 34.06 -42.53
C ASP J 188 40.04 34.52 -43.21
N ALA J 189 40.02 35.74 -43.75
CA ALA J 189 41.18 36.27 -44.46
C ALA J 189 42.28 36.62 -43.46
N ASP J 190 43.49 36.12 -43.72
CA ASP J 190 44.64 36.40 -42.87
C ASP J 190 45.44 37.55 -43.47
N ASP J 191 44.88 38.75 -43.33
CA ASP J 191 45.56 39.95 -43.78
C ASP J 191 46.60 40.39 -42.75
N ASP J 192 47.34 41.45 -43.09
CA ASP J 192 48.35 41.96 -42.17
C ASP J 192 47.71 42.51 -40.89
N GLY J 193 46.60 43.24 -41.03
CA GLY J 193 45.96 43.81 -39.87
C GLY J 193 45.15 42.82 -39.07
N TYR J 194 44.72 43.26 -37.89
CA TYR J 194 43.90 42.42 -37.02
C TYR J 194 42.41 42.52 -37.34
N GLN J 195 42.02 43.39 -38.27
CA GLN J 195 40.62 43.51 -38.65
C GLN J 195 40.14 42.22 -39.29
N ILE J 196 38.96 41.76 -38.87
CA ILE J 196 38.42 40.49 -39.34
C ILE J 196 37.71 40.70 -40.67
N TYR J 197 38.13 39.96 -41.68
CA TYR J 197 37.47 39.97 -42.98
C TYR J 197 36.60 38.72 -43.10
N LYS J 198 36.01 38.52 -44.29
CA LYS J 198 35.17 37.34 -44.51
C LYS J 198 35.17 37.06 -46.01
N GLU J 199 35.93 36.05 -46.41
CA GLU J 199 35.99 35.60 -47.80
C GLU J 199 35.44 34.19 -47.91
N GLU J 200 34.76 33.92 -49.02
CA GLU J 200 34.10 32.64 -49.23
C GLU J 200 34.74 31.90 -50.40
N VAL J 201 34.75 30.58 -50.31
CA VAL J 201 35.27 29.70 -51.34
C VAL J 201 34.16 28.74 -51.74
N TRP J 202 34.02 28.52 -53.05
CA TRP J 202 33.02 27.59 -53.57
C TRP J 202 33.74 26.42 -54.25
N ARG J 203 33.40 25.20 -53.81
CA ARG J 203 33.97 23.99 -54.36
C ARG J 203 32.96 23.33 -55.29
N GLU J 204 33.38 23.07 -56.53
CA GLU J 204 32.53 22.45 -57.53
C GLU J 204 33.01 21.02 -57.75
N LEU J 205 32.24 20.05 -57.27
CA LEU J 205 32.56 18.63 -57.41
C LEU J 205 31.76 18.06 -58.57
N ARG J 206 32.45 17.56 -59.58
CA ARG J 206 31.82 17.06 -60.79
C ARG J 206 32.25 15.63 -61.06
N LEU J 207 31.34 14.87 -61.67
CA LEU J 207 31.58 13.46 -62.01
C LEU J 207 31.19 13.27 -63.46
N VAL J 208 32.19 13.16 -64.34
CA VAL J 208 31.97 12.91 -65.76
C VAL J 208 32.48 11.51 -66.09
N ASP J 209 31.66 10.76 -66.82
CA ASP J 209 31.90 9.36 -67.20
C ASP J 209 32.59 8.57 -66.08
N GLY J 210 32.07 8.68 -64.86
CA GLY J 210 32.65 7.95 -63.74
C GLY J 210 34.05 8.39 -63.37
N THR J 211 34.33 9.69 -63.43
CA THR J 211 35.62 10.22 -63.04
C THR J 211 35.40 11.49 -62.22
N TYR J 212 36.06 11.57 -61.07
CA TYR J 212 35.86 12.67 -60.13
C TYR J 212 36.72 13.87 -60.54
N TRP J 213 36.07 15.00 -60.80
CA TRP J 213 36.73 16.26 -61.07
C TRP J 213 36.31 17.29 -60.03
N GLN J 214 37.21 18.23 -59.73
CA GLN J 214 36.91 19.26 -58.75
C GLN J 214 37.64 20.55 -59.12
N ARG J 215 37.10 21.65 -58.63
CA ARG J 215 37.72 22.96 -58.78
C ARG J 215 37.20 23.87 -57.67
N THR J 216 37.92 24.96 -57.44
CA THR J 216 37.58 25.91 -56.39
C THR J 216 37.26 27.27 -56.99
N TRP J 217 36.29 27.95 -56.40
CA TRP J 217 35.89 29.30 -56.79
C TRP J 217 36.14 30.24 -55.63
N ARG J 218 36.78 31.37 -55.90
CA ARG J 218 37.07 32.37 -54.89
C ARG J 218 36.52 33.72 -55.31
N GLU J 219 36.13 34.52 -54.32
CA GLU J 219 35.55 35.83 -54.54
C GLU J 219 36.36 36.88 -53.78
N ASN J 220 36.62 38.01 -54.44
CA ASN J 220 37.29 39.13 -53.81
C ASN J 220 37.00 40.39 -54.63
N ASP J 221 36.51 41.44 -53.97
CA ASP J 221 36.17 42.70 -54.61
C ASP J 221 35.14 42.52 -55.72
N GLY J 222 34.22 41.57 -55.53
CA GLY J 222 33.20 41.32 -56.52
C GLY J 222 33.64 40.52 -57.73
N GLN J 223 34.89 40.06 -57.75
CA GLN J 223 35.43 39.31 -58.88
C GLN J 223 35.48 37.83 -58.53
N LEU J 224 35.15 36.99 -59.52
CA LEU J 224 35.13 35.54 -59.34
C LEU J 224 36.40 34.96 -59.95
N TYR J 225 37.20 34.30 -59.13
CA TYR J 225 38.41 33.62 -59.58
C TYR J 225 38.10 32.14 -59.79
N VAL J 226 38.48 31.62 -60.94
CA VAL J 226 38.21 30.24 -61.30
C VAL J 226 39.52 29.45 -61.28
N ASP J 227 39.41 28.16 -60.95
CA ASP J 227 40.55 27.27 -60.90
C ASP J 227 40.41 26.18 -61.95
N ASP J 228 41.55 25.73 -62.48
CA ASP J 228 41.55 24.72 -63.50
C ASP J 228 41.05 23.39 -62.95
N TRP J 229 40.37 22.62 -63.81
CA TRP J 229 39.85 21.32 -63.42
C TRP J 229 41.00 20.37 -63.10
N ILE J 230 40.87 19.67 -61.96
CA ILE J 230 41.86 18.70 -61.53
C ILE J 230 41.17 17.40 -61.20
N SER J 231 41.94 16.31 -61.26
CA SER J 231 41.45 14.96 -60.97
C SER J 231 42.28 14.34 -59.87
N PRO J 232 41.84 14.40 -58.61
CA PRO J 232 42.58 13.71 -57.54
C PRO J 232 42.62 12.20 -57.79
N THR J 233 43.75 11.61 -57.44
CA THR J 233 43.99 10.19 -57.69
C THR J 233 44.49 9.51 -56.43
N LYS J 234 44.19 8.22 -56.29
CA LYS J 234 44.64 7.43 -55.16
C LYS J 234 46.12 7.11 -55.30
N ALA J 235 46.68 6.54 -54.23
CA ALA J 235 48.09 6.14 -54.26
C ALA J 235 48.35 5.08 -55.32
N ASP J 236 47.45 4.09 -55.41
CA ASP J 236 47.58 3.08 -56.47
C ASP J 236 47.33 3.69 -57.84
N GLY J 237 46.38 4.61 -57.93
CA GLY J 237 46.06 5.25 -59.20
C GLY J 237 44.60 5.15 -59.56
N SER J 238 44.31 5.07 -60.86
CA SER J 238 42.95 4.91 -61.38
C SER J 238 42.04 6.07 -61.00
N GLN J 239 42.62 7.21 -60.64
CA GLN J 239 41.90 8.42 -60.30
C GLN J 239 40.82 8.14 -59.26
N PHE J 240 39.56 8.48 -59.56
CA PHE J 240 38.46 8.23 -58.65
C PHE J 240 37.20 7.90 -59.43
N ASP J 241 36.44 6.93 -58.95
CA ASP J 241 35.22 6.50 -59.62
C ASP J 241 33.99 7.22 -59.08
N GLU J 242 34.04 7.71 -57.85
CA GLU J 242 32.91 8.39 -57.23
C GLU J 242 33.39 9.64 -56.52
N ILE J 243 32.47 10.58 -56.32
CA ILE J 243 32.80 11.83 -55.64
C ILE J 243 32.95 11.55 -54.15
N PRO J 244 34.07 11.93 -53.53
CA PRO J 244 34.27 11.68 -52.09
C PRO J 244 33.48 12.65 -51.22
N PHE J 245 32.16 12.61 -51.35
CA PHE J 245 31.27 13.43 -50.55
C PHE J 245 30.05 12.59 -50.18
N VAL J 246 29.73 12.55 -48.88
CA VAL J 246 28.59 11.82 -48.37
C VAL J 246 27.72 12.79 -47.58
N ILE J 247 26.43 12.81 -47.87
CA ILE J 247 25.47 13.65 -47.16
C ILE J 247 24.69 12.76 -46.21
N PHE J 248 24.85 13.00 -44.92
CA PHE J 248 24.20 12.22 -43.88
C PHE J 248 23.05 13.00 -43.28
N GLY J 249 21.93 12.32 -43.04
CA GLY J 249 20.77 12.94 -42.47
C GLY J 249 20.09 12.02 -41.47
N SER J 250 19.01 12.52 -40.87
CA SER J 250 18.26 11.72 -39.90
C SER J 250 17.62 10.52 -40.57
N LYS J 251 17.10 10.69 -41.78
CA LYS J 251 16.41 9.60 -42.47
C LYS J 251 17.40 8.61 -43.07
N ASN J 252 18.23 9.06 -44.00
CA ASN J 252 19.17 8.19 -44.68
C ASN J 252 20.29 9.04 -45.28
N ASN J 253 21.35 8.36 -45.72
CA ASN J 253 22.50 9.02 -46.32
C ASN J 253 22.24 9.22 -47.82
N ASP J 254 21.36 10.17 -48.11
CA ASP J 254 20.97 10.48 -49.48
C ASP J 254 21.08 11.98 -49.70
N PRO J 255 21.34 12.41 -50.94
CA PRO J 255 21.36 13.85 -51.23
C PRO J 255 20.03 14.53 -51.01
N THR J 256 18.92 13.79 -51.05
CA THR J 256 17.62 14.39 -50.82
C THR J 256 17.48 14.84 -49.37
N ILE J 257 16.83 15.99 -49.18
CA ILE J 257 16.70 16.56 -47.84
C ILE J 257 15.74 15.73 -47.00
N ASP J 258 16.07 15.57 -45.73
CA ASP J 258 15.25 14.84 -44.78
C ASP J 258 14.63 15.82 -43.79
N MET J 259 13.41 15.52 -43.37
CA MET J 259 12.72 16.39 -42.42
C MET J 259 13.45 16.39 -41.08
N PRO J 260 13.73 17.55 -40.50
CA PRO J 260 14.40 17.59 -39.20
C PRO J 260 13.56 16.93 -38.12
N PRO J 261 14.19 16.17 -37.22
CA PRO J 261 13.42 15.50 -36.17
C PRO J 261 12.86 16.43 -35.12
N MET J 262 13.34 17.67 -35.05
CA MET J 262 13.00 18.59 -33.97
C MET J 262 11.97 19.64 -34.40
N ARG J 263 11.36 19.48 -35.57
CA ARG J 263 10.41 20.48 -36.05
C ARG J 263 9.18 20.57 -35.14
N ASP J 264 8.60 19.42 -34.80
CA ASP J 264 7.39 19.42 -33.98
C ASP J 264 7.68 19.95 -32.58
N LEU J 265 8.82 19.57 -32.00
CA LEU J 265 9.20 20.09 -30.69
C LEU J 265 9.43 21.59 -30.75
N VAL J 266 10.01 22.09 -31.84
CA VAL J 266 10.23 23.52 -31.98
C VAL J 266 8.89 24.27 -32.04
N GLU J 267 7.95 23.76 -32.82
CA GLU J 267 6.64 24.40 -32.88
C GLU J 267 5.93 24.37 -31.53
N LEU J 268 6.02 23.24 -30.83
CA LEU J 268 5.40 23.15 -29.50
C LEU J 268 6.05 24.13 -28.54
N ASN J 269 7.38 24.28 -28.61
CA ASN J 269 8.07 25.22 -27.74
C ASN J 269 7.66 26.65 -28.05
N ILE J 270 7.49 26.99 -29.33
CA ILE J 270 7.04 28.33 -29.69
C ILE J 270 5.64 28.60 -29.16
N ALA J 271 4.74 27.62 -29.30
CA ALA J 271 3.40 27.78 -28.77
C ALA J 271 3.40 27.96 -27.26
N HIS J 272 4.23 27.17 -26.56
CA HIS J 272 4.35 27.35 -25.12
C HIS J 272 4.94 28.70 -24.78
N PHE J 273 5.85 29.22 -25.61
CA PHE J 273 6.43 30.53 -25.35
C PHE J 273 5.38 31.63 -25.45
N ARG J 274 4.52 31.57 -26.46
CA ARG J 274 3.49 32.60 -26.58
C ARG J 274 2.45 32.45 -25.46
N ASN J 275 2.13 31.22 -25.07
CA ASN J 275 1.24 31.02 -23.93
C ASN J 275 1.86 31.58 -22.66
N SER J 276 3.17 31.41 -22.49
CA SER J 276 3.86 31.96 -21.34
C SER J 276 3.86 33.48 -21.36
N ALA J 277 3.99 34.07 -22.55
CA ALA J 277 3.88 35.53 -22.65
C ALA J 277 2.53 36.01 -22.14
N ASP J 278 1.46 35.36 -22.62
CA ASP J 278 0.12 35.73 -22.15
C ASP J 278 -0.03 35.54 -20.64
N TYR J 279 0.45 34.41 -20.13
CA TYR J 279 0.30 34.10 -18.72
C TYR J 279 1.09 35.08 -17.85
N GLU J 280 2.30 35.45 -18.29
CA GLU J 280 3.10 36.40 -17.54
C GLU J 280 2.48 37.78 -17.54
N GLU J 281 1.91 38.20 -18.67
CA GLU J 281 1.20 39.48 -18.69
C GLU J 281 0.02 39.47 -17.73
N ALA J 282 -0.75 38.38 -17.72
CA ALA J 282 -1.88 38.27 -16.80
C ALA J 282 -1.41 38.30 -15.35
N CYS J 283 -0.32 37.60 -15.05
CA CYS J 283 0.20 37.57 -13.69
C CYS J 283 0.69 38.94 -13.25
N PHE J 284 1.36 39.67 -14.15
CA PHE J 284 1.83 41.00 -13.81
C PHE J 284 0.66 41.95 -13.54
N ILE J 285 -0.38 41.89 -14.37
CA ILE J 285 -1.46 42.86 -14.24
C ILE J 285 -2.41 42.49 -13.11
N CYS J 286 -3.07 41.33 -13.23
CA CYS J 286 -4.15 40.96 -12.32
C CYS J 286 -3.69 40.08 -11.16
N GLY J 287 -2.39 39.80 -11.06
CA GLY J 287 -1.92 38.94 -9.98
C GLY J 287 -1.88 39.61 -8.62
N GLN J 288 -1.76 40.92 -8.59
CA GLN J 288 -1.67 41.65 -7.33
C GLN J 288 -3.07 41.91 -6.78
N PRO J 289 -3.34 41.54 -5.53
CA PRO J 289 -4.66 41.82 -4.95
C PRO J 289 -4.90 43.32 -4.77
N THR J 290 -6.16 43.71 -4.88
CA THR J 290 -6.58 45.10 -4.78
C THR J 290 -7.77 45.22 -3.83
N LEU J 291 -7.86 46.37 -3.15
CA LEU J 291 -8.88 46.54 -2.13
C LEU J 291 -10.29 46.56 -2.71
N PHE J 292 -10.50 47.38 -3.73
CA PHE J 292 -11.81 47.51 -4.38
C PHE J 292 -12.90 47.89 -3.37
N LEU J 293 -12.75 49.07 -2.79
CA LEU J 293 -13.70 49.57 -1.80
C LEU J 293 -14.95 50.05 -2.52
N SER J 294 -15.97 49.20 -2.58
CA SER J 294 -17.23 49.56 -3.22
C SER J 294 -18.15 50.28 -2.24
N GLY J 295 -19.12 50.98 -2.79
CA GLY J 295 -20.05 51.74 -1.97
C GLY J 295 -19.41 52.87 -1.21
N LEU J 296 -18.50 53.61 -1.85
CA LEU J 296 -17.74 54.66 -1.20
C LEU J 296 -18.08 56.00 -1.84
N THR J 297 -18.23 57.03 -1.01
CA THR J 297 -18.55 58.37 -1.46
C THR J 297 -17.32 59.27 -1.39
N GLU J 298 -17.25 60.23 -2.30
CA GLU J 298 -16.11 61.14 -2.34
C GLU J 298 -16.01 61.96 -1.06
N HIS J 299 -17.16 62.34 -0.49
CA HIS J 299 -17.14 63.08 0.76
C HIS J 299 -16.46 62.28 1.86
N TRP J 300 -16.80 60.99 1.97
CA TRP J 300 -16.17 60.13 2.96
C TRP J 300 -14.68 59.99 2.70
N VAL J 301 -14.30 59.82 1.43
CA VAL J 301 -12.89 59.67 1.07
C VAL J 301 -12.11 60.90 1.55
N LYS J 302 -12.59 62.09 1.21
CA LYS J 302 -11.90 63.30 1.61
C LYS J 302 -11.95 63.51 3.12
N ASN J 303 -13.02 63.08 3.77
CA ASN J 303 -13.14 63.31 5.21
C ASN J 303 -12.17 62.47 6.01
N VAL J 304 -12.09 61.17 5.73
CA VAL J 304 -11.28 60.26 6.53
C VAL J 304 -10.12 59.66 5.73
N LEU J 305 -10.43 59.11 4.54
CA LEU J 305 -9.37 58.46 3.77
C LEU J 305 -8.35 59.46 3.26
N GLY J 306 -8.82 60.54 2.64
CA GLY J 306 -7.92 61.56 2.13
C GLY J 306 -6.95 61.07 1.09
N GLY J 307 -7.37 60.14 0.24
CA GLY J 307 -6.47 59.58 -0.76
C GLY J 307 -5.31 58.81 -0.17
N ALA J 308 -5.51 58.16 0.96
CA ALA J 308 -4.44 57.38 1.60
C ALA J 308 -5.09 56.39 2.55
N VAL J 309 -4.87 55.10 2.32
CA VAL J 309 -5.44 54.03 3.13
C VAL J 309 -4.30 53.30 3.82
N VAL J 310 -4.36 53.23 5.15
CA VAL J 310 -3.40 52.45 5.92
C VAL J 310 -3.86 51.01 5.95
N ILE J 311 -2.97 50.10 5.53
CA ILE J 311 -3.32 48.71 5.31
C ILE J 311 -2.60 47.77 6.27
N GLY J 312 -1.81 48.31 7.20
CA GLY J 312 -1.17 47.48 8.18
C GLY J 312 -2.16 46.92 9.19
N SER J 313 -1.72 45.88 9.90
CA SER J 313 -2.56 45.29 10.92
C SER J 313 -2.68 46.17 12.16
N ARG J 314 -1.83 47.19 12.30
CA ARG J 314 -1.93 48.08 13.45
C ARG J 314 -3.13 49.01 13.34
N ASP J 315 -3.52 49.38 12.13
CA ASP J 315 -4.58 50.37 11.92
C ASP J 315 -5.80 49.72 11.31
N ALA J 316 -6.97 50.22 11.70
CA ALA J 316 -8.26 49.79 11.18
C ALA J 316 -8.89 50.91 10.38
N VAL J 317 -9.43 50.57 9.21
CA VAL J 317 -10.00 51.55 8.29
C VAL J 317 -11.52 51.47 8.36
N PRO J 318 -12.22 52.56 8.64
CA PRO J 318 -13.68 52.52 8.67
C PRO J 318 -14.30 52.89 7.32
N LEU J 319 -15.49 52.37 7.10
CA LEU J 319 -16.24 52.58 5.87
C LEU J 319 -17.68 52.95 6.21
N PRO J 320 -18.36 53.66 5.31
CA PRO J 320 -19.78 53.99 5.56
C PRO J 320 -20.68 52.79 5.47
N VAL J 321 -21.99 53.00 5.62
CA VAL J 321 -22.94 51.90 5.60
C VAL J 321 -23.03 51.31 4.19
N ASN J 322 -23.38 50.04 4.13
CA ASN J 322 -23.56 49.32 2.86
C ASN J 322 -22.31 49.39 2.00
N ALA J 323 -21.15 49.30 2.63
CA ALA J 323 -19.86 49.31 1.94
C ALA J 323 -19.23 47.93 2.07
N LYS J 324 -18.87 47.34 0.94
CA LYS J 324 -18.31 46.00 0.90
C LYS J 324 -16.88 46.02 0.38
N PRO J 325 -15.88 45.88 1.24
CA PRO J 325 -14.51 45.73 0.74
C PRO J 325 -14.25 44.29 0.30
N GLU J 326 -13.63 44.14 -0.87
CA GLU J 326 -13.43 42.82 -1.45
C GLU J 326 -12.09 42.78 -2.14
N LEU J 327 -11.13 42.05 -1.56
CA LEU J 327 -9.85 41.83 -2.21
C LEU J 327 -10.04 40.99 -3.46
N LEU J 328 -9.54 41.49 -4.59
CA LEU J 328 -9.72 40.83 -5.88
C LEU J 328 -8.35 40.55 -6.48
N GLN J 329 -8.14 39.30 -6.88
CA GLN J 329 -6.94 38.92 -7.62
C GLN J 329 -7.26 37.68 -8.43
N ALA J 330 -6.53 37.50 -9.53
CA ALA J 330 -6.74 36.33 -10.38
C ALA J 330 -6.34 35.06 -9.64
N GLU J 331 -7.26 34.12 -9.55
CA GLU J 331 -7.01 32.88 -8.83
C GLU J 331 -6.16 31.93 -9.68
N GLY J 332 -5.70 30.86 -9.04
CA GLY J 332 -4.86 29.89 -9.71
C GLY J 332 -5.66 28.94 -10.58
N ASN J 333 -4.95 27.97 -11.15
CA ASN J 333 -5.53 26.98 -12.04
C ASN J 333 -6.24 27.64 -13.23
N GLY J 334 -5.65 28.72 -13.73
CA GLY J 334 -6.19 29.37 -14.91
C GLY J 334 -6.06 28.50 -16.15
N MET J 335 -6.96 28.73 -17.10
CA MET J 335 -6.99 27.88 -18.28
C MET J 335 -5.79 28.14 -19.19
N VAL J 336 -5.19 29.33 -19.10
CA VAL J 336 -3.92 29.56 -19.78
C VAL J 336 -2.83 28.68 -19.19
N LYS J 337 -2.77 28.59 -17.86
CA LYS J 337 -1.82 27.70 -17.21
C LYS J 337 -2.11 26.25 -17.55
N GLU J 338 -3.39 25.90 -17.68
CA GLU J 338 -3.76 24.56 -18.10
C GLU J 338 -3.25 24.25 -19.50
N ALA J 339 -3.37 25.22 -20.41
CA ALA J 339 -2.84 25.03 -21.76
C ALA J 339 -1.32 24.88 -21.74
N MET J 340 -0.64 25.68 -20.91
CA MET J 340 0.81 25.55 -20.80
C MET J 340 1.22 24.18 -20.28
N ASP J 341 0.51 23.69 -19.26
CA ASP J 341 0.79 22.35 -18.73
C ASP J 341 0.53 21.29 -19.78
N GLN J 342 -0.53 21.45 -20.56
CA GLN J 342 -0.82 20.49 -21.63
C GLN J 342 0.30 20.48 -22.66
N LYS J 343 0.81 21.67 -23.02
CA LYS J 343 1.90 21.73 -24.00
C LYS J 343 3.17 21.11 -23.45
N GLU J 344 3.47 21.34 -22.17
CA GLU J 344 4.63 20.70 -21.56
C GLU J 344 4.48 19.18 -21.56
N ARG J 345 3.29 18.69 -21.21
CA ARG J 345 3.03 17.26 -21.23
C ARG J 345 3.18 16.70 -22.64
N GLN J 346 2.73 17.43 -23.65
CA GLN J 346 2.88 16.98 -25.03
C GLN J 346 4.35 16.92 -25.44
N MET J 347 5.14 17.91 -25.02
CA MET J 347 6.58 17.85 -25.31
C MET J 347 7.22 16.63 -24.65
N VAL J 348 6.87 16.36 -23.38
CA VAL J 348 7.41 15.17 -22.72
C VAL J 348 6.98 13.92 -23.46
N ALA J 349 5.73 13.88 -23.90
CA ALA J 349 5.18 12.69 -24.55
C ALA J 349 5.67 12.52 -25.98
N LEU J 350 6.27 13.55 -26.57
CA LEU J 350 6.76 13.48 -27.94
C LEU J 350 8.12 12.82 -28.04
N GLY J 351 8.48 11.99 -27.06
CA GLY J 351 9.76 11.30 -27.09
C GLY J 351 10.94 12.22 -26.93
N ALA J 352 10.83 13.22 -26.06
CA ALA J 352 11.88 14.20 -25.86
C ALA J 352 12.41 14.09 -24.43
N LYS J 353 13.73 14.03 -24.31
CA LYS J 353 14.41 14.07 -23.02
C LYS J 353 14.60 15.50 -22.54
N LEU J 354 13.76 16.41 -23.03
CA LEU J 354 13.91 17.83 -22.72
C LEU J 354 13.78 18.12 -21.24
N ILE J 355 12.83 17.46 -20.57
CA ILE J 355 12.68 17.63 -19.12
C ILE J 355 12.46 16.28 -18.45
N ASP J 356 12.76 16.26 -17.16
CA ASP J 356 12.52 15.13 -16.28
C ASP J 356 11.71 15.59 -15.08
N SER J 357 10.85 14.72 -14.57
CA SER J 357 9.96 15.06 -13.47
C SER J 357 10.25 14.15 -12.30
N ASP J 358 10.53 14.75 -11.13
CA ASP J 358 10.74 13.97 -9.93
C ASP J 358 9.45 13.39 -9.39
N LYS J 359 8.34 14.09 -9.57
CA LYS J 359 7.05 13.61 -9.09
C LYS J 359 6.65 12.32 -9.80
N THR J 360 6.88 12.25 -11.12
CA THR J 360 6.50 11.07 -11.89
C THR J 360 7.34 9.87 -11.47
N GLN J 361 6.68 8.72 -11.35
CA GLN J 361 7.35 7.46 -10.99
C GLN J 361 7.08 6.43 -12.08
N ARG J 362 8.09 5.65 -12.42
CA ARG J 362 7.99 4.64 -13.45
C ARG J 362 8.41 3.29 -12.89
N THR J 363 7.57 2.28 -13.12
CA THR J 363 7.88 0.92 -12.69
C THR J 363 9.01 0.35 -13.54
N PHE J 364 9.99 -0.26 -12.88
CA PHE J 364 11.11 -0.86 -13.59
C PHE J 364 10.62 -2.02 -14.45
N GLY J 365 11.19 -2.13 -15.65
CA GLY J 365 10.80 -3.14 -16.60
C GLY J 365 9.75 -2.70 -17.60
N GLU J 366 9.01 -1.64 -17.29
CA GLU J 366 8.05 -1.11 -18.26
C GLU J 366 8.76 -0.40 -19.40
N ALA J 367 9.74 0.44 -19.07
CA ALA J 367 10.45 1.21 -20.09
C ALA J 367 11.32 0.33 -20.97
N SER J 368 11.62 -0.90 -20.56
CA SER J 368 12.41 -1.79 -21.39
C SER J 368 11.68 -2.17 -22.67
N MET J 369 10.34 -2.24 -22.62
CA MET J 369 9.57 -2.53 -23.82
C MET J 369 9.60 -1.37 -24.80
N GLU J 370 9.51 -0.14 -24.31
CA GLU J 370 9.44 1.02 -25.19
C GLU J 370 10.82 1.55 -25.57
N ALA J 371 11.90 1.08 -24.94
CA ALA J 371 13.22 1.62 -25.20
C ALA J 371 13.58 1.56 -26.68
N ALA J 372 13.08 0.56 -27.41
CA ALA J 372 13.33 0.51 -28.85
C ALA J 372 12.69 1.69 -29.56
N ALA J 373 11.47 2.05 -29.18
CA ALA J 373 10.77 3.14 -29.85
C ALA J 373 11.31 4.51 -29.41
N GLN J 374 11.62 4.67 -28.13
CA GLN J 374 12.10 5.96 -27.64
C GLN J 374 13.42 6.35 -28.27
N ASN J 375 14.34 5.39 -28.39
CA ASN J 375 15.66 5.63 -28.98
C ASN J 375 15.69 5.40 -30.48
N SER J 376 14.54 5.53 -31.15
CA SER J 376 14.49 5.27 -32.59
C SER J 376 15.31 6.29 -33.37
N VAL J 377 15.10 7.58 -33.10
CA VAL J 377 15.86 8.62 -33.78
C VAL J 377 17.33 8.54 -33.37
N LEU J 378 17.60 8.21 -32.11
CA LEU J 378 18.98 8.05 -31.66
C LEU J 378 19.68 6.96 -32.46
N SER J 379 19.04 5.79 -32.57
CA SER J 379 19.65 4.68 -33.31
C SER J 379 19.82 5.03 -34.78
N ARG J 380 18.81 5.66 -35.38
CA ARG J 380 18.89 5.99 -36.79
C ARG J 380 20.04 6.96 -37.06
N VAL J 381 20.16 8.01 -36.26
CA VAL J 381 21.24 8.97 -36.43
C VAL J 381 22.59 8.31 -36.18
N SER J 382 22.66 7.44 -35.17
CA SER J 382 23.91 6.75 -34.87
C SER J 382 24.38 5.93 -36.06
N LYS J 383 23.48 5.11 -36.62
CA LYS J 383 23.87 4.30 -37.78
C LYS J 383 24.21 5.17 -38.97
N ASN J 384 23.44 6.23 -39.23
CA ASN J 384 23.72 7.07 -40.40
C ASN J 384 25.09 7.71 -40.30
N VAL J 385 25.42 8.28 -39.13
CA VAL J 385 26.74 8.88 -38.94
C VAL J 385 27.82 7.81 -38.99
N SER J 386 27.55 6.61 -38.48
CA SER J 386 28.52 5.54 -38.54
C SER J 386 28.88 5.19 -39.98
N ASP J 387 27.87 5.01 -40.84
CA ASP J 387 28.17 4.70 -42.23
C ASP J 387 28.83 5.87 -42.94
N ALA J 388 28.42 7.10 -42.63
CA ALA J 388 29.04 8.26 -43.25
C ALA J 388 30.53 8.33 -42.92
N TYR J 389 30.87 8.15 -41.65
CA TYR J 389 32.28 8.22 -41.25
C TYR J 389 33.06 7.00 -41.73
N THR J 390 32.42 5.84 -41.82
CA THR J 390 33.08 4.68 -42.40
C THR J 390 33.42 4.93 -43.87
N LYS J 391 32.50 5.50 -44.62
CA LYS J 391 32.77 5.82 -46.02
C LYS J 391 33.88 6.86 -46.14
N ALA J 392 33.86 7.88 -45.27
CA ALA J 392 34.91 8.89 -45.29
C ALA J 392 36.28 8.27 -45.00
N LEU J 393 36.34 7.38 -44.00
CA LEU J 393 37.60 6.74 -43.66
C LEU J 393 38.08 5.82 -44.78
N ARG J 394 37.15 5.14 -45.46
CA ARG J 394 37.54 4.31 -46.59
C ARG J 394 38.09 5.17 -47.73
N TRP J 395 37.49 6.34 -47.96
CA TRP J 395 38.01 7.24 -48.98
C TRP J 395 39.41 7.75 -48.60
N ALA J 396 39.62 8.06 -47.31
CA ALA J 396 40.93 8.47 -46.86
C ALA J 396 41.95 7.35 -47.03
N ALA J 397 41.56 6.11 -46.74
CA ALA J 397 42.44 4.97 -46.94
C ALA J 397 42.78 4.79 -48.41
N MET J 398 41.80 5.00 -49.29
CA MET J 398 42.08 4.99 -50.72
C MET J 398 43.09 6.06 -51.09
N PHE J 399 42.94 7.25 -50.49
CA PHE J 399 43.88 8.34 -50.74
C PHE J 399 45.30 7.94 -50.32
N LEU J 400 45.43 7.30 -49.16
CA LEU J 400 46.73 6.88 -48.65
C LEU J 400 47.12 5.47 -49.10
N GLY J 401 46.26 4.78 -49.82
CA GLY J 401 46.56 3.41 -50.22
C GLY J 401 46.69 2.47 -49.05
N LEU J 402 45.86 2.65 -48.03
CA LEU J 402 45.91 1.87 -46.80
C LEU J 402 44.91 0.72 -46.86
N ASP J 403 44.73 0.04 -45.73
CA ASP J 403 43.78 -1.06 -45.64
C ASP J 403 42.36 -0.53 -45.78
N GLU J 404 41.54 -1.27 -46.52
CA GLU J 404 40.18 -0.83 -46.83
C GLU J 404 39.15 -1.32 -45.82
N LYS J 405 39.35 -2.50 -45.24
CA LYS J 405 38.38 -3.07 -44.31
C LYS J 405 38.51 -2.41 -42.94
N ILE J 406 38.08 -1.15 -42.89
CA ILE J 406 38.05 -0.38 -41.65
C ILE J 406 36.61 0.04 -41.37
N GLU J 407 36.32 0.24 -40.10
CA GLU J 407 34.98 0.59 -39.67
C GLU J 407 35.04 1.64 -38.55
N TYR J 408 33.99 2.45 -38.47
CA TYR J 408 33.85 3.45 -37.41
C TYR J 408 32.40 3.40 -36.94
N GLU J 409 32.18 2.85 -35.76
CA GLU J 409 30.83 2.66 -35.23
C GLU J 409 30.71 3.42 -33.92
N LEU J 410 29.65 4.23 -33.82
CA LEU J 410 29.37 4.97 -32.59
C LEU J 410 28.60 4.08 -31.61
N ASN J 411 28.40 4.60 -30.40
CA ASN J 411 27.72 3.84 -29.36
C ASN J 411 26.27 3.61 -29.75
N SER J 412 25.95 2.38 -30.18
CA SER J 412 24.58 2.02 -30.52
C SER J 412 23.80 1.46 -29.33
N ASP J 413 24.45 1.25 -28.19
CA ASP J 413 23.79 0.76 -26.99
C ASP J 413 23.53 1.96 -26.07
N PHE J 414 22.29 2.44 -26.08
CA PHE J 414 21.91 3.61 -25.31
C PHE J 414 21.52 3.18 -23.89
N ASP J 415 21.09 4.15 -23.08
CA ASP J 415 20.76 3.90 -21.67
C ASP J 415 21.93 3.25 -20.94
N ILE J 416 23.13 3.74 -21.23
CA ILE J 416 24.36 3.16 -20.68
C ILE J 416 24.52 3.57 -19.22
N ASN J 417 24.90 2.61 -18.38
CA ASN J 417 25.13 2.85 -16.97
C ASN J 417 26.25 1.96 -16.48
N LYS J 418 26.68 2.19 -15.24
CA LYS J 418 27.73 1.38 -14.65
C LYS J 418 27.28 -0.08 -14.53
N MET J 419 28.15 -1.00 -14.92
CA MET J 419 27.80 -2.41 -14.91
C MET J 419 27.79 -2.95 -13.48
N SER J 420 26.87 -3.88 -13.24
CA SER J 420 26.69 -4.47 -11.93
C SER J 420 27.72 -5.58 -11.68
N PRO J 421 27.98 -5.89 -10.41
CA PRO J 421 28.89 -7.01 -10.12
C PRO J 421 28.47 -8.32 -10.77
N GLU J 422 27.17 -8.60 -10.80
CA GLU J 422 26.69 -9.80 -11.49
C GLU J 422 26.97 -9.72 -12.98
N GLU J 423 26.78 -8.55 -13.58
CA GLU J 423 27.11 -8.37 -14.98
C GLU J 423 28.61 -8.55 -15.23
N LEU J 424 29.44 -8.05 -14.31
CA LEU J 424 30.87 -8.23 -14.44
C LEU J 424 31.25 -9.71 -14.39
N ALA J 425 30.69 -10.45 -13.44
CA ALA J 425 30.95 -11.89 -13.38
C ALA J 425 30.49 -12.58 -14.65
N ALA J 426 29.33 -12.16 -15.19
CA ALA J 426 28.81 -12.77 -16.41
C ALA J 426 29.75 -12.53 -17.59
N VAL J 427 30.25 -11.31 -17.75
CA VAL J 427 31.12 -11.06 -18.90
C VAL J 427 32.47 -11.76 -18.71
N ILE J 428 32.97 -11.86 -17.47
CA ILE J 428 34.21 -12.60 -17.25
C ILE J 428 34.01 -14.08 -17.60
N SER J 429 32.89 -14.66 -17.18
CA SER J 429 32.60 -16.05 -17.50
C SER J 429 32.46 -16.26 -19.00
N ALA J 430 31.82 -15.30 -19.68
CA ALA J 430 31.68 -15.40 -21.13
C ALA J 430 33.03 -15.33 -21.83
N TRP J 431 33.93 -14.47 -21.35
CA TRP J 431 35.26 -14.40 -21.94
C TRP J 431 36.04 -15.69 -21.69
N GLN J 432 35.87 -16.29 -20.52
CA GLN J 432 36.55 -17.56 -20.23
C GLN J 432 36.12 -18.67 -21.18
N SER J 433 34.94 -18.55 -21.77
CA SER J 433 34.50 -19.44 -22.84
C SER J 433 34.81 -18.80 -24.19
N ASN J 434 34.74 -19.60 -25.24
CA ASN J 434 35.04 -19.14 -26.60
C ASN J 434 33.80 -18.52 -27.23
N ALA J 435 33.29 -17.47 -26.58
CA ALA J 435 32.08 -16.81 -27.06
C ALA J 435 32.26 -15.30 -27.15
N ILE J 436 33.10 -14.73 -26.28
CA ILE J 436 33.38 -13.30 -26.28
C ILE J 436 34.88 -13.10 -26.45
N SER J 437 35.25 -12.24 -27.39
CA SER J 437 36.65 -11.94 -27.63
C SER J 437 37.24 -11.19 -26.43
N PHE J 438 38.55 -11.34 -26.25
CA PHE J 438 39.23 -10.64 -25.16
C PHE J 438 39.08 -9.13 -25.31
N THR J 439 39.26 -8.62 -26.53
CA THR J 439 39.02 -7.20 -26.78
C THR J 439 37.54 -6.88 -26.64
N GLU J 440 36.66 -7.82 -26.98
CA GLU J 440 35.23 -7.60 -26.77
C GLU J 440 34.91 -7.46 -25.28
N MET J 441 35.50 -8.32 -24.44
CA MET J 441 35.28 -8.19 -23.00
C MET J 441 35.89 -6.91 -22.46
N ARG J 442 37.05 -6.51 -23.00
CA ARG J 442 37.64 -5.23 -22.59
C ARG J 442 36.73 -4.06 -22.95
N TRP J 443 36.14 -4.09 -24.15
CA TRP J 443 35.21 -3.04 -24.55
C TRP J 443 33.97 -3.05 -23.67
N GLN J 444 33.49 -4.24 -23.31
CA GLN J 444 32.38 -4.34 -22.35
C GLN J 444 32.72 -3.66 -21.03
N ILE J 445 33.88 -3.99 -20.48
CA ILE J 445 34.26 -3.51 -19.16
C ILE J 445 34.58 -2.02 -19.20
N LYS J 446 35.00 -1.50 -20.35
CA LYS J 446 35.20 -0.07 -20.50
C LYS J 446 33.87 0.66 -20.66
N LYS J 447 32.89 0.04 -21.33
CA LYS J 447 31.58 0.66 -21.47
C LYS J 447 30.90 0.83 -20.12
N GLY J 448 31.07 -0.14 -19.22
CA GLY J 448 30.51 -0.07 -17.90
C GLY J 448 31.27 0.79 -16.91
N GLY J 449 32.29 1.50 -17.38
CA GLY J 449 33.08 2.35 -16.50
C GLY J 449 33.87 1.58 -15.46
N ARG J 450 34.44 0.44 -15.84
CA ARG J 450 35.18 -0.39 -14.93
C ARG J 450 36.66 -0.54 -15.30
N ALA J 451 37.11 0.09 -16.38
CA ALA J 451 38.50 0.02 -16.78
C ALA J 451 38.82 1.23 -17.66
N TYR J 452 40.07 1.66 -17.61
CA TYR J 452 40.47 2.83 -18.38
C TYR J 452 41.71 2.57 -19.22
N LEU J 453 42.60 1.69 -18.75
CA LEU J 453 43.81 1.39 -19.49
C LEU J 453 43.48 0.65 -20.78
N GLU J 454 44.34 0.83 -21.78
CA GLU J 454 44.17 0.16 -23.06
C GLU J 454 44.39 -1.34 -22.90
N ASP J 455 43.88 -2.10 -23.88
CA ASP J 455 44.03 -3.56 -23.83
C ASP J 455 45.50 -3.96 -23.90
N GLU J 456 46.29 -3.27 -24.73
CA GLU J 456 47.70 -3.61 -24.85
C GLU J 456 48.46 -3.35 -23.55
N ASP J 457 48.15 -2.24 -22.87
CA ASP J 457 48.80 -1.96 -21.60
C ASP J 457 48.46 -3.01 -20.55
N MET J 458 47.19 -3.42 -20.49
CA MET J 458 46.79 -4.47 -19.56
C MET J 458 47.50 -5.78 -19.88
N ARG J 459 47.58 -6.13 -21.16
CA ARG J 459 48.28 -7.36 -21.55
C ARG J 459 49.75 -7.30 -21.15
N ASN J 460 50.39 -6.15 -21.39
CA ASN J 460 51.81 -6.02 -21.06
C ASN J 460 52.04 -6.13 -19.56
N GLU J 461 51.16 -5.52 -18.76
CA GLU J 461 51.36 -5.58 -17.31
C GLU J 461 51.04 -6.97 -16.76
N SER J 462 50.02 -7.63 -17.30
CA SER J 462 49.66 -8.96 -16.84
C SER J 462 50.55 -10.06 -17.41
N GLU J 463 51.42 -9.74 -18.36
CA GLU J 463 52.35 -10.73 -18.88
C GLU J 463 53.31 -11.19 -17.80
N GLN J 464 53.77 -10.27 -16.96
CA GLN J 464 54.72 -10.62 -15.91
C GLN J 464 54.03 -11.40 -14.80
N ASP J 465 54.85 -11.90 -13.86
CA ASP J 465 54.35 -12.72 -12.77
C ASP J 465 53.53 -11.89 -11.80
N ASP J 466 52.69 -12.59 -11.03
CA ASP J 466 51.88 -11.92 -10.02
C ASP J 466 52.77 -11.40 -8.90
N PRO J 467 52.35 -10.31 -8.24
CA PRO J 467 53.14 -9.80 -7.11
C PRO J 467 53.26 -10.81 -5.98
N LEU J 468 52.12 -11.29 -5.48
CA LEU J 468 52.06 -12.23 -4.37
C LEU J 468 52.87 -11.73 -3.17
N ASP K 3 -10.13 6.30 -69.71
CA ASP K 3 -9.16 5.41 -70.32
C ASP K 3 -8.25 6.16 -71.29
N SER K 4 -6.94 5.97 -71.14
CA SER K 4 -5.96 6.62 -71.99
C SER K 4 -4.92 5.61 -72.44
N ASN K 5 -4.44 5.77 -73.66
CA ASN K 5 -3.43 4.89 -74.24
C ASN K 5 -2.02 5.40 -74.04
N ASN K 6 -1.84 6.54 -73.38
CA ASN K 6 -0.52 7.10 -73.16
C ASN K 6 0.22 6.31 -72.08
N ILE K 7 1.55 6.39 -72.13
CA ILE K 7 2.37 5.74 -71.12
C ILE K 7 2.21 6.41 -69.76
N LYS K 8 1.71 7.64 -69.72
CA LYS K 8 1.50 8.37 -68.48
C LYS K 8 0.18 8.04 -67.81
N TYR K 9 -0.62 7.16 -68.40
CA TYR K 9 -1.93 6.84 -67.84
C TYR K 9 -1.79 6.19 -66.48
N VAL K 10 -2.62 6.64 -65.53
CA VAL K 10 -2.59 6.17 -64.15
C VAL K 10 -3.88 5.42 -63.88
N ARG K 11 -3.76 4.29 -63.20
CA ARG K 11 -4.93 3.47 -62.87
C ARG K 11 -5.87 4.25 -61.95
N GLU K 12 -7.16 3.97 -62.08
CA GLU K 12 -8.17 4.75 -61.36
C GLU K 12 -8.03 4.60 -59.86
N ASP K 13 -7.76 3.39 -59.38
CA ASP K 13 -7.61 3.18 -57.94
C ASP K 13 -6.39 3.92 -57.38
N ALA K 14 -5.33 4.03 -58.17
CA ALA K 14 -4.19 4.84 -57.75
C ALA K 14 -4.58 6.31 -57.60
N LYS K 15 -5.38 6.82 -58.53
CA LYS K 15 -5.86 8.20 -58.41
C LYS K 15 -6.74 8.35 -57.17
N LYS K 16 -7.58 7.36 -56.89
CA LYS K 16 -8.42 7.41 -55.70
C LYS K 16 -7.58 7.44 -54.42
N MET K 17 -6.53 6.63 -54.36
CA MET K 17 -5.66 6.58 -53.19
C MET K 17 -4.68 7.73 -53.12
N HIS K 18 -4.54 8.50 -54.20
CA HIS K 18 -3.62 9.63 -54.19
C HIS K 18 -3.97 10.64 -53.11
N LYS K 19 -5.26 10.86 -52.86
CA LYS K 19 -5.66 11.84 -51.85
C LYS K 19 -5.21 11.39 -50.46
N LEU K 20 -5.45 10.13 -50.12
CA LEU K 20 -5.01 9.61 -48.83
C LEU K 20 -3.49 9.62 -48.72
N TRP K 21 -2.79 9.27 -49.80
CA TRP K 21 -1.34 9.28 -49.79
C TRP K 21 -0.82 10.70 -49.54
N ALA K 22 -1.41 11.69 -50.20
CA ALA K 22 -0.99 13.07 -50.00
C ALA K 22 -1.26 13.54 -48.58
N HIS K 23 -2.42 13.18 -48.04
CA HIS K 23 -2.74 13.57 -46.66
C HIS K 23 -1.74 12.95 -45.69
N ILE K 24 -1.39 11.69 -45.89
CA ILE K 24 -0.42 11.03 -45.02
C ILE K 24 0.95 11.69 -45.18
N ARG K 25 1.32 12.08 -46.40
CA ARG K 25 2.59 12.75 -46.60
C ARG K 25 2.64 14.09 -45.87
N MET K 26 1.55 14.85 -45.92
CA MET K 26 1.50 16.10 -45.16
C MET K 26 1.58 15.83 -43.66
N ALA K 27 0.94 14.74 -43.19
CA ALA K 27 1.02 14.40 -41.79
C ALA K 27 2.46 14.08 -41.38
N MET K 28 3.18 13.32 -42.21
CA MET K 28 4.58 13.04 -41.93
C MET K 28 5.44 14.30 -41.98
N GLU K 29 5.13 15.22 -42.90
CA GLU K 29 5.99 16.37 -43.12
C GLU K 29 6.12 17.23 -41.87
N GLY K 30 5.02 17.48 -41.19
CA GLY K 30 5.06 18.20 -39.94
C GLY K 30 3.95 19.23 -39.88
N SER K 31 4.19 20.26 -39.08
CA SER K 31 3.17 21.30 -38.87
C SER K 31 3.06 22.23 -40.07
N ARG K 32 4.19 22.50 -40.75
CA ARG K 32 4.17 23.48 -41.84
C ARG K 32 3.24 23.04 -42.95
N ALA K 33 3.29 21.76 -43.35
CA ALA K 33 2.40 21.29 -44.40
C ALA K 33 0.96 21.29 -43.95
N ILE K 34 0.70 20.99 -42.67
CA ILE K 34 -0.67 20.97 -42.17
C ILE K 34 -1.27 22.37 -42.20
N LYS K 35 -0.52 23.36 -41.71
CA LYS K 35 -1.02 24.72 -41.71
C LYS K 35 -1.03 25.34 -43.11
N ASP K 36 -0.24 24.79 -44.03
CA ASP K 36 -0.28 25.29 -45.40
C ASP K 36 -1.60 24.93 -46.07
N ASN K 37 -2.03 23.67 -45.94
CA ASN K 37 -3.29 23.18 -46.51
C ASN K 37 -4.39 23.11 -45.46
N ALA K 38 -4.41 24.07 -44.52
CA ALA K 38 -5.36 24.02 -43.42
C ALA K 38 -6.81 24.15 -43.90
N LYS K 39 -7.04 24.66 -45.11
CA LYS K 39 -8.39 24.74 -45.64
C LYS K 39 -9.01 23.36 -45.79
N GLU K 40 -8.20 22.38 -46.23
CA GLU K 40 -8.72 21.04 -46.40
C GLU K 40 -9.06 20.37 -45.06
N PHE K 41 -8.29 20.67 -44.01
CA PHE K 41 -8.43 19.99 -42.74
C PHE K 41 -9.37 20.73 -41.79
N VAL K 42 -9.08 22.00 -41.50
CA VAL K 42 -9.87 22.78 -40.54
C VAL K 42 -10.94 23.53 -41.32
N PRO K 43 -12.22 23.24 -41.11
CA PRO K 43 -13.27 24.03 -41.77
C PRO K 43 -13.35 25.43 -41.20
N HIS K 44 -13.75 26.36 -42.05
CA HIS K 44 -13.94 27.74 -41.61
C HIS K 44 -15.11 27.82 -40.63
N PRO K 45 -14.96 28.53 -39.52
CA PRO K 45 -16.09 28.65 -38.58
C PRO K 45 -17.31 29.32 -39.18
N ASP K 46 -17.16 30.09 -40.25
CA ASP K 46 -18.30 30.73 -40.91
C ASP K 46 -17.97 30.94 -42.37
N ASN K 47 -18.82 30.43 -43.26
CA ASN K 47 -18.62 30.64 -44.69
C ASN K 47 -18.89 32.09 -45.10
N THR K 48 -19.86 32.73 -44.44
CA THR K 48 -20.15 34.13 -44.73
C THR K 48 -18.94 35.00 -44.44
N LYS K 49 -18.26 34.74 -43.32
CA LYS K 49 -17.01 35.44 -43.06
C LYS K 49 -15.97 35.10 -44.12
N ALA K 50 -15.89 33.83 -44.53
CA ALA K 50 -14.90 33.42 -45.53
C ALA K 50 -15.08 34.20 -46.83
N THR K 51 -16.32 34.55 -47.17
CA THR K 51 -16.53 35.37 -48.35
C THR K 51 -15.88 36.74 -48.20
N THR K 52 -16.01 37.36 -47.03
CA THR K 52 -15.46 38.68 -46.77
C THR K 52 -13.95 38.62 -46.56
N PRO K 53 -13.25 39.73 -46.76
CA PRO K 53 -11.80 39.73 -46.51
C PRO K 53 -11.43 39.69 -45.04
N GLU K 54 -12.17 40.38 -44.18
CA GLU K 54 -11.86 40.32 -42.76
C GLU K 54 -12.11 38.94 -42.19
N GLY K 55 -13.04 38.18 -42.78
CA GLY K 55 -13.25 36.81 -42.34
C GLY K 55 -12.04 35.93 -42.60
N VAL K 56 -11.46 36.02 -43.80
CA VAL K 56 -10.27 35.22 -44.09
C VAL K 56 -9.07 35.75 -43.31
N ALA K 57 -9.03 37.06 -43.03
CA ALA K 57 -7.98 37.59 -42.18
C ALA K 57 -8.06 36.99 -40.78
N ARG K 58 -9.28 36.87 -40.24
CA ARG K 58 -9.46 36.22 -38.94
C ARG K 58 -9.12 34.74 -39.01
N TYR K 59 -9.48 34.08 -40.12
CA TYR K 59 -9.19 32.66 -40.28
C TYR K 59 -7.69 32.41 -40.31
N LYS K 60 -6.91 33.33 -40.89
CA LYS K 60 -5.47 33.18 -40.91
C LYS K 60 -4.90 33.12 -39.49
N ALA K 61 -5.32 34.06 -38.63
CA ALA K 61 -4.87 34.04 -37.24
C ALA K 61 -5.43 32.84 -36.49
N TYR K 62 -6.63 32.39 -36.88
CA TYR K 62 -7.19 31.18 -36.29
C TYR K 62 -6.31 29.97 -36.56
N ILE K 63 -5.81 29.84 -37.79
CA ILE K 63 -4.93 28.73 -38.14
C ILE K 63 -3.57 28.89 -37.48
N GLU K 64 -3.04 30.12 -37.45
CA GLU K 64 -1.71 30.33 -36.91
C GLU K 64 -1.63 29.97 -35.43
N ARG K 65 -2.67 30.31 -34.66
CA ARG K 65 -2.67 30.03 -33.24
C ARG K 65 -2.79 28.54 -32.92
N ALA K 66 -3.12 27.71 -33.90
CA ALA K 66 -3.33 26.29 -33.65
C ALA K 66 -2.02 25.59 -33.34
N VAL K 67 -2.13 24.40 -32.78
CA VAL K 67 -0.99 23.58 -32.38
C VAL K 67 -1.11 22.22 -33.06
N TRP K 68 -0.06 21.81 -33.77
CA TRP K 68 -0.02 20.51 -34.41
C TRP K 68 0.74 19.54 -33.53
N TYR K 69 0.10 18.41 -33.20
CA TYR K 69 0.72 17.42 -32.33
C TYR K 69 1.93 16.76 -33.00
N GLY K 70 1.80 16.41 -34.27
CA GLY K 70 2.85 15.64 -34.92
C GLY K 70 3.01 14.25 -34.35
N ALA K 71 1.91 13.56 -34.07
CA ALA K 71 1.95 12.24 -33.48
C ALA K 71 2.15 11.12 -34.50
N SER K 72 1.63 11.27 -35.71
CA SER K 72 1.78 10.24 -36.72
C SER K 72 3.25 10.05 -37.11
N ALA K 73 3.99 11.15 -37.23
CA ALA K 73 5.42 11.04 -37.50
C ALA K 73 6.13 10.33 -36.37
N ASN K 74 5.73 10.59 -35.12
CA ASN K 74 6.33 9.90 -33.99
C ASN K 74 6.02 8.40 -34.03
N THR K 75 4.78 8.04 -34.42
CA THR K 75 4.46 6.64 -34.57
C THR K 75 5.32 5.98 -35.63
N VAL K 76 5.51 6.65 -36.77
CA VAL K 76 6.34 6.08 -37.83
C VAL K 76 7.77 5.90 -37.36
N ASP K 77 8.31 6.92 -36.67
CA ASP K 77 9.69 6.82 -36.18
C ASP K 77 9.85 5.70 -35.17
N GLY K 78 8.91 5.58 -34.24
CA GLY K 78 8.99 4.52 -33.26
C GLY K 78 8.85 3.14 -33.87
N MET K 79 7.96 3.00 -34.85
CA MET K 79 7.79 1.72 -35.53
C MET K 79 9.05 1.35 -36.29
N LEU K 80 9.67 2.31 -36.96
CA LEU K 80 10.94 2.06 -37.65
C LEU K 80 12.02 1.65 -36.66
N GLY K 81 12.11 2.34 -35.53
CA GLY K 81 13.11 1.98 -34.54
C GLY K 81 12.90 0.60 -33.97
N GLN K 82 11.64 0.21 -33.75
CA GLN K 82 11.34 -1.13 -33.27
C GLN K 82 11.71 -2.18 -34.30
N ILE K 83 11.34 -1.96 -35.56
CA ILE K 83 11.62 -2.94 -36.60
C ILE K 83 13.12 -3.01 -36.88
N PHE K 84 13.76 -1.85 -37.04
CA PHE K 84 15.17 -1.80 -37.42
C PHE K 84 16.03 -1.58 -36.19
N ALA K 85 16.38 -2.67 -35.54
CA ALA K 85 17.37 -2.69 -34.47
C ALA K 85 18.51 -3.61 -34.89
N ARG K 86 19.72 -3.23 -34.50
CA ARG K 86 20.95 -3.90 -34.93
C ARG K 86 20.97 -3.84 -36.47
N ASP K 87 21.14 -4.96 -37.17
CA ASP K 87 21.10 -4.96 -38.63
C ASP K 87 20.39 -6.22 -39.10
N PRO K 88 19.72 -6.16 -40.25
CA PRO K 88 19.10 -7.37 -40.81
C PRO K 88 20.17 -8.43 -41.11
N VAL K 89 19.79 -9.68 -40.88
CA VAL K 89 20.71 -10.80 -41.05
C VAL K 89 20.63 -11.30 -42.48
N PHE K 90 21.79 -11.45 -43.13
CA PHE K 90 21.87 -11.96 -44.49
C PHE K 90 22.39 -13.39 -44.45
N THR K 91 21.68 -14.30 -45.12
CA THR K 91 22.03 -15.72 -45.14
C THR K 91 22.60 -16.08 -46.51
N GLY K 92 23.75 -16.73 -46.51
CA GLY K 92 24.41 -17.10 -47.74
C GLY K 92 25.82 -16.54 -47.81
N PRO K 93 26.47 -16.70 -48.96
CA PRO K 93 27.82 -16.13 -49.12
C PRO K 93 27.78 -14.61 -49.00
N GLU K 94 28.80 -14.06 -48.35
CA GLU K 94 28.88 -12.61 -48.14
C GLU K 94 29.91 -11.95 -49.04
N ASP K 95 31.03 -12.62 -49.32
CA ASP K 95 32.03 -12.04 -50.20
C ASP K 95 31.52 -11.96 -51.63
N LYS K 96 30.66 -12.90 -52.04
CA LYS K 96 30.12 -12.91 -53.39
C LYS K 96 28.96 -11.93 -53.57
N PHE K 97 28.46 -11.35 -52.49
CA PHE K 97 27.37 -10.38 -52.55
C PHE K 97 27.75 -9.04 -51.94
N ASP K 98 29.06 -8.77 -51.78
CA ASP K 98 29.48 -7.55 -51.09
C ASP K 98 29.08 -6.29 -51.85
N MET K 99 29.05 -6.36 -53.19
CA MET K 99 28.69 -5.19 -53.97
C MET K 99 27.24 -4.79 -53.75
N LEU K 100 26.35 -5.74 -53.45
CA LEU K 100 24.97 -5.40 -53.16
C LEU K 100 24.80 -4.82 -51.76
N ILE K 101 25.56 -5.34 -50.79
CA ILE K 101 25.45 -4.85 -49.42
C ILE K 101 26.04 -3.44 -49.31
N ASN K 102 27.20 -3.21 -49.93
CA ASN K 102 27.84 -1.91 -49.81
C ASN K 102 27.04 -0.81 -50.50
N ASP K 103 26.66 -1.03 -51.75
CA ASP K 103 25.86 -0.05 -52.51
C ASP K 103 24.82 -0.82 -53.30
N VAL K 104 23.57 -0.79 -52.82
CA VAL K 104 22.52 -1.59 -53.44
C VAL K 104 22.16 -1.05 -54.83
N ASP K 105 22.35 0.25 -55.04
CA ASP K 105 22.04 0.88 -56.32
C ASP K 105 23.22 1.69 -56.85
N GLY K 106 24.43 1.35 -56.42
CA GLY K 106 25.62 2.03 -56.89
C GLY K 106 25.72 3.48 -56.50
N SER K 107 25.22 3.84 -55.31
CA SER K 107 25.31 5.22 -54.82
C SER K 107 26.00 5.30 -53.46
N GLY K 108 26.60 4.21 -52.99
CA GLY K 108 27.20 4.17 -51.68
C GLY K 108 26.22 3.92 -50.56
N LEU K 109 24.92 3.80 -50.87
CA LEU K 109 23.92 3.54 -49.85
C LEU K 109 23.82 2.04 -49.61
N SER K 110 24.00 1.62 -48.36
CA SER K 110 23.96 0.22 -48.03
C SER K 110 22.55 -0.34 -48.20
N ILE K 111 22.46 -1.66 -48.36
CA ILE K 111 21.16 -2.30 -48.52
C ILE K 111 20.32 -2.12 -47.27
N HIS K 112 20.96 -1.96 -46.11
CA HIS K 112 20.21 -1.78 -44.87
C HIS K 112 19.45 -0.45 -44.88
N GLN K 113 20.07 0.61 -45.38
CA GLN K 113 19.38 1.89 -45.44
C GLN K 113 18.21 1.85 -46.41
N GLN K 114 18.38 1.20 -47.56
CA GLN K 114 17.28 1.06 -48.49
C GLN K 114 16.15 0.23 -47.91
N ALA K 115 16.50 -0.83 -47.16
CA ALA K 115 15.48 -1.62 -46.48
C ALA K 115 14.74 -0.79 -45.44
N ARG K 116 15.47 0.08 -44.73
CA ARG K 116 14.83 0.96 -43.76
C ARG K 116 13.87 1.92 -44.45
N ASP K 117 14.26 2.48 -45.58
CA ASP K 117 13.38 3.38 -46.32
C ASP K 117 12.14 2.64 -46.82
N SER K 118 12.32 1.41 -47.32
CA SER K 118 11.19 0.62 -47.76
C SER K 118 10.25 0.30 -46.60
N ALA K 119 10.81 -0.03 -45.44
CA ALA K 119 9.98 -0.30 -44.27
C ALA K 119 9.22 0.94 -43.83
N GLU K 120 9.86 2.10 -43.89
CA GLU K 120 9.17 3.35 -43.55
C GLU K 120 8.02 3.61 -44.50
N ASP K 121 8.24 3.42 -45.80
CA ASP K 121 7.18 3.62 -46.77
C ASP K 121 6.04 2.62 -46.58
N ALA K 122 6.36 1.38 -46.24
CA ALA K 122 5.31 0.37 -46.03
C ALA K 122 4.56 0.62 -44.72
N LEU K 123 5.22 1.20 -43.72
CA LEU K 123 4.53 1.51 -42.47
C LEU K 123 3.66 2.75 -42.60
N SER K 124 4.10 3.73 -43.38
CA SER K 124 3.39 5.01 -43.44
C SER K 124 2.17 4.94 -44.35
N LEU K 125 2.39 4.67 -45.64
CA LEU K 125 1.28 4.56 -46.58
C LEU K 125 1.09 3.17 -47.17
N GLY K 126 1.89 2.20 -46.74
CA GLY K 126 1.61 0.80 -47.07
C GLY K 126 1.74 0.44 -48.54
N ARG K 127 2.78 0.93 -49.21
CA ARG K 127 3.01 0.55 -50.60
C ARG K 127 4.44 0.89 -50.98
N GLY K 128 4.98 0.12 -51.91
CA GLY K 128 6.34 0.32 -52.39
C GLY K 128 6.63 -0.64 -53.53
N GLY K 129 7.83 -0.53 -54.06
CA GLY K 129 8.24 -1.39 -55.16
C GLY K 129 9.74 -1.61 -55.16
N LEU K 130 10.13 -2.81 -55.60
CA LEU K 130 11.54 -3.17 -55.76
C LEU K 130 11.74 -3.68 -57.17
N PHE K 131 12.71 -3.10 -57.88
CA PHE K 131 13.00 -3.46 -59.26
C PHE K 131 14.47 -3.81 -59.38
N VAL K 132 14.78 -4.91 -60.07
CA VAL K 132 16.14 -5.37 -60.28
C VAL K 132 16.42 -5.35 -61.77
N ASP K 133 17.47 -4.66 -62.17
CA ASP K 133 17.84 -4.56 -63.58
C ASP K 133 19.35 -4.62 -63.73
N TYR K 134 19.79 -4.86 -64.96
CA TYR K 134 21.21 -4.96 -65.27
C TYR K 134 21.70 -3.66 -65.89
N SER K 135 22.89 -3.22 -65.48
CA SER K 135 23.44 -1.97 -65.98
C SER K 135 23.69 -2.03 -67.47
N ALA K 152 29.94 -4.24 -65.40
CA ALA K 152 28.46 -4.36 -65.33
C ALA K 152 28.05 -4.90 -63.96
N ARG K 153 26.81 -4.65 -63.53
CA ARG K 153 26.37 -5.07 -62.16
C ARG K 153 24.85 -4.94 -62.05
N PRO K 154 24.12 -5.73 -61.21
CA PRO K 154 22.69 -5.54 -61.03
C PRO K 154 22.40 -4.57 -59.90
N TYR K 155 21.39 -3.74 -60.12
CA TYR K 155 21.00 -2.70 -59.17
C TYR K 155 19.57 -2.94 -58.70
N ILE K 156 19.38 -2.92 -57.39
CA ILE K 156 18.05 -3.09 -56.81
C ILE K 156 17.43 -1.72 -56.63
N LYS K 157 16.31 -1.49 -57.30
CA LYS K 157 15.68 -0.18 -57.32
C LYS K 157 14.91 0.07 -56.04
N PHE K 158 14.50 1.32 -55.86
CA PHE K 158 13.48 1.67 -54.88
C PHE K 158 12.47 2.58 -55.58
N ILE K 159 11.24 2.12 -55.70
CA ILE K 159 10.19 2.84 -56.42
C ILE K 159 9.15 3.29 -55.40
N ALA K 160 8.94 4.61 -55.32
CA ALA K 160 7.94 5.14 -54.42
C ALA K 160 6.53 4.73 -54.88
N ALA K 161 5.59 4.72 -53.93
CA ALA K 161 4.26 4.22 -54.21
C ALA K 161 3.56 5.04 -55.30
N GLU K 162 3.72 6.36 -55.26
CA GLU K 162 3.12 7.20 -56.28
C GLU K 162 3.74 6.98 -57.66
N ASP K 163 4.93 6.40 -57.73
CA ASP K 163 5.59 6.19 -59.01
C ASP K 163 4.97 5.04 -59.78
N ILE K 164 4.62 3.94 -59.10
CA ILE K 164 3.93 2.84 -59.77
C ILE K 164 2.52 3.31 -60.11
N LEU K 165 2.25 3.52 -61.41
CA LEU K 165 1.01 4.09 -61.85
C LEU K 165 0.19 3.17 -62.76
N ASN K 166 0.68 1.97 -63.06
CA ASN K 166 -0.05 1.06 -63.91
C ASN K 166 0.44 -0.36 -63.68
N TRP K 167 -0.51 -1.31 -63.64
CA TRP K 167 -0.19 -2.72 -63.53
C TRP K 167 -1.38 -3.53 -64.04
N ARG K 168 -1.12 -4.79 -64.35
CA ARG K 168 -2.15 -5.68 -64.89
C ARG K 168 -1.98 -7.07 -64.30
N GLU K 169 -3.09 -7.78 -64.14
CA GLU K 169 -3.11 -9.15 -63.63
C GLU K 169 -3.83 -10.03 -64.64
N ARG K 170 -3.09 -10.55 -65.61
CA ARG K 170 -3.61 -11.44 -66.63
C ARG K 170 -3.20 -12.87 -66.28
N TRP K 171 -4.18 -13.74 -66.12
CA TRP K 171 -3.90 -15.12 -65.74
C TRP K 171 -3.42 -15.90 -66.94
N VAL K 172 -2.25 -16.53 -66.80
CA VAL K 172 -1.66 -17.34 -67.85
C VAL K 172 -1.62 -18.79 -67.36
N ASN K 173 -2.29 -19.68 -68.08
CA ASN K 173 -2.38 -21.09 -67.72
C ASN K 173 -2.88 -21.26 -66.29
N GLY K 174 -3.88 -20.46 -65.91
CA GLY K 174 -4.46 -20.56 -64.59
C GLY K 174 -3.56 -20.13 -63.46
N ALA K 175 -2.73 -19.12 -63.65
CA ALA K 175 -1.85 -18.61 -62.60
C ALA K 175 -1.86 -17.10 -62.59
N LYS K 176 -1.73 -16.52 -61.39
CA LYS K 176 -1.54 -15.08 -61.24
C LYS K 176 -0.19 -14.68 -61.84
N ARG K 177 -0.23 -13.96 -62.96
CA ARG K 177 0.97 -13.43 -63.59
C ARG K 177 0.77 -11.94 -63.82
N THR K 178 1.74 -11.14 -63.40
CA THR K 178 1.73 -9.70 -63.62
C THR K 178 2.36 -9.43 -64.97
N THR K 179 1.53 -9.13 -65.97
CA THR K 179 2.00 -8.99 -67.34
C THR K 179 2.53 -7.59 -67.63
N LEU K 180 1.79 -6.55 -67.25
CA LEU K 180 2.20 -5.18 -67.49
C LEU K 180 2.45 -4.48 -66.16
N LEU K 181 3.48 -3.63 -66.12
CA LEU K 181 3.77 -2.84 -64.94
C LEU K 181 4.60 -1.65 -65.39
N VAL K 182 4.05 -0.44 -65.25
CA VAL K 182 4.71 0.79 -65.66
C VAL K 182 4.86 1.68 -64.43
N PHE K 183 6.09 2.10 -64.15
CA PHE K 183 6.38 2.97 -63.03
C PHE K 183 7.19 4.16 -63.49
N ARG K 184 6.94 5.32 -62.88
CA ARG K 184 7.62 6.54 -63.28
C ARG K 184 9.01 6.60 -62.63
N GLU K 185 10.00 6.93 -63.44
CA GLU K 185 11.38 7.08 -62.98
C GLU K 185 11.74 8.55 -63.09
N GLU K 186 12.15 9.14 -61.98
CA GLU K 186 12.50 10.56 -61.93
C GLU K 186 14.00 10.71 -61.85
N SER K 187 14.53 11.71 -62.54
CA SER K 187 15.97 11.96 -62.56
C SER K 187 16.22 13.44 -62.76
N ASP K 188 17.44 13.86 -62.44
CA ASP K 188 17.86 15.25 -62.59
C ASP K 188 18.76 15.37 -63.81
N ALA K 189 18.45 16.33 -64.68
CA ALA K 189 19.23 16.51 -65.90
C ALA K 189 20.59 17.12 -65.57
N ASP K 190 21.65 16.49 -66.07
CA ASP K 190 23.01 16.95 -65.84
C ASP K 190 23.45 17.79 -67.04
N ASP K 191 22.91 19.00 -67.12
CA ASP K 191 23.28 19.93 -68.17
C ASP K 191 24.60 20.63 -67.81
N ASP K 192 25.08 21.46 -68.73
CA ASP K 192 26.32 22.19 -68.47
C ASP K 192 26.16 23.18 -67.32
N GLY K 193 25.02 23.88 -67.26
CA GLY K 193 24.82 24.86 -66.23
C GLY K 193 24.43 24.24 -64.90
N TYR K 194 24.43 25.08 -63.86
CA TYR K 194 24.04 24.64 -62.53
C TYR K 194 22.55 24.72 -62.29
N GLN K 195 21.78 25.24 -63.23
CA GLN K 195 20.34 25.32 -63.09
C GLN K 195 19.74 23.91 -63.02
N ILE K 196 18.83 23.70 -62.08
CA ILE K 196 18.26 22.38 -61.86
C ILE K 196 17.09 22.18 -62.82
N TYR K 197 17.15 21.11 -63.61
CA TYR K 197 16.07 20.72 -64.49
C TYR K 197 15.31 19.56 -63.86
N LYS K 198 14.34 19.01 -64.60
CA LYS K 198 13.56 17.88 -64.09
C LYS K 198 13.04 17.10 -65.30
N GLU K 199 13.67 15.97 -65.59
CA GLU K 199 13.24 15.08 -66.66
C GLU K 199 12.78 13.75 -66.08
N GLU K 200 11.77 13.17 -66.69
CA GLU K 200 11.17 11.93 -66.20
C GLU K 200 11.38 10.81 -67.20
N VAL K 201 11.52 9.59 -66.68
CA VAL K 201 11.69 8.39 -67.48
C VAL K 201 10.58 7.42 -67.10
N TRP K 202 9.98 6.77 -68.10
CA TRP K 202 8.94 5.80 -67.88
C TRP K 202 9.44 4.42 -68.33
N ARG K 203 9.37 3.45 -67.42
CA ARG K 203 9.78 2.09 -67.70
C ARG K 203 8.56 1.21 -67.91
N GLU K 204 8.50 0.53 -69.05
CA GLU K 204 7.39 -0.34 -69.40
C GLU K 204 7.85 -1.79 -69.29
N LEU K 205 7.38 -2.49 -68.25
CA LEU K 205 7.74 -3.88 -68.03
C LEU K 205 6.61 -4.76 -68.54
N ARG K 206 6.91 -5.62 -69.51
CA ARG K 206 5.91 -6.45 -70.16
C ARG K 206 6.31 -7.92 -70.07
N LEU K 207 5.31 -8.79 -69.99
CA LEU K 207 5.50 -10.23 -69.91
C LEU K 207 4.61 -10.89 -70.97
N VAL K 208 5.23 -11.34 -72.06
CA VAL K 208 4.52 -12.04 -73.13
C VAL K 208 4.97 -13.50 -73.13
N ASP K 209 4.00 -14.41 -73.21
CA ASP K 209 4.19 -15.86 -73.16
C ASP K 209 5.29 -16.26 -72.18
N GLY K 210 5.25 -15.72 -70.97
CA GLY K 210 6.24 -16.06 -69.96
C GLY K 210 7.65 -15.61 -70.30
N THR K 211 7.79 -14.43 -70.90
CA THR K 211 9.10 -13.87 -71.21
C THR K 211 9.11 -12.40 -70.85
N TYR K 212 10.13 -11.97 -70.13
CA TYR K 212 10.21 -10.61 -69.61
C TYR K 212 10.77 -9.68 -70.67
N TRP K 213 10.00 -8.66 -71.03
CA TRP K 213 10.43 -7.61 -71.94
C TRP K 213 10.34 -6.26 -71.23
N GLN K 214 11.21 -5.34 -71.62
CA GLN K 214 11.23 -4.02 -71.01
C GLN K 214 11.68 -2.98 -72.02
N ARG K 215 11.27 -1.74 -71.77
CA ARG K 215 11.71 -0.60 -72.57
C ARG K 215 11.56 0.66 -71.73
N THR K 216 12.24 1.71 -72.15
CA THR K 216 12.24 2.98 -71.43
C THR K 216 11.63 4.07 -72.29
N TRP K 217 10.89 4.98 -71.65
CA TRP K 217 10.29 6.13 -72.30
C TRP K 217 10.88 7.40 -71.70
N ARG K 218 11.30 8.33 -72.55
CA ARG K 218 11.86 9.58 -72.12
C ARG K 218 11.10 10.75 -72.72
N GLU K 219 11.05 11.86 -71.99
CA GLU K 219 10.34 13.06 -72.41
C GLU K 219 11.29 14.25 -72.41
N ASN K 220 11.21 15.07 -73.46
CA ASN K 220 11.98 16.30 -73.53
C ASN K 220 11.32 17.21 -74.56
N ASP K 221 11.04 18.46 -74.16
CA ASP K 221 10.40 19.45 -75.01
C ASP K 221 9.05 18.97 -75.52
N GLY K 222 8.33 18.20 -74.72
CA GLY K 222 7.03 17.68 -75.10
C GLY K 222 7.06 16.51 -76.04
N GLN K 223 8.24 15.98 -76.38
CA GLN K 223 8.38 14.87 -77.29
C GLN K 223 8.65 13.59 -76.52
N LEU K 224 8.06 12.48 -76.97
CA LEU K 224 8.21 11.19 -76.33
C LEU K 224 9.20 10.34 -77.12
N TYR K 225 10.30 9.96 -76.48
CA TYR K 225 11.29 9.10 -77.10
C TYR K 225 11.03 7.66 -76.66
N VAL K 226 11.00 6.75 -77.63
CA VAL K 226 10.71 5.34 -77.38
C VAL K 226 11.99 4.53 -77.57
N ASP K 227 12.10 3.45 -76.83
CA ASP K 227 13.24 2.56 -76.90
C ASP K 227 12.80 1.19 -77.39
N ASP K 228 13.69 0.52 -78.12
CA ASP K 228 13.39 -0.79 -78.67
C ASP K 228 13.22 -1.82 -77.56
N TRP K 229 12.34 -2.78 -77.81
CA TRP K 229 12.09 -3.85 -76.83
C TRP K 229 13.34 -4.70 -76.66
N ILE K 230 13.69 -4.97 -75.40
CA ILE K 230 14.84 -5.79 -75.06
C ILE K 230 14.41 -6.87 -74.08
N SER K 231 15.19 -7.95 -74.05
CA SER K 231 14.92 -9.08 -73.16
C SER K 231 16.15 -9.36 -72.30
N PRO K 232 16.19 -8.84 -71.07
CA PRO K 232 17.31 -9.18 -70.19
C PRO K 232 17.38 -10.67 -69.92
N THR K 233 18.59 -11.19 -69.83
CA THR K 233 18.82 -12.62 -69.65
C THR K 233 19.81 -12.87 -68.52
N LYS K 234 19.66 -14.01 -67.86
CA LYS K 234 20.55 -14.39 -66.79
C LYS K 234 21.90 -14.84 -67.34
N ALA K 235 22.85 -15.06 -66.43
CA ALA K 235 24.17 -15.52 -66.84
C ALA K 235 24.09 -16.89 -67.50
N ASP K 236 23.31 -17.80 -66.91
CA ASP K 236 23.11 -19.10 -67.53
C ASP K 236 22.33 -18.98 -68.84
N GLY K 237 21.35 -18.08 -68.88
CA GLY K 237 20.55 -17.89 -70.07
C GLY K 237 19.06 -18.02 -69.82
N SER K 238 18.33 -18.51 -70.81
CA SER K 238 16.89 -18.76 -70.70
C SER K 238 16.09 -17.48 -70.42
N GLN K 239 16.70 -16.33 -70.71
CA GLN K 239 16.05 -15.03 -70.55
C GLN K 239 15.45 -14.88 -69.16
N PHE K 240 14.15 -14.59 -69.08
CA PHE K 240 13.49 -14.44 -67.79
C PHE K 240 12.05 -14.94 -67.90
N ASP K 241 11.59 -15.65 -66.86
CA ASP K 241 10.24 -16.19 -66.86
C ASP K 241 9.25 -15.26 -66.17
N GLU K 242 9.72 -14.39 -65.29
CA GLU K 242 8.85 -13.47 -64.57
C GLU K 242 9.47 -12.08 -64.55
N ILE K 243 8.62 -11.08 -64.35
CA ILE K 243 9.08 -9.69 -64.29
C ILE K 243 9.80 -9.46 -62.97
N PRO K 244 11.04 -8.97 -62.98
CA PRO K 244 11.77 -8.72 -61.73
C PRO K 244 11.29 -7.48 -60.99
N PHE K 245 10.02 -7.48 -60.61
CA PHE K 245 9.43 -6.39 -59.85
C PHE K 245 8.49 -6.97 -58.80
N VAL K 246 8.68 -6.55 -57.56
CA VAL K 246 7.86 -6.99 -56.44
C VAL K 246 7.28 -5.76 -55.75
N ILE K 247 5.97 -5.77 -55.54
CA ILE K 247 5.27 -4.68 -54.86
C ILE K 247 4.97 -5.14 -53.43
N PHE K 248 5.58 -4.48 -52.46
CA PHE K 248 5.41 -4.83 -51.06
C PHE K 248 4.51 -3.83 -50.37
N GLY K 249 3.61 -4.32 -49.53
CA GLY K 249 2.69 -3.47 -48.81
C GLY K 249 2.50 -3.96 -47.38
N SER K 250 1.68 -3.22 -46.64
CA SER K 250 1.41 -3.59 -45.26
C SER K 250 0.64 -4.91 -45.19
N LYS K 251 -0.30 -5.12 -46.11
CA LYS K 251 -1.11 -6.33 -46.08
C LYS K 251 -0.34 -7.54 -46.64
N ASN K 252 0.05 -7.47 -47.90
CA ASN K 252 0.74 -8.58 -48.54
C ASN K 252 1.49 -8.05 -49.76
N ASN K 253 2.37 -8.90 -50.30
CA ASN K 253 3.16 -8.55 -51.48
C ASN K 253 2.36 -8.85 -52.75
N ASP K 254 1.35 -8.02 -52.99
CA ASP K 254 0.48 -8.15 -54.13
C ASP K 254 0.39 -6.83 -54.88
N PRO K 255 0.14 -6.86 -56.19
CA PRO K 255 -0.04 -5.61 -56.93
C PRO K 255 -1.25 -4.81 -56.47
N THR K 256 -2.24 -5.44 -55.86
CA THR K 256 -3.41 -4.73 -55.37
C THR K 256 -3.03 -3.81 -54.22
N ILE K 257 -3.63 -2.63 -54.20
CA ILE K 257 -3.31 -1.63 -53.19
C ILE K 257 -3.84 -2.07 -51.83
N ASP K 258 -3.04 -1.81 -50.79
CA ASP K 258 -3.41 -2.12 -49.42
C ASP K 258 -3.69 -0.83 -48.66
N MET K 259 -4.64 -0.90 -47.74
CA MET K 259 -5.00 0.28 -46.95
C MET K 259 -3.83 0.69 -46.06
N PRO K 260 -3.43 1.96 -46.05
CA PRO K 260 -2.33 2.39 -45.20
C PRO K 260 -2.67 2.18 -43.73
N PRO K 261 -1.70 1.74 -42.93
CA PRO K 261 -1.99 1.51 -41.49
C PRO K 261 -2.19 2.79 -40.70
N MET K 262 -1.80 3.94 -41.23
CA MET K 262 -1.79 5.19 -40.48
C MET K 262 -2.97 6.09 -40.82
N ARG K 263 -3.97 5.59 -41.55
CA ARG K 263 -5.09 6.43 -41.95
C ARG K 263 -5.90 6.89 -40.74
N ASP K 264 -6.24 5.96 -39.85
CA ASP K 264 -7.04 6.31 -38.68
C ASP K 264 -6.30 7.27 -37.76
N LEU K 265 -5.00 7.03 -37.56
CA LEU K 265 -4.21 7.93 -36.73
C LEU K 265 -4.12 9.31 -37.37
N VAL K 266 -4.03 9.38 -38.70
CA VAL K 266 -3.97 10.67 -39.38
C VAL K 266 -5.28 11.43 -39.19
N GLU K 267 -6.41 10.74 -39.34
CA GLU K 267 -7.70 11.41 -39.13
C GLU K 267 -7.85 11.88 -37.69
N LEU K 268 -7.43 11.04 -36.73
CA LEU K 268 -7.51 11.45 -35.33
C LEU K 268 -6.62 12.66 -35.06
N ASN K 269 -5.43 12.69 -35.65
CA ASN K 269 -4.54 13.82 -35.47
C ASN K 269 -5.13 15.09 -36.08
N ILE K 270 -5.79 14.98 -37.23
CA ILE K 270 -6.43 16.14 -37.83
C ILE K 270 -7.56 16.67 -36.95
N ALA K 271 -8.36 15.75 -36.40
CA ALA K 271 -9.44 16.16 -35.50
C ALA K 271 -8.88 16.84 -34.26
N HIS K 272 -7.81 16.28 -33.69
CA HIS K 272 -7.17 16.92 -32.56
C HIS K 272 -6.60 18.29 -32.92
N PHE K 273 -6.10 18.43 -34.15
CA PHE K 273 -5.56 19.72 -34.58
C PHE K 273 -6.65 20.78 -34.65
N ARG K 274 -7.81 20.43 -35.20
CA ARG K 274 -8.88 21.43 -35.25
C ARG K 274 -9.42 21.73 -33.85
N ASN K 275 -9.50 20.72 -32.99
CA ASN K 275 -9.88 20.97 -31.60
C ASN K 275 -8.88 21.89 -30.91
N SER K 276 -7.60 21.71 -31.20
CA SER K 276 -6.57 22.57 -30.64
C SER K 276 -6.68 23.99 -31.16
N ALA K 277 -7.04 24.14 -32.44
CA ALA K 277 -7.28 25.48 -32.98
C ALA K 277 -8.39 26.18 -32.20
N ASP K 278 -9.51 25.48 -32.00
CA ASP K 278 -10.60 26.08 -31.23
C ASP K 278 -10.17 26.41 -29.80
N TYR K 279 -9.46 25.49 -29.15
CA TYR K 279 -9.05 25.68 -27.77
C TYR K 279 -8.08 26.85 -27.63
N GLU K 280 -7.14 26.97 -28.58
CA GLU K 280 -6.19 28.07 -28.55
C GLU K 280 -6.86 29.41 -28.79
N GLU K 281 -7.85 29.46 -29.70
CA GLU K 281 -8.60 30.68 -29.88
C GLU K 281 -9.33 31.08 -28.60
N ALA K 282 -9.97 30.10 -27.95
CA ALA K 282 -10.67 30.39 -26.71
C ALA K 282 -9.70 30.87 -25.62
N CYS K 283 -8.53 30.24 -25.53
CA CYS K 283 -7.54 30.64 -24.53
C CYS K 283 -7.03 32.06 -24.80
N PHE K 284 -6.79 32.39 -26.07
CA PHE K 284 -6.32 33.72 -26.39
C PHE K 284 -7.37 34.78 -26.06
N ILE K 285 -8.64 34.51 -26.36
CA ILE K 285 -9.67 35.53 -26.18
C ILE K 285 -10.10 35.61 -24.72
N CYS K 286 -10.68 34.54 -24.19
CA CYS K 286 -11.32 34.57 -22.89
C CYS K 286 -10.41 34.10 -21.75
N GLY K 287 -9.14 33.79 -22.05
CA GLY K 287 -8.25 33.31 -21.00
C GLY K 287 -7.76 34.39 -20.06
N GLN K 288 -7.72 35.63 -20.53
CA GLN K 288 -7.24 36.74 -19.71
C GLN K 288 -8.35 37.25 -18.80
N PRO K 289 -8.11 37.35 -17.49
CA PRO K 289 -9.14 37.89 -16.59
C PRO K 289 -9.40 39.36 -16.86
N THR K 290 -10.65 39.77 -16.61
CA THR K 290 -11.09 41.14 -16.84
C THR K 290 -11.86 41.65 -15.61
N LEU K 291 -11.78 42.96 -15.38
CA LEU K 291 -12.35 43.54 -14.17
C LEU K 291 -13.87 43.45 -14.16
N PHE K 292 -14.51 43.88 -15.25
CA PHE K 292 -15.97 43.86 -15.37
C PHE K 292 -16.63 44.63 -14.22
N LEU K 293 -16.36 45.93 -14.17
CA LEU K 293 -16.92 46.78 -13.13
C LEU K 293 -18.38 47.07 -13.45
N SER K 294 -19.28 46.32 -12.84
CA SER K 294 -20.71 46.51 -13.05
C SER K 294 -21.25 47.57 -12.09
N GLY K 295 -22.41 48.11 -12.45
CA GLY K 295 -23.03 49.16 -11.65
C GLY K 295 -22.23 50.44 -11.62
N LEU K 296 -21.68 50.86 -12.76
CA LEU K 296 -20.81 52.02 -12.83
C LEU K 296 -21.45 53.08 -13.71
N THR K 297 -21.36 54.33 -13.27
CA THR K 297 -21.92 55.46 -13.99
C THR K 297 -20.82 56.26 -14.68
N GLU K 298 -21.16 56.85 -15.82
CA GLU K 298 -20.18 57.62 -16.58
C GLU K 298 -19.67 58.82 -15.78
N HIS K 299 -20.55 59.44 -15.00
CA HIS K 299 -20.13 60.56 -14.17
C HIS K 299 -19.04 60.13 -13.19
N TRP K 300 -19.22 58.98 -12.55
CA TRP K 300 -18.21 58.47 -11.63
C TRP K 300 -16.91 58.15 -12.36
N VAL K 301 -17.02 57.54 -13.54
CA VAL K 301 -15.82 57.20 -14.32
C VAL K 301 -15.01 58.46 -14.60
N LYS K 302 -15.67 59.49 -15.13
CA LYS K 302 -14.96 60.73 -15.44
C LYS K 302 -14.47 61.44 -14.19
N ASN K 303 -15.20 61.32 -13.07
CA ASN K 303 -14.81 62.02 -11.86
C ASN K 303 -13.54 61.45 -11.26
N VAL K 304 -13.48 60.12 -11.08
CA VAL K 304 -12.37 59.49 -10.38
C VAL K 304 -11.56 58.59 -11.31
N LEU K 305 -12.23 57.69 -12.04
CA LEU K 305 -11.50 56.74 -12.87
C LEU K 305 -10.81 57.45 -14.04
N GLY K 306 -11.55 58.29 -14.76
CA GLY K 306 -10.97 59.02 -15.87
C GLY K 306 -10.41 58.15 -16.98
N GLY K 307 -11.05 57.01 -17.25
CA GLY K 307 -10.55 56.09 -18.25
C GLY K 307 -9.19 55.50 -17.92
N ALA K 308 -8.92 55.27 -16.63
CA ALA K 308 -7.65 54.69 -16.21
C ALA K 308 -7.82 54.12 -14.81
N VAL K 309 -7.61 52.82 -14.67
CA VAL K 309 -7.76 52.13 -13.40
C VAL K 309 -6.40 51.60 -12.97
N VAL K 310 -5.96 51.99 -11.78
CA VAL K 310 -4.73 51.47 -11.20
C VAL K 310 -5.04 50.14 -10.52
N ILE K 311 -4.32 49.09 -10.91
CA ILE K 311 -4.62 47.73 -10.51
C ILE K 311 -3.52 47.13 -9.62
N GLY K 312 -2.50 47.90 -9.30
CA GLY K 312 -1.47 47.42 -8.40
C GLY K 312 -1.99 47.29 -6.98
N SER K 313 -1.25 46.52 -6.18
CA SER K 313 -1.60 46.36 -4.77
C SER K 313 -1.33 47.62 -3.95
N ARG K 314 -0.55 48.57 -4.49
CA ARG K 314 -0.29 49.80 -3.76
C ARG K 314 -1.51 50.71 -3.72
N ASP K 315 -2.35 50.69 -4.75
CA ASP K 315 -3.47 51.60 -4.87
C ASP K 315 -4.79 50.86 -4.73
N ALA K 316 -5.76 51.54 -4.13
CA ALA K 316 -7.11 51.03 -3.96
C ALA K 316 -8.08 51.86 -4.79
N VAL K 317 -8.98 51.18 -5.49
CA VAL K 317 -9.92 51.82 -6.41
C VAL K 317 -11.29 51.86 -5.76
N PRO K 318 -11.92 53.02 -5.62
CA PRO K 318 -13.27 53.09 -5.05
C PRO K 318 -14.35 53.01 -6.11
N LEU K 319 -15.50 52.53 -5.69
CA LEU K 319 -16.66 52.36 -6.54
C LEU K 319 -17.91 52.91 -5.85
N PRO K 320 -18.93 53.32 -6.61
CA PRO K 320 -20.16 53.81 -5.99
C PRO K 320 -20.95 52.69 -5.32
N VAL K 321 -22.13 53.03 -4.79
CA VAL K 321 -22.93 52.03 -4.08
C VAL K 321 -23.49 51.03 -5.07
N ASN K 322 -23.75 49.81 -4.56
CA ASN K 322 -24.34 48.74 -5.35
C ASN K 322 -23.49 48.43 -6.60
N ALA K 323 -22.17 48.49 -6.45
CA ALA K 323 -21.24 48.19 -7.52
C ALA K 323 -20.51 46.89 -7.18
N LYS K 324 -20.55 45.94 -8.10
CA LYS K 324 -19.95 44.62 -7.88
C LYS K 324 -18.82 44.39 -8.88
N PRO K 325 -17.56 44.48 -8.46
CA PRO K 325 -16.46 44.08 -9.34
C PRO K 325 -16.28 42.57 -9.33
N GLU K 326 -16.12 42.00 -10.52
CA GLU K 326 -16.07 40.55 -10.65
C GLU K 326 -15.06 40.20 -11.74
N LEU K 327 -13.91 39.64 -11.34
CA LEU K 327 -12.95 39.15 -12.31
C LEU K 327 -13.53 37.94 -13.04
N LEU K 328 -13.52 38.00 -14.37
CA LEU K 328 -14.10 36.96 -15.21
C LEU K 328 -13.04 36.40 -16.14
N GLN K 329 -12.90 35.08 -16.14
CA GLN K 329 -12.03 34.40 -17.09
C GLN K 329 -12.54 32.97 -17.26
N ALA K 330 -12.25 32.39 -18.42
CA ALA K 330 -12.68 31.03 -18.69
C ALA K 330 -11.94 30.06 -17.77
N GLU K 331 -12.71 29.26 -17.03
CA GLU K 331 -12.12 28.32 -16.09
C GLU K 331 -11.58 27.10 -16.83
N GLY K 332 -10.83 26.28 -16.09
CA GLY K 332 -10.23 25.08 -16.64
C GLY K 332 -11.22 23.95 -16.78
N ASN K 333 -10.70 22.81 -17.22
CA ASN K 333 -11.50 21.60 -17.45
C ASN K 333 -12.64 21.87 -18.43
N GLY K 334 -12.35 22.68 -19.45
CA GLY K 334 -13.34 22.92 -20.48
C GLY K 334 -13.61 21.69 -21.32
N MET K 335 -14.81 21.63 -21.88
CA MET K 335 -15.22 20.44 -22.61
C MET K 335 -14.45 20.30 -23.92
N VAL K 336 -13.95 21.41 -24.47
CA VAL K 336 -13.03 21.32 -25.61
C VAL K 336 -11.74 20.63 -25.20
N LYS K 337 -11.19 20.99 -24.04
CA LYS K 337 -10.01 20.31 -23.53
C LYS K 337 -10.31 18.85 -23.24
N GLU K 338 -11.52 18.56 -22.76
CA GLU K 338 -11.91 17.18 -22.53
C GLU K 338 -11.94 16.39 -23.82
N ALA K 339 -12.45 16.99 -24.91
CA ALA K 339 -12.44 16.32 -26.20
C ALA K 339 -11.01 16.11 -26.70
N MET K 340 -10.14 17.09 -26.50
CA MET K 340 -8.74 16.92 -26.89
C MET K 340 -8.07 15.78 -26.13
N ASP K 341 -8.33 15.71 -24.82
CA ASP K 341 -7.78 14.62 -24.01
C ASP K 341 -8.32 13.27 -24.48
N GLN K 342 -9.61 13.23 -24.81
CA GLN K 342 -10.19 11.99 -25.31
C GLN K 342 -9.55 11.57 -26.62
N LYS K 343 -9.29 12.52 -27.52
CA LYS K 343 -8.65 12.19 -28.78
C LYS K 343 -7.21 11.70 -28.57
N GLU K 344 -6.47 12.34 -27.65
CA GLU K 344 -5.13 11.86 -27.33
C GLU K 344 -5.16 10.45 -26.76
N ARG K 345 -6.11 10.18 -25.87
CA ARG K 345 -6.25 8.84 -25.31
C ARG K 345 -6.59 7.83 -26.40
N GLN K 346 -7.43 8.21 -27.35
CA GLN K 346 -7.76 7.32 -28.45
C GLN K 346 -6.56 7.03 -29.32
N MET K 347 -5.73 8.05 -29.58
CA MET K 347 -4.51 7.81 -30.34
C MET K 347 -3.58 6.84 -29.60
N VAL K 348 -3.42 7.04 -28.29
CA VAL K 348 -2.60 6.11 -27.51
C VAL K 348 -3.18 4.71 -27.57
N ALA K 349 -4.49 4.60 -27.48
CA ALA K 349 -5.15 3.30 -27.44
C ALA K 349 -5.21 2.63 -28.81
N LEU K 350 -4.95 3.36 -29.89
CA LEU K 350 -4.99 2.80 -31.23
C LEU K 350 -3.72 2.08 -31.60
N GLY K 351 -2.97 1.59 -30.61
CA GLY K 351 -1.75 0.86 -30.87
C GLY K 351 -0.65 1.70 -31.48
N ALA K 352 -0.51 2.94 -31.03
CA ALA K 352 0.47 3.87 -31.56
C ALA K 352 1.49 4.21 -30.49
N LYS K 353 2.77 4.12 -30.85
CA LYS K 353 3.87 4.54 -30.00
C LYS K 353 4.12 6.04 -30.12
N LEU K 354 3.10 6.78 -30.54
CA LEU K 354 3.25 8.21 -30.82
C LEU K 354 3.65 8.99 -29.57
N ILE K 355 3.07 8.66 -28.42
CA ILE K 355 3.44 9.31 -27.17
C ILE K 355 3.59 8.29 -26.05
N ASP K 356 4.34 8.68 -25.03
CA ASP K 356 4.52 7.93 -23.81
C ASP K 356 4.18 8.82 -22.63
N SER K 357 3.64 8.22 -21.57
CA SER K 357 3.18 8.97 -20.40
C SER K 357 3.96 8.50 -19.18
N ASP K 358 4.60 9.44 -18.49
CA ASP K 358 5.30 9.09 -17.26
C ASP K 358 4.33 8.80 -16.12
N LYS K 359 3.18 9.48 -16.10
CA LYS K 359 2.20 9.26 -15.04
C LYS K 359 1.66 7.84 -15.08
N THR K 360 1.39 7.31 -16.28
CA THR K 360 0.84 5.97 -16.41
C THR K 360 1.86 4.93 -15.96
N GLN K 361 1.38 3.93 -15.22
CA GLN K 361 2.21 2.83 -14.75
C GLN K 361 1.63 1.51 -15.23
N ARG K 362 2.51 0.61 -15.65
CA ARG K 362 2.10 -0.69 -16.16
C ARG K 362 2.80 -1.79 -15.39
N THR K 363 2.01 -2.77 -14.93
CA THR K 363 2.54 -3.92 -14.21
C THR K 363 3.33 -4.80 -15.17
N PHE K 364 4.52 -5.23 -14.76
CA PHE K 364 5.33 -6.10 -15.59
C PHE K 364 4.65 -7.45 -15.77
N GLY K 365 4.74 -8.00 -16.98
CA GLY K 365 4.11 -9.24 -17.33
C GLY K 365 2.74 -9.09 -17.94
N GLU K 366 2.07 -7.95 -17.76
CA GLU K 366 0.80 -7.72 -18.42
C GLU K 366 0.99 -7.47 -19.91
N ALA K 367 1.97 -6.64 -20.27
CA ALA K 367 2.19 -6.31 -21.67
C ALA K 367 2.73 -7.48 -22.47
N SER K 368 3.25 -8.52 -21.80
CA SER K 368 3.74 -9.69 -22.52
C SER K 368 2.62 -10.42 -23.24
N MET K 369 1.41 -10.38 -22.67
CA MET K 369 0.27 -11.02 -23.33
C MET K 369 -0.15 -10.27 -24.58
N GLU K 370 -0.14 -8.94 -24.53
CA GLU K 370 -0.60 -8.13 -25.65
C GLU K 370 0.49 -7.84 -26.67
N ALA K 371 1.76 -8.15 -26.36
CA ALA K 371 2.85 -7.81 -27.27
C ALA K 371 2.65 -8.38 -28.67
N ALA K 372 1.99 -9.54 -28.77
CA ALA K 372 1.68 -10.10 -30.09
C ALA K 372 0.75 -9.19 -30.88
N ALA K 373 -0.27 -8.64 -30.21
CA ALA K 373 -1.24 -7.79 -30.90
C ALA K 373 -0.68 -6.40 -31.18
N GLN K 374 0.07 -5.84 -30.23
CA GLN K 374 0.60 -4.49 -30.41
C GLN K 374 1.57 -4.42 -31.58
N ASN K 375 2.44 -5.42 -31.71
CA ASN K 375 3.44 -5.46 -32.78
C ASN K 375 2.93 -6.19 -34.01
N SER K 376 1.60 -6.23 -34.22
CA SER K 376 1.05 -6.95 -35.36
C SER K 376 1.46 -6.31 -36.68
N VAL K 377 1.26 -5.00 -36.80
CA VAL K 377 1.65 -4.30 -38.02
C VAL K 377 3.16 -4.33 -38.19
N LEU K 378 3.90 -4.21 -37.08
CA LEU K 378 5.36 -4.31 -37.14
C LEU K 378 5.79 -5.65 -37.73
N SER K 379 5.25 -6.74 -37.20
CA SER K 379 5.62 -8.06 -37.69
C SER K 379 5.21 -8.24 -39.15
N ARG K 380 4.00 -7.79 -39.50
CA ARG K 380 3.54 -7.97 -40.88
C ARG K 380 4.44 -7.22 -41.85
N VAL K 381 4.77 -5.96 -41.54
CA VAL K 381 5.64 -5.19 -42.42
C VAL K 381 7.03 -5.81 -42.48
N SER K 382 7.53 -6.29 -41.34
CA SER K 382 8.85 -6.91 -41.31
C SER K 382 8.89 -8.12 -42.24
N LYS K 383 7.92 -9.02 -42.12
CA LYS K 383 7.90 -10.19 -43.00
C LYS K 383 7.73 -9.80 -44.45
N ASN K 384 6.84 -8.85 -44.74
CA ASN K 384 6.61 -8.47 -46.13
C ASN K 384 7.88 -7.91 -46.77
N VAL K 385 8.57 -7.01 -46.07
CA VAL K 385 9.81 -6.47 -46.60
C VAL K 385 10.88 -7.55 -46.68
N SER K 386 10.89 -8.49 -45.74
CA SER K 386 11.86 -9.58 -45.79
C SER K 386 11.68 -10.41 -47.05
N ASP K 387 10.44 -10.81 -47.36
CA ASP K 387 10.22 -11.59 -48.58
C ASP K 387 10.50 -10.76 -49.83
N ALA K 388 10.15 -9.48 -49.81
CA ALA K 388 10.41 -8.64 -50.97
C ALA K 388 11.91 -8.56 -51.26
N TYR K 389 12.71 -8.32 -50.23
CA TYR K 389 14.15 -8.21 -50.43
C TYR K 389 14.79 -9.55 -50.72
N THR K 390 14.24 -10.64 -50.18
CA THR K 390 14.73 -11.96 -50.53
C THR K 390 14.49 -12.25 -52.01
N LYS K 391 13.31 -11.90 -52.52
CA LYS K 391 13.02 -12.09 -53.94
C LYS K 391 13.93 -11.23 -54.80
N ALA K 392 14.16 -9.98 -54.38
CA ALA K 392 15.06 -9.10 -55.13
C ALA K 392 16.47 -9.66 -55.16
N LEU K 393 16.96 -10.17 -54.02
CA LEU K 393 18.30 -10.73 -53.98
C LEU K 393 18.39 -12.00 -54.82
N ARG K 394 17.34 -12.81 -54.84
CA ARG K 394 17.34 -14.00 -55.69
C ARG K 394 17.38 -13.60 -57.16
N TRP K 395 16.65 -12.55 -57.54
CA TRP K 395 16.70 -12.08 -58.92
C TRP K 395 18.09 -11.56 -59.27
N ALA K 396 18.73 -10.85 -58.34
CA ALA K 396 20.09 -10.39 -58.57
C ALA K 396 21.06 -11.56 -58.72
N ALA K 397 20.88 -12.60 -57.90
CA ALA K 397 21.71 -13.80 -58.02
C ALA K 397 21.51 -14.48 -59.36
N MET K 398 20.25 -14.53 -59.83
CA MET K 398 19.99 -15.04 -61.17
C MET K 398 20.71 -14.21 -62.23
N PHE K 399 20.70 -12.89 -62.05
CA PHE K 399 21.41 -12.02 -62.98
C PHE K 399 22.91 -12.33 -63.00
N LEU K 400 23.50 -12.55 -61.82
CA LEU K 400 24.93 -12.85 -61.73
C LEU K 400 25.23 -14.35 -61.79
N GLY K 401 24.21 -15.19 -61.87
CA GLY K 401 24.44 -16.63 -61.86
C GLY K 401 25.06 -17.13 -60.57
N LEU K 402 24.64 -16.56 -59.44
CA LEU K 402 25.20 -16.88 -58.14
C LEU K 402 24.34 -17.92 -57.43
N ASP K 403 24.64 -18.17 -56.16
CA ASP K 403 23.86 -19.11 -55.37
C ASP K 403 22.45 -18.57 -55.14
N GLU K 404 21.47 -19.47 -55.23
CA GLU K 404 20.07 -19.06 -55.15
C GLU K 404 19.52 -19.13 -53.73
N LYS K 405 20.00 -20.04 -52.90
CA LYS K 405 19.48 -20.23 -51.54
C LYS K 405 20.06 -19.14 -50.63
N ILE K 406 19.59 -17.92 -50.85
CA ILE K 406 19.96 -16.78 -50.02
C ILE K 406 18.71 -16.20 -49.39
N GLU K 407 18.89 -15.56 -48.23
CA GLU K 407 17.78 -14.99 -47.49
C GLU K 407 18.17 -13.65 -46.90
N TYR K 408 17.17 -12.79 -46.72
CA TYR K 408 17.36 -11.49 -46.07
C TYR K 408 16.19 -11.29 -45.13
N GLU K 409 16.46 -11.40 -43.83
CA GLU K 409 15.42 -11.31 -42.81
C GLU K 409 15.72 -10.14 -41.88
N LEU K 410 14.74 -9.28 -41.67
CA LEU K 410 14.87 -8.16 -40.76
C LEU K 410 14.58 -8.61 -39.33
N ASN K 411 14.80 -7.70 -38.38
CA ASN K 411 14.60 -8.02 -36.97
C ASN K 411 13.13 -8.28 -36.69
N SER K 412 12.77 -9.56 -36.53
CA SER K 412 11.40 -9.93 -36.20
C SER K 412 11.15 -10.00 -34.71
N ASP K 413 12.19 -9.86 -33.88
CA ASP K 413 12.05 -9.87 -32.43
C ASP K 413 12.06 -8.42 -31.93
N PHE K 414 10.88 -7.89 -31.65
CA PHE K 414 10.73 -6.51 -31.24
C PHE K 414 10.91 -6.42 -29.72
N ASP K 415 10.75 -5.20 -29.18
CA ASP K 415 10.98 -4.95 -27.76
C ASP K 415 12.38 -5.38 -27.34
N ILE K 416 13.35 -5.09 -28.19
CA ILE K 416 14.73 -5.53 -27.97
C ILE K 416 15.39 -4.66 -26.91
N ASN K 417 16.11 -5.31 -26.00
CA ASN K 417 16.83 -4.61 -24.94
C ASN K 417 18.12 -5.35 -24.64
N LYS K 418 18.95 -4.76 -23.80
CA LYS K 418 20.20 -5.38 -23.40
C LYS K 418 19.93 -6.67 -22.64
N MET K 419 20.67 -7.72 -22.98
CA MET K 419 20.45 -9.03 -22.38
C MET K 419 20.99 -9.05 -20.95
N SER K 420 20.30 -9.79 -20.10
CA SER K 420 20.65 -9.89 -18.69
C SER K 420 21.77 -10.90 -18.49
N PRO K 421 22.51 -10.79 -17.38
CA PRO K 421 23.54 -11.81 -17.09
C PRO K 421 23.00 -13.22 -17.06
N GLU K 422 21.80 -13.42 -16.51
CA GLU K 422 21.19 -14.74 -16.52
C GLU K 422 20.91 -15.20 -17.95
N GLU K 423 20.42 -14.28 -18.79
CA GLU K 423 20.20 -14.61 -20.19
C GLU K 423 21.51 -14.95 -20.90
N LEU K 424 22.57 -14.23 -20.56
CA LEU K 424 23.88 -14.52 -21.15
C LEU K 424 24.36 -15.92 -20.76
N ALA K 425 24.22 -16.26 -19.47
CA ALA K 425 24.59 -17.61 -19.04
C ALA K 425 23.74 -18.65 -19.73
N ALA K 426 22.45 -18.37 -19.91
CA ALA K 426 21.56 -19.32 -20.57
C ALA K 426 21.98 -19.57 -22.02
N VAL K 427 22.30 -18.51 -22.76
CA VAL K 427 22.67 -18.71 -24.16
C VAL K 427 24.03 -19.39 -24.26
N ILE K 428 24.96 -19.08 -23.34
CA ILE K 428 26.24 -19.79 -23.35
C ILE K 428 26.04 -21.27 -23.09
N SER K 429 25.19 -21.61 -22.12
CA SER K 429 24.91 -23.01 -21.83
C SER K 429 24.24 -23.69 -23.01
N ALA K 430 23.33 -22.99 -23.67
CA ALA K 430 22.67 -23.56 -24.85
C ALA K 430 23.66 -23.83 -25.97
N TRP K 431 24.61 -22.91 -26.18
CA TRP K 431 25.62 -23.12 -27.21
C TRP K 431 26.52 -24.30 -26.85
N GLN K 432 26.84 -24.46 -25.57
CA GLN K 432 27.67 -25.59 -25.15
C GLN K 432 27.00 -26.92 -25.43
N SER K 433 25.68 -26.94 -25.55
CA SER K 433 24.95 -28.10 -26.02
C SER K 433 24.69 -27.98 -27.52
N ASN K 434 24.30 -29.09 -28.12
CA ASN K 434 24.05 -29.13 -29.56
C ASN K 434 22.62 -28.68 -29.88
N ALA K 435 22.30 -27.45 -29.46
CA ALA K 435 20.97 -26.91 -29.66
C ALA K 435 21.00 -25.54 -30.31
N ILE K 436 22.05 -24.77 -30.06
CA ILE K 436 22.20 -23.43 -30.64
C ILE K 436 23.52 -23.40 -31.40
N SER K 437 23.46 -22.93 -32.65
CA SER K 437 24.65 -22.81 -33.47
C SER K 437 25.58 -21.74 -32.90
N PHE K 438 26.87 -21.90 -33.19
CA PHE K 438 27.86 -20.92 -32.73
C PHE K 438 27.55 -19.54 -33.30
N THR K 439 27.25 -19.49 -34.60
CA THR K 439 26.82 -18.22 -35.20
C THR K 439 25.47 -17.78 -34.64
N GLU K 440 24.60 -18.72 -34.30
CA GLU K 440 23.34 -18.35 -33.66
C GLU K 440 23.58 -17.70 -32.30
N MET K 441 24.49 -18.26 -31.50
CA MET K 441 24.81 -17.65 -30.22
C MET K 441 25.48 -16.30 -30.41
N ARG K 442 26.33 -16.16 -31.42
CA ARG K 442 26.94 -14.87 -31.71
C ARG K 442 25.88 -13.84 -32.09
N TRP K 443 24.89 -14.24 -32.90
CA TRP K 443 23.81 -13.33 -33.26
C TRP K 443 22.99 -12.96 -32.03
N GLN K 444 22.76 -13.92 -31.14
CA GLN K 444 22.08 -13.64 -29.88
C GLN K 444 22.84 -12.58 -29.08
N ILE K 445 24.15 -12.77 -28.93
CA ILE K 445 24.94 -11.89 -28.07
C ILE K 445 25.12 -10.53 -28.73
N LYS K 446 25.05 -10.45 -30.05
CA LYS K 446 25.08 -9.17 -30.73
C LYS K 446 23.73 -8.45 -30.64
N LYS K 447 22.63 -9.20 -30.64
CA LYS K 447 21.31 -8.60 -30.49
C LYS K 447 21.17 -7.93 -29.13
N GLY K 448 21.72 -8.55 -28.09
CA GLY K 448 21.68 -8.00 -26.75
C GLY K 448 22.68 -6.91 -26.47
N GLY K 449 23.41 -6.46 -27.49
CA GLY K 449 24.40 -5.41 -27.29
C GLY K 449 25.58 -5.83 -26.44
N ARG K 450 26.04 -7.07 -26.59
CA ARG K 450 27.14 -7.59 -25.79
C ARG K 450 28.37 -7.95 -26.61
N ALA K 451 28.35 -7.75 -27.93
CA ALA K 451 29.49 -8.04 -28.77
C ALA K 451 29.38 -7.21 -30.04
N TYR K 452 30.54 -6.87 -30.62
CA TYR K 452 30.54 -6.05 -31.83
C TYR K 452 31.40 -6.66 -32.92
N LEU K 453 32.46 -7.38 -32.55
CA LEU K 453 33.33 -7.98 -33.55
C LEU K 453 32.60 -9.10 -34.29
N GLU K 454 33.02 -9.32 -35.53
CA GLU K 454 32.44 -10.38 -36.34
C GLU K 454 32.80 -11.75 -35.78
N ASP K 455 32.04 -12.75 -36.19
CA ASP K 455 32.29 -14.11 -35.73
C ASP K 455 33.65 -14.61 -36.19
N GLU K 456 34.03 -14.29 -37.42
CA GLU K 456 35.33 -14.73 -37.94
C GLU K 456 36.49 -14.09 -37.18
N ASP K 457 36.37 -12.81 -36.85
CA ASP K 457 37.42 -12.15 -36.08
C ASP K 457 37.56 -12.77 -34.70
N MET K 458 36.43 -13.05 -34.04
CA MET K 458 36.48 -13.70 -32.73
C MET K 458 37.11 -15.08 -32.83
N ARG K 459 36.74 -15.85 -33.85
CA ARG K 459 37.34 -17.18 -34.04
C ARG K 459 38.84 -17.07 -34.25
N ASN K 460 39.27 -16.12 -35.08
CA ASN K 460 40.69 -15.97 -35.37
C ASN K 460 41.46 -15.58 -34.11
N GLU K 461 40.91 -14.69 -33.30
CA GLU K 461 41.62 -14.27 -32.10
C GLU K 461 41.63 -15.37 -31.04
N SER K 462 40.54 -16.11 -30.91
CA SER K 462 40.47 -17.18 -29.93
C SER K 462 41.16 -18.46 -30.38
N GLU K 463 41.59 -18.53 -31.64
CA GLU K 463 42.33 -19.70 -32.10
C GLU K 463 43.67 -19.83 -31.37
N GLN K 464 44.33 -18.71 -31.10
CA GLN K 464 45.61 -18.73 -30.44
C GLN K 464 45.44 -19.06 -28.95
N ASP K 465 46.58 -19.25 -28.28
CA ASP K 465 46.58 -19.63 -26.88
C ASP K 465 46.11 -18.47 -26.01
N ASP K 466 45.67 -18.81 -24.79
CA ASP K 466 45.25 -17.80 -23.85
C ASP K 466 46.44 -16.98 -23.38
N PRO K 467 46.22 -15.72 -23.01
CA PRO K 467 47.33 -14.90 -22.49
C PRO K 467 47.93 -15.47 -21.22
N LEU K 468 47.09 -15.68 -20.22
CA LEU K 468 47.50 -16.19 -18.91
C LEU K 468 48.67 -15.38 -18.33
N ASP L 3 -35.57 -16.99 -58.74
CA ASP L 3 -34.84 -18.10 -59.33
C ASP L 3 -34.41 -17.77 -60.75
N SER L 4 -33.13 -17.98 -61.04
CA SER L 4 -32.58 -17.72 -62.37
C SER L 4 -31.71 -18.90 -62.79
N ASN L 5 -31.73 -19.18 -64.10
CA ASN L 5 -30.95 -20.26 -64.68
C ASN L 5 -29.59 -19.80 -65.19
N ASN L 6 -29.27 -18.52 -65.07
CA ASN L 6 -28.00 -18.00 -65.56
C ASN L 6 -26.86 -18.41 -64.63
N ILE L 7 -25.65 -18.46 -65.19
CA ILE L 7 -24.46 -18.76 -64.41
C ILE L 7 -24.17 -17.67 -63.39
N LYS L 8 -24.71 -16.47 -63.59
CA LYS L 8 -24.49 -15.35 -62.69
C LYS L 8 -25.45 -15.36 -61.50
N TYR L 9 -26.34 -16.34 -61.42
CA TYR L 9 -27.32 -16.36 -60.34
C TYR L 9 -26.65 -16.51 -58.99
N VAL L 10 -27.10 -15.73 -58.02
CA VAL L 10 -26.53 -15.69 -56.68
C VAL L 10 -27.57 -16.23 -55.71
N ARG L 11 -27.12 -17.08 -54.78
CA ARG L 11 -28.03 -17.66 -53.80
C ARG L 11 -28.61 -16.56 -52.91
N GLU L 12 -29.85 -16.79 -52.44
CA GLU L 12 -30.57 -15.75 -51.72
C GLU L 12 -29.88 -15.38 -50.41
N ASP L 13 -29.35 -16.38 -49.69
CA ASP L 13 -28.67 -16.09 -48.43
C ASP L 13 -27.40 -15.29 -48.65
N ALA L 14 -26.70 -15.52 -49.77
CA ALA L 14 -25.55 -14.69 -50.09
C ALA L 14 -25.96 -13.24 -50.30
N LYS L 15 -27.08 -13.01 -50.99
CA LYS L 15 -27.58 -11.65 -51.17
C LYS L 15 -27.95 -11.03 -49.83
N LYS L 16 -28.54 -11.82 -48.93
CA LYS L 16 -28.89 -11.31 -47.61
C LYS L 16 -27.64 -10.92 -46.82
N MET L 17 -26.59 -11.73 -46.90
CA MET L 17 -25.36 -11.43 -46.18
C MET L 17 -24.50 -10.38 -46.87
N HIS L 18 -24.83 -10.03 -48.12
CA HIS L 18 -24.05 -9.03 -48.84
C HIS L 18 -24.04 -7.69 -48.11
N LYS L 19 -25.17 -7.32 -47.49
CA LYS L 19 -25.23 -6.03 -46.79
C LYS L 19 -24.27 -6.02 -45.61
N LEU L 20 -24.27 -7.08 -44.79
CA LEU L 20 -23.35 -7.14 -43.67
C LEU L 20 -21.91 -7.19 -44.15
N TRP L 21 -21.64 -7.94 -45.22
CA TRP L 21 -20.29 -8.01 -45.76
C TRP L 21 -19.81 -6.63 -46.21
N ALA L 22 -20.67 -5.88 -46.89
CA ALA L 22 -20.31 -4.54 -47.35
C ALA L 22 -20.08 -3.60 -46.17
N HIS L 23 -20.93 -3.69 -45.14
CA HIS L 23 -20.73 -2.85 -43.96
C HIS L 23 -19.40 -3.15 -43.28
N ILE L 24 -19.06 -4.43 -43.16
CA ILE L 24 -17.79 -4.81 -42.56
C ILE L 24 -16.63 -4.33 -43.41
N ARG L 25 -16.77 -4.40 -44.74
CA ARG L 25 -15.71 -3.92 -45.62
C ARG L 25 -15.50 -2.42 -45.46
N MET L 26 -16.58 -1.65 -45.35
CA MET L 26 -16.43 -0.21 -45.08
C MET L 26 -15.79 0.03 -43.72
N ALA L 27 -16.13 -0.79 -42.73
CA ALA L 27 -15.51 -0.65 -41.42
C ALA L 27 -14.00 -0.90 -41.48
N MET L 28 -13.59 -1.94 -42.23
CA MET L 28 -12.16 -2.19 -42.40
C MET L 28 -11.48 -1.08 -43.19
N GLU L 29 -12.18 -0.50 -44.18
CA GLU L 29 -11.54 0.45 -45.08
C GLU L 29 -11.02 1.66 -44.33
N GLY L 30 -11.80 2.19 -43.41
CA GLY L 30 -11.36 3.31 -42.59
C GLY L 30 -12.44 4.35 -42.47
N SER L 31 -12.00 5.59 -42.22
CA SER L 31 -12.94 6.67 -42.01
C SER L 31 -13.54 7.16 -43.33
N ARG L 32 -12.77 7.12 -44.42
CA ARG L 32 -13.26 7.67 -45.68
C ARG L 32 -14.50 6.94 -46.16
N ALA L 33 -14.51 5.61 -46.09
CA ALA L 33 -15.68 4.85 -46.50
C ALA L 33 -16.86 5.11 -45.58
N ILE L 34 -16.61 5.27 -44.28
CA ILE L 34 -17.68 5.49 -43.33
C ILE L 34 -18.35 6.84 -43.60
N LYS L 35 -17.55 7.89 -43.79
CA LYS L 35 -18.11 9.21 -44.06
C LYS L 35 -18.68 9.31 -45.48
N ASP L 36 -18.25 8.44 -46.39
CA ASP L 36 -18.83 8.43 -47.73
C ASP L 36 -20.28 7.96 -47.69
N ASN L 37 -20.52 6.85 -46.99
CA ASN L 37 -21.87 6.28 -46.86
C ASN L 37 -22.51 6.64 -45.53
N ALA L 38 -22.24 7.85 -45.03
CA ALA L 38 -22.73 8.24 -43.70
C ALA L 38 -24.24 8.29 -43.62
N LYS L 39 -24.93 8.37 -44.75
CA LYS L 39 -26.39 8.36 -44.73
C LYS L 39 -26.92 7.04 -44.17
N GLU L 40 -26.27 5.93 -44.51
CA GLU L 40 -26.71 4.63 -44.03
C GLU L 40 -26.49 4.49 -42.52
N PHE L 41 -25.41 5.07 -42.00
CA PHE L 41 -25.01 4.88 -40.61
C PHE L 41 -25.60 5.95 -39.69
N VAL L 42 -25.31 7.22 -39.97
CA VAL L 42 -25.73 8.32 -39.12
C VAL L 42 -27.07 8.84 -39.65
N PRO L 43 -28.16 8.71 -38.90
CA PRO L 43 -29.43 9.28 -39.34
C PRO L 43 -29.40 10.81 -39.28
N HIS L 44 -30.15 11.43 -40.18
CA HIS L 44 -30.26 12.87 -40.20
C HIS L 44 -30.98 13.35 -38.95
N PRO L 45 -30.49 14.39 -38.27
CA PRO L 45 -31.20 14.90 -37.08
C PRO L 45 -32.60 15.38 -37.36
N ASP L 46 -32.91 15.75 -38.61
CA ASP L 46 -34.26 16.18 -38.98
C ASP L 46 -34.50 15.87 -40.45
N ASN L 47 -35.59 15.15 -40.72
CA ASN L 47 -35.95 14.85 -42.11
C ASN L 47 -36.44 16.09 -42.83
N THR L 48 -37.16 16.97 -42.13
CA THR L 48 -37.63 18.21 -42.74
C THR L 48 -36.46 19.06 -43.23
N LYS L 49 -35.40 19.15 -42.43
CA LYS L 49 -34.18 19.80 -42.90
C LYS L 49 -33.59 19.07 -44.10
N ALA L 50 -33.59 17.73 -44.05
CA ALA L 50 -33.01 16.95 -45.14
C ALA L 50 -33.69 17.25 -46.46
N THR L 51 -35.00 17.53 -46.42
CA THR L 51 -35.70 17.93 -47.64
C THR L 51 -35.14 19.23 -48.20
N THR L 52 -34.86 20.20 -47.35
CA THR L 52 -34.35 21.50 -47.77
C THR L 52 -32.87 21.42 -48.12
N PRO L 53 -32.38 22.36 -48.94
CA PRO L 53 -30.94 22.35 -49.26
C PRO L 53 -30.05 22.78 -48.11
N GLU L 54 -30.48 23.77 -47.32
CA GLU L 54 -29.66 24.18 -46.19
C GLU L 54 -29.58 23.07 -45.14
N GLY L 55 -30.60 22.23 -45.05
CA GLY L 55 -30.53 21.10 -44.14
C GLY L 55 -29.45 20.12 -44.51
N VAL L 56 -29.37 19.76 -45.80
CA VAL L 56 -28.31 18.83 -46.22
C VAL L 56 -26.95 19.52 -46.16
N ALA L 57 -26.91 20.84 -46.37
CA ALA L 57 -25.66 21.56 -46.20
C ALA L 57 -25.17 21.48 -44.76
N ARG L 58 -26.09 21.62 -43.80
CA ARG L 58 -25.73 21.46 -42.40
C ARG L 58 -25.34 20.03 -42.09
N TYR L 59 -26.02 19.06 -42.69
CA TYR L 59 -25.71 17.65 -42.46
C TYR L 59 -24.31 17.31 -42.95
N LYS L 60 -23.88 17.93 -44.05
CA LYS L 60 -22.54 17.69 -44.56
C LYS L 60 -21.49 18.09 -43.52
N ALA L 61 -21.63 19.28 -42.94
CA ALA L 61 -20.70 19.71 -41.90
C ALA L 61 -20.86 18.87 -40.64
N TYR L 62 -22.06 18.39 -40.38
CA TYR L 62 -22.28 17.49 -39.25
C TYR L 62 -21.48 16.20 -39.40
N ILE L 63 -21.47 15.63 -40.61
CA ILE L 63 -20.71 14.42 -40.86
C ILE L 63 -19.21 14.71 -40.86
N GLU L 64 -18.80 15.83 -41.44
CA GLU L 64 -17.37 16.14 -41.54
C GLU L 64 -16.73 16.29 -40.17
N ARG L 65 -17.44 16.93 -39.23
CA ARG L 65 -16.89 17.15 -37.90
C ARG L 65 -16.78 15.87 -37.08
N ALA L 66 -17.38 14.77 -37.53
CA ALA L 66 -17.39 13.54 -36.76
C ALA L 66 -16.01 12.90 -36.74
N VAL L 67 -15.81 11.98 -35.80
CA VAL L 67 -14.55 11.28 -35.62
C VAL L 67 -14.82 9.79 -35.70
N TRP L 68 -14.08 9.10 -36.57
CA TRP L 68 -14.19 7.64 -36.70
C TRP L 68 -13.09 6.98 -35.88
N TYR L 69 -13.49 6.08 -34.98
CA TYR L 69 -12.51 5.41 -34.14
C TYR L 69 -11.60 4.49 -34.94
N GLY L 70 -12.15 3.73 -35.88
CA GLY L 70 -11.36 2.72 -36.57
C GLY L 70 -10.90 1.60 -35.66
N ALA L 71 -11.78 1.12 -34.79
CA ALA L 71 -11.43 0.07 -33.84
C ALA L 71 -11.54 -1.33 -34.42
N SER L 72 -12.48 -1.55 -35.34
CA SER L 72 -12.63 -2.89 -35.91
C SER L 72 -11.41 -3.28 -36.73
N ALA L 73 -10.85 -2.34 -37.49
CA ALA L 73 -9.61 -2.62 -38.22
C ALA L 73 -8.48 -2.96 -37.25
N ASN L 74 -8.41 -2.26 -36.12
CA ASN L 74 -7.40 -2.57 -35.12
C ASN L 74 -7.58 -3.97 -34.55
N THR L 75 -8.84 -4.35 -34.30
CA THR L 75 -9.11 -5.72 -33.83
C THR L 75 -8.65 -6.75 -34.85
N VAL L 76 -8.95 -6.51 -36.13
CA VAL L 76 -8.53 -7.46 -37.17
C VAL L 76 -7.01 -7.55 -37.23
N ASP L 77 -6.32 -6.40 -37.18
CA ASP L 77 -4.87 -6.41 -37.24
C ASP L 77 -4.27 -7.14 -36.05
N GLY L 78 -4.78 -6.88 -34.84
CA GLY L 78 -4.26 -7.54 -33.66
C GLY L 78 -4.52 -9.03 -33.69
N MET L 79 -5.70 -9.44 -34.16
CA MET L 79 -6.03 -10.86 -34.26
C MET L 79 -5.11 -11.55 -35.25
N LEU L 80 -4.85 -10.91 -36.39
CA LEU L 80 -3.91 -11.46 -37.37
C LEU L 80 -2.52 -11.58 -36.79
N GLY L 81 -2.07 -10.55 -36.06
CA GLY L 81 -0.74 -10.61 -35.45
C GLY L 81 -0.63 -11.70 -34.42
N GLN L 82 -1.69 -11.91 -33.64
CA GLN L 82 -1.69 -12.99 -32.66
C GLN L 82 -1.66 -14.36 -33.33
N ILE L 83 -2.48 -14.54 -34.36
CA ILE L 83 -2.53 -15.85 -35.03
C ILE L 83 -1.24 -16.08 -35.81
N PHE L 84 -0.79 -15.09 -36.57
CA PHE L 84 0.36 -15.26 -37.45
C PHE L 84 1.60 -14.69 -36.78
N ALA L 85 2.25 -15.52 -35.97
CA ALA L 85 3.56 -15.24 -35.41
C ALA L 85 4.52 -16.31 -35.88
N ARG L 86 5.76 -15.91 -36.13
CA ARG L 86 6.79 -16.76 -36.73
C ARG L 86 6.23 -17.21 -38.08
N ASP L 87 6.22 -18.51 -38.39
CA ASP L 87 5.65 -19.01 -39.62
C ASP L 87 4.90 -20.30 -39.35
N PRO L 88 3.85 -20.60 -40.12
CA PRO L 88 3.17 -21.88 -39.97
C PRO L 88 4.11 -23.04 -40.26
N VAL L 89 3.94 -24.13 -39.51
CA VAL L 89 4.81 -25.29 -39.63
C VAL L 89 4.24 -26.24 -40.67
N PHE L 90 5.08 -26.66 -41.60
CA PHE L 90 4.69 -27.62 -42.64
C PHE L 90 5.30 -28.98 -42.32
N THR L 91 4.45 -30.00 -42.34
CA THR L 91 4.86 -31.37 -42.01
C THR L 91 4.92 -32.20 -43.28
N GLY L 92 6.03 -32.88 -43.50
CA GLY L 92 6.22 -33.70 -44.68
C GLY L 92 7.45 -33.28 -45.44
N PRO L 93 7.65 -33.86 -46.63
CA PRO L 93 8.79 -33.46 -47.46
C PRO L 93 8.69 -31.99 -47.85
N GLU L 94 9.83 -31.31 -47.84
CA GLU L 94 9.89 -29.90 -48.19
C GLU L 94 10.46 -29.64 -49.57
N ASP L 95 11.45 -30.42 -49.99
CA ASP L 95 12.01 -30.26 -51.34
C ASP L 95 10.99 -30.63 -52.41
N LYS L 96 10.12 -31.58 -52.13
CA LYS L 96 9.11 -32.02 -53.09
C LYS L 96 7.91 -31.09 -53.14
N PHE L 97 7.80 -30.15 -52.21
CA PHE L 97 6.70 -29.18 -52.19
C PHE L 97 7.18 -27.74 -52.26
N ASP L 98 8.43 -27.52 -52.70
CA ASP L 98 9.00 -26.18 -52.66
C ASP L 98 8.25 -25.22 -53.59
N MET L 99 7.74 -25.73 -54.71
CA MET L 99 7.03 -24.88 -55.65
C MET L 99 5.73 -24.33 -55.06
N LEU L 100 5.10 -25.07 -54.15
CA LEU L 100 3.90 -24.56 -53.50
C LEU L 100 4.23 -23.55 -52.42
N ILE L 101 5.32 -23.75 -51.69
CA ILE L 101 5.69 -22.81 -50.63
C ILE L 101 6.17 -21.50 -51.22
N ASN L 102 6.99 -21.56 -52.27
CA ASN L 102 7.55 -20.34 -52.84
C ASN L 102 6.47 -19.49 -53.50
N ASP L 103 5.66 -20.09 -54.37
CA ASP L 103 4.58 -19.38 -55.06
C ASP L 103 3.37 -20.31 -55.10
N VAL L 104 2.39 -20.04 -54.25
CA VAL L 104 1.25 -20.93 -54.11
C VAL L 104 0.37 -20.88 -55.36
N ASP L 105 0.37 -19.74 -56.06
CA ASP L 105 -0.43 -19.56 -57.26
C ASP L 105 0.41 -19.05 -58.42
N GLY L 106 1.71 -19.30 -58.39
CA GLY L 106 2.59 -18.89 -59.47
C GLY L 106 2.72 -17.40 -59.66
N SER L 107 2.67 -16.63 -58.56
CA SER L 107 2.83 -15.19 -58.63
C SER L 107 3.97 -14.69 -57.74
N GLY L 108 4.78 -15.60 -57.19
CA GLY L 108 5.82 -15.23 -56.26
C GLY L 108 5.34 -15.02 -54.84
N LEU L 109 4.05 -15.16 -54.58
CA LEU L 109 3.50 -14.99 -53.24
C LEU L 109 3.60 -16.31 -52.50
N SER L 110 4.27 -16.29 -51.34
CA SER L 110 4.45 -17.51 -50.57
C SER L 110 3.11 -17.99 -50.00
N ILE L 111 3.07 -19.28 -49.68
CA ILE L 111 1.86 -19.86 -49.11
C ILE L 111 1.53 -19.21 -47.78
N HIS L 112 2.54 -18.72 -47.06
CA HIS L 112 2.28 -18.07 -45.78
C HIS L 112 1.48 -16.78 -45.95
N GLN L 113 1.80 -15.98 -46.97
CA GLN L 113 1.05 -14.76 -47.19
C GLN L 113 -0.40 -15.06 -47.58
N GLN L 114 -0.61 -16.07 -48.43
CA GLN L 114 -1.98 -16.45 -48.78
C GLN L 114 -2.75 -16.96 -47.57
N ALA L 115 -2.07 -17.72 -46.70
CA ALA L 115 -2.71 -18.17 -45.47
C ALA L 115 -3.06 -16.99 -44.57
N ARG L 116 -2.19 -15.99 -44.52
CA ARG L 116 -2.48 -14.78 -43.74
C ARG L 116 -3.70 -14.06 -44.29
N ASP L 117 -3.79 -13.95 -45.62
CA ASP L 117 -4.94 -13.30 -46.22
C ASP L 117 -6.23 -14.08 -45.94
N SER L 118 -6.16 -15.41 -46.03
CA SER L 118 -7.32 -16.24 -45.73
C SER L 118 -7.74 -16.08 -44.27
N ALA L 119 -6.77 -16.04 -43.36
CA ALA L 119 -7.08 -15.84 -41.95
C ALA L 119 -7.71 -14.49 -41.71
N GLU L 120 -7.22 -13.45 -42.39
CA GLU L 120 -7.82 -12.13 -42.26
C GLU L 120 -9.26 -12.13 -42.75
N ASP L 121 -9.52 -12.76 -43.89
CA ASP L 121 -10.89 -12.84 -44.40
C ASP L 121 -11.79 -13.64 -43.47
N ALA L 122 -11.28 -14.72 -42.88
CA ALA L 122 -12.09 -15.51 -41.97
C ALA L 122 -12.33 -14.80 -40.64
N LEU L 123 -11.40 -13.95 -40.21
CA LEU L 123 -11.59 -13.20 -38.98
C LEU L 123 -12.54 -12.03 -39.18
N SER L 124 -12.49 -11.39 -40.36
CA SER L 124 -13.25 -10.17 -40.57
C SER L 124 -14.71 -10.47 -40.89
N LEU L 125 -14.98 -11.17 -41.99
CA LEU L 125 -16.34 -11.52 -42.36
C LEU L 125 -16.63 -13.01 -42.34
N GLY L 126 -15.67 -13.83 -41.93
CA GLY L 126 -15.94 -15.24 -41.65
C GLY L 126 -16.34 -16.08 -42.84
N ARG L 127 -15.67 -15.91 -43.97
CA ARG L 127 -15.93 -16.75 -45.13
C ARG L 127 -14.77 -16.65 -46.10
N GLY L 128 -14.55 -17.73 -46.85
CA GLY L 128 -13.49 -17.78 -47.84
C GLY L 128 -13.58 -19.08 -48.61
N GLY L 129 -12.66 -19.23 -49.56
CA GLY L 129 -12.63 -20.44 -50.37
C GLY L 129 -11.23 -20.74 -50.85
N LEU L 130 -10.94 -22.04 -50.97
CA LEU L 130 -9.67 -22.51 -51.51
C LEU L 130 -9.97 -23.49 -52.65
N PHE L 131 -9.38 -23.24 -53.81
CA PHE L 131 -9.59 -24.06 -55.00
C PHE L 131 -8.23 -24.52 -55.52
N VAL L 132 -8.14 -25.81 -55.87
CA VAL L 132 -6.91 -26.39 -56.40
C VAL L 132 -7.21 -26.90 -57.80
N ASP L 133 -6.43 -26.45 -58.77
CA ASP L 133 -6.62 -26.85 -60.16
C ASP L 133 -5.26 -27.05 -60.83
N TYR L 134 -5.30 -27.73 -61.97
CA TYR L 134 -4.09 -28.02 -62.75
C TYR L 134 -3.97 -27.02 -63.90
N SER L 135 -2.74 -26.56 -64.12
CA SER L 135 -2.50 -25.58 -65.18
C SER L 135 -2.81 -26.16 -66.56
N ALA L 152 3.90 -27.93 -66.33
CA ALA L 152 2.57 -27.92 -65.68
C ALA L 152 2.73 -27.94 -64.15
N ARG L 153 1.72 -27.48 -63.41
CA ARG L 153 1.83 -27.38 -61.93
C ARG L 153 0.45 -27.12 -61.31
N PRO L 154 0.16 -27.54 -60.06
CA PRO L 154 -1.11 -27.21 -59.41
C PRO L 154 -1.04 -25.91 -58.65
N TYR L 155 -2.12 -25.13 -58.75
CA TYR L 155 -2.20 -23.82 -58.14
C TYR L 155 -3.33 -23.80 -57.12
N ILE L 156 -3.03 -23.32 -55.93
CA ILE L 156 -4.03 -23.21 -54.86
C ILE L 156 -4.63 -21.82 -54.95
N LYS L 157 -5.93 -21.76 -55.19
CA LYS L 157 -6.62 -20.50 -55.41
C LYS L 157 -6.89 -19.78 -54.10
N PHE L 158 -7.28 -18.52 -54.20
CA PHE L 158 -7.89 -17.79 -53.10
C PHE L 158 -9.15 -17.12 -53.64
N ILE L 159 -10.31 -17.51 -53.13
CA ILE L 159 -11.59 -17.01 -53.60
C ILE L 159 -12.21 -16.18 -52.49
N ALA L 160 -12.47 -14.91 -52.79
CA ALA L 160 -13.11 -14.04 -51.81
C ALA L 160 -14.55 -14.49 -51.55
N ALA L 161 -15.06 -14.12 -50.38
CA ALA L 161 -16.38 -14.60 -49.97
C ALA L 161 -17.48 -14.16 -50.91
N GLU L 162 -17.41 -12.91 -51.39
CA GLU L 162 -18.41 -12.44 -52.33
C GLU L 162 -18.32 -13.15 -53.68
N ASP L 163 -17.20 -13.78 -53.99
CA ASP L 163 -17.05 -14.45 -55.27
C ASP L 163 -17.83 -15.76 -55.32
N ILE L 164 -17.82 -16.54 -54.24
CA ILE L 164 -18.63 -17.75 -54.19
C ILE L 164 -20.11 -17.34 -54.12
N LEU L 165 -20.84 -17.57 -55.21
CA LEU L 165 -22.21 -17.10 -55.32
C LEU L 165 -23.22 -18.22 -55.50
N ASN L 166 -22.79 -19.48 -55.53
CA ASN L 166 -23.72 -20.59 -55.70
C ASN L 166 -23.08 -21.86 -55.19
N TRP L 167 -23.87 -22.68 -54.50
CA TRP L 167 -23.43 -23.99 -54.05
C TRP L 167 -24.67 -24.84 -53.78
N ARG L 168 -24.45 -26.16 -53.70
CA ARG L 168 -25.54 -27.11 -53.50
C ARG L 168 -25.07 -28.22 -52.58
N GLU L 169 -26.00 -28.77 -51.80
CA GLU L 169 -25.72 -29.88 -50.88
C GLU L 169 -26.70 -31.01 -51.19
N ARG L 170 -26.34 -31.86 -52.14
CA ARG L 170 -27.13 -33.01 -52.53
C ARG L 170 -26.52 -34.26 -51.91
N TRP L 171 -27.30 -34.97 -51.10
CA TRP L 171 -26.81 -36.15 -50.41
C TRP L 171 -26.75 -37.33 -51.37
N VAL L 172 -25.58 -37.94 -51.47
CA VAL L 172 -25.34 -39.10 -52.33
C VAL L 172 -25.03 -40.28 -51.43
N ASN L 173 -25.86 -41.32 -51.51
CA ASN L 173 -25.71 -42.52 -50.68
C ASN L 173 -25.62 -42.16 -49.21
N GLY L 174 -26.47 -41.22 -48.79
CA GLY L 174 -26.51 -40.83 -47.39
C GLY L 174 -25.29 -40.11 -46.87
N ALA L 175 -24.67 -39.27 -47.70
CA ALA L 175 -23.50 -38.51 -47.29
C ALA L 175 -23.61 -37.08 -47.78
N LYS L 176 -23.10 -36.13 -46.99
CA LYS L 176 -22.96 -34.74 -47.42
C LYS L 176 -21.97 -34.65 -48.56
N ARG L 177 -22.47 -34.36 -49.76
CA ARG L 177 -21.63 -34.13 -50.92
C ARG L 177 -22.00 -32.81 -51.56
N THR L 178 -20.99 -31.97 -51.82
CA THR L 178 -21.20 -30.69 -52.48
C THR L 178 -21.13 -30.95 -53.98
N THR L 179 -22.29 -30.94 -54.64
CA THR L 179 -22.37 -31.30 -56.05
C THR L 179 -22.08 -30.12 -56.97
N LEU L 180 -22.70 -28.97 -56.71
CA LEU L 180 -22.51 -27.78 -57.52
C LEU L 180 -21.84 -26.69 -56.71
N LEU L 181 -20.93 -25.96 -57.35
CA LEU L 181 -20.28 -24.82 -56.70
C LEU L 181 -19.76 -23.90 -57.79
N VAL L 182 -20.31 -22.70 -57.86
CA VAL L 182 -19.94 -21.72 -58.88
C VAL L 182 -19.41 -20.48 -58.17
N PHE L 183 -18.20 -20.07 -58.53
CA PHE L 183 -17.57 -18.89 -57.95
C PHE L 183 -17.08 -17.98 -59.06
N ARG L 184 -17.17 -16.67 -58.83
CA ARG L 184 -16.77 -15.70 -59.83
C ARG L 184 -15.25 -15.51 -59.81
N GLU L 185 -14.65 -15.53 -60.99
CA GLU L 185 -13.22 -15.33 -61.15
C GLU L 185 -13.03 -14.00 -61.87
N GLU L 186 -12.28 -13.09 -61.26
CA GLU L 186 -12.04 -11.77 -61.83
C GLU L 186 -10.62 -11.69 -62.36
N SER L 187 -10.47 -11.02 -63.49
CA SER L 187 -9.15 -10.88 -64.12
C SER L 187 -9.10 -9.58 -64.90
N ASP L 188 -7.89 -9.14 -65.21
CA ASP L 188 -7.65 -7.92 -65.96
C ASP L 188 -7.28 -8.28 -67.40
N ALA L 189 -7.95 -7.65 -68.36
CA ALA L 189 -7.69 -7.94 -69.76
C ALA L 189 -6.36 -7.33 -70.18
N ASP L 190 -5.51 -8.17 -70.80
CA ASP L 190 -4.20 -7.74 -71.26
C ASP L 190 -4.29 -7.38 -72.74
N ASP L 191 -4.91 -6.24 -73.01
CA ASP L 191 -5.02 -5.74 -74.37
C ASP L 191 -3.73 -5.04 -74.78
N ASP L 192 -3.67 -4.60 -76.04
CA ASP L 192 -2.49 -3.90 -76.52
C ASP L 192 -2.28 -2.59 -75.80
N GLY L 193 -3.36 -1.84 -75.57
CA GLY L 193 -3.24 -0.55 -74.92
C GLY L 193 -3.06 -0.67 -73.42
N TYR L 194 -2.73 0.48 -72.81
CA TYR L 194 -2.57 0.54 -71.36
C TYR L 194 -3.87 0.78 -70.62
N GLN L 195 -4.97 1.01 -71.34
CA GLN L 195 -6.26 1.21 -70.70
C GLN L 195 -6.69 -0.05 -69.95
N ILE L 196 -7.17 0.13 -68.72
CA ILE L 196 -7.52 -1.00 -67.88
C ILE L 196 -8.95 -1.44 -68.20
N TYR L 197 -9.09 -2.71 -68.55
CA TYR L 197 -10.40 -3.31 -68.78
C TYR L 197 -10.79 -4.15 -67.56
N LYS L 198 -11.92 -4.85 -67.66
CA LYS L 198 -12.38 -5.69 -66.54
C LYS L 198 -13.25 -6.79 -67.14
N GLU L 199 -12.69 -7.99 -67.24
CA GLU L 199 -13.43 -9.16 -67.71
C GLU L 199 -13.54 -10.17 -66.59
N GLU L 200 -14.66 -10.88 -66.55
CA GLU L 200 -14.95 -11.84 -65.50
C GLU L 200 -15.04 -13.25 -66.07
N VAL L 201 -14.63 -14.22 -65.25
CA VAL L 201 -14.69 -15.63 -65.61
C VAL L 201 -15.50 -16.35 -64.54
N TRP L 202 -16.39 -17.24 -64.96
CA TRP L 202 -17.20 -18.03 -64.06
C TRP L 202 -16.80 -19.50 -64.17
N ARG L 203 -16.46 -20.10 -63.04
CA ARG L 203 -16.08 -21.51 -62.97
C ARG L 203 -17.23 -22.32 -62.40
N GLU L 204 -17.66 -23.35 -63.13
CA GLU L 204 -18.75 -24.22 -62.73
C GLU L 204 -18.17 -25.56 -62.32
N LEU L 205 -18.18 -25.84 -61.03
CA LEU L 205 -17.67 -27.09 -60.49
C LEU L 205 -18.84 -28.02 -60.22
N ARG L 206 -18.85 -29.18 -60.88
CA ARG L 206 -19.96 -30.11 -60.79
C ARG L 206 -19.46 -31.49 -60.38
N LEU L 207 -20.30 -32.21 -59.64
CA LEU L 207 -19.98 -33.55 -59.16
C LEU L 207 -21.15 -34.48 -59.52
N VAL L 208 -20.96 -35.30 -60.54
CA VAL L 208 -21.95 -36.28 -60.97
C VAL L 208 -21.44 -37.67 -60.65
N ASP L 209 -22.30 -38.50 -60.05
CA ASP L 209 -22.00 -39.85 -59.59
C ASP L 209 -20.59 -39.98 -59.01
N GLY L 210 -20.22 -39.06 -58.13
CA GLY L 210 -18.90 -39.10 -57.52
C GLY L 210 -17.75 -38.86 -58.48
N THR L 211 -17.93 -37.97 -59.45
CA THR L 211 -16.88 -37.64 -60.40
C THR L 211 -16.84 -36.13 -60.58
N TYR L 212 -15.65 -35.55 -60.47
CA TYR L 212 -15.48 -34.10 -60.51
C TYR L 212 -15.42 -33.62 -61.96
N TRP L 213 -16.35 -32.73 -62.33
CA TRP L 213 -16.37 -32.08 -63.62
C TRP L 213 -16.27 -30.58 -63.43
N GLN L 214 -15.67 -29.90 -64.40
CA GLN L 214 -15.53 -28.45 -64.32
C GLN L 214 -15.56 -27.84 -65.71
N ARG L 215 -15.93 -26.57 -65.76
CA ARG L 215 -15.91 -25.79 -67.00
C ARG L 215 -15.82 -24.32 -66.64
N THR L 216 -15.43 -23.51 -67.61
CA THR L 216 -15.25 -22.07 -67.41
C THR L 216 -16.21 -21.30 -68.30
N TRP L 217 -16.72 -20.19 -67.77
CA TRP L 217 -17.60 -19.29 -68.49
C TRP L 217 -16.93 -17.93 -68.62
N ARG L 218 -16.92 -17.38 -69.83
CA ARG L 218 -16.32 -16.08 -70.09
C ARG L 218 -17.34 -15.15 -70.72
N GLU L 219 -17.19 -13.86 -70.44
CA GLU L 219 -18.08 -12.83 -70.94
C GLU L 219 -17.30 -11.77 -71.69
N ASN L 220 -17.81 -11.35 -72.84
CA ASN L 220 -17.22 -10.26 -73.61
C ASN L 220 -18.28 -9.71 -74.55
N ASP L 221 -18.46 -8.39 -74.51
CA ASP L 221 -19.46 -7.70 -75.35
C ASP L 221 -20.86 -8.24 -75.14
N GLY L 222 -21.16 -8.66 -73.92
CA GLY L 222 -22.48 -9.19 -73.59
C GLY L 222 -22.72 -10.61 -74.02
N GLN L 223 -21.71 -11.28 -74.57
CA GLN L 223 -21.84 -12.65 -75.04
C GLN L 223 -21.20 -13.61 -74.04
N LEU L 224 -21.85 -14.76 -73.85
CA LEU L 224 -21.37 -15.77 -72.90
C LEU L 224 -20.70 -16.89 -73.69
N TYR L 225 -19.42 -17.11 -73.41
CA TYR L 225 -18.66 -18.19 -74.01
C TYR L 225 -18.63 -19.37 -73.07
N VAL L 226 -18.96 -20.56 -73.59
CA VAL L 226 -19.03 -21.77 -72.79
C VAL L 226 -17.86 -22.67 -73.16
N ASP L 227 -17.41 -23.45 -72.19
CA ASP L 227 -16.30 -24.39 -72.38
C ASP L 227 -16.79 -25.81 -72.17
N ASP L 228 -16.19 -26.73 -72.91
CA ASP L 228 -16.58 -28.13 -72.84
C ASP L 228 -16.25 -28.71 -71.47
N TRP L 229 -17.10 -29.65 -71.03
CA TRP L 229 -16.89 -30.31 -69.74
C TRP L 229 -15.61 -31.12 -69.76
N ILE L 230 -14.81 -30.97 -68.71
CA ILE L 230 -13.55 -31.70 -68.57
C ILE L 230 -13.51 -32.36 -67.20
N SER L 231 -12.70 -33.41 -67.09
CA SER L 231 -12.54 -34.15 -65.85
C SER L 231 -11.07 -34.20 -65.47
N PRO L 232 -10.60 -33.31 -64.59
CA PRO L 232 -9.21 -33.39 -64.13
C PRO L 232 -8.96 -34.71 -63.42
N THR L 233 -7.75 -35.24 -63.62
CA THR L 233 -7.38 -36.54 -63.07
C THR L 233 -6.03 -36.44 -62.38
N LYS L 234 -5.84 -37.29 -61.37
CA LYS L 234 -4.59 -37.34 -60.64
C LYS L 234 -3.51 -38.04 -61.47
N ALA L 235 -2.27 -37.99 -60.96
CA ALA L 235 -1.17 -38.64 -61.65
C ALA L 235 -1.39 -40.15 -61.72
N ASP L 236 -1.84 -40.76 -60.63
CA ASP L 236 -2.16 -42.17 -60.65
C ASP L 236 -3.37 -42.46 -61.54
N GLY L 237 -4.35 -41.57 -61.50
CA GLY L 237 -5.56 -41.74 -62.31
C GLY L 237 -6.83 -41.67 -61.49
N SER L 238 -7.85 -42.43 -61.91
CA SER L 238 -9.12 -42.54 -61.20
C SER L 238 -9.84 -41.20 -61.09
N GLN L 239 -9.48 -40.25 -61.96
CA GLN L 239 -10.11 -38.93 -62.02
C GLN L 239 -10.16 -38.28 -60.64
N PHE L 240 -11.35 -37.90 -60.17
CA PHE L 240 -11.50 -37.28 -58.86
C PHE L 240 -12.83 -37.70 -58.26
N ASP L 241 -12.82 -37.99 -56.96
CA ASP L 241 -14.03 -38.41 -56.27
C ASP L 241 -14.77 -37.25 -55.63
N GLU L 242 -14.08 -36.15 -55.33
CA GLU L 242 -14.68 -35.00 -54.68
C GLU L 242 -14.19 -33.73 -55.36
N ILE L 243 -14.98 -32.67 -55.21
CA ILE L 243 -14.63 -31.37 -55.80
C ILE L 243 -13.49 -30.75 -55.00
N PRO L 244 -12.39 -30.36 -55.64
CA PRO L 244 -11.26 -29.76 -54.90
C PRO L 244 -11.53 -28.32 -54.51
N PHE L 245 -12.56 -28.11 -53.70
CA PHE L 245 -12.91 -26.79 -53.20
C PHE L 245 -13.34 -26.92 -51.75
N VAL L 246 -12.74 -26.13 -50.88
CA VAL L 246 -13.07 -26.11 -49.45
C VAL L 246 -13.43 -24.68 -49.06
N ILE L 247 -14.57 -24.54 -48.39
CA ILE L 247 -15.03 -23.24 -47.91
C ILE L 247 -14.76 -23.18 -46.41
N PHE L 248 -13.88 -22.27 -46.00
CA PHE L 248 -13.49 -22.12 -44.61
C PHE L 248 -14.15 -20.88 -44.03
N GLY L 249 -14.63 -20.99 -42.80
CA GLY L 249 -15.28 -19.90 -42.11
C GLY L 249 -14.90 -19.87 -40.65
N SER L 250 -15.43 -18.86 -39.95
CA SER L 250 -15.15 -18.74 -38.52
C SER L 250 -15.74 -19.90 -37.74
N LYS L 251 -16.93 -20.36 -38.12
CA LYS L 251 -17.59 -21.43 -37.38
C LYS L 251 -17.00 -22.80 -37.74
N ASN L 252 -17.10 -23.18 -39.01
CA ASN L 252 -16.63 -24.49 -39.45
C ASN L 252 -16.41 -24.45 -40.96
N ASN L 253 -15.75 -25.49 -41.46
CA ASN L 253 -15.47 -25.61 -42.90
C ASN L 253 -16.66 -26.28 -43.59
N ASP L 254 -17.73 -25.49 -43.72
CA ASP L 254 -18.96 -25.96 -44.33
C ASP L 254 -19.41 -24.96 -45.38
N PRO L 255 -20.12 -25.42 -46.42
CA PRO L 255 -20.65 -24.48 -47.42
C PRO L 255 -21.66 -23.50 -46.84
N THR L 256 -22.31 -23.83 -45.73
CA THR L 256 -23.26 -22.92 -45.11
C THR L 256 -22.55 -21.69 -44.57
N ILE L 257 -23.19 -20.54 -44.72
CA ILE L 257 -22.59 -19.28 -44.30
C ILE L 257 -22.54 -19.20 -42.78
N ASP L 258 -21.45 -18.66 -42.26
CA ASP L 258 -21.26 -18.46 -40.83
C ASP L 258 -21.32 -16.97 -40.51
N MET L 259 -21.86 -16.66 -39.34
CA MET L 259 -21.98 -15.27 -38.92
C MET L 259 -20.60 -14.66 -38.72
N PRO L 260 -20.33 -13.50 -39.28
CA PRO L 260 -19.02 -12.87 -39.09
C PRO L 260 -18.77 -12.54 -37.63
N PRO L 261 -17.55 -12.75 -37.13
CA PRO L 261 -17.27 -12.47 -35.72
C PRO L 261 -17.25 -10.99 -35.38
N MET L 262 -17.17 -10.11 -36.38
CA MET L 262 -16.97 -8.68 -36.15
C MET L 262 -18.25 -7.87 -36.31
N ARG L 263 -19.40 -8.53 -36.40
CA ARG L 263 -20.66 -7.81 -36.62
C ARG L 263 -20.99 -6.92 -35.42
N ASP L 264 -20.91 -7.47 -34.21
CA ASP L 264 -21.26 -6.70 -33.02
C ASP L 264 -20.29 -5.53 -32.82
N LEU L 265 -19.00 -5.77 -33.05
CA LEU L 265 -18.03 -4.68 -32.93
C LEU L 265 -18.28 -3.61 -33.98
N VAL L 266 -18.69 -4.01 -35.18
CA VAL L 266 -18.98 -3.03 -36.22
C VAL L 266 -20.18 -2.17 -35.83
N GLU L 267 -21.23 -2.80 -35.31
CA GLU L 267 -22.40 -2.02 -34.88
C GLU L 267 -22.04 -1.08 -33.73
N LEU L 268 -21.24 -1.56 -32.78
CA LEU L 268 -20.82 -0.70 -31.68
C LEU L 268 -19.99 0.47 -32.17
N ASN L 269 -19.10 0.22 -33.14
CA ASN L 269 -18.29 1.29 -33.70
C ASN L 269 -19.14 2.32 -34.43
N ILE L 270 -20.18 1.86 -35.14
CA ILE L 270 -21.08 2.79 -35.82
C ILE L 270 -21.83 3.65 -34.81
N ALA L 271 -22.32 3.03 -33.74
CA ALA L 271 -23.00 3.79 -32.69
C ALA L 271 -22.07 4.81 -32.05
N HIS L 272 -20.83 4.41 -31.77
CA HIS L 272 -19.87 5.36 -31.23
C HIS L 272 -19.57 6.47 -32.22
N PHE L 273 -19.57 6.16 -33.52
CA PHE L 273 -19.32 7.19 -34.53
C PHE L 273 -20.43 8.24 -34.54
N ARG L 274 -21.70 7.80 -34.46
CA ARG L 274 -22.78 8.77 -34.45
C ARG L 274 -22.78 9.58 -33.14
N ASN L 275 -22.45 8.92 -32.02
CA ASN L 275 -22.32 9.64 -30.76
C ASN L 275 -21.20 10.67 -30.85
N SER L 276 -20.11 10.33 -31.51
CA SER L 276 -19.01 11.27 -31.69
C SER L 276 -19.41 12.42 -32.58
N ALA L 277 -20.22 12.16 -33.61
CA ALA L 277 -20.74 13.25 -34.43
C ALA L 277 -21.53 14.24 -33.59
N ASP L 278 -22.45 13.74 -32.76
CA ASP L 278 -23.22 14.61 -31.88
C ASP L 278 -22.31 15.38 -30.92
N TYR L 279 -21.35 14.69 -30.32
CA TYR L 279 -20.47 15.31 -29.34
C TYR L 279 -19.61 16.39 -29.98
N GLU L 280 -19.10 16.13 -31.18
CA GLU L 280 -18.27 17.12 -31.88
C GLU L 280 -19.09 18.33 -32.28
N GLU L 281 -20.34 18.13 -32.72
CA GLU L 281 -21.19 19.28 -33.02
C GLU L 281 -21.42 20.12 -31.77
N ALA L 282 -21.70 19.46 -30.64
CA ALA L 282 -21.91 20.20 -29.40
C ALA L 282 -20.65 20.95 -28.98
N CYS L 283 -19.49 20.32 -29.12
CA CYS L 283 -18.24 20.97 -28.76
C CYS L 283 -17.96 22.18 -29.65
N PHE L 284 -18.23 22.04 -30.96
CA PHE L 284 -18.01 23.16 -31.86
C PHE L 284 -18.93 24.33 -31.53
N ILE L 285 -20.20 24.05 -31.23
CA ILE L 285 -21.16 25.14 -31.04
C ILE L 285 -21.03 25.74 -29.65
N CYS L 286 -21.29 24.94 -28.61
CA CYS L 286 -21.40 25.45 -27.25
C CYS L 286 -20.11 25.33 -26.45
N GLY L 287 -19.02 24.87 -27.07
CA GLY L 287 -17.77 24.71 -26.34
C GLY L 287 -17.05 26.02 -26.07
N GLN L 288 -17.28 27.02 -26.90
CA GLN L 288 -16.60 28.30 -26.74
C GLN L 288 -17.33 29.17 -25.71
N PRO L 289 -16.63 29.68 -24.70
CA PRO L 289 -17.30 30.55 -23.73
C PRO L 289 -17.74 31.87 -24.35
N THR L 290 -18.84 32.41 -23.82
CA THR L 290 -19.43 33.65 -24.31
C THR L 290 -19.72 34.59 -23.14
N LEU L 291 -19.65 35.89 -23.41
CA LEU L 291 -19.78 36.88 -22.34
C LEU L 291 -21.18 36.89 -21.73
N PHE L 292 -22.21 36.98 -22.58
CA PHE L 292 -23.60 37.01 -22.14
C PHE L 292 -23.85 38.15 -21.16
N LEU L 293 -23.67 39.37 -21.65
CA LEU L 293 -23.86 40.57 -20.83
C LEU L 293 -25.36 40.82 -20.66
N SER L 294 -25.91 40.37 -19.54
CA SER L 294 -27.32 40.57 -19.26
C SER L 294 -27.55 41.92 -18.60
N GLY L 295 -28.80 42.38 -18.65
CA GLY L 295 -29.15 43.67 -18.08
C GLY L 295 -28.48 44.84 -18.78
N LEU L 296 -28.43 44.82 -20.11
CA LEU L 296 -27.74 45.83 -20.88
C LEU L 296 -28.73 46.57 -21.76
N THR L 297 -28.57 47.89 -21.84
CA THR L 297 -29.44 48.74 -22.64
C THR L 297 -28.73 49.17 -23.91
N GLU L 298 -29.51 49.38 -24.97
CA GLU L 298 -28.94 49.78 -26.25
C GLU L 298 -28.26 51.13 -26.15
N HIS L 299 -28.83 52.05 -25.36
CA HIS L 299 -28.21 53.35 -25.17
C HIS L 299 -26.81 53.20 -24.58
N TRP L 300 -26.65 52.36 -23.57
CA TRP L 300 -25.35 52.12 -22.98
C TRP L 300 -24.39 51.50 -23.99
N VAL L 301 -24.87 50.53 -24.77
CA VAL L 301 -24.04 49.88 -25.77
C VAL L 301 -23.48 50.91 -26.73
N LYS L 302 -24.36 51.75 -27.30
CA LYS L 302 -23.90 52.76 -28.24
C LYS L 302 -23.04 53.82 -27.58
N ASN L 303 -23.29 54.12 -26.30
CA ASN L 303 -22.53 55.18 -25.64
C ASN L 303 -21.09 54.75 -25.38
N VAL L 304 -20.87 53.57 -24.81
CA VAL L 304 -19.54 53.14 -24.41
C VAL L 304 -19.07 51.93 -25.20
N LEU L 305 -19.89 50.88 -25.29
CA LEU L 305 -19.45 49.67 -25.97
C LEU L 305 -19.30 49.91 -27.47
N GLY L 306 -20.31 50.48 -28.09
CA GLY L 306 -20.24 50.77 -29.53
C GLY L 306 -20.07 49.54 -30.39
N GLY L 307 -20.68 48.41 -30.00
CA GLY L 307 -20.51 47.18 -30.75
C GLY L 307 -19.10 46.65 -30.76
N ALA L 308 -18.35 46.86 -29.68
CA ALA L 308 -16.98 46.38 -29.60
C ALA L 308 -16.58 46.33 -28.13
N VAL L 309 -16.24 45.14 -27.64
CA VAL L 309 -15.86 44.93 -26.25
C VAL L 309 -14.40 44.49 -26.22
N VAL L 310 -13.59 45.22 -25.48
CA VAL L 310 -12.19 44.85 -25.25
C VAL L 310 -12.14 43.86 -24.10
N ILE L 311 -11.53 42.70 -24.36
CA ILE L 311 -11.56 41.57 -23.44
C ILE L 311 -10.18 41.24 -22.89
N GLY L 312 -9.16 42.01 -23.24
CA GLY L 312 -7.86 41.80 -22.68
C GLY L 312 -7.79 42.19 -21.22
N SER L 313 -6.76 41.69 -20.54
CA SER L 313 -6.55 42.04 -19.13
C SER L 313 -6.09 43.48 -18.95
N ARG L 314 -5.64 44.15 -20.02
CA ARG L 314 -5.21 45.53 -19.89
C ARG L 314 -6.39 46.48 -19.72
N ASP L 315 -7.54 46.16 -20.29
CA ASP L 315 -8.69 47.04 -20.28
C ASP L 315 -9.82 46.48 -19.43
N ALA L 316 -10.55 47.38 -18.77
CA ALA L 316 -11.70 47.05 -17.96
C ALA L 316 -12.96 47.60 -18.60
N VAL L 317 -14.00 46.78 -18.64
CA VAL L 317 -15.26 47.12 -19.30
C VAL L 317 -16.29 47.47 -18.25
N PRO L 318 -16.91 48.65 -18.28
CA PRO L 318 -17.94 48.99 -17.31
C PRO L 318 -19.34 48.62 -17.80
N LEU L 319 -20.21 48.38 -16.84
CA LEU L 319 -21.60 48.01 -17.10
C LEU L 319 -22.52 48.84 -16.22
N PRO L 320 -23.78 49.03 -16.64
CA PRO L 320 -24.73 49.77 -15.80
C PRO L 320 -25.14 49.01 -14.56
N VAL L 321 -26.05 49.57 -13.77
CA VAL L 321 -26.46 48.93 -12.53
C VAL L 321 -27.28 47.68 -12.83
N ASN L 322 -27.25 46.73 -11.90
CA ASN L 322 -28.00 45.48 -12.00
C ASN L 322 -27.66 44.72 -13.29
N ALA L 323 -26.38 44.76 -13.67
CA ALA L 323 -25.89 44.05 -14.84
C ALA L 323 -25.00 42.90 -14.39
N LYS L 324 -25.31 41.69 -14.84
CA LYS L 324 -24.57 40.50 -14.44
C LYS L 324 -23.88 39.87 -15.63
N PRO L 325 -22.56 40.01 -15.77
CA PRO L 325 -21.84 39.28 -16.82
C PRO L 325 -21.57 37.85 -16.36
N GLU L 326 -21.81 36.90 -17.26
CA GLU L 326 -21.71 35.49 -16.91
C GLU L 326 -21.15 34.73 -18.10
N LEU L 327 -19.91 34.28 -17.99
CA LEU L 327 -19.33 33.42 -19.02
C LEU L 327 -20.06 32.08 -19.03
N LEU L 328 -20.54 31.69 -20.21
CA LEU L 328 -21.32 30.46 -20.37
C LEU L 328 -20.64 29.56 -21.38
N GLN L 329 -20.42 28.31 -21.00
CA GLN L 329 -19.91 27.29 -21.91
C GLN L 329 -20.34 25.93 -21.39
N ALA L 330 -20.46 24.97 -22.31
CA ALA L 330 -20.86 23.63 -21.93
C ALA L 330 -19.77 22.99 -21.07
N GLU L 331 -20.14 22.52 -19.88
CA GLU L 331 -19.19 21.94 -18.98
C GLU L 331 -18.87 20.50 -19.40
N GLY L 332 -17.85 19.93 -18.76
CA GLY L 332 -17.42 18.59 -19.07
C GLY L 332 -18.30 17.54 -18.43
N ASN L 333 -17.91 16.28 -18.63
CA ASN L 333 -18.64 15.12 -18.12
C ASN L 333 -20.07 15.11 -18.63
N GLY L 334 -20.25 15.50 -19.89
CA GLY L 334 -21.55 15.45 -20.51
C GLY L 334 -22.02 14.02 -20.71
N MET L 335 -23.35 13.85 -20.73
CA MET L 335 -23.91 12.51 -20.82
C MET L 335 -23.66 11.89 -22.19
N VAL L 336 -23.48 12.72 -23.23
CA VAL L 336 -23.05 12.20 -24.52
C VAL L 336 -21.66 11.60 -24.41
N LYS L 337 -20.75 12.30 -23.74
CA LYS L 337 -19.41 11.76 -23.51
C LYS L 337 -19.47 10.51 -22.65
N GLU L 338 -20.40 10.47 -21.69
CA GLU L 338 -20.59 9.28 -20.88
C GLU L 338 -21.02 8.09 -21.73
N ALA L 339 -21.94 8.33 -22.68
CA ALA L 339 -22.36 7.27 -23.58
C ALA L 339 -21.21 6.80 -24.47
N MET L 340 -20.39 7.74 -24.95
CA MET L 340 -19.24 7.35 -25.75
C MET L 340 -18.25 6.51 -24.95
N ASP L 341 -18.00 6.90 -23.70
CA ASP L 341 -17.12 6.11 -22.85
C ASP L 341 -17.69 4.73 -22.59
N GLN L 342 -19.01 4.65 -22.39
CA GLN L 342 -19.64 3.35 -22.19
C GLN L 342 -19.49 2.48 -23.42
N LYS L 343 -19.65 3.05 -24.61
CA LYS L 343 -19.50 2.27 -25.84
C LYS L 343 -18.06 1.80 -26.02
N GLU L 344 -17.08 2.66 -25.71
CA GLU L 344 -15.69 2.24 -25.78
C GLU L 344 -15.41 1.10 -24.79
N ARG L 345 -15.94 1.21 -23.58
CA ARG L 345 -15.76 0.15 -22.59
C ARG L 345 -16.40 -1.14 -23.06
N GLN L 346 -17.57 -1.05 -23.71
CA GLN L 346 -18.22 -2.25 -24.23
C GLN L 346 -17.40 -2.88 -25.34
N MET L 347 -16.80 -2.07 -26.21
CA MET L 347 -15.93 -2.63 -27.24
C MET L 347 -14.73 -3.33 -26.64
N VAL L 348 -14.11 -2.72 -25.61
CA VAL L 348 -12.99 -3.38 -24.94
C VAL L 348 -13.45 -4.68 -24.31
N ALA L 349 -14.63 -4.67 -23.70
CA ALA L 349 -15.13 -5.84 -22.97
C ALA L 349 -15.64 -6.92 -23.92
N LEU L 350 -15.85 -6.61 -25.19
CA LEU L 350 -16.36 -7.60 -26.15
C LEU L 350 -15.25 -8.48 -26.70
N GLY L 351 -14.16 -8.65 -25.96
CA GLY L 351 -13.07 -9.50 -26.39
C GLY L 351 -12.35 -8.99 -27.61
N ALA L 352 -12.14 -7.67 -27.68
CA ALA L 352 -11.49 -7.04 -28.82
C ALA L 352 -10.17 -6.43 -28.39
N LYS L 353 -9.11 -6.72 -29.14
CA LYS L 353 -7.81 -6.10 -28.96
C LYS L 353 -7.73 -4.75 -29.65
N LEU L 354 -8.89 -4.12 -29.90
CA LEU L 354 -8.95 -2.89 -30.67
C LEU L 354 -8.18 -1.76 -30.00
N ILE L 355 -8.27 -1.64 -28.67
CA ILE L 355 -7.50 -0.64 -27.96
C ILE L 355 -6.89 -1.23 -26.70
N ASP L 356 -5.84 -0.56 -26.23
CA ASP L 356 -5.16 -0.87 -24.98
C ASP L 356 -5.10 0.39 -24.13
N SER L 357 -5.18 0.22 -22.82
CA SER L 357 -5.22 1.34 -21.88
C SER L 357 -4.02 1.27 -20.96
N ASP L 358 -3.24 2.35 -20.90
CA ASP L 358 -2.11 2.38 -19.98
C ASP L 358 -2.57 2.56 -18.54
N LYS L 359 -3.67 3.28 -18.33
CA LYS L 359 -4.18 3.48 -16.97
C LYS L 359 -4.59 2.16 -16.33
N THR L 360 -5.24 1.30 -17.09
CA THR L 360 -5.70 0.03 -16.55
C THR L 360 -4.52 -0.86 -16.19
N GLN L 361 -4.61 -1.53 -15.04
CA GLN L 361 -3.60 -2.45 -14.56
C GLN L 361 -4.21 -3.81 -14.32
N ARG L 362 -3.49 -4.87 -14.71
CA ARG L 362 -3.98 -6.23 -14.56
C ARG L 362 -2.96 -7.05 -13.77
N THR L 363 -3.45 -7.76 -12.77
CA THR L 363 -2.60 -8.62 -11.96
C THR L 363 -2.16 -9.84 -12.78
N PHE L 364 -0.88 -10.16 -12.72
CA PHE L 364 -0.37 -11.32 -13.45
C PHE L 364 -0.98 -12.61 -12.90
N GLY L 365 -1.30 -13.53 -13.80
CA GLY L 365 -1.93 -14.78 -13.44
C GLY L 365 -3.44 -14.77 -13.52
N GLU L 366 -4.07 -13.59 -13.50
CA GLU L 366 -5.50 -13.52 -13.68
C GLU L 366 -5.90 -13.79 -15.12
N ALA L 367 -5.19 -13.20 -16.07
CA ALA L 367 -5.52 -13.37 -17.48
C ALA L 367 -5.23 -14.78 -17.98
N SER L 368 -4.42 -15.56 -17.25
CA SER L 368 -4.15 -16.93 -17.66
C SER L 368 -5.40 -17.78 -17.61
N MET L 369 -6.32 -17.48 -16.69
CA MET L 369 -7.57 -18.24 -16.62
C MET L 369 -8.47 -17.92 -17.80
N GLU L 370 -8.54 -16.66 -18.21
CA GLU L 370 -9.44 -16.26 -19.28
C GLU L 370 -8.83 -16.40 -20.66
N ALA L 371 -7.52 -16.65 -20.77
CA ALA L 371 -6.86 -16.71 -22.07
C ALA L 371 -7.53 -17.72 -23.01
N ALA L 372 -8.11 -18.79 -22.46
CA ALA L 372 -8.82 -19.74 -23.31
C ALA L 372 -10.04 -19.10 -23.95
N ALA L 373 -10.78 -18.29 -23.18
CA ALA L 373 -12.00 -17.68 -23.70
C ALA L 373 -11.69 -16.49 -24.62
N GLN L 374 -10.67 -15.69 -24.26
CA GLN L 374 -10.34 -14.52 -25.07
C GLN L 374 -9.88 -14.91 -26.46
N ASN L 375 -9.05 -15.94 -26.56
CA ASN L 375 -8.53 -16.41 -27.84
C ASN L 375 -9.40 -17.48 -28.47
N SER L 376 -10.70 -17.50 -28.16
CA SER L 376 -11.58 -18.53 -28.70
C SER L 376 -11.73 -18.40 -30.20
N VAL L 377 -12.06 -17.19 -30.68
CA VAL L 377 -12.20 -16.97 -32.11
C VAL L 377 -10.86 -17.14 -32.81
N LEU L 378 -9.77 -16.72 -32.16
CA LEU L 378 -8.44 -16.91 -32.72
C LEU L 378 -8.17 -18.40 -32.94
N SER L 379 -8.39 -19.21 -31.92
CA SER L 379 -8.14 -20.64 -32.04
C SER L 379 -9.03 -21.28 -33.08
N ARG L 380 -10.31 -20.91 -33.10
CA ARG L 380 -11.25 -21.50 -34.05
C ARG L 380 -10.83 -21.18 -35.48
N VAL L 381 -10.50 -19.93 -35.75
CA VAL L 381 -10.07 -19.54 -37.10
C VAL L 381 -8.76 -20.23 -37.46
N SER L 382 -7.83 -20.32 -36.49
CA SER L 382 -6.56 -20.98 -36.76
C SER L 382 -6.77 -22.43 -37.17
N LYS L 383 -7.57 -23.18 -36.40
CA LYS L 383 -7.81 -24.57 -36.76
C LYS L 383 -8.55 -24.70 -38.09
N ASN L 384 -9.55 -23.85 -38.33
CA ASN L 384 -10.30 -23.94 -39.57
C ASN L 384 -9.40 -23.71 -40.79
N VAL L 385 -8.57 -22.67 -40.74
CA VAL L 385 -7.65 -22.41 -41.84
C VAL L 385 -6.62 -23.53 -41.95
N SER L 386 -6.18 -24.09 -40.81
CA SER L 386 -5.23 -25.19 -40.85
C SER L 386 -5.81 -26.39 -41.60
N ASP L 387 -7.04 -26.78 -41.28
CA ASP L 387 -7.63 -27.92 -41.99
C ASP L 387 -7.90 -27.58 -43.45
N ALA L 388 -8.31 -26.35 -43.74
CA ALA L 388 -8.55 -25.96 -45.13
C ALA L 388 -7.29 -26.08 -45.95
N TYR L 389 -6.17 -25.56 -45.43
CA TYR L 389 -4.92 -25.61 -46.18
C TYR L 389 -4.35 -27.01 -46.22
N THR L 390 -4.57 -27.82 -45.17
CA THR L 390 -4.16 -29.21 -45.23
C THR L 390 -4.90 -29.96 -46.32
N LYS L 391 -6.21 -29.74 -46.43
CA LYS L 391 -6.99 -30.38 -47.49
C LYS L 391 -6.52 -29.91 -48.87
N ALA L 392 -6.24 -28.61 -49.01
CA ALA L 392 -5.76 -28.10 -50.28
C ALA L 392 -4.41 -28.72 -50.65
N LEU L 393 -3.51 -28.84 -49.67
CA LEU L 393 -2.21 -29.44 -49.94
C LEU L 393 -2.33 -30.92 -50.28
N ARG L 394 -3.27 -31.63 -49.63
CA ARG L 394 -3.50 -33.03 -49.97
C ARG L 394 -4.04 -33.16 -51.38
N TRP L 395 -4.92 -32.25 -51.80
CA TRP L 395 -5.41 -32.28 -53.18
C TRP L 395 -4.29 -31.99 -54.16
N ALA L 396 -3.41 -31.05 -53.83
CA ALA L 396 -2.26 -30.78 -54.70
C ALA L 396 -1.34 -32.00 -54.79
N ALA L 397 -1.13 -32.68 -53.67
CA ALA L 397 -0.31 -33.89 -53.68
C ALA L 397 -0.96 -34.98 -54.53
N MET L 398 -2.29 -35.11 -54.46
CA MET L 398 -2.99 -36.02 -55.35
C MET L 398 -2.77 -35.64 -56.81
N PHE L 399 -2.81 -34.34 -57.10
CA PHE L 399 -2.55 -33.87 -58.46
C PHE L 399 -1.15 -34.27 -58.93
N LEU L 400 -0.15 -34.12 -58.06
CA LEU L 400 1.22 -34.46 -58.40
C LEU L 400 1.58 -35.89 -58.06
N GLY L 401 0.67 -36.66 -57.47
CA GLY L 401 1.00 -38.02 -57.06
C GLY L 401 2.08 -38.09 -56.01
N LEU L 402 2.07 -37.15 -55.07
CA LEU L 402 3.09 -37.04 -54.05
C LEU L 402 2.63 -37.73 -52.76
N ASP L 403 3.39 -37.56 -51.69
CA ASP L 403 3.03 -38.12 -50.40
C ASP L 403 1.78 -37.45 -49.85
N GLU L 404 0.89 -38.26 -49.27
CA GLU L 404 -0.40 -37.77 -48.81
C GLU L 404 -0.39 -37.32 -47.36
N LYS L 405 0.43 -37.93 -46.51
CA LYS L 405 0.47 -37.60 -45.08
C LYS L 405 1.27 -36.31 -44.87
N ILE L 406 0.66 -35.21 -45.29
CA ILE L 406 1.23 -33.88 -45.11
C ILE L 406 0.26 -33.04 -44.28
N GLU L 407 0.80 -32.07 -43.57
CA GLU L 407 0.01 -31.22 -42.70
C GLU L 407 0.50 -29.78 -42.79
N TYR L 408 -0.41 -28.85 -42.54
CA TYR L 408 -0.10 -27.42 -42.50
C TYR L 408 -0.86 -26.83 -41.31
N GLU L 409 -0.12 -26.52 -40.25
CA GLU L 409 -0.71 -26.03 -39.01
C GLU L 409 -0.16 -24.64 -38.71
N LEU L 410 -1.07 -23.70 -38.46
CA LEU L 410 -0.69 -22.34 -38.09
C LEU L 410 -0.40 -22.27 -36.60
N ASN L 411 0.10 -21.11 -36.16
CA ASN L 411 0.46 -20.92 -34.77
C ASN L 411 -0.78 -20.98 -33.87
N SER L 412 -0.97 -22.09 -33.18
CA SER L 412 -2.09 -22.25 -32.26
C SER L 412 -1.76 -21.80 -30.85
N ASP L 413 -0.50 -21.46 -30.57
CA ASP L 413 -0.10 -20.97 -29.26
C ASP L 413 -0.01 -19.44 -29.32
N PHE L 414 -1.04 -18.78 -28.81
CA PHE L 414 -1.12 -17.32 -28.87
C PHE L 414 -0.40 -16.73 -27.65
N ASP L 415 -0.44 -15.41 -27.53
CA ASP L 415 0.27 -14.69 -26.47
C ASP L 415 1.76 -15.05 -26.48
N ILE L 416 2.33 -15.12 -27.68
CA ILE L 416 3.72 -15.55 -27.85
C ILE L 416 4.66 -14.42 -27.46
N ASN L 417 5.72 -14.76 -26.73
CA ASN L 417 6.72 -13.79 -26.32
C ASN L 417 8.08 -14.47 -26.28
N LYS L 418 9.12 -13.67 -26.07
CA LYS L 418 10.46 -14.21 -25.98
C LYS L 418 10.58 -15.14 -24.78
N MET L 419 11.21 -16.29 -25.00
CA MET L 419 11.33 -17.29 -23.96
C MET L 419 12.36 -16.87 -22.91
N SER L 420 12.09 -17.23 -21.66
CA SER L 420 12.94 -16.87 -20.55
C SER L 420 14.13 -17.83 -20.45
N PRO L 421 15.22 -17.40 -19.80
CA PRO L 421 16.35 -18.31 -19.59
C PRO L 421 15.96 -19.60 -18.88
N GLU L 422 15.08 -19.53 -17.89
CA GLU L 422 14.60 -20.74 -17.24
C GLU L 422 13.83 -21.63 -18.22
N GLU L 423 13.01 -21.01 -19.08
CA GLU L 423 12.30 -21.79 -20.10
C GLU L 423 13.28 -22.43 -21.07
N LEU L 424 14.35 -21.70 -21.43
CA LEU L 424 15.35 -22.26 -22.32
C LEU L 424 16.04 -23.47 -21.69
N ALA L 425 16.43 -23.35 -20.41
CA ALA L 425 17.02 -24.48 -19.72
C ALA L 425 16.05 -25.65 -19.65
N ALA L 426 14.76 -25.36 -19.43
CA ALA L 426 13.76 -26.42 -19.34
C ALA L 426 13.64 -27.17 -20.67
N VAL L 427 13.59 -26.44 -21.78
CA VAL L 427 13.43 -27.13 -23.07
C VAL L 427 14.70 -27.88 -23.44
N ILE L 428 15.88 -27.36 -23.08
CA ILE L 428 17.11 -28.09 -23.33
C ILE L 428 17.12 -29.38 -22.53
N SER L 429 16.72 -29.32 -21.26
CA SER L 429 16.68 -30.52 -20.44
C SER L 429 15.66 -31.52 -20.97
N ALA L 430 14.53 -31.03 -21.46
CA ALA L 430 13.51 -31.92 -22.03
C ALA L 430 14.04 -32.61 -23.29
N TRP L 431 14.78 -31.88 -24.13
CA TRP L 431 15.35 -32.49 -25.32
C TRP L 431 16.40 -33.52 -24.95
N GLN L 432 17.19 -33.27 -23.90
CA GLN L 432 18.19 -34.23 -23.47
C GLN L 432 17.56 -35.54 -23.01
N SER L 433 16.29 -35.52 -22.62
CA SER L 433 15.52 -36.73 -22.37
C SER L 433 14.73 -37.10 -23.61
N ASN L 434 14.21 -38.33 -23.62
CA ASN L 434 13.45 -38.83 -24.76
C ASN L 434 11.98 -38.42 -24.65
N ALA L 435 11.76 -37.11 -24.60
CA ALA L 435 10.40 -36.59 -24.44
C ALA L 435 10.09 -35.51 -25.48
N ILE L 436 11.10 -34.77 -25.92
CA ILE L 436 10.94 -33.73 -26.92
C ILE L 436 11.87 -34.04 -28.08
N SER L 437 11.32 -34.01 -29.29
CA SER L 437 12.11 -34.24 -30.49
C SER L 437 13.11 -33.11 -30.70
N PHE L 438 14.22 -33.44 -31.37
CA PHE L 438 15.21 -32.42 -31.66
C PHE L 438 14.63 -31.31 -32.51
N THR L 439 13.86 -31.67 -33.54
CA THR L 439 13.16 -30.66 -34.33
C THR L 439 12.09 -29.97 -33.51
N GLU L 440 11.47 -30.68 -32.56
CA GLU L 440 10.51 -30.05 -31.66
C GLU L 440 11.19 -29.00 -30.79
N MET L 441 12.37 -29.31 -30.25
CA MET L 441 13.10 -28.32 -29.46
C MET L 441 13.54 -27.14 -30.33
N ARG L 442 13.95 -27.42 -31.57
CA ARG L 442 14.31 -26.35 -32.49
C ARG L 442 13.13 -25.44 -32.76
N TRP L 443 11.95 -26.02 -32.97
CA TRP L 443 10.74 -25.22 -33.18
C TRP L 443 10.40 -24.41 -31.93
N GLN L 444 10.59 -25.00 -30.75
CA GLN L 444 10.41 -24.26 -29.51
C GLN L 444 11.33 -23.05 -29.46
N ILE L 445 12.61 -23.25 -29.74
CA ILE L 445 13.60 -22.19 -29.60
C ILE L 445 13.44 -21.14 -30.68
N LYS L 446 12.87 -21.52 -31.83
CA LYS L 446 12.55 -20.54 -32.86
C LYS L 446 11.29 -19.74 -32.51
N LYS L 447 10.31 -20.39 -31.86
CA LYS L 447 9.11 -19.68 -31.44
C LYS L 447 9.43 -18.59 -30.44
N GLY L 448 10.37 -18.86 -29.53
CA GLY L 448 10.78 -17.89 -28.55
C GLY L 448 11.74 -16.83 -29.04
N GLY L 449 12.02 -16.79 -30.34
CA GLY L 449 12.92 -15.81 -30.90
C GLY L 449 14.36 -15.99 -30.45
N ARG L 450 14.82 -17.23 -30.34
CA ARG L 450 16.17 -17.52 -29.88
C ARG L 450 17.03 -18.21 -30.92
N ALA L 451 16.51 -18.46 -32.12
CA ALA L 451 17.29 -19.08 -33.18
C ALA L 451 16.65 -18.74 -34.52
N TYR L 452 17.48 -18.69 -35.56
CA TYR L 452 16.98 -18.32 -36.88
C TYR L 452 17.42 -19.32 -37.95
N LEU L 453 18.59 -19.93 -37.77
CA LEU L 453 19.07 -20.89 -38.75
C LEU L 453 18.20 -22.14 -38.75
N GLU L 454 18.14 -22.80 -39.90
CA GLU L 454 17.38 -24.03 -40.05
C GLU L 454 18.03 -25.15 -39.24
N ASP L 455 17.23 -26.19 -38.96
CA ASP L 455 17.74 -27.32 -38.19
C ASP L 455 18.87 -28.02 -38.94
N GLU L 456 18.74 -28.17 -40.26
CA GLU L 456 19.77 -28.84 -41.02
C GLU L 456 21.08 -28.05 -41.02
N ASP L 457 21.01 -26.72 -41.12
CA ASP L 457 22.22 -25.92 -41.07
C ASP L 457 22.91 -26.04 -39.71
N MET L 458 22.12 -26.01 -38.63
CA MET L 458 22.70 -26.18 -37.30
C MET L 458 23.35 -27.55 -37.15
N ARG L 459 22.69 -28.59 -37.64
CA ARG L 459 23.27 -29.93 -37.58
C ARG L 459 24.57 -30.01 -38.35
N ASN L 460 24.59 -29.42 -39.56
CA ASN L 460 25.79 -29.47 -40.38
C ASN L 460 26.94 -28.72 -39.71
N GLU L 461 26.67 -27.57 -39.09
CA GLU L 461 27.74 -26.82 -38.47
C GLU L 461 28.22 -27.50 -37.18
N SER L 462 27.30 -28.07 -36.41
CA SER L 462 27.68 -28.75 -35.18
C SER L 462 28.25 -30.15 -35.40
N GLU L 463 28.18 -30.67 -36.63
CA GLU L 463 28.78 -31.97 -36.91
C GLU L 463 30.29 -31.92 -36.71
N GLN L 464 30.93 -30.82 -37.13
CA GLN L 464 32.37 -30.70 -37.01
C GLN L 464 32.78 -30.49 -35.55
N ASP L 465 34.09 -30.52 -35.33
CA ASP L 465 34.64 -30.40 -33.98
C ASP L 465 34.45 -28.99 -33.44
N ASP L 466 34.50 -28.88 -32.12
CA ASP L 466 34.39 -27.58 -31.48
C ASP L 466 35.62 -26.73 -31.79
N PRO L 467 35.46 -25.39 -31.82
CA PRO L 467 36.62 -24.52 -32.06
C PRO L 467 37.69 -24.67 -30.98
N LEU L 468 37.28 -24.48 -29.73
CA LEU L 468 38.20 -24.53 -28.59
C LEU L 468 39.43 -23.64 -28.78
#